data_2Q43
#
_entry.id   2Q43
#
_cell.length_a   75.264
_cell.length_b   75.264
_cell.length_c   130.880
_cell.angle_alpha   90.000
_cell.angle_beta   90.000
_cell.angle_gamma   120.000
#
_symmetry.space_group_name_H-M   'P 32 2 1'
#
loop_
_entity.id
_entity.type
_entity.pdbx_description
1 polymer 'IAA-amino acid hydrolase ILR1-like 2'
2 water water
#
_entity_poly.entity_id   1
_entity_poly.type   'polypeptide(L)'
_entity_poly.pdbx_seq_one_letter_code
;SESPWIAEDTSQIQTKLLEFAKSPEVFDWMVKIRRKIHENPELGYEELETSKLIRSELELIGIKYRYPVAITGVIGYIGT
GEPPFVALRADMDALPIQEGVEWEHKSKIAGKMHACGHDGHVTMLLGAAKILHEHRHHLQGTVVLIFQPAEEGLSGAKKM
REEGALKNVEAIFGIHLSARIPFGKAASRAGSFLAGAGVFEAVITGKGGHAAIPQHTIDPVVAASSIVLSLQQLVSRETD
PLDSKVVTVSKVNGGNAFNVIPDSITIGGTLRAFTGFTQLQQRVKEVITKQAAVHRCNASVNLTPNGREPMPPTVNNKDL
YKQFKKVVRDLLGQEAFVEAAPVMGSEDFSYFAETIPGHFSLLGMQDETNGYASSHSPLYRINEDVLPYGAAIHASMAVQ
YLKEKASKGSVSGFHEEL
;
_entity_poly.pdbx_strand_id   A
#
# COMPACT_ATOMS: atom_id res chain seq x y z
N LYS A 16 22.36 13.15 4.54
CA LYS A 16 23.35 13.13 3.43
C LYS A 16 23.81 11.70 3.21
N LEU A 17 23.11 10.76 3.83
CA LEU A 17 23.46 9.36 3.69
C LEU A 17 23.18 8.83 2.30
N LEU A 18 22.76 9.71 1.40
CA LEU A 18 22.48 9.30 0.03
C LEU A 18 23.79 8.88 -0.62
N GLU A 19 24.89 9.46 -0.17
CA GLU A 19 26.21 9.15 -0.71
C GLU A 19 26.54 7.69 -0.39
N PHE A 20 26.20 7.26 0.81
CA PHE A 20 26.43 5.88 1.22
C PHE A 20 25.50 4.98 0.40
N ALA A 21 24.21 5.32 0.37
CA ALA A 21 23.21 4.56 -0.38
C ALA A 21 23.60 4.38 -1.86
N LYS A 22 24.27 5.38 -2.43
CA LYS A 22 24.68 5.32 -3.83
C LYS A 22 26.00 4.57 -4.06
N SER A 23 26.71 4.24 -3.00
CA SER A 23 28.00 3.55 -3.12
C SER A 23 27.93 2.31 -3.99
N PRO A 24 28.99 2.06 -4.77
CA PRO A 24 29.06 0.89 -5.66
C PRO A 24 28.73 -0.37 -4.87
N GLU A 25 29.39 -0.55 -3.74
CA GLU A 25 29.15 -1.71 -2.89
C GLU A 25 27.65 -1.83 -2.60
N VAL A 26 27.09 -0.81 -1.95
CA VAL A 26 25.67 -0.82 -1.59
C VAL A 26 24.71 -0.80 -2.79
N PHE A 27 24.93 0.09 -3.75
CA PHE A 27 24.04 0.17 -4.91
C PHE A 27 24.03 -1.13 -5.71
N ASP A 28 25.21 -1.69 -5.95
CA ASP A 28 25.32 -2.93 -6.70
C ASP A 28 24.64 -4.08 -5.98
N TRP A 29 24.81 -4.13 -4.67
CA TRP A 29 24.19 -5.15 -3.83
C TRP A 29 22.67 -4.99 -3.96
N MET A 30 22.17 -3.77 -3.78
CA MET A 30 20.72 -3.51 -3.92
C MET A 30 20.23 -3.91 -5.30
N VAL A 31 20.88 -3.40 -6.34
CA VAL A 31 20.47 -3.73 -7.70
C VAL A 31 20.55 -5.25 -7.90
N LYS A 32 21.51 -5.88 -7.23
CA LYS A 32 21.63 -7.32 -7.36
C LYS A 32 20.38 -8.02 -6.82
N ILE A 33 20.05 -7.76 -5.56
CA ILE A 33 18.88 -8.37 -4.94
C ILE A 33 17.59 -8.03 -5.68
N ARG A 34 17.42 -6.78 -6.07
CA ARG A 34 16.22 -6.38 -6.79
C ARG A 34 15.98 -7.29 -8.01
N ARG A 35 17.04 -7.56 -8.75
CA ARG A 35 16.94 -8.39 -9.96
C ARG A 35 16.57 -9.83 -9.71
N LYS A 36 17.11 -10.42 -8.64
CA LYS A 36 16.80 -11.80 -8.31
C LYS A 36 15.30 -11.93 -8.03
N ILE A 37 14.77 -11.00 -7.24
CA ILE A 37 13.35 -11.03 -6.94
C ILE A 37 12.55 -10.78 -8.22
N HIS A 38 13.02 -9.83 -9.03
CA HIS A 38 12.32 -9.51 -10.27
C HIS A 38 12.25 -10.73 -11.21
N GLU A 39 13.31 -11.52 -11.23
CA GLU A 39 13.37 -12.73 -12.08
C GLU A 39 12.51 -13.86 -11.52
N ASN A 40 12.21 -13.80 -10.22
CA ASN A 40 11.39 -14.84 -9.63
C ASN A 40 10.23 -14.26 -8.83
N PRO A 41 9.25 -13.69 -9.53
CA PRO A 41 8.09 -13.09 -8.85
C PRO A 41 7.21 -14.14 -8.15
N GLU A 42 6.88 -13.86 -6.90
CA GLU A 42 6.06 -14.78 -6.11
C GLU A 42 4.79 -14.07 -5.68
N LEU A 43 3.69 -14.80 -5.73
CA LEU A 43 2.38 -14.27 -5.37
C LEU A 43 2.13 -14.22 -3.86
N GLY A 44 1.04 -13.56 -3.47
CA GLY A 44 0.68 -13.40 -2.06
C GLY A 44 0.66 -14.67 -1.23
N TYR A 45 1.34 -14.61 -0.09
CA TYR A 45 1.46 -15.73 0.86
C TYR A 45 2.32 -16.90 0.38
N GLU A 46 2.83 -16.81 -0.84
CA GLU A 46 3.68 -17.85 -1.41
C GLU A 46 5.04 -17.25 -1.78
N GLU A 47 5.49 -16.25 -1.01
CA GLU A 47 6.76 -15.57 -1.31
C GLU A 47 7.96 -16.19 -0.57
N LEU A 48 8.04 -17.52 -0.58
CA LEU A 48 9.11 -18.26 0.08
C LEU A 48 10.53 -17.77 -0.22
N GLU A 49 10.88 -17.81 -1.49
CA GLU A 49 12.21 -17.41 -1.94
C GLU A 49 12.50 -15.95 -1.65
N THR A 50 11.49 -15.10 -1.82
CA THR A 50 11.69 -13.67 -1.55
C THR A 50 11.95 -13.50 -0.05
N SER A 51 11.18 -14.23 0.76
CA SER A 51 11.31 -14.21 2.22
C SER A 51 12.68 -14.79 2.67
N LYS A 52 13.11 -15.91 2.08
CA LYS A 52 14.42 -16.49 2.45
C LYS A 52 15.56 -15.50 2.16
N LEU A 53 15.46 -14.80 1.03
CA LEU A 53 16.48 -13.82 0.65
C LEU A 53 16.54 -12.64 1.64
N ILE A 54 15.38 -12.12 2.01
CA ILE A 54 15.31 -11.02 2.96
C ILE A 54 15.95 -11.44 4.28
N ARG A 55 15.58 -12.62 4.76
CA ARG A 55 16.12 -13.13 6.01
C ARG A 55 17.64 -13.37 5.94
N SER A 56 18.15 -13.75 4.79
CA SER A 56 19.60 -13.98 4.63
C SER A 56 20.34 -12.65 4.63
N GLU A 57 19.74 -11.64 4.02
CA GLU A 57 20.39 -10.35 3.97
C GLU A 57 20.39 -9.68 5.34
N LEU A 58 19.34 -9.93 6.13
CA LEU A 58 19.29 -9.37 7.48
C LEU A 58 20.36 -10.09 8.30
N GLU A 59 20.47 -11.39 8.09
CA GLU A 59 21.49 -12.19 8.78
C GLU A 59 22.90 -11.67 8.45
N LEU A 60 23.15 -11.42 7.16
CA LEU A 60 24.44 -10.92 6.71
C LEU A 60 24.73 -9.52 7.28
N ILE A 61 23.77 -8.62 7.17
CA ILE A 61 23.97 -7.26 7.68
C ILE A 61 24.24 -7.24 9.20
N GLY A 62 23.49 -8.06 9.95
CA GLY A 62 23.62 -8.12 11.39
C GLY A 62 22.36 -7.58 12.06
N ILE A 63 21.21 -8.14 11.69
CA ILE A 63 19.92 -7.69 12.19
C ILE A 63 19.02 -8.86 12.64
N LYS A 64 18.59 -8.80 13.89
CA LYS A 64 17.70 -9.82 14.46
C LYS A 64 16.30 -9.61 13.90
N TYR A 65 15.57 -10.70 13.70
CA TYR A 65 14.21 -10.58 13.18
C TYR A 65 13.28 -11.67 13.68
N ARG A 66 11.99 -11.40 13.56
CA ARG A 66 10.93 -12.33 13.92
C ARG A 66 10.38 -12.93 12.64
N TYR A 67 10.21 -14.24 12.62
CA TYR A 67 9.70 -14.97 11.47
C TYR A 67 9.16 -16.32 11.97
N PRO A 68 8.02 -16.78 11.43
CA PRO A 68 7.23 -16.13 10.38
C PRO A 68 6.13 -15.21 10.92
N VAL A 69 5.73 -14.24 10.10
CA VAL A 69 4.64 -13.35 10.44
C VAL A 69 3.78 -13.30 9.17
N ALA A 70 2.53 -13.75 9.28
CA ALA A 70 1.62 -13.80 8.13
C ALA A 70 2.20 -14.73 7.06
N ILE A 71 2.66 -15.89 7.52
CA ILE A 71 3.22 -16.97 6.70
C ILE A 71 4.60 -16.69 6.10
N THR A 72 4.75 -15.61 5.32
CA THR A 72 6.04 -15.34 4.70
C THR A 72 6.71 -14.07 5.21
N GLY A 73 5.95 -13.29 5.99
CA GLY A 73 6.44 -12.03 6.51
C GLY A 73 7.57 -12.08 7.51
N VAL A 74 8.34 -11.00 7.52
CA VAL A 74 9.50 -10.86 8.38
C VAL A 74 9.56 -9.48 9.04
N ILE A 75 9.95 -9.45 10.32
CA ILE A 75 10.09 -8.18 11.02
C ILE A 75 11.49 -8.12 11.64
N GLY A 76 12.29 -7.15 11.20
CA GLY A 76 13.65 -6.99 11.72
C GLY A 76 13.80 -5.81 12.67
N TYR A 77 14.90 -5.78 13.42
CA TYR A 77 15.13 -4.72 14.38
C TYR A 77 16.53 -4.10 14.32
N ILE A 78 16.58 -2.78 14.43
CA ILE A 78 17.88 -2.10 14.42
C ILE A 78 17.85 -1.00 15.44
N GLY A 79 18.81 -1.02 16.38
CA GLY A 79 18.83 0.01 17.39
C GLY A 79 19.15 -0.52 18.78
N THR A 80 18.59 0.15 19.79
CA THR A 80 18.82 -0.26 21.17
C THR A 80 18.09 -1.53 21.55
N GLY A 81 16.99 -1.82 20.88
CA GLY A 81 16.20 -2.99 21.23
C GLY A 81 15.08 -2.56 22.17
N GLU A 82 15.10 -1.30 22.59
CA GLU A 82 14.07 -0.77 23.48
C GLU A 82 13.26 0.33 22.79
N PRO A 83 12.11 0.70 23.37
CA PRO A 83 11.30 1.77 22.74
C PRO A 83 12.09 3.08 22.75
N PRO A 84 11.68 4.05 21.91
CA PRO A 84 10.55 3.97 20.98
C PRO A 84 10.79 3.08 19.78
N PHE A 85 9.70 2.49 19.28
CA PHE A 85 9.75 1.63 18.11
C PHE A 85 9.12 2.37 16.95
N VAL A 86 9.85 2.46 15.84
CA VAL A 86 9.33 3.09 14.64
C VAL A 86 9.47 2.06 13.53
N ALA A 87 8.44 1.95 12.68
CA ALA A 87 8.48 0.94 11.62
C ALA A 87 8.64 1.49 10.21
N LEU A 88 9.25 0.67 9.35
CA LEU A 88 9.46 0.95 7.92
C LEU A 88 8.87 -0.28 7.24
N ARG A 89 8.09 -0.08 6.18
CA ARG A 89 7.38 -1.17 5.54
C ARG A 89 7.57 -1.28 4.02
N ALA A 90 7.64 -2.51 3.53
CA ALA A 90 7.76 -2.81 2.10
C ALA A 90 6.84 -4.00 1.82
N ASP A 91 6.35 -4.12 0.58
CA ASP A 91 5.46 -5.23 0.18
C ASP A 91 6.38 -6.28 -0.46
N MET A 92 5.90 -7.50 -0.60
CA MET A 92 6.74 -8.58 -1.16
C MET A 92 6.20 -9.32 -2.39
N ASP A 93 4.90 -9.25 -2.63
CA ASP A 93 4.29 -10.02 -3.71
C ASP A 93 4.17 -9.38 -5.09
N ALA A 94 4.19 -10.26 -6.10
CA ALA A 94 4.06 -9.88 -7.50
C ALA A 94 2.61 -10.13 -7.96
N LEU A 95 2.39 -9.98 -9.26
CA LEU A 95 1.07 -10.17 -9.84
C LEU A 95 1.10 -11.20 -10.98
N PRO A 96 -0.02 -11.89 -11.23
CA PRO A 96 -0.09 -12.89 -12.30
C PRO A 96 -0.25 -12.21 -13.66
N ILE A 97 0.77 -11.43 -14.03
CA ILE A 97 0.83 -10.70 -15.29
C ILE A 97 2.07 -11.18 -16.05
N GLN A 98 1.96 -11.37 -17.37
CA GLN A 98 3.11 -11.78 -18.18
C GLN A 98 3.95 -10.54 -18.48
N GLU A 99 5.22 -10.57 -18.10
CA GLU A 99 6.12 -9.45 -18.32
C GLU A 99 6.36 -9.26 -19.84
N GLY A 100 6.04 -8.06 -20.33
CA GLY A 100 6.23 -7.77 -21.74
C GLY A 100 7.58 -7.14 -22.02
N VAL A 101 8.29 -6.77 -20.96
CA VAL A 101 9.62 -6.17 -21.09
C VAL A 101 10.60 -7.26 -21.47
N GLU A 102 11.36 -7.03 -22.54
CA GLU A 102 12.36 -8.01 -22.95
C GLU A 102 13.73 -7.54 -22.46
N TRP A 103 14.28 -8.25 -21.48
CA TRP A 103 15.60 -7.89 -20.95
C TRP A 103 16.17 -9.06 -20.20
N GLU A 104 17.43 -8.93 -19.82
CA GLU A 104 18.15 -9.98 -19.14
C GLU A 104 17.50 -10.48 -17.86
N HIS A 105 16.95 -9.55 -17.08
CA HIS A 105 16.36 -9.88 -15.78
C HIS A 105 14.83 -10.01 -15.76
N LYS A 106 14.26 -10.21 -16.93
CA LYS A 106 12.82 -10.39 -17.06
C LYS A 106 12.41 -11.59 -16.22
N SER A 107 11.16 -11.62 -15.75
CA SER A 107 10.66 -12.74 -14.96
C SER A 107 10.90 -14.07 -15.68
N LYS A 108 11.48 -15.02 -14.97
CA LYS A 108 11.72 -16.35 -15.52
C LYS A 108 10.53 -17.25 -15.19
N ILE A 109 9.50 -16.66 -14.60
CA ILE A 109 8.28 -17.39 -14.23
C ILE A 109 7.15 -16.88 -15.12
N ALA A 110 6.77 -17.67 -16.11
CA ALA A 110 5.73 -17.24 -17.04
C ALA A 110 4.40 -16.92 -16.35
N GLY A 111 3.77 -15.83 -16.76
CA GLY A 111 2.48 -15.46 -16.18
C GLY A 111 2.55 -14.65 -14.90
N LYS A 112 3.76 -14.37 -14.41
CA LYS A 112 3.90 -13.58 -13.18
C LYS A 112 4.93 -12.50 -13.42
N MET A 113 4.69 -11.35 -12.81
CA MET A 113 5.59 -10.22 -12.97
C MET A 113 5.52 -9.25 -11.80
N HIS A 114 6.66 -8.65 -11.48
CA HIS A 114 6.71 -7.63 -10.45
C HIS A 114 6.45 -6.31 -11.17
N ALA A 115 5.20 -6.11 -11.57
CA ALA A 115 4.81 -4.90 -12.27
C ALA A 115 4.23 -3.88 -11.31
N CYS A 116 4.59 -3.95 -10.02
CA CYS A 116 4.09 -2.97 -9.06
C CYS A 116 5.17 -2.41 -8.15
N GLY A 117 6.43 -2.42 -8.62
CA GLY A 117 7.53 -1.86 -7.86
C GLY A 117 7.94 -2.52 -6.56
N HIS A 118 7.11 -3.42 -6.03
CA HIS A 118 7.38 -4.07 -4.75
C HIS A 118 8.81 -4.56 -4.68
N ASP A 119 9.31 -5.03 -5.82
CA ASP A 119 10.69 -5.49 -5.91
C ASP A 119 11.58 -4.31 -5.45
N GLY A 120 11.36 -3.13 -6.00
CA GLY A 120 12.12 -1.97 -5.55
C GLY A 120 11.82 -1.74 -4.07
N HIS A 121 10.62 -2.10 -3.61
CA HIS A 121 10.27 -1.92 -2.20
C HIS A 121 11.08 -2.84 -1.26
N VAL A 122 10.99 -4.15 -1.46
CA VAL A 122 11.75 -5.07 -0.62
C VAL A 122 13.20 -4.62 -0.70
N THR A 123 13.61 -4.31 -1.92
CA THR A 123 14.97 -3.88 -2.21
C THR A 123 15.41 -2.70 -1.39
N MET A 124 14.67 -1.59 -1.49
CA MET A 124 15.05 -0.41 -0.76
C MET A 124 14.88 -0.59 0.75
N LEU A 125 14.13 -1.63 1.15
CA LEU A 125 13.93 -1.87 2.57
C LEU A 125 15.14 -2.67 3.11
N LEU A 126 15.73 -3.52 2.26
CA LEU A 126 16.92 -4.27 2.68
C LEU A 126 18.08 -3.27 2.62
N GLY A 127 18.03 -2.35 1.65
CA GLY A 127 19.04 -1.31 1.57
C GLY A 127 19.00 -0.61 2.91
N ALA A 128 17.89 0.07 3.19
CA ALA A 128 17.71 0.76 4.46
C ALA A 128 18.23 -0.09 5.65
N ALA A 129 17.83 -1.35 5.71
CA ALA A 129 18.28 -2.25 6.78
C ALA A 129 19.80 -2.29 6.83
N LYS A 130 20.42 -2.51 5.67
CA LYS A 130 21.87 -2.56 5.59
C LYS A 130 22.45 -1.26 6.12
N ILE A 131 22.08 -0.12 5.54
CA ILE A 131 22.62 1.15 5.99
C ILE A 131 22.37 1.38 7.49
N LEU A 132 21.11 1.48 7.90
CA LEU A 132 20.78 1.73 9.30
C LEU A 132 21.65 0.91 10.26
N HIS A 133 21.94 -0.32 9.88
CA HIS A 133 22.77 -1.16 10.72
C HIS A 133 24.15 -0.49 10.89
N GLU A 134 24.63 0.15 9.84
CA GLU A 134 25.92 0.83 9.88
C GLU A 134 25.96 1.83 11.04
N HIS A 135 24.84 2.49 11.33
CA HIS A 135 24.83 3.45 12.44
C HIS A 135 23.95 3.04 13.61
N ARG A 136 23.84 1.73 13.86
CA ARG A 136 22.95 1.22 14.89
C ARG A 136 23.10 1.67 16.34
N HIS A 137 24.33 1.91 16.79
CA HIS A 137 24.52 2.31 18.18
C HIS A 137 24.13 3.77 18.43
N HIS A 138 23.77 4.46 17.35
CA HIS A 138 23.38 5.87 17.45
C HIS A 138 21.87 6.06 17.44
N LEU A 139 21.14 4.98 17.13
CA LEU A 139 19.68 5.02 17.08
C LEU A 139 19.11 5.17 18.49
N GLN A 140 18.28 6.19 18.69
CA GLN A 140 17.68 6.43 20.00
C GLN A 140 16.34 5.68 20.09
N GLY A 141 16.43 4.38 19.91
CA GLY A 141 15.24 3.54 19.94
C GLY A 141 15.48 2.34 19.03
N THR A 142 14.40 1.79 18.48
CA THR A 142 14.47 0.61 17.63
C THR A 142 13.66 0.75 16.32
N VAL A 143 14.34 0.65 15.18
CA VAL A 143 13.69 0.74 13.89
C VAL A 143 13.19 -0.67 13.62
N VAL A 144 11.91 -0.79 13.30
CA VAL A 144 11.29 -2.07 13.02
C VAL A 144 11.13 -2.18 11.50
N LEU A 145 11.55 -3.31 10.93
CA LEU A 145 11.50 -3.51 9.47
C LEU A 145 10.46 -4.55 9.15
N ILE A 146 9.38 -4.12 8.52
CA ILE A 146 8.30 -5.04 8.19
C ILE A 146 8.27 -5.41 6.72
N PHE A 147 8.46 -6.71 6.47
CA PHE A 147 8.42 -7.26 5.12
C PHE A 147 7.08 -7.97 5.05
N GLN A 148 6.13 -7.29 4.41
CA GLN A 148 4.74 -7.70 4.28
C GLN A 148 4.34 -8.49 3.06
N PRO A 149 3.67 -9.63 3.28
CA PRO A 149 3.22 -10.46 2.17
C PRO A 149 1.85 -10.00 1.67
N ALA A 150 1.47 -10.53 0.52
CA ALA A 150 0.14 -10.36 -0.03
C ALA A 150 -0.54 -8.99 0.05
N GLU A 151 0.14 -7.97 -0.42
CA GLU A 151 -0.43 -6.65 -0.44
C GLU A 151 -1.52 -6.62 -1.53
N GLU A 152 -1.27 -7.24 -2.68
CA GLU A 152 -2.22 -7.17 -3.80
C GLU A 152 -3.63 -7.63 -3.49
N GLY A 153 -3.74 -8.71 -2.73
CA GLY A 153 -5.06 -9.20 -2.36
C GLY A 153 -5.60 -8.47 -1.15
N LEU A 154 -4.94 -7.37 -0.79
CA LEU A 154 -5.34 -6.50 0.33
C LEU A 154 -5.59 -7.19 1.66
N SER A 155 -4.96 -8.33 1.89
CA SER A 155 -5.17 -9.03 3.14
C SER A 155 -3.91 -9.22 3.98
N GLY A 156 -2.74 -8.90 3.42
CA GLY A 156 -1.50 -9.10 4.15
C GLY A 156 -1.20 -8.17 5.31
N ALA A 157 -1.44 -6.88 5.13
CA ALA A 157 -1.19 -5.91 6.18
C ALA A 157 -2.12 -6.19 7.37
N LYS A 158 -3.38 -6.52 7.08
CA LYS A 158 -4.34 -6.80 8.14
C LYS A 158 -3.91 -8.07 8.90
N LYS A 159 -3.45 -9.08 8.17
CA LYS A 159 -3.01 -10.33 8.81
C LYS A 159 -1.79 -10.12 9.71
N MET A 160 -0.86 -9.26 9.29
CA MET A 160 0.32 -9.02 10.13
C MET A 160 -0.12 -8.26 11.40
N ARG A 161 -1.10 -7.37 11.23
CA ARG A 161 -1.64 -6.58 12.35
C ARG A 161 -2.29 -7.54 13.35
N GLU A 162 -3.04 -8.49 12.83
CA GLU A 162 -3.70 -9.50 13.66
C GLU A 162 -2.66 -10.28 14.48
N GLU A 163 -1.48 -10.49 13.89
CA GLU A 163 -0.43 -11.23 14.55
C GLU A 163 0.49 -10.37 15.44
N GLY A 164 0.05 -9.16 15.73
CA GLY A 164 0.80 -8.29 16.61
C GLY A 164 1.96 -7.49 16.04
N ALA A 165 2.03 -7.40 14.73
CA ALA A 165 3.12 -6.66 14.10
C ALA A 165 3.15 -5.19 14.53
N LEU A 166 2.01 -4.67 14.95
CA LEU A 166 1.94 -3.27 15.38
C LEU A 166 2.04 -2.99 16.87
N LYS A 167 2.26 -4.03 17.68
CA LYS A 167 2.34 -3.81 19.13
C LYS A 167 3.58 -3.03 19.53
N ASN A 168 3.40 -2.03 20.40
CA ASN A 168 4.50 -1.20 20.88
C ASN A 168 5.05 -0.23 19.83
N VAL A 169 4.65 -0.38 18.57
CA VAL A 169 5.10 0.51 17.51
C VAL A 169 4.25 1.79 17.47
N GLU A 170 4.90 2.94 17.45
CA GLU A 170 4.16 4.20 17.47
C GLU A 170 4.07 5.03 16.17
N ALA A 171 4.83 4.67 15.15
CA ALA A 171 4.80 5.41 13.89
C ALA A 171 5.41 4.56 12.80
N ILE A 172 4.68 4.42 11.69
CA ILE A 172 5.17 3.61 10.58
C ILE A 172 5.21 4.42 9.27
N PHE A 173 6.23 4.14 8.46
CA PHE A 173 6.44 4.82 7.17
C PHE A 173 6.56 3.81 6.04
N GLY A 174 5.91 4.12 4.92
CA GLY A 174 5.99 3.25 3.76
C GLY A 174 6.30 4.07 2.51
N ILE A 175 6.93 3.43 1.52
CA ILE A 175 7.29 4.09 0.27
C ILE A 175 6.77 3.24 -0.90
N HIS A 176 6.24 3.91 -1.94
CA HIS A 176 5.77 3.21 -3.12
C HIS A 176 6.28 3.94 -4.38
N LEU A 177 7.09 3.26 -5.19
CA LEU A 177 7.62 3.85 -6.43
C LEU A 177 6.47 4.28 -7.33
N SER A 178 6.64 5.38 -8.04
CA SER A 178 5.57 5.88 -8.90
C SER A 178 6.00 6.36 -10.28
N ALA A 179 5.23 5.96 -11.29
CA ALA A 179 5.47 6.39 -12.67
C ALA A 179 4.69 7.68 -12.91
N ARG A 180 3.97 8.14 -11.89
CA ARG A 180 3.20 9.38 -12.02
C ARG A 180 3.87 10.57 -11.33
N ILE A 181 5.08 10.34 -10.81
CA ILE A 181 5.84 11.36 -10.11
C ILE A 181 7.22 11.44 -10.79
N PRO A 182 7.77 12.65 -10.96
CA PRO A 182 9.09 12.75 -11.61
C PRO A 182 10.17 11.96 -10.86
N PHE A 183 11.13 11.42 -11.61
CA PHE A 183 12.22 10.64 -11.04
C PHE A 183 12.93 11.34 -9.89
N GLY A 184 13.08 10.62 -8.78
CA GLY A 184 13.77 11.15 -7.61
C GLY A 184 13.02 12.10 -6.71
N LYS A 185 11.69 12.19 -6.87
CA LYS A 185 10.91 13.07 -6.01
C LYS A 185 9.95 12.23 -5.18
N ALA A 186 9.92 12.45 -3.87
CA ALA A 186 9.03 11.70 -2.99
C ALA A 186 7.73 12.48 -2.87
N ALA A 187 6.60 11.81 -3.01
CA ALA A 187 5.33 12.51 -2.94
C ALA A 187 4.36 11.98 -1.89
N SER A 188 3.79 12.90 -1.11
CA SER A 188 2.80 12.57 -0.09
C SER A 188 2.00 13.83 0.21
N ARG A 189 1.08 13.74 1.16
CA ARG A 189 0.25 14.86 1.57
C ARG A 189 -0.18 14.56 3.00
N ALA A 190 -0.76 15.54 3.67
CA ALA A 190 -1.26 15.33 5.03
C ALA A 190 -2.72 14.86 5.02
N GLY A 191 -3.03 13.90 5.88
CA GLY A 191 -4.38 13.41 6.00
C GLY A 191 -4.88 12.45 4.95
N SER A 192 -6.14 12.61 4.58
CA SER A 192 -6.77 11.74 3.59
C SER A 192 -5.92 11.73 2.31
N PHE A 193 -5.43 10.56 1.90
CA PHE A 193 -4.56 10.46 0.74
C PHE A 193 -5.02 9.41 -0.27
N LEU A 194 -5.15 8.16 0.18
CA LEU A 194 -5.55 7.08 -0.70
C LEU A 194 -6.97 6.67 -0.36
N ALA A 195 -7.78 6.40 -1.39
CA ALA A 195 -9.17 6.04 -1.16
C ALA A 195 -9.40 4.68 -0.48
N GLY A 196 -10.44 4.63 0.35
CA GLY A 196 -10.81 3.40 1.00
C GLY A 196 -11.61 2.58 -0.01
N ALA A 197 -12.00 1.36 0.37
CA ALA A 197 -12.78 0.52 -0.53
C ALA A 197 -13.58 -0.52 0.25
N GLY A 198 -14.83 -0.69 -0.14
CA GLY A 198 -15.69 -1.66 0.52
C GLY A 198 -16.60 -2.31 -0.49
N VAL A 199 -17.26 -3.39 -0.08
CA VAL A 199 -18.21 -4.08 -0.96
C VAL A 199 -19.50 -4.30 -0.20
N PHE A 200 -20.58 -4.55 -0.92
CA PHE A 200 -21.87 -4.78 -0.29
C PHE A 200 -22.62 -5.81 -1.13
N GLU A 201 -23.53 -6.53 -0.49
CA GLU A 201 -24.31 -7.51 -1.20
C GLU A 201 -25.77 -7.32 -0.83
N ALA A 202 -26.65 -7.35 -1.84
CA ALA A 202 -28.07 -7.19 -1.58
C ALA A 202 -28.87 -8.30 -2.27
N VAL A 203 -29.92 -8.76 -1.59
CA VAL A 203 -30.79 -9.80 -2.13
C VAL A 203 -32.21 -9.24 -2.23
N ILE A 204 -32.71 -9.09 -3.44
CA ILE A 204 -34.04 -8.54 -3.63
C ILE A 204 -35.05 -9.65 -3.96
N THR A 205 -35.91 -9.98 -3.00
CA THR A 205 -36.91 -11.02 -3.19
C THR A 205 -38.33 -10.46 -2.98
N GLY A 206 -39.27 -10.98 -3.76
CA GLY A 206 -40.64 -10.52 -3.67
C GLY A 206 -41.35 -10.91 -2.38
N LYS A 207 -41.94 -9.92 -1.72
CA LYS A 207 -42.66 -10.15 -0.48
C LYS A 207 -43.92 -10.99 -0.77
N THR A 217 -44.87 -10.25 -8.78
CA THR A 217 -44.15 -11.29 -9.51
C THR A 217 -42.89 -10.77 -10.19
N ILE A 218 -43.06 -9.76 -11.04
CA ILE A 218 -41.93 -9.16 -11.77
C ILE A 218 -41.26 -8.07 -10.94
N ASP A 219 -41.91 -7.68 -9.85
CA ASP A 219 -41.39 -6.63 -8.99
C ASP A 219 -39.91 -6.76 -8.62
N PRO A 220 -39.46 -7.97 -8.23
CA PRO A 220 -38.05 -8.11 -7.88
C PRO A 220 -37.14 -7.56 -8.98
N VAL A 221 -37.47 -7.89 -10.22
CA VAL A 221 -36.68 -7.42 -11.36
C VAL A 221 -36.87 -5.92 -11.50
N VAL A 222 -38.10 -5.45 -11.31
CA VAL A 222 -38.39 -4.03 -11.40
C VAL A 222 -37.55 -3.30 -10.35
N ALA A 223 -37.54 -3.88 -9.15
CA ALA A 223 -36.80 -3.32 -8.03
C ALA A 223 -35.29 -3.34 -8.28
N ALA A 224 -34.80 -4.44 -8.85
CA ALA A 224 -33.37 -4.60 -9.12
C ALA A 224 -32.79 -3.58 -10.10
N SER A 225 -33.45 -3.36 -11.23
CA SER A 225 -32.92 -2.41 -12.21
C SER A 225 -33.09 -0.99 -11.67
N SER A 226 -34.09 -0.81 -10.82
CA SER A 226 -34.33 0.49 -10.21
C SER A 226 -33.13 0.77 -9.31
N ILE A 227 -32.99 -0.06 -8.27
CA ILE A 227 -31.89 0.05 -7.32
C ILE A 227 -30.57 0.32 -8.04
N VAL A 228 -30.32 -0.41 -9.12
CA VAL A 228 -29.10 -0.25 -9.89
C VAL A 228 -28.90 1.19 -10.31
N LEU A 229 -29.80 1.71 -11.14
CA LEU A 229 -29.68 3.09 -11.58
C LEU A 229 -29.57 4.03 -10.38
N SER A 230 -30.32 3.72 -9.32
CA SER A 230 -30.34 4.56 -8.13
C SER A 230 -29.00 4.58 -7.37
N LEU A 231 -28.25 3.49 -7.46
CA LEU A 231 -26.95 3.44 -6.79
C LEU A 231 -25.89 4.04 -7.70
N GLN A 232 -26.02 3.80 -8.99
CA GLN A 232 -25.07 4.34 -9.96
C GLN A 232 -25.10 5.86 -9.89
N GLN A 233 -26.22 6.40 -9.44
CA GLN A 233 -26.36 7.83 -9.32
C GLN A 233 -25.33 8.39 -8.32
N LEU A 234 -25.27 7.79 -7.14
CA LEU A 234 -24.33 8.21 -6.08
C LEU A 234 -22.93 8.56 -6.56
N VAL A 235 -22.46 7.89 -7.60
CA VAL A 235 -21.12 8.15 -8.14
C VAL A 235 -21.07 9.58 -8.61
N SER A 236 -19.94 10.26 -8.38
CA SER A 236 -19.87 11.65 -8.82
C SER A 236 -18.51 12.30 -8.61
N ARG A 237 -18.33 13.41 -9.31
CA ARG A 237 -17.11 14.20 -9.25
C ARG A 237 -17.46 15.64 -8.90
N GLU A 238 -16.56 16.28 -8.16
CA GLU A 238 -16.79 17.64 -7.76
C GLU A 238 -15.52 18.44 -8.03
N THR A 239 -15.40 19.57 -7.37
CA THR A 239 -14.25 20.44 -7.57
C THR A 239 -13.05 20.12 -6.66
N ASP A 240 -13.28 19.28 -5.65
CA ASP A 240 -12.21 18.84 -4.74
C ASP A 240 -12.02 17.35 -5.01
N PRO A 241 -10.81 16.93 -5.43
CA PRO A 241 -10.67 15.49 -5.67
C PRO A 241 -10.86 14.60 -4.43
N LEU A 242 -11.02 15.21 -3.27
CA LEU A 242 -11.24 14.42 -2.06
C LEU A 242 -12.71 14.09 -1.85
N ASP A 243 -13.59 14.80 -2.54
CA ASP A 243 -15.03 14.55 -2.42
C ASP A 243 -15.53 13.41 -3.32
N SER A 244 -14.67 12.89 -4.19
CA SER A 244 -15.08 11.83 -5.11
C SER A 244 -15.62 10.61 -4.39
N LYS A 245 -16.80 10.17 -4.82
CA LYS A 245 -17.42 8.98 -4.26
C LYS A 245 -17.95 8.19 -5.43
N VAL A 246 -17.77 6.88 -5.35
CA VAL A 246 -18.23 5.99 -6.40
C VAL A 246 -18.86 4.73 -5.81
N VAL A 247 -19.81 4.18 -6.55
CA VAL A 247 -20.47 2.95 -6.21
C VAL A 247 -20.57 2.26 -7.57
N THR A 248 -20.07 1.03 -7.63
CA THR A 248 -20.06 0.24 -8.86
C THR A 248 -20.84 -1.05 -8.65
N VAL A 249 -21.85 -1.27 -9.48
CA VAL A 249 -22.62 -2.51 -9.38
C VAL A 249 -21.96 -3.44 -10.39
N SER A 250 -21.44 -4.55 -9.89
CA SER A 250 -20.76 -5.51 -10.74
C SER A 250 -21.52 -6.83 -10.86
N LYS A 251 -22.17 -7.26 -9.77
CA LYS A 251 -22.91 -8.51 -9.77
C LYS A 251 -24.41 -8.29 -9.72
N VAL A 252 -25.14 -9.02 -10.57
CA VAL A 252 -26.59 -8.96 -10.63
C VAL A 252 -27.11 -10.22 -11.34
N ASN A 253 -27.90 -11.03 -10.63
CA ASN A 253 -28.46 -12.25 -11.23
C ASN A 253 -29.56 -12.88 -10.38
N PRO A 262 -38.45 -15.04 -11.95
CA PRO A 262 -37.31 -14.59 -11.13
C PRO A 262 -37.73 -14.25 -9.70
N ASP A 263 -37.54 -15.19 -8.79
CA ASP A 263 -37.93 -15.01 -7.39
C ASP A 263 -36.97 -14.13 -6.58
N SER A 264 -35.67 -14.23 -6.88
CA SER A 264 -34.68 -13.45 -6.16
C SER A 264 -33.53 -13.04 -7.06
N ILE A 265 -33.00 -11.84 -6.82
CA ILE A 265 -31.90 -11.35 -7.60
C ILE A 265 -30.82 -10.81 -6.66
N THR A 266 -29.61 -11.34 -6.81
CA THR A 266 -28.49 -10.91 -5.99
C THR A 266 -27.74 -9.81 -6.72
N ILE A 267 -27.44 -8.73 -5.99
CA ILE A 267 -26.72 -7.59 -6.56
C ILE A 267 -25.45 -7.31 -5.76
N GLY A 268 -24.30 -7.59 -6.37
CA GLY A 268 -23.03 -7.34 -5.69
C GLY A 268 -22.44 -6.02 -6.14
N GLY A 269 -22.13 -5.15 -5.17
CA GLY A 269 -21.55 -3.86 -5.51
C GLY A 269 -20.37 -3.44 -4.65
N THR A 270 -19.70 -2.38 -5.11
CA THR A 270 -18.53 -1.85 -4.41
C THR A 270 -18.76 -0.36 -4.16
N LEU A 271 -17.97 0.20 -3.26
CA LEU A 271 -18.05 1.61 -2.96
C LEU A 271 -16.69 2.13 -2.51
N ARG A 272 -16.40 3.38 -2.89
CA ARG A 272 -15.13 4.00 -2.55
C ARG A 272 -15.30 5.46 -2.22
N ALA A 273 -14.47 5.94 -1.31
CA ALA A 273 -14.50 7.34 -0.87
C ALA A 273 -13.18 7.64 -0.16
N PHE A 274 -12.80 8.92 -0.18
CA PHE A 274 -11.57 9.38 0.49
C PHE A 274 -11.95 9.88 1.87
N THR A 275 -13.21 10.31 2.00
CA THR A 275 -13.74 10.87 3.23
C THR A 275 -15.25 10.55 3.33
N GLY A 276 -15.76 10.37 4.54
CA GLY A 276 -17.18 10.07 4.72
C GLY A 276 -17.57 8.67 4.22
N PHE A 277 -16.61 7.76 4.26
CA PHE A 277 -16.85 6.41 3.78
C PHE A 277 -18.04 5.72 4.48
N THR A 278 -18.11 5.84 5.81
CA THR A 278 -19.20 5.25 6.59
C THR A 278 -20.55 5.83 6.16
N GLN A 279 -20.54 7.13 5.88
CA GLN A 279 -21.75 7.80 5.45
C GLN A 279 -22.16 7.31 4.05
N LEU A 280 -21.20 6.86 3.26
CA LEU A 280 -21.52 6.37 1.93
C LEU A 280 -22.04 4.93 2.06
N GLN A 281 -21.44 4.16 2.95
CA GLN A 281 -21.89 2.77 3.19
C GLN A 281 -23.37 2.77 3.56
N GLN A 282 -23.74 3.64 4.49
CA GLN A 282 -25.13 3.72 4.93
C GLN A 282 -26.06 4.18 3.81
N ARG A 283 -25.56 5.08 2.96
CA ARG A 283 -26.34 5.58 1.84
C ARG A 283 -26.65 4.43 0.86
N VAL A 284 -25.65 3.62 0.59
CA VAL A 284 -25.82 2.49 -0.31
C VAL A 284 -26.90 1.58 0.28
N LYS A 285 -26.80 1.30 1.57
CA LYS A 285 -27.78 0.44 2.25
C LYS A 285 -29.18 1.05 2.23
N GLU A 286 -29.27 2.30 2.68
CA GLU A 286 -30.54 3.02 2.69
C GLU A 286 -31.24 3.02 1.32
N VAL A 287 -30.50 3.31 0.27
CA VAL A 287 -31.08 3.35 -1.07
C VAL A 287 -31.68 1.99 -1.48
N ILE A 288 -30.87 0.94 -1.36
CA ILE A 288 -31.31 -0.41 -1.72
C ILE A 288 -32.55 -0.84 -0.94
N THR A 289 -32.57 -0.51 0.35
CA THR A 289 -33.66 -0.88 1.21
C THR A 289 -34.96 -0.17 0.85
N LYS A 290 -34.91 1.15 0.76
CA LYS A 290 -36.10 1.93 0.42
C LYS A 290 -36.54 1.66 -1.01
N GLN A 291 -35.59 1.57 -1.93
CA GLN A 291 -35.90 1.29 -3.32
C GLN A 291 -36.49 -0.11 -3.48
N ALA A 292 -36.29 -0.96 -2.48
CA ALA A 292 -36.84 -2.30 -2.53
C ALA A 292 -38.25 -2.26 -1.93
N ALA A 293 -38.38 -1.53 -0.82
CA ALA A 293 -39.65 -1.40 -0.12
C ALA A 293 -40.78 -0.79 -0.94
N VAL A 294 -40.49 0.30 -1.66
CA VAL A 294 -41.52 0.95 -2.46
C VAL A 294 -41.92 0.08 -3.63
N HIS A 295 -41.19 -1.02 -3.84
CA HIS A 295 -41.50 -1.94 -4.91
C HIS A 295 -41.97 -3.26 -4.29
N ARG A 296 -42.52 -3.16 -3.09
CA ARG A 296 -43.02 -4.30 -2.34
C ARG A 296 -42.10 -5.52 -2.43
N CYS A 297 -40.86 -5.33 -1.98
CA CYS A 297 -39.88 -6.40 -2.00
C CYS A 297 -39.12 -6.47 -0.66
N ASN A 298 -38.55 -7.64 -0.38
CA ASN A 298 -37.75 -7.85 0.82
C ASN A 298 -36.35 -7.37 0.41
N ALA A 299 -35.62 -6.76 1.33
CA ALA A 299 -34.28 -6.27 1.04
C ALA A 299 -33.25 -6.81 2.03
N SER A 300 -32.28 -7.55 1.51
CA SER A 300 -31.22 -8.11 2.34
C SER A 300 -29.89 -7.53 1.85
N VAL A 301 -29.32 -6.63 2.65
CA VAL A 301 -28.05 -5.98 2.34
C VAL A 301 -26.95 -6.26 3.35
N ASN A 302 -25.79 -6.66 2.86
CA ASN A 302 -24.63 -6.96 3.71
C ASN A 302 -23.43 -6.10 3.24
N LEU A 303 -22.87 -5.30 4.15
CA LEU A 303 -21.72 -4.43 3.85
C LEU A 303 -20.36 -5.09 4.09
N THR A 304 -20.36 -6.35 4.53
CA THR A 304 -19.11 -7.10 4.72
C THR A 304 -19.43 -8.53 4.27
N PRO A 305 -19.86 -8.69 3.01
CA PRO A 305 -20.18 -10.03 2.50
C PRO A 305 -19.02 -11.02 2.43
N ASN A 306 -19.26 -12.22 2.96
CA ASN A 306 -18.25 -13.27 2.94
C ASN A 306 -16.96 -12.89 3.66
N GLY A 307 -17.07 -12.06 4.70
CA GLY A 307 -15.87 -11.65 5.41
C GLY A 307 -15.03 -10.61 4.66
N ARG A 308 -15.65 -9.89 3.73
CA ARG A 308 -14.94 -8.85 3.00
C ARG A 308 -15.10 -7.55 3.78
N GLU A 309 -14.27 -7.35 4.80
CA GLU A 309 -14.33 -6.14 5.61
C GLU A 309 -13.86 -4.93 4.84
N PRO A 310 -14.44 -3.75 5.11
CA PRO A 310 -13.98 -2.57 4.37
C PRO A 310 -12.55 -2.21 4.70
N MET A 311 -11.91 -1.50 3.79
CA MET A 311 -10.54 -1.03 3.98
C MET A 311 -10.69 0.49 3.99
N PRO A 312 -10.44 1.12 5.15
CA PRO A 312 -10.56 2.57 5.24
C PRO A 312 -9.56 3.32 4.35
N PRO A 313 -9.81 4.61 4.10
CA PRO A 313 -8.89 5.41 3.29
C PRO A 313 -7.51 5.43 3.99
N THR A 314 -6.44 5.65 3.24
CA THR A 314 -5.10 5.72 3.84
C THR A 314 -4.93 7.16 4.30
N VAL A 315 -4.70 7.34 5.59
CA VAL A 315 -4.54 8.68 6.16
C VAL A 315 -3.10 8.90 6.61
N ASN A 316 -2.51 9.98 6.12
CA ASN A 316 -1.14 10.35 6.47
C ASN A 316 -1.16 11.27 7.67
N ASN A 317 -0.63 10.77 8.79
CA ASN A 317 -0.57 11.55 10.02
C ASN A 317 0.17 12.88 9.76
N LYS A 318 -0.47 13.98 10.14
CA LYS A 318 0.10 15.32 9.95
C LYS A 318 1.54 15.46 10.48
N ASP A 319 1.78 15.04 11.71
CA ASP A 319 3.11 15.12 12.30
C ASP A 319 4.14 14.32 11.49
N LEU A 320 3.77 13.13 11.03
CA LEU A 320 4.72 12.35 10.23
C LEU A 320 4.96 13.02 8.89
N TYR A 321 3.88 13.55 8.30
CA TYR A 321 3.97 14.24 7.01
C TYR A 321 4.82 15.51 7.21
N LYS A 322 4.57 16.23 8.28
CA LYS A 322 5.33 17.44 8.56
C LYS A 322 6.81 17.08 8.74
N GLN A 323 7.10 15.99 9.45
CA GLN A 323 8.48 15.57 9.65
C GLN A 323 9.09 15.03 8.37
N PHE A 324 8.27 14.32 7.60
CA PHE A 324 8.71 13.71 6.34
C PHE A 324 9.16 14.76 5.32
N LYS A 325 8.40 15.85 5.19
CA LYS A 325 8.77 16.89 4.24
C LYS A 325 10.19 17.39 4.50
N LYS A 326 10.57 17.48 5.78
CA LYS A 326 11.92 17.95 6.11
C LYS A 326 12.97 16.93 5.68
N VAL A 327 12.77 15.67 6.02
CA VAL A 327 13.72 14.64 5.64
C VAL A 327 13.99 14.66 4.13
N VAL A 328 12.94 14.85 3.34
CA VAL A 328 13.07 14.87 1.89
C VAL A 328 13.81 16.13 1.42
N ARG A 329 13.44 17.27 1.98
CA ARG A 329 14.08 18.51 1.59
C ARG A 329 15.56 18.49 1.97
N ASP A 330 15.86 18.11 3.21
CA ASP A 330 17.27 18.05 3.66
C ASP A 330 18.10 17.13 2.79
N LEU A 331 17.53 15.99 2.42
CA LEU A 331 18.22 15.01 1.60
C LEU A 331 18.35 15.33 0.12
N LEU A 332 17.24 15.39 -0.60
CA LEU A 332 17.28 15.65 -2.03
C LEU A 332 17.36 17.10 -2.49
N GLY A 333 16.47 17.95 -1.99
CA GLY A 333 16.49 19.34 -2.40
C GLY A 333 15.20 20.06 -2.06
N GLN A 334 15.25 21.39 -2.03
CA GLN A 334 14.08 22.18 -1.71
C GLN A 334 12.98 21.99 -2.76
N GLU A 335 13.31 21.36 -3.87
CA GLU A 335 12.33 21.17 -4.94
C GLU A 335 11.82 19.75 -5.15
N ALA A 336 12.45 18.79 -4.50
CA ALA A 336 12.06 17.38 -4.64
C ALA A 336 10.68 17.04 -4.04
N PHE A 337 10.30 17.76 -2.99
CA PHE A 337 9.03 17.51 -2.33
C PHE A 337 7.82 17.73 -3.24
N VAL A 338 7.17 16.64 -3.62
CA VAL A 338 5.99 16.73 -4.47
C VAL A 338 4.71 16.48 -3.66
N GLU A 339 3.88 17.51 -3.54
CA GLU A 339 2.62 17.37 -2.82
C GLU A 339 1.74 16.44 -3.65
N ALA A 340 1.39 15.30 -3.06
CA ALA A 340 0.59 14.31 -3.77
C ALA A 340 -0.89 14.66 -3.87
N ALA A 341 -1.52 14.13 -4.92
CA ALA A 341 -2.96 14.32 -5.15
C ALA A 341 -3.67 13.08 -4.65
N PRO A 342 -4.88 13.25 -4.09
CA PRO A 342 -5.63 12.09 -3.60
C PRO A 342 -5.71 11.08 -4.76
N VAL A 343 -5.56 9.80 -4.45
CA VAL A 343 -5.63 8.74 -5.46
C VAL A 343 -6.63 7.66 -5.11
N MET A 344 -7.40 7.20 -6.09
CA MET A 344 -8.36 6.13 -5.83
C MET A 344 -7.73 4.79 -6.18
N GLY A 345 -6.61 4.48 -5.53
CA GLY A 345 -5.94 3.22 -5.79
C GLY A 345 -6.17 2.20 -4.69
N SER A 346 -5.45 1.11 -4.74
CA SER A 346 -5.58 0.08 -3.73
C SER A 346 -4.25 -0.20 -3.04
N GLU A 347 -4.21 0.06 -1.74
CA GLU A 347 -3.01 -0.14 -0.94
C GLU A 347 -3.44 -0.48 0.48
N ASP A 348 -3.19 -1.72 0.89
CA ASP A 348 -3.59 -2.17 2.21
C ASP A 348 -2.76 -1.63 3.37
N PHE A 349 -1.85 -0.71 3.07
CA PHE A 349 -1.05 -0.04 4.10
C PHE A 349 -2.03 0.69 5.05
N SER A 350 -3.20 1.07 4.55
CA SER A 350 -4.19 1.77 5.37
C SER A 350 -4.54 1.02 6.65
N TYR A 351 -4.48 -0.32 6.64
CA TYR A 351 -4.77 -1.08 7.85
C TYR A 351 -3.72 -0.85 8.95
N PHE A 352 -2.61 -0.19 8.61
CA PHE A 352 -1.56 0.13 9.59
C PHE A 352 -1.68 1.58 10.10
N ALA A 353 -1.81 2.54 9.17
CA ALA A 353 -1.91 3.97 9.49
C ALA A 353 -3.23 4.41 10.12
N GLU A 354 -4.13 3.46 10.33
CA GLU A 354 -5.39 3.75 10.99
C GLU A 354 -5.27 3.29 12.45
N THR A 355 -4.44 2.28 12.67
CA THR A 355 -4.22 1.69 13.99
C THR A 355 -3.05 2.35 14.73
N ILE A 356 -2.11 2.92 13.99
CA ILE A 356 -1.01 3.69 14.55
C ILE A 356 -0.72 4.81 13.55
N PRO A 357 -0.08 5.90 14.02
CA PRO A 357 0.24 7.01 13.12
C PRO A 357 0.99 6.46 11.90
N GLY A 358 0.48 6.76 10.71
CA GLY A 358 1.14 6.25 9.52
C GLY A 358 1.47 7.30 8.49
N HIS A 359 2.46 7.01 7.64
CA HIS A 359 2.83 7.94 6.59
C HIS A 359 3.22 7.14 5.34
N PHE A 360 2.46 7.36 4.27
CA PHE A 360 2.66 6.65 3.02
C PHE A 360 3.06 7.66 1.94
N SER A 361 4.14 7.36 1.24
CA SER A 361 4.63 8.27 0.22
C SER A 361 4.95 7.52 -1.06
N LEU A 362 4.98 8.26 -2.17
CA LEU A 362 5.31 7.68 -3.47
C LEU A 362 6.78 8.02 -3.69
N LEU A 363 7.44 7.30 -4.60
CA LEU A 363 8.81 7.60 -4.91
C LEU A 363 8.85 7.65 -6.45
N GLY A 364 9.27 8.79 -6.98
CA GLY A 364 9.26 9.01 -8.41
C GLY A 364 10.25 8.26 -9.28
N MET A 365 9.78 7.87 -10.47
CA MET A 365 10.60 7.15 -11.44
C MET A 365 10.47 7.77 -12.84
N GLN A 366 9.35 8.42 -13.10
CA GLN A 366 9.05 8.95 -14.43
C GLN A 366 10.14 9.86 -15.01
N ASP A 367 10.37 9.75 -16.31
CA ASP A 367 11.38 10.58 -16.95
C ASP A 367 10.70 11.71 -17.73
N GLU A 368 11.45 12.46 -18.53
CA GLU A 368 10.89 13.59 -19.25
C GLU A 368 9.80 13.29 -20.27
N THR A 369 9.90 12.17 -20.96
CA THR A 369 8.92 11.88 -21.99
C THR A 369 7.97 10.75 -21.65
N ASN A 370 7.82 10.49 -20.37
CA ASN A 370 6.90 9.45 -19.90
C ASN A 370 7.14 8.08 -20.48
N GLY A 371 8.40 7.67 -20.58
CA GLY A 371 8.69 6.34 -21.12
C GLY A 371 8.41 5.24 -20.12
N TYR A 372 8.43 5.58 -18.82
CA TYR A 372 8.18 4.59 -17.79
C TYR A 372 6.71 4.27 -17.75
N ALA A 373 6.40 2.98 -17.88
CA ALA A 373 5.03 2.49 -17.90
C ALA A 373 4.35 2.57 -16.54
N SER A 374 3.05 2.83 -16.55
CA SER A 374 2.29 2.93 -15.32
C SER A 374 2.29 1.59 -14.60
N SER A 375 2.24 1.61 -13.27
CA SER A 375 2.22 0.37 -12.50
C SER A 375 1.05 -0.50 -12.97
N HIS A 376 1.11 -1.80 -12.71
CA HIS A 376 0.07 -2.72 -13.13
C HIS A 376 0.04 -3.03 -14.64
N SER A 377 1.18 -2.92 -15.31
CA SER A 377 1.22 -3.25 -16.73
C SER A 377 2.32 -4.22 -17.10
N PRO A 378 2.15 -4.97 -18.20
CA PRO A 378 3.18 -5.92 -18.63
C PRO A 378 4.52 -5.23 -18.91
N LEU A 379 4.50 -3.92 -19.17
CA LEU A 379 5.72 -3.14 -19.49
C LEU A 379 6.32 -2.28 -18.38
N TYR A 380 5.67 -2.26 -17.21
CA TYR A 380 6.12 -1.52 -16.03
C TYR A 380 7.64 -1.45 -15.89
N ARG A 381 8.14 -0.33 -15.38
CA ARG A 381 9.58 -0.20 -15.21
C ARG A 381 10.08 0.72 -14.09
N ILE A 382 10.86 0.16 -13.18
CA ILE A 382 11.47 0.97 -12.14
C ILE A 382 12.79 1.39 -12.79
N ASN A 383 13.22 2.62 -12.56
CA ASN A 383 14.52 3.04 -13.05
C ASN A 383 15.42 2.51 -11.91
N GLU A 384 16.24 1.49 -12.18
CA GLU A 384 17.04 0.90 -11.10
C GLU A 384 17.91 1.87 -10.30
N ASP A 385 18.06 3.09 -10.81
CA ASP A 385 18.84 4.09 -10.10
C ASP A 385 18.04 4.84 -9.02
N VAL A 386 16.84 4.36 -8.73
CA VAL A 386 16.00 4.98 -7.69
C VAL A 386 16.21 4.27 -6.35
N LEU A 387 16.78 3.09 -6.37
CA LEU A 387 16.94 2.34 -5.13
C LEU A 387 17.66 3.10 -4.02
N PRO A 388 18.78 3.77 -4.34
CA PRO A 388 19.45 4.51 -3.26
C PRO A 388 18.59 5.66 -2.67
N TYR A 389 17.75 6.29 -3.50
CA TYR A 389 16.89 7.38 -3.02
C TYR A 389 15.95 6.91 -1.92
N GLY A 390 15.24 5.81 -2.17
CA GLY A 390 14.31 5.27 -1.18
C GLY A 390 15.04 4.66 0.01
N ALA A 391 16.19 4.02 -0.25
CA ALA A 391 17.00 3.43 0.82
C ALA A 391 17.41 4.53 1.80
N ALA A 392 17.90 5.64 1.26
CA ALA A 392 18.31 6.76 2.11
C ALA A 392 17.09 7.35 2.80
N ILE A 393 16.01 7.55 2.04
CA ILE A 393 14.79 8.11 2.62
C ILE A 393 14.28 7.19 3.72
N HIS A 394 14.27 5.89 3.48
CA HIS A 394 13.85 4.93 4.52
C HIS A 394 14.73 5.08 5.75
N ALA A 395 16.03 4.92 5.53
CA ALA A 395 17.02 5.01 6.62
C ALA A 395 16.91 6.32 7.36
N SER A 396 17.02 7.42 6.63
CA SER A 396 16.94 8.73 7.21
C SER A 396 15.68 8.96 8.06
N MET A 397 14.52 8.70 7.46
CA MET A 397 13.26 8.92 8.15
C MET A 397 13.21 8.25 9.54
N ALA A 398 13.78 7.05 9.63
CA ALA A 398 13.76 6.36 10.92
C ALA A 398 14.66 7.06 11.94
N VAL A 399 15.78 7.60 11.48
CA VAL A 399 16.72 8.28 12.36
C VAL A 399 16.15 9.61 12.85
N GLN A 400 15.78 10.47 11.93
CA GLN A 400 15.24 11.77 12.30
C GLN A 400 14.04 11.63 13.23
N TYR A 401 13.16 10.68 12.94
CA TYR A 401 12.01 10.47 13.80
C TYR A 401 12.53 10.26 15.25
N LEU A 402 13.30 9.20 15.44
CA LEU A 402 13.86 8.89 16.76
C LEU A 402 14.66 10.06 17.33
N LYS A 403 15.50 10.68 16.50
CA LYS A 403 16.31 11.79 16.95
C LYS A 403 15.45 13.03 17.19
N GLU A 404 14.14 12.89 17.02
CA GLU A 404 13.22 13.99 17.25
C GLU A 404 12.38 13.63 18.49
N LYS A 405 11.90 12.39 18.52
CA LYS A 405 11.10 11.92 19.64
C LYS A 405 11.88 12.13 20.95
N ALA A 406 13.21 12.00 20.88
CA ALA A 406 14.05 12.16 22.05
C ALA A 406 14.48 13.61 22.31
N SER A 407 14.07 14.54 21.46
CA SER A 407 14.46 15.94 21.65
C SER A 407 13.76 16.59 22.84
N LYS A 16 27.39 11.73 3.51
CA LYS A 16 26.01 11.47 4.01
C LYS A 16 25.53 10.08 3.59
N LEU A 17 24.50 9.58 4.27
CA LEU A 17 23.95 8.27 3.97
C LEU A 17 23.43 8.20 2.54
N LEU A 18 23.31 9.37 1.90
CA LEU A 18 22.84 9.42 0.52
C LEU A 18 23.97 8.95 -0.37
N GLU A 19 25.16 9.50 -0.16
CA GLU A 19 26.31 9.12 -0.96
C GLU A 19 26.63 7.65 -0.71
N PHE A 20 26.44 7.23 0.54
CA PHE A 20 26.67 5.84 0.90
C PHE A 20 25.62 4.95 0.23
N ALA A 21 24.37 5.40 0.23
CA ALA A 21 23.28 4.64 -0.40
C ALA A 21 23.61 4.39 -1.89
N LYS A 22 24.26 5.37 -2.52
CA LYS A 22 24.64 5.26 -3.93
C LYS A 22 25.98 4.57 -4.16
N SER A 23 26.75 4.37 -3.09
CA SER A 23 28.06 3.74 -3.23
C SER A 23 27.96 2.30 -3.68
N PRO A 24 29.07 1.75 -4.21
CA PRO A 24 29.13 0.37 -4.70
C PRO A 24 28.65 -0.65 -3.66
N GLU A 25 29.09 -0.47 -2.42
CA GLU A 25 28.72 -1.36 -1.32
C GLU A 25 27.21 -1.46 -1.11
N VAL A 26 26.49 -0.37 -1.34
CA VAL A 26 25.06 -0.39 -1.16
C VAL A 26 24.30 -0.45 -2.50
N PHE A 27 24.41 0.60 -3.31
CA PHE A 27 23.72 0.64 -4.60
C PHE A 27 23.90 -0.59 -5.46
N ASP A 28 25.14 -0.92 -5.78
CA ASP A 28 25.43 -2.08 -6.61
C ASP A 28 24.92 -3.36 -5.95
N TRP A 29 24.96 -3.38 -4.62
CA TRP A 29 24.47 -4.48 -3.80
C TRP A 29 22.93 -4.43 -3.88
N MET A 30 22.36 -3.24 -3.81
CA MET A 30 20.90 -3.07 -3.91
C MET A 30 20.41 -3.54 -5.27
N VAL A 31 21.03 -3.04 -6.33
CA VAL A 31 20.61 -3.41 -7.68
C VAL A 31 20.65 -4.92 -7.89
N LYS A 32 21.68 -5.57 -7.35
CA LYS A 32 21.75 -7.01 -7.52
C LYS A 32 20.60 -7.66 -6.78
N ILE A 33 20.30 -7.16 -5.58
CA ILE A 33 19.19 -7.69 -4.80
C ILE A 33 17.90 -7.49 -5.56
N ARG A 34 17.63 -6.24 -5.95
CA ARG A 34 16.41 -5.94 -6.67
C ARG A 34 16.20 -6.88 -7.84
N ARG A 35 17.25 -7.08 -8.64
CA ARG A 35 17.14 -7.92 -9.82
C ARG A 35 16.90 -9.38 -9.53
N LYS A 36 17.42 -9.87 -8.41
CA LYS A 36 17.22 -11.26 -8.04
C LYS A 36 15.75 -11.44 -7.71
N ILE A 37 15.14 -10.43 -7.12
CA ILE A 37 13.73 -10.53 -6.80
C ILE A 37 12.91 -10.47 -8.08
N HIS A 38 13.26 -9.56 -8.99
CA HIS A 38 12.50 -9.39 -10.23
C HIS A 38 12.42 -10.64 -11.12
N GLU A 39 13.49 -11.42 -11.16
CA GLU A 39 13.56 -12.65 -11.97
C GLU A 39 12.60 -13.73 -11.49
N ASN A 40 12.29 -13.73 -10.19
CA ASN A 40 11.39 -14.74 -9.66
C ASN A 40 10.24 -14.13 -8.87
N PRO A 41 9.39 -13.35 -9.54
CA PRO A 41 8.25 -12.71 -8.88
C PRO A 41 7.28 -13.75 -8.27
N GLU A 42 6.88 -13.50 -7.02
CA GLU A 42 5.98 -14.41 -6.31
C GLU A 42 4.74 -13.68 -5.84
N LEU A 43 3.60 -14.36 -5.93
CA LEU A 43 2.30 -13.82 -5.55
C LEU A 43 2.06 -13.90 -4.04
N GLY A 44 1.15 -13.05 -3.54
CA GLY A 44 0.83 -13.02 -2.12
C GLY A 44 0.60 -14.41 -1.54
N TYR A 45 1.17 -14.62 -0.35
CA TYR A 45 1.06 -15.88 0.35
C TYR A 45 1.77 -17.02 -0.38
N GLU A 46 2.91 -16.71 -1.01
CA GLU A 46 3.72 -17.70 -1.73
C GLU A 46 5.15 -17.17 -1.89
N GLU A 47 5.45 -16.06 -1.24
CA GLU A 47 6.76 -15.41 -1.32
C GLU A 47 7.88 -16.18 -0.60
N LEU A 48 7.91 -17.49 -0.78
CA LEU A 48 8.90 -18.34 -0.13
C LEU A 48 10.35 -17.92 -0.37
N GLU A 49 10.74 -17.86 -1.64
CA GLU A 49 12.10 -17.50 -1.98
C GLU A 49 12.40 -16.03 -1.68
N THR A 50 11.40 -15.17 -1.86
CA THR A 50 11.60 -13.75 -1.60
C THR A 50 11.86 -13.57 -0.10
N SER A 51 11.01 -14.21 0.71
CA SER A 51 11.15 -14.15 2.17
C SER A 51 12.46 -14.84 2.62
N LYS A 52 12.85 -15.92 1.95
CA LYS A 52 14.12 -16.60 2.31
C LYS A 52 15.30 -15.66 2.00
N LEU A 53 15.22 -14.94 0.89
CA LEU A 53 16.32 -14.02 0.53
C LEU A 53 16.39 -12.83 1.50
N ILE A 54 15.24 -12.28 1.87
CA ILE A 54 15.21 -11.17 2.80
C ILE A 54 15.89 -11.60 4.10
N ARG A 55 15.39 -12.70 4.67
CA ARG A 55 15.96 -13.21 5.90
C ARG A 55 17.45 -13.55 5.72
N SER A 56 17.82 -14.12 4.57
CA SER A 56 19.24 -14.42 4.33
C SER A 56 20.05 -13.15 4.43
N GLU A 57 19.54 -12.08 3.83
CA GLU A 57 20.26 -10.83 3.87
C GLU A 57 20.29 -10.19 5.26
N LEU A 58 19.17 -10.23 5.98
CA LEU A 58 19.13 -9.66 7.32
C LEU A 58 20.22 -10.29 8.19
N GLU A 59 20.44 -11.59 8.02
CA GLU A 59 21.48 -12.29 8.77
C GLU A 59 22.87 -11.73 8.43
N LEU A 60 23.12 -11.47 7.15
CA LEU A 60 24.40 -10.94 6.72
C LEU A 60 24.67 -9.54 7.29
N ILE A 61 23.72 -8.63 7.18
CA ILE A 61 23.91 -7.29 7.71
C ILE A 61 24.17 -7.30 9.23
N GLY A 62 23.41 -8.12 9.96
CA GLY A 62 23.53 -8.21 11.40
C GLY A 62 22.26 -7.69 12.07
N ILE A 63 21.13 -8.27 11.69
CA ILE A 63 19.82 -7.85 12.20
C ILE A 63 18.93 -9.03 12.58
N LYS A 64 18.48 -9.04 13.83
CA LYS A 64 17.59 -10.07 14.35
C LYS A 64 16.20 -9.89 13.77
N TYR A 65 15.44 -10.98 13.64
CA TYR A 65 14.10 -10.87 13.09
C TYR A 65 13.15 -11.95 13.59
N ARG A 66 11.86 -11.66 13.45
CA ARG A 66 10.78 -12.56 13.81
C ARG A 66 10.22 -13.11 12.50
N TYR A 67 10.09 -14.43 12.44
CA TYR A 67 9.58 -15.12 11.25
C TYR A 67 9.05 -16.47 11.72
N PRO A 68 7.90 -16.91 11.21
CA PRO A 68 7.05 -16.23 10.21
C PRO A 68 5.96 -15.31 10.78
N VAL A 69 5.72 -14.21 10.08
CA VAL A 69 4.66 -13.30 10.46
C VAL A 69 3.80 -13.18 9.18
N ALA A 70 2.56 -13.66 9.26
CA ALA A 70 1.64 -13.65 8.13
C ALA A 70 2.16 -14.55 6.99
N ILE A 71 2.51 -15.78 7.35
CA ILE A 71 2.98 -16.81 6.43
C ILE A 71 4.38 -16.63 5.87
N THR A 72 4.73 -15.42 5.40
CA THR A 72 6.08 -15.21 4.85
C THR A 72 6.77 -13.95 5.36
N GLY A 73 6.04 -13.13 6.10
CA GLY A 73 6.57 -11.87 6.61
C GLY A 73 7.70 -11.91 7.62
N VAL A 74 8.44 -10.81 7.64
CA VAL A 74 9.60 -10.64 8.49
C VAL A 74 9.66 -9.25 9.18
N ILE A 75 10.02 -9.23 10.45
CA ILE A 75 10.18 -7.95 11.15
C ILE A 75 11.60 -7.89 11.74
N GLY A 76 12.39 -6.94 11.27
CA GLY A 76 13.75 -6.78 11.76
C GLY A 76 13.91 -5.62 12.73
N TYR A 77 15.02 -5.60 13.47
CA TYR A 77 15.25 -4.55 14.44
C TYR A 77 16.62 -3.88 14.37
N ILE A 78 16.64 -2.55 14.46
CA ILE A 78 17.91 -1.85 14.42
C ILE A 78 17.93 -0.76 15.45
N GLY A 79 18.85 -0.84 16.41
CA GLY A 79 18.92 0.17 17.43
C GLY A 79 19.27 -0.36 18.81
N THR A 80 18.67 0.23 19.83
CA THR A 80 18.93 -0.18 21.20
C THR A 80 18.09 -1.34 21.68
N GLY A 81 17.11 -1.76 20.89
CA GLY A 81 16.24 -2.84 21.34
C GLY A 81 15.14 -2.29 22.24
N GLU A 82 15.25 -1.04 22.64
CA GLU A 82 14.23 -0.47 23.52
C GLU A 82 13.42 0.62 22.80
N PRO A 83 12.26 0.98 23.37
CA PRO A 83 11.48 2.03 22.71
C PRO A 83 12.29 3.32 22.76
N PRO A 84 11.93 4.33 21.94
CA PRO A 84 10.80 4.28 21.01
C PRO A 84 11.07 3.51 19.72
N PHE A 85 10.05 2.79 19.28
CA PHE A 85 10.10 2.01 18.07
C PHE A 85 9.42 2.81 16.97
N VAL A 86 10.03 2.85 15.78
CA VAL A 86 9.48 3.54 14.61
C VAL A 86 9.62 2.52 13.48
N ALA A 87 8.51 2.21 12.79
CA ALA A 87 8.55 1.19 11.76
C ALA A 87 8.66 1.66 10.31
N LEU A 88 9.23 0.77 9.48
CA LEU A 88 9.39 0.98 8.03
C LEU A 88 8.75 -0.28 7.41
N ARG A 89 8.22 -0.17 6.20
CA ARG A 89 7.50 -1.29 5.60
C ARG A 89 7.67 -1.40 4.09
N ALA A 90 7.73 -2.64 3.61
CA ALA A 90 7.83 -2.95 2.18
C ALA A 90 6.93 -4.16 1.91
N ASP A 91 6.35 -4.22 0.70
CA ASP A 91 5.48 -5.34 0.30
C ASP A 91 6.33 -6.31 -0.52
N MET A 92 5.92 -7.58 -0.59
CA MET A 92 6.71 -8.59 -1.29
C MET A 92 6.10 -9.29 -2.51
N ASP A 93 4.78 -9.23 -2.65
CA ASP A 93 4.10 -9.94 -3.73
C ASP A 93 4.12 -9.27 -5.09
N ALA A 94 4.07 -10.10 -6.13
CA ALA A 94 4.06 -9.66 -7.52
C ALA A 94 2.60 -9.70 -8.00
N LEU A 95 2.43 -9.82 -9.31
CA LEU A 95 1.11 -9.86 -9.94
C LEU A 95 1.04 -10.96 -11.01
N PRO A 96 -0.17 -11.50 -11.25
CA PRO A 96 -0.31 -12.56 -12.26
C PRO A 96 -0.41 -11.93 -13.65
N ILE A 97 0.68 -11.29 -14.07
CA ILE A 97 0.80 -10.61 -15.35
C ILE A 97 2.04 -11.16 -16.07
N GLN A 98 1.97 -11.32 -17.39
CA GLN A 98 3.13 -11.77 -18.17
C GLN A 98 3.97 -10.55 -18.48
N GLU A 99 5.25 -10.58 -18.09
CA GLU A 99 6.15 -9.47 -18.32
C GLU A 99 6.39 -9.30 -19.84
N GLY A 100 6.10 -8.10 -20.33
CA GLY A 100 6.28 -7.81 -21.75
C GLY A 100 7.63 -7.15 -22.02
N VAL A 101 8.35 -6.79 -20.96
CA VAL A 101 9.65 -6.15 -21.09
C VAL A 101 10.68 -7.22 -21.45
N GLU A 102 11.43 -6.99 -22.54
CA GLU A 102 12.47 -7.94 -22.92
C GLU A 102 13.82 -7.41 -22.43
N TRP A 103 14.40 -8.09 -21.45
CA TRP A 103 15.71 -7.66 -20.92
C TRP A 103 16.33 -8.81 -20.19
N GLU A 104 17.58 -8.63 -19.79
CA GLU A 104 18.34 -9.67 -19.12
C GLU A 104 17.74 -10.21 -17.82
N HIS A 105 16.96 -9.37 -17.13
CA HIS A 105 16.39 -9.78 -15.86
C HIS A 105 14.87 -9.92 -15.83
N LYS A 106 14.29 -10.08 -17.02
CA LYS A 106 12.85 -10.28 -17.15
C LYS A 106 12.48 -11.47 -16.28
N SER A 107 11.24 -11.52 -15.80
CA SER A 107 10.79 -12.64 -14.99
C SER A 107 11.02 -13.98 -15.71
N LYS A 108 11.61 -14.92 -15.01
CA LYS A 108 11.86 -16.25 -15.56
C LYS A 108 10.68 -17.17 -15.22
N ILE A 109 9.65 -16.60 -14.61
CA ILE A 109 8.46 -17.35 -14.24
C ILE A 109 7.32 -16.86 -15.13
N ALA A 110 7.07 -17.58 -16.21
CA ALA A 110 6.03 -17.17 -17.15
C ALA A 110 4.72 -16.85 -16.44
N GLY A 111 4.04 -15.79 -16.87
CA GLY A 111 2.78 -15.41 -16.27
C GLY A 111 2.84 -14.71 -14.93
N LYS A 112 4.03 -14.36 -14.46
CA LYS A 112 4.16 -13.65 -13.19
C LYS A 112 5.10 -12.50 -13.39
N MET A 113 4.75 -11.36 -12.79
CA MET A 113 5.56 -10.17 -12.92
C MET A 113 5.42 -9.20 -11.76
N HIS A 114 6.55 -8.61 -11.37
CA HIS A 114 6.53 -7.59 -10.33
C HIS A 114 6.19 -6.29 -11.06
N ALA A 115 4.92 -6.18 -11.43
CA ALA A 115 4.41 -5.02 -12.16
C ALA A 115 4.03 -3.82 -11.26
N CYS A 116 4.37 -3.88 -9.97
CA CYS A 116 4.04 -2.75 -9.08
C CYS A 116 5.27 -2.25 -8.33
N GLY A 117 6.42 -2.85 -8.64
CA GLY A 117 7.67 -2.45 -8.01
C GLY A 117 7.96 -3.06 -6.65
N HIS A 118 7.19 -4.05 -6.22
CA HIS A 118 7.39 -4.61 -4.89
C HIS A 118 8.77 -5.21 -4.72
N ASP A 119 9.38 -5.64 -5.83
CA ASP A 119 10.75 -6.15 -5.80
C ASP A 119 11.65 -4.96 -5.38
N GLY A 120 11.34 -3.77 -5.91
CA GLY A 120 12.11 -2.57 -5.56
C GLY A 120 11.88 -2.13 -4.12
N HIS A 121 10.63 -2.16 -3.64
CA HIS A 121 10.34 -1.75 -2.26
C HIS A 121 11.13 -2.57 -1.23
N VAL A 122 11.18 -3.88 -1.45
CA VAL A 122 11.93 -4.77 -0.54
C VAL A 122 13.41 -4.40 -0.52
N THR A 123 13.98 -4.25 -1.71
CA THR A 123 15.40 -3.95 -1.82
C THR A 123 15.74 -2.61 -1.20
N MET A 124 14.83 -1.65 -1.32
CA MET A 124 15.10 -0.34 -0.77
C MET A 124 15.06 -0.37 0.77
N LEU A 125 14.23 -1.25 1.32
CA LEU A 125 14.15 -1.35 2.78
C LEU A 125 15.41 -2.06 3.29
N LEU A 126 15.92 -3.02 2.52
CA LEU A 126 17.16 -3.71 2.88
C LEU A 126 18.32 -2.70 2.77
N GLY A 127 18.21 -1.76 1.83
CA GLY A 127 19.26 -0.75 1.69
C GLY A 127 19.27 0.14 2.91
N ALA A 128 18.07 0.54 3.33
CA ALA A 128 17.90 1.37 4.51
C ALA A 128 18.45 0.66 5.76
N ALA A 129 18.21 -0.66 5.86
CA ALA A 129 18.68 -1.46 6.98
C ALA A 129 20.20 -1.48 7.04
N LYS A 130 20.85 -1.69 5.89
CA LYS A 130 22.32 -1.70 5.88
C LYS A 130 22.82 -0.33 6.32
N ILE A 131 22.09 0.71 5.94
CA ILE A 131 22.44 2.08 6.30
C ILE A 131 22.25 2.34 7.81
N LEU A 132 21.08 1.98 8.33
CA LEU A 132 20.77 2.17 9.74
C LEU A 132 21.68 1.30 10.62
N HIS A 133 22.01 0.12 10.11
CA HIS A 133 22.85 -0.80 10.85
C HIS A 133 24.25 -0.25 11.03
N GLU A 134 24.79 0.41 10.01
CA GLU A 134 26.12 0.99 10.12
C GLU A 134 26.20 1.82 11.40
N HIS A 135 25.34 2.82 11.57
CA HIS A 135 25.39 3.59 12.82
C HIS A 135 24.23 3.24 13.75
N ARG A 136 24.06 1.94 13.96
CA ARG A 136 22.98 1.44 14.80
C ARG A 136 23.09 1.75 16.29
N HIS A 137 24.29 2.00 16.78
CA HIS A 137 24.46 2.30 18.20
C HIS A 137 24.00 3.72 18.55
N HIS A 138 23.74 4.52 17.54
CA HIS A 138 23.32 5.90 17.79
C HIS A 138 21.82 6.14 17.59
N LEU A 139 21.07 5.06 17.45
CA LEU A 139 19.63 5.14 17.29
C LEU A 139 18.99 5.05 18.66
N GLN A 140 18.27 6.10 19.05
CA GLN A 140 17.60 6.17 20.34
C GLN A 140 16.23 5.52 20.24
N GLY A 141 16.24 4.20 20.03
CA GLY A 141 15.02 3.44 19.87
C GLY A 141 15.33 2.32 18.90
N THR A 142 14.31 1.57 18.48
CA THR A 142 14.48 0.44 17.58
C THR A 142 13.68 0.60 16.26
N VAL A 143 14.40 0.77 15.16
CA VAL A 143 13.75 0.89 13.86
C VAL A 143 13.26 -0.50 13.57
N VAL A 144 11.97 -0.61 13.27
CA VAL A 144 11.34 -1.89 12.97
C VAL A 144 11.18 -1.97 11.46
N LEU A 145 11.74 -3.02 10.85
CA LEU A 145 11.69 -3.19 9.39
C LEU A 145 10.62 -4.21 9.04
N ILE A 146 9.50 -3.71 8.56
CA ILE A 146 8.37 -4.55 8.22
C ILE A 146 8.32 -5.01 6.77
N PHE A 147 8.64 -6.30 6.54
CA PHE A 147 8.57 -6.89 5.21
C PHE A 147 7.23 -7.61 5.22
N GLN A 148 6.33 -7.20 4.33
CA GLN A 148 4.94 -7.70 4.29
C GLN A 148 4.46 -8.51 3.10
N PRO A 149 3.80 -9.64 3.37
CA PRO A 149 3.28 -10.46 2.28
C PRO A 149 2.02 -9.80 1.71
N ALA A 150 1.78 -10.01 0.43
CA ALA A 150 0.58 -9.51 -0.24
C ALA A 150 -0.01 -8.13 0.08
N GLU A 151 -0.48 -7.44 -0.95
CA GLU A 151 -1.08 -6.11 -0.80
C GLU A 151 -2.06 -5.87 -1.94
N GLU A 152 -2.10 -6.82 -2.88
CA GLU A 152 -2.94 -6.70 -4.07
C GLU A 152 -4.31 -7.33 -3.88
N GLY A 153 -4.48 -7.99 -2.73
CA GLY A 153 -5.74 -8.60 -2.36
C GLY A 153 -6.18 -7.81 -1.14
N LEU A 154 -5.26 -7.00 -0.62
CA LEU A 154 -5.52 -6.15 0.55
C LEU A 154 -5.76 -6.98 1.79
N SER A 155 -5.20 -8.17 1.81
CA SER A 155 -5.39 -9.06 2.93
C SER A 155 -4.13 -9.40 3.75
N GLY A 156 -2.96 -8.91 3.33
CA GLY A 156 -1.75 -9.24 4.07
C GLY A 156 -1.39 -8.31 5.22
N ALA A 157 -1.58 -7.02 5.02
CA ALA A 157 -1.27 -6.05 6.06
C ALA A 157 -2.19 -6.30 7.27
N LYS A 158 -3.46 -6.61 7.01
CA LYS A 158 -4.39 -6.88 8.11
C LYS A 158 -4.03 -8.22 8.77
N LYS A 159 -3.46 -9.14 7.99
CA LYS A 159 -3.07 -10.44 8.56
C LYS A 159 -1.87 -10.28 9.49
N MET A 160 -0.98 -9.35 9.17
CA MET A 160 0.19 -9.12 10.04
C MET A 160 -0.25 -8.40 11.31
N ARG A 161 -1.17 -7.44 11.14
CA ARG A 161 -1.70 -6.66 12.26
C ARG A 161 -2.36 -7.62 13.26
N GLU A 162 -3.09 -8.60 12.73
CA GLU A 162 -3.76 -9.60 13.56
C GLU A 162 -2.72 -10.35 14.41
N GLU A 163 -1.58 -10.65 13.80
CA GLU A 163 -0.51 -11.36 14.48
C GLU A 163 0.39 -10.47 15.34
N GLY A 164 -0.06 -9.24 15.57
CA GLY A 164 0.68 -8.33 16.43
C GLY A 164 1.86 -7.56 15.89
N ALA A 165 1.85 -7.26 14.60
CA ALA A 165 2.97 -6.55 13.98
C ALA A 165 3.15 -5.11 14.51
N LEU A 166 2.05 -4.47 14.92
CA LEU A 166 2.13 -3.09 15.40
C LEU A 166 2.23 -2.94 16.91
N LYS A 167 2.28 -4.07 17.63
CA LYS A 167 2.35 -4.02 19.11
C LYS A 167 3.44 -3.06 19.58
N ASN A 168 3.03 -2.01 20.29
CA ASN A 168 3.96 -1.02 20.83
C ASN A 168 4.70 -0.19 19.78
N VAL A 169 4.20 -0.18 18.55
CA VAL A 169 4.80 0.62 17.48
C VAL A 169 4.07 1.98 17.43
N GLU A 170 4.82 3.07 17.51
CA GLU A 170 4.21 4.39 17.51
C GLU A 170 4.13 5.15 16.18
N ALA A 171 4.66 4.58 15.11
CA ALA A 171 4.63 5.24 13.81
C ALA A 171 5.14 4.26 12.76
N ILE A 172 4.60 4.36 11.55
CA ILE A 172 5.05 3.50 10.48
C ILE A 172 5.10 4.29 9.17
N PHE A 173 6.16 4.06 8.40
CA PHE A 173 6.39 4.73 7.11
C PHE A 173 6.49 3.71 5.99
N GLY A 174 5.87 4.01 4.86
CA GLY A 174 5.93 3.13 3.71
C GLY A 174 6.28 3.93 2.46
N ILE A 175 6.95 3.28 1.51
CA ILE A 175 7.34 3.91 0.26
C ILE A 175 6.83 3.07 -0.91
N HIS A 176 6.21 3.74 -1.88
CA HIS A 176 5.73 3.05 -3.07
C HIS A 176 6.33 3.74 -4.31
N LEU A 177 6.92 2.96 -5.21
CA LEU A 177 7.49 3.52 -6.44
C LEU A 177 6.35 4.01 -7.32
N SER A 178 6.57 5.10 -8.05
CA SER A 178 5.52 5.63 -8.89
C SER A 178 5.97 6.10 -10.26
N ALA A 179 5.15 5.80 -11.27
CA ALA A 179 5.41 6.23 -12.64
C ALA A 179 4.64 7.52 -12.89
N ARG A 180 4.00 8.05 -11.86
CA ARG A 180 3.24 9.30 -12.02
C ARG A 180 3.93 10.50 -11.36
N ILE A 181 5.12 10.26 -10.84
CA ILE A 181 5.90 11.29 -10.17
C ILE A 181 7.29 11.35 -10.83
N PRO A 182 7.83 12.55 -11.09
CA PRO A 182 9.15 12.63 -11.73
C PRO A 182 10.24 11.95 -10.92
N PHE A 183 11.24 11.41 -11.62
CA PHE A 183 12.37 10.72 -11.01
C PHE A 183 13.06 11.58 -9.94
N GLY A 184 13.40 10.96 -8.82
CA GLY A 184 14.08 11.66 -7.75
C GLY A 184 13.23 12.50 -6.81
N LYS A 185 11.92 12.55 -7.05
CA LYS A 185 11.03 13.32 -6.18
C LYS A 185 10.17 12.38 -5.35
N ALA A 186 9.90 12.77 -4.10
CA ALA A 186 9.07 11.96 -3.20
C ALA A 186 7.81 12.78 -2.99
N ALA A 187 6.65 12.14 -3.08
CA ALA A 187 5.41 12.88 -2.94
C ALA A 187 4.49 12.31 -1.88
N SER A 188 3.78 13.19 -1.18
CA SER A 188 2.85 12.77 -0.14
C SER A 188 1.95 13.95 0.18
N ARG A 189 0.97 13.72 1.05
CA ARG A 189 0.05 14.76 1.48
C ARG A 189 -0.41 14.42 2.90
N ALA A 190 -0.60 15.44 3.73
CA ALA A 190 -1.09 15.20 5.09
C ALA A 190 -2.58 14.87 5.02
N GLY A 191 -3.05 14.02 5.94
CA GLY A 191 -4.45 13.69 5.98
C GLY A 191 -4.86 12.59 5.02
N SER A 192 -6.12 12.60 4.63
CA SER A 192 -6.65 11.59 3.73
C SER A 192 -5.88 11.60 2.41
N PHE A 193 -5.37 10.44 1.99
CA PHE A 193 -4.54 10.34 0.79
C PHE A 193 -5.08 9.35 -0.23
N LEU A 194 -5.24 8.09 0.16
CA LEU A 194 -5.75 7.07 -0.75
C LEU A 194 -7.17 6.77 -0.33
N ALA A 195 -8.03 6.43 -1.29
CA ALA A 195 -9.42 6.16 -0.98
C ALA A 195 -9.73 4.83 -0.30
N GLY A 196 -10.78 4.83 0.53
CA GLY A 196 -11.23 3.62 1.19
C GLY A 196 -12.10 2.82 0.24
N ALA A 197 -12.18 1.51 0.47
CA ALA A 197 -13.00 0.65 -0.38
C ALA A 197 -13.82 -0.31 0.46
N GLY A 198 -14.95 -0.72 -0.09
CA GLY A 198 -15.83 -1.65 0.60
C GLY A 198 -16.74 -2.32 -0.40
N VAL A 199 -17.39 -3.40 0.03
CA VAL A 199 -18.35 -4.11 -0.82
C VAL A 199 -19.63 -4.26 -0.04
N PHE A 200 -20.69 -4.67 -0.71
CA PHE A 200 -21.98 -4.85 -0.04
C PHE A 200 -22.81 -5.86 -0.83
N GLU A 201 -23.84 -6.38 -0.18
CA GLU A 201 -24.72 -7.34 -0.84
C GLU A 201 -26.16 -7.16 -0.38
N ALA A 202 -27.08 -7.24 -1.33
CA ALA A 202 -28.50 -7.08 -1.04
C ALA A 202 -29.34 -8.04 -1.87
N VAL A 203 -30.00 -8.97 -1.18
CA VAL A 203 -30.86 -9.91 -1.89
C VAL A 203 -32.24 -9.27 -1.98
N ILE A 204 -32.76 -9.15 -3.20
CA ILE A 204 -34.07 -8.54 -3.38
C ILE A 204 -35.13 -9.61 -3.68
N THR A 205 -36.03 -9.82 -2.73
CA THR A 205 -37.11 -10.81 -2.88
C THR A 205 -38.48 -10.16 -2.71
N GLY A 206 -39.46 -10.59 -3.51
CA GLY A 206 -40.78 -10.01 -3.40
C GLY A 206 -41.43 -10.30 -2.05
N LYS A 207 -42.25 -9.38 -1.58
CA LYS A 207 -42.94 -9.55 -0.31
C LYS A 207 -44.18 -10.42 -0.49
N THR A 217 -44.90 -10.51 -9.18
CA THR A 217 -44.05 -11.49 -9.84
C THR A 217 -42.76 -10.88 -10.38
N ILE A 218 -42.89 -9.92 -11.29
CA ILE A 218 -41.75 -9.23 -11.90
C ILE A 218 -41.18 -8.17 -10.96
N ASP A 219 -41.87 -7.95 -9.85
CA ASP A 219 -41.47 -6.97 -8.85
C ASP A 219 -39.96 -6.97 -8.57
N PRO A 220 -39.38 -8.14 -8.26
CA PRO A 220 -37.94 -8.21 -7.98
C PRO A 220 -37.10 -7.59 -9.09
N VAL A 221 -37.45 -7.90 -10.32
CA VAL A 221 -36.75 -7.38 -11.48
C VAL A 221 -36.92 -5.86 -11.55
N VAL A 222 -38.15 -5.39 -11.35
CA VAL A 222 -38.41 -3.96 -11.37
C VAL A 222 -37.57 -3.30 -10.28
N ALA A 223 -37.50 -3.97 -9.13
CA ALA A 223 -36.74 -3.48 -7.99
C ALA A 223 -35.24 -3.43 -8.29
N ALA A 224 -34.69 -4.54 -8.74
CA ALA A 224 -33.26 -4.63 -9.05
C ALA A 224 -32.77 -3.61 -10.07
N SER A 225 -33.51 -3.43 -11.15
CA SER A 225 -33.08 -2.47 -12.18
C SER A 225 -33.18 -1.05 -11.66
N SER A 226 -34.17 -0.80 -10.81
CA SER A 226 -34.33 0.51 -10.21
C SER A 226 -33.08 0.74 -9.37
N ILE A 227 -32.90 -0.11 -8.36
CA ILE A 227 -31.75 -0.04 -7.48
C ILE A 227 -30.47 0.22 -8.27
N VAL A 228 -30.27 -0.52 -9.34
CA VAL A 228 -29.10 -0.36 -10.19
C VAL A 228 -28.85 1.09 -10.57
N LEU A 229 -29.84 1.71 -11.20
CA LEU A 229 -29.69 3.11 -11.59
C LEU A 229 -29.57 4.02 -10.38
N SER A 230 -30.33 3.72 -9.34
CA SER A 230 -30.33 4.52 -8.12
C SER A 230 -28.96 4.54 -7.43
N LEU A 231 -28.30 3.39 -7.35
CA LEU A 231 -26.98 3.34 -6.72
C LEU A 231 -25.99 4.06 -7.63
N GLN A 232 -26.26 4.03 -8.93
CA GLN A 232 -25.40 4.69 -9.90
C GLN A 232 -25.55 6.20 -9.69
N GLN A 233 -26.66 6.60 -9.09
CA GLN A 233 -26.90 8.01 -8.82
C GLN A 233 -26.02 8.53 -7.69
N LEU A 234 -25.35 7.62 -6.97
CA LEU A 234 -24.49 8.03 -5.85
C LEU A 234 -23.07 8.41 -6.27
N VAL A 235 -22.68 8.09 -7.50
CA VAL A 235 -21.34 8.47 -7.94
C VAL A 235 -21.34 9.98 -7.91
N SER A 236 -20.30 10.54 -7.31
CA SER A 236 -20.16 11.97 -7.19
C SER A 236 -18.73 12.41 -7.45
N ARG A 237 -18.60 13.46 -8.27
CA ARG A 237 -17.32 14.03 -8.64
C ARG A 237 -17.48 15.56 -8.74
N GLU A 238 -16.69 16.31 -7.99
CA GLU A 238 -16.79 17.76 -8.07
C GLU A 238 -15.43 18.40 -8.28
N THR A 239 -15.24 19.55 -7.66
CA THR A 239 -14.02 20.32 -7.82
C THR A 239 -12.91 19.99 -6.81
N ASP A 240 -13.23 19.19 -5.80
CA ASP A 240 -12.25 18.77 -4.80
C ASP A 240 -12.19 17.24 -4.83
N PRO A 241 -11.02 16.68 -5.19
CA PRO A 241 -10.88 15.22 -5.25
C PRO A 241 -11.36 14.45 -4.03
N LEU A 242 -11.08 14.96 -2.84
CA LEU A 242 -11.51 14.27 -1.62
C LEU A 242 -13.02 14.15 -1.46
N ASP A 243 -13.77 14.85 -2.31
CA ASP A 243 -15.24 14.78 -2.24
C ASP A 243 -15.83 13.62 -3.05
N SER A 244 -15.06 13.05 -3.97
CA SER A 244 -15.56 11.99 -4.82
C SER A 244 -15.95 10.72 -4.09
N LYS A 245 -17.09 10.17 -4.49
CA LYS A 245 -17.60 8.95 -3.90
C LYS A 245 -18.21 8.17 -5.02
N VAL A 246 -17.74 6.93 -5.16
CA VAL A 246 -18.21 6.04 -6.21
C VAL A 246 -18.99 4.87 -5.61
N VAL A 247 -19.93 4.37 -6.40
CA VAL A 247 -20.73 3.23 -6.03
C VAL A 247 -20.97 2.48 -7.33
N THR A 248 -20.54 1.22 -7.34
CA THR A 248 -20.70 0.36 -8.50
C THR A 248 -21.51 -0.87 -8.12
N VAL A 249 -22.39 -1.28 -9.03
CA VAL A 249 -23.21 -2.46 -8.87
C VAL A 249 -22.75 -3.33 -10.01
N SER A 250 -21.69 -4.11 -9.78
CA SER A 250 -21.13 -4.98 -10.81
C SER A 250 -21.76 -6.36 -10.79
N LYS A 251 -22.52 -6.65 -9.74
CA LYS A 251 -23.14 -7.94 -9.60
C LYS A 251 -24.66 -7.87 -9.57
N VAL A 252 -25.30 -8.62 -10.45
CA VAL A 252 -26.76 -8.66 -10.51
C VAL A 252 -27.23 -10.04 -10.97
N ASN A 253 -27.59 -10.88 -10.02
CA ASN A 253 -28.06 -12.22 -10.34
C ASN A 253 -29.00 -12.77 -9.27
N PRO A 262 -38.42 -14.90 -11.79
CA PRO A 262 -37.30 -14.55 -10.91
C PRO A 262 -37.78 -14.20 -9.50
N ASP A 263 -37.66 -15.16 -8.58
CA ASP A 263 -38.09 -14.97 -7.21
C ASP A 263 -37.21 -14.03 -6.39
N SER A 264 -35.91 -14.05 -6.67
CA SER A 264 -34.98 -13.19 -5.95
C SER A 264 -33.84 -12.76 -6.85
N ILE A 265 -33.30 -11.58 -6.58
CA ILE A 265 -32.20 -11.07 -7.37
C ILE A 265 -31.11 -10.56 -6.44
N THR A 266 -29.89 -10.94 -6.75
CA THR A 266 -28.74 -10.53 -5.95
C THR A 266 -28.15 -9.24 -6.52
N ILE A 267 -27.85 -8.30 -5.63
CA ILE A 267 -27.27 -7.03 -6.04
C ILE A 267 -25.96 -6.78 -5.29
N GLY A 268 -24.84 -7.14 -5.92
CA GLY A 268 -23.55 -6.92 -5.30
C GLY A 268 -22.86 -5.72 -5.92
N GLY A 269 -21.84 -5.22 -5.23
CA GLY A 269 -21.11 -4.08 -5.74
C GLY A 269 -20.10 -3.57 -4.73
N THR A 270 -19.43 -2.47 -5.09
CA THR A 270 -18.43 -1.88 -4.22
C THR A 270 -18.67 -0.38 -4.06
N LEU A 271 -18.00 0.21 -3.09
CA LEU A 271 -18.12 1.62 -2.85
C LEU A 271 -16.75 2.16 -2.40
N ARG A 272 -16.44 3.39 -2.85
CA ARG A 272 -15.16 4.01 -2.51
C ARG A 272 -15.34 5.48 -2.21
N ALA A 273 -14.54 5.98 -1.27
CA ALA A 273 -14.59 7.37 -0.85
C ALA A 273 -13.30 7.69 -0.09
N PHE A 274 -12.92 8.96 -0.11
CA PHE A 274 -11.72 9.43 0.61
C PHE A 274 -12.15 9.91 1.97
N THR A 275 -13.39 10.41 2.04
CA THR A 275 -13.97 10.93 3.27
C THR A 275 -15.42 10.45 3.37
N GLY A 276 -16.06 10.63 4.52
CA GLY A 276 -17.43 10.18 4.68
C GLY A 276 -17.61 8.74 4.20
N PHE A 277 -16.56 7.94 4.36
CA PHE A 277 -16.61 6.55 3.92
C PHE A 277 -17.75 5.77 4.56
N THR A 278 -17.86 5.83 5.88
CA THR A 278 -18.94 5.12 6.60
C THR A 278 -20.29 5.67 6.18
N GLN A 279 -20.36 6.99 6.00
CA GLN A 279 -21.59 7.63 5.58
C GLN A 279 -21.99 7.16 4.19
N LEU A 280 -21.02 6.77 3.37
CA LEU A 280 -21.36 6.28 2.03
C LEU A 280 -21.85 4.83 2.09
N GLN A 281 -21.77 4.20 3.26
CA GLN A 281 -22.26 2.82 3.42
C GLN A 281 -23.74 2.91 3.78
N GLN A 282 -24.03 3.72 4.78
CA GLN A 282 -25.41 3.92 5.23
C GLN A 282 -26.26 4.45 4.07
N ARG A 283 -25.65 5.24 3.21
CA ARG A 283 -26.38 5.79 2.06
C ARG A 283 -26.72 4.67 1.07
N VAL A 284 -25.73 3.83 0.75
CA VAL A 284 -25.94 2.73 -0.17
C VAL A 284 -26.99 1.78 0.41
N LYS A 285 -26.86 1.46 1.70
CA LYS A 285 -27.82 0.57 2.36
C LYS A 285 -29.22 1.18 2.31
N GLU A 286 -29.33 2.44 2.70
CA GLU A 286 -30.61 3.15 2.69
C GLU A 286 -31.28 3.11 1.31
N VAL A 287 -30.51 3.37 0.25
CA VAL A 287 -31.06 3.37 -1.09
C VAL A 287 -31.65 2.00 -1.44
N ILE A 288 -30.87 0.95 -1.22
CA ILE A 288 -31.32 -0.41 -1.52
C ILE A 288 -32.58 -0.76 -0.72
N THR A 289 -32.56 -0.40 0.56
CA THR A 289 -33.67 -0.69 1.45
C THR A 289 -34.96 -0.06 0.95
N LYS A 290 -34.95 1.26 0.76
CA LYS A 290 -36.12 1.99 0.31
C LYS A 290 -36.50 1.66 -1.13
N GLN A 291 -35.50 1.60 -2.01
CA GLN A 291 -35.77 1.29 -3.40
C GLN A 291 -36.30 -0.13 -3.58
N ALA A 292 -36.31 -0.90 -2.49
CA ALA A 292 -36.84 -2.27 -2.54
C ALA A 292 -38.25 -2.25 -1.93
N ALA A 293 -38.37 -1.52 -0.82
CA ALA A 293 -39.64 -1.40 -0.10
C ALA A 293 -40.77 -0.79 -0.91
N VAL A 294 -40.51 0.31 -1.61
CA VAL A 294 -41.55 0.95 -2.39
C VAL A 294 -41.90 0.13 -3.62
N HIS A 295 -41.17 -0.96 -3.84
CA HIS A 295 -41.44 -1.84 -4.97
C HIS A 295 -41.98 -3.17 -4.43
N ARG A 296 -42.59 -3.09 -3.25
CA ARG A 296 -43.18 -4.24 -2.58
C ARG A 296 -42.22 -5.44 -2.54
N CYS A 297 -40.97 -5.16 -2.19
CA CYS A 297 -39.96 -6.19 -2.08
C CYS A 297 -39.25 -6.04 -0.76
N ASN A 298 -38.58 -7.10 -0.33
CA ASN A 298 -37.81 -7.09 0.91
C ASN A 298 -36.35 -7.13 0.47
N ALA A 299 -35.46 -6.68 1.36
CA ALA A 299 -34.03 -6.69 1.06
C ALA A 299 -33.23 -6.69 2.35
N SER A 300 -32.17 -7.49 2.36
CA SER A 300 -31.30 -7.55 3.52
C SER A 300 -29.95 -7.06 3.03
N VAL A 301 -29.43 -6.00 3.64
CA VAL A 301 -28.16 -5.45 3.20
C VAL A 301 -26.99 -5.79 4.11
N ASN A 302 -25.98 -6.42 3.53
CA ASN A 302 -24.78 -6.80 4.27
C ASN A 302 -23.61 -5.89 3.83
N LEU A 303 -23.12 -5.07 4.75
CA LEU A 303 -22.02 -4.17 4.46
C LEU A 303 -20.67 -4.81 4.76
N THR A 304 -20.69 -6.08 5.15
CA THR A 304 -19.45 -6.84 5.42
C THR A 304 -19.74 -8.27 4.95
N PRO A 305 -20.24 -8.41 3.70
CA PRO A 305 -20.58 -9.72 3.14
C PRO A 305 -19.49 -10.77 3.24
N ASN A 306 -19.89 -11.96 3.64
CA ASN A 306 -18.98 -13.09 3.79
C ASN A 306 -17.73 -12.65 4.53
N GLY A 307 -17.92 -11.76 5.50
CA GLY A 307 -16.82 -11.26 6.28
C GLY A 307 -15.91 -10.27 5.59
N ARG A 308 -16.24 -9.89 4.35
CA ARG A 308 -15.41 -8.93 3.60
C ARG A 308 -15.54 -7.53 4.22
N GLU A 309 -14.71 -7.22 5.21
CA GLU A 309 -14.77 -5.91 5.83
C GLU A 309 -14.14 -4.85 4.93
N PRO A 310 -14.62 -3.60 5.01
CA PRO A 310 -13.99 -2.61 4.15
C PRO A 310 -12.59 -2.20 4.57
N MET A 311 -11.86 -1.64 3.61
CA MET A 311 -10.51 -1.14 3.84
C MET A 311 -10.71 0.36 4.00
N PRO A 312 -10.22 0.94 5.09
CA PRO A 312 -10.41 2.37 5.27
C PRO A 312 -9.49 3.23 4.38
N PRO A 313 -9.84 4.50 4.20
CA PRO A 313 -8.98 5.37 3.38
C PRO A 313 -7.57 5.39 4.03
N THR A 314 -6.53 5.57 3.23
CA THR A 314 -5.17 5.64 3.78
C THR A 314 -4.97 7.07 4.26
N VAL A 315 -4.79 7.23 5.57
CA VAL A 315 -4.61 8.56 6.14
C VAL A 315 -3.18 8.75 6.60
N ASN A 316 -2.54 9.79 6.06
CA ASN A 316 -1.18 10.14 6.42
C ASN A 316 -1.24 11.03 7.64
N ASN A 317 -0.67 10.56 8.73
CA ASN A 317 -0.65 11.34 9.97
C ASN A 317 0.04 12.69 9.68
N LYS A 318 -0.55 13.78 10.16
CA LYS A 318 -0.01 15.11 9.94
C LYS A 318 1.40 15.34 10.49
N ASP A 319 1.66 14.91 11.72
CA ASP A 319 2.99 15.07 12.31
C ASP A 319 4.06 14.34 11.51
N LEU A 320 3.75 13.14 11.01
CA LEU A 320 4.75 12.41 10.22
C LEU A 320 4.98 13.09 8.87
N TYR A 321 3.91 13.56 8.25
CA TYR A 321 4.01 14.25 6.95
C TYR A 321 4.98 15.44 7.03
N LYS A 322 4.86 16.23 8.09
CA LYS A 322 5.77 17.37 8.25
C LYS A 322 7.22 16.89 8.35
N GLN A 323 7.46 15.84 9.16
CA GLN A 323 8.79 15.29 9.31
C GLN A 323 9.32 14.78 7.98
N PHE A 324 8.46 14.13 7.21
CA PHE A 324 8.83 13.59 5.90
C PHE A 324 9.30 14.70 4.96
N LYS A 325 8.51 15.77 4.83
CA LYS A 325 8.88 16.87 3.95
C LYS A 325 10.26 17.39 4.34
N LYS A 326 10.48 17.59 5.64
CA LYS A 326 11.77 18.08 6.13
C LYS A 326 12.89 17.08 5.79
N VAL A 327 12.65 15.80 6.08
CA VAL A 327 13.63 14.79 5.78
C VAL A 327 13.97 14.79 4.29
N VAL A 328 12.95 14.87 3.44
CA VAL A 328 13.15 14.85 1.99
C VAL A 328 13.85 16.12 1.50
N ARG A 329 13.48 17.26 2.06
CA ARG A 329 14.10 18.51 1.64
C ARG A 329 15.55 18.62 2.11
N ASP A 330 15.87 18.01 3.25
CA ASP A 330 17.24 18.05 3.76
C ASP A 330 18.12 17.10 2.95
N LEU A 331 17.57 15.93 2.65
CA LEU A 331 18.27 14.90 1.91
C LEU A 331 18.35 15.16 0.41
N LEU A 332 17.35 15.84 -0.15
CA LEU A 332 17.35 16.06 -1.60
C LEU A 332 17.09 17.47 -2.11
N GLY A 333 16.82 18.43 -1.23
CA GLY A 333 16.58 19.78 -1.69
C GLY A 333 15.12 20.22 -1.65
N GLN A 334 14.91 21.53 -1.60
CA GLN A 334 13.56 22.07 -1.54
C GLN A 334 12.60 21.49 -2.57
N GLU A 335 13.02 21.54 -3.84
CA GLU A 335 12.18 21.06 -4.95
C GLU A 335 11.96 19.56 -5.07
N ALA A 336 12.57 18.77 -4.19
CA ALA A 336 12.42 17.32 -4.29
C ALA A 336 11.13 16.78 -3.65
N PHE A 337 10.32 17.68 -3.09
CA PHE A 337 9.05 17.28 -2.48
C PHE A 337 7.86 17.92 -3.18
N VAL A 338 6.86 17.10 -3.48
CA VAL A 338 5.63 17.61 -4.11
C VAL A 338 4.42 16.98 -3.40
N GLU A 339 3.31 17.69 -3.44
CA GLU A 339 2.07 17.23 -2.81
C GLU A 339 1.36 16.16 -3.66
N ALA A 340 1.11 15.02 -3.05
CA ALA A 340 0.45 13.92 -3.74
C ALA A 340 -1.07 14.11 -3.80
N ALA A 341 -1.61 14.10 -5.02
CA ALA A 341 -3.05 14.25 -5.19
C ALA A 341 -3.73 13.01 -4.67
N PRO A 342 -4.94 13.16 -4.09
CA PRO A 342 -5.65 11.98 -3.59
C PRO A 342 -5.69 10.97 -4.73
N VAL A 343 -5.58 9.69 -4.40
CA VAL A 343 -5.61 8.63 -5.42
C VAL A 343 -6.65 7.57 -5.10
N MET A 344 -7.39 7.13 -6.11
CA MET A 344 -8.39 6.08 -5.88
C MET A 344 -7.78 4.71 -6.15
N GLY A 345 -6.62 4.45 -5.55
CA GLY A 345 -5.97 3.17 -5.73
C GLY A 345 -6.21 2.35 -4.48
N SER A 346 -5.77 1.10 -4.49
CA SER A 346 -5.96 0.24 -3.33
C SER A 346 -4.60 -0.17 -2.74
N GLU A 347 -4.31 0.34 -1.55
CA GLU A 347 -3.07 0.04 -0.86
C GLU A 347 -3.43 -0.31 0.58
N ASP A 348 -3.25 -1.59 0.92
CA ASP A 348 -3.60 -2.09 2.24
C ASP A 348 -2.76 -1.56 3.38
N PHE A 349 -1.84 -0.64 3.07
CA PHE A 349 -1.03 0.02 4.10
C PHE A 349 -2.05 0.74 5.02
N SER A 350 -3.21 1.11 4.45
CA SER A 350 -4.28 1.78 5.18
C SER A 350 -4.59 1.09 6.50
N TYR A 351 -4.52 -0.24 6.52
CA TYR A 351 -4.78 -0.97 7.75
C TYR A 351 -3.76 -0.66 8.85
N PHE A 352 -2.49 -0.45 8.49
CA PHE A 352 -1.51 -0.09 9.51
C PHE A 352 -1.75 1.37 9.95
N ALA A 353 -2.11 2.23 8.99
CA ALA A 353 -2.36 3.66 9.26
C ALA A 353 -3.64 3.98 10.04
N GLU A 354 -4.56 3.02 10.12
CA GLU A 354 -5.78 3.26 10.89
C GLU A 354 -5.59 2.79 12.35
N THR A 355 -4.45 2.16 12.64
CA THR A 355 -4.18 1.63 13.98
C THR A 355 -3.03 2.35 14.73
N ILE A 356 -2.07 2.89 13.97
CA ILE A 356 -1.00 3.70 14.54
C ILE A 356 -0.70 4.82 13.53
N PRO A 357 -0.06 5.91 13.98
CA PRO A 357 0.25 7.03 13.08
C PRO A 357 1.00 6.47 11.88
N GLY A 358 0.49 6.73 10.68
CA GLY A 358 1.16 6.21 9.51
C GLY A 358 1.45 7.26 8.46
N HIS A 359 2.46 7.00 7.62
CA HIS A 359 2.81 7.93 6.57
C HIS A 359 3.27 7.16 5.33
N PHE A 360 2.48 7.31 4.27
CA PHE A 360 2.69 6.62 3.01
C PHE A 360 3.11 7.65 1.95
N SER A 361 4.20 7.37 1.25
CA SER A 361 4.70 8.30 0.25
C SER A 361 4.97 7.62 -1.08
N LEU A 362 5.02 8.43 -2.14
CA LEU A 362 5.29 7.95 -3.49
C LEU A 362 6.71 8.37 -3.84
N LEU A 363 7.48 7.47 -4.45
CA LEU A 363 8.84 7.81 -4.85
C LEU A 363 8.81 7.76 -6.39
N GLY A 364 9.16 8.89 -7.01
CA GLY A 364 9.09 8.99 -8.45
C GLY A 364 10.18 8.33 -9.27
N MET A 365 9.81 7.87 -10.46
CA MET A 365 10.73 7.23 -11.38
C MET A 365 10.53 7.73 -12.82
N GLN A 366 9.54 8.59 -13.03
CA GLN A 366 9.21 9.02 -14.39
C GLN A 366 10.21 9.97 -15.03
N ASP A 367 10.46 9.79 -16.33
CA ASP A 367 11.38 10.65 -17.07
C ASP A 367 10.60 11.77 -17.74
N GLU A 368 11.29 12.70 -18.38
CA GLU A 368 10.61 13.83 -19.00
C GLU A 368 9.79 13.56 -20.26
N THR A 369 9.66 12.30 -20.67
CA THR A 369 8.87 11.98 -21.87
C THR A 369 7.79 10.94 -21.59
N ASN A 370 7.60 10.60 -20.32
CA ASN A 370 6.59 9.64 -19.92
C ASN A 370 6.87 8.24 -20.44
N GLY A 371 8.14 7.85 -20.51
CA GLY A 371 8.47 6.52 -21.01
C GLY A 371 8.21 5.36 -20.07
N TYR A 372 8.28 5.61 -18.75
CA TYR A 372 8.06 4.54 -17.79
C TYR A 372 6.59 4.20 -17.71
N ALA A 373 6.30 2.91 -17.90
CA ALA A 373 4.94 2.40 -17.90
C ALA A 373 4.30 2.49 -16.53
N SER A 374 3.00 2.74 -16.53
CA SER A 374 2.23 2.84 -15.29
C SER A 374 2.35 1.53 -14.53
N SER A 375 2.23 1.58 -13.20
CA SER A 375 2.29 0.35 -12.42
C SER A 375 1.14 -0.52 -12.93
N HIS A 376 1.23 -1.82 -12.73
CA HIS A 376 0.22 -2.76 -13.20
C HIS A 376 0.21 -2.98 -14.71
N SER A 377 1.37 -2.95 -15.34
CA SER A 377 1.44 -3.21 -16.77
C SER A 377 2.63 -4.09 -17.14
N PRO A 378 2.51 -4.83 -18.26
CA PRO A 378 3.59 -5.70 -18.72
C PRO A 378 4.88 -4.90 -19.01
N LEU A 379 4.75 -3.61 -19.34
CA LEU A 379 5.93 -2.77 -19.66
C LEU A 379 6.52 -1.98 -18.48
N TYR A 380 5.93 -2.17 -17.31
CA TYR A 380 6.40 -1.50 -16.09
C TYR A 380 7.88 -1.79 -15.85
N ARG A 381 8.63 -0.73 -15.59
CA ARG A 381 10.06 -0.81 -15.32
C ARG A 381 10.35 0.02 -14.08
N ILE A 382 11.49 -0.27 -13.47
CA ILE A 382 11.94 0.51 -12.34
C ILE A 382 13.22 1.20 -12.84
N ASN A 383 13.34 2.50 -12.60
CA ASN A 383 14.59 3.18 -12.96
C ASN A 383 15.44 2.82 -11.74
N GLU A 384 16.36 1.87 -11.88
CA GLU A 384 17.16 1.41 -10.76
C GLU A 384 17.97 2.47 -10.03
N ASP A 385 18.25 3.59 -10.70
CA ASP A 385 18.98 4.66 -10.04
C ASP A 385 18.15 5.30 -8.92
N VAL A 386 16.84 5.05 -8.90
CA VAL A 386 15.99 5.62 -7.85
C VAL A 386 16.19 4.92 -6.50
N LEU A 387 16.65 3.67 -6.53
CA LEU A 387 16.81 2.86 -5.32
C LEU A 387 17.57 3.52 -4.17
N PRO A 388 18.70 4.20 -4.46
CA PRO A 388 19.46 4.84 -3.36
C PRO A 388 18.60 5.92 -2.65
N TYR A 389 17.73 6.59 -3.40
CA TYR A 389 16.87 7.64 -2.84
C TYR A 389 15.92 7.08 -1.77
N GLY A 390 15.23 5.99 -2.08
CA GLY A 390 14.30 5.38 -1.13
C GLY A 390 15.02 4.73 0.04
N ALA A 391 16.17 4.08 -0.22
CA ALA A 391 16.96 3.45 0.83
C ALA A 391 17.38 4.54 1.83
N ALA A 392 17.81 5.68 1.31
CA ALA A 392 18.24 6.78 2.17
C ALA A 392 17.04 7.40 2.89
N ILE A 393 15.98 7.73 2.13
CA ILE A 393 14.79 8.33 2.73
C ILE A 393 14.28 7.41 3.85
N HIS A 394 14.21 6.12 3.58
CA HIS A 394 13.78 5.14 4.60
C HIS A 394 14.65 5.28 5.84
N ALA A 395 15.97 5.11 5.64
CA ALA A 395 16.94 5.17 6.74
C ALA A 395 16.88 6.51 7.44
N SER A 396 16.96 7.59 6.67
CA SER A 396 16.92 8.91 7.25
C SER A 396 15.66 9.18 8.07
N MET A 397 14.52 8.78 7.51
CA MET A 397 13.25 9.01 8.20
C MET A 397 13.19 8.34 9.58
N ALA A 398 13.71 7.12 9.69
CA ALA A 398 13.68 6.42 10.98
C ALA A 398 14.59 7.12 12.00
N VAL A 399 15.68 7.69 11.51
CA VAL A 399 16.65 8.37 12.36
C VAL A 399 16.08 9.68 12.89
N GLN A 400 15.62 10.54 11.99
CA GLN A 400 15.06 11.81 12.40
C GLN A 400 13.84 11.65 13.31
N TYR A 401 13.01 10.64 13.05
CA TYR A 401 11.84 10.40 13.88
C TYR A 401 12.31 10.16 15.35
N LEU A 402 13.21 9.20 15.51
CA LEU A 402 13.75 8.87 16.84
C LEU A 402 14.41 10.09 17.48
N LYS A 403 15.13 10.86 16.67
CA LYS A 403 15.79 12.05 17.16
C LYS A 403 14.76 13.03 17.74
N GLU A 404 13.71 13.32 16.98
CA GLU A 404 12.69 14.24 17.47
C GLU A 404 12.02 13.69 18.73
N LYS A 405 11.72 12.40 18.72
CA LYS A 405 11.11 11.78 19.88
C LYS A 405 12.03 12.03 21.10
N ALA A 406 13.32 11.80 20.91
CA ALA A 406 14.27 11.99 21.99
C ALA A 406 14.24 13.40 22.58
N SER A 407 13.58 14.35 21.92
CA SER A 407 13.53 15.71 22.44
C SER A 407 12.23 16.10 23.15
N LYS A 16 25.03 12.46 4.45
CA LYS A 16 26.13 11.52 4.08
C LYS A 16 25.59 10.18 3.59
N LEU A 17 24.57 9.67 4.29
CA LEU A 17 23.97 8.38 3.93
C LEU A 17 23.46 8.35 2.50
N LEU A 18 23.42 9.51 1.86
CA LEU A 18 22.95 9.59 0.48
C LEU A 18 23.98 8.98 -0.46
N GLU A 19 25.16 9.57 -0.54
CA GLU A 19 26.19 9.03 -1.42
C GLU A 19 26.56 7.65 -0.88
N PHE A 20 26.30 7.43 0.41
CA PHE A 20 26.55 6.14 1.04
C PHE A 20 25.56 5.13 0.43
N ALA A 21 24.33 5.57 0.18
CA ALA A 21 23.31 4.71 -0.44
C ALA A 21 23.65 4.47 -1.91
N LYS A 22 24.35 5.41 -2.52
CA LYS A 22 24.74 5.32 -3.93
C LYS A 22 26.03 4.53 -4.16
N SER A 23 26.77 4.27 -3.09
CA SER A 23 28.05 3.57 -3.21
C SER A 23 27.90 2.14 -3.71
N PRO A 24 28.99 1.57 -4.26
CA PRO A 24 29.01 0.21 -4.79
C PRO A 24 28.55 -0.83 -3.75
N GLU A 25 29.06 -0.69 -2.53
CA GLU A 25 28.71 -1.60 -1.44
C GLU A 25 27.21 -1.62 -1.13
N VAL A 26 26.51 -0.53 -1.46
CA VAL A 26 25.08 -0.49 -1.20
C VAL A 26 24.21 -0.49 -2.46
N PHE A 27 24.71 0.05 -3.58
CA PHE A 27 23.91 0.09 -4.81
C PHE A 27 23.94 -1.19 -5.62
N ASP A 28 25.14 -1.72 -5.86
CA ASP A 28 25.31 -2.95 -6.63
C ASP A 28 24.60 -4.13 -5.97
N TRP A 29 24.73 -4.22 -4.64
CA TRP A 29 24.09 -5.28 -3.86
C TRP A 29 22.57 -5.21 -4.07
N MET A 30 21.96 -4.05 -3.84
CA MET A 30 20.51 -3.90 -4.04
C MET A 30 20.09 -4.30 -5.45
N VAL A 31 20.91 -3.96 -6.45
CA VAL A 31 20.58 -4.31 -7.83
C VAL A 31 20.41 -5.83 -8.00
N LYS A 32 21.39 -6.60 -7.55
CA LYS A 32 21.30 -8.05 -7.64
C LYS A 32 20.15 -8.59 -6.79
N ILE A 33 19.83 -7.91 -5.69
CA ILE A 33 18.73 -8.36 -4.84
C ILE A 33 17.43 -8.19 -5.64
N ARG A 34 17.20 -6.97 -6.13
CA ARG A 34 16.00 -6.66 -6.91
C ARG A 34 15.81 -7.56 -8.14
N ARG A 35 16.90 -7.76 -8.87
CA ARG A 35 16.85 -8.57 -10.08
C ARG A 35 16.51 -10.02 -9.76
N LYS A 36 17.10 -10.53 -8.68
CA LYS A 36 16.82 -11.91 -8.30
C LYS A 36 15.33 -12.05 -7.98
N ILE A 37 14.77 -11.05 -7.31
CA ILE A 37 13.35 -11.09 -6.99
C ILE A 37 12.54 -10.80 -8.25
N HIS A 38 13.01 -9.85 -9.04
CA HIS A 38 12.31 -9.50 -10.28
C HIS A 38 12.25 -10.71 -11.22
N GLU A 39 13.31 -11.50 -11.25
CA GLU A 39 13.38 -12.70 -12.10
C GLU A 39 12.54 -13.82 -11.53
N ASN A 40 12.26 -13.77 -10.23
CA ASN A 40 11.45 -14.82 -9.61
C ASN A 40 10.28 -14.25 -8.82
N PRO A 41 9.29 -13.68 -9.53
CA PRO A 41 8.12 -13.11 -8.86
C PRO A 41 7.23 -14.16 -8.18
N GLU A 42 6.83 -13.88 -6.94
CA GLU A 42 6.01 -14.81 -6.19
C GLU A 42 4.74 -14.10 -5.74
N LEU A 43 3.62 -14.83 -5.77
CA LEU A 43 2.33 -14.29 -5.40
C LEU A 43 2.07 -14.24 -3.89
N GLY A 44 0.98 -13.58 -3.50
CA GLY A 44 0.61 -13.42 -2.09
C GLY A 44 0.61 -14.69 -1.26
N TYR A 45 1.29 -14.63 -0.13
CA TYR A 45 1.42 -15.74 0.82
C TYR A 45 2.28 -16.91 0.34
N GLU A 46 2.76 -16.84 -0.89
CA GLU A 46 3.61 -17.88 -1.47
C GLU A 46 4.96 -17.28 -1.85
N GLU A 47 5.43 -16.29 -1.10
CA GLU A 47 6.70 -15.62 -1.42
C GLU A 47 7.89 -16.23 -0.65
N LEU A 48 7.99 -17.55 -0.66
CA LEU A 48 9.04 -18.27 0.04
C LEU A 48 10.47 -17.81 -0.28
N GLU A 49 10.80 -17.85 -1.56
CA GLU A 49 12.13 -17.47 -2.01
C GLU A 49 12.44 -16.02 -1.69
N THR A 50 11.46 -15.14 -1.88
CA THR A 50 11.68 -13.72 -1.59
C THR A 50 11.92 -13.56 -0.09
N SER A 51 11.14 -14.29 0.71
CA SER A 51 11.28 -14.26 2.17
C SER A 51 12.63 -14.84 2.61
N LYS A 52 13.07 -15.96 2.03
CA LYS A 52 14.38 -16.54 2.39
C LYS A 52 15.51 -15.55 2.08
N LEU A 53 15.41 -14.86 0.95
CA LEU A 53 16.43 -13.88 0.57
C LEU A 53 16.48 -12.72 1.58
N ILE A 54 15.31 -12.21 1.95
CA ILE A 54 15.24 -11.12 2.91
C ILE A 54 15.91 -11.55 4.22
N ARG A 55 15.52 -12.70 4.72
CA ARG A 55 16.08 -13.21 5.97
C ARG A 55 17.61 -13.40 5.87
N SER A 56 18.10 -13.97 4.77
CA SER A 56 19.54 -14.17 4.61
C SER A 56 20.26 -12.83 4.61
N GLU A 57 19.62 -11.82 4.02
CA GLU A 57 20.23 -10.51 4.00
C GLU A 57 20.30 -9.92 5.40
N LEU A 58 19.21 -10.03 6.14
CA LEU A 58 19.18 -9.50 7.51
C LEU A 58 20.29 -10.19 8.32
N GLU A 59 20.43 -11.49 8.13
CA GLU A 59 21.47 -12.24 8.84
C GLU A 59 22.86 -11.72 8.45
N LEU A 60 23.10 -11.55 7.16
CA LEU A 60 24.39 -11.06 6.68
C LEU A 60 24.65 -9.63 7.21
N ILE A 61 23.64 -8.77 7.20
CA ILE A 61 23.86 -7.43 7.72
C ILE A 61 24.09 -7.46 9.24
N GLY A 62 23.34 -8.31 9.95
CA GLY A 62 23.45 -8.41 11.39
C GLY A 62 22.24 -7.75 12.04
N ILE A 63 21.07 -8.29 11.73
CA ILE A 63 19.80 -7.73 12.21
C ILE A 63 18.86 -8.76 12.84
N LYS A 64 18.54 -8.57 14.11
CA LYS A 64 17.61 -9.47 14.79
C LYS A 64 16.25 -9.31 14.12
N TYR A 65 15.52 -10.42 13.93
CA TYR A 65 14.20 -10.34 13.32
C TYR A 65 13.36 -11.55 13.73
N ARG A 66 12.04 -11.39 13.70
CA ARG A 66 11.12 -12.48 14.02
C ARG A 66 10.52 -13.00 12.72
N TYR A 67 10.31 -14.31 12.66
CA TYR A 67 9.76 -14.98 11.48
C TYR A 67 9.22 -16.33 11.96
N PRO A 68 8.08 -16.77 11.40
CA PRO A 68 7.30 -16.07 10.38
C PRO A 68 6.23 -15.14 10.97
N VAL A 69 5.73 -14.26 10.11
CA VAL A 69 4.63 -13.36 10.45
C VAL A 69 3.76 -13.34 9.19
N ALA A 70 2.54 -13.82 9.31
CA ALA A 70 1.62 -13.90 8.17
C ALA A 70 2.20 -14.86 7.11
N ILE A 71 2.69 -16.00 7.61
CA ILE A 71 3.25 -17.09 6.82
C ILE A 71 4.62 -16.85 6.20
N THR A 72 4.68 -16.00 5.19
CA THR A 72 5.94 -15.73 4.51
C THR A 72 6.57 -14.44 5.01
N GLY A 73 5.80 -13.67 5.77
CA GLY A 73 6.27 -12.40 6.27
C GLY A 73 7.43 -12.46 7.25
N VAL A 74 8.16 -11.36 7.31
CA VAL A 74 9.32 -11.27 8.18
C VAL A 74 9.36 -9.89 8.82
N ILE A 75 9.80 -9.83 10.07
CA ILE A 75 9.92 -8.55 10.75
C ILE A 75 11.31 -8.46 11.38
N GLY A 76 12.11 -7.48 10.93
CA GLY A 76 13.46 -7.28 11.46
C GLY A 76 13.53 -6.17 12.48
N TYR A 77 14.65 -6.10 13.23
CA TYR A 77 14.85 -5.09 14.25
C TYR A 77 16.27 -4.55 14.23
N ILE A 78 16.42 -3.23 14.36
CA ILE A 78 17.74 -2.62 14.41
C ILE A 78 17.68 -1.55 15.47
N GLY A 79 18.67 -1.55 16.36
CA GLY A 79 18.68 -0.54 17.41
C GLY A 79 18.96 -1.12 18.79
N THR A 80 18.27 -0.57 19.79
CA THR A 80 18.43 -1.00 21.18
C THR A 80 17.66 -2.29 21.45
N GLY A 81 16.64 -2.55 20.66
CA GLY A 81 15.84 -3.73 20.91
C GLY A 81 14.79 -3.35 21.94
N GLU A 82 14.76 -2.06 22.31
CA GLU A 82 13.79 -1.55 23.26
C GLU A 82 12.96 -0.42 22.63
N PRO A 83 11.72 -0.25 23.08
CA PRO A 83 10.85 0.81 22.53
C PRO A 83 11.55 2.15 22.77
N PRO A 84 11.13 3.23 22.09
CA PRO A 84 10.04 3.40 21.11
C PRO A 84 10.25 2.64 19.81
N PHE A 85 9.20 1.95 19.36
CA PHE A 85 9.25 1.19 18.13
C PHE A 85 8.74 2.02 16.97
N VAL A 86 9.37 1.81 15.82
CA VAL A 86 8.99 2.50 14.61
C VAL A 86 9.22 1.52 13.45
N ALA A 87 8.21 1.40 12.60
CA ALA A 87 8.25 0.47 11.50
C ALA A 87 8.52 1.02 10.10
N LEU A 88 8.94 0.09 9.24
CA LEU A 88 9.23 0.28 7.82
C LEU A 88 8.73 -1.04 7.27
N ARG A 89 8.01 -1.00 6.16
CA ARG A 89 7.42 -2.19 5.56
C ARG A 89 7.92 -2.42 4.13
N ALA A 90 7.37 -3.42 3.45
CA ALA A 90 7.74 -3.71 2.07
C ALA A 90 6.99 -4.94 1.60
N ASP A 91 5.93 -4.75 0.82
CA ASP A 91 5.17 -5.88 0.30
C ASP A 91 6.07 -6.64 -0.65
N MET A 92 5.95 -7.96 -0.66
CA MET A 92 6.80 -8.83 -1.45
C MET A 92 6.10 -9.66 -2.55
N ASP A 93 4.82 -9.38 -2.79
CA ASP A 93 4.06 -10.19 -3.74
C ASP A 93 3.73 -9.66 -5.12
N ALA A 94 4.33 -10.29 -6.13
CA ALA A 94 4.13 -9.95 -7.54
C ALA A 94 2.69 -10.25 -7.95
N LEU A 95 2.41 -10.02 -9.23
CA LEU A 95 1.08 -10.25 -9.79
C LEU A 95 1.15 -11.24 -10.96
N PRO A 96 0.05 -11.97 -11.22
CA PRO A 96 0.01 -12.94 -12.31
C PRO A 96 -0.17 -12.23 -13.66
N ILE A 97 0.84 -11.44 -14.02
CA ILE A 97 0.88 -10.67 -15.26
C ILE A 97 2.11 -11.15 -16.05
N GLN A 98 1.98 -11.32 -17.37
CA GLN A 98 3.12 -11.73 -18.20
C GLN A 98 3.96 -10.49 -18.50
N GLU A 99 5.23 -10.51 -18.11
CA GLU A 99 6.13 -9.40 -18.34
C GLU A 99 6.38 -9.21 -19.84
N GLY A 100 6.08 -8.01 -20.34
CA GLY A 100 6.27 -7.72 -21.75
C GLY A 100 7.63 -7.09 -22.01
N VAL A 101 8.36 -6.76 -20.94
CA VAL A 101 9.67 -6.15 -21.05
C VAL A 101 10.68 -7.21 -21.43
N GLU A 102 11.39 -7.01 -22.54
CA GLU A 102 12.40 -7.97 -22.94
C GLU A 102 13.77 -7.48 -22.46
N TRP A 103 14.35 -8.19 -21.49
CA TRP A 103 15.66 -7.81 -20.96
C TRP A 103 16.23 -8.98 -20.20
N GLU A 104 17.50 -8.85 -19.84
CA GLU A 104 18.22 -9.90 -19.16
C GLU A 104 17.55 -10.39 -17.89
N HIS A 105 17.01 -9.46 -17.11
CA HIS A 105 16.40 -9.80 -15.82
C HIS A 105 14.88 -9.91 -15.83
N LYS A 106 14.32 -10.03 -17.04
CA LYS A 106 12.89 -10.21 -17.19
C LYS A 106 12.53 -11.40 -16.31
N SER A 107 11.30 -11.44 -15.79
CA SER A 107 10.89 -12.57 -14.98
C SER A 107 11.24 -13.90 -15.66
N LYS A 108 11.55 -14.91 -14.86
CA LYS A 108 11.87 -16.23 -15.37
C LYS A 108 10.72 -17.17 -15.07
N ILE A 109 9.63 -16.61 -14.53
CA ILE A 109 8.44 -17.38 -14.19
C ILE A 109 7.31 -16.90 -15.11
N ALA A 110 7.01 -17.67 -16.14
CA ALA A 110 5.98 -17.27 -17.09
C ALA A 110 4.67 -16.90 -16.41
N GLY A 111 4.06 -15.81 -16.85
CA GLY A 111 2.79 -15.38 -16.29
C GLY A 111 2.85 -14.71 -14.93
N LYS A 112 4.04 -14.33 -14.47
CA LYS A 112 4.18 -13.65 -13.19
C LYS A 112 5.12 -12.49 -13.39
N MET A 113 4.77 -11.36 -12.79
CA MET A 113 5.57 -10.16 -12.91
C MET A 113 5.41 -9.20 -11.75
N HIS A 114 6.51 -8.59 -11.35
CA HIS A 114 6.49 -7.57 -10.31
C HIS A 114 6.15 -6.27 -11.03
N ALA A 115 4.88 -6.16 -11.44
CA ALA A 115 4.38 -5.00 -12.16
C ALA A 115 4.23 -3.72 -11.31
N CYS A 116 3.97 -3.85 -10.00
CA CYS A 116 3.83 -2.67 -9.15
C CYS A 116 5.12 -2.61 -8.34
N GLY A 117 6.08 -3.41 -8.81
CA GLY A 117 7.41 -3.51 -8.22
C GLY A 117 7.64 -3.81 -6.76
N HIS A 118 6.92 -4.77 -6.19
CA HIS A 118 7.15 -5.05 -4.78
C HIS A 118 8.60 -5.54 -4.59
N ASP A 119 9.24 -5.94 -5.69
CA ASP A 119 10.65 -6.35 -5.66
C ASP A 119 11.53 -5.13 -5.32
N GLY A 120 11.22 -3.98 -5.92
CA GLY A 120 11.98 -2.76 -5.65
C GLY A 120 11.77 -2.33 -4.19
N HIS A 121 10.55 -2.52 -3.68
CA HIS A 121 10.24 -2.15 -2.29
C HIS A 121 11.03 -3.01 -1.32
N VAL A 122 10.98 -4.32 -1.50
CA VAL A 122 11.73 -5.21 -0.61
C VAL A 122 13.19 -4.77 -0.69
N THR A 123 13.61 -4.45 -1.92
CA THR A 123 14.96 -4.04 -2.20
C THR A 123 15.42 -2.85 -1.40
N MET A 124 14.68 -1.74 -1.50
CA MET A 124 15.08 -0.54 -0.80
C MET A 124 14.92 -0.68 0.72
N LEU A 125 14.10 -1.62 1.17
CA LEU A 125 13.93 -1.80 2.62
C LEU A 125 15.15 -2.55 3.18
N LEU A 126 15.91 -3.20 2.30
CA LEU A 126 17.13 -3.90 2.72
C LEU A 126 18.29 -2.92 2.62
N GLY A 127 18.18 -1.93 1.73
CA GLY A 127 19.22 -0.93 1.60
C GLY A 127 19.22 -0.03 2.82
N ALA A 128 18.01 0.32 3.28
CA ALA A 128 17.83 1.14 4.45
C ALA A 128 18.29 0.37 5.71
N ALA A 129 18.12 -0.95 5.70
CA ALA A 129 18.52 -1.82 6.79
C ALA A 129 20.03 -1.86 6.88
N LYS A 130 20.71 -1.86 5.73
CA LYS A 130 22.17 -1.87 5.76
C LYS A 130 22.66 -0.53 6.30
N ILE A 131 22.05 0.55 5.83
CA ILE A 131 22.40 1.91 6.28
C ILE A 131 22.28 2.01 7.82
N LEU A 132 21.04 2.03 8.31
CA LEU A 132 20.75 2.13 9.74
C LEU A 132 21.67 1.24 10.60
N HIS A 133 21.97 0.05 10.10
CA HIS A 133 22.82 -0.87 10.85
C HIS A 133 24.20 -0.25 11.07
N GLU A 134 24.72 0.43 10.05
CA GLU A 134 26.03 1.07 10.18
C GLU A 134 26.02 2.04 11.37
N HIS A 135 24.91 2.75 11.57
CA HIS A 135 24.85 3.67 12.71
C HIS A 135 23.92 3.15 13.79
N ARG A 136 23.84 1.84 13.96
CA ARG A 136 22.92 1.24 14.93
C ARG A 136 23.05 1.63 16.39
N HIS A 137 24.26 1.93 16.85
CA HIS A 137 24.44 2.29 18.26
C HIS A 137 24.02 3.73 18.52
N HIS A 138 23.72 4.47 17.45
CA HIS A 138 23.31 5.86 17.58
C HIS A 138 21.78 6.00 17.57
N LEU A 139 21.09 4.90 17.25
CA LEU A 139 19.62 4.89 17.20
C LEU A 139 19.04 4.70 18.59
N GLN A 140 18.20 5.65 19.00
CA GLN A 140 17.58 5.61 20.32
C GLN A 140 16.23 4.87 20.29
N GLY A 141 16.28 3.54 20.30
CA GLY A 141 15.08 2.74 20.27
C GLY A 141 15.13 1.44 19.48
N THR A 142 14.32 1.32 18.43
CA THR A 142 14.27 0.08 17.63
C THR A 142 13.51 0.25 16.30
N VAL A 143 14.15 -0.12 15.19
CA VAL A 143 13.48 -0.04 13.89
C VAL A 143 12.90 -1.44 13.61
N VAL A 144 11.59 -1.48 13.41
CA VAL A 144 10.87 -2.72 13.13
C VAL A 144 10.65 -2.83 11.60
N LEU A 145 11.48 -3.64 10.94
CA LEU A 145 11.40 -3.82 9.49
C LEU A 145 10.35 -4.85 9.18
N ILE A 146 9.30 -4.44 8.48
CA ILE A 146 8.21 -5.34 8.16
C ILE A 146 8.16 -5.70 6.68
N PHE A 147 8.39 -6.98 6.39
CA PHE A 147 8.36 -7.49 5.04
C PHE A 147 7.03 -8.21 4.94
N GLN A 148 6.06 -7.44 4.47
CA GLN A 148 4.67 -7.81 4.32
C GLN A 148 4.29 -8.60 3.09
N PRO A 149 3.63 -9.73 3.30
CA PRO A 149 3.20 -10.54 2.18
C PRO A 149 1.84 -10.06 1.67
N ALA A 150 1.44 -10.62 0.54
CA ALA A 150 0.12 -10.43 -0.02
C ALA A 150 -0.56 -9.06 0.06
N GLU A 151 0.13 -8.03 -0.41
CA GLU A 151 -0.45 -6.72 -0.44
C GLU A 151 -1.53 -6.68 -1.54
N GLU A 152 -1.26 -7.30 -2.68
CA GLU A 152 -2.21 -7.22 -3.81
C GLU A 152 -3.62 -7.67 -3.50
N GLY A 153 -3.76 -8.74 -2.73
CA GLY A 153 -5.07 -9.22 -2.36
C GLY A 153 -5.62 -8.48 -1.16
N LEU A 154 -4.94 -7.38 -0.79
CA LEU A 154 -5.34 -6.51 0.32
C LEU A 154 -5.59 -7.21 1.66
N SER A 155 -4.95 -8.35 1.88
CA SER A 155 -5.16 -9.04 3.14
C SER A 155 -3.90 -9.22 3.98
N GLY A 156 -2.73 -8.97 3.40
CA GLY A 156 -1.49 -9.17 4.14
C GLY A 156 -1.20 -8.24 5.31
N ALA A 157 -1.43 -6.95 5.11
CA ALA A 157 -1.19 -6.00 6.16
C ALA A 157 -2.17 -6.26 7.31
N LYS A 158 -3.36 -6.72 6.97
CA LYS A 158 -4.38 -7.02 7.99
C LYS A 158 -3.97 -8.25 8.80
N LYS A 159 -3.34 -9.21 8.15
CA LYS A 159 -2.89 -10.42 8.84
C LYS A 159 -1.69 -10.16 9.76
N MET A 160 -0.78 -9.30 9.33
CA MET A 160 0.37 -8.99 10.17
C MET A 160 -0.09 -8.24 11.44
N ARG A 161 -1.06 -7.35 11.26
CA ARG A 161 -1.61 -6.57 12.38
C ARG A 161 -2.27 -7.53 13.36
N GLU A 162 -3.01 -8.50 12.83
CA GLU A 162 -3.68 -9.51 13.64
C GLU A 162 -2.64 -10.26 14.49
N GLU A 163 -1.49 -10.56 13.88
CA GLU A 163 -0.42 -11.27 14.58
C GLU A 163 0.45 -10.36 15.44
N GLY A 164 -0.02 -9.14 15.67
CA GLY A 164 0.69 -8.21 16.54
C GLY A 164 1.89 -7.48 15.99
N ALA A 165 1.96 -7.33 14.68
CA ALA A 165 3.09 -6.64 14.06
C ALA A 165 3.17 -5.18 14.53
N LEU A 166 2.04 -4.62 14.94
CA LEU A 166 2.02 -3.22 15.37
C LEU A 166 2.10 -3.00 16.89
N LYS A 167 2.31 -4.07 17.65
CA LYS A 167 2.37 -3.93 19.11
C LYS A 167 3.48 -2.99 19.58
N ASN A 168 3.09 -1.96 20.34
CA ASN A 168 4.03 -0.98 20.87
C ASN A 168 4.76 -0.17 19.80
N VAL A 169 4.30 -0.25 18.56
CA VAL A 169 4.91 0.52 17.48
C VAL A 169 4.25 1.90 17.44
N GLU A 170 5.08 2.94 17.48
CA GLU A 170 4.58 4.31 17.50
C GLU A 170 4.40 5.02 16.15
N ALA A 171 4.86 4.40 15.07
CA ALA A 171 4.75 5.01 13.75
C ALA A 171 5.18 3.99 12.71
N ILE A 172 4.63 4.11 11.50
CA ILE A 172 4.99 3.22 10.41
C ILE A 172 5.01 3.98 9.08
N PHE A 173 6.00 3.66 8.24
CA PHE A 173 6.18 4.32 6.95
C PHE A 173 6.29 3.31 5.82
N GLY A 174 5.69 3.63 4.69
CA GLY A 174 5.73 2.76 3.54
C GLY A 174 5.94 3.62 2.29
N ILE A 175 6.83 3.17 1.39
CA ILE A 175 7.11 3.91 0.17
C ILE A 175 6.59 3.09 -1.00
N HIS A 176 6.07 3.78 -2.01
CA HIS A 176 5.59 3.09 -3.20
C HIS A 176 6.12 3.80 -4.47
N LEU A 177 7.08 3.19 -5.15
CA LEU A 177 7.63 3.75 -6.39
C LEU A 177 6.47 4.15 -7.29
N SER A 178 6.61 5.25 -8.01
CA SER A 178 5.53 5.70 -8.86
C SER A 178 5.96 6.16 -10.23
N ALA A 179 5.20 5.75 -11.24
CA ALA A 179 5.45 6.18 -12.62
C ALA A 179 4.64 7.44 -12.89
N ARG A 180 4.04 8.00 -11.85
CA ARG A 180 3.24 9.23 -12.00
C ARG A 180 3.92 10.44 -11.38
N ILE A 181 5.13 10.22 -10.83
CA ILE A 181 5.89 11.28 -10.18
C ILE A 181 7.27 11.33 -10.83
N PRO A 182 7.79 12.53 -11.13
CA PRO A 182 9.11 12.62 -11.76
C PRO A 182 10.22 11.97 -10.94
N PHE A 183 11.21 11.41 -11.63
CA PHE A 183 12.35 10.75 -11.00
C PHE A 183 13.04 11.64 -9.96
N GLY A 184 13.37 11.05 -8.81
CA GLY A 184 14.06 11.80 -7.77
C GLY A 184 13.20 12.64 -6.84
N LYS A 185 11.89 12.71 -7.09
CA LYS A 185 11.00 13.49 -6.22
C LYS A 185 10.18 12.57 -5.33
N ALA A 186 9.73 13.10 -4.20
CA ALA A 186 8.91 12.34 -3.25
C ALA A 186 7.64 13.17 -3.03
N ALA A 187 6.50 12.50 -2.94
CA ALA A 187 5.25 13.23 -2.79
C ALA A 187 4.42 12.79 -1.58
N SER A 188 3.67 13.72 -1.01
CA SER A 188 2.82 13.40 0.13
C SER A 188 1.92 14.58 0.47
N ARG A 189 0.96 14.32 1.35
CA ARG A 189 0.03 15.34 1.81
C ARG A 189 -0.39 14.83 3.18
N ALA A 190 -1.23 15.60 3.86
CA ALA A 190 -1.75 15.23 5.18
C ALA A 190 -3.21 14.82 5.06
N GLY A 191 -3.66 13.90 5.89
CA GLY A 191 -5.05 13.48 5.85
C GLY A 191 -5.23 12.32 4.89
N SER A 192 -6.45 12.17 4.39
CA SER A 192 -6.75 11.09 3.47
C SER A 192 -5.89 11.22 2.22
N PHE A 193 -5.37 10.10 1.73
CA PHE A 193 -4.48 10.09 0.58
C PHE A 193 -4.95 9.04 -0.44
N LEU A 194 -5.21 7.82 0.03
CA LEU A 194 -5.65 6.74 -0.86
C LEU A 194 -7.05 6.31 -0.48
N ALA A 195 -7.92 6.21 -1.49
CA ALA A 195 -9.30 5.86 -1.26
C ALA A 195 -9.62 4.54 -0.54
N GLY A 196 -10.66 4.60 0.29
CA GLY A 196 -11.12 3.43 1.01
C GLY A 196 -12.15 2.70 0.16
N ALA A 197 -12.52 1.49 0.60
CA ALA A 197 -13.50 0.69 -0.12
C ALA A 197 -14.17 -0.29 0.84
N GLY A 198 -15.42 -0.62 0.55
CA GLY A 198 -16.16 -1.56 1.37
C GLY A 198 -17.22 -2.20 0.51
N VAL A 199 -16.91 -3.33 -0.15
CA VAL A 199 -17.90 -3.99 -1.02
C VAL A 199 -19.21 -4.29 -0.33
N PHE A 200 -20.20 -4.69 -1.11
CA PHE A 200 -21.50 -4.99 -0.55
C PHE A 200 -22.24 -5.97 -1.46
N GLU A 201 -23.28 -6.58 -0.92
CA GLU A 201 -24.07 -7.51 -1.70
C GLU A 201 -25.48 -7.45 -1.15
N ALA A 202 -26.46 -7.37 -2.03
CA ALA A 202 -27.85 -7.32 -1.59
C ALA A 202 -28.66 -8.40 -2.31
N VAL A 203 -29.63 -8.97 -1.59
CA VAL A 203 -30.49 -10.01 -2.16
C VAL A 203 -31.89 -9.45 -2.39
N ILE A 204 -32.28 -9.35 -3.66
CA ILE A 204 -33.59 -8.84 -4.02
C ILE A 204 -34.44 -9.99 -4.52
N THR A 205 -35.56 -10.24 -3.85
CA THR A 205 -36.46 -11.33 -4.21
C THR A 205 -37.93 -10.94 -4.18
N GLY A 206 -38.75 -11.76 -3.53
CA GLY A 206 -40.17 -11.50 -3.44
C GLY A 206 -40.88 -12.32 -2.37
N LYS A 207 -42.04 -12.89 -2.72
CA LYS A 207 -42.80 -13.71 -1.79
C LYS A 207 -43.40 -14.91 -2.51
N THR A 217 -43.38 -11.56 -9.19
CA THR A 217 -43.08 -12.11 -10.51
C THR A 217 -41.97 -11.31 -11.17
N ILE A 218 -42.30 -10.09 -11.59
CA ILE A 218 -41.33 -9.20 -12.24
C ILE A 218 -40.91 -8.15 -11.23
N ASP A 219 -41.75 -8.01 -10.20
CA ASP A 219 -41.55 -7.07 -9.11
C ASP A 219 -40.09 -7.04 -8.66
N PRO A 220 -39.46 -8.22 -8.46
CA PRO A 220 -38.07 -8.24 -8.02
C PRO A 220 -37.16 -7.57 -9.04
N VAL A 221 -37.41 -7.85 -10.31
CA VAL A 221 -36.64 -7.28 -11.40
C VAL A 221 -36.85 -5.77 -11.45
N VAL A 222 -38.10 -5.35 -11.26
CA VAL A 222 -38.41 -3.91 -11.28
C VAL A 222 -37.63 -3.22 -10.17
N ALA A 223 -37.68 -3.81 -8.98
CA ALA A 223 -36.98 -3.28 -7.82
C ALA A 223 -35.47 -3.21 -8.07
N ALA A 224 -34.92 -4.28 -8.65
CA ALA A 224 -33.49 -4.34 -8.93
C ALA A 224 -33.04 -3.29 -9.94
N SER A 225 -33.95 -2.83 -10.79
CA SER A 225 -33.60 -1.80 -11.77
C SER A 225 -33.56 -0.42 -11.15
N SER A 226 -34.57 -0.10 -10.35
CA SER A 226 -34.63 1.20 -9.67
C SER A 226 -33.46 1.33 -8.69
N ILE A 227 -33.17 0.26 -7.97
CA ILE A 227 -32.07 0.24 -7.01
C ILE A 227 -30.76 0.59 -7.68
N VAL A 228 -30.46 -0.11 -8.78
CA VAL A 228 -29.24 0.13 -9.51
C VAL A 228 -29.21 1.59 -9.99
N LEU A 229 -30.36 2.11 -10.42
CA LEU A 229 -30.45 3.48 -10.88
C LEU A 229 -30.09 4.47 -9.78
N SER A 230 -30.69 4.29 -8.61
CA SER A 230 -30.43 5.18 -7.49
C SER A 230 -28.98 5.08 -7.01
N LEU A 231 -28.43 3.87 -7.01
CA LEU A 231 -27.04 3.71 -6.56
C LEU A 231 -26.12 4.44 -7.53
N GLN A 232 -26.34 4.23 -8.83
CA GLN A 232 -25.54 4.90 -9.85
C GLN A 232 -25.63 6.40 -9.63
N GLN A 233 -26.70 6.83 -8.97
CA GLN A 233 -26.90 8.24 -8.68
C GLN A 233 -26.00 8.75 -7.55
N LEU A 234 -25.28 7.83 -6.90
CA LEU A 234 -24.37 8.22 -5.79
C LEU A 234 -22.94 8.50 -6.23
N VAL A 235 -22.67 8.36 -7.53
CA VAL A 235 -21.33 8.63 -8.05
C VAL A 235 -21.29 10.09 -8.48
N SER A 236 -20.10 10.69 -8.40
CA SER A 236 -19.95 12.09 -8.79
C SER A 236 -18.48 12.48 -8.73
N ARG A 237 -18.12 13.48 -9.54
CA ARG A 237 -16.74 13.96 -9.59
C ARG A 237 -16.68 15.46 -9.32
N GLU A 238 -16.96 15.81 -8.07
CA GLU A 238 -16.97 17.20 -7.62
C GLU A 238 -15.64 17.92 -7.91
N THR A 239 -15.55 19.16 -7.50
CA THR A 239 -14.34 19.96 -7.73
C THR A 239 -13.18 19.49 -6.82
N ASP A 240 -13.40 19.42 -5.51
CA ASP A 240 -12.33 18.95 -4.62
C ASP A 240 -12.14 17.46 -4.92
N PRO A 241 -10.94 17.06 -5.37
CA PRO A 241 -10.76 15.64 -5.66
C PRO A 241 -10.93 14.71 -4.46
N LEU A 242 -11.01 15.28 -3.27
CA LEU A 242 -11.23 14.45 -2.07
C LEU A 242 -12.69 14.10 -1.90
N ASP A 243 -13.57 14.80 -2.61
CA ASP A 243 -15.01 14.56 -2.52
C ASP A 243 -15.49 13.40 -3.40
N SER A 244 -14.59 12.76 -4.15
CA SER A 244 -15.00 11.69 -5.04
C SER A 244 -15.80 10.61 -4.31
N LYS A 245 -16.85 10.14 -4.98
CA LYS A 245 -17.68 9.05 -4.46
C LYS A 245 -17.82 8.10 -5.62
N VAL A 246 -17.53 6.82 -5.37
CA VAL A 246 -17.66 5.79 -6.38
C VAL A 246 -18.55 4.68 -5.83
N VAL A 247 -19.61 4.39 -6.57
CA VAL A 247 -20.54 3.33 -6.22
C VAL A 247 -20.79 2.62 -7.53
N THR A 248 -20.43 1.34 -7.58
CA THR A 248 -20.59 0.54 -8.79
C THR A 248 -21.35 -0.75 -8.50
N VAL A 249 -21.90 -1.33 -9.56
CA VAL A 249 -22.62 -2.59 -9.48
C VAL A 249 -21.75 -3.59 -10.24
N SER A 250 -21.24 -4.57 -9.51
CA SER A 250 -20.35 -5.57 -10.08
C SER A 250 -21.09 -6.71 -10.76
N LYS A 251 -22.10 -7.25 -10.08
CA LYS A 251 -22.86 -8.35 -10.62
C LYS A 251 -24.31 -8.30 -10.18
N VAL A 252 -25.17 -8.98 -10.95
CA VAL A 252 -26.59 -9.05 -10.66
C VAL A 252 -27.14 -10.35 -11.28
N ASN A 253 -27.96 -11.09 -10.52
CA ASN A 253 -28.53 -12.33 -11.03
C ASN A 253 -29.64 -12.90 -10.14
N PRO A 262 -36.55 -16.70 -14.56
CA PRO A 262 -37.23 -15.63 -13.82
C PRO A 262 -37.36 -15.93 -12.33
N ASP A 263 -36.21 -16.14 -11.67
CA ASP A 263 -36.16 -16.45 -10.25
C ASP A 263 -35.88 -15.18 -9.45
N SER A 264 -35.06 -15.32 -8.40
CA SER A 264 -34.67 -14.21 -7.52
C SER A 264 -33.37 -13.55 -8.02
N ILE A 265 -33.14 -12.31 -7.57
CA ILE A 265 -31.98 -11.53 -8.00
C ILE A 265 -31.00 -11.04 -6.93
N THR A 266 -29.72 -11.26 -7.18
CA THR A 266 -28.66 -10.84 -6.26
C THR A 266 -27.89 -9.65 -6.83
N ILE A 267 -27.69 -8.63 -5.99
CA ILE A 267 -26.95 -7.44 -6.39
C ILE A 267 -25.62 -7.33 -5.63
N GLY A 268 -24.56 -6.98 -6.34
CA GLY A 268 -23.25 -6.85 -5.71
C GLY A 268 -22.41 -5.80 -6.41
N GLY A 269 -21.43 -5.26 -5.69
CA GLY A 269 -20.57 -4.25 -6.27
C GLY A 269 -19.52 -3.75 -5.29
N THR A 270 -18.90 -2.63 -5.64
CA THR A 270 -17.85 -2.04 -4.81
C THR A 270 -18.05 -0.52 -4.73
N LEU A 271 -17.47 0.08 -3.70
CA LEU A 271 -17.56 1.50 -3.52
C LEU A 271 -16.23 2.04 -3.02
N ARG A 272 -15.94 3.29 -3.38
CA ARG A 272 -14.71 3.94 -2.98
C ARG A 272 -14.99 5.37 -2.57
N ALA A 273 -14.19 5.83 -1.61
CA ALA A 273 -14.29 7.20 -1.07
C ALA A 273 -13.03 7.53 -0.27
N PHE A 274 -12.72 8.82 -0.14
CA PHE A 274 -11.56 9.27 0.64
C PHE A 274 -12.05 9.86 1.96
N THR A 275 -13.28 10.34 1.96
CA THR A 275 -13.89 10.98 3.13
C THR A 275 -15.38 10.62 3.23
N GLY A 276 -15.92 10.53 4.45
CA GLY A 276 -17.32 10.18 4.61
C GLY A 276 -17.62 8.76 4.16
N PHE A 277 -16.60 7.91 4.22
CA PHE A 277 -16.76 6.53 3.80
C PHE A 277 -17.91 5.78 4.52
N THR A 278 -17.94 5.88 5.85
CA THR A 278 -19.00 5.23 6.64
C THR A 278 -20.36 5.76 6.19
N GLN A 279 -20.43 7.06 5.96
CA GLN A 279 -21.65 7.69 5.51
C GLN A 279 -22.04 7.19 4.13
N LEU A 280 -21.05 6.84 3.31
CA LEU A 280 -21.36 6.33 1.98
C LEU A 280 -21.97 4.94 2.10
N GLN A 281 -21.55 4.17 3.10
CA GLN A 281 -22.12 2.84 3.32
C GLN A 281 -23.57 3.03 3.73
N GLN A 282 -23.81 4.04 4.57
CA GLN A 282 -25.17 4.31 5.05
C GLN A 282 -26.11 4.64 3.89
N ARG A 283 -25.57 5.28 2.86
CA ARG A 283 -26.34 5.66 1.67
C ARG A 283 -26.68 4.45 0.79
N VAL A 284 -25.68 3.64 0.49
CA VAL A 284 -25.88 2.46 -0.34
C VAL A 284 -26.98 1.60 0.30
N LYS A 285 -26.96 1.50 1.63
CA LYS A 285 -27.96 0.71 2.37
C LYS A 285 -29.29 1.42 2.51
N GLU A 286 -29.25 2.72 2.80
CA GLU A 286 -30.46 3.51 2.96
C GLU A 286 -31.20 3.66 1.62
N VAL A 287 -30.49 3.41 0.52
CA VAL A 287 -31.09 3.50 -0.80
C VAL A 287 -31.71 2.15 -1.20
N ILE A 288 -30.90 1.10 -1.15
CA ILE A 288 -31.33 -0.25 -1.52
C ILE A 288 -32.58 -0.67 -0.74
N THR A 289 -32.58 -0.38 0.56
CA THR A 289 -33.68 -0.75 1.42
C THR A 289 -34.95 0.00 1.08
N LYS A 290 -34.88 1.33 1.04
CA LYS A 290 -36.06 2.14 0.73
C LYS A 290 -36.60 1.82 -0.65
N GLN A 291 -35.69 1.64 -1.61
CA GLN A 291 -36.10 1.29 -2.96
C GLN A 291 -36.83 -0.05 -2.98
N ALA A 292 -36.23 -1.05 -2.32
CA ALA A 292 -36.86 -2.36 -2.27
C ALA A 292 -38.27 -2.23 -1.69
N ALA A 293 -38.38 -1.47 -0.60
CA ALA A 293 -39.64 -1.25 0.09
C ALA A 293 -40.76 -0.66 -0.78
N VAL A 294 -40.49 0.43 -1.49
CA VAL A 294 -41.51 1.04 -2.32
C VAL A 294 -41.87 0.16 -3.50
N HIS A 295 -41.11 -0.91 -3.70
CA HIS A 295 -41.39 -1.85 -4.77
C HIS A 295 -42.01 -3.09 -4.16
N ARG A 296 -42.36 -3.00 -2.88
CA ARG A 296 -42.99 -4.09 -2.15
C ARG A 296 -42.15 -5.38 -2.27
N CYS A 297 -40.86 -5.26 -1.94
CA CYS A 297 -39.94 -6.40 -2.00
C CYS A 297 -39.16 -6.57 -0.71
N ASN A 298 -38.59 -7.76 -0.54
CA ASN A 298 -37.74 -8.07 0.61
C ASN A 298 -36.34 -7.64 0.12
N ALA A 299 -35.38 -7.50 1.02
CA ALA A 299 -34.04 -7.10 0.63
C ALA A 299 -33.03 -7.34 1.74
N SER A 300 -31.99 -8.10 1.41
CA SER A 300 -30.93 -8.41 2.36
C SER A 300 -29.69 -7.67 1.89
N VAL A 301 -29.20 -6.74 2.71
CA VAL A 301 -28.01 -5.94 2.40
C VAL A 301 -26.81 -6.29 3.27
N ASN A 302 -25.74 -6.80 2.67
CA ASN A 302 -24.54 -7.16 3.39
C ASN A 302 -23.37 -6.24 2.96
N LEU A 303 -22.84 -5.45 3.90
CA LEU A 303 -21.72 -4.53 3.61
C LEU A 303 -20.36 -5.17 3.89
N THR A 304 -20.36 -6.42 4.33
CA THR A 304 -19.12 -7.15 4.56
C THR A 304 -19.35 -8.60 4.09
N PRO A 305 -19.74 -8.77 2.82
CA PRO A 305 -19.99 -10.12 2.31
C PRO A 305 -18.78 -11.06 2.30
N ASN A 306 -19.03 -12.33 2.62
CA ASN A 306 -17.97 -13.33 2.63
C ASN A 306 -16.87 -12.90 3.60
N GLY A 307 -17.22 -12.07 4.58
CA GLY A 307 -16.22 -11.60 5.53
C GLY A 307 -15.23 -10.61 4.93
N ARG A 308 -15.61 -9.93 3.84
CA ARG A 308 -14.73 -8.95 3.20
C ARG A 308 -15.00 -7.58 3.85
N GLU A 309 -14.33 -7.32 4.98
CA GLU A 309 -14.49 -6.07 5.71
C GLU A 309 -14.04 -4.88 4.89
N PRO A 310 -14.57 -3.69 5.19
CA PRO A 310 -14.13 -2.54 4.40
C PRO A 310 -12.71 -2.15 4.78
N MET A 311 -12.07 -1.37 3.93
CA MET A 311 -10.72 -0.89 4.17
C MET A 311 -10.83 0.63 4.06
N PRO A 312 -10.73 1.34 5.20
CA PRO A 312 -10.83 2.79 5.16
C PRO A 312 -9.73 3.46 4.33
N PRO A 313 -9.89 4.76 4.06
CA PRO A 313 -8.90 5.52 3.28
C PRO A 313 -7.53 5.48 3.99
N THR A 314 -6.45 5.68 3.23
CA THR A 314 -5.11 5.70 3.82
C THR A 314 -4.92 7.13 4.29
N VAL A 315 -4.72 7.30 5.60
CA VAL A 315 -4.57 8.63 6.17
C VAL A 315 -3.13 8.83 6.62
N ASN A 316 -2.52 9.90 6.10
CA ASN A 316 -1.15 10.24 6.45
C ASN A 316 -1.18 11.16 7.66
N ASN A 317 -0.64 10.67 8.77
CA ASN A 317 -0.59 11.45 9.99
C ASN A 317 0.11 12.80 9.72
N LYS A 318 -0.53 13.89 10.14
CA LYS A 318 0.00 15.23 9.94
C LYS A 318 1.43 15.43 10.49
N ASP A 319 1.67 14.96 11.70
CA ASP A 319 3.00 15.09 12.30
C ASP A 319 4.06 14.34 11.51
N LEU A 320 3.74 13.14 11.02
CA LEU A 320 4.72 12.40 10.23
C LEU A 320 4.95 13.08 8.87
N TYR A 321 3.86 13.58 8.27
CA TYR A 321 3.95 14.28 6.98
C TYR A 321 4.88 15.50 7.10
N LYS A 322 4.69 16.29 8.16
CA LYS A 322 5.54 17.46 8.35
C LYS A 322 7.00 17.05 8.57
N GLN A 323 7.22 15.95 9.28
CA GLN A 323 8.58 15.48 9.53
C GLN A 323 9.20 14.87 8.27
N PHE A 324 8.33 14.33 7.41
CA PHE A 324 8.77 13.70 6.16
C PHE A 324 9.22 14.76 5.13
N LYS A 325 8.42 15.81 4.95
CA LYS A 325 8.77 16.86 3.99
C LYS A 325 10.13 17.45 4.37
N LYS A 326 10.28 17.81 5.65
CA LYS A 326 11.54 18.38 6.12
C LYS A 326 12.65 17.38 5.84
N VAL A 327 12.39 16.12 6.16
CA VAL A 327 13.34 15.06 5.93
C VAL A 327 13.82 15.13 4.48
N VAL A 328 12.88 14.98 3.54
CA VAL A 328 13.20 14.97 2.11
C VAL A 328 13.84 16.26 1.60
N ARG A 329 13.35 17.40 2.04
CA ARG A 329 13.93 18.65 1.57
C ARG A 329 15.40 18.74 1.95
N ASP A 330 15.71 18.49 3.22
CA ASP A 330 17.09 18.54 3.69
C ASP A 330 17.94 17.43 3.10
N LEU A 331 17.30 16.34 2.70
CA LEU A 331 18.05 15.22 2.13
C LEU A 331 18.27 15.39 0.63
N LEU A 332 17.26 15.84 -0.08
CA LEU A 332 17.38 15.96 -1.54
C LEU A 332 17.18 17.34 -2.17
N GLY A 333 17.02 18.38 -1.35
CA GLY A 333 16.84 19.71 -1.91
C GLY A 333 15.39 20.17 -1.84
N GLN A 334 15.19 21.48 -1.80
CA GLN A 334 13.85 22.04 -1.69
C GLN A 334 12.84 21.51 -2.72
N GLU A 335 13.30 21.35 -3.96
CA GLU A 335 12.44 20.88 -5.05
C GLU A 335 12.21 19.36 -5.01
N ALA A 336 12.79 18.69 -4.01
CA ALA A 336 12.68 17.24 -3.90
C ALA A 336 11.29 16.76 -3.48
N PHE A 337 10.65 17.49 -2.56
CA PHE A 337 9.33 17.11 -2.11
C PHE A 337 8.27 17.79 -2.95
N VAL A 338 7.24 17.03 -3.30
CA VAL A 338 6.13 17.59 -4.07
C VAL A 338 4.83 17.21 -3.36
N GLU A 339 3.96 18.19 -3.20
CA GLU A 339 2.68 17.99 -2.53
C GLU A 339 1.81 17.14 -3.45
N ALA A 340 1.39 15.97 -2.97
CA ALA A 340 0.58 15.07 -3.79
C ALA A 340 -0.94 15.25 -3.67
N ALA A 341 -1.66 14.96 -4.75
CA ALA A 341 -3.11 15.04 -4.74
C ALA A 341 -3.60 13.63 -4.37
N PRO A 342 -4.87 13.50 -3.97
CA PRO A 342 -5.48 12.22 -3.58
C PRO A 342 -5.35 11.17 -4.71
N VAL A 343 -5.28 9.89 -4.32
CA VAL A 343 -5.15 8.78 -5.26
C VAL A 343 -6.22 7.73 -5.04
N MET A 344 -7.05 7.45 -6.04
CA MET A 344 -8.06 6.40 -5.85
C MET A 344 -7.53 5.10 -6.44
N GLY A 345 -6.77 4.36 -5.64
CA GLY A 345 -6.20 3.11 -6.09
C GLY A 345 -6.27 1.98 -5.07
N SER A 346 -5.46 0.95 -5.28
CA SER A 346 -5.43 -0.20 -4.38
C SER A 346 -4.20 -0.21 -3.47
N GLU A 347 -4.40 -0.61 -2.22
CA GLU A 347 -3.31 -0.65 -1.25
C GLU A 347 -3.87 -1.21 0.04
N ASP A 348 -3.05 -1.89 0.83
CA ASP A 348 -3.55 -2.42 2.08
C ASP A 348 -2.75 -1.94 3.30
N PHE A 349 -1.87 -0.96 3.03
CA PHE A 349 -1.09 -0.28 4.07
C PHE A 349 -2.12 0.41 4.98
N SER A 350 -3.33 0.59 4.44
CA SER A 350 -4.41 1.23 5.15
C SER A 350 -4.72 0.58 6.48
N TYR A 351 -4.59 -0.74 6.55
CA TYR A 351 -4.86 -1.43 7.81
C TYR A 351 -3.79 -1.21 8.87
N PHE A 352 -2.69 -0.57 8.50
CA PHE A 352 -1.63 -0.24 9.46
C PHE A 352 -1.83 1.20 10.00
N ALA A 353 -2.04 2.16 9.08
CA ALA A 353 -2.22 3.59 9.41
C ALA A 353 -3.54 3.96 10.10
N GLU A 354 -4.48 3.03 10.18
CA GLU A 354 -5.73 3.31 10.88
C GLU A 354 -5.57 2.85 12.34
N THR A 355 -4.45 2.17 12.64
CA THR A 355 -4.19 1.64 13.99
C THR A 355 -3.05 2.35 14.73
N ILE A 356 -2.09 2.89 13.97
CA ILE A 356 -1.00 3.68 14.54
C ILE A 356 -0.72 4.80 13.54
N PRO A 357 -0.07 5.89 13.99
CA PRO A 357 0.24 7.01 13.09
C PRO A 357 0.99 6.46 11.90
N GLY A 358 0.50 6.74 10.69
CA GLY A 358 1.17 6.23 9.51
C GLY A 358 1.46 7.29 8.46
N HIS A 359 2.47 7.03 7.64
CA HIS A 359 2.81 7.96 6.58
C HIS A 359 3.27 7.19 5.34
N PHE A 360 2.48 7.33 4.28
CA PHE A 360 2.70 6.64 3.02
C PHE A 360 3.12 7.67 1.96
N SER A 361 4.21 7.39 1.27
CA SER A 361 4.70 8.33 0.26
C SER A 361 4.97 7.65 -1.07
N LEU A 362 5.00 8.45 -2.13
CA LEU A 362 5.27 7.97 -3.48
C LEU A 362 6.71 8.38 -3.82
N LEU A 363 7.47 7.45 -4.39
CA LEU A 363 8.84 7.78 -4.77
C LEU A 363 8.83 7.85 -6.30
N GLY A 364 9.07 9.04 -6.82
CA GLY A 364 9.02 9.28 -8.24
C GLY A 364 10.08 8.66 -9.11
N MET A 365 9.68 8.28 -10.33
CA MET A 365 10.59 7.69 -11.29
C MET A 365 10.37 8.31 -12.69
N GLN A 366 9.22 8.93 -12.90
CA GLN A 366 8.92 9.46 -14.22
C GLN A 366 10.08 10.15 -14.93
N ASP A 367 10.21 9.87 -16.23
CA ASP A 367 11.27 10.48 -17.03
C ASP A 367 10.67 11.70 -17.73
N GLU A 368 11.42 12.30 -18.64
CA GLU A 368 10.93 13.50 -19.29
C GLU A 368 9.85 13.31 -20.35
N THR A 369 9.67 12.10 -20.84
CA THR A 369 8.68 11.86 -21.88
C THR A 369 7.69 10.73 -21.59
N ASN A 370 7.39 10.52 -20.31
CA ASN A 370 6.45 9.50 -19.89
C ASN A 370 6.74 8.08 -20.38
N GLY A 371 8.01 7.69 -20.42
CA GLY A 371 8.34 6.35 -20.88
C GLY A 371 8.18 5.19 -19.91
N TYR A 372 8.00 5.47 -18.61
CA TYR A 372 7.84 4.37 -17.65
C TYR A 372 6.38 3.96 -17.47
N ALA A 373 6.08 2.75 -17.95
CA ALA A 373 4.74 2.19 -17.89
C ALA A 373 4.11 2.34 -16.52
N SER A 374 2.78 2.36 -16.49
CA SER A 374 2.04 2.48 -15.26
C SER A 374 1.86 1.15 -14.52
N SER A 375 1.33 1.23 -13.30
CA SER A 375 1.12 0.05 -12.47
C SER A 375 0.29 -1.02 -13.17
N HIS A 376 0.68 -2.26 -12.96
CA HIS A 376 0.03 -3.40 -13.57
C HIS A 376 0.36 -3.51 -15.06
N SER A 377 1.04 -2.51 -15.62
CA SER A 377 1.39 -2.59 -17.03
C SER A 377 2.43 -3.70 -17.27
N PRO A 378 2.26 -4.49 -18.35
CA PRO A 378 3.24 -5.55 -18.63
C PRO A 378 4.60 -4.89 -18.97
N LEU A 379 4.58 -3.60 -19.28
CA LEU A 379 5.81 -2.85 -19.64
C LEU A 379 6.45 -2.14 -18.46
N TYR A 380 5.92 -2.37 -17.27
CA TYR A 380 6.48 -1.77 -16.05
C TYR A 380 7.96 -2.11 -15.91
N ARG A 381 8.74 -1.10 -15.57
CA ARG A 381 10.15 -1.23 -15.38
C ARG A 381 10.50 -0.54 -14.06
N ILE A 382 11.66 -0.87 -13.55
CA ILE A 382 12.16 -0.20 -12.38
C ILE A 382 13.46 0.53 -12.77
N ASN A 383 13.40 1.85 -12.93
CA ASN A 383 14.62 2.59 -13.22
C ASN A 383 15.41 2.41 -11.91
N GLU A 384 16.39 1.51 -11.92
CA GLU A 384 17.13 1.21 -10.70
C GLU A 384 17.93 2.37 -10.12
N ASP A 385 18.11 3.42 -10.92
CA ASP A 385 18.80 4.62 -10.49
C ASP A 385 18.12 5.31 -9.28
N VAL A 386 16.86 4.95 -9.02
CA VAL A 386 16.15 5.57 -7.88
C VAL A 386 16.26 4.76 -6.58
N LEU A 387 16.78 3.54 -6.65
CA LEU A 387 16.85 2.70 -5.46
C LEU A 387 17.62 3.29 -4.29
N PRO A 388 18.77 3.95 -4.55
CA PRO A 388 19.53 4.54 -3.43
C PRO A 388 18.71 5.64 -2.72
N TYR A 389 17.94 6.41 -3.49
CA TYR A 389 17.12 7.49 -2.90
C TYR A 389 16.02 6.92 -2.02
N GLY A 390 15.56 5.71 -2.33
CA GLY A 390 14.52 5.08 -1.51
C GLY A 390 15.11 4.63 -0.18
N ALA A 391 16.24 3.94 -0.22
CA ALA A 391 16.92 3.47 0.99
C ALA A 391 17.32 4.63 1.92
N ALA A 392 17.77 5.73 1.33
CA ALA A 392 18.19 6.89 2.13
C ALA A 392 17.02 7.61 2.81
N ILE A 393 15.91 7.78 2.10
CA ILE A 393 14.75 8.46 2.70
C ILE A 393 14.27 7.67 3.92
N HIS A 394 14.17 6.36 3.78
CA HIS A 394 13.76 5.45 4.88
C HIS A 394 14.59 5.72 6.13
N ALA A 395 15.91 5.58 5.97
CA ALA A 395 16.87 5.76 7.07
C ALA A 395 16.69 7.13 7.70
N SER A 396 16.46 8.11 6.84
CA SER A 396 16.25 9.48 7.26
C SER A 396 15.13 9.58 8.30
N MET A 397 13.89 9.47 7.82
CA MET A 397 12.75 9.56 8.70
C MET A 397 12.97 8.72 9.95
N ALA A 398 13.60 7.57 9.76
CA ALA A 398 13.88 6.69 10.90
C ALA A 398 14.73 7.45 11.90
N VAL A 399 15.95 7.80 11.50
CA VAL A 399 16.87 8.50 12.38
C VAL A 399 16.26 9.80 12.90
N GLN A 400 15.62 10.56 12.02
CA GLN A 400 15.02 11.82 12.44
C GLN A 400 13.79 11.64 13.33
N TYR A 401 12.96 10.63 13.07
CA TYR A 401 11.79 10.40 13.91
C TYR A 401 12.25 10.14 15.36
N LEU A 402 13.17 9.19 15.51
CA LEU A 402 13.70 8.84 16.83
C LEU A 402 14.50 9.98 17.43
N LYS A 403 15.43 10.54 16.66
CA LYS A 403 16.25 11.63 17.15
C LYS A 403 15.37 12.80 17.58
N GLU A 404 14.33 13.09 16.82
CA GLU A 404 13.45 14.18 17.18
C GLU A 404 12.75 13.78 18.47
N LYS A 405 12.06 12.64 18.43
CA LYS A 405 11.35 12.14 19.61
C LYS A 405 12.24 12.30 20.85
N ALA A 406 13.53 12.03 20.69
CA ALA A 406 14.46 12.15 21.81
C ALA A 406 14.62 13.60 22.25
N SER A 407 15.14 14.45 21.36
CA SER A 407 15.37 15.86 21.68
C SER A 407 14.15 16.52 22.32
N LYS A 16 24.97 12.33 4.57
CA LYS A 16 26.04 11.35 4.19
C LYS A 16 25.47 10.02 3.74
N LEU A 17 24.42 9.57 4.41
CA LEU A 17 23.79 8.30 4.09
C LEU A 17 23.35 8.23 2.62
N LEU A 18 23.15 9.39 2.02
CA LEU A 18 22.75 9.43 0.62
C LEU A 18 23.94 9.01 -0.23
N GLU A 19 25.12 9.49 0.14
CA GLU A 19 26.33 9.17 -0.60
C GLU A 19 26.63 7.69 -0.40
N PHE A 20 26.41 7.19 0.81
CA PHE A 20 26.63 5.79 1.10
C PHE A 20 25.61 4.93 0.35
N ALA A 21 24.34 5.32 0.39
CA ALA A 21 23.28 4.60 -0.32
C ALA A 21 23.63 4.51 -1.82
N LYS A 22 24.26 5.56 -2.32
CA LYS A 22 24.64 5.63 -3.74
C LYS A 22 26.00 5.01 -4.04
N SER A 23 26.74 4.61 -3.02
CA SER A 23 28.06 4.03 -3.24
C SER A 23 27.93 2.72 -4.01
N PRO A 24 28.86 2.47 -4.94
CA PRO A 24 28.86 1.26 -5.78
C PRO A 24 28.69 0.00 -4.95
N GLU A 25 29.28 -0.01 -3.76
CA GLU A 25 29.18 -1.15 -2.86
C GLU A 25 27.70 -1.47 -2.63
N VAL A 26 27.01 -0.58 -1.93
CA VAL A 26 25.60 -0.76 -1.60
C VAL A 26 24.66 -0.79 -2.81
N PHE A 27 24.87 0.09 -3.79
CA PHE A 27 23.99 0.13 -4.95
C PHE A 27 23.99 -1.20 -5.72
N ASP A 28 25.19 -1.71 -5.98
CA ASP A 28 25.36 -2.98 -6.69
C ASP A 28 24.64 -4.12 -5.99
N TRP A 29 24.81 -4.19 -4.68
CA TRP A 29 24.17 -5.21 -3.84
C TRP A 29 22.64 -5.17 -4.00
N MET A 30 22.03 -3.99 -3.88
CA MET A 30 20.57 -3.86 -4.05
C MET A 30 20.10 -4.27 -5.44
N VAL A 31 20.88 -3.96 -6.47
CA VAL A 31 20.49 -4.31 -7.82
C VAL A 31 20.30 -5.83 -8.03
N LYS A 32 21.30 -6.62 -7.64
CA LYS A 32 21.20 -8.06 -7.77
C LYS A 32 20.01 -8.63 -6.98
N ILE A 33 19.80 -8.14 -5.76
CA ILE A 33 18.69 -8.62 -4.93
C ILE A 33 17.34 -8.50 -5.66
N ARG A 34 17.11 -7.36 -6.32
CA ARG A 34 15.88 -7.07 -7.08
C ARG A 34 15.66 -7.94 -8.31
N ARG A 35 16.74 -8.12 -9.08
CA ARG A 35 16.72 -8.92 -10.28
C ARG A 35 16.36 -10.35 -9.90
N LYS A 36 16.91 -10.82 -8.81
CA LYS A 36 16.60 -12.16 -8.34
C LYS A 36 15.08 -12.21 -8.13
N ILE A 37 14.61 -11.42 -7.18
CA ILE A 37 13.19 -11.37 -6.88
C ILE A 37 12.35 -11.17 -8.15
N HIS A 38 12.82 -10.32 -9.04
CA HIS A 38 12.09 -10.07 -10.29
C HIS A 38 12.02 -11.33 -11.16
N GLU A 39 13.14 -12.02 -11.29
CA GLU A 39 13.21 -13.24 -12.08
C GLU A 39 12.31 -14.33 -11.51
N ASN A 40 11.99 -14.22 -10.22
CA ASN A 40 11.15 -15.23 -9.61
C ASN A 40 10.02 -14.59 -8.81
N PRO A 41 9.02 -14.04 -9.50
CA PRO A 41 7.90 -13.39 -8.84
C PRO A 41 6.96 -14.42 -8.21
N GLU A 42 6.61 -14.20 -6.94
CA GLU A 42 5.74 -15.12 -6.22
C GLU A 42 4.54 -14.29 -5.79
N LEU A 43 3.37 -14.92 -5.84
CA LEU A 43 2.13 -14.23 -5.48
C LEU A 43 1.84 -14.23 -3.97
N GLY A 44 0.78 -13.53 -3.59
CA GLY A 44 0.39 -13.41 -2.19
C GLY A 44 0.42 -14.69 -1.37
N TYR A 45 1.21 -14.66 -0.29
CA TYR A 45 1.38 -15.78 0.62
C TYR A 45 2.22 -16.94 0.09
N GLU A 46 2.78 -16.77 -1.11
CA GLU A 46 3.62 -17.80 -1.74
C GLU A 46 5.03 -17.25 -1.97
N GLU A 47 5.37 -16.16 -1.31
CA GLU A 47 6.68 -15.51 -1.47
C GLU A 47 7.79 -16.24 -0.70
N LEU A 48 7.86 -17.55 -0.89
CA LEU A 48 8.84 -18.38 -0.20
C LEU A 48 10.30 -17.99 -0.45
N GLU A 49 10.65 -17.87 -1.71
CA GLU A 49 12.01 -17.52 -2.07
C GLU A 49 12.34 -16.08 -1.72
N THR A 50 11.38 -15.19 -1.89
CA THR A 50 11.59 -13.77 -1.59
C THR A 50 11.86 -13.64 -0.08
N SER A 51 11.04 -14.32 0.73
CA SER A 51 11.19 -14.30 2.18
C SER A 51 12.55 -14.89 2.61
N LYS A 52 12.99 -15.98 1.99
CA LYS A 52 14.31 -16.57 2.34
C LYS A 52 15.43 -15.58 2.00
N LEU A 53 15.32 -14.89 0.88
CA LEU A 53 16.37 -13.92 0.50
C LEU A 53 16.43 -12.75 1.50
N ILE A 54 15.26 -12.26 1.91
CA ILE A 54 15.22 -11.16 2.87
C ILE A 54 15.90 -11.60 4.17
N ARG A 55 15.49 -12.75 4.69
CA ARG A 55 16.08 -13.26 5.92
C ARG A 55 17.60 -13.46 5.79
N SER A 56 18.06 -14.01 4.67
CA SER A 56 19.50 -14.21 4.46
C SER A 56 20.24 -12.89 4.52
N GLU A 57 19.68 -11.87 3.87
CA GLU A 57 20.34 -10.58 3.88
C GLU A 57 20.33 -9.98 5.28
N LEU A 58 19.23 -10.15 6.00
CA LEU A 58 19.17 -9.61 7.37
C LEU A 58 20.23 -10.29 8.22
N GLU A 59 20.39 -11.59 8.04
CA GLU A 59 21.42 -12.33 8.79
C GLU A 59 22.82 -11.81 8.43
N LEU A 60 23.06 -11.59 7.15
CA LEU A 60 24.35 -11.09 6.68
C LEU A 60 24.64 -9.67 7.21
N ILE A 61 23.65 -8.80 7.17
CA ILE A 61 23.87 -7.45 7.67
C ILE A 61 24.12 -7.43 9.19
N GLY A 62 23.38 -8.25 9.93
CA GLY A 62 23.51 -8.30 11.38
C GLY A 62 22.26 -7.73 12.04
N ILE A 63 21.11 -8.27 11.64
CA ILE A 63 19.81 -7.80 12.12
C ILE A 63 18.93 -8.93 12.62
N LYS A 64 18.55 -8.85 13.89
CA LYS A 64 17.67 -9.85 14.50
C LYS A 64 16.27 -9.65 13.93
N TYR A 65 15.53 -10.73 13.74
CA TYR A 65 14.18 -10.61 13.20
C TYR A 65 13.25 -11.71 13.68
N ARG A 66 11.95 -11.44 13.55
CA ARG A 66 10.90 -12.38 13.90
C ARG A 66 10.37 -12.98 12.60
N TYR A 67 10.16 -14.28 12.60
CA TYR A 67 9.67 -15.01 11.44
C TYR A 67 9.13 -16.35 11.95
N PRO A 68 7.99 -16.82 11.39
CA PRO A 68 7.19 -16.18 10.35
C PRO A 68 6.08 -15.27 10.89
N VAL A 69 5.67 -14.32 10.05
CA VAL A 69 4.55 -13.44 10.37
C VAL A 69 3.68 -13.43 9.10
N ALA A 70 2.43 -13.83 9.25
CA ALA A 70 1.53 -13.90 8.09
C ALA A 70 2.14 -14.86 7.05
N ILE A 71 2.64 -15.98 7.56
CA ILE A 71 3.24 -17.07 6.78
C ILE A 71 4.61 -16.81 6.17
N THR A 72 4.70 -15.87 5.24
CA THR A 72 5.97 -15.58 4.58
C THR A 72 6.60 -14.30 5.08
N GLY A 73 5.84 -13.54 5.86
CA GLY A 73 6.31 -12.27 6.37
C GLY A 73 7.46 -12.33 7.35
N VAL A 74 8.22 -11.23 7.37
CA VAL A 74 9.37 -11.13 8.25
C VAL A 74 9.43 -9.74 8.88
N ILE A 75 9.84 -9.68 10.14
CA ILE A 75 9.99 -8.41 10.83
C ILE A 75 11.38 -8.35 11.46
N GLY A 76 12.20 -7.40 11.02
CA GLY A 76 13.54 -7.24 11.55
C GLY A 76 13.64 -6.08 12.54
N TYR A 77 14.74 -6.03 13.31
CA TYR A 77 14.94 -5.00 14.30
C TYR A 77 16.36 -4.43 14.26
N ILE A 78 16.49 -3.12 14.42
CA ILE A 78 17.82 -2.49 14.43
C ILE A 78 17.76 -1.35 15.42
N GLY A 79 18.73 -1.32 16.34
CA GLY A 79 18.75 -0.26 17.33
C GLY A 79 19.03 -0.78 18.73
N THR A 80 18.39 -0.16 19.72
CA THR A 80 18.58 -0.57 21.11
C THR A 80 17.91 -1.90 21.42
N GLY A 81 16.81 -2.18 20.75
CA GLY A 81 16.07 -3.39 21.05
C GLY A 81 14.96 -3.03 22.02
N GLU A 82 14.92 -1.77 22.44
CA GLU A 82 13.91 -1.26 23.37
C GLU A 82 13.09 -0.14 22.70
N PRO A 83 11.88 0.13 23.21
CA PRO A 83 11.03 1.18 22.64
C PRO A 83 11.76 2.51 22.81
N PRO A 84 11.35 3.55 22.07
CA PRO A 84 10.27 3.64 21.07
C PRO A 84 10.54 2.84 19.80
N PHE A 85 9.48 2.20 19.31
CA PHE A 85 9.57 1.42 18.10
C PHE A 85 8.97 2.19 16.94
N VAL A 86 9.69 2.24 15.83
CA VAL A 86 9.20 2.90 14.64
C VAL A 86 9.38 1.91 13.49
N ALA A 87 8.32 1.76 12.69
CA ALA A 87 8.35 0.80 11.60
C ALA A 87 8.51 1.45 10.24
N LEU A 88 9.25 0.76 9.36
CA LEU A 88 9.49 1.17 7.97
C LEU A 88 8.88 0.02 7.17
N ARG A 89 7.96 0.36 6.27
CA ARG A 89 7.23 -0.62 5.49
C ARG A 89 7.70 -0.72 4.05
N ALA A 90 7.39 -1.85 3.45
CA ALA A 90 7.72 -2.18 2.06
C ALA A 90 7.02 -3.51 1.86
N ASP A 91 6.27 -3.66 0.77
CA ASP A 91 5.57 -4.93 0.51
C ASP A 91 6.48 -5.84 -0.31
N MET A 92 6.11 -7.10 -0.49
CA MET A 92 6.99 -8.04 -1.18
C MET A 92 6.42 -8.95 -2.29
N ASP A 93 5.17 -8.78 -2.67
CA ASP A 93 4.61 -9.71 -3.67
C ASP A 93 4.39 -9.20 -5.09
N ALA A 94 4.35 -10.15 -6.02
CA ALA A 94 4.15 -9.90 -7.45
C ALA A 94 2.72 -10.16 -7.89
N LEU A 95 2.46 -9.96 -9.18
CA LEU A 95 1.14 -10.14 -9.77
C LEU A 95 1.13 -11.22 -10.87
N PRO A 96 -0.06 -11.74 -11.20
CA PRO A 96 -0.18 -12.76 -12.24
C PRO A 96 -0.30 -12.11 -13.62
N ILE A 97 0.72 -11.33 -13.98
CA ILE A 97 0.81 -10.61 -15.23
C ILE A 97 1.99 -11.15 -16.03
N GLN A 98 1.81 -11.38 -17.34
CA GLN A 98 2.91 -11.84 -18.19
C GLN A 98 3.69 -10.57 -18.53
N GLU A 99 4.97 -10.53 -18.18
CA GLU A 99 5.79 -9.36 -18.45
C GLU A 99 5.93 -9.11 -19.96
N GLY A 100 6.12 -7.85 -20.33
CA GLY A 100 6.28 -7.51 -21.73
C GLY A 100 7.60 -6.80 -22.01
N VAL A 101 8.43 -6.61 -20.99
CA VAL A 101 9.72 -5.95 -21.15
C VAL A 101 10.77 -6.97 -21.53
N GLU A 102 11.59 -6.65 -22.52
CA GLU A 102 12.67 -7.55 -22.93
C GLU A 102 14.00 -7.10 -22.33
N TRP A 103 14.57 -7.91 -21.45
CA TRP A 103 15.84 -7.59 -20.82
C TRP A 103 16.39 -8.82 -20.14
N GLU A 104 17.63 -8.75 -19.71
CA GLU A 104 18.31 -9.87 -19.10
C GLU A 104 17.85 -10.28 -17.69
N HIS A 105 16.81 -9.63 -17.17
CA HIS A 105 16.35 -9.96 -15.80
C HIS A 105 14.83 -10.04 -15.64
N LYS A 106 14.12 -10.31 -16.73
CA LYS A 106 12.68 -10.43 -16.68
C LYS A 106 12.26 -11.71 -16.00
N SER A 107 11.01 -11.75 -15.50
CA SER A 107 10.49 -12.93 -14.84
C SER A 107 10.71 -14.20 -15.66
N LYS A 108 11.23 -15.22 -14.98
CA LYS A 108 11.49 -16.50 -15.60
C LYS A 108 10.24 -17.36 -15.37
N ILE A 109 9.30 -16.79 -14.61
CA ILE A 109 8.04 -17.48 -14.28
C ILE A 109 6.94 -16.89 -15.19
N ALA A 110 6.51 -17.66 -16.18
CA ALA A 110 5.51 -17.15 -17.10
C ALA A 110 4.18 -16.83 -16.42
N GLY A 111 3.63 -15.65 -16.73
CA GLY A 111 2.36 -15.26 -16.15
C GLY A 111 2.46 -14.47 -14.86
N LYS A 112 3.68 -14.26 -14.36
CA LYS A 112 3.87 -13.49 -13.12
C LYS A 112 4.92 -12.44 -13.38
N MET A 113 4.80 -11.32 -12.66
CA MET A 113 5.74 -10.23 -12.81
C MET A 113 5.55 -9.16 -11.73
N HIS A 114 6.64 -8.53 -11.35
CA HIS A 114 6.58 -7.43 -10.37
C HIS A 114 6.25 -6.15 -11.16
N ALA A 115 4.95 -5.93 -11.39
CA ALA A 115 4.47 -4.77 -12.13
C ALA A 115 4.10 -3.55 -11.28
N CYS A 116 4.34 -3.59 -9.97
CA CYS A 116 4.02 -2.42 -9.12
C CYS A 116 5.27 -1.99 -8.33
N GLY A 117 6.41 -2.62 -8.62
CA GLY A 117 7.65 -2.27 -7.96
C GLY A 117 7.93 -2.94 -6.62
N HIS A 118 7.18 -3.97 -6.25
CA HIS A 118 7.37 -4.60 -4.95
C HIS A 118 8.75 -5.21 -4.77
N ASP A 119 9.33 -5.71 -5.85
CA ASP A 119 10.69 -6.23 -5.79
C ASP A 119 11.59 -5.04 -5.41
N GLY A 120 11.29 -3.86 -5.98
CA GLY A 120 12.05 -2.65 -5.66
C GLY A 120 11.82 -2.27 -4.20
N HIS A 121 10.59 -2.46 -3.70
CA HIS A 121 10.28 -2.13 -2.31
C HIS A 121 11.04 -3.03 -1.34
N VAL A 122 11.02 -4.34 -1.58
CA VAL A 122 11.75 -5.25 -0.71
C VAL A 122 13.22 -4.87 -0.72
N THR A 123 13.72 -4.66 -1.95
CA THR A 123 15.12 -4.33 -2.15
C THR A 123 15.52 -3.11 -1.36
N MET A 124 14.80 -2.02 -1.55
CA MET A 124 15.15 -0.78 -0.87
C MET A 124 15.11 -0.92 0.65
N LEU A 125 14.10 -1.61 1.17
CA LEU A 125 13.98 -1.78 2.61
C LEU A 125 15.22 -2.53 3.14
N LEU A 126 15.82 -3.38 2.30
CA LEU A 126 17.04 -4.10 2.71
C LEU A 126 18.21 -3.12 2.60
N GLY A 127 18.14 -2.20 1.64
CA GLY A 127 19.20 -1.20 1.49
C GLY A 127 19.22 -0.25 2.68
N ALA A 128 18.02 0.05 3.20
CA ALA A 128 17.87 0.91 4.36
C ALA A 128 18.37 0.16 5.61
N ALA A 129 18.07 -1.12 5.70
CA ALA A 129 18.49 -1.97 6.80
C ALA A 129 20.02 -1.98 6.87
N LYS A 130 20.67 -1.90 5.71
CA LYS A 130 22.14 -1.88 5.71
C LYS A 130 22.63 -0.54 6.27
N ILE A 131 22.09 0.55 5.74
CA ILE A 131 22.48 1.90 6.18
C ILE A 131 22.22 2.11 7.68
N LEU A 132 21.08 1.61 8.16
CA LEU A 132 20.72 1.76 9.58
C LEU A 132 21.62 0.89 10.47
N HIS A 133 21.97 -0.28 9.98
CA HIS A 133 22.81 -1.16 10.75
C HIS A 133 24.19 -0.50 10.94
N GLU A 134 24.70 0.11 9.88
CA GLU A 134 26.00 0.78 9.96
C GLU A 134 26.00 1.81 11.09
N HIS A 135 24.86 2.45 11.35
CA HIS A 135 24.81 3.44 12.42
C HIS A 135 23.93 3.01 13.59
N ARG A 136 23.79 1.70 13.78
CA ARG A 136 22.90 1.18 14.83
C ARG A 136 23.10 1.62 16.27
N HIS A 137 24.33 1.96 16.64
CA HIS A 137 24.58 2.37 18.02
C HIS A 137 24.07 3.78 18.33
N HIS A 138 23.81 4.56 17.29
CA HIS A 138 23.33 5.93 17.49
C HIS A 138 21.80 6.04 17.51
N LEU A 139 21.12 4.98 17.08
CA LEU A 139 19.65 4.97 17.05
C LEU A 139 19.09 5.11 18.46
N GLN A 140 18.27 6.14 18.66
CA GLN A 140 17.67 6.38 19.98
C GLN A 140 16.36 5.61 20.09
N GLY A 141 16.46 4.30 19.91
CA GLY A 141 15.30 3.43 19.96
C GLY A 141 15.51 2.23 19.07
N THR A 142 14.42 1.73 18.48
CA THR A 142 14.46 0.53 17.63
C THR A 142 13.66 0.72 16.33
N VAL A 143 14.31 0.49 15.19
CA VAL A 143 13.64 0.60 13.89
C VAL A 143 13.12 -0.81 13.63
N VAL A 144 11.84 -0.91 13.32
CA VAL A 144 11.21 -2.20 13.04
C VAL A 144 11.02 -2.28 11.52
N LEU A 145 11.59 -3.33 10.91
CA LEU A 145 11.53 -3.50 9.45
C LEU A 145 10.46 -4.52 9.11
N ILE A 146 9.39 -4.05 8.52
CA ILE A 146 8.27 -4.91 8.19
C ILE A 146 8.24 -5.28 6.72
N PHE A 147 8.49 -6.57 6.45
CA PHE A 147 8.46 -7.11 5.10
C PHE A 147 7.12 -7.82 5.02
N GLN A 148 6.17 -7.14 4.37
CA GLN A 148 4.78 -7.57 4.26
C GLN A 148 4.37 -8.37 3.03
N PRO A 149 3.83 -9.56 3.25
CA PRO A 149 3.39 -10.40 2.15
C PRO A 149 1.99 -9.99 1.71
N ALA A 150 1.58 -10.52 0.56
CA ALA A 150 0.22 -10.38 0.08
C ALA A 150 -0.48 -9.04 0.11
N GLU A 151 0.19 -8.01 -0.38
CA GLU A 151 -0.41 -6.70 -0.44
C GLU A 151 -1.49 -6.68 -1.53
N GLU A 152 -1.24 -7.31 -2.67
CA GLU A 152 -2.19 -7.25 -3.78
C GLU A 152 -3.59 -7.70 -3.47
N GLY A 153 -3.72 -8.78 -2.71
CA GLY A 153 -5.03 -9.26 -2.33
C GLY A 153 -5.57 -8.52 -1.12
N LEU A 154 -4.93 -7.41 -0.78
CA LEU A 154 -5.32 -6.55 0.34
C LEU A 154 -5.58 -7.23 1.68
N SER A 155 -4.93 -8.37 1.91
CA SER A 155 -5.14 -9.05 3.19
C SER A 155 -3.87 -9.20 4.03
N GLY A 156 -2.70 -8.97 3.42
CA GLY A 156 -1.47 -9.15 4.16
C GLY A 156 -1.18 -8.21 5.32
N ALA A 157 -1.43 -6.92 5.10
CA ALA A 157 -1.20 -5.92 6.15
C ALA A 157 -2.13 -6.21 7.33
N LYS A 158 -3.39 -6.54 7.04
CA LYS A 158 -4.36 -6.84 8.09
C LYS A 158 -3.94 -8.11 8.84
N LYS A 159 -3.43 -9.11 8.12
CA LYS A 159 -3.00 -10.34 8.77
C LYS A 159 -1.78 -10.12 9.66
N MET A 160 -0.86 -9.26 9.24
CA MET A 160 0.31 -8.98 10.08
C MET A 160 -0.14 -8.27 11.36
N ARG A 161 -1.09 -7.34 11.21
CA ARG A 161 -1.64 -6.59 12.33
C ARG A 161 -2.29 -7.56 13.32
N GLU A 162 -3.03 -8.52 12.79
CA GLU A 162 -3.70 -9.54 13.60
C GLU A 162 -2.66 -10.28 14.46
N GLU A 163 -1.51 -10.57 13.86
CA GLU A 163 -0.45 -11.27 14.56
C GLU A 163 0.45 -10.38 15.43
N GLY A 164 -0.02 -9.16 15.68
CA GLY A 164 0.70 -8.25 16.54
C GLY A 164 1.90 -7.51 16.00
N ALA A 165 1.98 -7.37 14.69
CA ALA A 165 3.12 -6.66 14.09
C ALA A 165 3.16 -5.21 14.53
N LEU A 166 2.03 -4.66 14.96
CA LEU A 166 1.97 -3.26 15.38
C LEU A 166 2.08 -3.00 16.87
N LYS A 167 2.23 -4.04 17.68
CA LYS A 167 2.32 -3.82 19.13
C LYS A 167 3.57 -3.05 19.54
N ASN A 168 3.39 -2.05 20.39
CA ASN A 168 4.49 -1.22 20.88
C ASN A 168 5.03 -0.25 19.83
N VAL A 169 4.64 -0.42 18.58
CA VAL A 169 5.09 0.47 17.51
C VAL A 169 4.22 1.73 17.47
N GLU A 170 4.86 2.90 17.50
CA GLU A 170 4.10 4.15 17.52
C GLU A 170 3.97 4.94 16.20
N ALA A 171 4.68 4.51 15.16
CA ALA A 171 4.60 5.21 13.88
C ALA A 171 5.13 4.29 12.81
N ILE A 172 4.60 4.43 11.60
CA ILE A 172 5.06 3.60 10.50
C ILE A 172 5.12 4.44 9.22
N PHE A 173 6.22 4.25 8.48
CA PHE A 173 6.45 4.97 7.22
C PHE A 173 6.61 3.98 6.07
N GLY A 174 5.93 4.23 4.96
CA GLY A 174 6.06 3.37 3.80
C GLY A 174 6.32 4.22 2.56
N ILE A 175 6.93 3.60 1.54
CA ILE A 175 7.24 4.25 0.28
C ILE A 175 6.73 3.38 -0.87
N HIS A 176 6.26 4.01 -1.95
CA HIS A 176 5.79 3.27 -3.12
C HIS A 176 6.31 4.01 -4.38
N LEU A 177 7.10 3.33 -5.21
CA LEU A 177 7.64 3.91 -6.45
C LEU A 177 6.50 4.37 -7.36
N SER A 178 6.67 5.48 -8.04
CA SER A 178 5.61 5.98 -8.90
C SER A 178 6.02 6.45 -10.30
N ALA A 179 5.25 6.04 -11.30
CA ALA A 179 5.47 6.46 -12.69
C ALA A 179 4.73 7.77 -12.91
N ARG A 180 3.96 8.19 -11.91
CA ARG A 180 3.20 9.45 -12.04
C ARG A 180 3.88 10.62 -11.34
N ILE A 181 5.07 10.37 -10.82
CA ILE A 181 5.85 11.38 -10.09
C ILE A 181 7.23 11.46 -10.77
N PRO A 182 7.82 12.66 -10.88
CA PRO A 182 9.13 12.74 -11.53
C PRO A 182 10.19 11.91 -10.82
N PHE A 183 11.16 11.42 -11.57
CA PHE A 183 12.24 10.60 -11.02
C PHE A 183 12.92 11.21 -9.80
N GLY A 184 13.12 10.37 -8.78
CA GLY A 184 13.80 10.79 -7.56
C GLY A 184 13.07 11.68 -6.59
N LYS A 185 11.91 12.22 -6.98
CA LYS A 185 11.15 13.08 -6.08
C LYS A 185 10.18 12.24 -5.26
N ALA A 186 9.96 12.63 -4.02
CA ALA A 186 9.05 11.91 -3.15
C ALA A 186 7.80 12.76 -2.98
N ALA A 187 6.64 12.13 -3.06
CA ALA A 187 5.40 12.89 -2.96
C ALA A 187 4.49 12.37 -1.86
N SER A 188 3.82 13.28 -1.16
CA SER A 188 2.92 12.90 -0.08
C SER A 188 1.99 14.05 0.20
N ARG A 189 1.09 13.84 1.16
CA ARG A 189 0.14 14.86 1.58
C ARG A 189 -0.37 14.47 2.97
N ALA A 190 -0.74 15.45 3.77
CA ALA A 190 -1.29 15.18 5.09
C ALA A 190 -2.77 14.81 4.99
N GLY A 191 -3.22 13.90 5.84
CA GLY A 191 -4.62 13.53 5.84
C GLY A 191 -4.96 12.39 4.90
N SER A 192 -6.23 12.32 4.52
CA SER A 192 -6.69 11.25 3.64
C SER A 192 -5.92 11.34 2.31
N PHE A 193 -5.31 10.23 1.91
CA PHE A 193 -4.46 10.17 0.72
C PHE A 193 -5.05 9.22 -0.33
N LEU A 194 -5.22 7.96 0.04
CA LEU A 194 -5.79 6.97 -0.87
C LEU A 194 -7.19 6.68 -0.37
N ALA A 195 -8.11 6.43 -1.31
CA ALA A 195 -9.49 6.19 -0.93
C ALA A 195 -9.74 4.81 -0.30
N GLY A 196 -10.80 4.75 0.51
CA GLY A 196 -11.19 3.49 1.13
C GLY A 196 -11.95 2.68 0.08
N ALA A 197 -12.16 1.39 0.37
CA ALA A 197 -12.88 0.52 -0.56
C ALA A 197 -13.64 -0.55 0.21
N GLY A 198 -14.93 -0.67 -0.08
CA GLY A 198 -15.75 -1.66 0.58
C GLY A 198 -16.66 -2.32 -0.43
N VAL A 199 -17.33 -3.40 -0.02
CA VAL A 199 -18.28 -4.09 -0.90
C VAL A 199 -19.60 -4.22 -0.16
N PHE A 200 -20.67 -4.48 -0.91
CA PHE A 200 -21.98 -4.64 -0.31
C PHE A 200 -22.73 -5.75 -1.02
N GLU A 201 -23.69 -6.34 -0.31
CA GLU A 201 -24.49 -7.41 -0.87
C GLU A 201 -25.92 -7.22 -0.38
N ALA A 202 -26.87 -7.30 -1.31
CA ALA A 202 -28.28 -7.15 -0.96
C ALA A 202 -29.13 -8.22 -1.62
N VAL A 203 -30.22 -8.59 -0.95
CA VAL A 203 -31.13 -9.59 -1.50
C VAL A 203 -32.51 -8.97 -1.64
N ILE A 204 -33.00 -8.91 -2.88
CA ILE A 204 -34.30 -8.31 -3.14
C ILE A 204 -35.35 -9.41 -3.34
N THR A 205 -36.26 -9.54 -2.39
CA THR A 205 -37.33 -10.54 -2.44
C THR A 205 -38.70 -9.88 -2.34
N GLY A 206 -39.69 -10.42 -3.04
CA GLY A 206 -41.02 -9.84 -2.98
C GLY A 206 -41.64 -9.97 -1.59
N LYS A 207 -42.56 -9.08 -1.26
CA LYS A 207 -43.22 -9.12 0.05
C LYS A 207 -44.56 -9.83 -0.07
N THR A 217 -45.46 -10.02 -8.57
CA THR A 217 -44.41 -11.01 -8.82
C THR A 217 -43.21 -10.43 -9.57
N ILE A 218 -43.43 -9.37 -10.34
CA ILE A 218 -42.35 -8.75 -11.10
C ILE A 218 -41.65 -7.66 -10.28
N ASP A 219 -42.18 -7.39 -9.09
CA ASP A 219 -41.62 -6.36 -8.24
C ASP A 219 -40.12 -6.49 -7.95
N PRO A 220 -39.64 -7.72 -7.71
CA PRO A 220 -38.20 -7.85 -7.44
C PRO A 220 -37.36 -7.35 -8.61
N VAL A 221 -37.82 -7.67 -9.83
CA VAL A 221 -37.12 -7.26 -11.04
C VAL A 221 -37.16 -5.74 -11.19
N VAL A 222 -38.35 -5.17 -10.99
CA VAL A 222 -38.51 -3.72 -11.10
C VAL A 222 -37.69 -3.03 -10.01
N ALA A 223 -37.76 -3.59 -8.81
CA ALA A 223 -37.04 -3.06 -7.67
C ALA A 223 -35.52 -3.05 -7.93
N ALA A 224 -35.02 -4.13 -8.51
CA ALA A 224 -33.59 -4.25 -8.80
C ALA A 224 -33.10 -3.20 -9.78
N SER A 225 -33.85 -2.98 -10.87
CA SER A 225 -33.42 -1.98 -11.86
C SER A 225 -33.45 -0.58 -11.25
N SER A 226 -34.44 -0.33 -10.40
CA SER A 226 -34.58 0.95 -9.73
C SER A 226 -33.37 1.16 -8.82
N ILE A 227 -32.98 0.11 -8.11
CA ILE A 227 -31.84 0.15 -7.21
C ILE A 227 -30.55 0.38 -8.00
N VAL A 228 -30.39 -0.33 -9.11
CA VAL A 228 -29.22 -0.20 -9.96
C VAL A 228 -28.98 1.23 -10.42
N LEU A 229 -30.06 1.99 -10.63
CA LEU A 229 -29.94 3.38 -11.07
C LEU A 229 -29.87 4.36 -9.92
N SER A 230 -30.54 4.06 -8.82
CA SER A 230 -30.53 4.97 -7.67
C SER A 230 -29.15 4.96 -6.99
N LEU A 231 -28.43 3.85 -7.12
CA LEU A 231 -27.09 3.79 -6.52
C LEU A 231 -26.17 4.62 -7.41
N GLN A 232 -26.30 4.43 -8.72
CA GLN A 232 -25.48 5.17 -9.67
C GLN A 232 -25.73 6.67 -9.50
N GLN A 233 -26.80 7.00 -8.80
CA GLN A 233 -27.13 8.39 -8.55
C GLN A 233 -26.17 8.99 -7.52
N LEU A 234 -25.47 8.13 -6.78
CA LEU A 234 -24.52 8.57 -5.75
C LEU A 234 -23.12 8.86 -6.32
N VAL A 235 -22.68 8.01 -7.26
CA VAL A 235 -21.36 8.18 -7.88
C VAL A 235 -21.23 9.59 -8.42
N SER A 236 -20.08 10.23 -8.21
CA SER A 236 -19.93 11.60 -8.69
C SER A 236 -18.58 12.24 -8.39
N ARG A 237 -18.32 13.34 -9.11
CA ARG A 237 -17.09 14.10 -8.96
C ARG A 237 -17.45 15.58 -8.79
N GLU A 238 -16.62 16.30 -8.04
CA GLU A 238 -16.86 17.71 -7.82
C GLU A 238 -15.58 18.47 -8.07
N THR A 239 -15.42 19.59 -7.38
CA THR A 239 -14.25 20.43 -7.56
C THR A 239 -13.07 20.08 -6.64
N ASP A 240 -13.33 19.24 -5.63
CA ASP A 240 -12.27 18.79 -4.71
C ASP A 240 -12.18 17.27 -4.89
N PRO A 241 -11.01 16.77 -5.32
CA PRO A 241 -10.89 15.32 -5.50
C PRO A 241 -11.20 14.46 -4.27
N LEU A 242 -11.05 15.02 -3.07
CA LEU A 242 -11.32 14.27 -1.85
C LEU A 242 -12.79 13.90 -1.59
N ASP A 243 -13.72 14.73 -2.07
CA ASP A 243 -15.14 14.47 -1.85
C ASP A 243 -15.76 13.52 -2.86
N SER A 244 -14.96 12.95 -3.76
CA SER A 244 -15.51 12.07 -4.78
C SER A 244 -16.07 10.79 -4.18
N LYS A 245 -17.07 10.22 -4.85
CA LYS A 245 -17.68 8.99 -4.40
C LYS A 245 -17.78 8.11 -5.63
N VAL A 246 -17.48 6.81 -5.46
CA VAL A 246 -17.56 5.85 -6.54
C VAL A 246 -18.30 4.60 -6.08
N VAL A 247 -19.38 4.28 -6.78
CA VAL A 247 -20.15 3.08 -6.49
C VAL A 247 -20.21 2.35 -7.84
N THR A 248 -20.00 1.04 -7.81
CA THR A 248 -20.00 0.22 -9.01
C THR A 248 -20.79 -1.05 -8.79
N VAL A 249 -21.92 -1.19 -9.49
CA VAL A 249 -22.72 -2.40 -9.36
C VAL A 249 -22.03 -3.41 -10.28
N SER A 250 -21.64 -4.54 -9.70
CA SER A 250 -20.95 -5.56 -10.47
C SER A 250 -21.71 -6.89 -10.51
N LYS A 251 -22.93 -6.91 -9.98
CA LYS A 251 -23.73 -8.14 -9.99
C LYS A 251 -25.19 -7.89 -9.66
N VAL A 252 -26.08 -8.57 -10.38
CA VAL A 252 -27.52 -8.45 -10.16
C VAL A 252 -28.25 -9.72 -10.56
N ASN A 253 -28.63 -10.53 -9.58
CA ASN A 253 -29.34 -11.78 -9.85
C ASN A 253 -29.78 -12.48 -8.57
N PRO A 262 -37.96 -14.20 -11.55
CA PRO A 262 -37.05 -14.42 -10.42
C PRO A 262 -37.71 -14.11 -9.08
N ASP A 263 -37.70 -15.08 -8.18
CA ASP A 263 -38.32 -14.89 -6.87
C ASP A 263 -37.49 -13.91 -6.02
N SER A 264 -36.18 -13.91 -6.23
CA SER A 264 -35.28 -13.03 -5.49
C SER A 264 -34.13 -12.57 -6.38
N ILE A 265 -33.63 -11.38 -6.09
CA ILE A 265 -32.53 -10.83 -6.85
C ILE A 265 -31.42 -10.43 -5.89
N THR A 266 -30.20 -10.84 -6.24
CA THR A 266 -29.04 -10.53 -5.41
C THR A 266 -28.20 -9.43 -6.08
N ILE A 267 -28.04 -8.33 -5.37
CA ILE A 267 -27.25 -7.20 -5.87
C ILE A 267 -25.92 -7.13 -5.12
N GLY A 268 -24.86 -6.88 -5.88
CA GLY A 268 -23.53 -6.76 -5.30
C GLY A 268 -22.78 -5.65 -6.00
N GLY A 269 -21.73 -5.15 -5.36
CA GLY A 269 -20.94 -4.09 -5.96
C GLY A 269 -19.88 -3.57 -5.02
N THR A 270 -19.32 -2.41 -5.38
CA THR A 270 -18.28 -1.81 -4.57
C THR A 270 -18.59 -0.34 -4.27
N LEU A 271 -17.92 0.20 -3.26
CA LEU A 271 -18.08 1.59 -2.88
C LEU A 271 -16.73 2.14 -2.44
N ARG A 272 -16.43 3.37 -2.86
CA ARG A 272 -15.16 4.00 -2.52
C ARG A 272 -15.36 5.48 -2.22
N ALA A 273 -14.56 5.97 -1.28
CA ALA A 273 -14.61 7.36 -0.87
C ALA A 273 -13.33 7.71 -0.12
N PHE A 274 -12.96 8.98 -0.12
CA PHE A 274 -11.77 9.46 0.59
C PHE A 274 -12.20 9.92 1.97
N THR A 275 -13.42 10.46 2.03
CA THR A 275 -13.99 10.98 3.27
C THR A 275 -15.46 10.51 3.36
N GLY A 276 -16.06 10.59 4.54
CA GLY A 276 -17.43 10.15 4.69
C GLY A 276 -17.61 8.72 4.20
N PHE A 277 -16.55 7.94 4.34
CA PHE A 277 -16.59 6.54 3.88
C PHE A 277 -17.72 5.74 4.52
N THR A 278 -17.79 5.72 5.85
CA THR A 278 -18.84 4.98 6.55
C THR A 278 -20.20 5.51 6.13
N GLN A 279 -20.30 6.84 6.02
CA GLN A 279 -21.54 7.48 5.62
C GLN A 279 -21.97 7.06 4.22
N LEU A 280 -21.02 6.82 3.34
CA LEU A 280 -21.39 6.38 2.00
C LEU A 280 -21.92 4.93 2.06
N GLN A 281 -21.34 4.10 2.92
CA GLN A 281 -21.82 2.72 3.05
C GLN A 281 -23.29 2.73 3.49
N GLN A 282 -23.60 3.56 4.46
CA GLN A 282 -24.98 3.66 4.96
C GLN A 282 -25.93 4.20 3.90
N ARG A 283 -25.44 5.11 3.07
CA ARG A 283 -26.27 5.68 2.01
C ARG A 283 -26.65 4.57 1.01
N VAL A 284 -25.67 3.74 0.67
CA VAL A 284 -25.90 2.64 -0.26
C VAL A 284 -26.95 1.70 0.34
N LYS A 285 -26.80 1.38 1.63
CA LYS A 285 -27.75 0.50 2.32
C LYS A 285 -29.14 1.11 2.33
N GLU A 286 -29.22 2.38 2.71
CA GLU A 286 -30.50 3.07 2.75
C GLU A 286 -31.22 3.08 1.40
N VAL A 287 -30.47 3.35 0.33
CA VAL A 287 -31.07 3.38 -1.00
C VAL A 287 -31.69 2.03 -1.37
N ILE A 288 -30.87 0.98 -1.37
CA ILE A 288 -31.31 -0.37 -1.71
C ILE A 288 -32.55 -0.80 -0.92
N THR A 289 -32.55 -0.48 0.37
CA THR A 289 -33.63 -0.86 1.25
C THR A 289 -34.92 -0.11 0.96
N LYS A 290 -34.87 1.22 0.98
CA LYS A 290 -36.06 2.01 0.72
C LYS A 290 -36.60 1.79 -0.68
N GLN A 291 -35.70 1.65 -1.64
CA GLN A 291 -36.11 1.41 -3.02
C GLN A 291 -36.75 0.02 -3.14
N ALA A 292 -36.28 -0.94 -2.34
CA ALA A 292 -36.85 -2.28 -2.39
C ALA A 292 -38.25 -2.21 -1.80
N ALA A 293 -38.38 -1.47 -0.70
CA ALA A 293 -39.66 -1.32 -0.01
C ALA A 293 -40.78 -0.69 -0.83
N VAL A 294 -40.50 0.41 -1.51
CA VAL A 294 -41.55 1.06 -2.30
C VAL A 294 -41.93 0.22 -3.51
N HIS A 295 -41.22 -0.86 -3.73
CA HIS A 295 -41.53 -1.75 -4.84
C HIS A 295 -42.05 -3.07 -4.27
N ARG A 296 -42.66 -2.99 -3.09
CA ARG A 296 -43.21 -4.14 -2.40
C ARG A 296 -42.24 -5.32 -2.36
N CYS A 297 -41.02 -5.04 -1.91
CA CYS A 297 -39.98 -6.05 -1.81
C CYS A 297 -39.22 -5.86 -0.51
N ASN A 298 -38.64 -6.95 -0.01
CA ASN A 298 -37.85 -6.90 1.20
C ASN A 298 -36.40 -6.93 0.73
N ALA A 299 -35.48 -6.48 1.59
CA ALA A 299 -34.07 -6.48 1.25
C ALA A 299 -33.22 -6.54 2.51
N SER A 300 -32.21 -7.39 2.46
CA SER A 300 -31.28 -7.53 3.57
C SER A 300 -29.93 -7.05 3.04
N VAL A 301 -29.38 -6.00 3.64
CA VAL A 301 -28.11 -5.47 3.16
C VAL A 301 -26.92 -5.85 4.03
N ASN A 302 -25.92 -6.46 3.41
CA ASN A 302 -24.70 -6.85 4.10
C ASN A 302 -23.53 -5.99 3.60
N LEU A 303 -22.93 -5.20 4.51
CA LEU A 303 -21.81 -4.32 4.18
C LEU A 303 -20.43 -4.97 4.41
N THR A 304 -20.42 -6.24 4.81
CA THR A 304 -19.17 -6.98 4.99
C THR A 304 -19.51 -8.39 4.52
N PRO A 305 -19.96 -8.53 3.27
CA PRO A 305 -20.32 -9.85 2.75
C PRO A 305 -19.23 -10.91 2.76
N ASN A 306 -19.56 -12.06 3.34
CA ASN A 306 -18.63 -13.18 3.43
C ASN A 306 -17.30 -12.80 4.07
N GLY A 307 -17.37 -11.95 5.08
CA GLY A 307 -16.16 -11.53 5.77
C GLY A 307 -15.31 -10.50 5.03
N ARG A 308 -15.84 -9.92 3.95
CA ARG A 308 -15.10 -8.90 3.20
C ARG A 308 -15.21 -7.58 3.96
N GLU A 309 -14.32 -7.35 4.91
CA GLU A 309 -14.35 -6.12 5.69
C GLU A 309 -13.86 -4.93 4.86
N PRO A 310 -14.45 -3.75 5.08
CA PRO A 310 -14.00 -2.61 4.28
C PRO A 310 -12.57 -2.19 4.62
N MET A 311 -11.87 -1.68 3.62
CA MET A 311 -10.52 -1.17 3.80
C MET A 311 -10.72 0.33 3.97
N PRO A 312 -10.21 0.89 5.08
CA PRO A 312 -10.42 2.32 5.27
C PRO A 312 -9.52 3.20 4.40
N PRO A 313 -9.89 4.48 4.24
CA PRO A 313 -9.06 5.38 3.44
C PRO A 313 -7.64 5.36 4.05
N THR A 314 -6.61 5.52 3.23
CA THR A 314 -5.24 5.54 3.74
C THR A 314 -5.01 6.96 4.23
N VAL A 315 -4.83 7.10 5.54
CA VAL A 315 -4.65 8.42 6.13
C VAL A 315 -3.23 8.65 6.60
N ASN A 316 -2.62 9.72 6.08
CA ASN A 316 -1.27 10.11 6.45
C ASN A 316 -1.37 10.99 7.66
N ASN A 317 -0.76 10.54 8.76
CA ASN A 317 -0.75 11.32 9.99
C ASN A 317 -0.05 12.64 9.69
N LYS A 318 -0.67 13.76 10.07
CA LYS A 318 -0.09 15.08 9.80
C LYS A 318 1.29 15.34 10.41
N ASP A 319 1.51 14.86 11.63
CA ASP A 319 2.81 15.08 12.27
C ASP A 319 3.92 14.44 11.43
N LEU A 320 3.73 13.18 11.02
CA LEU A 320 4.74 12.50 10.22
C LEU A 320 4.96 13.20 8.88
N TYR A 321 3.88 13.61 8.23
CA TYR A 321 3.97 14.31 6.94
C TYR A 321 4.94 15.50 7.07
N LYS A 322 4.82 16.24 8.17
CA LYS A 322 5.72 17.37 8.40
C LYS A 322 7.18 16.91 8.45
N GLN A 323 7.44 15.77 9.09
CA GLN A 323 8.78 15.24 9.20
C GLN A 323 9.30 14.80 7.83
N PHE A 324 8.47 14.04 7.11
CA PHE A 324 8.80 13.55 5.78
C PHE A 324 9.30 14.69 4.87
N LYS A 325 8.51 15.76 4.75
CA LYS A 325 8.91 16.89 3.91
C LYS A 325 10.27 17.40 4.38
N LYS A 326 10.39 17.66 5.67
CA LYS A 326 11.64 18.16 6.24
C LYS A 326 12.79 17.19 5.90
N VAL A 327 12.56 15.91 6.17
CA VAL A 327 13.58 14.92 5.86
C VAL A 327 13.93 14.96 4.38
N VAL A 328 12.91 14.97 3.52
CA VAL A 328 13.12 14.99 2.07
C VAL A 328 13.80 16.29 1.61
N ARG A 329 13.38 17.41 2.17
CA ARG A 329 13.98 18.67 1.78
C ARG A 329 15.44 18.74 2.21
N ASP A 330 15.73 18.32 3.44
CA ASP A 330 17.11 18.32 3.93
C ASP A 330 17.95 17.41 3.05
N LEU A 331 17.48 16.17 2.89
CA LEU A 331 18.16 15.17 2.10
C LEU A 331 18.35 15.51 0.61
N LEU A 332 17.25 15.73 -0.11
CA LEU A 332 17.34 15.98 -1.55
C LEU A 332 17.14 17.41 -2.08
N GLY A 333 16.97 18.39 -1.21
CA GLY A 333 16.78 19.75 -1.71
C GLY A 333 15.34 20.18 -1.71
N GLN A 334 15.11 21.50 -1.66
CA GLN A 334 13.77 22.04 -1.62
C GLN A 334 12.79 21.49 -2.66
N GLU A 335 13.24 21.42 -3.91
CA GLU A 335 12.41 20.94 -5.02
C GLU A 335 12.16 19.43 -5.01
N ALA A 336 12.74 18.73 -4.05
CA ALA A 336 12.61 17.27 -3.99
C ALA A 336 11.23 16.80 -3.53
N PHE A 337 10.60 17.55 -2.63
CA PHE A 337 9.28 17.16 -2.14
C PHE A 337 8.20 17.80 -3.00
N VAL A 338 7.19 17.00 -3.34
CA VAL A 338 6.07 17.51 -4.11
C VAL A 338 4.78 17.08 -3.42
N GLU A 339 3.84 18.00 -3.31
CA GLU A 339 2.57 17.72 -2.67
C GLU A 339 1.77 16.79 -3.58
N ALA A 340 1.33 15.66 -3.02
CA ALA A 340 0.58 14.69 -3.81
C ALA A 340 -0.93 14.92 -3.75
N ALA A 341 -1.61 14.65 -4.87
CA ALA A 341 -3.06 14.77 -4.92
C ALA A 341 -3.61 13.42 -4.46
N PRO A 342 -4.89 13.39 -4.04
CA PRO A 342 -5.54 12.16 -3.59
C PRO A 342 -5.53 11.13 -4.73
N VAL A 343 -5.44 9.85 -4.38
CA VAL A 343 -5.41 8.76 -5.36
C VAL A 343 -6.46 7.70 -5.06
N MET A 344 -7.26 7.33 -6.05
CA MET A 344 -8.24 6.27 -5.81
C MET A 344 -7.65 4.94 -6.25
N GLY A 345 -6.65 4.47 -5.50
CA GLY A 345 -6.00 3.22 -5.83
C GLY A 345 -6.20 2.15 -4.77
N SER A 346 -5.33 1.15 -4.80
CA SER A 346 -5.43 0.05 -3.85
C SER A 346 -4.10 -0.18 -3.13
N GLU A 347 -4.13 -0.10 -1.80
CA GLU A 347 -2.93 -0.31 -0.99
C GLU A 347 -3.41 -0.61 0.42
N ASP A 348 -3.09 -1.81 0.90
CA ASP A 348 -3.55 -2.21 2.23
C ASP A 348 -2.73 -1.65 3.39
N PHE A 349 -1.80 -0.75 3.08
CA PHE A 349 -1.02 -0.05 4.12
C PHE A 349 -2.02 0.66 5.05
N SER A 350 -3.21 0.98 4.53
CA SER A 350 -4.23 1.65 5.31
C SER A 350 -4.56 0.90 6.61
N TYR A 351 -4.52 -0.43 6.59
CA TYR A 351 -4.81 -1.18 7.81
C TYR A 351 -3.76 -0.93 8.90
N PHE A 352 -2.59 -0.41 8.52
CA PHE A 352 -1.56 -0.07 9.51
C PHE A 352 -1.76 1.37 10.00
N ALA A 353 -2.03 2.29 9.07
CA ALA A 353 -2.24 3.72 9.38
C ALA A 353 -3.55 4.07 10.09
N GLU A 354 -4.46 3.10 10.18
CA GLU A 354 -5.71 3.34 10.89
C GLU A 354 -5.55 2.87 12.35
N THR A 355 -4.44 2.18 12.64
CA THR A 355 -4.19 1.65 13.99
C THR A 355 -3.04 2.36 14.73
N ILE A 356 -2.07 2.89 13.97
CA ILE A 356 -0.99 3.69 14.54
C ILE A 356 -0.71 4.81 13.54
N PRO A 357 -0.07 5.90 13.98
CA PRO A 357 0.25 7.02 13.09
C PRO A 357 1.00 6.47 11.89
N GLY A 358 0.48 6.73 10.68
CA GLY A 358 1.16 6.22 9.50
C GLY A 358 1.46 7.27 8.47
N HIS A 359 2.46 7.01 7.63
CA HIS A 359 2.81 7.94 6.57
C HIS A 359 3.27 7.19 5.34
N PHE A 360 2.48 7.31 4.28
CA PHE A 360 2.69 6.62 3.02
C PHE A 360 3.10 7.66 1.96
N SER A 361 4.19 7.37 1.24
CA SER A 361 4.68 8.31 0.25
C SER A 361 4.96 7.63 -1.09
N LEU A 362 5.02 8.43 -2.15
CA LEU A 362 5.30 7.95 -3.49
C LEU A 362 6.72 8.40 -3.84
N LEU A 363 7.50 7.50 -4.44
CA LEU A 363 8.85 7.84 -4.84
C LEU A 363 8.83 7.79 -6.38
N GLY A 364 9.13 8.92 -7.01
CA GLY A 364 9.05 9.01 -8.45
C GLY A 364 10.12 8.34 -9.28
N MET A 365 9.71 7.87 -10.46
CA MET A 365 10.61 7.22 -11.40
C MET A 365 10.42 7.81 -12.82
N GLN A 366 9.45 8.70 -12.98
CA GLN A 366 9.16 9.22 -14.32
C GLN A 366 10.23 10.14 -14.90
N ASP A 367 10.45 10.02 -16.21
CA ASP A 367 11.45 10.86 -16.86
C ASP A 367 10.78 11.95 -17.72
N GLU A 368 11.55 12.62 -18.55
CA GLU A 368 11.00 13.71 -19.34
C GLU A 368 9.89 13.35 -20.33
N THR A 369 10.10 12.31 -21.12
CA THR A 369 9.09 11.97 -22.12
C THR A 369 8.08 10.95 -21.67
N ASN A 370 8.15 10.57 -20.40
CA ASN A 370 7.17 9.64 -19.86
C ASN A 370 7.15 8.25 -20.45
N GLY A 371 8.26 7.55 -20.42
CA GLY A 371 8.30 6.19 -20.97
C GLY A 371 8.04 5.07 -19.98
N TYR A 372 8.18 5.33 -18.68
CA TYR A 372 7.96 4.27 -17.69
C TYR A 372 6.49 3.92 -17.55
N ALA A 373 6.20 2.67 -17.88
CA ALA A 373 4.84 2.14 -17.85
C ALA A 373 4.21 2.30 -16.46
N SER A 374 2.91 2.52 -16.45
CA SER A 374 2.17 2.65 -15.21
C SER A 374 2.26 1.35 -14.43
N SER A 375 2.00 1.40 -13.13
CA SER A 375 2.02 0.19 -12.33
C SER A 375 0.95 -0.72 -12.94
N HIS A 376 1.10 -2.02 -12.76
CA HIS A 376 0.19 -3.01 -13.34
C HIS A 376 0.40 -3.20 -14.85
N SER A 377 1.24 -2.38 -15.47
CA SER A 377 1.47 -2.55 -16.91
C SER A 377 2.49 -3.67 -17.19
N PRO A 378 2.25 -4.48 -18.25
CA PRO A 378 3.20 -5.55 -18.56
C PRO A 378 4.57 -4.94 -18.92
N LEU A 379 4.59 -3.64 -19.23
CA LEU A 379 5.82 -2.93 -19.61
C LEU A 379 6.45 -2.13 -18.47
N TYR A 380 5.88 -2.26 -17.29
CA TYR A 380 6.38 -1.58 -16.09
C TYR A 380 7.87 -1.87 -15.85
N ARG A 381 8.62 -0.82 -15.58
CA ARG A 381 10.04 -0.92 -15.31
C ARG A 381 10.34 -0.06 -14.08
N ILE A 382 11.48 -0.37 -13.46
CA ILE A 382 11.96 0.42 -12.35
C ILE A 382 13.24 1.07 -12.89
N ASN A 383 13.39 2.38 -12.70
CA ASN A 383 14.64 3.03 -13.10
C ASN A 383 15.52 2.68 -11.89
N GLU A 384 16.43 1.73 -12.06
CA GLU A 384 17.26 1.26 -10.95
C GLU A 384 18.00 2.35 -10.18
N ASP A 385 18.24 3.50 -10.81
CA ASP A 385 18.91 4.59 -10.11
C ASP A 385 18.06 5.15 -8.96
N VAL A 386 16.84 4.62 -8.79
CA VAL A 386 15.98 5.08 -7.69
C VAL A 386 16.25 4.26 -6.43
N LEU A 387 16.85 3.08 -6.57
CA LEU A 387 17.07 2.22 -5.42
C LEU A 387 17.78 2.92 -4.28
N PRO A 388 18.85 3.68 -4.57
CA PRO A 388 19.54 4.37 -3.47
C PRO A 388 18.64 5.43 -2.83
N TYR A 389 17.82 6.11 -3.64
CA TYR A 389 16.90 7.13 -3.12
C TYR A 389 16.00 6.50 -2.07
N GLY A 390 15.30 5.42 -2.44
CA GLY A 390 14.42 4.74 -1.51
C GLY A 390 15.13 4.46 -0.18
N ALA A 391 16.32 3.86 -0.26
CA ALA A 391 17.14 3.54 0.91
C ALA A 391 17.45 4.79 1.77
N ALA A 392 18.11 5.77 1.16
CA ALA A 392 18.46 6.99 1.89
C ALA A 392 17.21 7.60 2.48
N ILE A 393 16.06 7.30 1.86
CA ILE A 393 14.80 7.81 2.37
C ILE A 393 14.29 6.97 3.54
N HIS A 394 14.30 5.65 3.41
CA HIS A 394 13.89 4.82 4.55
C HIS A 394 14.79 5.07 5.76
N ALA A 395 16.09 5.07 5.51
CA ALA A 395 17.10 5.25 6.57
C ALA A 395 16.94 6.58 7.29
N SER A 396 17.12 7.67 6.55
CA SER A 396 17.02 8.99 7.13
C SER A 396 15.73 9.26 7.93
N MET A 397 14.60 8.85 7.35
CA MET A 397 13.31 9.07 8.00
C MET A 397 13.37 8.45 9.40
N ALA A 398 13.97 7.28 9.48
CA ALA A 398 14.11 6.61 10.76
C ALA A 398 14.85 7.53 11.73
N VAL A 399 16.01 8.02 11.31
CA VAL A 399 16.82 8.90 12.14
C VAL A 399 16.05 10.09 12.75
N GLN A 400 15.35 10.86 11.90
CA GLN A 400 14.59 12.00 12.39
C GLN A 400 13.49 11.66 13.39
N TYR A 401 12.67 10.66 13.09
CA TYR A 401 11.60 10.27 14.01
C TYR A 401 12.15 10.02 15.43
N LEU A 402 13.35 9.43 15.50
CA LEU A 402 14.00 9.12 16.77
C LEU A 402 14.52 10.38 17.46
N LYS A 403 15.29 11.17 16.74
CA LYS A 403 15.80 12.41 17.31
C LYS A 403 14.62 13.21 17.86
N GLU A 404 13.59 13.37 17.04
CA GLU A 404 12.42 14.14 17.46
C GLU A 404 11.62 13.48 18.58
N LYS A 405 11.47 12.16 18.51
CA LYS A 405 10.73 11.44 19.54
C LYS A 405 11.41 11.78 20.86
N ALA A 406 12.74 11.84 20.83
CA ALA A 406 13.49 12.19 22.03
C ALA A 406 13.34 13.70 22.27
N SER A 407 12.39 14.05 23.13
CA SER A 407 12.13 15.45 23.47
C SER A 407 11.79 15.53 24.95
N LYS A 16 26.15 12.90 2.59
CA LYS A 16 26.93 11.63 2.60
C LYS A 16 26.04 10.42 2.72
N LEU A 17 24.94 10.56 3.45
CA LEU A 17 24.01 9.46 3.64
C LEU A 17 23.47 8.96 2.30
N LEU A 18 23.27 9.88 1.36
CA LEU A 18 22.78 9.51 0.04
C LEU A 18 23.90 8.89 -0.78
N GLU A 19 25.09 9.49 -0.74
CA GLU A 19 26.21 8.94 -1.49
C GLU A 19 26.57 7.59 -0.87
N PHE A 20 26.27 7.43 0.41
CA PHE A 20 26.49 6.17 1.12
C PHE A 20 25.53 5.13 0.51
N ALA A 21 24.29 5.57 0.26
CA ALA A 21 23.27 4.69 -0.34
C ALA A 21 23.61 4.44 -1.82
N LYS A 22 24.28 5.41 -2.44
CA LYS A 22 24.66 5.30 -3.84
C LYS A 22 26.00 4.62 -4.09
N SER A 23 26.76 4.36 -3.03
CA SER A 23 28.07 3.74 -3.19
C SER A 23 27.96 2.44 -3.97
N PRO A 24 28.97 2.14 -4.83
CA PRO A 24 29.01 0.93 -5.65
C PRO A 24 28.71 -0.33 -4.84
N GLU A 25 29.32 -0.41 -3.66
CA GLU A 25 29.12 -1.54 -2.77
C GLU A 25 27.62 -1.72 -2.50
N VAL A 26 27.00 -0.70 -1.92
CA VAL A 26 25.59 -0.77 -1.56
C VAL A 26 24.63 -0.78 -2.78
N PHE A 27 25.00 -0.12 -3.87
CA PHE A 27 24.12 -0.09 -5.04
C PHE A 27 24.10 -1.42 -5.78
N ASP A 28 25.28 -1.97 -6.04
CA ASP A 28 25.41 -3.24 -6.75
C ASP A 28 24.62 -4.33 -6.06
N TRP A 29 24.78 -4.42 -4.74
CA TRP A 29 24.06 -5.40 -3.91
C TRP A 29 22.55 -5.23 -4.14
N MET A 30 21.99 -4.08 -3.77
CA MET A 30 20.55 -3.84 -3.98
C MET A 30 20.08 -4.22 -5.38
N VAL A 31 20.82 -3.80 -6.41
CA VAL A 31 20.41 -4.13 -7.77
C VAL A 31 20.33 -5.64 -8.01
N LYS A 32 21.29 -6.39 -7.48
CA LYS A 32 21.26 -7.83 -7.64
C LYS A 32 20.10 -8.47 -6.86
N ILE A 33 19.79 -7.93 -5.69
CA ILE A 33 18.70 -8.46 -4.89
C ILE A 33 17.36 -8.36 -5.65
N ARG A 34 17.12 -7.19 -6.24
CA ARG A 34 15.89 -6.91 -7.01
C ARG A 34 15.70 -7.79 -8.25
N ARG A 35 16.79 -7.96 -9.01
CA ARG A 35 16.76 -8.76 -10.22
C ARG A 35 16.41 -10.19 -9.88
N LYS A 36 16.97 -10.69 -8.79
CA LYS A 36 16.67 -12.05 -8.37
C LYS A 36 15.16 -12.14 -8.12
N ILE A 37 14.66 -11.30 -7.23
CA ILE A 37 13.25 -11.29 -6.92
C ILE A 37 12.41 -11.06 -8.18
N HIS A 38 12.87 -10.16 -9.04
CA HIS A 38 12.15 -9.88 -10.29
C HIS A 38 12.06 -11.12 -11.19
N GLU A 39 13.12 -11.92 -11.20
CA GLU A 39 13.17 -13.14 -12.02
C GLU A 39 12.35 -14.29 -11.41
N ASN A 40 12.09 -14.20 -10.10
CA ASN A 40 11.32 -15.25 -9.43
C ASN A 40 10.13 -14.62 -8.70
N PRO A 41 9.18 -14.06 -9.46
CA PRO A 41 8.03 -13.44 -8.80
C PRO A 41 7.06 -14.49 -8.21
N GLU A 42 6.58 -14.23 -7.00
CA GLU A 42 5.67 -15.14 -6.34
C GLU A 42 4.47 -14.34 -5.89
N LEU A 43 3.31 -14.98 -5.86
CA LEU A 43 2.08 -14.30 -5.48
C LEU A 43 1.83 -14.30 -3.96
N GLY A 44 0.77 -13.60 -3.55
CA GLY A 44 0.41 -13.49 -2.14
C GLY A 44 0.49 -14.76 -1.32
N TYR A 45 1.21 -14.68 -0.21
CA TYR A 45 1.43 -15.79 0.72
C TYR A 45 2.26 -16.94 0.17
N GLU A 46 2.74 -16.80 -1.06
CA GLU A 46 3.56 -17.83 -1.70
C GLU A 46 4.96 -17.28 -2.00
N GLU A 47 5.37 -16.24 -1.27
CA GLU A 47 6.66 -15.59 -1.49
C GLU A 47 7.81 -16.26 -0.70
N LEU A 48 7.92 -17.57 -0.82
CA LEU A 48 8.94 -18.34 -0.11
C LEU A 48 10.39 -17.90 -0.36
N GLU A 49 10.76 -17.84 -1.63
CA GLU A 49 12.11 -17.47 -2.00
C GLU A 49 12.42 -16.01 -1.69
N THR A 50 11.42 -15.14 -1.84
CA THR A 50 11.61 -13.72 -1.56
C THR A 50 11.89 -13.57 -0.05
N SER A 51 11.12 -14.28 0.76
CA SER A 51 11.27 -14.26 2.22
C SER A 51 12.64 -14.82 2.67
N LYS A 52 13.08 -15.93 2.07
CA LYS A 52 14.41 -16.51 2.43
C LYS A 52 15.54 -15.51 2.13
N LEU A 53 15.43 -14.80 1.01
CA LEU A 53 16.45 -13.81 0.63
C LEU A 53 16.52 -12.65 1.63
N ILE A 54 15.36 -12.12 2.01
CA ILE A 54 15.31 -11.03 2.97
C ILE A 54 15.94 -11.47 4.29
N ARG A 55 15.56 -12.64 4.76
CA ARG A 55 16.09 -13.17 6.02
C ARG A 55 17.62 -13.40 5.95
N SER A 56 18.13 -13.83 4.81
CA SER A 56 19.57 -14.05 4.66
C SER A 56 20.31 -12.72 4.62
N GLU A 57 19.72 -11.74 3.95
CA GLU A 57 20.37 -10.45 3.86
C GLU A 57 20.39 -9.78 5.22
N LEU A 58 19.34 -9.97 6.01
CA LEU A 58 19.30 -9.36 7.34
C LEU A 58 20.28 -10.15 8.21
N GLU A 59 20.39 -11.45 7.94
CA GLU A 59 21.33 -12.28 8.68
C GLU A 59 22.78 -11.95 8.29
N LEU A 60 22.96 -11.44 7.08
CA LEU A 60 24.29 -11.07 6.59
C LEU A 60 24.61 -9.63 7.03
N ILE A 61 23.59 -8.81 7.25
CA ILE A 61 23.86 -7.46 7.70
C ILE A 61 24.10 -7.43 9.22
N GLY A 62 23.35 -8.27 9.93
CA GLY A 62 23.45 -8.34 11.39
C GLY A 62 22.18 -7.84 12.04
N ILE A 63 21.05 -8.43 11.65
CA ILE A 63 19.74 -8.01 12.13
C ILE A 63 18.86 -9.21 12.49
N LYS A 64 18.41 -9.24 13.74
CA LYS A 64 17.53 -10.30 14.24
C LYS A 64 16.14 -10.08 13.65
N TYR A 65 15.35 -11.15 13.58
CA TYR A 65 14.01 -11.02 13.02
C TYR A 65 13.05 -12.08 13.55
N ARG A 66 11.76 -11.78 13.39
CA ARG A 66 10.68 -12.66 13.77
C ARG A 66 10.11 -13.21 12.47
N TYR A 67 10.07 -14.52 12.37
CA TYR A 67 9.56 -15.20 11.18
C TYR A 67 9.01 -16.55 11.66
N PRO A 68 7.86 -16.98 11.14
CA PRO A 68 7.00 -16.32 10.15
C PRO A 68 5.90 -15.41 10.71
N VAL A 69 5.65 -14.31 10.00
CA VAL A 69 4.57 -13.41 10.38
C VAL A 69 3.70 -13.34 9.11
N ALA A 70 2.46 -13.78 9.22
CA ALA A 70 1.55 -13.81 8.07
C ALA A 70 2.10 -14.73 6.97
N ILE A 71 2.50 -15.93 7.40
CA ILE A 71 3.00 -16.99 6.53
C ILE A 71 4.41 -16.79 5.96
N THR A 72 4.62 -15.72 5.19
CA THR A 72 5.93 -15.50 4.60
C THR A 72 6.59 -14.23 5.11
N GLY A 73 5.83 -13.46 5.87
CA GLY A 73 6.33 -12.19 6.39
C GLY A 73 7.47 -12.26 7.36
N VAL A 74 8.24 -11.18 7.38
CA VAL A 74 9.41 -11.09 8.23
C VAL A 74 9.46 -9.72 8.90
N ILE A 75 9.84 -9.69 10.16
CA ILE A 75 9.98 -8.43 10.87
C ILE A 75 11.38 -8.38 11.50
N GLY A 76 12.20 -7.43 11.05
CA GLY A 76 13.55 -7.28 11.58
C GLY A 76 13.65 -6.11 12.55
N TYR A 77 14.73 -6.07 13.32
CA TYR A 77 14.94 -5.01 14.31
C TYR A 77 16.36 -4.47 14.26
N ILE A 78 16.50 -3.15 14.43
CA ILE A 78 17.82 -2.53 14.44
C ILE A 78 17.75 -1.39 15.42
N GLY A 79 18.68 -1.36 16.38
CA GLY A 79 18.68 -0.29 17.36
C GLY A 79 18.95 -0.80 18.78
N THR A 80 18.47 -0.05 19.76
CA THR A 80 18.66 -0.43 21.16
C THR A 80 17.97 -1.74 21.50
N GLY A 81 16.84 -2.00 20.86
CA GLY A 81 16.09 -3.19 21.19
C GLY A 81 14.97 -2.77 22.14
N GLU A 82 14.97 -1.51 22.54
CA GLU A 82 13.96 -0.95 23.44
C GLU A 82 13.19 0.19 22.76
N PRO A 83 12.05 0.59 23.34
CA PRO A 83 11.27 1.69 22.74
C PRO A 83 12.09 2.98 22.78
N PRO A 84 11.72 3.98 21.95
CA PRO A 84 10.60 3.95 21.00
C PRO A 84 10.85 3.06 19.78
N PHE A 85 9.76 2.49 19.28
CA PHE A 85 9.81 1.64 18.10
C PHE A 85 9.16 2.37 16.94
N VAL A 86 9.88 2.44 15.82
CA VAL A 86 9.34 3.05 14.61
C VAL A 86 9.47 2.00 13.52
N ALA A 87 8.45 1.90 12.66
CA ALA A 87 8.44 0.87 11.63
C ALA A 87 8.57 1.39 10.20
N LEU A 88 9.19 0.55 9.35
CA LEU A 88 9.38 0.78 7.91
C LEU A 88 8.75 -0.47 7.29
N ARG A 89 8.08 -0.31 6.15
CA ARG A 89 7.35 -1.43 5.55
C ARG A 89 7.55 -1.59 4.05
N ALA A 90 7.61 -2.83 3.59
CA ALA A 90 7.75 -3.17 2.16
C ALA A 90 6.96 -4.45 1.84
N ASP A 91 6.10 -4.39 0.81
CA ASP A 91 5.33 -5.56 0.39
C ASP A 91 6.17 -6.42 -0.54
N MET A 92 5.91 -7.72 -0.56
CA MET A 92 6.72 -8.66 -1.35
C MET A 92 6.08 -9.37 -2.54
N ASP A 93 4.76 -9.30 -2.66
CA ASP A 93 4.07 -10.05 -3.72
C ASP A 93 4.05 -9.41 -5.10
N ALA A 94 4.09 -10.26 -6.11
CA ALA A 94 4.06 -9.86 -7.52
C ALA A 94 2.62 -10.04 -8.03
N LEU A 95 2.44 -9.77 -9.32
CA LEU A 95 1.13 -9.89 -9.95
C LEU A 95 1.12 -11.07 -10.94
N PRO A 96 -0.05 -11.71 -11.12
CA PRO A 96 -0.16 -12.84 -12.04
C PRO A 96 -0.33 -12.41 -13.49
N ILE A 97 0.72 -11.81 -14.04
CA ILE A 97 0.70 -11.35 -15.41
C ILE A 97 2.07 -11.60 -16.05
N GLN A 98 2.09 -12.01 -17.32
CA GLN A 98 3.35 -12.23 -18.01
C GLN A 98 3.93 -10.85 -18.35
N GLU A 99 5.23 -10.71 -18.16
CA GLU A 99 5.91 -9.46 -18.42
C GLU A 99 6.06 -9.17 -19.92
N GLY A 100 6.10 -7.89 -20.28
CA GLY A 100 6.25 -7.51 -21.68
C GLY A 100 7.59 -6.85 -21.94
N VAL A 101 8.41 -6.70 -20.90
CA VAL A 101 9.72 -6.08 -21.02
C VAL A 101 10.73 -7.15 -21.41
N GLU A 102 11.44 -6.94 -22.51
CA GLU A 102 12.45 -7.92 -22.93
C GLU A 102 13.82 -7.51 -22.37
N TRP A 103 14.37 -8.32 -21.48
CA TRP A 103 15.67 -8.03 -20.89
C TRP A 103 16.18 -9.22 -20.13
N GLU A 104 17.46 -9.16 -19.77
CA GLU A 104 18.14 -10.23 -19.07
C GLU A 104 17.43 -10.69 -17.80
N HIS A 105 16.96 -9.74 -17.01
CA HIS A 105 16.34 -10.01 -15.72
C HIS A 105 14.80 -10.12 -15.71
N LYS A 106 14.24 -10.33 -16.88
CA LYS A 106 12.79 -10.49 -17.02
C LYS A 106 12.36 -11.70 -16.19
N SER A 107 11.11 -11.68 -15.72
CA SER A 107 10.59 -12.80 -14.94
C SER A 107 10.82 -14.14 -15.66
N LYS A 108 11.42 -15.08 -14.94
CA LYS A 108 11.68 -16.40 -15.49
C LYS A 108 10.48 -17.30 -15.17
N ILE A 109 9.45 -16.70 -14.59
CA ILE A 109 8.23 -17.42 -14.23
C ILE A 109 7.10 -16.90 -15.13
N ALA A 110 6.71 -17.72 -16.10
CA ALA A 110 5.68 -17.28 -17.04
C ALA A 110 4.36 -16.92 -16.36
N GLY A 111 3.79 -15.78 -16.75
CA GLY A 111 2.53 -15.36 -16.19
C GLY A 111 2.61 -14.63 -14.87
N LYS A 112 3.83 -14.31 -14.41
CA LYS A 112 3.99 -13.58 -13.16
C LYS A 112 4.97 -12.46 -13.40
N MET A 113 4.70 -11.32 -12.76
CA MET A 113 5.56 -10.16 -12.92
C MET A 113 5.41 -9.16 -11.76
N HIS A 114 6.53 -8.58 -11.36
CA HIS A 114 6.51 -7.55 -10.33
C HIS A 114 6.14 -6.26 -11.07
N ALA A 115 4.87 -6.16 -11.43
CA ALA A 115 4.33 -5.02 -12.17
C ALA A 115 3.97 -3.79 -11.29
N CYS A 116 4.27 -3.85 -9.99
CA CYS A 116 3.96 -2.71 -9.12
C CYS A 116 5.23 -2.34 -8.35
N GLY A 117 6.33 -3.02 -8.69
CA GLY A 117 7.62 -2.76 -8.09
C GLY A 117 7.87 -3.30 -6.69
N HIS A 118 7.11 -4.29 -6.25
CA HIS A 118 7.31 -4.78 -4.90
C HIS A 118 8.71 -5.36 -4.70
N ASP A 119 9.34 -5.78 -5.80
CA ASP A 119 10.72 -6.26 -5.73
C ASP A 119 11.62 -5.06 -5.36
N GLY A 120 11.29 -3.89 -5.91
CA GLY A 120 12.05 -2.68 -5.60
C GLY A 120 11.83 -2.22 -4.15
N HIS A 121 10.59 -2.34 -3.66
CA HIS A 121 10.29 -1.94 -2.28
C HIS A 121 11.08 -2.78 -1.28
N VAL A 122 11.07 -4.10 -1.47
CA VAL A 122 11.83 -4.98 -0.58
C VAL A 122 13.30 -4.56 -0.63
N THR A 123 13.79 -4.31 -1.84
CA THR A 123 15.16 -3.94 -2.06
C THR A 123 15.57 -2.68 -1.32
N MET A 124 14.75 -1.63 -1.43
CA MET A 124 15.08 -0.39 -0.78
C MET A 124 15.01 -0.51 0.73
N LEU A 125 14.19 -1.44 1.23
CA LEU A 125 14.08 -1.61 2.68
C LEU A 125 15.32 -2.39 3.17
N LEU A 126 15.80 -3.35 2.38
CA LEU A 126 17.01 -4.09 2.77
C LEU A 126 18.18 -3.10 2.69
N GLY A 127 18.11 -2.16 1.75
CA GLY A 127 19.16 -1.14 1.63
C GLY A 127 19.16 -0.22 2.84
N ALA A 128 17.96 0.18 3.26
CA ALA A 128 17.82 1.04 4.43
C ALA A 128 18.39 0.30 5.67
N ALA A 129 18.08 -0.98 5.79
CA ALA A 129 18.55 -1.82 6.89
C ALA A 129 20.08 -1.87 6.89
N LYS A 130 20.68 -1.81 5.70
CA LYS A 130 22.15 -1.82 5.64
C LYS A 130 22.68 -0.52 6.23
N ILE A 131 22.18 0.60 5.72
CA ILE A 131 22.62 1.93 6.19
C ILE A 131 22.28 2.18 7.68
N LEU A 132 21.16 1.65 8.15
CA LEU A 132 20.77 1.84 9.55
C LEU A 132 21.65 0.99 10.48
N HIS A 133 22.05 -0.18 9.98
CA HIS A 133 22.88 -1.05 10.78
C HIS A 133 24.23 -0.41 11.07
N GLU A 134 24.73 0.41 10.14
CA GLU A 134 26.02 1.08 10.35
C GLU A 134 25.92 2.25 11.34
N HIS A 135 24.70 2.59 11.73
CA HIS A 135 24.48 3.68 12.70
C HIS A 135 23.69 3.14 13.89
N ARG A 136 23.63 1.82 14.02
CA ARG A 136 22.82 1.19 15.07
C ARG A 136 23.01 1.63 16.51
N HIS A 137 24.25 1.94 16.90
CA HIS A 137 24.49 2.35 18.28
C HIS A 137 24.13 3.81 18.50
N HIS A 138 23.77 4.50 17.43
CA HIS A 138 23.41 5.91 17.51
C HIS A 138 21.90 6.14 17.46
N LEU A 139 21.15 5.08 17.17
CA LEU A 139 19.69 5.16 17.09
C LEU A 139 19.09 5.28 18.49
N GLN A 140 18.21 6.26 18.68
CA GLN A 140 17.59 6.46 19.98
C GLN A 140 16.32 5.61 20.11
N GLY A 141 16.52 4.31 19.99
CA GLY A 141 15.41 3.37 20.09
C GLY A 141 15.64 2.18 19.18
N THR A 142 14.59 1.78 18.47
CA THR A 142 14.64 0.63 17.59
C THR A 142 13.78 0.83 16.32
N VAL A 143 14.31 0.37 15.18
CA VAL A 143 13.59 0.48 13.91
C VAL A 143 13.06 -0.92 13.65
N VAL A 144 11.77 -1.01 13.34
CA VAL A 144 11.12 -2.30 13.07
C VAL A 144 10.92 -2.40 11.55
N LEU A 145 11.53 -3.41 10.93
CA LEU A 145 11.45 -3.61 9.48
C LEU A 145 10.38 -4.63 9.18
N ILE A 146 9.37 -4.20 8.44
CA ILE A 146 8.26 -5.10 8.13
C ILE A 146 8.19 -5.48 6.65
N PHE A 147 8.50 -6.74 6.38
CA PHE A 147 8.43 -7.30 5.04
C PHE A 147 7.13 -8.06 5.10
N GLN A 148 6.15 -7.51 4.39
CA GLN A 148 4.78 -7.99 4.41
C GLN A 148 4.27 -8.62 3.11
N PRO A 149 3.51 -9.71 3.22
CA PRO A 149 2.92 -10.44 2.11
C PRO A 149 1.51 -10.04 1.71
N ALA A 150 1.12 -10.49 0.53
CA ALA A 150 -0.25 -10.34 0.04
C ALA A 150 -0.86 -8.95 0.06
N GLU A 151 -0.10 -7.97 -0.39
CA GLU A 151 -0.60 -6.62 -0.48
C GLU A 151 -1.65 -6.56 -1.60
N GLU A 152 -1.46 -7.31 -2.68
CA GLU A 152 -2.39 -7.21 -3.81
C GLU A 152 -3.80 -7.72 -3.57
N GLY A 153 -3.93 -8.71 -2.70
CA GLY A 153 -5.24 -9.22 -2.37
C GLY A 153 -5.83 -8.41 -1.23
N LEU A 154 -5.01 -7.51 -0.68
CA LEU A 154 -5.40 -6.61 0.41
C LEU A 154 -5.64 -7.25 1.78
N SER A 155 -5.01 -8.39 2.03
CA SER A 155 -5.19 -9.03 3.32
C SER A 155 -3.90 -9.14 4.12
N GLY A 156 -2.76 -8.96 3.45
CA GLY A 156 -1.48 -9.10 4.13
C GLY A 156 -1.20 -8.19 5.31
N ALA A 157 -1.41 -6.90 5.13
CA ALA A 157 -1.18 -5.95 6.21
C ALA A 157 -2.13 -6.27 7.37
N LYS A 158 -3.39 -6.56 7.03
CA LYS A 158 -4.39 -6.89 8.05
C LYS A 158 -4.03 -8.22 8.73
N LYS A 159 -3.46 -9.15 7.96
CA LYS A 159 -3.07 -10.44 8.54
C LYS A 159 -1.88 -10.27 9.49
N MET A 160 -0.97 -9.36 9.17
CA MET A 160 0.19 -9.13 10.05
C MET A 160 -0.25 -8.40 11.31
N ARG A 161 -1.17 -7.45 11.15
CA ARG A 161 -1.69 -6.67 12.27
C ARG A 161 -2.35 -7.62 13.27
N GLU A 162 -3.08 -8.59 12.74
CA GLU A 162 -3.75 -9.59 13.57
C GLU A 162 -2.72 -10.35 14.40
N GLU A 163 -1.58 -10.65 13.78
CA GLU A 163 -0.51 -11.38 14.46
C GLU A 163 0.41 -10.52 15.32
N GLY A 164 -0.03 -9.29 15.60
CA GLY A 164 0.72 -8.40 16.46
C GLY A 164 1.88 -7.61 15.90
N ALA A 165 1.92 -7.41 14.59
CA ALA A 165 3.00 -6.67 13.97
C ALA A 165 3.17 -5.25 14.50
N LEU A 166 2.05 -4.62 14.90
CA LEU A 166 2.12 -3.25 15.39
C LEU A 166 2.27 -3.08 16.90
N LYS A 167 2.37 -4.19 17.63
CA LYS A 167 2.49 -4.13 19.09
C LYS A 167 3.50 -3.09 19.57
N ASN A 168 3.00 -2.07 20.26
CA ASN A 168 3.85 -1.00 20.80
C ASN A 168 4.64 -0.21 19.76
N VAL A 169 4.15 -0.20 18.52
CA VAL A 169 4.80 0.56 17.46
C VAL A 169 4.17 1.97 17.44
N GLU A 170 5.01 2.98 17.50
CA GLU A 170 4.54 4.36 17.53
C GLU A 170 4.27 5.05 16.18
N ALA A 171 4.91 4.57 15.12
CA ALA A 171 4.73 5.16 13.81
C ALA A 171 5.18 4.16 12.76
N ILE A 172 4.65 4.29 11.55
CA ILE A 172 5.05 3.40 10.48
C ILE A 172 5.09 4.19 9.17
N PHE A 173 6.17 4.01 8.41
CA PHE A 173 6.38 4.69 7.13
C PHE A 173 6.48 3.69 5.99
N GLY A 174 5.85 4.03 4.87
CA GLY A 174 5.90 3.16 3.70
C GLY A 174 6.22 4.01 2.47
N ILE A 175 6.91 3.39 1.50
CA ILE A 175 7.26 4.07 0.27
C ILE A 175 6.69 3.27 -0.91
N HIS A 176 6.17 3.99 -1.92
CA HIS A 176 5.65 3.34 -3.11
C HIS A 176 6.25 4.00 -4.35
N LEU A 177 6.96 3.23 -5.17
CA LEU A 177 7.55 3.74 -6.40
C LEU A 177 6.38 4.14 -7.33
N SER A 178 6.57 5.20 -8.09
CA SER A 178 5.49 5.65 -8.96
C SER A 178 5.96 6.13 -10.32
N ALA A 179 5.11 5.92 -11.32
CA ALA A 179 5.36 6.36 -12.70
C ALA A 179 4.65 7.69 -12.92
N ARG A 180 3.93 8.16 -11.90
CA ARG A 180 3.19 9.43 -12.04
C ARG A 180 3.88 10.61 -11.34
N ILE A 181 5.07 10.35 -10.81
CA ILE A 181 5.85 11.36 -10.09
C ILE A 181 7.23 11.44 -10.77
N PRO A 182 7.81 12.65 -10.90
CA PRO A 182 9.12 12.74 -11.55
C PRO A 182 10.18 11.93 -10.82
N PHE A 183 11.16 11.42 -11.57
CA PHE A 183 12.24 10.62 -11.03
C PHE A 183 12.91 11.24 -9.80
N GLY A 184 13.09 10.42 -8.77
CA GLY A 184 13.75 10.85 -7.55
C GLY A 184 13.01 11.75 -6.59
N LYS A 185 11.86 12.28 -6.99
CA LYS A 185 11.10 13.14 -6.10
C LYS A 185 10.15 12.27 -5.28
N ALA A 186 9.87 12.70 -4.05
CA ALA A 186 8.99 11.95 -3.17
C ALA A 186 7.71 12.76 -2.98
N ALA A 187 6.56 12.11 -3.03
CA ALA A 187 5.31 12.82 -2.91
C ALA A 187 4.50 12.42 -1.69
N SER A 188 3.70 13.35 -1.17
CA SER A 188 2.87 13.06 -0.01
C SER A 188 1.95 14.23 0.26
N ARG A 189 1.04 14.03 1.21
CA ARG A 189 0.10 15.06 1.63
C ARG A 189 -0.44 14.60 2.98
N ALA A 190 -0.76 15.55 3.84
CA ALA A 190 -1.32 15.22 5.16
C ALA A 190 -2.80 14.85 5.01
N GLY A 191 -3.28 13.99 5.91
CA GLY A 191 -4.68 13.61 5.88
C GLY A 191 -4.98 12.48 4.93
N SER A 192 -6.23 12.39 4.48
CA SER A 192 -6.62 11.32 3.57
C SER A 192 -5.82 11.39 2.27
N PHE A 193 -5.29 10.25 1.84
CA PHE A 193 -4.44 10.19 0.66
C PHE A 193 -5.03 9.24 -0.36
N LEU A 194 -5.22 7.98 0.02
CA LEU A 194 -5.78 6.99 -0.87
C LEU A 194 -7.18 6.67 -0.38
N ALA A 195 -8.10 6.45 -1.31
CA ALA A 195 -9.48 6.18 -0.92
C ALA A 195 -9.72 4.81 -0.29
N GLY A 196 -10.76 4.73 0.54
CA GLY A 196 -11.14 3.47 1.15
C GLY A 196 -11.91 2.67 0.11
N ALA A 197 -12.24 1.42 0.44
CA ALA A 197 -12.99 0.57 -0.47
C ALA A 197 -13.80 -0.46 0.29
N GLY A 198 -15.12 -0.42 0.10
CA GLY A 198 -15.99 -1.36 0.76
C GLY A 198 -16.71 -2.14 -0.33
N VAL A 199 -17.09 -3.39 -0.05
CA VAL A 199 -17.82 -4.20 -1.03
C VAL A 199 -19.20 -4.41 -0.44
N PHE A 200 -20.19 -4.69 -1.27
CA PHE A 200 -21.53 -4.92 -0.76
C PHE A 200 -22.25 -5.95 -1.60
N GLU A 201 -23.31 -6.49 -1.02
CA GLU A 201 -24.13 -7.49 -1.71
C GLU A 201 -25.42 -7.58 -0.91
N ALA A 202 -26.55 -7.40 -1.58
CA ALA A 202 -27.84 -7.47 -0.89
C ALA A 202 -28.81 -8.38 -1.64
N VAL A 203 -29.78 -8.92 -0.91
CA VAL A 203 -30.80 -9.78 -1.53
C VAL A 203 -32.16 -9.13 -1.43
N ILE A 204 -32.83 -9.02 -2.57
CA ILE A 204 -34.15 -8.40 -2.63
C ILE A 204 -35.22 -9.48 -2.84
N THR A 205 -36.30 -9.38 -2.08
CA THR A 205 -37.41 -10.34 -2.16
C THR A 205 -38.77 -9.66 -2.14
N GLY A 206 -39.83 -10.42 -2.44
CA GLY A 206 -41.17 -9.85 -2.42
C GLY A 206 -41.76 -9.84 -1.03
N LYS A 207 -42.83 -9.07 -0.85
CA LYS A 207 -43.50 -8.98 0.44
C LYS A 207 -44.93 -9.47 0.32
N THR A 217 -45.60 -9.79 -8.05
CA THR A 217 -45.20 -10.72 -9.10
C THR A 217 -43.84 -10.36 -9.70
N ILE A 218 -43.72 -9.13 -10.19
CA ILE A 218 -42.48 -8.66 -10.81
C ILE A 218 -41.79 -7.57 -10.00
N ASP A 219 -42.28 -7.31 -8.79
CA ASP A 219 -41.72 -6.27 -7.95
C ASP A 219 -40.23 -6.39 -7.66
N PRO A 220 -39.72 -7.62 -7.46
CA PRO A 220 -38.28 -7.74 -7.18
C PRO A 220 -37.45 -7.25 -8.37
N VAL A 221 -37.90 -7.58 -9.58
CA VAL A 221 -37.21 -7.17 -10.81
C VAL A 221 -37.25 -5.65 -10.97
N VAL A 222 -38.43 -5.08 -10.75
CA VAL A 222 -38.59 -3.63 -10.87
C VAL A 222 -37.77 -2.91 -9.81
N ALA A 223 -37.88 -3.38 -8.57
CA ALA A 223 -37.15 -2.81 -7.45
C ALA A 223 -35.63 -2.83 -7.71
N ALA A 224 -35.15 -3.94 -8.27
CA ALA A 224 -33.73 -4.10 -8.55
C ALA A 224 -33.22 -3.06 -9.54
N SER A 225 -33.81 -3.00 -10.73
CA SER A 225 -33.37 -2.04 -11.73
C SER A 225 -33.46 -0.61 -11.18
N SER A 226 -34.42 -0.39 -10.31
CA SER A 226 -34.62 0.91 -9.68
C SER A 226 -33.47 1.20 -8.71
N ILE A 227 -33.10 0.20 -7.92
CA ILE A 227 -32.01 0.34 -6.96
C ILE A 227 -30.69 0.52 -7.68
N VAL A 228 -30.48 -0.22 -8.77
CA VAL A 228 -29.25 -0.14 -9.53
C VAL A 228 -29.06 1.26 -10.09
N LEU A 229 -30.10 1.81 -10.71
CA LEU A 229 -29.98 3.15 -11.26
C LEU A 229 -29.78 4.18 -10.14
N SER A 230 -30.45 3.97 -9.02
CA SER A 230 -30.31 4.90 -7.90
C SER A 230 -28.92 4.80 -7.26
N LEU A 231 -28.28 3.66 -7.39
CA LEU A 231 -26.94 3.47 -6.82
C LEU A 231 -25.85 3.98 -7.77
N GLN A 232 -25.99 3.71 -9.05
CA GLN A 232 -25.01 4.17 -10.02
C GLN A 232 -25.02 5.69 -10.02
N GLN A 233 -26.10 6.26 -9.50
CA GLN A 233 -26.25 7.69 -9.43
C GLN A 233 -25.44 8.26 -8.26
N LEU A 234 -25.16 7.43 -7.25
CA LEU A 234 -24.39 7.89 -6.09
C LEU A 234 -23.00 8.35 -6.46
N VAL A 235 -22.51 7.96 -7.64
CA VAL A 235 -21.18 8.38 -8.06
C VAL A 235 -21.23 9.90 -8.03
N SER A 236 -20.13 10.50 -7.58
CA SER A 236 -20.08 11.94 -7.50
C SER A 236 -18.67 12.50 -7.58
N ARG A 237 -18.58 13.64 -8.27
CA ARG A 237 -17.35 14.40 -8.45
C ARG A 237 -17.76 15.86 -8.66
N GLU A 238 -16.92 16.80 -8.24
CA GLU A 238 -17.24 18.21 -8.45
C GLU A 238 -15.95 18.90 -8.89
N THR A 239 -15.12 19.27 -7.92
CA THR A 239 -13.86 19.95 -8.23
C THR A 239 -12.78 19.66 -7.16
N ASP A 240 -13.19 19.14 -6.00
CA ASP A 240 -12.21 18.77 -4.96
C ASP A 240 -12.09 17.25 -5.03
N PRO A 241 -10.89 16.73 -5.36
CA PRO A 241 -10.76 15.27 -5.43
C PRO A 241 -11.19 14.49 -4.19
N LEU A 242 -10.97 15.03 -2.99
CA LEU A 242 -11.36 14.32 -1.77
C LEU A 242 -12.85 14.03 -1.66
N ASP A 243 -13.66 14.76 -2.44
CA ASP A 243 -15.11 14.55 -2.41
C ASP A 243 -15.56 13.42 -3.35
N SER A 244 -14.65 12.93 -4.19
CA SER A 244 -15.02 11.91 -5.16
C SER A 244 -15.39 10.57 -4.53
N LYS A 245 -16.55 10.06 -4.94
CA LYS A 245 -17.03 8.80 -4.45
C LYS A 245 -17.40 7.97 -5.67
N VAL A 246 -17.30 6.65 -5.52
CA VAL A 246 -17.62 5.74 -6.61
C VAL A 246 -18.43 4.58 -6.06
N VAL A 247 -19.67 4.46 -6.54
CA VAL A 247 -20.54 3.37 -6.14
C VAL A 247 -20.85 2.62 -7.43
N THR A 248 -20.60 1.32 -7.41
CA THR A 248 -20.83 0.47 -8.57
C THR A 248 -21.52 -0.83 -8.20
N VAL A 249 -22.26 -1.37 -9.16
CA VAL A 249 -22.94 -2.65 -9.00
C VAL A 249 -22.27 -3.61 -9.97
N SER A 250 -22.09 -4.86 -9.56
CA SER A 250 -21.44 -5.83 -10.42
C SER A 250 -21.99 -7.26 -10.40
N LYS A 251 -22.15 -7.85 -9.21
CA LYS A 251 -22.64 -9.22 -9.10
C LYS A 251 -24.16 -9.37 -9.07
N VAL A 252 -24.80 -9.22 -10.22
CA VAL A 252 -26.25 -9.34 -10.30
C VAL A 252 -26.67 -10.68 -10.92
N ASN A 253 -27.50 -11.44 -10.20
CA ASN A 253 -27.98 -12.72 -10.69
C ASN A 253 -29.41 -13.01 -10.24
N PRO A 262 -38.57 -14.54 -11.27
CA PRO A 262 -37.43 -14.44 -10.35
C PRO A 262 -37.90 -14.12 -8.94
N ASP A 263 -37.86 -15.13 -8.06
CA ASP A 263 -38.32 -14.97 -6.68
C ASP A 263 -37.54 -13.89 -5.91
N SER A 264 -36.24 -13.85 -6.10
CA SER A 264 -35.40 -12.86 -5.43
C SER A 264 -34.23 -12.47 -6.30
N ILE A 265 -33.70 -11.28 -6.06
CA ILE A 265 -32.58 -10.79 -6.84
C ILE A 265 -31.43 -10.42 -5.90
N THR A 266 -30.23 -10.80 -6.30
CA THR A 266 -29.03 -10.51 -5.52
C THR A 266 -28.17 -9.45 -6.22
N ILE A 267 -27.96 -8.35 -5.53
CA ILE A 267 -27.16 -7.25 -6.05
C ILE A 267 -25.79 -7.20 -5.35
N GLY A 268 -24.74 -6.91 -6.11
CA GLY A 268 -23.41 -6.83 -5.53
C GLY A 268 -22.61 -5.73 -6.19
N GLY A 269 -21.54 -5.32 -5.54
CA GLY A 269 -20.68 -4.28 -6.08
C GLY A 269 -19.81 -3.73 -4.97
N THR A 270 -19.39 -2.48 -5.11
CA THR A 270 -18.53 -1.87 -4.10
C THR A 270 -18.81 -0.36 -3.98
N LEU A 271 -18.19 0.27 -2.98
CA LEU A 271 -18.36 1.70 -2.78
C LEU A 271 -17.06 2.27 -2.21
N ARG A 272 -16.59 3.36 -2.80
CA ARG A 272 -15.33 3.98 -2.36
C ARG A 272 -15.44 5.47 -2.16
N ALA A 273 -14.62 5.96 -1.23
CA ALA A 273 -14.59 7.38 -0.88
C ALA A 273 -13.24 7.69 -0.23
N PHE A 274 -12.83 8.95 -0.32
CA PHE A 274 -11.57 9.40 0.28
C PHE A 274 -11.86 9.83 1.71
N THR A 275 -13.09 10.28 1.92
CA THR A 275 -13.57 10.79 3.21
C THR A 275 -15.09 10.61 3.29
N GLY A 276 -15.62 10.36 4.49
CA GLY A 276 -17.06 10.17 4.65
C GLY A 276 -17.51 8.76 4.23
N PHE A 277 -16.59 7.81 4.33
CA PHE A 277 -16.90 6.44 3.93
C PHE A 277 -18.11 5.85 4.67
N THR A 278 -18.31 6.26 5.93
CA THR A 278 -19.44 5.78 6.75
C THR A 278 -20.78 6.20 6.17
N GLN A 279 -20.86 7.47 5.79
CA GLN A 279 -22.08 8.00 5.20
C GLN A 279 -22.38 7.29 3.89
N LEU A 280 -21.37 6.97 3.11
CA LEU A 280 -21.59 6.30 1.83
C LEU A 280 -22.18 4.92 2.08
N GLN A 281 -21.58 4.17 3.00
CA GLN A 281 -22.08 2.85 3.35
C GLN A 281 -23.55 2.93 3.78
N GLN A 282 -23.85 3.81 4.74
CA GLN A 282 -25.23 3.97 5.20
C GLN A 282 -26.14 4.47 4.08
N ARG A 283 -25.58 5.21 3.13
CA ARG A 283 -26.38 5.72 2.02
C ARG A 283 -26.69 4.60 1.01
N VAL A 284 -25.69 3.77 0.73
CA VAL A 284 -25.87 2.67 -0.20
C VAL A 284 -26.94 1.73 0.37
N LYS A 285 -26.84 1.43 1.66
CA LYS A 285 -27.81 0.56 2.33
C LYS A 285 -29.20 1.19 2.32
N GLU A 286 -29.26 2.45 2.73
CA GLU A 286 -30.53 3.18 2.76
C GLU A 286 -31.23 3.19 1.40
N VAL A 287 -30.46 3.43 0.33
CA VAL A 287 -31.05 3.45 -1.01
C VAL A 287 -31.67 2.10 -1.33
N ILE A 288 -30.90 1.04 -1.17
CA ILE A 288 -31.36 -0.32 -1.44
C ILE A 288 -32.57 -0.64 -0.58
N THR A 289 -32.49 -0.27 0.69
CA THR A 289 -33.54 -0.51 1.65
C THR A 289 -34.83 0.22 1.31
N LYS A 290 -34.78 1.55 1.27
CA LYS A 290 -35.97 2.33 0.97
C LYS A 290 -36.56 2.00 -0.39
N GLN A 291 -35.71 1.87 -1.39
CA GLN A 291 -36.20 1.55 -2.73
C GLN A 291 -36.93 0.20 -2.71
N ALA A 292 -36.38 -0.77 -1.98
CA ALA A 292 -37.03 -2.08 -1.89
C ALA A 292 -38.40 -1.91 -1.24
N ALA A 293 -38.42 -1.14 -0.15
CA ALA A 293 -39.64 -0.90 0.60
C ALA A 293 -40.77 -0.28 -0.23
N VAL A 294 -40.45 0.69 -1.09
CA VAL A 294 -41.49 1.31 -1.90
C VAL A 294 -41.89 0.49 -3.11
N HIS A 295 -41.20 -0.62 -3.33
CA HIS A 295 -41.54 -1.49 -4.45
C HIS A 295 -42.18 -2.78 -3.90
N ARG A 296 -42.69 -2.70 -2.67
CA ARG A 296 -43.34 -3.83 -2.01
C ARG A 296 -42.39 -5.03 -2.00
N CYS A 297 -41.14 -4.77 -1.65
CA CYS A 297 -40.12 -5.79 -1.59
C CYS A 297 -39.30 -5.68 -0.31
N ASN A 298 -38.72 -6.79 0.10
CA ASN A 298 -37.87 -6.83 1.28
C ASN A 298 -36.43 -6.89 0.77
N ALA A 299 -35.50 -6.45 1.61
CA ALA A 299 -34.10 -6.47 1.25
C ALA A 299 -33.23 -6.53 2.50
N SER A 300 -32.23 -7.40 2.46
CA SER A 300 -31.30 -7.54 3.56
C SER A 300 -29.97 -7.04 3.04
N VAL A 301 -29.40 -6.03 3.69
CA VAL A 301 -28.13 -5.49 3.21
C VAL A 301 -26.95 -5.76 4.13
N ASN A 302 -25.92 -6.40 3.58
CA ASN A 302 -24.72 -6.70 4.34
C ASN A 302 -23.51 -5.93 3.74
N LEU A 303 -22.89 -5.10 4.56
CA LEU A 303 -21.74 -4.29 4.15
C LEU A 303 -20.39 -4.96 4.39
N THR A 304 -20.42 -6.23 4.81
CA THR A 304 -19.18 -7.00 5.00
C THR A 304 -19.51 -8.39 4.48
N PRO A 305 -19.91 -8.50 3.20
CA PRO A 305 -20.25 -9.81 2.65
C PRO A 305 -19.18 -10.88 2.76
N ASN A 306 -19.57 -11.99 3.39
CA ASN A 306 -18.68 -13.13 3.58
C ASN A 306 -17.39 -12.72 4.26
N GLY A 307 -17.51 -11.87 5.28
CA GLY A 307 -16.34 -11.42 6.00
C GLY A 307 -15.48 -10.40 5.30
N ARG A 308 -15.89 -9.94 4.11
CA ARG A 308 -15.12 -8.94 3.37
C ARG A 308 -15.29 -7.57 4.04
N GLU A 309 -14.50 -7.28 5.05
CA GLU A 309 -14.61 -6.00 5.73
C GLU A 309 -14.04 -4.88 4.88
N PRO A 310 -14.57 -3.65 5.03
CA PRO A 310 -14.02 -2.59 4.20
C PRO A 310 -12.62 -2.17 4.59
N MET A 311 -11.87 -1.67 3.61
CA MET A 311 -10.52 -1.17 3.84
C MET A 311 -10.74 0.32 4.01
N PRO A 312 -10.23 0.89 5.11
CA PRO A 312 -10.44 2.32 5.29
C PRO A 312 -9.55 3.20 4.40
N PRO A 313 -9.90 4.49 4.27
CA PRO A 313 -9.08 5.38 3.46
C PRO A 313 -7.65 5.34 4.04
N THR A 314 -6.64 5.47 3.19
CA THR A 314 -5.26 5.47 3.66
C THR A 314 -5.03 6.87 4.20
N VAL A 315 -4.87 6.97 5.51
CA VAL A 315 -4.70 8.28 6.14
C VAL A 315 -3.27 8.55 6.58
N ASN A 316 -2.70 9.63 6.04
CA ASN A 316 -1.36 10.06 6.35
C ASN A 316 -1.44 10.92 7.60
N ASN A 317 -0.80 10.46 8.67
CA ASN A 317 -0.80 11.22 9.93
C ASN A 317 -0.15 12.57 9.64
N LYS A 318 -0.88 13.66 9.91
CA LYS A 318 -0.37 15.01 9.65
C LYS A 318 0.99 15.30 10.26
N ASP A 319 1.18 14.84 11.49
CA ASP A 319 2.43 15.08 12.16
C ASP A 319 3.63 14.41 11.47
N LEU A 320 3.46 13.17 11.03
CA LEU A 320 4.54 12.48 10.33
C LEU A 320 4.81 13.16 8.98
N TYR A 321 3.76 13.63 8.32
CA TYR A 321 3.90 14.32 7.03
C TYR A 321 4.83 15.53 7.18
N LYS A 322 4.64 16.30 8.24
CA LYS A 322 5.51 17.47 8.46
C LYS A 322 6.96 17.04 8.62
N GLN A 323 7.20 15.98 9.39
CA GLN A 323 8.57 15.49 9.60
C GLN A 323 9.15 14.95 8.30
N PHE A 324 8.31 14.29 7.51
CA PHE A 324 8.74 13.70 6.23
C PHE A 324 9.20 14.75 5.23
N LYS A 325 8.43 15.82 5.07
CA LYS A 325 8.80 16.88 4.13
C LYS A 325 10.20 17.39 4.44
N LYS A 326 10.52 17.52 5.72
CA LYS A 326 11.84 18.00 6.12
C LYS A 326 12.92 17.00 5.74
N VAL A 327 12.70 15.72 6.05
CA VAL A 327 13.67 14.69 5.71
C VAL A 327 13.97 14.69 4.20
N VAL A 328 12.92 14.79 3.38
CA VAL A 328 13.07 14.77 1.94
C VAL A 328 13.87 15.97 1.43
N ARG A 329 13.50 17.15 1.88
CA ARG A 329 14.21 18.35 1.46
C ARG A 329 15.65 18.34 1.96
N ASP A 330 15.86 18.02 3.23
CA ASP A 330 17.22 17.98 3.78
C ASP A 330 18.10 16.99 3.03
N LEU A 331 17.47 16.06 2.30
CA LEU A 331 18.22 15.06 1.56
C LEU A 331 18.36 15.34 0.06
N LEU A 332 17.26 15.71 -0.59
CA LEU A 332 17.30 15.95 -2.02
C LEU A 332 17.13 17.40 -2.46
N GLY A 333 16.99 18.33 -1.52
CA GLY A 333 16.81 19.71 -1.90
C GLY A 333 15.38 20.16 -1.80
N GLN A 334 15.17 21.46 -1.71
CA GLN A 334 13.81 22.00 -1.58
C GLN A 334 12.82 21.55 -2.64
N GLU A 335 13.29 21.48 -3.89
CA GLU A 335 12.44 21.09 -5.03
C GLU A 335 11.98 19.64 -5.10
N ALA A 336 12.61 18.76 -4.33
CA ALA A 336 12.27 17.34 -4.37
C ALA A 336 10.87 17.00 -3.83
N PHE A 337 10.48 17.65 -2.73
CA PHE A 337 9.18 17.38 -2.16
C PHE A 337 8.05 17.78 -3.11
N VAL A 338 7.22 16.80 -3.47
CA VAL A 338 6.09 17.06 -4.34
C VAL A 338 4.80 16.79 -3.55
N GLU A 339 3.98 17.82 -3.38
CA GLU A 339 2.72 17.67 -2.67
C GLU A 339 1.86 16.78 -3.56
N ALA A 340 1.39 15.66 -3.01
CA ALA A 340 0.59 14.74 -3.80
C ALA A 340 -0.92 14.98 -3.76
N ALA A 341 -1.60 14.58 -4.84
CA ALA A 341 -3.06 14.70 -4.92
C ALA A 341 -3.62 13.36 -4.46
N PRO A 342 -4.89 13.35 -4.03
CA PRO A 342 -5.56 12.12 -3.57
C PRO A 342 -5.57 11.09 -4.72
N VAL A 343 -5.48 9.81 -4.39
CA VAL A 343 -5.50 8.73 -5.39
C VAL A 343 -6.60 7.71 -5.12
N MET A 344 -7.34 7.35 -6.17
CA MET A 344 -8.41 6.37 -6.01
C MET A 344 -7.84 4.97 -6.24
N GLY A 345 -6.89 4.58 -5.38
CA GLY A 345 -6.29 3.26 -5.50
C GLY A 345 -6.28 2.54 -4.17
N SER A 346 -6.47 1.23 -4.20
CA SER A 346 -6.47 0.42 -2.98
C SER A 346 -5.05 0.06 -2.55
N GLU A 347 -4.68 0.47 -1.35
CA GLU A 347 -3.37 0.20 -0.78
C GLU A 347 -3.63 -0.26 0.66
N ASP A 348 -3.40 -1.54 0.91
CA ASP A 348 -3.66 -2.13 2.22
C ASP A 348 -2.79 -1.62 3.35
N PHE A 349 -1.88 -0.69 3.04
CA PHE A 349 -1.07 -0.03 4.07
C PHE A 349 -2.11 0.67 4.98
N SER A 350 -3.29 0.95 4.42
CA SER A 350 -4.37 1.61 5.13
C SER A 350 -4.63 0.97 6.49
N TYR A 351 -4.55 -0.36 6.55
CA TYR A 351 -4.78 -1.07 7.81
C TYR A 351 -3.74 -0.77 8.90
N PHE A 352 -2.52 -0.42 8.50
CA PHE A 352 -1.52 -0.05 9.52
C PHE A 352 -1.75 1.40 9.97
N ALA A 353 -2.07 2.28 9.02
CA ALA A 353 -2.30 3.71 9.31
C ALA A 353 -3.61 4.04 10.06
N GLU A 354 -4.51 3.07 10.14
CA GLU A 354 -5.74 3.30 10.89
C GLU A 354 -5.57 2.84 12.35
N THR A 355 -4.44 2.20 12.64
CA THR A 355 -4.17 1.69 13.99
C THR A 355 -3.02 2.40 14.72
N ILE A 356 -2.07 2.94 13.95
CA ILE A 356 -0.97 3.75 14.51
C ILE A 356 -0.69 4.86 13.49
N PRO A 357 -0.05 5.95 13.94
CA PRO A 357 0.29 7.07 13.05
C PRO A 357 1.03 6.54 11.83
N GLY A 358 0.51 6.83 10.64
CA GLY A 358 1.17 6.34 9.44
C GLY A 358 1.46 7.39 8.40
N HIS A 359 2.41 7.11 7.52
CA HIS A 359 2.76 8.05 6.47
C HIS A 359 3.33 7.26 5.30
N PHE A 360 2.49 7.14 4.25
CA PHE A 360 2.78 6.40 3.03
C PHE A 360 3.08 7.42 1.93
N SER A 361 4.24 7.30 1.31
CA SER A 361 4.63 8.25 0.27
C SER A 361 4.94 7.56 -1.05
N LEU A 362 5.00 8.36 -2.12
CA LEU A 362 5.31 7.86 -3.46
C LEU A 362 6.75 8.25 -3.77
N LEU A 363 7.45 7.38 -4.50
CA LEU A 363 8.81 7.69 -4.88
C LEU A 363 8.78 7.67 -6.42
N GLY A 364 9.17 8.79 -7.02
CA GLY A 364 9.09 8.93 -8.47
C GLY A 364 10.14 8.25 -9.31
N MET A 365 9.72 7.79 -10.49
CA MET A 365 10.59 7.11 -11.44
C MET A 365 10.46 7.69 -12.85
N GLN A 366 9.35 8.39 -13.11
CA GLN A 366 9.06 8.90 -14.44
C GLN A 366 10.16 9.77 -15.03
N ASP A 367 10.37 9.67 -16.34
CA ASP A 367 11.39 10.48 -17.00
C ASP A 367 10.74 11.65 -17.72
N GLU A 368 11.48 12.37 -18.55
CA GLU A 368 10.92 13.54 -19.20
C GLU A 368 9.84 13.29 -20.26
N THR A 369 9.83 12.10 -20.85
CA THR A 369 8.84 11.82 -21.89
C THR A 369 7.85 10.71 -21.57
N ASN A 370 7.54 10.56 -20.29
CA ASN A 370 6.59 9.54 -19.85
C ASN A 370 6.85 8.14 -20.38
N GLY A 371 8.13 7.73 -20.39
CA GLY A 371 8.46 6.41 -20.89
C GLY A 371 8.34 5.25 -19.91
N TYR A 372 8.01 5.51 -18.64
CA TYR A 372 7.88 4.43 -17.68
C TYR A 372 6.43 3.99 -17.52
N ALA A 373 6.16 2.75 -17.94
CA ALA A 373 4.82 2.18 -17.89
C ALA A 373 4.15 2.35 -16.54
N SER A 374 2.83 2.54 -16.55
CA SER A 374 2.10 2.69 -15.30
C SER A 374 1.91 1.35 -14.57
N SER A 375 1.35 1.42 -13.37
CA SER A 375 1.12 0.23 -12.55
C SER A 375 0.31 -0.86 -13.23
N HIS A 376 0.69 -2.10 -12.95
CA HIS A 376 0.03 -3.26 -13.53
C HIS A 376 0.35 -3.41 -15.01
N SER A 377 1.04 -2.44 -15.60
CA SER A 377 1.39 -2.56 -17.03
C SER A 377 2.42 -3.68 -17.26
N PRO A 378 2.26 -4.46 -18.34
CA PRO A 378 3.23 -5.52 -18.60
C PRO A 378 4.60 -4.90 -18.94
N LEU A 379 4.62 -3.60 -19.22
CA LEU A 379 5.86 -2.88 -19.57
C LEU A 379 6.50 -2.07 -18.43
N TYR A 380 5.98 -2.25 -17.23
CA TYR A 380 6.48 -1.57 -16.02
C TYR A 380 7.99 -1.66 -15.84
N ARG A 381 8.62 -0.53 -15.57
CA ARG A 381 10.06 -0.49 -15.35
C ARG A 381 10.40 0.38 -14.15
N ILE A 382 11.32 -0.11 -13.34
CA ILE A 382 11.81 0.67 -12.23
C ILE A 382 13.09 1.29 -12.80
N ASN A 383 13.31 2.58 -12.55
CA ASN A 383 14.58 3.18 -12.98
C ASN A 383 15.46 2.78 -11.79
N GLU A 384 16.34 1.79 -11.98
CA GLU A 384 17.16 1.30 -10.88
C GLU A 384 17.97 2.33 -10.12
N ASP A 385 18.22 3.49 -10.73
CA ASP A 385 18.95 4.54 -10.04
C ASP A 385 18.11 5.20 -8.94
N VAL A 386 16.83 4.81 -8.84
CA VAL A 386 15.97 5.38 -7.79
C VAL A 386 16.15 4.59 -6.48
N LEU A 387 16.74 3.41 -6.55
CA LEU A 387 16.87 2.58 -5.36
C LEU A 387 17.63 3.23 -4.21
N PRO A 388 18.75 3.91 -4.48
CA PRO A 388 19.46 4.54 -3.37
C PRO A 388 18.63 5.67 -2.72
N TYR A 389 17.77 6.33 -3.51
CA TYR A 389 16.94 7.42 -2.99
C TYR A 389 15.95 6.91 -1.95
N GLY A 390 15.31 5.77 -2.22
CA GLY A 390 14.35 5.21 -1.27
C GLY A 390 15.05 4.66 -0.02
N ALA A 391 16.20 4.02 -0.21
CA ALA A 391 16.98 3.48 0.90
C ALA A 391 17.37 4.61 1.86
N ALA A 392 17.85 5.72 1.31
CA ALA A 392 18.26 6.86 2.14
C ALA A 392 17.06 7.52 2.81
N ILE A 393 15.95 7.67 2.07
CA ILE A 393 14.76 8.28 2.65
C ILE A 393 14.26 7.42 3.82
N HIS A 394 14.19 6.11 3.61
CA HIS A 394 13.79 5.18 4.68
C HIS A 394 14.66 5.39 5.91
N ALA A 395 15.97 5.32 5.69
CA ALA A 395 16.96 5.46 6.78
C ALA A 395 16.88 6.81 7.47
N SER A 396 16.92 7.88 6.69
CA SER A 396 16.87 9.21 7.28
C SER A 396 15.59 9.46 8.09
N MET A 397 14.46 8.99 7.56
CA MET A 397 13.17 9.20 8.25
C MET A 397 13.16 8.52 9.62
N ALA A 398 13.66 7.29 9.69
CA ALA A 398 13.68 6.56 10.97
C ALA A 398 14.57 7.28 11.98
N VAL A 399 15.67 7.84 11.49
CA VAL A 399 16.64 8.55 12.33
C VAL A 399 16.04 9.83 12.89
N GLN A 400 15.42 10.64 12.05
CA GLN A 400 14.82 11.88 12.51
C GLN A 400 13.61 11.66 13.41
N TYR A 401 12.81 10.63 13.14
CA TYR A 401 11.65 10.34 13.97
C TYR A 401 12.10 10.07 15.42
N LEU A 402 13.14 9.25 15.58
CA LEU A 402 13.68 8.90 16.89
C LEU A 402 14.36 10.12 17.52
N LYS A 403 15.04 10.90 16.69
CA LYS A 403 15.70 12.10 17.17
C LYS A 403 14.66 13.06 17.77
N GLU A 404 13.60 13.36 17.01
CA GLU A 404 12.58 14.27 17.52
C GLU A 404 11.95 13.70 18.79
N LYS A 405 11.68 12.41 18.78
CA LYS A 405 11.10 11.77 19.94
C LYS A 405 12.01 12.06 21.13
N ALA A 406 13.30 11.81 20.96
CA ALA A 406 14.27 12.05 22.02
C ALA A 406 14.28 13.51 22.48
N SER A 407 14.16 14.45 21.55
CA SER A 407 14.20 15.86 21.93
C SER A 407 12.97 16.34 22.69
N LYS A 16 27.27 13.96 5.12
CA LYS A 16 28.17 12.89 4.57
C LYS A 16 27.49 11.54 4.66
N LEU A 17 26.21 11.54 4.99
CA LEU A 17 25.44 10.31 5.12
C LEU A 17 24.37 10.15 4.04
N LEU A 18 24.81 10.04 2.80
CA LEU A 18 23.93 9.86 1.65
C LEU A 18 24.71 9.19 0.54
N GLU A 19 26.03 9.31 0.61
CA GLU A 19 26.91 8.73 -0.38
C GLU A 19 26.91 7.21 -0.25
N PHE A 20 26.69 6.74 0.97
CA PHE A 20 26.68 5.32 1.25
C PHE A 20 25.65 4.59 0.39
N ALA A 21 24.35 4.88 0.58
CA ALA A 21 23.31 4.23 -0.22
C ALA A 21 23.60 4.41 -1.72
N LYS A 22 24.19 5.56 -2.06
CA LYS A 22 24.51 5.89 -3.45
C LYS A 22 25.89 5.45 -3.91
N SER A 23 26.48 4.48 -3.21
CA SER A 23 27.81 3.98 -3.59
C SER A 23 27.81 2.48 -3.88
N PRO A 24 28.91 1.95 -4.46
CA PRO A 24 29.07 0.54 -4.81
C PRO A 24 28.62 -0.47 -3.75
N GLU A 25 29.00 -0.21 -2.50
CA GLU A 25 28.65 -1.11 -1.39
C GLU A 25 27.15 -1.29 -1.19
N VAL A 26 26.39 -0.21 -1.30
CA VAL A 26 24.95 -0.29 -1.12
C VAL A 26 24.24 -0.38 -2.48
N PHE A 27 24.32 0.67 -3.28
CA PHE A 27 23.66 0.69 -4.59
C PHE A 27 23.91 -0.54 -5.45
N ASP A 28 25.17 -0.80 -5.78
CA ASP A 28 25.52 -1.96 -6.60
C ASP A 28 24.93 -3.22 -5.97
N TRP A 29 25.00 -3.28 -4.65
CA TRP A 29 24.47 -4.37 -3.84
C TRP A 29 22.94 -4.37 -3.92
N MET A 30 22.32 -3.19 -3.83
CA MET A 30 20.86 -3.09 -3.93
C MET A 30 20.37 -3.58 -5.28
N VAL A 31 21.05 -3.17 -6.34
CA VAL A 31 20.65 -3.58 -7.68
C VAL A 31 20.66 -5.10 -7.90
N LYS A 32 21.66 -5.80 -7.38
CA LYS A 32 21.67 -7.23 -7.56
C LYS A 32 20.52 -7.85 -6.80
N ILE A 33 20.22 -7.29 -5.63
CA ILE A 33 19.12 -7.81 -4.83
C ILE A 33 17.82 -7.56 -5.58
N ARG A 34 17.58 -6.32 -5.98
CA ARG A 34 16.36 -6.01 -6.71
C ARG A 34 16.16 -6.97 -7.86
N ARG A 35 17.21 -7.15 -8.68
CA ARG A 35 17.11 -8.00 -9.84
C ARG A 35 16.81 -9.46 -9.58
N LYS A 36 17.29 -9.98 -8.45
CA LYS A 36 17.01 -11.37 -8.11
C LYS A 36 15.53 -11.51 -7.78
N ILE A 37 14.99 -10.52 -7.08
CA ILE A 37 13.58 -10.59 -6.76
C ILE A 37 12.76 -10.62 -8.04
N HIS A 38 13.11 -9.73 -8.98
CA HIS A 38 12.37 -9.64 -10.23
C HIS A 38 12.30 -10.93 -11.07
N GLU A 39 13.44 -11.62 -11.22
CA GLU A 39 13.51 -12.87 -11.99
C GLU A 39 12.53 -13.93 -11.49
N ASN A 40 12.17 -13.87 -10.21
CA ASN A 40 11.25 -14.86 -9.67
C ASN A 40 10.13 -14.20 -8.86
N PRO A 41 9.15 -13.61 -9.56
CA PRO A 41 8.02 -12.96 -8.90
C PRO A 41 7.11 -13.95 -8.16
N GLU A 42 6.94 -13.70 -6.86
CA GLU A 42 6.13 -14.58 -6.02
C GLU A 42 4.86 -13.86 -5.62
N LEU A 43 3.74 -14.58 -5.75
CA LEU A 43 2.42 -14.07 -5.44
C LEU A 43 2.10 -14.07 -3.94
N GLY A 44 1.07 -13.31 -3.56
CA GLY A 44 0.65 -13.20 -2.18
C GLY A 44 0.55 -14.52 -1.43
N TYR A 45 1.16 -14.55 -0.26
CA TYR A 45 1.18 -15.73 0.60
C TYR A 45 1.96 -16.91 0.00
N GLU A 46 2.42 -16.74 -1.25
CA GLU A 46 3.18 -17.78 -1.93
C GLU A 46 4.63 -17.35 -2.16
N GLU A 47 5.03 -16.26 -1.51
CA GLU A 47 6.37 -15.72 -1.65
C GLU A 47 7.31 -16.44 -0.68
N LEU A 48 8.00 -17.47 -1.16
CA LEU A 48 8.91 -18.24 -0.33
C LEU A 48 10.40 -17.88 -0.46
N GLU A 49 10.84 -17.57 -1.67
CA GLU A 49 12.24 -17.24 -1.91
C GLU A 49 12.59 -15.78 -1.65
N THR A 50 11.60 -14.89 -1.78
CA THR A 50 11.86 -13.48 -1.54
C THR A 50 12.09 -13.28 -0.03
N SER A 51 11.38 -14.09 0.76
CA SER A 51 11.47 -14.08 2.22
C SER A 51 12.83 -14.65 2.70
N LYS A 52 13.27 -15.79 2.16
CA LYS A 52 14.58 -16.36 2.55
C LYS A 52 15.71 -15.34 2.32
N LEU A 53 15.63 -14.64 1.20
CA LEU A 53 16.62 -13.62 0.86
C LEU A 53 16.67 -12.47 1.87
N ILE A 54 15.52 -11.85 2.11
CA ILE A 54 15.39 -10.75 3.05
C ILE A 54 16.00 -11.15 4.41
N ARG A 55 15.75 -12.38 4.80
CA ARG A 55 16.25 -12.92 6.05
C ARG A 55 17.75 -13.21 5.95
N SER A 56 18.24 -13.54 4.75
CA SER A 56 19.66 -13.81 4.56
C SER A 56 20.43 -12.48 4.63
N GLU A 57 19.83 -11.44 4.08
CA GLU A 57 20.49 -10.15 4.08
C GLU A 57 20.46 -9.46 5.43
N LEU A 58 19.47 -9.77 6.26
CA LEU A 58 19.37 -9.18 7.60
C LEU A 58 20.51 -9.80 8.44
N GLU A 59 20.68 -11.11 8.29
CA GLU A 59 21.75 -11.82 9.00
C GLU A 59 23.13 -11.31 8.61
N LEU A 60 23.38 -11.23 7.30
CA LEU A 60 24.66 -10.73 6.79
C LEU A 60 24.92 -9.33 7.35
N ILE A 61 23.98 -8.41 7.18
CA ILE A 61 24.16 -7.06 7.70
C ILE A 61 24.38 -7.03 9.22
N GLY A 62 23.67 -7.88 9.95
CA GLY A 62 23.76 -7.92 11.40
C GLY A 62 22.47 -7.43 12.05
N ILE A 63 21.35 -8.03 11.65
CA ILE A 63 20.02 -7.66 12.12
C ILE A 63 19.16 -8.85 12.55
N LYS A 64 18.67 -8.80 13.78
CA LYS A 64 17.81 -9.84 14.34
C LYS A 64 16.38 -9.62 13.84
N TYR A 65 15.62 -10.71 13.69
CA TYR A 65 14.25 -10.58 13.20
C TYR A 65 13.32 -11.66 13.71
N ARG A 66 12.02 -11.39 13.59
CA ARG A 66 10.96 -12.32 13.97
C ARG A 66 10.41 -12.92 12.68
N TYR A 67 10.23 -14.23 12.67
CA TYR A 67 9.73 -14.96 11.51
C TYR A 67 9.17 -16.30 12.02
N PRO A 68 8.05 -16.77 11.46
CA PRO A 68 7.27 -16.11 10.40
C PRO A 68 6.16 -15.20 10.93
N VAL A 69 5.71 -14.31 10.08
CA VAL A 69 4.59 -13.42 10.39
C VAL A 69 3.72 -13.42 9.12
N ALA A 70 2.46 -13.84 9.27
CA ALA A 70 1.56 -13.93 8.13
C ALA A 70 2.16 -14.90 7.09
N ILE A 71 2.67 -16.03 7.61
CA ILE A 71 3.24 -17.13 6.85
C ILE A 71 4.61 -16.88 6.23
N THR A 72 4.66 -16.08 5.18
CA THR A 72 5.91 -15.80 4.49
C THR A 72 6.53 -14.50 4.97
N GLY A 73 5.76 -13.74 5.73
CA GLY A 73 6.22 -12.47 6.23
C GLY A 73 7.39 -12.52 7.19
N VAL A 74 8.10 -11.40 7.26
CA VAL A 74 9.27 -11.30 8.13
C VAL A 74 9.32 -9.93 8.76
N ILE A 75 9.77 -9.86 10.02
CA ILE A 75 9.91 -8.59 10.70
C ILE A 75 11.31 -8.53 11.33
N GLY A 76 12.12 -7.57 10.88
CA GLY A 76 13.46 -7.40 11.40
C GLY A 76 13.52 -6.28 12.44
N TYR A 77 14.62 -6.22 13.19
CA TYR A 77 14.81 -5.21 14.23
C TYR A 77 16.23 -4.68 14.22
N ILE A 78 16.38 -3.36 14.36
CA ILE A 78 17.72 -2.76 14.41
C ILE A 78 17.64 -1.68 15.48
N GLY A 79 18.66 -1.61 16.32
CA GLY A 79 18.67 -0.60 17.37
C GLY A 79 18.94 -1.16 18.76
N THR A 80 18.24 -0.62 19.75
CA THR A 80 18.39 -1.03 21.14
C THR A 80 17.61 -2.31 21.43
N GLY A 81 16.59 -2.58 20.63
CA GLY A 81 15.79 -3.74 20.91
C GLY A 81 14.77 -3.35 21.96
N GLU A 82 14.74 -2.06 22.33
CA GLU A 82 13.81 -1.53 23.31
C GLU A 82 13.00 -0.40 22.68
N PRO A 83 11.76 -0.20 23.15
CA PRO A 83 10.91 0.87 22.60
C PRO A 83 11.63 2.19 22.83
N PRO A 84 11.24 3.27 22.13
CA PRO A 84 10.19 3.47 21.13
C PRO A 84 10.43 2.72 19.83
N PHE A 85 9.38 2.05 19.32
CA PHE A 85 9.48 1.31 18.09
C PHE A 85 8.89 2.11 16.93
N VAL A 86 9.60 2.06 15.80
CA VAL A 86 9.14 2.72 14.60
C VAL A 86 9.35 1.73 13.45
N ALA A 87 8.34 1.60 12.60
CA ALA A 87 8.40 0.66 11.51
C ALA A 87 8.56 1.27 10.12
N LEU A 88 9.19 0.49 9.23
CA LEU A 88 9.41 0.83 7.82
C LEU A 88 8.76 -0.35 7.11
N ARG A 89 7.89 -0.05 6.14
CA ARG A 89 7.11 -1.07 5.45
C ARG A 89 7.42 -1.22 3.97
N ALA A 90 7.55 -2.47 3.53
CA ALA A 90 7.77 -2.81 2.12
C ALA A 90 6.94 -4.05 1.84
N ASP A 91 6.27 -4.10 0.68
CA ASP A 91 5.44 -5.25 0.30
C ASP A 91 6.34 -6.20 -0.47
N MET A 92 5.91 -7.46 -0.65
CA MET A 92 6.76 -8.44 -1.30
C MET A 92 6.18 -9.25 -2.47
N ASP A 93 4.87 -9.17 -2.68
CA ASP A 93 4.25 -9.99 -3.71
C ASP A 93 4.13 -9.37 -5.10
N ALA A 94 4.15 -10.25 -6.10
CA ALA A 94 4.04 -9.87 -7.51
C ALA A 94 2.59 -10.08 -7.97
N LEU A 95 2.39 -9.96 -9.27
CA LEU A 95 1.07 -10.11 -9.87
C LEU A 95 1.08 -11.14 -11.00
N PRO A 96 -0.05 -11.80 -11.26
CA PRO A 96 -0.15 -12.80 -12.32
C PRO A 96 -0.29 -12.12 -13.68
N ILE A 97 0.75 -11.39 -14.06
CA ILE A 97 0.83 -10.64 -15.31
C ILE A 97 2.07 -11.12 -16.06
N GLN A 98 1.97 -11.27 -17.40
CA GLN A 98 3.13 -11.68 -18.20
C GLN A 98 3.94 -10.43 -18.52
N GLU A 99 5.23 -10.44 -18.16
CA GLU A 99 6.12 -9.32 -18.39
C GLU A 99 6.38 -9.12 -19.90
N GLY A 100 6.23 -7.88 -20.36
CA GLY A 100 6.45 -7.57 -21.76
C GLY A 100 7.78 -6.84 -21.96
N VAL A 101 8.59 -6.75 -20.90
CA VAL A 101 9.88 -6.09 -20.97
C VAL A 101 10.93 -7.13 -21.32
N GLU A 102 11.41 -7.12 -22.57
CA GLU A 102 12.43 -8.07 -22.96
C GLU A 102 13.77 -7.55 -22.46
N TRP A 103 14.34 -8.23 -21.47
CA TRP A 103 15.64 -7.83 -20.93
C TRP A 103 16.25 -8.97 -20.17
N GLU A 104 17.50 -8.80 -19.81
CA GLU A 104 18.26 -9.81 -19.11
C GLU A 104 17.63 -10.35 -17.83
N HIS A 105 16.96 -9.46 -17.10
CA HIS A 105 16.36 -9.85 -15.82
C HIS A 105 14.85 -9.99 -15.79
N LYS A 106 14.26 -10.16 -16.98
CA LYS A 106 12.83 -10.35 -17.10
C LYS A 106 12.42 -11.55 -16.25
N SER A 107 11.18 -11.57 -15.77
CA SER A 107 10.70 -12.71 -14.98
C SER A 107 10.93 -14.03 -15.71
N LYS A 108 11.53 -14.98 -14.99
CA LYS A 108 11.79 -16.30 -15.54
C LYS A 108 10.62 -17.21 -15.20
N ILE A 109 9.57 -16.62 -14.64
CA ILE A 109 8.36 -17.37 -14.26
C ILE A 109 7.21 -16.85 -15.14
N ALA A 110 6.91 -17.57 -16.20
CA ALA A 110 5.86 -17.13 -17.11
C ALA A 110 4.54 -16.87 -16.40
N GLY A 111 3.84 -15.80 -16.79
CA GLY A 111 2.56 -15.51 -16.18
C GLY A 111 2.58 -14.67 -14.92
N LYS A 112 3.76 -14.36 -14.40
CA LYS A 112 3.87 -13.55 -13.20
C LYS A 112 4.91 -12.48 -13.42
N MET A 113 4.73 -11.34 -12.77
CA MET A 113 5.64 -10.23 -12.93
C MET A 113 5.53 -9.22 -11.78
N HIS A 114 6.65 -8.59 -11.46
CA HIS A 114 6.66 -7.54 -10.44
C HIS A 114 6.40 -6.23 -11.20
N ALA A 115 5.13 -6.00 -11.50
CA ALA A 115 4.70 -4.79 -12.22
C ALA A 115 4.27 -3.66 -11.29
N CYS A 116 4.57 -3.76 -9.99
CA CYS A 116 4.17 -2.67 -9.07
C CYS A 116 5.34 -2.10 -8.25
N GLY A 117 6.57 -2.47 -8.60
CA GLY A 117 7.74 -1.94 -7.90
C GLY A 117 8.05 -2.57 -6.54
N HIS A 118 7.30 -3.61 -6.16
CA HIS A 118 7.51 -4.22 -4.85
C HIS A 118 8.91 -4.79 -4.69
N ASP A 119 9.39 -5.45 -5.74
CA ASP A 119 10.77 -5.96 -5.72
C ASP A 119 11.68 -4.77 -5.33
N GLY A 120 11.37 -3.59 -5.88
CA GLY A 120 12.12 -2.39 -5.54
C GLY A 120 11.89 -1.98 -4.08
N HIS A 121 10.64 -2.09 -3.61
CA HIS A 121 10.34 -1.72 -2.22
C HIS A 121 11.14 -2.55 -1.21
N VAL A 122 11.17 -3.86 -1.42
CA VAL A 122 11.94 -4.73 -0.52
C VAL A 122 13.41 -4.33 -0.55
N THR A 123 13.93 -4.09 -1.76
CA THR A 123 15.32 -3.72 -1.95
C THR A 123 15.69 -2.42 -1.25
N MET A 124 14.82 -1.42 -1.35
CA MET A 124 15.13 -0.15 -0.72
C MET A 124 15.07 -0.27 0.81
N LEU A 125 14.26 -1.20 1.31
CA LEU A 125 14.17 -1.38 2.76
C LEU A 125 15.44 -2.11 3.24
N LEU A 126 15.89 -3.12 2.50
CA LEU A 126 17.12 -3.82 2.85
C LEU A 126 18.28 -2.82 2.74
N GLY A 127 18.19 -1.88 1.80
CA GLY A 127 19.23 -0.87 1.65
C GLY A 127 19.25 0.04 2.87
N ALA A 128 18.05 0.42 3.32
CA ALA A 128 17.89 1.27 4.47
C ALA A 128 18.42 0.55 5.73
N ALA A 129 18.19 -0.76 5.81
CA ALA A 129 18.64 -1.59 6.94
C ALA A 129 20.16 -1.62 6.99
N LYS A 130 20.82 -1.73 5.84
CA LYS A 130 22.28 -1.73 5.84
C LYS A 130 22.77 -0.36 6.31
N ILE A 131 22.06 0.68 5.91
CA ILE A 131 22.40 2.05 6.30
C ILE A 131 22.23 2.28 7.81
N LEU A 132 21.05 1.92 8.32
CA LEU A 132 20.75 2.08 9.74
C LEU A 132 21.67 1.24 10.64
N HIS A 133 22.00 0.05 10.15
CA HIS A 133 22.87 -0.84 10.91
C HIS A 133 24.24 -0.20 11.13
N GLU A 134 24.75 0.49 10.12
CA GLU A 134 26.05 1.15 10.26
C GLU A 134 25.99 2.21 11.37
N HIS A 135 24.79 2.70 11.66
CA HIS A 135 24.64 3.70 12.73
C HIS A 135 23.79 3.16 13.86
N ARG A 136 23.73 1.83 14.00
CA ARG A 136 22.86 1.22 15.01
C ARG A 136 23.03 1.62 16.47
N HIS A 137 24.25 1.95 16.88
CA HIS A 137 24.47 2.32 18.27
C HIS A 137 24.08 3.77 18.55
N HIS A 138 23.78 4.52 17.49
CA HIS A 138 23.40 5.92 17.64
C HIS A 138 21.90 6.15 17.52
N LEU A 139 21.15 5.06 17.39
CA LEU A 139 19.69 5.13 17.27
C LEU A 139 19.06 5.02 18.65
N GLN A 140 18.27 6.04 19.02
CA GLN A 140 17.60 6.08 20.32
C GLN A 140 16.22 5.42 20.20
N GLY A 141 16.23 4.13 19.91
CA GLY A 141 15.00 3.37 19.74
C GLY A 141 15.27 2.19 18.82
N THR A 142 14.22 1.44 18.48
CA THR A 142 14.32 0.26 17.63
C THR A 142 13.53 0.38 16.31
N VAL A 143 14.13 -0.06 15.21
CA VAL A 143 13.45 -0.02 13.92
C VAL A 143 12.89 -1.42 13.63
N VAL A 144 11.58 -1.49 13.40
CA VAL A 144 10.88 -2.73 13.11
C VAL A 144 10.68 -2.81 11.58
N LEU A 145 11.55 -3.56 10.91
CA LEU A 145 11.52 -3.68 9.44
C LEU A 145 10.41 -4.61 9.03
N ILE A 146 9.32 -4.02 8.55
CA ILE A 146 8.16 -4.80 8.17
C ILE A 146 8.17 -5.22 6.71
N PHE A 147 8.48 -6.49 6.47
CA PHE A 147 8.48 -7.06 5.12
C PHE A 147 7.14 -7.78 5.07
N GLN A 148 6.18 -7.11 4.43
CA GLN A 148 4.80 -7.56 4.32
C GLN A 148 4.42 -8.38 3.10
N PRO A 149 3.80 -9.54 3.34
CA PRO A 149 3.37 -10.38 2.24
C PRO A 149 1.98 -9.98 1.76
N ALA A 150 1.62 -10.50 0.60
CA ALA A 150 0.26 -10.38 0.07
C ALA A 150 -0.48 -9.05 0.10
N GLU A 151 0.16 -8.00 -0.39
CA GLU A 151 -0.51 -6.72 -0.46
C GLU A 151 -1.57 -6.75 -1.56
N GLU A 152 -1.26 -7.39 -2.69
CA GLU A 152 -2.21 -7.37 -3.81
C GLU A 152 -3.63 -7.81 -3.50
N GLY A 153 -3.74 -8.84 -2.68
CA GLY A 153 -5.05 -9.32 -2.28
C GLY A 153 -5.62 -8.50 -1.14
N LEU A 154 -4.93 -7.42 -0.78
CA LEU A 154 -5.35 -6.49 0.28
C LEU A 154 -5.62 -7.12 1.64
N SER A 155 -5.03 -8.28 1.88
CA SER A 155 -5.24 -8.94 3.17
C SER A 155 -3.94 -9.12 3.96
N GLY A 156 -2.81 -8.70 3.39
CA GLY A 156 -1.54 -8.90 4.07
C GLY A 156 -1.24 -8.10 5.32
N ALA A 157 -1.41 -6.78 5.26
CA ALA A 157 -1.15 -5.94 6.41
C ALA A 157 -2.08 -6.34 7.57
N LYS A 158 -3.35 -6.59 7.27
CA LYS A 158 -4.35 -6.98 8.28
C LYS A 158 -3.79 -8.12 9.16
N LYS A 159 -3.33 -9.18 8.52
CA LYS A 159 -2.77 -10.33 9.24
C LYS A 159 -1.54 -9.97 10.10
N MET A 160 -0.61 -9.19 9.55
CA MET A 160 0.55 -8.78 10.33
C MET A 160 0.09 -8.02 11.60
N ARG A 161 -0.85 -7.10 11.42
CA ARG A 161 -1.41 -6.30 12.52
C ARG A 161 -2.02 -7.27 13.53
N GLU A 162 -2.70 -8.28 13.00
CA GLU A 162 -3.32 -9.33 13.80
C GLU A 162 -2.27 -10.01 14.71
N GLU A 163 -1.07 -10.26 14.19
CA GLU A 163 -0.01 -10.92 14.99
C GLU A 163 0.76 -9.93 15.85
N GLY A 164 0.21 -8.73 16.00
CA GLY A 164 0.83 -7.72 16.85
C GLY A 164 2.01 -6.98 16.25
N ALA A 165 2.05 -6.90 14.93
CA ALA A 165 3.15 -6.23 14.23
C ALA A 165 3.29 -4.76 14.62
N LEU A 166 2.21 -4.14 15.07
CA LEU A 166 2.23 -2.73 15.46
C LEU A 166 2.22 -2.58 16.97
N LYS A 167 2.09 -3.71 17.67
CA LYS A 167 2.04 -3.67 19.13
C LYS A 167 3.25 -2.91 19.65
N ASN A 168 3.00 -1.82 20.38
CA ASN A 168 4.04 -0.98 20.95
C ASN A 168 4.83 -0.12 19.94
N VAL A 169 4.61 -0.33 18.65
CA VAL A 169 5.28 0.47 17.62
C VAL A 169 4.52 1.78 17.54
N GLU A 170 5.23 2.91 17.53
CA GLU A 170 4.54 4.19 17.51
C GLU A 170 4.03 4.65 16.14
N ALA A 171 4.96 4.87 15.22
CA ALA A 171 4.63 5.35 13.88
C ALA A 171 5.13 4.37 12.84
N ILE A 172 4.63 4.52 11.61
CA ILE A 172 5.07 3.65 10.54
C ILE A 172 5.13 4.46 9.23
N PHE A 173 6.21 4.23 8.48
CA PHE A 173 6.42 4.92 7.19
C PHE A 173 6.57 3.90 6.07
N GLY A 174 5.91 4.15 4.94
CA GLY A 174 6.03 3.25 3.81
C GLY A 174 6.37 4.04 2.55
N ILE A 175 7.02 3.38 1.58
CA ILE A 175 7.40 3.99 0.32
C ILE A 175 6.78 3.18 -0.83
N HIS A 176 6.18 3.88 -1.79
CA HIS A 176 5.60 3.21 -2.94
C HIS A 176 6.27 3.73 -4.23
N LEU A 177 6.63 2.80 -5.11
CA LEU A 177 7.23 3.20 -6.38
C LEU A 177 6.08 3.50 -7.35
N SER A 178 6.27 4.47 -8.25
CA SER A 178 5.24 4.85 -9.21
C SER A 178 5.82 5.57 -10.40
N ALA A 179 4.97 5.77 -11.41
CA ALA A 179 5.32 6.47 -12.64
C ALA A 179 4.57 7.80 -12.73
N ARG A 180 3.89 8.16 -11.65
CA ARG A 180 3.11 9.41 -11.63
C ARG A 180 3.90 10.64 -11.18
N ILE A 181 5.06 10.41 -10.58
CA ILE A 181 5.91 11.47 -10.04
C ILE A 181 7.26 11.46 -10.78
N PRO A 182 7.89 12.64 -10.98
CA PRO A 182 9.18 12.66 -11.68
C PRO A 182 10.24 11.90 -10.90
N PHE A 183 11.23 11.39 -11.62
CA PHE A 183 12.33 10.63 -11.03
C PHE A 183 12.96 11.29 -9.80
N GLY A 184 13.14 10.51 -8.75
CA GLY A 184 13.77 10.98 -7.53
C GLY A 184 13.00 11.88 -6.59
N LYS A 185 11.86 12.41 -7.04
CA LYS A 185 11.06 13.28 -6.17
C LYS A 185 10.17 12.40 -5.30
N ALA A 186 9.82 12.90 -4.11
CA ALA A 186 8.97 12.16 -3.20
C ALA A 186 7.69 12.96 -3.03
N ALA A 187 6.54 12.28 -3.00
CA ALA A 187 5.29 13.00 -2.90
C ALA A 187 4.46 12.56 -1.71
N SER A 188 3.74 13.49 -1.10
CA SER A 188 2.89 13.17 0.05
C SER A 188 1.94 14.32 0.31
N ARG A 189 1.04 14.10 1.26
CA ARG A 189 0.07 15.11 1.66
C ARG A 189 -0.38 14.67 3.05
N ALA A 190 -0.92 15.61 3.82
CA ALA A 190 -1.46 15.29 5.15
C ALA A 190 -2.92 14.89 5.03
N GLY A 191 -3.37 14.00 5.91
CA GLY A 191 -4.76 13.58 5.90
C GLY A 191 -5.04 12.44 4.95
N SER A 192 -6.28 12.36 4.49
CA SER A 192 -6.68 11.28 3.59
C SER A 192 -5.88 11.37 2.30
N PHE A 193 -5.33 10.24 1.87
CA PHE A 193 -4.47 10.18 0.69
C PHE A 193 -5.02 9.20 -0.35
N LEU A 194 -5.21 7.95 0.05
CA LEU A 194 -5.72 6.92 -0.84
C LEU A 194 -7.13 6.58 -0.38
N ALA A 195 -8.04 6.42 -1.34
CA ALA A 195 -9.43 6.13 -0.98
C ALA A 195 -9.67 4.77 -0.32
N GLY A 196 -10.72 4.72 0.50
CA GLY A 196 -11.12 3.48 1.12
C GLY A 196 -11.96 2.69 0.14
N ALA A 197 -12.38 1.49 0.53
CA ALA A 197 -13.20 0.65 -0.34
C ALA A 197 -13.95 -0.39 0.48
N GLY A 198 -15.27 -0.34 0.40
CA GLY A 198 -16.11 -1.30 1.10
C GLY A 198 -16.86 -2.02 0.00
N VAL A 199 -17.07 -3.33 0.14
CA VAL A 199 -17.82 -4.09 -0.88
C VAL A 199 -19.22 -4.31 -0.34
N PHE A 200 -20.12 -4.75 -1.20
CA PHE A 200 -21.49 -4.99 -0.75
C PHE A 200 -22.19 -5.95 -1.70
N GLU A 201 -23.35 -6.42 -1.26
CA GLU A 201 -24.17 -7.32 -2.05
C GLU A 201 -25.46 -7.48 -1.25
N ALA A 202 -26.59 -7.32 -1.92
CA ALA A 202 -27.87 -7.44 -1.24
C ALA A 202 -28.78 -8.42 -1.97
N VAL A 203 -29.81 -8.90 -1.29
CA VAL A 203 -30.78 -9.84 -1.88
C VAL A 203 -32.17 -9.21 -1.89
N ILE A 204 -32.76 -9.10 -3.07
CA ILE A 204 -34.09 -8.51 -3.20
C ILE A 204 -35.15 -9.60 -3.36
N THR A 205 -36.19 -9.55 -2.53
CA THR A 205 -37.30 -10.52 -2.58
C THR A 205 -38.65 -9.86 -2.32
N GLY A 206 -39.67 -10.25 -3.08
CA GLY A 206 -40.98 -9.65 -2.90
C GLY A 206 -41.61 -10.03 -1.57
N LYS A 207 -42.46 -9.17 -1.03
CA LYS A 207 -43.11 -9.44 0.24
C LYS A 207 -44.30 -10.39 0.07
N THR A 217 -45.55 -9.98 -8.47
CA THR A 217 -44.49 -10.95 -8.70
C THR A 217 -43.28 -10.36 -9.42
N ILE A 218 -43.48 -9.26 -10.12
CA ILE A 218 -42.39 -8.62 -10.85
C ILE A 218 -41.72 -7.53 -10.02
N ASP A 219 -42.23 -7.29 -8.82
CA ASP A 219 -41.71 -6.25 -7.96
C ASP A 219 -40.23 -6.37 -7.61
N PRO A 220 -39.72 -7.60 -7.39
CA PRO A 220 -38.31 -7.73 -7.06
C PRO A 220 -37.43 -7.20 -8.20
N VAL A 221 -37.72 -7.62 -9.42
CA VAL A 221 -36.95 -7.19 -10.58
C VAL A 221 -37.12 -5.68 -10.83
N VAL A 222 -38.32 -5.18 -10.58
CA VAL A 222 -38.61 -3.76 -10.76
C VAL A 222 -37.79 -2.94 -9.75
N ALA A 223 -37.94 -3.27 -8.48
CA ALA A 223 -37.22 -2.58 -7.42
C ALA A 223 -35.71 -2.67 -7.64
N ALA A 224 -35.26 -3.78 -8.23
CA ALA A 224 -33.84 -4.00 -8.49
C ALA A 224 -33.28 -3.01 -9.50
N SER A 225 -33.86 -2.96 -10.69
CA SER A 225 -33.37 -2.03 -11.71
C SER A 225 -33.44 -0.60 -11.19
N SER A 226 -34.41 -0.36 -10.32
CA SER A 226 -34.60 0.96 -9.70
C SER A 226 -33.44 1.23 -8.73
N ILE A 227 -33.08 0.21 -7.95
CA ILE A 227 -31.99 0.32 -7.00
C ILE A 227 -30.66 0.48 -7.73
N VAL A 228 -30.47 -0.27 -8.81
CA VAL A 228 -29.24 -0.20 -9.57
C VAL A 228 -29.04 1.20 -10.14
N LEU A 229 -30.00 1.68 -10.90
CA LEU A 229 -29.86 3.01 -11.46
C LEU A 229 -29.59 4.03 -10.37
N SER A 230 -30.32 3.94 -9.27
CA SER A 230 -30.12 4.88 -8.17
C SER A 230 -28.69 4.80 -7.62
N LEU A 231 -28.25 3.60 -7.26
CA LEU A 231 -26.89 3.43 -6.73
C LEU A 231 -25.85 4.00 -7.68
N GLN A 232 -26.01 3.75 -8.98
CA GLN A 232 -25.06 4.25 -9.96
C GLN A 232 -25.08 5.78 -9.93
N GLN A 233 -26.19 6.32 -9.43
CA GLN A 233 -26.33 7.76 -9.34
C GLN A 233 -25.53 8.32 -8.17
N LEU A 234 -25.19 7.47 -7.19
CA LEU A 234 -24.42 7.93 -6.03
C LEU A 234 -23.01 8.36 -6.40
N VAL A 235 -22.57 8.00 -7.60
CA VAL A 235 -21.23 8.41 -8.03
C VAL A 235 -21.25 9.92 -7.99
N SER A 236 -20.16 10.50 -7.49
CA SER A 236 -20.06 11.94 -7.38
C SER A 236 -18.64 12.41 -7.57
N ARG A 237 -18.52 13.50 -8.35
CA ARG A 237 -17.25 14.15 -8.65
C ARG A 237 -17.49 15.65 -8.73
N GLU A 238 -16.66 16.44 -8.03
CA GLU A 238 -16.81 17.88 -8.11
C GLU A 238 -15.46 18.53 -8.31
N THR A 239 -15.25 19.63 -7.60
CA THR A 239 -14.04 20.41 -7.75
C THR A 239 -12.92 20.09 -6.74
N ASP A 240 -13.21 19.21 -5.79
CA ASP A 240 -12.21 18.78 -4.79
C ASP A 240 -12.12 17.26 -4.91
N PRO A 241 -10.94 16.73 -5.29
CA PRO A 241 -10.82 15.27 -5.40
C PRO A 241 -11.25 14.48 -4.18
N LEU A 242 -11.03 15.02 -2.98
CA LEU A 242 -11.42 14.32 -1.75
C LEU A 242 -12.92 14.10 -1.62
N ASP A 243 -13.71 14.83 -2.41
CA ASP A 243 -15.17 14.68 -2.34
C ASP A 243 -15.68 13.52 -3.20
N SER A 244 -14.83 12.93 -4.02
CA SER A 244 -15.25 11.85 -4.91
C SER A 244 -15.98 10.72 -4.19
N LYS A 245 -17.03 10.21 -4.83
CA LYS A 245 -17.79 9.10 -4.30
C LYS A 245 -17.96 8.18 -5.49
N VAL A 246 -17.65 6.89 -5.27
CA VAL A 246 -17.79 5.89 -6.30
C VAL A 246 -18.64 4.73 -5.77
N VAL A 247 -19.54 4.27 -6.62
CA VAL A 247 -20.40 3.14 -6.31
C VAL A 247 -20.49 2.40 -7.65
N THR A 248 -20.10 1.14 -7.63
CA THR A 248 -20.09 0.29 -8.81
C THR A 248 -20.95 -0.94 -8.58
N VAL A 249 -21.91 -1.16 -9.48
CA VAL A 249 -22.77 -2.34 -9.38
C VAL A 249 -22.03 -3.40 -10.18
N SER A 250 -21.59 -4.43 -9.46
CA SER A 250 -20.84 -5.52 -10.07
C SER A 250 -21.79 -6.62 -10.50
N LYS A 251 -21.21 -7.73 -10.96
CA LYS A 251 -21.96 -8.90 -11.42
C LYS A 251 -23.25 -9.11 -10.64
N VAL A 252 -24.37 -9.16 -11.34
CA VAL A 252 -25.68 -9.35 -10.74
C VAL A 252 -26.28 -10.69 -11.16
N ASN A 253 -26.97 -11.35 -10.24
CA ASN A 253 -27.60 -12.63 -10.52
C ASN A 253 -28.64 -13.02 -9.46
N PRO A 262 -38.06 -15.71 -13.11
CA PRO A 262 -38.26 -14.38 -12.51
C PRO A 262 -38.59 -14.41 -11.02
N ASP A 263 -37.56 -14.30 -10.20
CA ASP A 263 -37.74 -14.32 -8.74
C ASP A 263 -36.74 -13.38 -8.06
N SER A 264 -36.19 -13.81 -6.92
CA SER A 264 -35.24 -13.00 -6.16
C SER A 264 -34.00 -12.67 -7.00
N ILE A 265 -33.33 -11.59 -6.64
CA ILE A 265 -32.14 -11.18 -7.37
C ILE A 265 -31.06 -10.69 -6.42
N THR A 266 -29.85 -11.18 -6.62
CA THR A 266 -28.72 -10.79 -5.80
C THR A 266 -27.87 -9.78 -6.56
N ILE A 267 -27.59 -8.64 -5.93
CA ILE A 267 -26.80 -7.61 -6.57
C ILE A 267 -25.58 -7.22 -5.72
N GLY A 268 -24.40 -7.33 -6.31
CA GLY A 268 -23.18 -6.99 -5.59
C GLY A 268 -22.45 -5.84 -6.26
N GLY A 269 -21.41 -5.36 -5.60
CA GLY A 269 -20.62 -4.27 -6.13
C GLY A 269 -19.72 -3.72 -5.04
N THR A 270 -18.95 -2.68 -5.38
CA THR A 270 -18.05 -2.09 -4.42
C THR A 270 -18.10 -0.57 -4.51
N LEU A 271 -17.83 0.09 -3.39
CA LEU A 271 -17.83 1.53 -3.34
C LEU A 271 -16.48 2.07 -2.88
N ARG A 272 -16.23 3.34 -3.14
CA ARG A 272 -14.98 3.98 -2.75
C ARG A 272 -15.22 5.43 -2.43
N ALA A 273 -14.45 5.93 -1.46
CA ALA A 273 -14.53 7.32 -1.02
C ALA A 273 -13.24 7.67 -0.25
N PHE A 274 -12.95 8.96 -0.19
CA PHE A 274 -11.77 9.46 0.53
C PHE A 274 -12.22 9.91 1.91
N THR A 275 -13.42 10.48 1.97
CA THR A 275 -14.00 10.99 3.22
C THR A 275 -15.45 10.50 3.31
N GLY A 276 -16.09 10.70 4.46
CA GLY A 276 -17.47 10.25 4.61
C GLY A 276 -17.62 8.79 4.21
N PHE A 277 -16.55 8.03 4.37
CA PHE A 277 -16.56 6.63 4.00
C PHE A 277 -17.69 5.88 4.71
N THR A 278 -17.86 6.16 6.00
CA THR A 278 -18.92 5.54 6.82
C THR A 278 -20.29 5.88 6.23
N GLN A 279 -20.50 7.17 5.96
CA GLN A 279 -21.76 7.64 5.41
C GLN A 279 -22.07 7.06 4.04
N LEU A 280 -21.07 6.92 3.18
CA LEU A 280 -21.34 6.36 1.86
C LEU A 280 -21.93 4.95 2.03
N GLN A 281 -21.32 4.15 2.90
CA GLN A 281 -21.83 2.81 3.17
C GLN A 281 -23.25 2.93 3.72
N GLN A 282 -23.47 3.92 4.58
CA GLN A 282 -24.80 4.12 5.17
C GLN A 282 -25.81 4.52 4.10
N ARG A 283 -25.39 5.41 3.22
CA ARG A 283 -26.24 5.89 2.13
C ARG A 283 -26.64 4.74 1.19
N VAL A 284 -25.67 3.91 0.81
CA VAL A 284 -25.94 2.79 -0.08
C VAL A 284 -27.02 1.88 0.53
N LYS A 285 -26.86 1.53 1.81
CA LYS A 285 -27.83 0.68 2.49
C LYS A 285 -29.21 1.33 2.47
N GLU A 286 -29.26 2.65 2.63
CA GLU A 286 -30.52 3.38 2.60
C GLU A 286 -31.19 3.26 1.23
N VAL A 287 -30.43 3.48 0.17
CA VAL A 287 -30.96 3.39 -1.19
C VAL A 287 -31.53 1.99 -1.44
N ILE A 288 -30.89 0.99 -0.86
CA ILE A 288 -31.35 -0.38 -1.03
C ILE A 288 -32.60 -0.57 -0.17
N THR A 289 -32.52 -0.14 1.09
CA THR A 289 -33.60 -0.28 2.05
C THR A 289 -34.83 0.58 1.73
N LYS A 290 -34.62 1.82 1.34
CA LYS A 290 -35.74 2.69 1.03
C LYS A 290 -36.43 2.21 -0.23
N GLN A 291 -35.65 2.02 -1.29
CA GLN A 291 -36.21 1.56 -2.54
C GLN A 291 -37.01 0.29 -2.39
N ALA A 292 -36.51 -0.65 -1.59
CA ALA A 292 -37.22 -1.91 -1.38
C ALA A 292 -38.57 -1.63 -0.74
N ALA A 293 -38.55 -0.92 0.39
CA ALA A 293 -39.77 -0.59 1.10
C ALA A 293 -40.82 0.07 0.20
N VAL A 294 -40.43 1.14 -0.50
CA VAL A 294 -41.37 1.84 -1.38
C VAL A 294 -41.86 1.00 -2.54
N HIS A 295 -41.24 -0.16 -2.74
CA HIS A 295 -41.68 -1.04 -3.81
C HIS A 295 -42.34 -2.28 -3.22
N ARG A 296 -42.74 -2.17 -1.95
CA ARG A 296 -43.40 -3.24 -1.21
C ARG A 296 -42.56 -4.51 -1.25
N CYS A 297 -41.25 -4.35 -1.11
CA CYS A 297 -40.36 -5.50 -1.15
C CYS A 297 -39.39 -5.54 0.04
N ASN A 298 -38.78 -6.70 0.23
CA ASN A 298 -37.82 -6.90 1.30
C ASN A 298 -36.42 -7.02 0.70
N ALA A 299 -35.43 -6.66 1.50
CA ALA A 299 -34.04 -6.73 1.07
C ALA A 299 -33.16 -6.69 2.30
N SER A 300 -32.13 -7.52 2.30
CA SER A 300 -31.19 -7.56 3.39
C SER A 300 -29.98 -6.79 2.86
N VAL A 301 -29.13 -6.26 3.73
CA VAL A 301 -27.97 -5.52 3.25
C VAL A 301 -26.64 -5.95 3.89
N ASN A 302 -25.85 -6.70 3.13
CA ASN A 302 -24.56 -7.18 3.59
C ASN A 302 -23.42 -6.27 3.09
N LEU A 303 -22.85 -5.47 4.00
CA LEU A 303 -21.74 -4.55 3.68
C LEU A 303 -20.36 -5.15 3.95
N THR A 304 -20.34 -6.41 4.38
CA THR A 304 -19.07 -7.12 4.61
C THR A 304 -19.30 -8.57 4.16
N PRO A 305 -19.65 -8.75 2.88
CA PRO A 305 -19.89 -10.11 2.38
C PRO A 305 -18.68 -11.04 2.35
N ASN A 306 -18.90 -12.31 2.71
CA ASN A 306 -17.83 -13.30 2.71
C ASN A 306 -16.71 -12.85 3.63
N GLY A 307 -17.05 -12.10 4.68
CA GLY A 307 -16.03 -11.62 5.60
C GLY A 307 -15.09 -10.58 5.00
N ARG A 308 -15.48 -9.99 3.87
CA ARG A 308 -14.66 -8.96 3.23
C ARG A 308 -14.84 -7.62 3.95
N GLU A 309 -13.90 -7.31 4.85
CA GLU A 309 -13.95 -6.07 5.61
C GLU A 309 -13.59 -4.88 4.74
N PRO A 310 -14.15 -3.71 5.02
CA PRO A 310 -13.78 -2.57 4.16
C PRO A 310 -12.29 -2.22 4.25
N MET A 311 -11.72 -1.82 3.13
CA MET A 311 -10.32 -1.40 3.08
C MET A 311 -10.38 0.08 3.49
N PRO A 312 -10.00 0.38 4.73
CA PRO A 312 -10.06 1.76 5.18
C PRO A 312 -9.30 2.76 4.31
N PRO A 313 -9.75 4.02 4.30
CA PRO A 313 -9.04 5.03 3.50
C PRO A 313 -7.65 5.20 4.16
N THR A 314 -6.61 5.38 3.35
CA THR A 314 -5.26 5.55 3.89
C THR A 314 -5.04 6.99 4.27
N VAL A 315 -4.79 7.22 5.57
CA VAL A 315 -4.59 8.57 6.08
C VAL A 315 -3.18 8.73 6.63
N ASN A 316 -2.53 9.82 6.24
CA ASN A 316 -1.19 10.12 6.70
C ASN A 316 -1.28 11.06 7.87
N ASN A 317 -0.59 10.71 8.95
CA ASN A 317 -0.55 11.52 10.15
C ASN A 317 0.08 12.88 9.82
N LYS A 318 -0.54 13.94 10.31
CA LYS A 318 -0.07 15.30 10.08
C LYS A 318 1.39 15.59 10.45
N ASP A 319 1.82 15.20 11.65
CA ASP A 319 3.19 15.45 12.07
C ASP A 319 4.20 14.58 11.31
N LEU A 320 3.84 13.34 11.05
CA LEU A 320 4.73 12.44 10.31
C LEU A 320 4.95 12.98 8.91
N TYR A 321 3.91 13.59 8.35
CA TYR A 321 3.99 14.18 6.99
C TYR A 321 4.97 15.36 7.00
N LYS A 322 4.87 16.21 8.00
CA LYS A 322 5.78 17.36 8.10
C LYS A 322 7.22 16.87 8.27
N GLN A 323 7.44 15.94 9.20
CA GLN A 323 8.78 15.40 9.42
C GLN A 323 9.33 14.88 8.09
N PHE A 324 8.49 14.17 7.35
CA PHE A 324 8.89 13.60 6.05
C PHE A 324 9.22 14.73 5.05
N LYS A 325 8.37 15.75 4.99
CA LYS A 325 8.60 16.86 4.07
C LYS A 325 9.87 17.62 4.47
N LYS A 326 10.03 17.87 5.77
CA LYS A 326 11.21 18.59 6.24
C LYS A 326 12.43 17.74 5.98
N VAL A 327 12.31 16.45 6.28
CA VAL A 327 13.40 15.51 6.09
C VAL A 327 13.80 15.36 4.62
N VAL A 328 12.82 15.24 3.73
CA VAL A 328 13.11 15.08 2.31
C VAL A 328 13.81 16.32 1.73
N ARG A 329 13.19 17.48 1.89
CA ARG A 329 13.79 18.70 1.36
C ARG A 329 15.22 18.89 1.82
N ASP A 330 15.48 18.61 3.09
CA ASP A 330 16.82 18.75 3.64
C ASP A 330 17.73 17.63 3.19
N LEU A 331 17.14 16.55 2.67
CA LEU A 331 17.94 15.44 2.20
C LEU A 331 18.23 15.56 0.72
N LEU A 332 17.20 15.84 -0.08
CA LEU A 332 17.36 15.91 -1.53
C LEU A 332 17.18 17.28 -2.19
N GLY A 333 17.01 18.34 -1.41
CA GLY A 333 16.85 19.66 -2.00
C GLY A 333 15.42 20.14 -1.88
N GLN A 334 15.25 21.46 -1.81
CA GLN A 334 13.92 22.04 -1.65
C GLN A 334 12.91 21.66 -2.73
N GLU A 335 13.38 21.31 -3.91
CA GLU A 335 12.48 20.94 -5.02
C GLU A 335 12.16 19.45 -5.09
N ALA A 336 12.77 18.66 -4.21
CA ALA A 336 12.57 17.20 -4.24
C ALA A 336 11.27 16.70 -3.61
N PHE A 337 10.55 17.58 -2.90
CA PHE A 337 9.29 17.17 -2.30
C PHE A 337 8.15 17.79 -3.07
N VAL A 338 7.15 16.97 -3.41
CA VAL A 338 5.98 17.46 -4.12
C VAL A 338 4.71 17.01 -3.40
N GLU A 339 3.72 17.89 -3.38
CA GLU A 339 2.45 17.60 -2.74
C GLU A 339 1.67 16.62 -3.62
N ALA A 340 1.31 15.47 -3.06
CA ALA A 340 0.59 14.47 -3.82
C ALA A 340 -0.92 14.73 -3.85
N ALA A 341 -1.56 14.24 -4.91
CA ALA A 341 -3.01 14.38 -5.05
C ALA A 341 -3.65 13.10 -4.55
N PRO A 342 -4.90 13.18 -4.07
CA PRO A 342 -5.60 11.98 -3.57
C PRO A 342 -5.62 10.96 -4.71
N VAL A 343 -5.64 9.67 -4.37
CA VAL A 343 -5.66 8.59 -5.36
C VAL A 343 -6.67 7.50 -5.02
N MET A 344 -7.27 6.91 -6.03
CA MET A 344 -8.22 5.82 -5.80
C MET A 344 -7.58 4.47 -6.15
N GLY A 345 -6.36 4.25 -5.65
CA GLY A 345 -5.66 3.02 -5.93
C GLY A 345 -5.96 1.87 -4.98
N SER A 346 -5.19 0.80 -5.11
CA SER A 346 -5.38 -0.38 -4.26
C SER A 346 -4.13 -0.81 -3.47
N GLU A 347 -4.19 -0.64 -2.16
CA GLU A 347 -3.09 -0.99 -1.30
C GLU A 347 -3.69 -1.30 0.07
N ASP A 348 -2.90 -1.93 0.95
CA ASP A 348 -3.45 -2.24 2.27
C ASP A 348 -2.69 -1.65 3.44
N PHE A 349 -1.71 -0.78 3.14
CA PHE A 349 -0.96 -0.06 4.19
C PHE A 349 -2.02 0.66 5.07
N SER A 350 -3.18 0.94 4.47
CA SER A 350 -4.28 1.60 5.16
C SER A 350 -4.56 0.95 6.52
N TYR A 351 -4.54 -0.37 6.57
CA TYR A 351 -4.78 -1.07 7.84
C TYR A 351 -3.74 -0.71 8.90
N PHE A 352 -2.50 -0.46 8.50
CA PHE A 352 -1.49 -0.07 9.51
C PHE A 352 -1.73 1.39 9.92
N ALA A 353 -2.13 2.23 8.95
CA ALA A 353 -2.38 3.66 9.21
C ALA A 353 -3.65 3.98 10.02
N GLU A 354 -4.57 3.03 10.11
CA GLU A 354 -5.78 3.27 10.90
C GLU A 354 -5.58 2.81 12.36
N THR A 355 -4.44 2.18 12.63
CA THR A 355 -4.17 1.66 13.98
C THR A 355 -3.01 2.38 14.71
N ILE A 356 -2.06 2.92 13.95
CA ILE A 356 -0.99 3.74 14.51
C ILE A 356 -0.70 4.85 13.49
N PRO A 357 -0.06 5.95 13.93
CA PRO A 357 0.27 7.06 13.04
C PRO A 357 1.02 6.52 11.83
N GLY A 358 0.51 6.80 10.63
CA GLY A 358 1.17 6.30 9.44
C GLY A 358 1.47 7.36 8.41
N HIS A 359 2.40 7.06 7.51
CA HIS A 359 2.77 7.98 6.46
C HIS A 359 3.33 7.20 5.28
N PHE A 360 2.50 7.11 4.24
CA PHE A 360 2.78 6.37 3.01
C PHE A 360 3.09 7.39 1.90
N SER A 361 4.27 7.29 1.31
CA SER A 361 4.66 8.25 0.28
C SER A 361 4.93 7.59 -1.06
N LEU A 362 4.98 8.42 -2.11
CA LEU A 362 5.26 7.95 -3.47
C LEU A 362 6.68 8.37 -3.81
N LEU A 363 7.45 7.46 -4.37
CA LEU A 363 8.82 7.79 -4.77
C LEU A 363 8.79 7.83 -6.30
N GLY A 364 9.04 9.02 -6.84
CA GLY A 364 8.96 9.21 -8.28
C GLY A 364 10.05 8.62 -9.14
N MET A 365 9.65 8.21 -10.34
CA MET A 365 10.58 7.64 -11.30
C MET A 365 10.38 8.27 -12.69
N GLN A 366 9.24 8.90 -12.90
CA GLN A 366 8.94 9.44 -14.22
C GLN A 366 10.12 10.10 -14.95
N ASP A 367 10.24 9.80 -16.24
CA ASP A 367 11.30 10.38 -17.05
C ASP A 367 10.73 11.62 -17.73
N GLU A 368 11.48 12.24 -18.63
CA GLU A 368 11.00 13.47 -19.24
C GLU A 368 9.89 13.30 -20.29
N THR A 369 9.74 12.10 -20.83
CA THR A 369 8.73 11.89 -21.85
C THR A 369 7.74 10.75 -21.58
N ASN A 370 7.43 10.54 -20.30
CA ASN A 370 6.48 9.52 -19.89
C ASN A 370 6.78 8.12 -20.40
N GLY A 371 8.06 7.75 -20.48
CA GLY A 371 8.40 6.42 -20.97
C GLY A 371 8.14 5.26 -20.02
N TYR A 372 8.23 5.50 -18.71
CA TYR A 372 8.01 4.42 -17.75
C TYR A 372 6.54 4.07 -17.64
N ALA A 373 6.25 2.80 -17.89
CA ALA A 373 4.88 2.28 -17.86
C ALA A 373 4.27 2.40 -16.48
N SER A 374 2.95 2.63 -16.45
CA SER A 374 2.21 2.74 -15.22
C SER A 374 2.28 1.42 -14.46
N SER A 375 1.97 1.45 -13.16
CA SER A 375 1.97 0.22 -12.37
C SER A 375 0.91 -0.69 -12.99
N HIS A 376 1.06 -1.99 -12.78
CA HIS A 376 0.17 -2.99 -13.35
C HIS A 376 0.38 -3.18 -14.86
N SER A 377 1.22 -2.36 -15.48
CA SER A 377 1.47 -2.54 -16.91
C SER A 377 2.48 -3.66 -17.19
N PRO A 378 2.24 -4.47 -18.24
CA PRO A 378 3.19 -5.55 -18.55
C PRO A 378 4.56 -4.94 -18.92
N LEU A 379 4.58 -3.64 -19.22
CA LEU A 379 5.81 -2.92 -19.60
C LEU A 379 6.44 -2.11 -18.47
N TYR A 380 5.85 -2.22 -17.29
CA TYR A 380 6.34 -1.53 -16.09
C TYR A 380 7.83 -1.83 -15.86
N ARG A 381 8.59 -0.77 -15.60
CA ARG A 381 10.01 -0.88 -15.34
C ARG A 381 10.33 -0.06 -14.10
N ILE A 382 11.42 -0.44 -13.45
CA ILE A 382 11.90 0.33 -12.32
C ILE A 382 13.16 1.03 -12.84
N ASN A 383 13.28 2.34 -12.59
CA ASN A 383 14.50 3.04 -12.95
C ASN A 383 15.37 2.73 -11.73
N GLU A 384 16.24 1.73 -11.84
CA GLU A 384 17.07 1.29 -10.71
C GLU A 384 17.90 2.39 -10.08
N ASP A 385 18.14 3.47 -10.83
CA ASP A 385 18.89 4.59 -10.32
C ASP A 385 18.15 5.28 -9.14
N VAL A 386 16.85 5.07 -9.03
CA VAL A 386 16.08 5.69 -7.94
C VAL A 386 16.29 5.03 -6.57
N LEU A 387 16.63 3.74 -6.57
CA LEU A 387 16.77 2.96 -5.34
C LEU A 387 17.54 3.61 -4.19
N PRO A 388 18.71 4.23 -4.48
CA PRO A 388 19.46 4.87 -3.39
C PRO A 388 18.63 5.94 -2.66
N TYR A 389 17.74 6.62 -3.41
CA TYR A 389 16.89 7.67 -2.84
C TYR A 389 15.92 7.09 -1.80
N GLY A 390 15.28 5.96 -2.13
CA GLY A 390 14.34 5.35 -1.19
C GLY A 390 15.04 4.70 -0.02
N ALA A 391 16.18 4.04 -0.27
CA ALA A 391 16.95 3.41 0.80
C ALA A 391 17.37 4.48 1.81
N ALA A 392 17.79 5.64 1.30
CA ALA A 392 18.22 6.74 2.18
C ALA A 392 17.03 7.34 2.91
N ILE A 393 16.00 7.76 2.16
CA ILE A 393 14.81 8.35 2.77
C ILE A 393 14.28 7.43 3.87
N HIS A 394 14.23 6.13 3.60
CA HIS A 394 13.79 5.14 4.59
C HIS A 394 14.65 5.27 5.85
N ALA A 395 15.96 5.11 5.66
CA ALA A 395 16.92 5.18 6.76
C ALA A 395 16.86 6.52 7.48
N SER A 396 16.89 7.59 6.70
CA SER A 396 16.85 8.91 7.29
C SER A 396 15.59 9.16 8.13
N MET A 397 14.44 8.85 7.55
CA MET A 397 13.17 9.06 8.24
C MET A 397 13.14 8.38 9.63
N ALA A 398 13.66 7.16 9.71
CA ALA A 398 13.64 6.46 11.00
C ALA A 398 14.56 7.15 12.01
N VAL A 399 15.66 7.71 11.51
CA VAL A 399 16.63 8.40 12.35
C VAL A 399 16.06 9.70 12.91
N GLN A 400 15.55 10.55 12.02
CA GLN A 400 14.99 11.81 12.45
C GLN A 400 13.75 11.64 13.35
N TYR A 401 12.94 10.63 13.08
CA TYR A 401 11.76 10.39 13.91
C TYR A 401 12.20 10.12 15.37
N LEU A 402 13.14 9.20 15.54
CA LEU A 402 13.64 8.83 16.87
C LEU A 402 14.38 10.02 17.50
N LYS A 403 15.23 10.68 16.73
CA LYS A 403 15.98 11.82 17.23
C LYS A 403 15.02 12.92 17.66
N GLU A 404 13.93 13.10 16.91
CA GLU A 404 12.95 14.12 17.24
C GLU A 404 12.18 13.69 18.50
N LYS A 405 11.83 12.42 18.57
CA LYS A 405 11.13 11.88 19.72
C LYS A 405 11.98 12.13 20.97
N ALA A 406 13.28 11.88 20.88
CA ALA A 406 14.17 12.08 22.00
C ALA A 406 14.19 13.53 22.48
N SER A 407 14.25 14.48 21.55
CA SER A 407 14.31 15.88 21.93
C SER A 407 13.05 16.38 22.65
N LYS A 16 24.81 12.37 4.70
CA LYS A 16 25.81 11.34 4.28
C LYS A 16 25.17 10.01 3.92
N LEU A 17 23.91 9.83 4.30
CA LEU A 17 23.21 8.58 4.01
C LEU A 17 23.04 8.36 2.51
N LEU A 18 22.66 9.42 1.79
CA LEU A 18 22.48 9.30 0.35
C LEU A 18 23.81 8.96 -0.30
N GLU A 19 24.89 9.49 0.27
CA GLU A 19 26.22 9.24 -0.28
C GLU A 19 26.56 7.76 -0.13
N PHE A 20 26.28 7.21 1.04
CA PHE A 20 26.53 5.80 1.30
C PHE A 20 25.54 4.94 0.50
N ALA A 21 24.30 5.42 0.35
CA ALA A 21 23.27 4.68 -0.40
C ALA A 21 23.65 4.56 -1.88
N LYS A 22 24.35 5.57 -2.39
CA LYS A 22 24.76 5.58 -3.81
C LYS A 22 26.07 4.83 -4.07
N SER A 23 26.88 4.65 -3.03
CA SER A 23 28.18 3.98 -3.20
C SER A 23 27.98 2.66 -3.94
N PRO A 24 28.93 2.32 -4.85
CA PRO A 24 28.88 1.09 -5.64
C PRO A 24 28.70 -0.13 -4.76
N GLU A 25 29.24 -0.05 -3.55
CA GLU A 25 29.12 -1.14 -2.59
C GLU A 25 27.64 -1.46 -2.37
N VAL A 26 26.92 -0.52 -1.78
CA VAL A 26 25.50 -0.70 -1.48
C VAL A 26 24.60 -0.72 -2.72
N PHE A 27 24.83 0.17 -3.67
CA PHE A 27 23.99 0.21 -4.87
C PHE A 27 24.01 -1.07 -5.68
N ASP A 28 25.21 -1.59 -5.94
CA ASP A 28 25.33 -2.82 -6.71
C ASP A 28 24.68 -3.99 -6.00
N TRP A 29 24.87 -4.05 -4.69
CA TRP A 29 24.29 -5.09 -3.83
C TRP A 29 22.77 -5.06 -3.93
N MET A 30 22.18 -3.87 -3.97
CA MET A 30 20.72 -3.71 -4.09
C MET A 30 20.21 -4.16 -5.47
N VAL A 31 21.05 -4.02 -6.50
CA VAL A 31 20.66 -4.41 -7.85
C VAL A 31 20.42 -5.93 -7.99
N LYS A 32 21.41 -6.71 -7.57
CA LYS A 32 21.31 -8.17 -7.62
C LYS A 32 20.01 -8.65 -6.98
N ILE A 33 19.82 -8.30 -5.70
CA ILE A 33 18.62 -8.68 -4.98
C ILE A 33 17.39 -8.16 -5.73
N ARG A 34 17.35 -6.85 -6.01
CA ARG A 34 16.21 -6.32 -6.74
C ARG A 34 15.95 -7.16 -7.99
N ARG A 35 17.01 -7.44 -8.75
CA ARG A 35 16.87 -8.22 -9.98
C ARG A 35 16.56 -9.68 -9.74
N LYS A 36 17.11 -10.25 -8.67
CA LYS A 36 16.87 -11.66 -8.35
C LYS A 36 15.39 -11.81 -7.99
N ILE A 37 14.86 -10.86 -7.26
CA ILE A 37 13.45 -10.92 -6.90
C ILE A 37 12.62 -10.75 -8.17
N HIS A 38 13.05 -9.81 -9.03
CA HIS A 38 12.33 -9.54 -10.27
C HIS A 38 12.25 -10.77 -11.19
N GLU A 39 13.33 -11.56 -11.23
CA GLU A 39 13.38 -12.77 -12.07
C GLU A 39 12.51 -13.89 -11.51
N ASN A 40 12.22 -13.84 -10.22
CA ASN A 40 11.41 -14.88 -9.62
C ASN A 40 10.24 -14.28 -8.83
N PRO A 41 9.31 -13.64 -9.53
CA PRO A 41 8.15 -13.04 -8.85
C PRO A 41 7.22 -14.09 -8.22
N GLU A 42 6.74 -13.79 -7.01
CA GLU A 42 5.87 -14.71 -6.28
C GLU A 42 4.64 -13.97 -5.82
N LEU A 43 3.50 -14.65 -5.83
CA LEU A 43 2.22 -14.07 -5.44
C LEU A 43 1.97 -14.12 -3.92
N GLY A 44 0.91 -13.45 -3.50
CA GLY A 44 0.54 -13.38 -2.09
C GLY A 44 0.56 -14.70 -1.34
N TYR A 45 1.23 -14.69 -0.19
CA TYR A 45 1.38 -15.86 0.67
C TYR A 45 2.14 -17.02 0.01
N GLU A 46 2.82 -16.72 -1.09
CA GLU A 46 3.60 -17.72 -1.84
C GLU A 46 5.03 -17.21 -2.07
N GLU A 47 5.38 -16.12 -1.40
CA GLU A 47 6.69 -15.50 -1.55
C GLU A 47 7.79 -16.21 -0.75
N LEU A 48 7.87 -17.52 -0.93
CA LEU A 48 8.84 -18.35 -0.22
C LEU A 48 10.30 -17.97 -0.44
N GLU A 49 10.68 -17.81 -1.70
CA GLU A 49 12.05 -17.48 -2.02
C GLU A 49 12.39 -16.03 -1.71
N THR A 50 11.42 -15.14 -1.87
CA THR A 50 11.65 -13.72 -1.58
C THR A 50 11.90 -13.56 -0.07
N SER A 51 11.10 -14.27 0.73
CA SER A 51 11.24 -14.25 2.19
C SER A 51 12.60 -14.85 2.63
N LYS A 52 13.03 -15.95 2.03
CA LYS A 52 14.34 -16.55 2.38
C LYS A 52 15.47 -15.56 2.06
N LEU A 53 15.35 -14.84 0.95
CA LEU A 53 16.38 -13.87 0.57
C LEU A 53 16.47 -12.69 1.55
N ILE A 54 15.32 -12.15 1.94
CA ILE A 54 15.30 -11.03 2.88
C ILE A 54 15.97 -11.48 4.19
N ARG A 55 15.59 -12.66 4.66
CA ARG A 55 16.16 -13.19 5.89
C ARG A 55 17.69 -13.41 5.76
N SER A 56 18.15 -13.76 4.56
CA SER A 56 19.60 -13.96 4.33
C SER A 56 20.33 -12.65 4.53
N GLU A 57 19.80 -11.59 3.93
CA GLU A 57 20.44 -10.30 4.02
C GLU A 57 20.43 -9.74 5.44
N LEU A 58 19.31 -9.87 6.14
CA LEU A 58 19.24 -9.38 7.51
C LEU A 58 20.30 -10.12 8.31
N GLU A 59 20.40 -11.43 8.06
CA GLU A 59 21.42 -12.25 8.72
C GLU A 59 22.83 -11.79 8.37
N LEU A 60 23.05 -11.46 7.09
CA LEU A 60 24.36 -11.00 6.65
C LEU A 60 24.65 -9.58 7.19
N ILE A 61 23.66 -8.71 7.20
CA ILE A 61 23.89 -7.37 7.71
C ILE A 61 24.13 -7.37 9.24
N GLY A 62 23.38 -8.21 9.95
CA GLY A 62 23.48 -8.31 11.40
C GLY A 62 22.19 -7.81 12.05
N ILE A 63 21.08 -8.40 11.65
CA ILE A 63 19.76 -8.00 12.14
C ILE A 63 18.88 -9.21 12.48
N LYS A 64 18.43 -9.24 13.74
CA LYS A 64 17.55 -10.31 14.24
C LYS A 64 16.16 -10.09 13.66
N TYR A 65 15.36 -11.14 13.60
CA TYR A 65 14.02 -11.00 13.06
C TYR A 65 13.06 -12.07 13.57
N ARG A 66 11.77 -11.77 13.40
CA ARG A 66 10.69 -12.68 13.76
C ARG A 66 10.14 -13.21 12.45
N TYR A 67 10.04 -14.53 12.37
CA TYR A 67 9.53 -15.20 11.18
C TYR A 67 8.99 -16.55 11.66
N PRO A 68 7.84 -17.00 11.12
CA PRO A 68 7.00 -16.36 10.11
C PRO A 68 5.86 -15.47 10.63
N VAL A 69 5.68 -14.31 10.00
CA VAL A 69 4.57 -13.44 10.36
C VAL A 69 3.70 -13.39 9.10
N ALA A 70 2.45 -13.83 9.23
CA ALA A 70 1.54 -13.89 8.09
C ALA A 70 2.11 -14.83 7.02
N ILE A 71 2.57 -15.99 7.48
CA ILE A 71 3.10 -17.07 6.66
C ILE A 71 4.49 -16.85 6.07
N THR A 72 4.61 -15.90 5.14
CA THR A 72 5.90 -15.65 4.50
C THR A 72 6.54 -14.37 5.00
N GLY A 73 5.77 -13.61 5.78
CA GLY A 73 6.25 -12.34 6.29
C GLY A 73 7.42 -12.42 7.24
N VAL A 74 8.17 -11.32 7.30
CA VAL A 74 9.33 -11.23 8.16
C VAL A 74 9.38 -9.87 8.80
N ILE A 75 9.80 -9.82 10.07
CA ILE A 75 9.94 -8.56 10.76
C ILE A 75 11.33 -8.51 11.40
N GLY A 76 12.15 -7.56 10.94
CA GLY A 76 13.50 -7.41 11.47
C GLY A 76 13.57 -6.27 12.47
N TYR A 77 14.66 -6.20 13.24
CA TYR A 77 14.85 -5.16 14.24
C TYR A 77 16.26 -4.62 14.22
N ILE A 78 16.41 -3.31 14.36
CA ILE A 78 17.74 -2.69 14.42
C ILE A 78 17.66 -1.63 15.49
N GLY A 79 18.68 -1.56 16.34
CA GLY A 79 18.68 -0.56 17.39
C GLY A 79 18.95 -1.12 18.77
N THR A 80 18.26 -0.57 19.77
CA THR A 80 18.42 -0.99 21.15
C THR A 80 17.65 -2.27 21.46
N GLY A 81 16.61 -2.52 20.69
CA GLY A 81 15.80 -3.69 20.98
C GLY A 81 14.74 -3.28 21.99
N GLU A 82 14.73 -2.00 22.34
CA GLU A 82 13.75 -1.44 23.28
C GLU A 82 13.00 -0.26 22.66
N PRO A 83 11.80 0.05 23.17
CA PRO A 83 11.02 1.17 22.63
C PRO A 83 11.83 2.44 22.87
N PRO A 84 11.54 3.53 22.13
CA PRO A 84 10.53 3.71 21.08
C PRO A 84 10.77 2.88 19.83
N PHE A 85 9.68 2.32 19.30
CA PHE A 85 9.73 1.51 18.10
C PHE A 85 9.09 2.27 16.93
N VAL A 86 9.82 2.32 15.81
CA VAL A 86 9.29 2.95 14.61
C VAL A 86 9.45 1.92 13.49
N ALA A 87 8.42 1.82 12.64
CA ALA A 87 8.43 0.82 11.59
C ALA A 87 8.59 1.39 10.17
N LEU A 88 9.22 0.61 9.31
CA LEU A 88 9.44 0.91 7.88
C LEU A 88 8.82 -0.31 7.19
N ARG A 89 8.00 -0.07 6.18
CA ARG A 89 7.25 -1.14 5.52
C ARG A 89 7.50 -1.27 4.03
N ALA A 90 7.58 -2.52 3.57
CA ALA A 90 7.75 -2.85 2.14
C ALA A 90 7.00 -4.16 1.86
N ASP A 91 6.31 -4.23 0.73
CA ASP A 91 5.58 -5.44 0.33
C ASP A 91 6.44 -6.24 -0.64
N MET A 92 6.31 -7.56 -0.62
CA MET A 92 7.14 -8.44 -1.45
C MET A 92 6.42 -9.25 -2.53
N ASP A 93 5.15 -8.97 -2.78
CA ASP A 93 4.44 -9.81 -3.75
C ASP A 93 4.27 -9.24 -5.15
N ALA A 94 4.27 -10.16 -6.12
CA ALA A 94 4.11 -9.84 -7.54
C ALA A 94 2.69 -10.19 -7.96
N LEU A 95 2.40 -9.97 -9.24
CA LEU A 95 1.09 -10.24 -9.82
C LEU A 95 1.22 -11.27 -10.95
N PRO A 96 0.14 -12.02 -11.24
CA PRO A 96 0.16 -13.04 -12.30
C PRO A 96 0.15 -12.45 -13.72
N ILE A 97 0.88 -11.35 -13.91
CA ILE A 97 1.00 -10.66 -15.19
C ILE A 97 2.20 -11.21 -15.95
N GLN A 98 2.11 -11.32 -17.27
CA GLN A 98 3.25 -11.76 -18.09
C GLN A 98 4.04 -10.52 -18.48
N GLU A 99 5.32 -10.48 -18.10
CA GLU A 99 6.17 -9.35 -18.41
C GLU A 99 6.11 -9.02 -19.92
N GLY A 100 6.09 -7.73 -20.25
CA GLY A 100 6.05 -7.32 -21.64
C GLY A 100 7.40 -6.76 -22.06
N VAL A 101 8.27 -6.50 -21.10
CA VAL A 101 9.58 -5.95 -21.40
C VAL A 101 10.53 -7.11 -21.66
N GLU A 102 11.46 -6.91 -22.59
CA GLU A 102 12.45 -7.93 -22.91
C GLU A 102 13.81 -7.52 -22.35
N TRP A 103 14.37 -8.33 -21.46
CA TRP A 103 15.69 -8.03 -20.89
C TRP A 103 16.19 -9.21 -20.13
N GLU A 104 17.48 -9.16 -19.79
CA GLU A 104 18.16 -10.23 -19.08
C GLU A 104 17.45 -10.68 -17.81
N HIS A 105 17.00 -9.70 -17.03
CA HIS A 105 16.36 -9.95 -15.74
C HIS A 105 14.84 -10.07 -15.75
N LYS A 106 14.28 -10.23 -16.94
CA LYS A 106 12.83 -10.40 -17.08
C LYS A 106 12.42 -11.60 -16.24
N SER A 107 11.18 -11.61 -15.76
CA SER A 107 10.68 -12.73 -14.97
C SER A 107 10.92 -14.06 -15.69
N LYS A 108 11.59 -14.98 -15.00
CA LYS A 108 11.86 -16.30 -15.56
C LYS A 108 10.69 -17.21 -15.23
N ILE A 109 9.67 -16.63 -14.59
CA ILE A 109 8.48 -17.38 -14.20
C ILE A 109 7.34 -16.90 -15.11
N ALA A 110 7.12 -17.62 -16.20
CA ALA A 110 6.09 -17.23 -17.15
C ALA A 110 4.78 -16.87 -16.44
N GLY A 111 4.12 -15.81 -16.91
CA GLY A 111 2.86 -15.40 -16.32
C GLY A 111 2.94 -14.77 -14.95
N LYS A 112 4.13 -14.39 -14.50
CA LYS A 112 4.27 -13.75 -13.20
C LYS A 112 5.19 -12.56 -13.38
N MET A 113 4.77 -11.43 -12.85
CA MET A 113 5.55 -10.21 -12.97
C MET A 113 5.42 -9.31 -11.76
N HIS A 114 6.55 -8.68 -11.41
CA HIS A 114 6.58 -7.71 -10.33
C HIS A 114 6.27 -6.38 -11.01
N ALA A 115 5.06 -6.29 -11.56
CA ALA A 115 4.62 -5.08 -12.25
C ALA A 115 4.10 -4.02 -11.29
N CYS A 116 4.57 -4.03 -10.03
CA CYS A 116 4.10 -3.02 -9.08
C CYS A 116 5.20 -2.45 -8.20
N GLY A 117 6.46 -2.56 -8.65
CA GLY A 117 7.59 -2.02 -7.92
C GLY A 117 7.91 -2.65 -6.57
N HIS A 118 7.22 -3.73 -6.21
CA HIS A 118 7.43 -4.34 -4.91
C HIS A 118 8.83 -4.89 -4.76
N ASP A 119 9.36 -5.51 -5.81
CA ASP A 119 10.74 -6.01 -5.79
C ASP A 119 11.64 -4.83 -5.39
N GLY A 120 11.34 -3.65 -5.95
CA GLY A 120 12.11 -2.45 -5.61
C GLY A 120 11.88 -2.07 -4.14
N HIS A 121 10.65 -2.21 -3.64
CA HIS A 121 10.36 -1.87 -2.24
C HIS A 121 11.14 -2.76 -1.25
N VAL A 122 11.13 -4.07 -1.50
CA VAL A 122 11.86 -4.97 -0.62
C VAL A 122 13.34 -4.60 -0.62
N THR A 123 13.83 -4.14 -1.77
CA THR A 123 15.22 -3.78 -1.94
C THR A 123 15.64 -2.48 -1.25
N MET A 124 14.79 -1.45 -1.34
CA MET A 124 15.14 -0.19 -0.72
C MET A 124 15.09 -0.26 0.80
N LEU A 125 14.24 -1.13 1.35
CA LEU A 125 14.15 -1.26 2.80
C LEU A 125 15.47 -1.85 3.33
N LEU A 126 16.08 -2.73 2.55
CA LEU A 126 17.37 -3.33 2.93
C LEU A 126 18.48 -2.27 2.78
N GLY A 127 18.34 -1.37 1.82
CA GLY A 127 19.35 -0.34 1.68
C GLY A 127 19.26 0.47 2.97
N ALA A 128 18.05 0.97 3.23
CA ALA A 128 17.77 1.73 4.42
C ALA A 128 18.46 1.05 5.61
N ALA A 129 18.14 -0.22 5.86
CA ALA A 129 18.75 -0.95 6.96
C ALA A 129 20.26 -0.74 6.94
N LYS A 130 20.94 -1.43 6.02
CA LYS A 130 22.39 -1.37 5.86
C LYS A 130 22.96 -0.02 6.29
N ILE A 131 22.16 1.02 6.08
CA ILE A 131 22.51 2.39 6.44
C ILE A 131 22.35 2.54 7.97
N LEU A 132 21.11 2.38 8.44
CA LEU A 132 20.80 2.49 9.86
C LEU A 132 21.73 1.60 10.71
N HIS A 133 22.03 0.41 10.20
CA HIS A 133 22.87 -0.54 10.91
C HIS A 133 24.28 0.01 11.15
N GLU A 134 24.74 0.93 10.31
CA GLU A 134 26.07 1.51 10.48
C GLU A 134 26.06 2.37 11.75
N HIS A 135 24.99 3.12 11.97
CA HIS A 135 24.91 3.94 13.18
C HIS A 135 23.89 3.32 14.12
N ARG A 136 23.87 2.00 14.18
CA ARG A 136 22.90 1.31 15.03
C ARG A 136 23.02 1.65 16.52
N HIS A 137 24.24 1.92 16.99
CA HIS A 137 24.39 2.26 18.40
C HIS A 137 24.04 3.72 18.67
N HIS A 138 23.82 4.49 17.62
CA HIS A 138 23.47 5.91 17.78
C HIS A 138 21.97 6.16 17.61
N LEU A 139 21.21 5.08 17.43
CA LEU A 139 19.76 5.18 17.26
C LEU A 139 19.10 5.19 18.64
N GLN A 140 18.30 6.21 18.89
CA GLN A 140 17.60 6.35 20.17
C GLN A 140 16.25 5.65 20.15
N GLY A 141 16.32 4.33 19.96
CA GLY A 141 15.12 3.52 19.89
C GLY A 141 15.41 2.38 18.94
N THR A 142 14.36 1.67 18.52
CA THR A 142 14.49 0.52 17.63
C THR A 142 13.67 0.69 16.34
N VAL A 143 14.15 0.09 15.25
CA VAL A 143 13.46 0.15 13.96
C VAL A 143 12.91 -1.25 13.68
N VAL A 144 11.62 -1.33 13.40
CA VAL A 144 10.94 -2.59 13.09
C VAL A 144 10.77 -2.61 11.55
N LEU A 145 11.57 -3.43 10.88
CA LEU A 145 11.55 -3.51 9.40
C LEU A 145 10.44 -4.39 8.92
N ILE A 146 9.32 -3.75 8.62
CA ILE A 146 8.13 -4.46 8.20
C ILE A 146 8.17 -4.90 6.75
N PHE A 147 8.56 -6.15 6.52
CA PHE A 147 8.56 -6.71 5.18
C PHE A 147 7.22 -7.41 5.09
N GLN A 148 6.21 -6.68 4.64
CA GLN A 148 4.82 -7.15 4.52
C GLN A 148 4.44 -7.62 3.13
N PRO A 149 4.19 -8.92 2.96
CA PRO A 149 3.81 -9.49 1.66
C PRO A 149 2.28 -9.58 1.51
N ALA A 150 1.85 -10.28 0.48
CA ALA A 150 0.43 -10.51 0.25
C ALA A 150 -0.44 -9.26 0.20
N GLU A 151 0.14 -8.18 -0.32
CA GLU A 151 -0.58 -6.92 -0.48
C GLU A 151 -1.61 -7.01 -1.60
N GLU A 152 -1.34 -7.77 -2.66
CA GLU A 152 -2.28 -7.77 -3.78
C GLU A 152 -3.69 -8.25 -3.41
N GLY A 153 -3.76 -9.22 -2.51
CA GLY A 153 -5.04 -9.72 -2.06
C GLY A 153 -5.68 -8.75 -1.10
N LEU A 154 -4.89 -7.78 -0.61
CA LEU A 154 -5.34 -6.75 0.31
C LEU A 154 -5.60 -7.22 1.74
N SER A 155 -5.06 -8.36 2.12
CA SER A 155 -5.23 -8.86 3.49
C SER A 155 -3.87 -8.87 4.20
N GLY A 156 -2.81 -8.63 3.44
CA GLY A 156 -1.46 -8.65 4.00
C GLY A 156 -1.20 -7.96 5.32
N ALA A 157 -1.36 -6.64 5.34
CA ALA A 157 -1.14 -5.89 6.57
C ALA A 157 -2.09 -6.40 7.66
N LYS A 158 -3.40 -6.39 7.37
CA LYS A 158 -4.41 -6.87 8.33
C LYS A 158 -4.01 -8.25 8.87
N LYS A 159 -3.60 -9.16 7.98
CA LYS A 159 -3.20 -10.50 8.41
C LYS A 159 -2.03 -10.39 9.38
N MET A 160 -1.05 -9.54 9.06
CA MET A 160 0.08 -9.38 9.96
C MET A 160 -0.44 -8.70 11.23
N ARG A 161 -1.27 -7.66 11.05
CA ARG A 161 -1.85 -6.91 12.17
C ARG A 161 -2.49 -7.86 13.17
N GLU A 162 -3.29 -8.80 12.67
CA GLU A 162 -3.96 -9.79 13.53
C GLU A 162 -2.89 -10.54 14.33
N GLU A 163 -1.85 -10.97 13.62
CA GLU A 163 -0.74 -11.67 14.23
C GLU A 163 0.21 -10.70 14.94
N GLY A 164 -0.18 -9.42 14.95
CA GLY A 164 0.60 -8.39 15.62
C GLY A 164 1.77 -7.74 14.89
N ALA A 165 1.85 -6.42 14.85
CA ALA A 165 3.01 -5.82 14.19
C ALA A 165 3.29 -4.39 14.60
N LEU A 166 2.32 -3.74 15.22
CA LEU A 166 2.50 -2.36 15.62
C LEU A 166 2.54 -2.23 17.15
N LYS A 167 2.64 -3.37 17.83
CA LYS A 167 2.65 -3.37 19.30
C LYS A 167 3.73 -2.44 19.84
N ASN A 168 3.27 -1.39 20.54
CA ASN A 168 4.18 -0.40 21.10
C ASN A 168 4.97 0.35 20.03
N VAL A 169 4.53 0.25 18.77
CA VAL A 169 5.20 0.96 17.67
C VAL A 169 4.59 2.36 17.60
N GLU A 170 5.43 3.38 17.58
CA GLU A 170 4.96 4.76 17.55
C GLU A 170 4.53 5.28 16.17
N ALA A 171 5.01 4.65 15.11
CA ALA A 171 4.68 5.10 13.75
C ALA A 171 5.13 4.05 12.74
N ILE A 172 4.63 4.15 11.51
CA ILE A 172 5.01 3.22 10.46
C ILE A 172 5.05 3.94 9.10
N PHE A 173 6.08 3.65 8.32
CA PHE A 173 6.30 4.24 6.99
C PHE A 173 6.27 3.24 5.86
N GLY A 174 5.77 3.69 4.72
CA GLY A 174 5.71 2.84 3.55
C GLY A 174 5.76 3.74 2.31
N ILE A 175 6.84 3.63 1.54
CA ILE A 175 6.98 4.40 0.31
C ILE A 175 6.59 3.44 -0.83
N HIS A 176 6.10 3.97 -1.93
CA HIS A 176 5.75 3.13 -3.08
C HIS A 176 6.37 3.79 -4.32
N LEU A 177 7.01 3.00 -5.18
CA LEU A 177 7.64 3.51 -6.40
C LEU A 177 6.60 4.11 -7.34
N SER A 178 6.70 5.40 -7.62
CA SER A 178 5.69 5.99 -8.46
C SER A 178 6.04 6.10 -9.94
N ALA A 179 5.28 5.37 -10.76
CA ALA A 179 5.48 5.44 -12.19
C ALA A 179 4.61 6.58 -12.74
N ARG A 180 4.32 7.56 -11.89
CA ARG A 180 3.53 8.74 -12.25
C ARG A 180 4.19 10.02 -11.76
N ILE A 181 5.12 9.88 -10.83
CA ILE A 181 5.84 11.01 -10.25
C ILE A 181 7.22 11.08 -10.88
N PRO A 182 7.69 12.29 -11.24
CA PRO A 182 9.02 12.41 -11.85
C PRO A 182 10.16 11.99 -10.93
N PHE A 183 11.20 11.38 -11.53
CA PHE A 183 12.39 10.91 -10.84
C PHE A 183 12.97 11.94 -9.87
N GLY A 184 13.68 11.46 -8.87
CA GLY A 184 14.28 12.36 -7.88
C GLY A 184 13.32 13.04 -6.91
N LYS A 185 12.01 12.98 -7.16
CA LYS A 185 11.05 13.61 -6.26
C LYS A 185 10.33 12.60 -5.36
N ALA A 186 9.70 13.10 -4.30
CA ALA A 186 8.95 12.26 -3.36
C ALA A 186 7.61 12.97 -3.15
N ALA A 187 6.53 12.20 -3.05
CA ALA A 187 5.23 12.83 -2.93
C ALA A 187 4.48 12.44 -1.68
N SER A 188 3.70 13.37 -1.14
CA SER A 188 2.90 13.10 0.05
C SER A 188 1.97 14.27 0.29
N ARG A 189 1.09 14.10 1.26
CA ARG A 189 0.13 15.12 1.65
C ARG A 189 -0.32 14.72 3.05
N ALA A 190 -0.77 15.69 3.83
CA ALA A 190 -1.28 15.41 5.17
C ALA A 190 -2.75 14.98 5.07
N GLY A 191 -3.20 14.17 6.02
CA GLY A 191 -4.59 13.75 6.04
C GLY A 191 -4.93 12.64 5.05
N SER A 192 -6.17 12.63 4.60
CA SER A 192 -6.65 11.61 3.66
C SER A 192 -5.81 11.62 2.38
N PHE A 193 -5.41 10.44 1.91
CA PHE A 193 -4.55 10.36 0.73
C PHE A 193 -5.01 9.32 -0.28
N LEU A 194 -5.17 8.07 0.16
CA LEU A 194 -5.58 6.98 -0.72
C LEU A 194 -6.99 6.56 -0.37
N ALA A 195 -7.85 6.40 -1.37
CA ALA A 195 -9.23 6.03 -1.12
C ALA A 195 -9.46 4.68 -0.45
N GLY A 196 -10.49 4.63 0.40
CA GLY A 196 -10.86 3.39 1.04
C GLY A 196 -11.63 2.58 0.01
N ALA A 197 -12.02 1.35 0.36
CA ALA A 197 -12.77 0.51 -0.55
C ALA A 197 -13.54 -0.57 0.19
N GLY A 198 -14.81 -0.73 -0.17
CA GLY A 198 -15.63 -1.73 0.47
C GLY A 198 -16.56 -2.38 -0.54
N VAL A 199 -17.27 -3.43 -0.11
CA VAL A 199 -18.22 -4.12 -0.98
C VAL A 199 -19.54 -4.26 -0.24
N PHE A 200 -20.61 -4.48 -0.98
CA PHE A 200 -21.92 -4.63 -0.39
C PHE A 200 -22.66 -5.75 -1.12
N GLU A 201 -23.56 -6.40 -0.39
CA GLU A 201 -24.35 -7.48 -0.97
C GLU A 201 -25.77 -7.29 -0.48
N ALA A 202 -26.73 -7.35 -1.40
CA ALA A 202 -28.13 -7.18 -1.03
C ALA A 202 -29.03 -8.22 -1.69
N VAL A 203 -30.01 -8.72 -0.93
CA VAL A 203 -30.95 -9.69 -1.47
C VAL A 203 -32.32 -9.04 -1.44
N ILE A 204 -32.94 -8.93 -2.62
CA ILE A 204 -34.26 -8.31 -2.73
C ILE A 204 -35.33 -9.38 -2.88
N THR A 205 -36.38 -9.28 -2.07
CA THR A 205 -37.48 -10.25 -2.10
C THR A 205 -38.86 -9.58 -2.08
N GLY A 206 -39.84 -10.23 -2.70
CA GLY A 206 -41.18 -9.66 -2.73
C GLY A 206 -41.89 -9.75 -1.39
N LYS A 207 -43.16 -9.32 -1.36
CA LYS A 207 -43.96 -9.33 -0.15
C LYS A 207 -45.43 -9.41 -0.51
N THR A 217 -46.65 -9.42 -7.71
CA THR A 217 -46.36 -9.87 -9.08
C THR A 217 -44.87 -10.06 -9.25
N ILE A 218 -44.16 -9.00 -9.62
CA ILE A 218 -42.72 -9.05 -9.81
C ILE A 218 -42.04 -7.76 -9.36
N ASP A 219 -42.37 -7.33 -8.16
CA ASP A 219 -41.80 -6.12 -7.62
C ASP A 219 -40.29 -6.18 -7.38
N PRO A 220 -39.76 -7.37 -7.03
CA PRO A 220 -38.31 -7.44 -6.81
C PRO A 220 -37.57 -7.15 -8.12
N VAL A 221 -38.16 -7.55 -9.24
CA VAL A 221 -37.57 -7.31 -10.56
C VAL A 221 -37.52 -5.82 -10.88
N VAL A 222 -38.57 -5.11 -10.51
CA VAL A 222 -38.65 -3.68 -10.73
C VAL A 222 -37.78 -2.94 -9.73
N ALA A 223 -37.82 -3.40 -8.49
CA ALA A 223 -37.04 -2.81 -7.41
C ALA A 223 -35.54 -2.86 -7.71
N ALA A 224 -35.07 -3.99 -8.24
CA ALA A 224 -33.66 -4.16 -8.56
C ALA A 224 -33.17 -3.15 -9.60
N SER A 225 -33.81 -3.13 -10.76
CA SER A 225 -33.41 -2.19 -11.81
C SER A 225 -33.43 -0.75 -11.31
N SER A 226 -34.39 -0.45 -10.44
CA SER A 226 -34.50 0.88 -9.86
C SER A 226 -33.31 1.11 -8.92
N ILE A 227 -32.95 0.06 -8.17
CA ILE A 227 -31.83 0.12 -7.25
C ILE A 227 -30.55 0.37 -8.03
N VAL A 228 -30.38 -0.34 -9.15
CA VAL A 228 -29.20 -0.20 -9.98
C VAL A 228 -28.98 1.24 -10.44
N LEU A 229 -30.06 1.98 -10.64
CA LEU A 229 -29.95 3.38 -11.08
C LEU A 229 -29.90 4.37 -9.92
N SER A 230 -30.58 4.06 -8.82
CA SER A 230 -30.58 4.96 -7.67
C SER A 230 -29.20 5.03 -7.02
N LEU A 231 -28.37 4.03 -7.26
CA LEU A 231 -27.03 4.05 -6.68
C LEU A 231 -26.18 4.96 -7.57
N GLN A 232 -26.52 5.00 -8.85
CA GLN A 232 -25.81 5.84 -9.83
C GLN A 232 -25.88 7.30 -9.38
N GLN A 233 -26.92 7.61 -8.62
CA GLN A 233 -27.12 8.96 -8.11
C GLN A 233 -26.12 9.26 -6.99
N LEU A 234 -25.52 8.21 -6.43
CA LEU A 234 -24.54 8.37 -5.35
C LEU A 234 -23.12 8.56 -5.86
N VAL A 235 -22.91 8.38 -7.17
CA VAL A 235 -21.58 8.61 -7.69
C VAL A 235 -21.48 10.11 -7.85
N SER A 236 -20.46 10.69 -7.20
CA SER A 236 -20.24 12.13 -7.28
C SER A 236 -18.78 12.45 -7.52
N ARG A 237 -18.56 13.44 -8.38
CA ARG A 237 -17.23 13.91 -8.75
C ARG A 237 -17.32 15.44 -8.94
N GLU A 238 -17.00 16.20 -7.89
CA GLU A 238 -17.06 17.65 -8.00
C GLU A 238 -15.66 18.25 -8.12
N THR A 239 -15.47 19.43 -7.55
CA THR A 239 -14.19 20.10 -7.64
C THR A 239 -13.10 19.52 -6.72
N ASP A 240 -13.33 19.49 -5.41
CA ASP A 240 -12.33 18.92 -4.51
C ASP A 240 -12.18 17.44 -4.84
N PRO A 241 -11.00 17.03 -5.34
CA PRO A 241 -10.84 15.61 -5.66
C PRO A 241 -10.98 14.68 -4.45
N LEU A 242 -11.07 15.24 -3.25
CA LEU A 242 -11.24 14.42 -2.07
C LEU A 242 -12.72 14.11 -1.84
N ASP A 243 -13.60 14.82 -2.53
CA ASP A 243 -15.04 14.58 -2.40
C ASP A 243 -15.54 13.43 -3.28
N SER A 244 -14.71 12.93 -4.18
CA SER A 244 -15.12 11.88 -5.09
C SER A 244 -15.62 10.62 -4.39
N LYS A 245 -16.80 10.18 -4.78
CA LYS A 245 -17.39 8.97 -4.22
C LYS A 245 -17.90 8.18 -5.39
N VAL A 246 -17.66 6.87 -5.32
CA VAL A 246 -18.09 5.97 -6.37
C VAL A 246 -18.83 4.78 -5.76
N VAL A 247 -19.83 4.31 -6.49
CA VAL A 247 -20.60 3.15 -6.11
C VAL A 247 -20.75 2.40 -7.43
N THR A 248 -20.23 1.17 -7.44
CA THR A 248 -20.25 0.31 -8.61
C THR A 248 -21.11 -0.92 -8.37
N VAL A 249 -21.86 -1.30 -9.41
CA VAL A 249 -22.70 -2.48 -9.36
C VAL A 249 -22.05 -3.40 -10.40
N SER A 250 -21.41 -4.46 -9.93
CA SER A 250 -20.75 -5.39 -10.83
C SER A 250 -21.34 -6.78 -10.66
N LYS A 251 -22.50 -6.85 -10.02
CA LYS A 251 -23.16 -8.13 -9.79
C LYS A 251 -24.68 -8.01 -9.68
N VAL A 252 -25.37 -8.75 -10.54
CA VAL A 252 -26.84 -8.78 -10.54
C VAL A 252 -27.31 -10.10 -11.17
N ASN A 253 -27.96 -10.93 -10.36
CA ASN A 253 -28.45 -12.22 -10.86
C ASN A 253 -29.49 -12.86 -9.95
N PRO A 262 -38.77 -14.82 -11.41
CA PRO A 262 -37.57 -14.48 -10.64
C PRO A 262 -37.90 -14.23 -9.17
N ASP A 263 -37.76 -15.27 -8.34
CA ASP A 263 -38.06 -15.19 -6.92
C ASP A 263 -37.46 -13.98 -6.22
N SER A 264 -36.14 -13.96 -6.07
CA SER A 264 -35.44 -12.86 -5.43
C SER A 264 -34.26 -12.44 -6.29
N ILE A 265 -33.74 -11.25 -6.02
CA ILE A 265 -32.62 -10.73 -6.78
C ILE A 265 -31.47 -10.38 -5.83
N THR A 266 -30.27 -10.75 -6.24
CA THR A 266 -29.07 -10.48 -5.46
C THR A 266 -28.20 -9.44 -6.16
N ILE A 267 -27.95 -8.34 -5.46
CA ILE A 267 -27.13 -7.25 -6.00
C ILE A 267 -25.77 -7.20 -5.31
N GLY A 268 -24.73 -6.93 -6.08
CA GLY A 268 -23.39 -6.84 -5.53
C GLY A 268 -22.58 -5.77 -6.22
N GLY A 269 -21.61 -5.21 -5.50
CA GLY A 269 -20.79 -4.18 -6.09
C GLY A 269 -19.76 -3.64 -5.11
N THR A 270 -19.25 -2.45 -5.40
CA THR A 270 -18.25 -1.83 -4.56
C THR A 270 -18.56 -0.35 -4.28
N LEU A 271 -17.89 0.20 -3.27
CA LEU A 271 -18.05 1.59 -2.93
C LEU A 271 -16.69 2.13 -2.48
N ARG A 272 -16.40 3.37 -2.88
CA ARG A 272 -15.13 4.01 -2.55
C ARG A 272 -15.34 5.48 -2.25
N ALA A 273 -14.57 5.97 -1.28
CA ALA A 273 -14.65 7.36 -0.86
C ALA A 273 -13.37 7.72 -0.12
N PHE A 274 -13.00 9.00 -0.16
CA PHE A 274 -11.80 9.49 0.54
C PHE A 274 -12.23 9.93 1.93
N THR A 275 -13.44 10.49 2.01
CA THR A 275 -14.00 10.99 3.26
C THR A 275 -15.46 10.52 3.35
N GLY A 276 -16.10 10.69 4.50
CA GLY A 276 -17.48 10.27 4.66
C GLY A 276 -17.66 8.81 4.27
N PHE A 277 -16.59 8.03 4.44
CA PHE A 277 -16.63 6.61 4.08
C PHE A 277 -17.79 5.91 4.79
N THR A 278 -18.05 6.29 6.04
CA THR A 278 -19.14 5.71 6.85
C THR A 278 -20.51 6.08 6.27
N GLN A 279 -20.66 7.35 5.92
CA GLN A 279 -21.91 7.83 5.35
C GLN A 279 -22.21 7.18 4.00
N LEU A 280 -21.18 6.93 3.19
CA LEU A 280 -21.42 6.34 1.88
C LEU A 280 -21.96 4.91 2.05
N GLN A 281 -21.35 4.12 2.93
CA GLN A 281 -21.81 2.76 3.18
C GLN A 281 -23.27 2.79 3.65
N GLN A 282 -23.55 3.63 4.64
CA GLN A 282 -24.91 3.72 5.18
C GLN A 282 -25.87 4.35 4.16
N ARG A 283 -25.34 5.17 3.26
CA ARG A 283 -26.18 5.79 2.23
C ARG A 283 -26.60 4.71 1.22
N VAL A 284 -25.66 3.86 0.85
CA VAL A 284 -25.93 2.78 -0.11
C VAL A 284 -27.02 1.86 0.50
N LYS A 285 -26.85 1.50 1.76
CA LYS A 285 -27.84 0.64 2.43
C LYS A 285 -29.18 1.37 2.55
N GLU A 286 -29.12 2.68 2.71
CA GLU A 286 -30.32 3.51 2.80
C GLU A 286 -31.10 3.37 1.48
N VAL A 287 -30.43 3.67 0.38
CA VAL A 287 -31.07 3.58 -0.93
C VAL A 287 -31.71 2.22 -1.13
N ILE A 288 -30.91 1.17 -0.93
CA ILE A 288 -31.40 -0.19 -1.08
C ILE A 288 -32.63 -0.41 -0.20
N THR A 289 -32.50 -0.09 1.08
CA THR A 289 -33.57 -0.25 2.05
C THR A 289 -34.84 0.54 1.70
N LYS A 290 -34.68 1.81 1.37
CA LYS A 290 -35.86 2.61 1.05
C LYS A 290 -36.48 2.17 -0.27
N GLN A 291 -35.65 1.96 -1.29
CA GLN A 291 -36.16 1.54 -2.57
C GLN A 291 -36.95 0.24 -2.46
N ALA A 292 -36.48 -0.69 -1.64
CA ALA A 292 -37.19 -1.95 -1.47
C ALA A 292 -38.54 -1.69 -0.82
N ALA A 293 -38.53 -0.96 0.28
CA ALA A 293 -39.74 -0.64 1.00
C ALA A 293 -40.82 -0.02 0.11
N VAL A 294 -40.46 0.99 -0.69
CA VAL A 294 -41.43 1.64 -1.58
C VAL A 294 -41.88 0.78 -2.74
N HIS A 295 -41.31 -0.42 -2.87
CA HIS A 295 -41.72 -1.34 -3.91
C HIS A 295 -42.30 -2.59 -3.26
N ARG A 296 -42.72 -2.43 -2.01
CA ARG A 296 -43.30 -3.50 -1.19
C ARG A 296 -42.40 -4.72 -1.15
N CYS A 297 -41.09 -4.48 -1.11
CA CYS A 297 -40.14 -5.56 -1.07
C CYS A 297 -39.24 -5.52 0.15
N ASN A 298 -38.69 -6.68 0.49
CA ASN A 298 -37.78 -6.78 1.60
C ASN A 298 -36.38 -6.85 0.98
N ALA A 299 -35.39 -6.44 1.77
CA ALA A 299 -34.01 -6.47 1.32
C ALA A 299 -33.11 -6.54 2.54
N SER A 300 -32.15 -7.45 2.49
CA SER A 300 -31.20 -7.60 3.56
C SER A 300 -29.89 -7.04 3.01
N VAL A 301 -29.31 -6.06 3.69
CA VAL A 301 -28.07 -5.48 3.20
C VAL A 301 -26.83 -5.84 4.00
N ASN A 302 -25.90 -6.54 3.34
CA ASN A 302 -24.66 -6.94 3.98
C ASN A 302 -23.49 -6.06 3.48
N LEU A 303 -22.92 -5.25 4.37
CA LEU A 303 -21.80 -4.37 4.05
C LEU A 303 -20.43 -5.00 4.30
N THR A 304 -20.42 -6.28 4.67
CA THR A 304 -19.17 -7.02 4.88
C THR A 304 -19.50 -8.44 4.43
N PRO A 305 -19.94 -8.59 3.16
CA PRO A 305 -20.28 -9.92 2.65
C PRO A 305 -19.16 -10.95 2.63
N ASN A 306 -19.47 -12.12 3.19
CA ASN A 306 -18.52 -13.23 3.24
C ASN A 306 -17.19 -12.84 3.89
N GLY A 307 -17.25 -11.99 4.91
CA GLY A 307 -16.02 -11.58 5.58
C GLY A 307 -15.18 -10.56 4.81
N ARG A 308 -15.75 -9.92 3.80
CA ARG A 308 -15.02 -8.90 3.05
C ARG A 308 -15.12 -7.59 3.85
N GLU A 309 -14.15 -7.35 4.72
CA GLU A 309 -14.15 -6.15 5.55
C GLU A 309 -13.75 -4.92 4.76
N PRO A 310 -14.40 -3.79 5.04
CA PRO A 310 -14.02 -2.59 4.28
C PRO A 310 -12.61 -2.13 4.62
N MET A 311 -11.89 -1.67 3.62
CA MET A 311 -10.55 -1.15 3.81
C MET A 311 -10.77 0.35 4.01
N PRO A 312 -10.18 0.92 5.07
CA PRO A 312 -10.40 2.35 5.26
C PRO A 312 -9.48 3.24 4.41
N PRO A 313 -9.84 4.52 4.26
CA PRO A 313 -9.01 5.43 3.47
C PRO A 313 -7.60 5.44 4.13
N THR A 314 -6.55 5.66 3.34
CA THR A 314 -5.19 5.72 3.89
C THR A 314 -4.95 7.17 4.28
N VAL A 315 -4.74 7.39 5.58
CA VAL A 315 -4.53 8.75 6.10
C VAL A 315 -3.10 8.93 6.58
N ASN A 316 -2.48 10.04 6.15
CA ASN A 316 -1.12 10.37 6.53
C ASN A 316 -1.13 11.33 7.71
N ASN A 317 -0.46 10.93 8.78
CA ASN A 317 -0.37 11.77 9.96
C ASN A 317 0.40 13.07 9.68
N LYS A 318 -0.18 14.19 10.05
CA LYS A 318 0.44 15.49 9.84
C LYS A 318 1.90 15.54 10.27
N ASP A 319 2.16 15.26 11.55
CA ASP A 319 3.52 15.26 12.09
C ASP A 319 4.49 14.43 11.26
N LEU A 320 4.10 13.21 10.90
CA LEU A 320 4.99 12.38 10.08
C LEU A 320 5.17 13.03 8.71
N TYR A 321 4.06 13.53 8.15
CA TYR A 321 4.09 14.19 6.84
C TYR A 321 5.09 15.36 6.88
N LYS A 322 5.00 16.18 7.92
CA LYS A 322 5.92 17.32 8.06
C LYS A 322 7.35 16.79 8.13
N GLN A 323 7.59 15.82 9.02
CA GLN A 323 8.92 15.22 9.17
C GLN A 323 9.42 14.73 7.82
N PHE A 324 8.54 14.05 7.08
CA PHE A 324 8.88 13.54 5.76
C PHE A 324 9.35 14.67 4.84
N LYS A 325 8.56 15.74 4.73
CA LYS A 325 8.94 16.87 3.89
C LYS A 325 10.32 17.36 4.29
N LYS A 326 10.51 17.61 5.58
CA LYS A 326 11.79 18.09 6.08
C LYS A 326 12.91 17.09 5.77
N VAL A 327 12.65 15.81 6.04
CA VAL A 327 13.63 14.78 5.75
C VAL A 327 13.96 14.75 4.26
N VAL A 328 12.93 14.76 3.41
CA VAL A 328 13.12 14.70 1.96
C VAL A 328 13.94 15.88 1.43
N ARG A 329 13.57 17.09 1.85
CA ARG A 329 14.28 18.27 1.40
C ARG A 329 15.72 18.26 1.92
N ASP A 330 15.90 18.00 3.23
CA ASP A 330 17.24 17.97 3.81
C ASP A 330 18.11 16.94 3.11
N LEU A 331 17.50 16.01 2.38
CA LEU A 331 18.25 14.97 1.69
C LEU A 331 18.36 15.20 0.18
N LEU A 332 17.34 15.80 -0.42
CA LEU A 332 17.35 15.99 -1.86
C LEU A 332 17.10 17.40 -2.38
N GLY A 333 16.88 18.36 -1.49
CA GLY A 333 16.65 19.72 -1.95
C GLY A 333 15.22 20.18 -1.82
N GLN A 334 15.03 21.50 -1.81
CA GLN A 334 13.69 22.06 -1.66
C GLN A 334 12.65 21.49 -2.63
N GLU A 335 12.98 21.50 -3.92
CA GLU A 335 12.08 21.01 -4.95
C GLU A 335 11.93 19.48 -5.06
N ALA A 336 12.54 18.74 -4.14
CA ALA A 336 12.45 17.29 -4.21
C ALA A 336 11.17 16.73 -3.58
N PHE A 337 10.35 17.62 -3.01
CA PHE A 337 9.09 17.20 -2.40
C PHE A 337 7.91 17.75 -3.18
N VAL A 338 7.00 16.86 -3.57
CA VAL A 338 5.80 17.28 -4.28
C VAL A 338 4.56 16.87 -3.48
N GLU A 339 3.56 17.72 -3.49
CA GLU A 339 2.32 17.44 -2.78
C GLU A 339 1.54 16.40 -3.61
N ALA A 340 1.33 15.23 -3.02
CA ALA A 340 0.64 14.17 -3.71
C ALA A 340 -0.85 14.48 -3.89
N ALA A 341 -1.39 14.02 -5.02
CA ALA A 341 -2.80 14.20 -5.31
C ALA A 341 -3.56 13.03 -4.74
N PRO A 342 -4.75 13.29 -4.16
CA PRO A 342 -5.52 12.18 -3.62
C PRO A 342 -5.62 11.11 -4.72
N VAL A 343 -5.30 9.87 -4.37
CA VAL A 343 -5.35 8.75 -5.32
C VAL A 343 -6.51 7.84 -4.96
N MET A 344 -7.59 7.85 -5.75
CA MET A 344 -8.71 6.96 -5.42
C MET A 344 -8.29 5.55 -5.83
N GLY A 345 -7.30 5.02 -5.11
CA GLY A 345 -6.79 3.69 -5.39
C GLY A 345 -6.66 2.91 -4.09
N SER A 346 -6.43 1.60 -4.17
CA SER A 346 -6.30 0.75 -2.98
C SER A 346 -4.85 0.53 -2.54
N GLU A 347 -4.68 0.27 -1.24
CA GLU A 347 -3.36 0.03 -0.66
C GLU A 347 -3.56 -0.43 0.77
N ASP A 348 -3.03 -1.60 1.11
CA ASP A 348 -3.20 -2.15 2.45
C ASP A 348 -2.51 -1.35 3.55
N PHE A 349 -1.51 -0.55 3.21
CA PHE A 349 -0.86 0.29 4.22
C PHE A 349 -1.99 0.96 5.05
N SER A 350 -3.15 1.10 4.41
CA SER A 350 -4.34 1.68 5.05
C SER A 350 -4.59 1.05 6.42
N TYR A 351 -4.58 -0.28 6.50
CA TYR A 351 -4.80 -0.95 7.79
C TYR A 351 -3.76 -0.57 8.84
N PHE A 352 -2.47 -0.60 8.51
CA PHE A 352 -1.47 -0.19 9.51
C PHE A 352 -1.87 1.19 10.01
N ALA A 353 -2.06 2.09 9.04
CA ALA A 353 -2.44 3.49 9.31
C ALA A 353 -3.74 3.56 10.11
N GLU A 354 -4.41 2.43 10.27
CA GLU A 354 -5.62 2.42 11.06
C GLU A 354 -5.25 2.07 12.52
N THR A 355 -4.25 1.21 12.74
CA THR A 355 -3.88 0.87 14.12
C THR A 355 -2.94 1.90 14.80
N ILE A 356 -1.92 2.40 14.10
CA ILE A 356 -1.07 3.46 14.66
C ILE A 356 -0.86 4.55 13.60
N PRO A 357 -0.20 5.65 13.97
CA PRO A 357 0.06 6.73 13.02
C PRO A 357 0.88 6.19 11.85
N GLY A 358 0.41 6.40 10.63
CA GLY A 358 1.14 5.90 9.48
C GLY A 358 1.45 6.98 8.46
N HIS A 359 2.44 6.73 7.61
CA HIS A 359 2.80 7.70 6.58
C HIS A 359 3.16 6.94 5.31
N PHE A 360 2.46 7.29 4.23
CA PHE A 360 2.64 6.62 2.95
C PHE A 360 2.98 7.67 1.89
N SER A 361 4.05 7.45 1.15
CA SER A 361 4.46 8.41 0.14
C SER A 361 4.90 7.72 -1.14
N LEU A 362 4.97 8.50 -2.22
CA LEU A 362 5.40 8.00 -3.52
C LEU A 362 6.85 8.42 -3.77
N LEU A 363 7.58 7.59 -4.52
CA LEU A 363 8.96 7.93 -4.85
C LEU A 363 9.00 7.92 -6.39
N GLY A 364 9.27 9.08 -6.97
CA GLY A 364 9.26 9.22 -8.41
C GLY A 364 10.28 8.45 -9.22
N MET A 365 9.87 8.01 -10.41
CA MET A 365 10.73 7.29 -11.34
C MET A 365 10.54 7.77 -12.79
N GLN A 366 9.52 8.59 -13.02
CA GLN A 366 9.21 9.01 -14.38
C GLN A 366 10.21 9.97 -15.02
N ASP A 367 10.48 9.76 -16.31
CA ASP A 367 11.40 10.62 -17.04
C ASP A 367 10.61 11.73 -17.74
N GLU A 368 11.30 12.68 -18.36
CA GLU A 368 10.62 13.80 -18.98
C GLU A 368 9.80 13.50 -20.25
N THR A 369 9.76 12.24 -20.69
CA THR A 369 9.00 11.89 -21.89
C THR A 369 7.86 10.91 -21.60
N ASN A 370 7.71 10.55 -20.33
CA ASN A 370 6.64 9.64 -19.93
C ASN A 370 6.81 8.22 -20.44
N GLY A 371 8.06 7.76 -20.56
CA GLY A 371 8.29 6.40 -21.06
C GLY A 371 8.01 5.29 -20.05
N TYR A 372 8.24 5.58 -18.77
CA TYR A 372 8.01 4.57 -17.74
C TYR A 372 6.53 4.25 -17.68
N ALA A 373 6.22 2.99 -17.92
CA ALA A 373 4.84 2.50 -17.94
C ALA A 373 4.16 2.63 -16.59
N SER A 374 2.84 2.83 -16.63
CA SER A 374 2.05 2.93 -15.41
C SER A 374 2.15 1.61 -14.64
N SER A 375 2.07 1.67 -13.31
CA SER A 375 2.12 0.44 -12.51
C SER A 375 1.05 -0.52 -13.03
N HIS A 376 1.21 -1.82 -12.77
CA HIS A 376 0.29 -2.84 -13.27
C HIS A 376 0.44 -3.12 -14.78
N SER A 377 1.27 -2.33 -15.46
CA SER A 377 1.46 -2.58 -16.89
C SER A 377 2.45 -3.71 -17.17
N PRO A 378 2.19 -4.54 -18.21
CA PRO A 378 3.13 -5.62 -18.52
C PRO A 378 4.49 -5.03 -18.89
N LEU A 379 4.50 -3.73 -19.23
CA LEU A 379 5.74 -3.02 -19.62
C LEU A 379 6.38 -2.26 -18.47
N TYR A 380 5.79 -2.40 -17.28
CA TYR A 380 6.32 -1.75 -16.08
C TYR A 380 7.78 -2.10 -15.88
N ARG A 381 8.58 -1.07 -15.60
CA ARG A 381 9.99 -1.22 -15.36
C ARG A 381 10.31 -0.46 -14.09
N ILE A 382 11.28 -0.96 -13.35
CA ILE A 382 11.73 -0.20 -12.22
C ILE A 382 12.88 0.67 -12.76
N ASN A 383 12.94 1.91 -12.27
CA ASN A 383 14.02 2.83 -12.61
C ASN A 383 15.00 2.75 -11.43
N GLU A 384 15.94 1.80 -11.50
CA GLU A 384 16.90 1.54 -10.42
C GLU A 384 17.73 2.73 -9.99
N ASP A 385 18.01 3.66 -10.91
CA ASP A 385 18.76 4.85 -10.56
C ASP A 385 18.10 5.59 -9.38
N VAL A 386 16.90 5.19 -8.99
CA VAL A 386 16.20 5.85 -7.87
C VAL A 386 16.32 5.11 -6.53
N LEU A 387 16.63 3.82 -6.57
CA LEU A 387 16.71 3.00 -5.35
C LEU A 387 17.48 3.63 -4.19
N PRO A 388 18.73 4.07 -4.43
CA PRO A 388 19.46 4.68 -3.31
C PRO A 388 18.67 5.82 -2.64
N TYR A 389 17.84 6.51 -3.42
CA TYR A 389 17.04 7.61 -2.85
C TYR A 389 15.99 7.08 -1.88
N GLY A 390 15.40 5.92 -2.18
CA GLY A 390 14.40 5.34 -1.29
C GLY A 390 15.05 4.75 -0.04
N ALA A 391 16.18 4.06 -0.20
CA ALA A 391 16.89 3.48 0.94
C ALA A 391 17.33 4.60 1.90
N ALA A 392 17.73 5.73 1.35
CA ALA A 392 18.19 6.86 2.17
C ALA A 392 17.06 7.69 2.79
N ILE A 393 15.92 7.80 2.11
CA ILE A 393 14.82 8.59 2.68
C ILE A 393 14.24 7.91 3.93
N HIS A 394 14.04 6.59 3.87
CA HIS A 394 13.50 5.83 5.01
C HIS A 394 14.52 5.79 6.14
N ALA A 395 15.81 5.94 5.81
CA ALA A 395 16.85 5.88 6.84
C ALA A 395 16.83 7.19 7.61
N SER A 396 16.81 8.30 6.87
CA SER A 396 16.78 9.60 7.51
C SER A 396 15.48 9.74 8.33
N MET A 397 14.37 9.30 7.72
CA MET A 397 13.07 9.38 8.39
C MET A 397 13.05 8.64 9.73
N ALA A 398 13.58 7.42 9.75
CA ALA A 398 13.59 6.64 10.99
C ALA A 398 14.52 7.25 12.04
N VAL A 399 15.67 7.74 11.59
CA VAL A 399 16.64 8.35 12.49
C VAL A 399 16.09 9.67 13.00
N GLN A 400 15.57 10.48 12.09
CA GLN A 400 15.02 11.76 12.50
C GLN A 400 13.76 11.62 13.36
N TYR A 401 12.94 10.60 13.08
CA TYR A 401 11.76 10.39 13.89
C TYR A 401 12.17 10.10 15.36
N LEU A 402 13.16 9.22 15.52
CA LEU A 402 13.66 8.86 16.85
C LEU A 402 14.44 10.02 17.48
N LYS A 403 15.32 10.63 16.70
CA LYS A 403 16.11 11.74 17.22
C LYS A 403 15.21 12.90 17.59
N GLU A 404 14.05 13.00 16.94
CA GLU A 404 13.12 14.07 17.24
C GLU A 404 12.30 13.66 18.47
N LYS A 405 11.78 12.45 18.45
CA LYS A 405 10.99 11.95 19.56
C LYS A 405 11.77 12.13 20.87
N ALA A 406 13.08 11.92 20.81
CA ALA A 406 13.91 12.06 21.99
C ALA A 406 13.99 13.55 22.38
N SER A 407 12.96 14.03 23.07
CA SER A 407 12.89 15.41 23.54
C SER A 407 11.48 15.76 24.01
N LYS A 16 22.47 12.86 4.19
CA LYS A 16 23.92 12.69 3.85
C LYS A 16 24.23 11.22 3.58
N LEU A 17 23.37 10.35 4.09
CA LEU A 17 23.55 8.92 3.87
C LEU A 17 23.20 8.51 2.45
N LEU A 18 22.84 9.50 1.63
CA LEU A 18 22.50 9.22 0.23
C LEU A 18 23.79 8.87 -0.48
N GLU A 19 24.89 9.47 -0.03
CA GLU A 19 26.19 9.22 -0.63
C GLU A 19 26.56 7.75 -0.39
N PHE A 20 26.30 7.28 0.83
CA PHE A 20 26.56 5.90 1.18
C PHE A 20 25.57 4.99 0.44
N ALA A 21 24.29 5.39 0.41
CA ALA A 21 23.25 4.63 -0.27
C ALA A 21 23.61 4.46 -1.75
N LYS A 22 24.25 5.48 -2.33
CA LYS A 22 24.65 5.45 -3.73
C LYS A 22 26.02 4.81 -3.97
N SER A 23 26.77 4.54 -2.90
CA SER A 23 28.09 3.95 -3.06
C SER A 23 28.00 2.70 -3.92
N PRO A 24 28.98 2.49 -4.81
CA PRO A 24 29.06 1.34 -5.73
C PRO A 24 28.70 0.02 -5.05
N GLU A 25 29.47 -0.32 -4.02
CA GLU A 25 29.24 -1.55 -3.27
C GLU A 25 27.77 -1.70 -2.89
N VAL A 26 27.24 -0.72 -2.17
CA VAL A 26 25.85 -0.77 -1.71
C VAL A 26 24.81 -0.77 -2.84
N PHE A 27 25.04 0.03 -3.88
CA PHE A 27 24.09 0.09 -4.99
C PHE A 27 24.02 -1.23 -5.75
N ASP A 28 25.19 -1.82 -6.00
CA ASP A 28 25.27 -3.08 -6.74
C ASP A 28 24.59 -4.22 -6.02
N TRP A 29 24.80 -4.28 -4.70
CA TRP A 29 24.20 -5.32 -3.85
C TRP A 29 22.67 -5.26 -3.97
N MET A 30 22.11 -4.05 -3.99
CA MET A 30 20.65 -3.87 -4.12
C MET A 30 20.15 -4.29 -5.51
N VAL A 31 20.97 -4.10 -6.54
CA VAL A 31 20.58 -4.47 -7.89
C VAL A 31 20.30 -5.98 -8.04
N LYS A 32 21.30 -6.79 -7.68
CA LYS A 32 21.18 -8.23 -7.73
C LYS A 32 19.90 -8.73 -7.04
N ILE A 33 19.75 -8.39 -5.77
CA ILE A 33 18.57 -8.80 -5.01
C ILE A 33 17.29 -8.38 -5.76
N ARG A 34 17.20 -7.12 -6.15
CA ARG A 34 16.04 -6.65 -6.89
C ARG A 34 15.79 -7.50 -8.14
N ARG A 35 16.86 -7.72 -8.90
CA ARG A 35 16.76 -8.50 -10.12
C ARG A 35 16.43 -9.95 -9.85
N LYS A 36 17.01 -10.51 -8.80
CA LYS A 36 16.72 -11.89 -8.43
C LYS A 36 15.22 -12.01 -8.15
N ILE A 37 14.73 -11.16 -7.25
CA ILE A 37 13.33 -11.18 -6.92
C ILE A 37 12.48 -10.96 -8.17
N HIS A 38 12.94 -10.06 -9.04
CA HIS A 38 12.22 -9.77 -10.28
C HIS A 38 12.13 -11.00 -11.18
N GLU A 39 13.21 -11.78 -11.25
CA GLU A 39 13.26 -12.99 -12.08
C GLU A 39 12.38 -14.11 -11.51
N ASN A 40 12.10 -14.04 -10.22
CA ASN A 40 11.30 -15.08 -9.60
C ASN A 40 10.15 -14.46 -8.81
N PRO A 41 9.20 -13.83 -9.52
CA PRO A 41 8.06 -13.19 -8.84
C PRO A 41 7.12 -14.24 -8.21
N GLU A 42 6.65 -13.94 -7.01
CA GLU A 42 5.74 -14.85 -6.32
C GLU A 42 4.54 -14.07 -5.85
N LEU A 43 3.38 -14.71 -5.86
CA LEU A 43 2.13 -14.07 -5.46
C LEU A 43 1.88 -14.12 -3.95
N GLY A 44 0.83 -13.42 -3.51
CA GLY A 44 0.48 -13.35 -2.10
C GLY A 44 0.51 -14.67 -1.35
N TYR A 45 1.19 -14.67 -0.22
CA TYR A 45 1.34 -15.85 0.63
C TYR A 45 2.10 -17.00 -0.04
N GLU A 46 2.81 -16.68 -1.13
CA GLU A 46 3.58 -17.65 -1.88
C GLU A 46 5.02 -17.17 -2.07
N GLU A 47 5.36 -16.05 -1.42
CA GLU A 47 6.68 -15.44 -1.53
C GLU A 47 7.74 -16.24 -0.76
N LEU A 48 7.78 -17.54 -1.03
CA LEU A 48 8.71 -18.43 -0.36
C LEU A 48 10.18 -18.09 -0.58
N GLU A 49 10.54 -17.90 -1.83
CA GLU A 49 11.92 -17.59 -2.16
C GLU A 49 12.27 -16.16 -1.78
N THR A 50 11.34 -15.23 -1.98
CA THR A 50 11.57 -13.83 -1.63
C THR A 50 11.79 -13.73 -0.12
N SER A 51 10.93 -14.40 0.65
CA SER A 51 11.05 -14.40 2.11
C SER A 51 12.41 -15.01 2.52
N LYS A 52 12.83 -16.09 1.86
CA LYS A 52 14.14 -16.69 2.19
C LYS A 52 15.27 -15.71 1.84
N LEU A 53 15.17 -15.04 0.70
CA LEU A 53 16.22 -14.08 0.33
C LEU A 53 16.28 -12.93 1.35
N ILE A 54 15.11 -12.50 1.81
CA ILE A 54 15.04 -11.44 2.81
C ILE A 54 15.77 -11.85 4.09
N ARG A 55 15.37 -13.00 4.65
CA ARG A 55 16.00 -13.46 5.87
C ARG A 55 17.53 -13.62 5.71
N SER A 56 17.98 -14.17 4.58
CA SER A 56 19.42 -14.35 4.34
C SER A 56 20.15 -13.02 4.43
N GLU A 57 19.62 -12.01 3.78
CA GLU A 57 20.28 -10.72 3.81
C GLU A 57 20.27 -10.13 5.23
N LEU A 58 19.16 -10.26 5.93
CA LEU A 58 19.09 -9.75 7.30
C LEU A 58 20.16 -10.46 8.13
N GLU A 59 20.28 -11.77 7.96
CA GLU A 59 21.28 -12.53 8.70
C GLU A 59 22.69 -12.03 8.33
N LEU A 60 22.94 -11.82 7.05
CA LEU A 60 24.25 -11.35 6.62
C LEU A 60 24.53 -9.95 7.18
N ILE A 61 23.54 -9.07 7.15
CA ILE A 61 23.75 -7.75 7.68
C ILE A 61 23.96 -7.77 9.20
N GLY A 62 23.22 -8.61 9.90
CA GLY A 62 23.33 -8.70 11.36
C GLY A 62 22.07 -8.09 11.97
N ILE A 63 20.93 -8.62 11.57
CA ILE A 63 19.64 -8.11 12.00
C ILE A 63 18.75 -9.24 12.50
N LYS A 64 18.42 -9.19 13.78
CA LYS A 64 17.54 -10.18 14.39
C LYS A 64 16.15 -9.99 13.80
N TYR A 65 15.41 -11.07 13.63
CA TYR A 65 14.07 -10.94 13.06
C TYR A 65 13.12 -12.00 13.58
N ARG A 66 11.83 -11.69 13.45
CA ARG A 66 10.75 -12.58 13.84
C ARG A 66 10.17 -13.13 12.54
N TYR A 67 10.13 -14.46 12.45
CA TYR A 67 9.61 -15.14 11.28
C TYR A 67 9.07 -16.49 11.76
N PRO A 68 7.92 -16.93 11.25
CA PRO A 68 7.06 -16.28 10.25
C PRO A 68 5.97 -15.37 10.80
N VAL A 69 5.59 -14.38 10.00
CA VAL A 69 4.50 -13.47 10.34
C VAL A 69 3.63 -13.46 9.08
N ALA A 70 2.38 -13.87 9.21
CA ALA A 70 1.47 -13.94 8.06
C ALA A 70 2.08 -14.89 7.02
N ILE A 71 2.58 -16.03 7.51
CA ILE A 71 3.15 -17.12 6.74
C ILE A 71 4.54 -16.87 6.15
N THR A 72 4.62 -16.02 5.14
CA THR A 72 5.90 -15.75 4.48
C THR A 72 6.53 -14.47 4.98
N GLY A 73 5.76 -13.71 5.74
CA GLY A 73 6.24 -12.44 6.25
C GLY A 73 7.39 -12.53 7.22
N VAL A 74 8.11 -11.41 7.32
CA VAL A 74 9.28 -11.34 8.20
C VAL A 74 9.34 -9.96 8.81
N ILE A 75 9.76 -9.88 10.06
CA ILE A 75 9.92 -8.60 10.73
C ILE A 75 11.32 -8.55 11.36
N GLY A 76 12.13 -7.60 10.91
CA GLY A 76 13.49 -7.45 11.44
C GLY A 76 13.54 -6.31 12.44
N TYR A 77 14.63 -6.26 13.23
CA TYR A 77 14.82 -5.24 14.24
C TYR A 77 16.25 -4.73 14.22
N ILE A 78 16.43 -3.42 14.38
CA ILE A 78 17.78 -2.83 14.41
C ILE A 78 17.70 -1.67 15.37
N GLY A 79 18.60 -1.63 16.36
CA GLY A 79 18.58 -0.54 17.32
C GLY A 79 18.86 -1.00 18.75
N THR A 80 18.36 -0.23 19.71
CA THR A 80 18.57 -0.59 21.12
C THR A 80 17.88 -1.90 21.46
N GLY A 81 16.77 -2.18 20.80
CA GLY A 81 16.02 -3.38 21.12
C GLY A 81 14.91 -2.97 22.08
N GLU A 82 14.90 -1.70 22.48
CA GLU A 82 13.91 -1.16 23.40
C GLU A 82 13.12 -0.02 22.73
N PRO A 83 11.94 0.32 23.28
CA PRO A 83 11.12 1.40 22.71
C PRO A 83 11.90 2.71 22.79
N PRO A 84 11.51 3.73 22.01
CA PRO A 84 10.40 3.76 21.05
C PRO A 84 10.62 2.93 19.80
N PHE A 85 9.54 2.31 19.32
CA PHE A 85 9.60 1.50 18.12
C PHE A 85 9.00 2.28 16.97
N VAL A 86 9.73 2.32 15.84
CA VAL A 86 9.24 2.98 14.66
C VAL A 86 9.41 1.97 13.51
N ALA A 87 8.36 1.82 12.71
CA ALA A 87 8.38 0.86 11.64
C ALA A 87 8.54 1.50 10.25
N LEU A 88 9.26 0.79 9.38
CA LEU A 88 9.51 1.18 7.99
C LEU A 88 8.89 0.02 7.19
N ARG A 89 7.98 0.36 6.28
CA ARG A 89 7.24 -0.62 5.50
C ARG A 89 7.73 -0.73 4.07
N ALA A 90 7.41 -1.86 3.46
CA ALA A 90 7.74 -2.18 2.08
C ALA A 90 7.04 -3.51 1.88
N ASP A 91 6.28 -3.65 0.79
CA ASP A 91 5.58 -4.92 0.51
C ASP A 91 6.49 -5.83 -0.31
N MET A 92 6.12 -7.08 -0.48
CA MET A 92 7.00 -8.02 -1.18
C MET A 92 6.43 -8.93 -2.28
N ASP A 93 5.17 -8.76 -2.68
CA ASP A 93 4.63 -9.68 -3.68
C ASP A 93 4.40 -9.17 -5.09
N ALA A 94 4.35 -10.11 -6.04
CA ALA A 94 4.15 -9.84 -7.46
C ALA A 94 2.72 -10.15 -7.88
N LEU A 95 2.45 -9.95 -9.18
CA LEU A 95 1.13 -10.17 -9.75
C LEU A 95 1.14 -11.21 -10.87
N PRO A 96 -0.03 -11.78 -11.21
CA PRO A 96 -0.13 -12.78 -12.27
C PRO A 96 -0.27 -12.10 -13.65
N ILE A 97 0.77 -11.36 -14.01
CA ILE A 97 0.86 -10.62 -15.27
C ILE A 97 2.07 -11.16 -16.04
N GLN A 98 1.94 -11.32 -17.36
CA GLN A 98 3.07 -11.79 -18.18
C GLN A 98 3.94 -10.56 -18.50
N GLU A 99 5.20 -10.62 -18.11
CA GLU A 99 6.14 -9.53 -18.35
C GLU A 99 6.44 -9.40 -19.85
N GLY A 100 6.30 -8.18 -20.37
CA GLY A 100 6.56 -7.92 -21.78
C GLY A 100 7.81 -7.08 -22.00
N VAL A 101 8.57 -6.83 -20.94
CA VAL A 101 9.80 -6.04 -21.04
C VAL A 101 10.95 -6.98 -21.40
N GLU A 102 11.67 -6.65 -22.47
CA GLU A 102 12.82 -7.46 -22.87
C GLU A 102 14.12 -6.87 -22.30
N TRP A 103 14.73 -7.58 -21.36
CA TRP A 103 15.98 -7.12 -20.78
C TRP A 103 16.65 -8.28 -20.06
N GLU A 104 17.88 -8.07 -19.62
CA GLU A 104 18.69 -9.09 -18.96
C GLU A 104 18.10 -9.77 -17.72
N HIS A 105 17.08 -9.18 -17.11
CA HIS A 105 16.51 -9.77 -15.91
C HIS A 105 15.00 -9.68 -15.78
N LYS A 106 14.29 -10.38 -16.66
CA LYS A 106 12.84 -10.40 -16.64
C LYS A 106 12.36 -11.69 -15.97
N SER A 107 11.13 -11.68 -15.48
CA SER A 107 10.56 -12.87 -14.84
C SER A 107 10.79 -14.14 -15.65
N LYS A 108 11.34 -15.14 -14.97
CA LYS A 108 11.61 -16.42 -15.58
C LYS A 108 10.39 -17.31 -15.30
N ILE A 109 9.40 -16.73 -14.62
CA ILE A 109 8.17 -17.44 -14.27
C ILE A 109 7.04 -16.90 -15.16
N ALA A 110 6.63 -17.67 -16.14
CA ALA A 110 5.61 -17.20 -17.06
C ALA A 110 4.28 -16.86 -16.38
N GLY A 111 3.71 -15.71 -16.73
CA GLY A 111 2.43 -15.31 -16.15
C GLY A 111 2.53 -14.52 -14.86
N LYS A 112 3.74 -14.28 -14.37
CA LYS A 112 3.92 -13.51 -13.14
C LYS A 112 4.95 -12.43 -13.39
N MET A 113 4.81 -11.31 -12.68
CA MET A 113 5.72 -10.19 -12.84
C MET A 113 5.54 -9.13 -11.75
N HIS A 114 6.64 -8.49 -11.37
CA HIS A 114 6.59 -7.39 -10.41
C HIS A 114 6.30 -6.11 -11.21
N ALA A 115 5.01 -5.87 -11.46
CA ALA A 115 4.55 -4.71 -12.22
C ALA A 115 4.17 -3.48 -11.36
N CYS A 116 4.49 -3.50 -10.06
CA CYS A 116 4.18 -2.34 -9.21
C CYS A 116 5.34 -1.88 -8.32
N GLY A 117 6.55 -2.35 -8.63
CA GLY A 117 7.74 -1.94 -7.89
C GLY A 117 7.99 -2.61 -6.55
N HIS A 118 7.27 -3.70 -6.23
CA HIS A 118 7.44 -4.35 -4.94
C HIS A 118 8.83 -4.95 -4.77
N ASP A 119 9.36 -5.55 -5.83
CA ASP A 119 10.72 -6.09 -5.78
C ASP A 119 11.63 -4.89 -5.40
N GLY A 120 11.33 -3.72 -5.97
CA GLY A 120 12.08 -2.52 -5.64
C GLY A 120 11.87 -2.15 -4.17
N HIS A 121 10.64 -2.34 -3.68
CA HIS A 121 10.34 -2.02 -2.28
C HIS A 121 11.10 -2.94 -1.31
N VAL A 122 11.08 -4.24 -1.56
CA VAL A 122 11.80 -5.16 -0.69
C VAL A 122 13.28 -4.80 -0.68
N THR A 123 13.79 -4.47 -1.85
CA THR A 123 15.21 -4.15 -2.00
C THR A 123 15.59 -2.87 -1.29
N MET A 124 14.78 -1.83 -1.45
CA MET A 124 15.11 -0.56 -0.83
C MET A 124 15.07 -0.66 0.70
N LEU A 125 14.17 -1.48 1.23
CA LEU A 125 14.09 -1.62 2.69
C LEU A 125 15.36 -2.35 3.16
N LEU A 126 15.82 -3.34 2.41
CA LEU A 126 17.04 -4.07 2.77
C LEU A 126 18.21 -3.07 2.66
N GLY A 127 18.14 -2.15 1.71
CA GLY A 127 19.18 -1.14 1.56
C GLY A 127 19.20 -0.19 2.75
N ALA A 128 18.00 0.17 3.22
CA ALA A 128 17.86 1.04 4.36
C ALA A 128 18.35 0.29 5.63
N ALA A 129 18.08 -1.00 5.70
CA ALA A 129 18.48 -1.86 6.81
C ALA A 129 20.01 -1.87 6.89
N LYS A 130 20.68 -1.96 5.75
CA LYS A 130 22.15 -1.95 5.77
C LYS A 130 22.65 -0.60 6.28
N ILE A 131 22.11 0.48 5.74
CA ILE A 131 22.51 1.83 6.15
C ILE A 131 22.22 2.08 7.64
N LEU A 132 21.11 1.54 8.14
CA LEU A 132 20.74 1.71 9.54
C LEU A 132 21.62 0.84 10.44
N HIS A 133 21.97 -0.33 9.94
CA HIS A 133 22.80 -1.22 10.72
C HIS A 133 24.19 -0.60 10.91
N GLU A 134 24.65 0.13 9.90
CA GLU A 134 25.95 0.77 9.99
C GLU A 134 25.97 1.81 11.12
N HIS A 135 24.85 2.48 11.36
CA HIS A 135 24.81 3.47 12.45
C HIS A 135 23.94 3.04 13.61
N ARG A 136 23.80 1.73 13.81
CA ARG A 136 22.91 1.19 14.84
C ARG A 136 23.09 1.63 16.29
N HIS A 137 24.31 1.96 16.68
CA HIS A 137 24.55 2.36 18.07
C HIS A 137 24.12 3.79 18.37
N HIS A 138 23.83 4.57 17.34
CA HIS A 138 23.42 5.96 17.54
C HIS A 138 21.90 6.15 17.51
N LEU A 139 21.16 5.07 17.31
CA LEU A 139 19.70 5.12 17.25
C LEU A 139 19.09 5.06 18.64
N GLN A 140 18.29 6.08 18.97
CA GLN A 140 17.65 6.16 20.27
C GLN A 140 16.26 5.50 20.20
N GLY A 141 16.27 4.20 19.94
CA GLY A 141 15.05 3.44 19.80
C GLY A 141 15.31 2.26 18.87
N THR A 142 14.24 1.56 18.49
CA THR A 142 14.34 0.37 17.63
C THR A 142 13.57 0.54 16.31
N VAL A 143 14.28 0.49 15.18
CA VAL A 143 13.63 0.60 13.89
C VAL A 143 13.13 -0.81 13.61
N VAL A 144 11.84 -0.93 13.31
CA VAL A 144 11.21 -2.21 13.03
C VAL A 144 11.03 -2.30 11.51
N LEU A 145 11.55 -3.38 10.91
CA LEU A 145 11.48 -3.57 9.46
C LEU A 145 10.42 -4.60 9.15
N ILE A 146 9.36 -4.16 8.50
CA ILE A 146 8.27 -5.06 8.19
C ILE A 146 8.23 -5.41 6.71
N PHE A 147 8.46 -6.68 6.42
CA PHE A 147 8.42 -7.20 5.06
C PHE A 147 7.08 -7.92 4.97
N GLN A 148 6.13 -7.20 4.39
CA GLN A 148 4.75 -7.60 4.25
C GLN A 148 4.34 -8.40 3.02
N PRO A 149 3.81 -9.60 3.25
CA PRO A 149 3.36 -10.43 2.14
C PRO A 149 1.96 -10.00 1.70
N ALA A 150 1.55 -10.55 0.56
CA ALA A 150 0.19 -10.40 0.07
C ALA A 150 -0.50 -9.04 0.10
N GLU A 151 0.18 -8.02 -0.38
CA GLU A 151 -0.41 -6.70 -0.44
C GLU A 151 -1.49 -6.68 -1.53
N GLU A 152 -1.24 -7.32 -2.67
CA GLU A 152 -2.19 -7.25 -3.79
C GLU A 152 -3.60 -7.71 -3.48
N GLY A 153 -3.72 -8.79 -2.71
CA GLY A 153 -5.03 -9.28 -2.33
C GLY A 153 -5.57 -8.54 -1.13
N LEU A 154 -4.93 -7.42 -0.78
CA LEU A 154 -5.33 -6.56 0.34
C LEU A 154 -5.57 -7.25 1.69
N SER A 155 -4.92 -8.37 1.93
CA SER A 155 -5.13 -9.05 3.20
C SER A 155 -3.86 -9.20 4.05
N GLY A 156 -2.69 -8.98 3.45
CA GLY A 156 -1.46 -9.16 4.19
C GLY A 156 -1.17 -8.21 5.34
N ALA A 157 -1.42 -6.92 5.13
CA ALA A 157 -1.19 -5.93 6.16
C ALA A 157 -2.12 -6.19 7.37
N LYS A 158 -3.37 -6.51 7.09
CA LYS A 158 -4.33 -6.78 8.16
C LYS A 158 -3.87 -8.02 8.96
N LYS A 159 -3.45 -9.07 8.27
CA LYS A 159 -2.99 -10.28 8.94
C LYS A 159 -1.75 -10.04 9.81
N MET A 160 -0.83 -9.20 9.37
CA MET A 160 0.36 -8.93 10.18
C MET A 160 -0.06 -8.17 11.45
N ARG A 161 -1.03 -7.25 11.29
CA ARG A 161 -1.54 -6.45 12.41
C ARG A 161 -2.18 -7.41 13.41
N GLU A 162 -2.88 -8.39 12.90
CA GLU A 162 -3.53 -9.42 13.71
C GLU A 162 -2.49 -10.11 14.61
N GLU A 163 -1.29 -10.34 14.07
CA GLU A 163 -0.21 -11.00 14.82
C GLU A 163 0.56 -10.03 15.71
N GLY A 164 0.05 -8.81 15.85
CA GLY A 164 0.68 -7.83 16.71
C GLY A 164 1.91 -7.16 16.16
N ALA A 165 1.99 -7.04 14.84
CA ALA A 165 3.14 -6.40 14.22
C ALA A 165 3.23 -4.93 14.60
N LEU A 166 2.11 -4.34 15.03
CA LEU A 166 2.08 -2.93 15.42
C LEU A 166 2.22 -2.74 16.92
N LYS A 167 2.01 -3.82 17.67
CA LYS A 167 2.10 -3.74 19.13
C LYS A 167 3.41 -3.08 19.55
N ASN A 168 3.30 -2.03 20.35
CA ASN A 168 4.46 -1.28 20.84
C ASN A 168 5.04 -0.30 19.81
N VAL A 169 4.62 -0.41 18.55
CA VAL A 169 5.10 0.49 17.51
C VAL A 169 4.25 1.77 17.47
N GLU A 170 4.90 2.93 17.45
CA GLU A 170 4.17 4.19 17.47
C GLU A 170 4.05 5.02 16.17
N ALA A 171 4.88 4.72 15.18
CA ALA A 171 4.83 5.48 13.92
C ALA A 171 5.44 4.65 12.82
N ILE A 172 4.70 4.48 11.73
CA ILE A 172 5.19 3.70 10.61
C ILE A 172 5.23 4.53 9.31
N PHE A 173 6.29 4.32 8.53
CA PHE A 173 6.48 5.03 7.26
C PHE A 173 6.68 4.03 6.13
N GLY A 174 6.00 4.27 5.00
CA GLY A 174 6.16 3.39 3.84
C GLY A 174 6.37 4.23 2.58
N ILE A 175 6.96 3.60 1.56
CA ILE A 175 7.22 4.22 0.27
C ILE A 175 6.73 3.30 -0.85
N HIS A 176 6.19 3.89 -1.92
CA HIS A 176 5.73 3.10 -3.06
C HIS A 176 6.25 3.76 -4.36
N LEU A 177 7.06 3.04 -5.13
CA LEU A 177 7.56 3.57 -6.40
C LEU A 177 6.40 3.86 -7.33
N SER A 178 6.51 4.90 -8.13
CA SER A 178 5.43 5.26 -9.03
C SER A 178 5.87 6.07 -10.25
N ALA A 179 5.23 5.77 -11.37
CA ALA A 179 5.50 6.47 -12.63
C ALA A 179 4.69 7.76 -12.73
N ARG A 180 4.00 8.11 -11.64
CA ARG A 180 3.18 9.33 -11.65
C ARG A 180 3.97 10.58 -11.26
N ILE A 181 5.10 10.38 -10.59
CA ILE A 181 5.93 11.48 -10.13
C ILE A 181 7.29 11.41 -10.84
N PRO A 182 7.92 12.55 -11.16
CA PRO A 182 9.22 12.57 -11.82
C PRO A 182 10.31 11.88 -11.01
N PHE A 183 11.30 11.34 -11.70
CA PHE A 183 12.43 10.65 -11.08
C PHE A 183 13.16 11.56 -10.10
N GLY A 184 13.40 11.08 -8.89
CA GLY A 184 14.12 11.86 -7.90
C GLY A 184 13.25 12.63 -6.90
N LYS A 185 11.93 12.62 -7.08
CA LYS A 185 11.06 13.34 -6.16
C LYS A 185 10.21 12.37 -5.34
N ALA A 186 9.89 12.75 -4.11
CA ALA A 186 9.07 11.91 -3.23
C ALA A 186 7.79 12.72 -3.03
N ALA A 187 6.64 12.04 -3.12
CA ALA A 187 5.39 12.77 -2.99
C ALA A 187 4.52 12.29 -1.87
N SER A 188 3.88 13.22 -1.17
CA SER A 188 2.99 12.89 -0.07
C SER A 188 2.03 14.03 0.19
N ARG A 189 1.19 13.85 1.19
CA ARG A 189 0.20 14.84 1.59
C ARG A 189 -0.23 14.50 3.01
N ALA A 190 -0.79 15.48 3.71
CA ALA A 190 -1.29 15.25 5.07
C ALA A 190 -2.77 14.87 5.00
N GLY A 191 -3.20 13.95 5.87
CA GLY A 191 -4.60 13.57 5.89
C GLY A 191 -4.96 12.44 4.96
N SER A 192 -6.22 12.40 4.56
CA SER A 192 -6.69 11.35 3.67
C SER A 192 -5.92 11.42 2.35
N PHE A 193 -5.37 10.29 1.92
CA PHE A 193 -4.53 10.22 0.73
C PHE A 193 -5.04 9.21 -0.31
N LEU A 194 -5.20 7.96 0.10
CA LEU A 194 -5.67 6.92 -0.80
C LEU A 194 -7.08 6.53 -0.41
N ALA A 195 -7.96 6.38 -1.40
CA ALA A 195 -9.34 6.07 -1.13
C ALA A 195 -9.64 4.74 -0.41
N GLY A 196 -10.64 4.79 0.46
CA GLY A 196 -11.06 3.58 1.16
C GLY A 196 -11.78 2.69 0.15
N ALA A 197 -11.93 1.42 0.48
CA ALA A 197 -12.60 0.49 -0.41
C ALA A 197 -13.56 -0.42 0.33
N GLY A 198 -14.54 -0.93 -0.40
CA GLY A 198 -15.51 -1.82 0.19
C GLY A 198 -16.33 -2.47 -0.90
N VAL A 199 -16.96 -3.59 -0.56
CA VAL A 199 -17.82 -4.33 -1.49
C VAL A 199 -19.14 -4.61 -0.78
N PHE A 200 -20.23 -4.61 -1.53
CA PHE A 200 -21.53 -4.86 -0.93
C PHE A 200 -22.22 -5.96 -1.69
N GLU A 201 -23.30 -6.48 -1.12
CA GLU A 201 -24.08 -7.52 -1.76
C GLU A 201 -25.34 -7.67 -0.93
N ALA A 202 -26.49 -7.42 -1.53
CA ALA A 202 -27.75 -7.52 -0.79
C ALA A 202 -28.78 -8.39 -1.50
N VAL A 203 -29.75 -8.89 -0.74
CA VAL A 203 -30.81 -9.72 -1.32
C VAL A 203 -32.15 -9.05 -1.06
N ILE A 204 -32.94 -8.91 -2.12
CA ILE A 204 -34.25 -8.26 -2.05
C ILE A 204 -35.35 -9.27 -2.41
N THR A 205 -36.49 -9.15 -1.75
CA THR A 205 -37.62 -10.05 -1.99
C THR A 205 -38.98 -9.38 -1.89
N GLY A 206 -39.94 -9.87 -2.68
CA GLY A 206 -41.28 -9.32 -2.65
C GLY A 206 -41.92 -9.48 -1.28
N LYS A 207 -42.88 -8.63 -0.96
CA LYS A 207 -43.57 -8.70 0.33
C LYS A 207 -45.03 -9.08 0.11
N THR A 217 -45.73 -9.81 -8.33
CA THR A 217 -44.70 -10.82 -8.54
C THR A 217 -43.46 -10.25 -9.23
N ILE A 218 -43.61 -9.12 -9.92
CA ILE A 218 -42.49 -8.50 -10.61
C ILE A 218 -41.82 -7.40 -9.78
N ASP A 219 -42.32 -7.18 -8.58
CA ASP A 219 -41.79 -6.15 -7.73
C ASP A 219 -40.31 -6.26 -7.39
N PRO A 220 -39.81 -7.49 -7.16
CA PRO A 220 -38.37 -7.61 -6.85
C PRO A 220 -37.55 -7.12 -8.05
N VAL A 221 -37.97 -7.49 -9.25
CA VAL A 221 -37.28 -7.09 -10.47
C VAL A 221 -37.32 -5.57 -10.65
N VAL A 222 -38.52 -5.00 -10.52
CA VAL A 222 -38.69 -3.56 -10.67
C VAL A 222 -37.83 -2.81 -9.65
N ALA A 223 -37.94 -3.24 -8.39
CA ALA A 223 -37.20 -2.64 -7.30
C ALA A 223 -35.68 -2.68 -7.59
N ALA A 224 -35.22 -3.77 -8.19
CA ALA A 224 -33.81 -3.94 -8.50
C ALA A 224 -33.33 -2.84 -9.46
N SER A 225 -34.02 -2.66 -10.59
CA SER A 225 -33.62 -1.64 -11.55
C SER A 225 -33.67 -0.27 -10.88
N SER A 226 -34.66 -0.07 -10.03
CA SER A 226 -34.83 1.18 -9.28
C SER A 226 -33.61 1.44 -8.39
N ILE A 227 -33.32 0.48 -7.51
CA ILE A 227 -32.20 0.60 -6.60
C ILE A 227 -30.89 0.87 -7.34
N VAL A 228 -30.63 0.13 -8.40
CA VAL A 228 -29.42 0.33 -9.18
C VAL A 228 -29.34 1.76 -9.70
N LEU A 229 -30.43 2.24 -10.30
CA LEU A 229 -30.47 3.60 -10.82
C LEU A 229 -30.12 4.60 -9.73
N SER A 230 -30.68 4.40 -8.55
CA SER A 230 -30.41 5.30 -7.43
C SER A 230 -28.95 5.18 -6.97
N LEU A 231 -28.44 3.96 -6.92
CA LEU A 231 -27.05 3.76 -6.49
C LEU A 231 -26.08 4.41 -7.47
N GLN A 232 -26.22 4.07 -8.75
CA GLN A 232 -25.35 4.64 -9.77
C GLN A 232 -25.41 6.17 -9.69
N GLN A 233 -26.50 6.67 -9.13
CA GLN A 233 -26.67 8.11 -8.97
C GLN A 233 -25.81 8.65 -7.82
N LEU A 234 -25.14 7.74 -7.09
CA LEU A 234 -24.29 8.14 -5.97
C LEU A 234 -22.86 8.46 -6.40
N VAL A 235 -22.52 8.17 -7.65
CA VAL A 235 -21.17 8.47 -8.14
C VAL A 235 -21.08 9.98 -8.28
N SER A 236 -20.48 10.61 -7.26
CA SER A 236 -20.33 12.05 -7.24
C SER A 236 -18.85 12.45 -7.35
N ARG A 237 -18.61 13.49 -8.16
CA ARG A 237 -17.28 14.02 -8.38
C ARG A 237 -17.40 15.53 -8.68
N GLU A 238 -16.79 16.37 -7.85
CA GLU A 238 -16.85 17.79 -8.10
C GLU A 238 -15.44 18.34 -8.32
N THR A 239 -15.19 19.51 -7.75
CA THR A 239 -13.91 20.17 -7.92
C THR A 239 -12.94 19.83 -6.78
N ASP A 240 -13.50 19.39 -5.64
CA ASP A 240 -12.69 18.99 -4.49
C ASP A 240 -12.50 17.48 -4.58
N PRO A 241 -11.27 17.03 -4.90
CA PRO A 241 -10.94 15.60 -5.03
C PRO A 241 -11.40 14.68 -3.90
N LEU A 242 -11.13 15.06 -2.66
CA LEU A 242 -11.53 14.25 -1.51
C LEU A 242 -13.04 14.07 -1.39
N ASP A 243 -13.81 14.84 -2.17
CA ASP A 243 -15.26 14.73 -2.15
C ASP A 243 -15.83 13.57 -2.98
N SER A 244 -15.03 13.05 -3.91
CA SER A 244 -15.51 11.98 -4.78
C SER A 244 -15.94 10.72 -4.07
N LYS A 245 -17.10 10.21 -4.46
CA LYS A 245 -17.63 8.99 -3.88
C LYS A 245 -18.28 8.25 -4.99
N VAL A 246 -17.89 6.98 -5.14
CA VAL A 246 -18.40 6.13 -6.20
C VAL A 246 -19.05 4.87 -5.62
N VAL A 247 -19.99 4.33 -6.39
CA VAL A 247 -20.66 3.10 -6.05
C VAL A 247 -20.83 2.39 -7.39
N THR A 248 -20.31 1.17 -7.44
CA THR A 248 -20.35 0.34 -8.64
C THR A 248 -21.20 -0.90 -8.38
N VAL A 249 -22.06 -1.22 -9.34
CA VAL A 249 -22.88 -2.42 -9.25
C VAL A 249 -22.18 -3.36 -10.22
N SER A 250 -21.66 -4.45 -9.68
CA SER A 250 -20.93 -5.42 -10.48
C SER A 250 -21.74 -6.68 -10.82
N LYS A 251 -22.92 -6.82 -10.23
CA LYS A 251 -23.76 -7.99 -10.50
C LYS A 251 -25.16 -7.85 -9.91
N VAL A 252 -26.14 -8.46 -10.57
CA VAL A 252 -27.53 -8.42 -10.13
C VAL A 252 -28.30 -9.68 -10.51
N ASN A 253 -28.68 -10.48 -9.52
CA ASN A 253 -29.44 -11.70 -9.78
C ASN A 253 -29.71 -12.48 -8.50
N PRO A 262 -37.86 -14.09 -11.45
CA PRO A 262 -37.01 -14.38 -10.29
C PRO A 262 -37.71 -14.09 -8.97
N ASP A 263 -37.71 -15.06 -8.06
CA ASP A 263 -38.36 -14.87 -6.76
C ASP A 263 -37.57 -13.89 -5.89
N SER A 264 -36.25 -13.90 -6.03
CA SER A 264 -35.37 -13.03 -5.26
C SER A 264 -34.22 -12.53 -6.12
N ILE A 265 -33.76 -11.32 -5.83
CA ILE A 265 -32.67 -10.73 -6.58
C ILE A 265 -31.52 -10.38 -5.63
N THR A 266 -30.31 -10.76 -6.02
CA THR A 266 -29.12 -10.48 -5.23
C THR A 266 -28.19 -9.54 -5.97
N ILE A 267 -28.04 -8.33 -5.44
CA ILE A 267 -27.18 -7.32 -6.03
C ILE A 267 -25.83 -7.25 -5.30
N GLY A 268 -24.81 -6.75 -6.01
CA GLY A 268 -23.48 -6.64 -5.42
C GLY A 268 -22.65 -5.65 -6.19
N GLY A 269 -21.54 -5.22 -5.58
CA GLY A 269 -20.66 -4.27 -6.23
C GLY A 269 -19.60 -3.74 -5.28
N THR A 270 -19.09 -2.56 -5.59
CA THR A 270 -18.06 -1.94 -4.77
C THR A 270 -18.29 -0.44 -4.58
N LEU A 271 -17.57 0.13 -3.64
CA LEU A 271 -17.67 1.53 -3.36
C LEU A 271 -16.30 2.06 -2.95
N ARG A 272 -15.99 3.27 -3.41
CA ARG A 272 -14.72 3.91 -3.10
C ARG A 272 -14.98 5.35 -2.74
N ALA A 273 -14.21 5.84 -1.78
CA ALA A 273 -14.30 7.22 -1.29
C ALA A 273 -13.08 7.57 -0.43
N PHE A 274 -12.82 8.86 -0.27
CA PHE A 274 -11.70 9.31 0.57
C PHE A 274 -12.27 9.77 1.91
N THR A 275 -13.34 10.55 1.86
CA THR A 275 -13.97 11.06 3.08
C THR A 275 -15.39 10.50 3.19
N GLY A 276 -16.07 10.76 4.30
CA GLY A 276 -17.42 10.25 4.48
C GLY A 276 -17.48 8.78 4.05
N PHE A 277 -16.51 8.00 4.50
CA PHE A 277 -16.48 6.59 4.11
C PHE A 277 -17.67 5.79 4.69
N THR A 278 -17.91 5.93 5.99
CA THR A 278 -19.03 5.23 6.65
C THR A 278 -20.38 5.77 6.18
N GLN A 279 -20.43 7.08 5.94
CA GLN A 279 -21.66 7.70 5.50
C GLN A 279 -22.07 7.19 4.11
N LEU A 280 -21.11 6.93 3.24
CA LEU A 280 -21.47 6.43 1.91
C LEU A 280 -22.01 5.01 2.05
N GLN A 281 -21.36 4.21 2.89
CA GLN A 281 -21.82 2.84 3.12
C GLN A 281 -23.25 2.86 3.67
N GLN A 282 -23.54 3.77 4.59
CA GLN A 282 -24.89 3.86 5.15
C GLN A 282 -25.88 4.33 4.08
N ARG A 283 -25.43 5.25 3.23
CA ARG A 283 -26.29 5.77 2.16
C ARG A 283 -26.65 4.66 1.15
N VAL A 284 -25.67 3.82 0.81
CA VAL A 284 -25.91 2.74 -0.13
C VAL A 284 -26.98 1.80 0.47
N LYS A 285 -26.84 1.48 1.75
CA LYS A 285 -27.79 0.61 2.43
C LYS A 285 -29.09 1.36 2.72
N GLU A 286 -28.98 2.68 2.89
CA GLU A 286 -30.14 3.51 3.15
C GLU A 286 -30.97 3.62 1.88
N VAL A 287 -30.31 3.66 0.73
CA VAL A 287 -31.03 3.74 -0.54
C VAL A 287 -31.71 2.42 -0.82
N ILE A 288 -30.92 1.34 -0.82
CA ILE A 288 -31.44 0.00 -1.07
C ILE A 288 -32.65 -0.28 -0.19
N THR A 289 -32.49 -0.05 1.11
CA THR A 289 -33.55 -0.29 2.09
C THR A 289 -34.83 0.51 1.79
N LYS A 290 -34.70 1.76 1.38
CA LYS A 290 -35.89 2.54 1.10
C LYS A 290 -36.51 2.20 -0.24
N GLN A 291 -35.67 2.00 -1.25
CA GLN A 291 -36.19 1.66 -2.56
C GLN A 291 -36.97 0.34 -2.50
N ALA A 292 -36.43 -0.65 -1.80
CA ALA A 292 -37.11 -1.94 -1.68
C ALA A 292 -38.46 -1.74 -1.01
N ALA A 293 -38.46 -1.01 0.10
CA ALA A 293 -39.69 -0.74 0.84
C ALA A 293 -40.80 -0.15 -0.03
N VAL A 294 -40.46 0.80 -0.90
CA VAL A 294 -41.47 1.42 -1.75
C VAL A 294 -41.88 0.60 -2.95
N HIS A 295 -41.21 -0.54 -3.16
CA HIS A 295 -41.57 -1.41 -4.26
C HIS A 295 -42.20 -2.68 -3.68
N ARG A 296 -42.67 -2.57 -2.44
CA ARG A 296 -43.31 -3.68 -1.73
C ARG A 296 -42.35 -4.87 -1.61
N CYS A 297 -41.11 -4.58 -1.24
CA CYS A 297 -40.09 -5.60 -1.10
C CYS A 297 -39.25 -5.44 0.16
N ASN A 298 -38.70 -6.57 0.61
CA ASN A 298 -37.83 -6.56 1.77
C ASN A 298 -36.40 -6.51 1.23
N ALA A 299 -35.49 -6.06 2.07
CA ALA A 299 -34.09 -5.96 1.66
C ALA A 299 -33.15 -6.43 2.75
N SER A 300 -32.23 -7.29 2.37
CA SER A 300 -31.22 -7.82 3.28
C SER A 300 -29.87 -7.33 2.77
N VAL A 301 -29.41 -6.20 3.30
CA VAL A 301 -28.13 -5.63 2.87
C VAL A 301 -26.98 -6.04 3.78
N ASN A 302 -25.90 -6.52 3.19
CA ASN A 302 -24.72 -6.91 3.92
C ASN A 302 -23.53 -6.05 3.48
N LEU A 303 -22.99 -5.24 4.40
CA LEU A 303 -21.85 -4.35 4.10
C LEU A 303 -20.49 -4.98 4.39
N THR A 304 -20.47 -6.27 4.70
CA THR A 304 -19.23 -7.01 4.92
C THR A 304 -19.55 -8.42 4.44
N PRO A 305 -20.00 -8.56 3.19
CA PRO A 305 -20.35 -9.87 2.64
C PRO A 305 -19.24 -10.92 2.69
N ASN A 306 -19.58 -12.08 3.24
CA ASN A 306 -18.66 -13.19 3.34
C ASN A 306 -17.39 -12.79 4.08
N GLY A 307 -17.54 -11.92 5.08
CA GLY A 307 -16.40 -11.47 5.85
C GLY A 307 -15.51 -10.46 5.15
N ARG A 308 -15.93 -9.94 3.99
CA ARG A 308 -15.14 -8.93 3.27
C ARG A 308 -15.26 -7.59 4.01
N GLU A 309 -14.35 -7.34 4.95
CA GLU A 309 -14.39 -6.10 5.71
C GLU A 309 -13.89 -4.93 4.88
N PRO A 310 -14.46 -3.74 5.09
CA PRO A 310 -13.99 -2.61 4.29
C PRO A 310 -12.56 -2.20 4.64
N MET A 311 -11.88 -1.62 3.67
CA MET A 311 -10.52 -1.13 3.86
C MET A 311 -10.71 0.38 3.99
N PRO A 312 -10.32 0.96 5.12
CA PRO A 312 -10.50 2.40 5.29
C PRO A 312 -9.59 3.25 4.40
N PRO A 313 -9.90 4.55 4.26
CA PRO A 313 -9.05 5.42 3.46
C PRO A 313 -7.64 5.39 4.07
N THR A 314 -6.60 5.56 3.25
CA THR A 314 -5.24 5.57 3.76
C THR A 314 -4.99 7.00 4.22
N VAL A 315 -4.84 7.16 5.53
CA VAL A 315 -4.64 8.50 6.10
C VAL A 315 -3.22 8.69 6.58
N ASN A 316 -2.57 9.72 6.04
CA ASN A 316 -1.21 10.06 6.43
C ASN A 316 -1.32 10.94 7.64
N ASN A 317 -0.72 10.50 8.74
CA ASN A 317 -0.72 11.26 9.98
C ASN A 317 -0.09 12.63 9.69
N LYS A 318 -0.81 13.70 10.02
CA LYS A 318 -0.33 15.07 9.76
C LYS A 318 1.03 15.39 10.38
N ASP A 319 1.24 14.92 11.60
CA ASP A 319 2.50 15.18 12.28
C ASP A 319 3.66 14.52 11.53
N LEU A 320 3.48 13.25 11.14
CA LEU A 320 4.52 12.54 10.41
C LEU A 320 4.78 13.17 9.04
N TYR A 321 3.72 13.62 8.37
CA TYR A 321 3.88 14.27 7.06
C TYR A 321 4.81 15.48 7.16
N LYS A 322 4.63 16.29 8.20
CA LYS A 322 5.50 17.46 8.37
C LYS A 322 6.95 17.05 8.59
N GLN A 323 7.19 15.97 9.34
CA GLN A 323 8.54 15.50 9.58
C GLN A 323 9.15 14.93 8.31
N PHE A 324 8.31 14.32 7.49
CA PHE A 324 8.74 13.70 6.23
C PHE A 324 9.21 14.75 5.21
N LYS A 325 8.43 15.82 5.04
CA LYS A 325 8.81 16.86 4.09
C LYS A 325 10.19 17.39 4.42
N LYS A 326 10.49 17.54 5.72
CA LYS A 326 11.79 18.03 6.13
C LYS A 326 12.90 17.03 5.77
N VAL A 327 12.67 15.76 6.07
CA VAL A 327 13.65 14.74 5.75
C VAL A 327 13.97 14.76 4.26
N VAL A 328 12.95 14.87 3.42
CA VAL A 328 13.14 14.87 1.97
C VAL A 328 13.83 16.15 1.49
N ARG A 329 13.48 17.28 2.08
CA ARG A 329 14.09 18.53 1.67
C ARG A 329 15.54 18.64 2.14
N ASP A 330 15.88 18.03 3.27
CA ASP A 330 17.25 18.07 3.77
C ASP A 330 18.12 17.12 2.95
N LEU A 331 17.57 15.93 2.70
CA LEU A 331 18.27 14.90 1.95
C LEU A 331 18.34 15.16 0.45
N LEU A 332 17.36 15.88 -0.10
CA LEU A 332 17.35 16.09 -1.55
C LEU A 332 17.07 17.50 -2.07
N GLY A 333 16.77 18.46 -1.19
CA GLY A 333 16.51 19.81 -1.66
C GLY A 333 15.06 20.24 -1.65
N GLN A 334 14.84 21.55 -1.72
CA GLN A 334 13.49 22.10 -1.69
C GLN A 334 12.53 21.45 -2.69
N GLU A 335 12.90 21.49 -3.97
CA GLU A 335 12.05 20.92 -5.03
C GLU A 335 11.96 19.40 -5.09
N ALA A 336 12.56 18.71 -4.13
CA ALA A 336 12.53 17.24 -4.14
C ALA A 336 11.23 16.68 -3.54
N PHE A 337 10.43 17.56 -2.93
CA PHE A 337 9.16 17.13 -2.34
C PHE A 337 8.01 17.75 -3.11
N VAL A 338 7.03 16.92 -3.48
CA VAL A 338 5.87 17.42 -4.18
C VAL A 338 4.61 16.95 -3.45
N GLU A 339 3.58 17.79 -3.45
CA GLU A 339 2.32 17.47 -2.80
C GLU A 339 1.53 16.48 -3.66
N ALA A 340 1.21 15.34 -3.07
CA ALA A 340 0.47 14.32 -3.78
C ALA A 340 -1.05 14.52 -3.73
N ALA A 341 -1.68 14.55 -4.90
CA ALA A 341 -3.14 14.69 -4.95
C ALA A 341 -3.69 13.36 -4.48
N PRO A 342 -4.97 13.34 -4.07
CA PRO A 342 -5.62 12.09 -3.61
C PRO A 342 -5.49 11.05 -4.71
N VAL A 343 -5.47 9.77 -4.34
CA VAL A 343 -5.36 8.67 -5.29
C VAL A 343 -6.42 7.61 -5.03
N MET A 344 -7.27 7.32 -6.02
CA MET A 344 -8.28 6.27 -5.80
C MET A 344 -7.68 4.92 -6.18
N GLY A 345 -6.65 4.51 -5.42
CA GLY A 345 -6.00 3.24 -5.70
C GLY A 345 -6.23 2.21 -4.61
N SER A 346 -5.49 1.11 -4.68
CA SER A 346 -5.63 0.04 -3.69
C SER A 346 -4.30 -0.28 -3.02
N GLU A 347 -4.19 0.10 -1.75
CA GLU A 347 -2.99 -0.14 -0.95
C GLU A 347 -3.42 -0.46 0.48
N ASP A 348 -3.17 -1.71 0.88
CA ASP A 348 -3.58 -2.15 2.21
C ASP A 348 -2.75 -1.61 3.36
N PHE A 349 -1.83 -0.68 3.05
CA PHE A 349 -1.05 0.00 4.08
C PHE A 349 -2.10 0.72 4.99
N SER A 350 -3.26 1.03 4.41
CA SER A 350 -4.36 1.69 5.13
C SER A 350 -4.61 1.03 6.47
N TYR A 351 -4.54 -0.29 6.53
CA TYR A 351 -4.78 -1.00 7.77
C TYR A 351 -3.75 -0.68 8.86
N PHE A 352 -2.49 -0.45 8.49
CA PHE A 352 -1.50 -0.08 9.51
C PHE A 352 -1.75 1.37 9.95
N ALA A 353 -2.09 2.24 9.00
CA ALA A 353 -2.35 3.67 9.27
C ALA A 353 -3.64 3.99 10.04
N GLU A 354 -4.56 3.03 10.13
CA GLU A 354 -5.77 3.27 10.90
C GLU A 354 -5.58 2.80 12.35
N THR A 355 -4.45 2.16 12.64
CA THR A 355 -4.18 1.63 13.99
C THR A 355 -3.04 2.34 14.72
N ILE A 356 -2.08 2.88 13.97
CA ILE A 356 -1.00 3.68 14.55
C ILE A 356 -0.71 4.80 13.54
N PRO A 357 -0.07 5.90 13.98
CA PRO A 357 0.25 7.01 13.09
C PRO A 357 1.00 6.45 11.88
N GLY A 358 0.49 6.71 10.68
CA GLY A 358 1.15 6.18 9.51
C GLY A 358 1.47 7.23 8.46
N HIS A 359 2.46 6.96 7.63
CA HIS A 359 2.82 7.90 6.57
C HIS A 359 3.25 7.12 5.33
N PHE A 360 2.48 7.31 4.27
CA PHE A 360 2.69 6.62 3.00
C PHE A 360 3.11 7.64 1.95
N SER A 361 4.22 7.38 1.28
CA SER A 361 4.72 8.32 0.27
C SER A 361 4.99 7.60 -1.05
N LEU A 362 5.04 8.39 -2.12
CA LEU A 362 5.30 7.88 -3.45
C LEU A 362 6.75 8.21 -3.78
N LEU A 363 7.42 7.33 -4.51
CA LEU A 363 8.79 7.60 -4.90
C LEU A 363 8.76 7.60 -6.44
N GLY A 364 9.18 8.73 -7.02
CA GLY A 364 9.10 8.90 -8.45
C GLY A 364 10.16 8.24 -9.30
N MET A 365 9.75 7.78 -10.48
CA MET A 365 10.63 7.13 -11.44
C MET A 365 10.45 7.71 -12.85
N GLN A 366 9.40 8.50 -13.06
CA GLN A 366 9.09 9.00 -14.39
C GLN A 366 10.15 9.92 -14.99
N ASP A 367 10.41 9.77 -16.29
CA ASP A 367 11.39 10.62 -16.94
C ASP A 367 10.69 11.73 -17.73
N GLU A 368 11.44 12.50 -18.51
CA GLU A 368 10.86 13.62 -19.23
C GLU A 368 9.79 13.30 -20.27
N THR A 369 9.95 12.19 -20.98
CA THR A 369 8.97 11.86 -22.01
C THR A 369 8.00 10.76 -21.64
N ASN A 370 7.88 10.51 -20.35
CA ASN A 370 6.95 9.50 -19.86
C ASN A 370 7.11 8.11 -20.43
N GLY A 371 8.34 7.61 -20.48
CA GLY A 371 8.57 6.27 -21.02
C GLY A 371 8.27 5.13 -20.05
N TYR A 372 8.34 5.40 -18.74
CA TYR A 372 8.09 4.35 -17.78
C TYR A 372 6.61 4.04 -17.69
N ALA A 373 6.29 2.76 -17.88
CA ALA A 373 4.92 2.29 -17.87
C ALA A 373 4.29 2.42 -16.49
N SER A 374 2.99 2.70 -16.49
CA SER A 374 2.26 2.83 -15.23
C SER A 374 2.23 1.49 -14.50
N SER A 375 2.05 1.54 -13.19
CA SER A 375 1.99 0.30 -12.40
C SER A 375 0.91 -0.60 -13.00
N HIS A 376 1.04 -1.90 -12.78
CA HIS A 376 0.10 -2.88 -13.34
C HIS A 376 0.22 -3.05 -14.85
N SER A 377 1.30 -2.55 -15.45
CA SER A 377 1.49 -2.72 -16.89
C SER A 377 2.56 -3.78 -17.19
N PRO A 378 2.37 -4.57 -18.26
CA PRO A 378 3.37 -5.58 -18.61
C PRO A 378 4.72 -4.90 -18.95
N LEU A 379 4.68 -3.60 -19.27
CA LEU A 379 5.88 -2.84 -19.62
C LEU A 379 6.49 -2.01 -18.49
N TYR A 380 5.89 -2.15 -17.30
CA TYR A 380 6.36 -1.45 -16.10
C TYR A 380 7.84 -1.76 -15.86
N ARG A 381 8.61 -0.69 -15.61
CA ARG A 381 10.03 -0.80 -15.34
C ARG A 381 10.33 0.03 -14.09
N ILE A 382 11.48 -0.27 -13.49
CA ILE A 382 11.95 0.50 -12.36
C ILE A 382 13.24 1.14 -12.88
N ASN A 383 13.40 2.45 -12.69
CA ASN A 383 14.66 3.08 -13.05
C ASN A 383 15.51 2.70 -11.83
N GLU A 384 16.38 1.71 -11.98
CA GLU A 384 17.16 1.22 -10.85
C GLU A 384 17.98 2.26 -10.09
N ASP A 385 18.21 3.41 -10.71
CA ASP A 385 18.94 4.48 -10.03
C ASP A 385 18.09 5.17 -8.95
N VAL A 386 16.82 4.79 -8.83
CA VAL A 386 15.97 5.38 -7.80
C VAL A 386 16.15 4.64 -6.47
N LEU A 387 16.72 3.45 -6.53
CA LEU A 387 16.86 2.63 -5.33
C LEU A 387 17.62 3.29 -4.18
N PRO A 388 18.75 3.97 -4.48
CA PRO A 388 19.47 4.62 -3.38
C PRO A 388 18.63 5.73 -2.71
N TYR A 389 17.77 6.40 -3.49
CA TYR A 389 16.92 7.47 -2.95
C TYR A 389 15.93 6.93 -1.93
N GLY A 390 15.32 5.78 -2.22
CA GLY A 390 14.37 5.19 -1.30
C GLY A 390 15.04 4.66 -0.04
N ALA A 391 16.19 4.00 -0.20
CA ALA A 391 16.95 3.48 0.94
C ALA A 391 17.36 4.63 1.87
N ALA A 392 17.81 5.73 1.26
CA ALA A 392 18.24 6.89 2.05
C ALA A 392 17.06 7.61 2.71
N ILE A 393 15.91 7.67 2.03
CA ILE A 393 14.76 8.33 2.63
C ILE A 393 14.28 7.53 3.85
N HIS A 394 14.16 6.23 3.69
CA HIS A 394 13.76 5.33 4.79
C HIS A 394 14.65 5.56 6.01
N ALA A 395 15.95 5.50 5.77
CA ALA A 395 16.95 5.66 6.84
C ALA A 395 16.87 7.02 7.52
N SER A 396 16.89 8.07 6.73
CA SER A 396 16.83 9.40 7.30
C SER A 396 15.54 9.62 8.12
N MET A 397 14.42 9.15 7.59
CA MET A 397 13.15 9.32 8.28
C MET A 397 13.18 8.56 9.62
N ALA A 398 13.74 7.36 9.61
CA ALA A 398 13.81 6.58 10.84
C ALA A 398 14.71 7.29 11.86
N VAL A 399 15.94 7.61 11.44
CA VAL A 399 16.87 8.27 12.35
C VAL A 399 16.30 9.59 12.84
N GLN A 400 15.92 10.46 11.91
CA GLN A 400 15.38 11.75 12.27
C GLN A 400 14.18 11.63 13.20
N TYR A 401 13.30 10.67 12.92
CA TYR A 401 12.13 10.48 13.77
C TYR A 401 12.62 10.28 15.23
N LEU A 402 13.18 9.11 15.51
CA LEU A 402 13.68 8.81 16.86
C LEU A 402 14.42 10.00 17.49
N LYS A 403 15.14 10.76 16.69
CA LYS A 403 15.87 11.92 17.18
C LYS A 403 14.99 12.85 18.02
N GLU A 404 14.18 13.68 17.36
CA GLU A 404 13.34 14.63 18.08
C GLU A 404 12.29 13.92 18.92
N LYS A 405 11.98 12.68 18.56
CA LYS A 405 11.01 11.92 19.31
C LYS A 405 11.56 11.83 20.73
N ALA A 406 12.88 11.91 20.85
CA ALA A 406 13.54 11.84 22.14
C ALA A 406 13.74 13.23 22.75
N SER A 407 13.58 14.27 21.95
CA SER A 407 13.77 15.63 22.46
C SER A 407 12.52 16.27 23.06
N LYS A 16 24.51 13.07 2.78
CA LYS A 16 24.87 12.22 3.95
C LYS A 16 24.59 10.74 3.69
N LEU A 17 23.39 10.28 4.06
CA LEU A 17 23.03 8.89 3.86
C LEU A 17 22.95 8.52 2.38
N LEU A 18 22.49 9.46 1.56
CA LEU A 18 22.37 9.20 0.14
C LEU A 18 23.74 8.91 -0.44
N GLU A 19 24.77 9.49 0.17
CA GLU A 19 26.14 9.29 -0.29
C GLU A 19 26.50 7.82 -0.14
N PHE A 20 26.22 7.26 1.02
CA PHE A 20 26.51 5.86 1.29
C PHE A 20 25.52 4.97 0.51
N ALA A 21 24.27 5.40 0.41
CA ALA A 21 23.23 4.65 -0.31
C ALA A 21 23.61 4.47 -1.78
N LYS A 22 24.27 5.47 -2.36
CA LYS A 22 24.68 5.41 -3.76
C LYS A 22 26.03 4.74 -3.99
N SER A 23 26.79 4.51 -2.93
CA SER A 23 28.11 3.89 -3.07
C SER A 23 28.00 2.60 -3.87
N PRO A 24 29.02 2.31 -4.71
CA PRO A 24 29.07 1.11 -5.55
C PRO A 24 28.74 -0.16 -4.77
N GLU A 25 29.39 -0.34 -3.63
CA GLU A 25 29.17 -1.50 -2.79
C GLU A 25 27.66 -1.67 -2.53
N VAL A 26 27.04 -0.68 -1.89
CA VAL A 26 25.63 -0.75 -1.55
C VAL A 26 24.69 -0.75 -2.77
N PHE A 27 24.91 0.13 -3.73
CA PHE A 27 24.03 0.20 -4.90
C PHE A 27 24.04 -1.10 -5.70
N ASP A 28 25.23 -1.63 -5.96
CA ASP A 28 25.34 -2.87 -6.71
C ASP A 28 24.67 -4.02 -5.99
N TRP A 29 24.86 -4.05 -4.67
CA TRP A 29 24.25 -5.07 -3.80
C TRP A 29 22.72 -4.97 -3.92
N MET A 30 22.18 -3.77 -3.80
CA MET A 30 20.73 -3.56 -3.93
C MET A 30 20.24 -4.00 -5.30
N VAL A 31 20.96 -3.60 -6.35
CA VAL A 31 20.57 -3.97 -7.71
C VAL A 31 20.58 -5.49 -7.90
N LYS A 32 21.53 -6.18 -7.26
CA LYS A 32 21.58 -7.63 -7.39
C LYS A 32 20.32 -8.26 -6.80
N ILE A 33 20.00 -7.88 -5.57
CA ILE A 33 18.82 -8.40 -4.91
C ILE A 33 17.55 -8.00 -5.66
N ARG A 34 17.43 -6.73 -6.01
CA ARG A 34 16.25 -6.30 -6.74
C ARG A 34 16.00 -7.17 -7.97
N ARG A 35 17.06 -7.46 -8.72
CA ARG A 35 16.93 -8.26 -9.93
C ARG A 35 16.60 -9.72 -9.70
N LYS A 36 17.14 -10.29 -8.63
CA LYS A 36 16.87 -11.70 -8.31
C LYS A 36 15.38 -11.85 -7.98
N ILE A 37 14.82 -10.89 -7.26
CA ILE A 37 13.41 -10.96 -6.93
C ILE A 37 12.60 -10.74 -8.20
N HIS A 38 13.05 -9.80 -9.03
CA HIS A 38 12.35 -9.49 -10.28
C HIS A 38 12.27 -10.71 -11.21
N GLU A 39 13.32 -11.54 -11.21
CA GLU A 39 13.36 -12.75 -12.05
C GLU A 39 12.48 -13.87 -11.51
N ASN A 40 12.21 -13.84 -10.21
CA ASN A 40 11.38 -14.88 -9.62
C ASN A 40 10.22 -14.30 -8.82
N PRO A 41 9.27 -13.67 -9.52
CA PRO A 41 8.11 -13.08 -8.85
C PRO A 41 7.20 -14.14 -8.20
N GLU A 42 6.77 -13.87 -6.98
CA GLU A 42 5.91 -14.80 -6.25
C GLU A 42 4.66 -14.07 -5.81
N LEU A 43 3.54 -14.78 -5.83
CA LEU A 43 2.24 -14.21 -5.48
C LEU A 43 1.94 -14.21 -3.96
N GLY A 44 0.86 -13.53 -3.59
CA GLY A 44 0.45 -13.41 -2.20
C GLY A 44 0.46 -14.68 -1.38
N TYR A 45 1.22 -14.65 -0.30
CA TYR A 45 1.38 -15.78 0.62
C TYR A 45 2.21 -16.94 0.08
N GLU A 46 2.77 -16.78 -1.11
CA GLU A 46 3.60 -17.82 -1.73
C GLU A 46 5.01 -17.27 -1.98
N GLU A 47 5.36 -16.18 -1.31
CA GLU A 47 6.66 -15.53 -1.48
C GLU A 47 7.77 -16.25 -0.72
N LEU A 48 7.86 -17.56 -0.91
CA LEU A 48 8.83 -18.39 -0.22
C LEU A 48 10.29 -18.00 -0.47
N GLU A 49 10.65 -17.87 -1.73
CA GLU A 49 12.01 -17.53 -2.09
C GLU A 49 12.34 -16.09 -1.73
N THR A 50 11.38 -15.19 -1.91
CA THR A 50 11.61 -13.78 -1.60
C THR A 50 11.84 -13.65 -0.09
N SER A 51 11.03 -14.34 0.70
CA SER A 51 11.16 -14.31 2.16
C SER A 51 12.51 -14.92 2.59
N LYS A 52 12.95 -16.01 1.96
CA LYS A 52 14.25 -16.60 2.30
C LYS A 52 15.38 -15.62 1.97
N LEU A 53 15.28 -14.92 0.85
CA LEU A 53 16.32 -13.96 0.46
C LEU A 53 16.40 -12.79 1.46
N ILE A 54 15.23 -12.29 1.89
CA ILE A 54 15.20 -11.20 2.85
C ILE A 54 15.88 -11.65 4.14
N ARG A 55 15.48 -12.79 4.67
CA ARG A 55 16.08 -13.30 5.90
C ARG A 55 17.60 -13.48 5.75
N SER A 56 18.05 -14.03 4.63
CA SER A 56 19.49 -14.23 4.41
C SER A 56 20.23 -12.91 4.49
N GLU A 57 19.68 -11.88 3.84
CA GLU A 57 20.35 -10.59 3.88
C GLU A 57 20.33 -10.01 5.29
N LEU A 58 19.21 -10.16 5.99
CA LEU A 58 19.13 -9.65 7.37
C LEU A 58 20.21 -10.34 8.19
N GLU A 59 20.35 -11.65 8.02
CA GLU A 59 21.37 -12.40 8.76
C GLU A 59 22.77 -11.88 8.39
N LEU A 60 23.02 -11.68 7.11
CA LEU A 60 24.31 -11.20 6.65
C LEU A 60 24.59 -9.79 7.20
N ILE A 61 23.59 -8.92 7.18
CA ILE A 61 23.80 -7.58 7.70
C ILE A 61 24.01 -7.61 9.23
N GLY A 62 23.26 -8.48 9.92
CA GLY A 62 23.36 -8.58 11.36
C GLY A 62 22.08 -8.04 11.98
N ILE A 63 20.96 -8.62 11.58
CA ILE A 63 19.65 -8.17 12.02
C ILE A 63 18.78 -9.34 12.43
N LYS A 64 18.39 -9.36 13.70
CA LYS A 64 17.51 -10.39 14.25
C LYS A 64 16.13 -10.17 13.66
N TYR A 65 15.34 -11.24 13.54
CA TYR A 65 14.01 -11.09 12.98
C TYR A 65 13.04 -12.12 13.53
N ARG A 66 11.76 -11.79 13.39
CA ARG A 66 10.66 -12.64 13.80
C ARG A 66 10.06 -13.20 12.52
N TYR A 67 10.13 -14.51 12.38
CA TYR A 67 9.61 -15.21 11.21
C TYR A 67 9.07 -16.54 11.70
N PRO A 68 7.90 -16.98 11.21
CA PRO A 68 7.03 -16.31 10.23
C PRO A 68 5.94 -15.40 10.79
N VAL A 69 5.56 -14.41 9.98
CA VAL A 69 4.47 -13.51 10.31
C VAL A 69 3.60 -13.50 9.05
N ALA A 70 2.34 -13.90 9.19
CA ALA A 70 1.44 -13.97 8.04
C ALA A 70 2.05 -14.94 7.00
N ILE A 71 2.56 -16.06 7.52
CA ILE A 71 3.15 -17.15 6.74
C ILE A 71 4.53 -16.90 6.15
N THR A 72 4.60 -16.08 5.11
CA THR A 72 5.87 -15.81 4.45
C THR A 72 6.50 -14.53 4.95
N GLY A 73 5.72 -13.76 5.71
CA GLY A 73 6.20 -12.50 6.22
C GLY A 73 7.37 -12.59 7.18
N VAL A 74 8.08 -11.46 7.29
CA VAL A 74 9.24 -11.39 8.17
C VAL A 74 9.31 -10.01 8.78
N ILE A 75 9.75 -9.94 10.03
CA ILE A 75 9.91 -8.66 10.70
C ILE A 75 11.30 -8.62 11.35
N GLY A 76 12.11 -7.66 10.89
CA GLY A 76 13.46 -7.50 11.42
C GLY A 76 13.52 -6.37 12.43
N TYR A 77 14.61 -6.31 13.21
CA TYR A 77 14.79 -5.28 14.23
C TYR A 77 16.23 -4.78 14.22
N ILE A 78 16.42 -3.47 14.40
CA ILE A 78 17.76 -2.88 14.44
C ILE A 78 17.66 -1.69 15.36
N GLY A 79 18.50 -1.63 16.40
CA GLY A 79 18.44 -0.52 17.32
C GLY A 79 18.76 -0.88 18.77
N THR A 80 18.41 0.01 19.70
CA THR A 80 18.67 -0.27 21.11
C THR A 80 18.01 -1.56 21.54
N GLY A 81 16.90 -1.90 20.90
CA GLY A 81 16.17 -3.09 21.29
C GLY A 81 15.02 -2.65 22.20
N GLU A 82 15.05 -1.39 22.61
CA GLU A 82 14.02 -0.84 23.49
C GLU A 82 13.23 0.29 22.79
N PRO A 83 12.10 0.70 23.36
CA PRO A 83 11.32 1.78 22.74
C PRO A 83 12.13 3.08 22.74
N PRO A 84 11.76 4.05 21.90
CA PRO A 84 10.63 3.99 20.97
C PRO A 84 10.85 3.07 19.77
N PHE A 85 9.75 2.52 19.28
CA PHE A 85 9.78 1.63 18.12
C PHE A 85 9.14 2.36 16.94
N VAL A 86 9.87 2.41 15.83
CA VAL A 86 9.34 3.02 14.62
C VAL A 86 9.46 1.96 13.51
N ALA A 87 8.43 1.87 12.67
CA ALA A 87 8.44 0.85 11.64
C ALA A 87 8.57 1.37 10.21
N LEU A 88 9.17 0.53 9.36
CA LEU A 88 9.36 0.75 7.92
C LEU A 88 8.77 -0.51 7.31
N ARG A 89 8.12 -0.38 6.15
CA ARG A 89 7.44 -1.53 5.54
C ARG A 89 7.61 -1.62 4.03
N ALA A 90 7.66 -2.85 3.53
CA ALA A 90 7.75 -3.14 2.09
C ALA A 90 6.78 -4.27 1.77
N ASP A 91 6.41 -4.40 0.49
CA ASP A 91 5.49 -5.47 0.03
C ASP A 91 6.36 -6.53 -0.63
N MET A 92 5.86 -7.77 -0.73
CA MET A 92 6.67 -8.84 -1.32
C MET A 92 6.06 -9.56 -2.52
N ASP A 93 4.73 -9.52 -2.65
CA ASP A 93 4.04 -10.24 -3.71
C ASP A 93 3.98 -9.56 -5.07
N ALA A 94 4.07 -10.38 -6.12
CA ALA A 94 4.02 -9.93 -7.51
C ALA A 94 2.57 -10.02 -8.01
N LEU A 95 2.40 -9.80 -9.31
CA LEU A 95 1.09 -9.85 -9.94
C LEU A 95 1.02 -10.96 -10.99
N PRO A 96 -0.18 -11.51 -11.24
CA PRO A 96 -0.31 -12.58 -12.23
C PRO A 96 -0.42 -12.00 -13.64
N ILE A 97 0.64 -11.33 -14.07
CA ILE A 97 0.76 -10.67 -15.36
C ILE A 97 2.02 -11.21 -16.06
N GLN A 98 1.96 -11.37 -17.39
CA GLN A 98 3.13 -11.81 -18.16
C GLN A 98 3.98 -10.58 -18.47
N GLU A 99 5.26 -10.62 -18.10
CA GLU A 99 6.17 -9.52 -18.34
C GLU A 99 6.47 -9.38 -19.85
N GLY A 100 6.32 -8.16 -20.36
CA GLY A 100 6.57 -7.90 -21.77
C GLY A 100 7.82 -7.06 -22.00
N VAL A 101 8.59 -6.84 -20.93
CA VAL A 101 9.84 -6.06 -21.03
C VAL A 101 10.98 -7.00 -21.37
N GLU A 102 11.71 -6.70 -22.44
CA GLU A 102 12.86 -7.54 -22.80
C GLU A 102 14.15 -6.91 -22.27
N TRP A 103 14.80 -7.60 -21.33
CA TRP A 103 16.05 -7.11 -20.77
C TRP A 103 16.73 -8.22 -20.01
N GLU A 104 17.97 -7.97 -19.60
CA GLU A 104 18.82 -8.94 -18.90
C GLU A 104 18.19 -9.67 -17.70
N HIS A 105 17.12 -9.12 -17.14
CA HIS A 105 16.52 -9.78 -15.98
C HIS A 105 15.00 -9.84 -15.96
N LYS A 106 14.42 -9.96 -17.16
CA LYS A 106 12.98 -10.10 -17.28
C LYS A 106 12.64 -11.28 -16.37
N SER A 107 11.40 -11.35 -15.87
CA SER A 107 11.05 -12.49 -15.03
C SER A 107 11.32 -13.81 -15.75
N LYS A 108 11.72 -14.83 -14.98
CA LYS A 108 11.97 -16.15 -15.53
C LYS A 108 10.82 -17.09 -15.19
N ILE A 109 9.76 -16.52 -14.61
CA ILE A 109 8.58 -17.30 -14.24
C ILE A 109 7.43 -16.82 -15.13
N ALA A 110 7.28 -17.45 -16.27
CA ALA A 110 6.23 -17.05 -17.21
C ALA A 110 4.92 -16.81 -16.47
N GLY A 111 4.17 -15.79 -16.89
CA GLY A 111 2.89 -15.51 -16.27
C GLY A 111 2.88 -14.74 -14.95
N LYS A 112 4.04 -14.33 -14.46
CA LYS A 112 4.10 -13.57 -13.21
C LYS A 112 5.10 -12.44 -13.40
N MET A 113 4.86 -11.32 -12.73
CA MET A 113 5.73 -10.17 -12.86
C MET A 113 5.54 -9.15 -11.76
N HIS A 114 6.64 -8.48 -11.39
CA HIS A 114 6.59 -7.40 -10.40
C HIS A 114 6.30 -6.12 -11.19
N ALA A 115 5.01 -5.89 -11.46
CA ALA A 115 4.55 -4.72 -12.21
C ALA A 115 4.18 -3.49 -11.34
N CYS A 116 4.50 -3.53 -10.04
CA CYS A 116 4.18 -2.37 -9.19
C CYS A 116 5.36 -1.90 -8.31
N GLY A 117 6.57 -2.37 -8.62
CA GLY A 117 7.75 -1.97 -7.89
C GLY A 117 8.01 -2.64 -6.55
N HIS A 118 7.28 -3.71 -6.23
CA HIS A 118 7.44 -4.37 -4.94
C HIS A 118 8.83 -4.94 -4.75
N ASP A 119 9.39 -5.53 -5.81
CA ASP A 119 10.76 -6.04 -5.75
C ASP A 119 11.66 -4.85 -5.35
N GLY A 120 11.35 -3.67 -5.88
CA GLY A 120 12.11 -2.47 -5.55
C GLY A 120 11.88 -2.04 -4.09
N HIS A 121 10.62 -2.10 -3.63
CA HIS A 121 10.32 -1.70 -2.25
C HIS A 121 11.13 -2.52 -1.22
N VAL A 122 11.18 -3.83 -1.40
CA VAL A 122 11.95 -4.68 -0.49
C VAL A 122 13.41 -4.24 -0.55
N THR A 123 13.89 -3.99 -1.77
CA THR A 123 15.25 -3.57 -2.02
C THR A 123 15.64 -2.29 -1.29
N MET A 124 14.77 -1.28 -1.35
CA MET A 124 15.10 -0.04 -0.68
C MET A 124 15.04 -0.19 0.84
N LEU A 125 14.23 -1.14 1.33
CA LEU A 125 14.14 -1.35 2.77
C LEU A 125 15.42 -2.06 3.27
N LEU A 126 15.94 -2.99 2.48
CA LEU A 126 17.18 -3.68 2.86
C LEU A 126 18.34 -2.67 2.73
N GLY A 127 18.22 -1.72 1.80
CA GLY A 127 19.25 -0.70 1.66
C GLY A 127 19.27 0.17 2.91
N ALA A 128 18.08 0.56 3.33
CA ALA A 128 17.90 1.37 4.52
C ALA A 128 18.45 0.63 5.77
N ALA A 129 18.21 -0.67 5.84
CA ALA A 129 18.66 -1.50 6.96
C ALA A 129 20.19 -1.53 7.01
N LYS A 130 20.84 -1.70 5.86
CA LYS A 130 22.30 -1.71 5.85
C LYS A 130 22.80 -0.35 6.30
N ILE A 131 22.06 0.70 5.94
CA ILE A 131 22.41 2.07 6.31
C ILE A 131 22.22 2.29 7.82
N LEU A 132 21.06 1.90 8.34
CA LEU A 132 20.75 2.05 9.76
C LEU A 132 21.66 1.16 10.62
N HIS A 133 22.00 -0.01 10.09
CA HIS A 133 22.86 -0.93 10.83
C HIS A 133 24.21 -0.27 11.13
N GLU A 134 24.81 0.37 10.13
CA GLU A 134 26.10 1.02 10.36
C GLU A 134 25.97 2.24 11.27
N HIS A 135 24.74 2.57 11.63
CA HIS A 135 24.49 3.69 12.55
C HIS A 135 23.76 3.21 13.80
N ARG A 136 23.65 1.90 13.97
CA ARG A 136 22.89 1.32 15.08
C ARG A 136 23.19 1.82 16.48
N HIS A 137 24.47 2.04 16.78
CA HIS A 137 24.85 2.51 18.10
C HIS A 137 24.43 3.96 18.34
N HIS A 138 23.80 4.55 17.35
CA HIS A 138 23.37 5.95 17.46
C HIS A 138 21.85 6.11 17.44
N LEU A 139 21.14 5.01 17.15
CA LEU A 139 19.68 5.02 17.11
C LEU A 139 19.11 5.09 18.53
N GLN A 140 18.30 6.12 18.78
CA GLN A 140 17.70 6.31 20.10
C GLN A 140 16.34 5.61 20.13
N GLY A 141 16.39 4.30 19.89
CA GLY A 141 15.19 3.49 19.86
C GLY A 141 15.45 2.30 18.96
N THR A 142 14.39 1.67 18.46
CA THR A 142 14.48 0.49 17.60
C THR A 142 13.63 0.62 16.32
N VAL A 143 14.17 0.12 15.20
CA VAL A 143 13.46 0.15 13.93
C VAL A 143 12.93 -1.25 13.67
N VAL A 144 11.63 -1.34 13.38
CA VAL A 144 10.95 -2.62 13.13
C VAL A 144 10.73 -2.73 11.60
N LEU A 145 11.53 -3.57 10.94
CA LEU A 145 11.46 -3.75 9.49
C LEU A 145 10.35 -4.73 9.19
N ILE A 146 9.34 -4.26 8.47
CA ILE A 146 8.21 -5.09 8.16
C ILE A 146 8.16 -5.47 6.67
N PHE A 147 8.44 -6.75 6.40
CA PHE A 147 8.40 -7.29 5.06
C PHE A 147 7.07 -8.02 4.99
N GLN A 148 6.11 -7.32 4.40
CA GLN A 148 4.73 -7.73 4.28
C GLN A 148 4.33 -8.52 3.04
N PRO A 149 3.67 -9.65 3.25
CA PRO A 149 3.21 -10.48 2.14
C PRO A 149 1.85 -10.01 1.66
N ALA A 150 1.45 -10.56 0.51
CA ALA A 150 0.11 -10.38 -0.03
C ALA A 150 -0.57 -9.02 0.06
N GLU A 151 0.10 -7.99 -0.43
CA GLU A 151 -0.48 -6.67 -0.46
C GLU A 151 -1.57 -6.64 -1.55
N GLU A 152 -1.35 -7.34 -2.66
CA GLU A 152 -2.30 -7.26 -3.79
C GLU A 152 -3.70 -7.78 -3.50
N GLY A 153 -3.78 -8.82 -2.67
CA GLY A 153 -5.07 -9.37 -2.30
C GLY A 153 -5.66 -8.58 -1.15
N LEU A 154 -4.93 -7.56 -0.69
CA LEU A 154 -5.35 -6.67 0.38
C LEU A 154 -5.59 -7.32 1.76
N SER A 155 -4.94 -8.43 2.03
CA SER A 155 -5.13 -9.08 3.33
C SER A 155 -3.83 -9.14 4.16
N GLY A 156 -2.68 -9.15 3.48
CA GLY A 156 -1.42 -9.26 4.17
C GLY A 156 -1.18 -8.31 5.33
N ALA A 157 -1.45 -7.03 5.11
CA ALA A 157 -1.26 -6.04 6.16
C ALA A 157 -2.19 -6.37 7.34
N LYS A 158 -3.44 -6.70 7.03
CA LYS A 158 -4.42 -7.05 8.08
C LYS A 158 -3.91 -8.27 8.88
N LYS A 159 -3.47 -9.28 8.15
CA LYS A 159 -2.96 -10.51 8.77
C LYS A 159 -1.73 -10.17 9.61
N MET A 160 -0.93 -9.23 9.13
CA MET A 160 0.26 -8.81 9.87
C MET A 160 -0.23 -8.25 11.19
N ARG A 161 -1.15 -7.28 11.09
CA ARG A 161 -1.76 -6.63 12.24
C ARG A 161 -2.47 -7.69 13.09
N GLU A 162 -3.14 -8.62 12.42
CA GLU A 162 -3.87 -9.69 13.09
C GLU A 162 -2.94 -10.70 13.76
N GLU A 163 -1.64 -10.56 13.51
CA GLU A 163 -0.69 -11.46 14.13
C GLU A 163 0.25 -10.66 15.04
N GLY A 164 -0.15 -9.42 15.28
CA GLY A 164 0.57 -8.52 16.18
C GLY A 164 1.82 -7.83 15.70
N ALA A 165 1.73 -7.01 14.66
CA ALA A 165 2.93 -6.34 14.15
C ALA A 165 3.16 -4.91 14.60
N LEU A 166 2.13 -4.22 15.06
CA LEU A 166 2.29 -2.83 15.50
C LEU A 166 2.38 -2.68 17.01
N LYS A 167 2.51 -3.79 17.73
CA LYS A 167 2.58 -3.72 19.20
C LYS A 167 3.64 -2.75 19.70
N ASN A 168 3.19 -1.72 20.43
CA ASN A 168 4.08 -0.70 20.99
C ASN A 168 4.82 0.09 19.91
N VAL A 169 4.39 -0.04 18.66
CA VAL A 169 5.02 0.71 17.56
C VAL A 169 4.36 2.10 17.52
N GLU A 170 5.20 3.13 17.54
CA GLU A 170 4.70 4.50 17.53
C GLU A 170 4.31 5.09 16.18
N ALA A 171 4.99 4.64 15.13
CA ALA A 171 4.74 5.16 13.79
C ALA A 171 5.19 4.14 12.77
N ILE A 172 4.66 4.26 11.54
CA ILE A 172 5.06 3.35 10.48
C ILE A 172 5.08 4.13 9.17
N PHE A 173 6.19 3.98 8.43
CA PHE A 173 6.39 4.66 7.15
C PHE A 173 6.47 3.66 6.00
N GLY A 174 5.86 4.01 4.87
CA GLY A 174 5.91 3.15 3.71
C GLY A 174 6.23 4.00 2.47
N ILE A 175 6.90 3.38 1.50
CA ILE A 175 7.26 4.05 0.26
C ILE A 175 6.69 3.26 -0.92
N HIS A 176 6.17 3.96 -1.92
CA HIS A 176 5.64 3.31 -3.11
C HIS A 176 6.26 3.97 -4.36
N LEU A 177 6.95 3.19 -5.18
CA LEU A 177 7.54 3.71 -6.41
C LEU A 177 6.39 4.13 -7.33
N SER A 178 6.57 5.21 -8.07
CA SER A 178 5.51 5.67 -8.94
C SER A 178 5.97 6.12 -10.30
N ALA A 179 5.11 5.91 -11.30
CA ALA A 179 5.37 6.33 -12.68
C ALA A 179 4.64 7.65 -12.92
N ARG A 180 3.94 8.15 -11.90
CA ARG A 180 3.21 9.40 -12.05
C ARG A 180 3.89 10.59 -11.34
N ILE A 181 5.08 10.33 -10.81
CA ILE A 181 5.85 11.35 -10.10
C ILE A 181 7.22 11.44 -10.77
N PRO A 182 7.79 12.65 -10.91
CA PRO A 182 9.10 12.75 -11.56
C PRO A 182 10.17 11.94 -10.82
N PHE A 183 11.14 11.43 -11.57
CA PHE A 183 12.22 10.63 -11.02
C PHE A 183 12.88 11.26 -9.80
N GLY A 184 13.02 10.46 -8.73
CA GLY A 184 13.68 10.91 -7.51
C GLY A 184 12.94 11.86 -6.59
N LYS A 185 11.81 12.40 -7.03
CA LYS A 185 11.03 13.30 -6.18
C LYS A 185 10.15 12.45 -5.29
N ALA A 186 9.83 12.96 -4.10
CA ALA A 186 8.98 12.25 -3.16
C ALA A 186 7.69 13.05 -3.01
N ALA A 187 6.56 12.35 -3.01
CA ALA A 187 5.27 13.05 -2.92
C ALA A 187 4.45 12.57 -1.74
N SER A 188 3.75 13.49 -1.08
CA SER A 188 2.92 13.12 0.06
C SER A 188 1.71 14.02 0.18
N ARG A 189 0.94 13.76 1.22
CA ARG A 189 -0.25 14.53 1.55
C ARG A 189 -0.65 14.17 2.96
N ALA A 190 -0.93 15.19 3.76
CA ALA A 190 -1.38 14.98 5.14
C ALA A 190 -2.86 14.66 5.06
N GLY A 191 -3.35 13.80 5.96
CA GLY A 191 -4.75 13.47 5.96
C GLY A 191 -5.07 12.37 4.98
N SER A 192 -6.31 12.34 4.52
CA SER A 192 -6.75 11.30 3.60
C SER A 192 -5.93 11.41 2.30
N PHE A 193 -5.35 10.30 1.89
CA PHE A 193 -4.49 10.25 0.71
C PHE A 193 -5.04 9.28 -0.32
N LEU A 194 -5.23 8.03 0.08
CA LEU A 194 -5.76 7.01 -0.82
C LEU A 194 -7.16 6.70 -0.34
N ALA A 195 -8.09 6.50 -1.29
CA ALA A 195 -9.46 6.22 -0.90
C ALA A 195 -9.70 4.85 -0.28
N GLY A 196 -10.77 4.74 0.51
CA GLY A 196 -11.13 3.48 1.10
C GLY A 196 -11.89 2.67 0.05
N ALA A 197 -12.18 1.40 0.35
CA ALA A 197 -12.91 0.55 -0.58
C ALA A 197 -13.65 -0.54 0.17
N GLY A 198 -14.97 -0.59 -0.04
CA GLY A 198 -15.79 -1.60 0.62
C GLY A 198 -16.67 -2.28 -0.40
N VAL A 199 -17.32 -3.38 -0.01
CA VAL A 199 -18.24 -4.08 -0.90
C VAL A 199 -19.56 -4.24 -0.17
N PHE A 200 -20.61 -4.48 -0.94
CA PHE A 200 -21.94 -4.68 -0.37
C PHE A 200 -22.67 -5.70 -1.21
N GLU A 201 -23.34 -6.63 -0.55
CA GLU A 201 -24.10 -7.64 -1.24
C GLU A 201 -25.54 -7.44 -0.85
N ALA A 202 -26.45 -7.44 -1.83
CA ALA A 202 -27.86 -7.25 -1.52
C ALA A 202 -28.73 -8.34 -2.15
N VAL A 203 -29.69 -8.85 -1.39
CA VAL A 203 -30.61 -9.88 -1.89
C VAL A 203 -32.03 -9.29 -1.87
N ILE A 204 -32.64 -9.20 -3.05
CA ILE A 204 -33.97 -8.65 -3.15
C ILE A 204 -35.00 -9.78 -3.32
N THR A 205 -36.15 -9.66 -2.65
CA THR A 205 -37.23 -10.66 -2.72
C THR A 205 -38.59 -10.00 -2.56
N GLY A 206 -39.63 -10.59 -3.16
CA GLY A 206 -40.95 -10.02 -3.05
C GLY A 206 -41.54 -10.12 -1.65
N LYS A 207 -42.56 -9.31 -1.36
CA LYS A 207 -43.21 -9.33 -0.06
C LYS A 207 -44.59 -9.96 -0.14
N THR A 217 -44.94 -10.50 -9.13
CA THR A 217 -44.07 -11.47 -9.79
C THR A 217 -42.77 -10.84 -10.28
N ILE A 218 -42.88 -9.93 -11.25
CA ILE A 218 -41.72 -9.24 -11.82
C ILE A 218 -41.19 -8.15 -10.90
N ASP A 219 -41.89 -7.95 -9.78
CA ASP A 219 -41.52 -6.95 -8.79
C ASP A 219 -40.02 -6.91 -8.50
N PRO A 220 -39.43 -8.07 -8.15
CA PRO A 220 -37.99 -8.11 -7.85
C PRO A 220 -37.15 -7.50 -8.95
N VAL A 221 -37.51 -7.80 -10.20
CA VAL A 221 -36.79 -7.28 -11.35
C VAL A 221 -36.96 -5.76 -11.41
N VAL A 222 -38.18 -5.28 -11.17
CA VAL A 222 -38.45 -3.85 -11.19
C VAL A 222 -37.66 -3.14 -10.09
N ALA A 223 -37.75 -3.71 -8.89
CA ALA A 223 -37.04 -3.17 -7.73
C ALA A 223 -35.54 -3.12 -7.97
N ALA A 224 -34.99 -4.18 -8.55
CA ALA A 224 -33.56 -4.26 -8.83
C ALA A 224 -33.10 -3.21 -9.84
N SER A 225 -33.99 -2.83 -10.77
CA SER A 225 -33.63 -1.83 -11.77
C SER A 225 -33.57 -0.43 -11.14
N SER A 226 -34.59 -0.10 -10.35
CA SER A 226 -34.63 1.20 -9.69
C SER A 226 -33.43 1.33 -8.72
N ILE A 227 -33.09 0.22 -8.06
CA ILE A 227 -31.97 0.19 -7.13
C ILE A 227 -30.66 0.42 -7.87
N VAL A 228 -30.44 -0.35 -8.93
CA VAL A 228 -29.22 -0.22 -9.72
C VAL A 228 -29.13 1.20 -10.25
N LEU A 229 -30.28 1.75 -10.64
CA LEU A 229 -30.32 3.11 -11.16
C LEU A 229 -29.88 4.11 -10.11
N SER A 230 -30.53 4.08 -8.95
CA SER A 230 -30.19 5.01 -7.88
C SER A 230 -28.71 4.89 -7.48
N LEU A 231 -28.28 3.67 -7.15
CA LEU A 231 -26.88 3.46 -6.74
C LEU A 231 -25.92 4.06 -7.76
N GLN A 232 -26.42 4.28 -8.98
CA GLN A 232 -25.62 4.88 -10.03
C GLN A 232 -25.54 6.37 -9.77
N GLN A 233 -26.64 6.94 -9.29
CA GLN A 233 -26.71 8.36 -8.97
C GLN A 233 -25.81 8.76 -7.80
N LEU A 234 -25.14 7.79 -7.17
CA LEU A 234 -24.25 8.10 -6.04
C LEU A 234 -22.82 8.40 -6.47
N VAL A 235 -22.47 8.04 -7.71
CA VAL A 235 -21.13 8.32 -8.20
C VAL A 235 -21.04 9.83 -8.34
N SER A 236 -20.49 10.45 -7.30
CA SER A 236 -20.35 11.89 -7.27
C SER A 236 -18.94 12.34 -7.63
N ARG A 237 -18.89 13.27 -8.59
CA ARG A 237 -17.66 13.87 -9.08
C ARG A 237 -17.75 15.37 -8.80
N GLU A 238 -16.87 15.85 -7.94
CA GLU A 238 -16.89 17.25 -7.57
C GLU A 238 -15.58 17.96 -7.89
N THR A 239 -15.48 19.22 -7.47
CA THR A 239 -14.29 20.01 -7.71
C THR A 239 -13.13 19.54 -6.81
N ASP A 240 -13.36 19.44 -5.49
CA ASP A 240 -12.30 18.97 -4.59
C ASP A 240 -12.10 17.50 -4.92
N PRO A 241 -10.91 17.12 -5.39
CA PRO A 241 -10.74 15.70 -5.70
C PRO A 241 -10.93 14.76 -4.50
N LEU A 242 -10.91 15.30 -3.29
CA LEU A 242 -11.12 14.46 -2.12
C LEU A 242 -12.57 14.01 -2.04
N ASP A 243 -13.46 14.73 -2.74
CA ASP A 243 -14.89 14.40 -2.74
C ASP A 243 -15.24 13.28 -3.72
N SER A 244 -14.25 12.63 -4.32
CA SER A 244 -14.55 11.59 -5.29
C SER A 244 -15.26 10.43 -4.62
N LYS A 245 -16.34 9.97 -5.26
CA LYS A 245 -17.08 8.84 -4.75
C LYS A 245 -17.13 7.85 -5.90
N VAL A 246 -17.35 6.58 -5.58
CA VAL A 246 -17.47 5.57 -6.62
C VAL A 246 -18.34 4.44 -6.10
N VAL A 247 -19.59 4.44 -6.54
CA VAL A 247 -20.52 3.40 -6.16
C VAL A 247 -20.82 2.66 -7.45
N THR A 248 -20.52 1.37 -7.46
CA THR A 248 -20.73 0.55 -8.64
C THR A 248 -21.46 -0.74 -8.31
N VAL A 249 -22.10 -1.30 -9.34
CA VAL A 249 -22.78 -2.58 -9.22
C VAL A 249 -22.08 -3.46 -10.25
N SER A 250 -21.48 -4.55 -9.77
CA SER A 250 -20.75 -5.45 -10.66
C SER A 250 -21.40 -6.82 -10.74
N LYS A 251 -22.37 -7.09 -9.85
CA LYS A 251 -23.05 -8.37 -9.85
C LYS A 251 -24.56 -8.21 -9.73
N VAL A 252 -25.28 -8.91 -10.61
CA VAL A 252 -26.74 -8.90 -10.62
C VAL A 252 -27.26 -10.16 -11.32
N ASN A 253 -28.03 -10.97 -10.61
CA ASN A 253 -28.58 -12.20 -11.19
C ASN A 253 -29.63 -12.86 -10.30
N PRO A 262 -38.57 -14.87 -11.68
CA PRO A 262 -37.41 -14.53 -10.83
C PRO A 262 -37.82 -14.19 -9.41
N ASP A 263 -37.69 -15.17 -8.51
CA ASP A 263 -38.09 -14.99 -7.11
C ASP A 263 -37.20 -14.02 -6.34
N SER A 264 -35.90 -14.00 -6.65
CA SER A 264 -34.98 -13.11 -5.97
C SER A 264 -33.82 -12.75 -6.87
N ILE A 265 -33.24 -11.58 -6.64
CA ILE A 265 -32.13 -11.14 -7.44
C ILE A 265 -31.00 -10.67 -6.52
N THR A 266 -29.78 -11.07 -6.85
CA THR A 266 -28.61 -10.70 -6.08
C THR A 266 -27.89 -9.52 -6.71
N ILE A 267 -27.58 -8.52 -5.88
CA ILE A 267 -26.88 -7.33 -6.34
C ILE A 267 -25.54 -7.17 -5.62
N GLY A 268 -24.43 -7.40 -6.32
CA GLY A 268 -23.12 -7.26 -5.73
C GLY A 268 -22.45 -5.98 -6.20
N GLY A 269 -22.06 -5.13 -5.25
CA GLY A 269 -21.41 -3.88 -5.64
C GLY A 269 -20.26 -3.43 -4.76
N THR A 270 -19.59 -2.38 -5.22
CA THR A 270 -18.44 -1.82 -4.51
C THR A 270 -18.70 -0.34 -4.20
N LEU A 271 -17.96 0.19 -3.23
CA LEU A 271 -18.10 1.58 -2.87
C LEU A 271 -16.72 2.13 -2.43
N ARG A 272 -16.42 3.35 -2.85
CA ARG A 272 -15.15 3.99 -2.52
C ARG A 272 -15.34 5.46 -2.23
N ALA A 273 -14.55 5.96 -1.28
CA ALA A 273 -14.60 7.36 -0.87
C ALA A 273 -13.31 7.70 -0.13
N PHE A 274 -12.94 8.98 -0.15
CA PHE A 274 -11.74 9.46 0.54
C PHE A 274 -12.16 9.93 1.92
N THR A 275 -13.36 10.49 1.99
CA THR A 275 -13.93 11.03 3.22
C THR A 275 -15.40 10.58 3.31
N GLY A 276 -15.96 10.57 4.52
CA GLY A 276 -17.34 10.14 4.66
C GLY A 276 -17.51 8.71 4.14
N PHE A 277 -16.52 7.86 4.44
CA PHE A 277 -16.60 6.48 3.97
C PHE A 277 -17.78 5.70 4.57
N THR A 278 -17.88 5.67 5.90
CA THR A 278 -18.97 4.95 6.56
C THR A 278 -20.31 5.55 6.14
N GLN A 279 -20.33 6.88 6.00
CA GLN A 279 -21.54 7.57 5.59
C GLN A 279 -21.99 7.10 4.20
N LEU A 280 -21.04 6.84 3.32
CA LEU A 280 -21.42 6.37 1.99
C LEU A 280 -21.96 4.95 2.07
N GLN A 281 -21.35 4.10 2.90
CA GLN A 281 -21.83 2.73 3.06
C GLN A 281 -23.29 2.74 3.50
N GLN A 282 -23.60 3.58 4.48
CA GLN A 282 -24.97 3.69 4.99
C GLN A 282 -25.92 4.23 3.93
N ARG A 283 -25.43 5.15 3.12
CA ARG A 283 -26.26 5.73 2.05
C ARG A 283 -26.63 4.63 1.05
N VAL A 284 -25.66 3.78 0.71
CA VAL A 284 -25.89 2.69 -0.22
C VAL A 284 -26.93 1.74 0.38
N LYS A 285 -26.75 1.39 1.65
CA LYS A 285 -27.68 0.49 2.33
C LYS A 285 -29.07 1.10 2.41
N GLU A 286 -29.15 2.37 2.80
CA GLU A 286 -30.43 3.05 2.90
C GLU A 286 -31.17 3.14 1.55
N VAL A 287 -30.43 3.38 0.46
CA VAL A 287 -31.06 3.47 -0.84
C VAL A 287 -31.69 2.13 -1.25
N ILE A 288 -30.88 1.07 -1.24
CA ILE A 288 -31.33 -0.27 -1.62
C ILE A 288 -32.56 -0.70 -0.81
N THR A 289 -32.54 -0.40 0.48
CA THR A 289 -33.61 -0.78 1.38
C THR A 289 -34.91 -0.03 1.06
N LYS A 290 -34.87 1.30 1.09
CA LYS A 290 -36.06 2.09 0.82
C LYS A 290 -36.60 1.82 -0.57
N GLN A 291 -35.70 1.65 -1.53
CA GLN A 291 -36.12 1.35 -2.89
C GLN A 291 -36.85 0.02 -2.96
N ALA A 292 -36.25 -1.03 -2.41
CA ALA A 292 -36.87 -2.35 -2.42
C ALA A 292 -38.27 -2.24 -1.81
N ALA A 293 -38.36 -1.49 -0.71
CA ALA A 293 -39.62 -1.32 0.00
C ALA A 293 -40.76 -0.71 -0.82
N VAL A 294 -40.50 0.39 -1.52
CA VAL A 294 -41.56 1.01 -2.31
C VAL A 294 -41.88 0.20 -3.55
N HIS A 295 -41.19 -0.92 -3.74
CA HIS A 295 -41.45 -1.79 -4.87
C HIS A 295 -42.02 -3.11 -4.36
N ARG A 296 -42.62 -3.06 -3.18
CA ARG A 296 -43.24 -4.22 -2.55
C ARG A 296 -42.27 -5.41 -2.50
N CYS A 297 -41.01 -5.12 -2.15
CA CYS A 297 -40.00 -6.15 -2.05
C CYS A 297 -39.26 -5.99 -0.73
N ASN A 298 -38.63 -7.08 -0.29
CA ASN A 298 -37.83 -7.10 0.91
C ASN A 298 -36.39 -7.13 0.41
N ALA A 299 -35.47 -6.57 1.17
CA ALA A 299 -34.07 -6.56 0.77
C ALA A 299 -33.14 -6.93 1.91
N SER A 300 -32.11 -7.68 1.57
CA SER A 300 -31.12 -8.09 2.54
C SER A 300 -29.80 -7.49 2.05
N VAL A 301 -29.27 -6.54 2.81
CA VAL A 301 -28.02 -5.87 2.48
C VAL A 301 -26.90 -6.21 3.45
N ASN A 302 -25.78 -6.66 2.91
CA ASN A 302 -24.61 -7.00 3.71
C ASN A 302 -23.42 -6.12 3.29
N LEU A 303 -22.91 -5.30 4.21
CA LEU A 303 -21.78 -4.40 3.96
C LEU A 303 -20.41 -5.03 4.27
N THR A 304 -20.42 -6.30 4.70
CA THR A 304 -19.17 -7.02 4.96
C THR A 304 -19.45 -8.45 4.51
N PRO A 305 -19.85 -8.64 3.24
CA PRO A 305 -20.16 -9.97 2.73
C PRO A 305 -19.00 -10.97 2.69
N ASN A 306 -19.27 -12.17 3.20
CA ASN A 306 -18.26 -13.23 3.21
C ASN A 306 -17.00 -12.81 3.94
N GLY A 307 -17.14 -11.97 4.96
CA GLY A 307 -15.96 -11.53 5.69
C GLY A 307 -15.10 -10.52 4.94
N ARG A 308 -15.64 -9.89 3.90
CA ARG A 308 -14.89 -8.89 3.14
C ARG A 308 -14.96 -7.56 3.90
N GLU A 309 -13.99 -7.32 4.78
CA GLU A 309 -13.95 -6.09 5.56
C GLU A 309 -13.56 -4.90 4.70
N PRO A 310 -14.15 -3.73 4.96
CA PRO A 310 -13.77 -2.60 4.11
C PRO A 310 -12.28 -2.23 4.22
N MET A 311 -11.68 -1.84 3.10
CA MET A 311 -10.29 -1.41 3.07
C MET A 311 -10.38 0.06 3.49
N PRO A 312 -10.02 0.35 4.74
CA PRO A 312 -10.11 1.74 5.19
C PRO A 312 -9.34 2.75 4.33
N PRO A 313 -9.79 4.01 4.34
CA PRO A 313 -9.11 5.04 3.54
C PRO A 313 -7.72 5.17 4.17
N THR A 314 -6.67 5.29 3.34
CA THR A 314 -5.31 5.41 3.84
C THR A 314 -5.06 6.86 4.22
N VAL A 315 -4.83 7.08 5.52
CA VAL A 315 -4.63 8.43 6.02
C VAL A 315 -3.22 8.66 6.54
N ASN A 316 -2.58 9.72 6.04
CA ASN A 316 -1.24 10.07 6.47
C ASN A 316 -1.37 10.96 7.69
N ASN A 317 -0.66 10.60 8.75
CA ASN A 317 -0.69 11.38 9.98
C ASN A 317 -0.01 12.74 9.73
N LYS A 318 -0.68 13.82 10.11
CA LYS A 318 -0.15 15.17 9.92
C LYS A 318 1.24 15.42 10.48
N ASP A 319 1.49 14.97 11.70
CA ASP A 319 2.79 15.17 12.33
C ASP A 319 3.90 14.51 11.50
N LEU A 320 3.68 13.24 11.13
CA LEU A 320 4.67 12.51 10.33
C LEU A 320 4.89 13.16 8.97
N TYR A 321 3.80 13.55 8.32
CA TYR A 321 3.88 14.19 7.01
C TYR A 321 4.92 15.32 7.00
N LYS A 322 4.87 16.19 8.01
CA LYS A 322 5.82 17.30 8.09
C LYS A 322 7.27 16.78 8.20
N GLN A 323 7.51 15.80 9.07
CA GLN A 323 8.84 15.23 9.24
C GLN A 323 9.35 14.75 7.88
N PHE A 324 8.48 14.08 7.14
CA PHE A 324 8.81 13.57 5.81
C PHE A 324 9.29 14.70 4.89
N LYS A 325 8.47 15.76 4.76
CA LYS A 325 8.84 16.89 3.91
C LYS A 325 10.18 17.45 4.38
N LYS A 326 10.29 17.76 5.67
CA LYS A 326 11.53 18.30 6.23
C LYS A 326 12.67 17.34 5.94
N VAL A 327 12.47 16.06 6.22
CA VAL A 327 13.50 15.07 5.96
C VAL A 327 13.87 15.11 4.48
N VAL A 328 12.87 15.05 3.61
CA VAL A 328 13.10 15.04 2.16
C VAL A 328 13.80 16.30 1.65
N ARG A 329 13.30 17.47 2.02
CA ARG A 329 13.91 18.70 1.57
C ARG A 329 15.34 18.87 2.08
N ASP A 330 15.54 18.61 3.36
CA ASP A 330 16.87 18.74 3.97
C ASP A 330 17.76 17.59 3.54
N LEU A 331 17.28 16.77 2.61
CA LEU A 331 18.06 15.64 2.13
C LEU A 331 18.31 15.70 0.63
N LEU A 332 17.24 15.88 -0.15
CA LEU A 332 17.36 15.90 -1.60
C LEU A 332 17.17 17.26 -2.27
N GLY A 333 17.00 18.32 -1.50
CA GLY A 333 16.82 19.62 -2.09
C GLY A 333 15.41 20.13 -1.89
N GLN A 334 15.26 21.44 -1.76
CA GLN A 334 13.94 22.03 -1.53
C GLN A 334 12.87 21.59 -2.54
N GLU A 335 13.27 21.45 -3.80
CA GLU A 335 12.32 21.07 -4.86
C GLU A 335 12.05 19.57 -4.99
N ALA A 336 12.67 18.76 -4.14
CA ALA A 336 12.50 17.30 -4.25
C ALA A 336 11.20 16.77 -3.63
N PHE A 337 10.46 17.63 -2.94
CA PHE A 337 9.20 17.21 -2.34
C PHE A 337 8.04 17.82 -3.12
N VAL A 338 7.06 16.98 -3.47
CA VAL A 338 5.91 17.46 -4.19
C VAL A 338 4.64 17.00 -3.45
N GLU A 339 3.63 17.86 -3.44
CA GLU A 339 2.37 17.55 -2.78
C GLU A 339 1.57 16.58 -3.66
N ALA A 340 1.25 15.43 -3.09
CA ALA A 340 0.50 14.42 -3.81
C ALA A 340 -1.01 14.63 -3.74
N ALA A 341 -1.66 14.62 -4.91
CA ALA A 341 -3.11 14.76 -4.93
C ALA A 341 -3.66 13.43 -4.48
N PRO A 342 -4.93 13.40 -4.03
CA PRO A 342 -5.56 12.15 -3.58
C PRO A 342 -5.58 11.14 -4.74
N VAL A 343 -5.46 9.86 -4.41
CA VAL A 343 -5.46 8.78 -5.41
C VAL A 343 -6.51 7.73 -5.09
N MET A 344 -7.31 7.35 -6.08
CA MET A 344 -8.31 6.31 -5.83
C MET A 344 -7.71 4.94 -6.14
N GLY A 345 -6.62 4.60 -5.44
CA GLY A 345 -5.97 3.34 -5.66
C GLY A 345 -6.22 2.37 -4.52
N SER A 346 -5.68 1.16 -4.62
CA SER A 346 -5.86 0.16 -3.58
C SER A 346 -4.53 -0.15 -2.91
N GLU A 347 -4.40 0.26 -1.64
CA GLU A 347 -3.19 0.03 -0.88
C GLU A 347 -3.58 -0.40 0.54
N ASP A 348 -3.28 -1.66 0.87
CA ASP A 348 -3.65 -2.19 2.17
C ASP A 348 -2.80 -1.67 3.33
N PHE A 349 -1.91 -0.72 3.03
CA PHE A 349 -1.10 -0.07 4.05
C PHE A 349 -2.06 0.67 5.02
N SER A 350 -3.26 1.02 4.53
CA SER A 350 -4.24 1.73 5.34
C SER A 350 -4.56 0.98 6.63
N TYR A 351 -4.49 -0.35 6.62
CA TYR A 351 -4.75 -1.12 7.84
C TYR A 351 -3.71 -0.85 8.93
N PHE A 352 -2.54 -0.35 8.55
CA PHE A 352 -1.51 0.00 9.54
C PHE A 352 -1.73 1.47 10.00
N ALA A 353 -2.04 2.35 9.05
CA ALA A 353 -2.26 3.78 9.34
C ALA A 353 -3.57 4.11 10.07
N GLU A 354 -4.47 3.14 10.17
CA GLU A 354 -5.71 3.36 10.90
C GLU A 354 -5.54 2.89 12.35
N THR A 355 -4.42 2.23 12.65
CA THR A 355 -4.17 1.71 14.00
C THR A 355 -3.01 2.43 14.73
N ILE A 356 -2.05 2.97 13.97
CA ILE A 356 -0.97 3.78 14.53
C ILE A 356 -0.68 4.88 13.51
N PRO A 357 -0.03 5.97 13.94
CA PRO A 357 0.30 7.07 13.04
C PRO A 357 1.03 6.50 11.83
N GLY A 358 0.49 6.73 10.64
CA GLY A 358 1.14 6.19 9.45
C GLY A 358 1.48 7.25 8.43
N HIS A 359 2.39 6.91 7.52
CA HIS A 359 2.78 7.83 6.47
C HIS A 359 3.30 7.04 5.27
N PHE A 360 2.50 7.08 4.20
CA PHE A 360 2.77 6.35 2.97
C PHE A 360 3.06 7.39 1.88
N SER A 361 4.23 7.31 1.26
CA SER A 361 4.60 8.27 0.24
C SER A 361 4.95 7.60 -1.09
N LEU A 362 5.01 8.42 -2.14
CA LEU A 362 5.34 7.95 -3.48
C LEU A 362 6.77 8.35 -3.79
N LEU A 363 7.50 7.47 -4.48
CA LEU A 363 8.86 7.78 -4.86
C LEU A 363 8.84 7.76 -6.39
N GLY A 364 9.18 8.89 -7.00
CA GLY A 364 9.11 9.01 -8.44
C GLY A 364 10.16 8.33 -9.28
N MET A 365 9.75 7.85 -10.45
CA MET A 365 10.63 7.18 -11.40
C MET A 365 10.47 7.73 -12.82
N GLN A 366 9.35 8.41 -13.06
CA GLN A 366 9.04 8.90 -14.40
C GLN A 366 10.12 9.79 -15.01
N ASP A 367 10.37 9.62 -16.30
CA ASP A 367 11.37 10.44 -16.96
C ASP A 367 10.68 11.58 -17.70
N GLU A 368 11.42 12.31 -18.53
CA GLU A 368 10.86 13.46 -19.21
C GLU A 368 9.80 13.22 -20.28
N THR A 369 9.75 12.03 -20.85
CA THR A 369 8.78 11.77 -21.90
C THR A 369 7.80 10.64 -21.60
N ASN A 370 7.43 10.52 -20.33
CA ASN A 370 6.49 9.49 -19.89
C ASN A 370 6.81 8.11 -20.41
N GLY A 371 8.11 7.78 -20.50
CA GLY A 371 8.50 6.47 -21.00
C GLY A 371 8.27 5.31 -20.05
N TYR A 372 8.24 5.57 -18.74
CA TYR A 372 8.03 4.49 -17.78
C TYR A 372 6.57 4.13 -17.69
N ALA A 373 6.28 2.85 -17.91
CA ALA A 373 4.93 2.33 -17.89
C ALA A 373 4.29 2.48 -16.52
N SER A 374 2.99 2.78 -16.52
CA SER A 374 2.27 2.92 -15.27
C SER A 374 2.25 1.59 -14.53
N SER A 375 2.14 1.63 -13.21
CA SER A 375 2.09 0.41 -12.40
C SER A 375 0.99 -0.49 -12.95
N HIS A 376 1.10 -1.80 -12.72
CA HIS A 376 0.13 -2.77 -13.22
C HIS A 376 0.16 -3.00 -14.73
N SER A 377 1.34 -2.88 -15.34
CA SER A 377 1.42 -3.14 -16.77
C SER A 377 2.60 -4.04 -17.14
N PRO A 378 2.48 -4.79 -18.26
CA PRO A 378 3.55 -5.68 -18.71
C PRO A 378 4.85 -4.89 -19.00
N LEU A 379 4.74 -3.60 -19.32
CA LEU A 379 5.91 -2.77 -19.65
C LEU A 379 6.50 -1.97 -18.49
N TYR A 380 5.90 -2.12 -17.32
CA TYR A 380 6.36 -1.45 -16.10
C TYR A 380 7.85 -1.75 -15.85
N ARG A 381 8.62 -0.69 -15.60
CA ARG A 381 10.04 -0.80 -15.33
C ARG A 381 10.34 0.02 -14.09
N ILE A 382 11.48 -0.25 -13.49
CA ILE A 382 11.95 0.51 -12.36
C ILE A 382 13.24 1.16 -12.87
N ASN A 383 13.38 2.47 -12.66
CA ASN A 383 14.65 3.12 -13.02
C ASN A 383 15.48 2.75 -11.80
N GLU A 384 16.38 1.78 -11.94
CA GLU A 384 17.16 1.30 -10.80
C GLU A 384 17.98 2.34 -10.06
N ASP A 385 18.24 3.48 -10.70
CA ASP A 385 18.98 4.55 -10.03
C ASP A 385 18.15 5.21 -8.92
N VAL A 386 16.84 4.92 -8.88
CA VAL A 386 15.99 5.51 -7.84
C VAL A 386 16.19 4.78 -6.50
N LEU A 387 16.68 3.56 -6.54
CA LEU A 387 16.82 2.75 -5.33
C LEU A 387 17.59 3.40 -4.18
N PRO A 388 18.74 4.06 -4.48
CA PRO A 388 19.47 4.71 -3.38
C PRO A 388 18.63 5.80 -2.68
N TYR A 389 17.79 6.49 -3.46
CA TYR A 389 16.95 7.56 -2.90
C TYR A 389 15.95 7.03 -1.88
N GLY A 390 15.32 5.89 -2.16
CA GLY A 390 14.36 5.31 -1.23
C GLY A 390 15.04 4.71 -0.01
N ALA A 391 16.19 4.06 -0.22
CA ALA A 391 16.96 3.47 0.88
C ALA A 391 17.37 4.57 1.86
N ALA A 392 17.81 5.71 1.32
CA ALA A 392 18.22 6.83 2.17
C ALA A 392 17.04 7.48 2.86
N ILE A 393 15.95 7.73 2.11
CA ILE A 393 14.77 8.35 2.71
C ILE A 393 14.26 7.48 3.86
N HIS A 394 14.18 6.17 3.63
CA HIS A 394 13.76 5.21 4.67
C HIS A 394 14.64 5.39 5.91
N ALA A 395 15.95 5.27 5.71
CA ALA A 395 16.92 5.38 6.79
C ALA A 395 16.87 6.75 7.47
N SER A 396 16.96 7.81 6.66
CA SER A 396 16.94 9.13 7.22
C SER A 396 15.65 9.43 8.02
N MET A 397 14.53 8.88 7.55
CA MET A 397 13.26 9.11 8.21
C MET A 397 13.21 8.45 9.60
N ALA A 398 13.68 7.21 9.69
CA ALA A 398 13.65 6.50 10.98
C ALA A 398 14.56 7.20 12.01
N VAL A 399 15.66 7.76 11.51
CA VAL A 399 16.63 8.45 12.36
C VAL A 399 16.06 9.74 12.91
N GLN A 400 15.52 10.58 12.03
CA GLN A 400 14.94 11.84 12.46
C GLN A 400 13.71 11.65 13.37
N TYR A 401 12.91 10.63 13.09
CA TYR A 401 11.74 10.37 13.93
C TYR A 401 12.18 10.10 15.38
N LEU A 402 13.19 9.24 15.54
CA LEU A 402 13.71 8.88 16.86
C LEU A 402 14.39 10.11 17.50
N LYS A 403 15.12 10.86 16.68
CA LYS A 403 15.78 12.06 17.15
C LYS A 403 14.75 13.02 17.76
N GLU A 404 13.69 13.32 17.00
CA GLU A 404 12.67 14.22 17.52
C GLU A 404 12.06 13.68 18.80
N LYS A 405 11.65 12.42 18.76
CA LYS A 405 11.07 11.79 19.93
C LYS A 405 11.98 12.07 21.12
N ALA A 406 13.27 11.83 20.96
CA ALA A 406 14.22 12.07 22.04
C ALA A 406 14.23 13.54 22.50
N SER A 407 14.24 14.47 21.55
CA SER A 407 14.27 15.88 21.92
C SER A 407 13.03 16.37 22.66
N LYS A 16 24.93 12.31 4.50
CA LYS A 16 26.02 11.37 4.09
C LYS A 16 25.47 10.02 3.63
N LEU A 17 24.40 9.58 4.28
CA LEU A 17 23.78 8.30 3.95
C LEU A 17 23.40 8.23 2.47
N LEU A 18 23.18 9.40 1.86
CA LEU A 18 22.82 9.44 0.46
C LEU A 18 23.98 8.95 -0.40
N GLU A 19 25.17 9.47 -0.12
CA GLU A 19 26.35 9.09 -0.87
C GLU A 19 26.64 7.61 -0.60
N PHE A 20 26.43 7.19 0.64
CA PHE A 20 26.65 5.81 1.02
C PHE A 20 25.60 4.92 0.32
N ALA A 21 24.34 5.38 0.28
CA ALA A 21 23.27 4.62 -0.38
C ALA A 21 23.61 4.38 -1.86
N LYS A 22 24.26 5.37 -2.48
CA LYS A 22 24.64 5.26 -3.90
C LYS A 22 25.97 4.56 -4.13
N SER A 23 26.73 4.33 -3.06
CA SER A 23 28.04 3.69 -3.20
C SER A 23 27.94 2.25 -3.69
N PRO A 24 29.05 1.71 -4.23
CA PRO A 24 29.11 0.34 -4.74
C PRO A 24 28.64 -0.71 -3.72
N GLU A 25 29.11 -0.58 -2.49
CA GLU A 25 28.75 -1.50 -1.41
C GLU A 25 27.24 -1.56 -1.15
N VAL A 26 26.52 -0.47 -1.42
CA VAL A 26 25.09 -0.45 -1.20
C VAL A 26 24.29 -0.51 -2.51
N PHE A 27 24.55 0.43 -3.43
CA PHE A 27 23.82 0.47 -4.70
C PHE A 27 23.95 -0.79 -5.54
N ASP A 28 25.19 -1.18 -5.83
CA ASP A 28 25.43 -2.37 -6.64
C ASP A 28 24.81 -3.58 -5.96
N TRP A 29 24.92 -3.61 -4.64
CA TRP A 29 24.37 -4.66 -3.79
C TRP A 29 22.84 -4.61 -3.90
N MET A 30 22.26 -3.42 -3.79
CA MET A 30 20.80 -3.27 -3.93
C MET A 30 20.31 -3.69 -5.29
N VAL A 31 20.95 -3.17 -6.34
CA VAL A 31 20.53 -3.52 -7.70
C VAL A 31 20.58 -5.02 -7.91
N LYS A 32 21.56 -5.68 -7.32
CA LYS A 32 21.64 -7.12 -7.48
C LYS A 32 20.49 -7.79 -6.74
N ILE A 33 20.17 -7.27 -5.55
CA ILE A 33 19.07 -7.83 -4.77
C ILE A 33 17.78 -7.70 -5.56
N ARG A 34 17.49 -6.48 -6.00
CA ARG A 34 16.29 -6.22 -6.77
C ARG A 34 16.09 -7.16 -7.95
N ARG A 35 17.15 -7.41 -8.71
CA ARG A 35 17.04 -8.26 -9.89
C ARG A 35 16.74 -9.72 -9.60
N LYS A 36 17.25 -10.22 -8.48
CA LYS A 36 17.00 -11.61 -8.11
C LYS A 36 15.52 -11.76 -7.75
N ILE A 37 14.95 -10.71 -7.19
CA ILE A 37 13.53 -10.76 -6.85
C ILE A 37 12.69 -10.67 -8.12
N HIS A 38 13.07 -9.76 -9.02
CA HIS A 38 12.34 -9.57 -10.26
C HIS A 38 12.26 -10.83 -11.14
N GLU A 39 13.36 -11.58 -11.20
CA GLU A 39 13.43 -12.81 -11.99
C GLU A 39 12.50 -13.91 -11.49
N ASN A 40 12.17 -13.89 -10.20
CA ASN A 40 11.30 -14.91 -9.66
C ASN A 40 10.16 -14.29 -8.85
N PRO A 41 9.23 -13.63 -9.55
CA PRO A 41 8.09 -13.00 -8.87
C PRO A 41 7.17 -14.04 -8.21
N GLU A 42 6.81 -13.78 -6.95
CA GLU A 42 5.97 -14.69 -6.19
C GLU A 42 4.71 -13.97 -5.77
N LEU A 43 3.59 -14.69 -5.82
CA LEU A 43 2.28 -14.13 -5.47
C LEU A 43 1.99 -14.14 -3.96
N GLY A 44 0.90 -13.47 -3.59
CA GLY A 44 0.50 -13.36 -2.19
C GLY A 44 0.48 -14.64 -1.39
N TYR A 45 1.23 -14.63 -0.29
CA TYR A 45 1.36 -15.77 0.62
C TYR A 45 2.18 -16.93 0.07
N GLU A 46 2.77 -16.76 -1.12
CA GLU A 46 3.59 -17.80 -1.74
C GLU A 46 5.01 -17.26 -1.99
N GLU A 47 5.36 -16.17 -1.32
CA GLU A 47 6.66 -15.52 -1.48
C GLU A 47 7.77 -16.26 -0.71
N LEU A 48 7.86 -17.56 -0.92
CA LEU A 48 8.83 -18.40 -0.22
C LEU A 48 10.30 -18.01 -0.47
N GLU A 49 10.65 -17.86 -1.73
CA GLU A 49 12.01 -17.51 -2.08
C GLU A 49 12.36 -16.08 -1.72
N THR A 50 11.40 -15.17 -1.91
CA THR A 50 11.63 -13.77 -1.60
C THR A 50 11.86 -13.62 -0.09
N SER A 51 11.04 -14.32 0.70
CA SER A 51 11.18 -14.30 2.17
C SER A 51 12.53 -14.89 2.59
N LYS A 52 12.96 -16.00 1.97
CA LYS A 52 14.27 -16.59 2.33
C LYS A 52 15.40 -15.61 1.99
N LEU A 53 15.28 -14.91 0.86
CA LEU A 53 16.33 -13.94 0.48
C LEU A 53 16.41 -12.78 1.47
N ILE A 54 15.25 -12.27 1.88
CA ILE A 54 15.22 -11.17 2.84
C ILE A 54 15.91 -11.61 4.14
N ARG A 55 15.50 -12.76 4.66
CA ARG A 55 16.09 -13.28 5.89
C ARG A 55 17.62 -13.47 5.74
N SER A 56 18.08 -13.98 4.60
CA SER A 56 19.52 -14.18 4.38
C SER A 56 20.25 -12.85 4.50
N GLU A 57 19.71 -11.82 3.86
CA GLU A 57 20.37 -10.53 3.92
C GLU A 57 20.34 -9.95 5.33
N LEU A 58 19.23 -10.12 6.03
CA LEU A 58 19.15 -9.61 7.41
C LEU A 58 20.23 -10.28 8.23
N GLU A 59 20.39 -11.59 8.05
CA GLU A 59 21.42 -12.33 8.79
C GLU A 59 22.82 -11.81 8.43
N LEU A 60 23.05 -11.62 7.13
CA LEU A 60 24.35 -11.12 6.67
C LEU A 60 24.62 -9.71 7.20
N ILE A 61 23.62 -8.84 7.18
CA ILE A 61 23.84 -7.50 7.68
C ILE A 61 24.08 -7.51 9.21
N GLY A 62 23.32 -8.34 9.92
CA GLY A 62 23.43 -8.43 11.37
C GLY A 62 22.16 -7.88 12.01
N ILE A 63 21.03 -8.43 11.60
CA ILE A 63 19.72 -7.99 12.07
C ILE A 63 18.84 -9.14 12.52
N LYS A 64 18.46 -9.12 13.79
CA LYS A 64 17.58 -10.14 14.37
C LYS A 64 16.18 -9.95 13.79
N TYR A 65 15.43 -11.03 13.63
CA TYR A 65 14.09 -10.90 13.09
C TYR A 65 13.14 -11.98 13.59
N ARG A 66 11.84 -11.68 13.46
CA ARG A 66 10.77 -12.57 13.83
C ARG A 66 10.21 -13.13 12.52
N TYR A 67 10.11 -14.45 12.45
CA TYR A 67 9.60 -15.13 11.27
C TYR A 67 9.06 -16.48 11.75
N PRO A 68 7.91 -16.92 11.23
CA PRO A 68 7.06 -16.26 10.23
C PRO A 68 5.97 -15.34 10.79
N VAL A 69 5.69 -14.26 10.05
CA VAL A 69 4.61 -13.36 10.41
C VAL A 69 3.75 -13.29 9.15
N ALA A 70 2.52 -13.77 9.24
CA ALA A 70 1.60 -13.79 8.10
C ALA A 70 2.15 -14.73 7.00
N ILE A 71 2.55 -15.92 7.44
CA ILE A 71 3.04 -16.99 6.57
C ILE A 71 4.44 -16.80 6.00
N THR A 72 4.63 -15.76 5.19
CA THR A 72 5.94 -15.53 4.57
C THR A 72 6.60 -14.27 5.07
N GLY A 73 5.83 -13.49 5.84
CA GLY A 73 6.32 -12.23 6.35
C GLY A 73 7.47 -12.30 7.34
N VAL A 74 8.23 -11.21 7.36
CA VAL A 74 9.39 -11.13 8.23
C VAL A 74 9.44 -9.76 8.87
N ILE A 75 9.84 -9.71 10.13
CA ILE A 75 9.97 -8.44 10.84
C ILE A 75 11.37 -8.41 11.46
N GLY A 76 12.19 -7.45 11.02
CA GLY A 76 13.55 -7.30 11.55
C GLY A 76 13.63 -6.14 12.53
N TYR A 77 14.72 -6.10 13.30
CA TYR A 77 14.92 -5.05 14.29
C TYR A 77 16.34 -4.52 14.26
N ILE A 78 16.49 -3.20 14.42
CA ILE A 78 17.82 -2.58 14.44
C ILE A 78 17.75 -1.44 15.42
N GLY A 79 18.66 -1.41 16.38
CA GLY A 79 18.67 -0.34 17.36
C GLY A 79 18.94 -0.84 18.77
N THR A 80 18.45 -0.10 19.76
CA THR A 80 18.66 -0.48 21.15
C THR A 80 17.95 -1.78 21.51
N GLY A 81 16.81 -2.02 20.87
CA GLY A 81 16.04 -3.20 21.20
C GLY A 81 14.94 -2.76 22.16
N GLU A 82 14.96 -1.49 22.55
CA GLU A 82 13.96 -0.91 23.45
C GLU A 82 13.21 0.24 22.77
N PRO A 83 12.08 0.67 23.35
CA PRO A 83 11.34 1.78 22.74
C PRO A 83 12.19 3.05 22.77
N PRO A 84 11.86 4.05 21.93
CA PRO A 84 10.75 4.03 20.99
C PRO A 84 10.97 3.13 19.78
N PHE A 85 9.87 2.59 19.27
CA PHE A 85 9.89 1.73 18.10
C PHE A 85 9.23 2.45 16.94
N VAL A 86 9.94 2.54 15.82
CA VAL A 86 9.39 3.16 14.63
C VAL A 86 9.51 2.09 13.53
N ALA A 87 8.48 1.99 12.68
CA ALA A 87 8.47 0.96 11.66
C ALA A 87 8.61 1.46 10.23
N LEU A 88 9.22 0.62 9.39
CA LEU A 88 9.41 0.85 7.95
C LEU A 88 8.79 -0.40 7.32
N ARG A 89 8.14 -0.25 6.17
CA ARG A 89 7.43 -1.37 5.56
C ARG A 89 7.61 -1.48 4.05
N ALA A 90 7.69 -2.73 3.58
CA ALA A 90 7.81 -3.04 2.15
C ALA A 90 6.91 -4.24 1.85
N ASP A 91 6.31 -4.27 0.66
CA ASP A 91 5.44 -5.38 0.23
C ASP A 91 6.31 -6.37 -0.54
N MET A 92 5.88 -7.61 -0.65
CA MET A 92 6.69 -8.63 -1.32
C MET A 92 6.08 -9.39 -2.52
N ASP A 93 4.76 -9.35 -2.66
CA ASP A 93 4.10 -10.11 -3.71
C ASP A 93 4.04 -9.46 -5.08
N ALA A 94 4.07 -10.30 -6.11
CA ALA A 94 4.02 -9.89 -7.51
C ALA A 94 2.56 -9.97 -7.99
N LEU A 95 2.39 -9.83 -9.31
CA LEU A 95 1.08 -9.87 -9.93
C LEU A 95 1.01 -10.96 -11.01
N PRO A 96 -0.19 -11.51 -11.26
CA PRO A 96 -0.33 -12.55 -12.28
C PRO A 96 -0.44 -11.91 -13.67
N ILE A 97 0.66 -11.29 -14.09
CA ILE A 97 0.80 -10.60 -15.36
C ILE A 97 2.04 -11.13 -16.07
N GLN A 98 1.98 -11.27 -17.40
CA GLN A 98 3.14 -11.72 -18.19
C GLN A 98 3.98 -10.48 -18.51
N GLU A 99 5.25 -10.50 -18.12
CA GLU A 99 6.15 -9.39 -18.36
C GLU A 99 6.40 -9.19 -19.87
N GLY A 100 6.20 -7.97 -20.34
CA GLY A 100 6.42 -7.67 -21.75
C GLY A 100 7.74 -6.94 -21.97
N VAL A 101 8.52 -6.79 -20.91
CA VAL A 101 9.82 -6.13 -20.98
C VAL A 101 10.86 -7.18 -21.35
N GLU A 102 11.38 -7.11 -22.58
CA GLU A 102 12.40 -8.07 -22.97
C GLU A 102 13.74 -7.58 -22.46
N TRP A 103 14.29 -8.29 -21.47
CA TRP A 103 15.60 -7.92 -20.92
C TRP A 103 16.16 -9.09 -20.18
N GLU A 104 17.43 -8.96 -19.80
CA GLU A 104 18.15 -10.00 -19.12
C GLU A 104 17.50 -10.50 -17.83
N HIS A 105 16.95 -9.57 -17.06
CA HIS A 105 16.35 -9.91 -15.76
C HIS A 105 14.83 -10.05 -15.74
N LYS A 106 14.25 -10.24 -16.91
CA LYS A 106 12.81 -10.44 -17.05
C LYS A 106 12.39 -11.64 -16.21
N SER A 107 11.14 -11.65 -15.74
CA SER A 107 10.63 -12.77 -14.94
C SER A 107 10.85 -14.10 -15.68
N LYS A 108 11.42 -15.07 -14.96
CA LYS A 108 11.66 -16.39 -15.50
C LYS A 108 10.47 -17.28 -15.19
N ILE A 109 9.42 -16.67 -14.62
CA ILE A 109 8.19 -17.40 -14.25
C ILE A 109 7.07 -16.88 -15.15
N ALA A 110 6.63 -17.68 -16.10
CA ALA A 110 5.60 -17.23 -17.02
C ALA A 110 4.27 -16.90 -16.35
N GLY A 111 3.68 -15.76 -16.72
CA GLY A 111 2.41 -15.38 -16.14
C GLY A 111 2.49 -14.55 -14.88
N LYS A 112 3.70 -14.35 -14.35
CA LYS A 112 3.87 -13.56 -13.14
C LYS A 112 4.87 -12.46 -13.41
N MET A 113 4.66 -11.33 -12.75
CA MET A 113 5.53 -10.18 -12.92
C MET A 113 5.41 -9.19 -11.77
N HIS A 114 6.55 -8.62 -11.37
CA HIS A 114 6.54 -7.58 -10.34
C HIS A 114 6.20 -6.29 -11.09
N ALA A 115 4.92 -6.16 -11.44
CA ALA A 115 4.41 -5.00 -12.16
C ALA A 115 4.05 -3.80 -11.27
N CYS A 116 4.34 -3.88 -9.97
CA CYS A 116 4.02 -2.74 -9.08
C CYS A 116 5.26 -2.28 -8.33
N GLY A 117 6.40 -2.92 -8.65
CA GLY A 117 7.65 -2.55 -8.03
C GLY A 117 7.93 -3.14 -6.66
N HIS A 118 7.16 -4.13 -6.22
CA HIS A 118 7.36 -4.68 -4.89
C HIS A 118 8.75 -5.28 -4.72
N ASP A 119 9.36 -5.70 -5.83
CA ASP A 119 10.73 -6.20 -5.80
C ASP A 119 11.63 -5.01 -5.39
N GLY A 120 11.31 -3.83 -5.93
CA GLY A 120 12.07 -2.62 -5.60
C GLY A 120 11.85 -2.18 -4.15
N HIS A 121 10.62 -2.27 -3.66
CA HIS A 121 10.32 -1.87 -2.28
C HIS A 121 11.10 -2.73 -1.27
N VAL A 122 11.13 -4.04 -1.49
CA VAL A 122 11.87 -4.93 -0.60
C VAL A 122 13.35 -4.55 -0.58
N THR A 123 13.91 -4.38 -1.78
CA THR A 123 15.32 -4.07 -1.91
C THR A 123 15.68 -2.75 -1.24
N MET A 124 14.80 -1.77 -1.39
CA MET A 124 15.08 -0.48 -0.80
C MET A 124 15.02 -0.54 0.73
N LEU A 125 14.19 -1.44 1.26
CA LEU A 125 14.11 -1.57 2.71
C LEU A 125 15.37 -2.30 3.20
N LEU A 126 15.85 -3.27 2.43
CA LEU A 126 17.09 -3.98 2.78
C LEU A 126 18.24 -2.97 2.68
N GLY A 127 18.16 -2.06 1.71
CA GLY A 127 19.20 -1.04 1.56
C GLY A 127 19.22 -0.11 2.76
N ALA A 128 18.03 0.24 3.24
CA ALA A 128 17.88 1.11 4.40
C ALA A 128 18.38 0.35 5.65
N ALA A 129 18.09 -0.95 5.72
CA ALA A 129 18.50 -1.80 6.83
C ALA A 129 20.03 -1.84 6.90
N LYS A 130 20.70 -1.93 5.76
CA LYS A 130 22.16 -1.94 5.78
C LYS A 130 22.66 -0.59 6.29
N ILE A 131 22.11 0.49 5.76
CA ILE A 131 22.51 1.85 6.16
C ILE A 131 22.22 2.11 7.65
N LEU A 132 21.11 1.58 8.15
CA LEU A 132 20.74 1.76 9.55
C LEU A 132 21.62 0.89 10.46
N HIS A 133 21.96 -0.28 9.97
CA HIS A 133 22.79 -1.17 10.76
C HIS A 133 24.17 -0.53 10.93
N GLU A 134 24.67 0.11 9.88
CA GLU A 134 25.98 0.75 9.95
C GLU A 134 26.00 1.80 11.08
N HIS A 135 24.87 2.44 11.35
CA HIS A 135 24.84 3.43 12.42
C HIS A 135 23.95 3.03 13.60
N ARG A 136 23.83 1.74 13.84
CA ARG A 136 22.94 1.21 14.89
C ARG A 136 23.10 1.67 16.33
N HIS A 137 24.33 1.91 16.77
CA HIS A 137 24.53 2.31 18.16
C HIS A 137 24.12 3.76 18.39
N HIS A 138 23.78 4.45 17.31
CA HIS A 138 23.38 5.85 17.40
C HIS A 138 21.85 6.02 17.39
N LEU A 139 21.15 4.95 17.00
CA LEU A 139 19.69 4.98 16.95
C LEU A 139 19.13 5.18 18.36
N GLN A 140 18.36 6.25 18.54
CA GLN A 140 17.78 6.53 19.85
C GLN A 140 16.50 5.74 20.06
N GLY A 141 16.63 4.42 19.96
CA GLY A 141 15.53 3.52 20.12
C GLY A 141 15.72 2.31 19.22
N THR A 142 14.66 1.95 18.49
CA THR A 142 14.69 0.79 17.63
C THR A 142 13.87 1.03 16.35
N VAL A 143 14.28 0.40 15.25
CA VAL A 143 13.58 0.51 13.97
C VAL A 143 13.06 -0.89 13.69
N VAL A 144 11.77 -0.98 13.35
CA VAL A 144 11.14 -2.27 13.06
C VAL A 144 10.94 -2.35 11.54
N LEU A 145 11.53 -3.37 10.92
CA LEU A 145 11.46 -3.55 9.45
C LEU A 145 10.42 -4.59 9.13
N ILE A 146 9.33 -4.15 8.52
CA ILE A 146 8.25 -5.06 8.19
C ILE A 146 8.24 -5.42 6.71
N PHE A 147 8.44 -6.71 6.45
CA PHE A 147 8.42 -7.24 5.09
C PHE A 147 7.09 -7.98 5.00
N GLN A 148 6.13 -7.27 4.42
CA GLN A 148 4.74 -7.68 4.29
C GLN A 148 4.35 -8.49 3.06
N PRO A 149 3.74 -9.66 3.30
CA PRO A 149 3.32 -10.50 2.19
C PRO A 149 1.96 -10.05 1.67
N ALA A 150 1.59 -10.60 0.53
CA ALA A 150 0.26 -10.44 -0.05
C ALA A 150 -0.44 -9.09 0.07
N GLU A 151 0.22 -8.04 -0.38
CA GLU A 151 -0.42 -6.75 -0.36
C GLU A 151 -1.48 -6.70 -1.48
N GLU A 152 -1.22 -7.35 -2.60
CA GLU A 152 -2.15 -7.28 -3.74
C GLU A 152 -3.57 -7.71 -3.44
N GLY A 153 -3.72 -8.79 -2.69
CA GLY A 153 -5.03 -9.26 -2.33
C GLY A 153 -5.55 -8.53 -1.10
N LEU A 154 -4.94 -7.39 -0.79
CA LEU A 154 -5.33 -6.53 0.33
C LEU A 154 -5.58 -7.22 1.66
N SER A 155 -4.92 -8.35 1.89
CA SER A 155 -5.15 -9.05 3.15
C SER A 155 -3.89 -9.24 4.00
N GLY A 156 -2.72 -8.86 3.48
CA GLY A 156 -1.50 -9.09 4.23
C GLY A 156 -1.17 -8.18 5.42
N ALA A 157 -1.45 -6.89 5.28
CA ALA A 157 -1.18 -5.94 6.35
C ALA A 157 -2.02 -6.23 7.60
N LYS A 158 -3.29 -6.58 7.41
CA LYS A 158 -4.19 -6.88 8.53
C LYS A 158 -3.64 -8.05 9.38
N LYS A 159 -3.29 -9.14 8.70
CA LYS A 159 -2.73 -10.31 9.38
C LYS A 159 -1.51 -9.96 10.25
N MET A 160 -0.54 -9.27 9.67
CA MET A 160 0.63 -8.85 10.44
C MET A 160 0.14 -8.05 11.67
N ARG A 161 -0.81 -7.13 11.44
CA ARG A 161 -1.37 -6.30 12.51
C ARG A 161 -1.97 -7.23 13.57
N GLU A 162 -2.65 -8.26 13.10
CA GLU A 162 -3.24 -9.23 14.00
C GLU A 162 -2.18 -9.95 14.86
N GLU A 163 -0.99 -10.20 14.30
CA GLU A 163 0.08 -10.88 15.06
C GLU A 163 0.88 -9.91 15.93
N GLY A 164 0.32 -8.74 16.17
CA GLY A 164 0.98 -7.76 17.02
C GLY A 164 2.10 -7.00 16.36
N ALA A 165 2.19 -7.07 15.04
CA ALA A 165 3.26 -6.40 14.29
C ALA A 165 3.34 -4.91 14.64
N LEU A 166 2.23 -4.33 15.10
CA LEU A 166 2.21 -2.92 15.46
C LEU A 166 2.27 -2.69 16.98
N LYS A 167 2.47 -3.77 17.73
CA LYS A 167 2.50 -3.63 19.20
C LYS A 167 3.59 -2.68 19.69
N ASN A 168 3.17 -1.66 20.45
CA ASN A 168 4.09 -0.65 21.00
C ASN A 168 4.85 0.13 19.93
N VAL A 169 4.42 0.02 18.68
CA VAL A 169 5.06 0.76 17.59
C VAL A 169 4.43 2.17 17.53
N GLU A 170 5.28 3.18 17.53
CA GLU A 170 4.80 4.56 17.52
C GLU A 170 4.40 5.11 16.15
N ALA A 171 5.01 4.60 15.08
CA ALA A 171 4.73 5.07 13.73
C ALA A 171 5.17 4.01 12.73
N ILE A 172 4.65 4.10 11.51
CA ILE A 172 5.02 3.16 10.45
C ILE A 172 5.05 3.87 9.10
N PHE A 173 6.10 3.60 8.32
CA PHE A 173 6.32 4.20 6.99
C PHE A 173 6.28 3.21 5.85
N GLY A 174 5.79 3.71 4.72
CA GLY A 174 5.71 2.91 3.52
C GLY A 174 5.79 3.85 2.32
N ILE A 175 6.93 3.87 1.63
CA ILE A 175 7.10 4.69 0.45
C ILE A 175 6.56 3.79 -0.69
N HIS A 176 6.33 4.35 -1.89
CA HIS A 176 5.84 3.57 -3.03
C HIS A 176 6.33 4.25 -4.33
N LEU A 177 7.13 3.53 -5.13
CA LEU A 177 7.66 4.04 -6.41
C LEU A 177 6.52 4.45 -7.33
N SER A 178 6.67 5.57 -8.03
CA SER A 178 5.61 6.03 -8.91
C SER A 178 6.01 6.49 -10.30
N ALA A 179 5.27 6.05 -11.30
CA ALA A 179 5.48 6.46 -12.69
C ALA A 179 4.73 7.76 -12.92
N ARG A 180 3.96 8.18 -11.91
CA ARG A 180 3.19 9.42 -12.03
C ARG A 180 3.87 10.60 -11.34
N ILE A 181 5.07 10.36 -10.81
CA ILE A 181 5.84 11.37 -10.10
C ILE A 181 7.22 11.45 -10.78
N PRO A 182 7.79 12.65 -10.94
CA PRO A 182 9.10 12.75 -11.58
C PRO A 182 10.16 11.96 -10.84
N PHE A 183 11.13 11.43 -11.58
CA PHE A 183 12.22 10.63 -11.02
C PHE A 183 12.91 11.31 -9.83
N GLY A 184 13.04 10.58 -8.73
CA GLY A 184 13.71 11.09 -7.55
C GLY A 184 12.94 11.99 -6.60
N LYS A 185 11.82 12.55 -7.05
CA LYS A 185 11.02 13.42 -6.18
C LYS A 185 10.20 12.50 -5.27
N ALA A 186 9.81 13.01 -4.11
CA ALA A 186 9.02 12.23 -3.16
C ALA A 186 7.64 12.92 -3.08
N ALA A 187 6.58 12.13 -3.08
CA ALA A 187 5.26 12.74 -3.05
C ALA A 187 4.45 12.29 -1.85
N SER A 188 3.86 13.26 -1.16
CA SER A 188 3.03 12.95 0.00
C SER A 188 2.04 14.07 0.21
N ARG A 189 1.19 13.89 1.21
CA ARG A 189 0.18 14.86 1.57
C ARG A 189 -0.28 14.53 3.00
N ALA A 190 -0.68 15.54 3.75
CA ALA A 190 -1.17 15.31 5.11
C ALA A 190 -2.66 14.93 5.03
N GLY A 191 -3.09 14.06 5.95
CA GLY A 191 -4.49 13.68 5.98
C GLY A 191 -4.87 12.58 5.01
N SER A 192 -6.14 12.58 4.61
CA SER A 192 -6.63 11.56 3.69
C SER A 192 -5.84 11.58 2.38
N PHE A 193 -5.36 10.42 1.94
CA PHE A 193 -4.53 10.32 0.76
C PHE A 193 -5.06 9.33 -0.26
N LEU A 194 -5.21 8.06 0.14
CA LEU A 194 -5.72 7.04 -0.76
C LEU A 194 -7.13 6.72 -0.34
N ALA A 195 -7.99 6.41 -1.31
CA ALA A 195 -9.39 6.13 -1.00
C ALA A 195 -9.68 4.78 -0.34
N GLY A 196 -10.75 4.75 0.45
CA GLY A 196 -11.18 3.52 1.09
C GLY A 196 -12.02 2.73 0.10
N ALA A 197 -12.22 1.44 0.39
CA ALA A 197 -13.02 0.59 -0.49
C ALA A 197 -13.83 -0.41 0.31
N GLY A 198 -15.13 -0.44 0.06
CA GLY A 198 -16.00 -1.37 0.75
C GLY A 198 -16.73 -2.17 -0.32
N VAL A 199 -17.18 -3.37 0.01
CA VAL A 199 -17.93 -4.19 -0.94
C VAL A 199 -19.31 -4.37 -0.32
N PHE A 200 -20.30 -4.70 -1.13
CA PHE A 200 -21.64 -4.90 -0.59
C PHE A 200 -22.40 -5.91 -1.42
N GLU A 201 -23.41 -6.50 -0.81
CA GLU A 201 -24.26 -7.47 -1.51
C GLU A 201 -25.62 -7.41 -0.84
N ALA A 202 -26.67 -7.37 -1.64
CA ALA A 202 -28.02 -7.32 -1.10
C ALA A 202 -28.93 -8.32 -1.81
N VAL A 203 -29.98 -8.77 -1.11
CA VAL A 203 -30.93 -9.71 -1.69
C VAL A 203 -32.32 -9.09 -1.73
N ILE A 204 -32.90 -9.00 -2.92
CA ILE A 204 -34.21 -8.39 -3.09
C ILE A 204 -35.27 -9.46 -3.43
N THR A 205 -36.25 -9.61 -2.55
CA THR A 205 -37.34 -10.58 -2.74
C THR A 205 -38.69 -9.93 -2.39
N GLY A 206 -39.76 -10.39 -3.04
CA GLY A 206 -41.08 -9.83 -2.77
C GLY A 206 -41.58 -10.08 -1.35
N LYS A 207 -42.49 -9.23 -0.88
CA LYS A 207 -43.03 -9.36 0.47
C LYS A 207 -44.34 -10.15 0.47
N THR A 217 -45.68 -9.88 -8.37
CA THR A 217 -44.63 -10.86 -8.57
C THR A 217 -43.40 -10.28 -9.26
N ILE A 218 -43.58 -9.16 -9.96
CA ILE A 218 -42.47 -8.53 -10.67
C ILE A 218 -41.80 -7.44 -9.84
N ASP A 219 -42.31 -7.21 -8.64
CA ASP A 219 -41.78 -6.17 -7.78
C ASP A 219 -40.29 -6.28 -7.45
N PRO A 220 -39.79 -7.51 -7.22
CA PRO A 220 -38.36 -7.63 -6.92
C PRO A 220 -37.53 -7.13 -8.09
N VAL A 221 -37.94 -7.51 -9.30
CA VAL A 221 -37.25 -7.09 -10.52
C VAL A 221 -37.29 -5.58 -10.71
N VAL A 222 -38.48 -5.01 -10.57
CA VAL A 222 -38.65 -3.57 -10.72
C VAL A 222 -37.84 -2.81 -9.68
N ALA A 223 -37.96 -3.23 -8.43
CA ALA A 223 -37.24 -2.63 -7.32
C ALA A 223 -35.72 -2.66 -7.58
N ALA A 224 -35.24 -3.77 -8.14
CA ALA A 224 -33.82 -3.92 -8.43
C ALA A 224 -33.35 -2.90 -9.46
N SER A 225 -34.09 -2.77 -10.56
CA SER A 225 -33.71 -1.82 -11.61
C SER A 225 -33.64 -0.41 -11.04
N SER A 226 -34.62 -0.03 -10.24
CA SER A 226 -34.65 1.28 -9.61
C SER A 226 -33.45 1.41 -8.67
N ILE A 227 -33.09 0.31 -8.01
CA ILE A 227 -31.96 0.27 -7.10
C ILE A 227 -30.66 0.50 -7.86
N VAL A 228 -30.49 -0.24 -8.96
CA VAL A 228 -29.29 -0.13 -9.78
C VAL A 228 -29.08 1.31 -10.24
N LEU A 229 -30.14 1.95 -10.73
CA LEU A 229 -30.02 3.33 -11.19
C LEU A 229 -29.82 4.30 -10.04
N SER A 230 -30.49 4.07 -8.92
CA SER A 230 -30.34 4.97 -7.78
C SER A 230 -28.92 4.87 -7.20
N LEU A 231 -28.36 3.67 -7.15
CA LEU A 231 -27.02 3.51 -6.62
C LEU A 231 -26.02 4.19 -7.55
N GLN A 232 -26.11 3.89 -8.84
CA GLN A 232 -25.21 4.50 -9.81
C GLN A 232 -25.38 6.02 -9.73
N GLN A 233 -26.51 6.44 -9.17
CA GLN A 233 -26.80 7.86 -9.02
C GLN A 233 -25.96 8.46 -7.89
N LEU A 234 -25.28 7.61 -7.12
CA LEU A 234 -24.44 8.08 -6.01
C LEU A 234 -23.05 8.51 -6.44
N VAL A 235 -22.57 8.02 -7.58
CA VAL A 235 -21.25 8.42 -8.04
C VAL A 235 -21.28 9.94 -8.09
N SER A 236 -20.27 10.55 -7.48
CA SER A 236 -20.20 12.00 -7.45
C SER A 236 -18.80 12.55 -7.65
N ARG A 237 -18.75 13.67 -8.36
CA ARG A 237 -17.54 14.42 -8.66
C ARG A 237 -17.92 15.92 -8.70
N GLU A 238 -16.96 16.77 -8.40
CA GLU A 238 -17.20 18.21 -8.45
C GLU A 238 -15.91 18.88 -8.92
N THR A 239 -15.08 19.30 -7.98
CA THR A 239 -13.82 19.97 -8.32
C THR A 239 -12.76 19.86 -7.22
N ASP A 240 -13.00 18.95 -6.27
CA ASP A 240 -12.05 18.66 -5.18
C ASP A 240 -11.94 17.15 -5.14
N PRO A 241 -10.81 16.58 -5.56
CA PRO A 241 -10.69 15.12 -5.53
C PRO A 241 -11.15 14.41 -4.26
N LEU A 242 -10.94 15.01 -3.10
CA LEU A 242 -11.35 14.37 -1.85
C LEU A 242 -12.85 14.13 -1.72
N ASP A 243 -13.64 14.81 -2.55
CA ASP A 243 -15.10 14.64 -2.50
C ASP A 243 -15.58 13.46 -3.36
N SER A 244 -14.68 12.84 -4.11
CA SER A 244 -15.06 11.74 -4.98
C SER A 244 -15.86 10.65 -4.25
N LYS A 245 -16.93 10.19 -4.88
CA LYS A 245 -17.76 9.12 -4.34
C LYS A 245 -17.95 8.18 -5.52
N VAL A 246 -17.66 6.90 -5.28
CA VAL A 246 -17.82 5.87 -6.31
C VAL A 246 -18.68 4.74 -5.75
N VAL A 247 -19.60 4.28 -6.58
CA VAL A 247 -20.48 3.18 -6.24
C VAL A 247 -20.63 2.44 -7.57
N THR A 248 -20.23 1.16 -7.56
CA THR A 248 -20.28 0.30 -8.73
C THR A 248 -21.10 -0.96 -8.45
N VAL A 249 -21.83 -1.41 -9.45
CA VAL A 249 -22.62 -2.63 -9.33
C VAL A 249 -21.77 -3.74 -9.95
N SER A 250 -21.43 -4.72 -9.12
CA SER A 250 -20.59 -5.82 -9.57
C SER A 250 -21.38 -6.87 -10.35
N LYS A 251 -22.62 -7.10 -9.94
CA LYS A 251 -23.46 -8.07 -10.62
C LYS A 251 -24.90 -8.02 -10.10
N VAL A 252 -25.79 -8.62 -10.87
CA VAL A 252 -27.22 -8.70 -10.56
C VAL A 252 -27.78 -9.94 -11.23
N ASN A 253 -28.49 -10.77 -10.47
CA ASN A 253 -29.09 -11.99 -11.03
C ASN A 253 -30.01 -12.68 -10.03
N PRO A 262 -36.26 -15.17 -11.26
CA PRO A 262 -37.19 -14.06 -11.06
C PRO A 262 -37.70 -13.96 -9.62
N ASP A 263 -37.46 -15.01 -8.84
CA ASP A 263 -37.91 -15.04 -7.45
C ASP A 263 -37.09 -14.14 -6.51
N SER A 264 -35.77 -14.29 -6.55
CA SER A 264 -34.90 -13.50 -5.70
C SER A 264 -33.85 -12.81 -6.53
N ILE A 265 -33.46 -11.62 -6.10
CA ILE A 265 -32.46 -10.85 -6.81
C ILE A 265 -31.35 -10.48 -5.82
N THR A 266 -30.14 -10.94 -6.12
CA THR A 266 -28.98 -10.66 -5.28
C THR A 266 -28.02 -9.77 -6.06
N ILE A 267 -27.90 -8.53 -5.62
CA ILE A 267 -27.00 -7.58 -6.28
C ILE A 267 -25.82 -7.20 -5.38
N GLY A 268 -24.64 -7.08 -5.99
CA GLY A 268 -23.46 -6.71 -5.23
C GLY A 268 -22.70 -5.63 -5.97
N GLY A 269 -21.56 -5.23 -5.39
CA GLY A 269 -20.74 -4.22 -6.00
C GLY A 269 -19.79 -3.66 -4.95
N THR A 270 -19.01 -2.66 -5.32
CA THR A 270 -18.07 -2.07 -4.40
C THR A 270 -18.13 -0.55 -4.47
N LEU A 271 -17.88 0.10 -3.35
CA LEU A 271 -17.90 1.55 -3.28
C LEU A 271 -16.53 2.09 -2.86
N ARG A 272 -16.32 3.38 -3.08
CA ARG A 272 -15.05 4.01 -2.73
C ARG A 272 -15.26 5.46 -2.36
N ALA A 273 -14.45 5.94 -1.42
CA ALA A 273 -14.51 7.32 -0.95
C ALA A 273 -13.22 7.64 -0.16
N PHE A 274 -12.86 8.91 -0.15
CA PHE A 274 -11.67 9.37 0.59
C PHE A 274 -12.12 9.88 1.94
N THR A 275 -13.34 10.41 1.98
CA THR A 275 -13.93 10.98 3.18
C THR A 275 -15.39 10.52 3.28
N GLY A 276 -16.00 10.64 4.46
CA GLY A 276 -17.38 10.20 4.61
C GLY A 276 -17.53 8.75 4.14
N PHE A 277 -16.49 7.97 4.35
CA PHE A 277 -16.51 6.58 3.92
C PHE A 277 -17.64 5.77 4.57
N THR A 278 -17.71 5.81 5.89
CA THR A 278 -18.76 5.09 6.63
C THR A 278 -20.12 5.56 6.15
N GLN A 279 -20.27 6.88 6.04
CA GLN A 279 -21.51 7.48 5.59
C GLN A 279 -21.92 7.01 4.19
N LEU A 280 -20.97 6.91 3.28
CA LEU A 280 -21.33 6.44 1.95
C LEU A 280 -21.94 5.04 2.09
N GLN A 281 -21.30 4.18 2.87
CA GLN A 281 -21.84 2.84 3.09
C GLN A 281 -23.25 2.98 3.68
N GLN A 282 -23.47 4.03 4.46
CA GLN A 282 -24.79 4.24 5.07
C GLN A 282 -25.84 4.56 4.01
N ARG A 283 -25.44 5.36 3.03
CA ARG A 283 -26.34 5.76 1.95
C ARG A 283 -26.65 4.59 0.99
N VAL A 284 -25.65 3.78 0.69
CA VAL A 284 -25.85 2.65 -0.20
C VAL A 284 -26.92 1.72 0.41
N LYS A 285 -26.77 1.42 1.70
CA LYS A 285 -27.72 0.55 2.39
C LYS A 285 -29.07 1.25 2.55
N GLU A 286 -29.03 2.55 2.83
CA GLU A 286 -30.26 3.33 2.98
C GLU A 286 -31.05 3.39 1.68
N VAL A 287 -30.35 3.57 0.55
CA VAL A 287 -31.04 3.63 -0.73
C VAL A 287 -31.71 2.29 -1.00
N ILE A 288 -30.91 1.22 -0.94
CA ILE A 288 -31.41 -0.12 -1.18
C ILE A 288 -32.65 -0.39 -0.32
N THR A 289 -32.54 -0.13 0.97
CA THR A 289 -33.62 -0.34 1.92
C THR A 289 -34.92 0.37 1.52
N LYS A 290 -34.82 1.61 1.06
CA LYS A 290 -36.02 2.33 0.68
C LYS A 290 -36.54 1.95 -0.69
N GLN A 291 -35.62 1.79 -1.65
CA GLN A 291 -36.03 1.41 -3.00
C GLN A 291 -36.71 0.04 -3.00
N ALA A 292 -36.35 -0.81 -2.04
CA ALA A 292 -36.96 -2.13 -1.96
C ALA A 292 -38.36 -1.98 -1.35
N ALA A 293 -38.44 -1.21 -0.27
CA ALA A 293 -39.70 -0.98 0.42
C ALA A 293 -40.80 -0.35 -0.45
N VAL A 294 -40.45 0.68 -1.23
CA VAL A 294 -41.44 1.34 -2.06
C VAL A 294 -41.97 0.42 -3.15
N HIS A 295 -41.26 -0.67 -3.41
CA HIS A 295 -41.71 -1.63 -4.40
C HIS A 295 -42.22 -2.87 -3.66
N ARG A 296 -42.67 -2.67 -2.43
CA ARG A 296 -43.19 -3.73 -1.56
C ARG A 296 -42.30 -4.96 -1.59
N CYS A 297 -41.01 -4.72 -1.33
CA CYS A 297 -40.04 -5.80 -1.33
C CYS A 297 -39.18 -5.78 -0.07
N ASN A 298 -38.60 -6.92 0.22
CA ASN A 298 -37.71 -7.04 1.36
C ASN A 298 -36.30 -7.03 0.78
N ALA A 299 -35.34 -6.58 1.58
CA ALA A 299 -33.96 -6.52 1.15
C ALA A 299 -33.06 -6.79 2.34
N SER A 300 -32.03 -7.59 2.12
CA SER A 300 -31.07 -7.92 3.15
C SER A 300 -29.71 -7.39 2.71
N VAL A 301 -29.34 -6.23 3.22
CA VAL A 301 -28.06 -5.61 2.84
C VAL A 301 -26.88 -6.05 3.69
N ASN A 302 -25.87 -6.62 3.03
CA ASN A 302 -24.67 -7.07 3.71
C ASN A 302 -23.48 -6.19 3.27
N LEU A 303 -22.96 -5.38 4.20
CA LEU A 303 -21.83 -4.49 3.93
C LEU A 303 -20.49 -5.05 4.42
N THR A 304 -20.47 -6.33 4.79
CA THR A 304 -19.24 -7.00 5.23
C THR A 304 -19.37 -8.47 4.86
N PRO A 305 -19.65 -8.77 3.58
CA PRO A 305 -19.81 -10.14 3.08
C PRO A 305 -18.59 -11.05 3.06
N ASN A 306 -18.78 -12.30 3.50
CA ASN A 306 -17.72 -13.30 3.53
C ASN A 306 -16.51 -12.73 4.27
N GLY A 307 -16.78 -11.96 5.31
CA GLY A 307 -15.70 -11.38 6.07
C GLY A 307 -14.85 -10.38 5.29
N ARG A 308 -15.35 -9.91 4.15
CA ARG A 308 -14.65 -8.92 3.33
C ARG A 308 -14.95 -7.54 3.89
N GLU A 309 -14.52 -7.26 5.11
CA GLU A 309 -14.78 -5.96 5.70
C GLU A 309 -14.14 -4.85 4.89
N PRO A 310 -14.68 -3.64 4.96
CA PRO A 310 -14.05 -2.58 4.17
C PRO A 310 -12.67 -2.18 4.65
N MET A 311 -11.94 -1.50 3.78
CA MET A 311 -10.62 -1.00 4.08
C MET A 311 -10.77 0.52 4.06
N PRO A 312 -10.54 1.17 5.21
CA PRO A 312 -10.69 2.63 5.27
C PRO A 312 -9.68 3.38 4.38
N PRO A 313 -9.89 4.68 4.20
CA PRO A 313 -8.98 5.49 3.38
C PRO A 313 -7.58 5.45 4.04
N THR A 314 -6.52 5.64 3.25
CA THR A 314 -5.17 5.67 3.80
C THR A 314 -4.94 7.10 4.26
N VAL A 315 -4.79 7.27 5.57
CA VAL A 315 -4.60 8.60 6.13
C VAL A 315 -3.17 8.77 6.61
N ASN A 316 -2.51 9.82 6.12
CA ASN A 316 -1.15 10.13 6.52
C ASN A 316 -1.22 11.05 7.72
N ASN A 317 -0.65 10.59 8.82
CA ASN A 317 -0.63 11.39 10.04
C ASN A 317 0.01 12.75 9.73
N LYS A 318 -0.65 13.83 10.15
CA LYS A 318 -0.18 15.18 9.90
C LYS A 318 1.25 15.50 10.37
N ASP A 319 1.57 15.11 11.60
CA ASP A 319 2.92 15.39 12.10
C ASP A 319 3.97 14.54 11.39
N LEU A 320 3.64 13.29 11.07
CA LEU A 320 4.59 12.43 10.37
C LEU A 320 4.85 12.98 8.97
N TYR A 321 3.85 13.63 8.40
CA TYR A 321 3.97 14.23 7.06
C TYR A 321 4.90 15.45 7.12
N LYS A 322 4.72 16.29 8.13
CA LYS A 322 5.57 17.47 8.27
C LYS A 322 7.02 17.04 8.52
N GLN A 323 7.23 16.02 9.35
CA GLN A 323 8.58 15.55 9.61
C GLN A 323 9.18 14.97 8.36
N PHE A 324 8.33 14.35 7.54
CA PHE A 324 8.76 13.72 6.28
C PHE A 324 9.18 14.76 5.25
N LYS A 325 8.40 15.82 5.07
CA LYS A 325 8.74 16.84 4.09
C LYS A 325 10.12 17.44 4.39
N LYS A 326 10.42 17.65 5.67
CA LYS A 326 11.72 18.22 6.02
C LYS A 326 12.83 17.20 5.78
N VAL A 327 12.56 15.94 6.08
CA VAL A 327 13.56 14.90 5.85
C VAL A 327 13.92 14.87 4.36
N VAL A 328 12.91 14.86 3.50
CA VAL A 328 13.12 14.79 2.05
C VAL A 328 13.89 16.00 1.52
N ARG A 329 13.50 17.19 1.96
CA ARG A 329 14.17 18.40 1.51
C ARG A 329 15.63 18.41 1.98
N ASP A 330 15.86 18.23 3.27
CA ASP A 330 17.23 18.22 3.79
C ASP A 330 18.06 17.30 2.91
N LEU A 331 17.62 16.04 2.83
CA LEU A 331 18.29 15.03 2.03
C LEU A 331 18.38 15.37 0.55
N LEU A 332 17.28 15.13 -0.16
CA LEU A 332 17.20 15.32 -1.61
C LEU A 332 17.39 16.69 -2.23
N GLY A 333 16.54 17.65 -1.88
CA GLY A 333 16.63 18.98 -2.44
C GLY A 333 15.40 19.84 -2.22
N GLN A 334 15.59 21.15 -2.34
CA GLN A 334 14.55 22.14 -2.16
C GLN A 334 13.21 21.78 -2.77
N GLU A 335 13.22 21.51 -4.07
CA GLU A 335 12.00 21.20 -4.81
C GLU A 335 11.75 19.70 -5.02
N ALA A 336 12.43 18.86 -4.25
CA ALA A 336 12.25 17.41 -4.43
C ALA A 336 10.93 16.89 -3.84
N PHE A 337 10.23 17.74 -3.06
CA PHE A 337 8.97 17.33 -2.46
C PHE A 337 7.74 17.80 -3.26
N VAL A 338 6.91 16.86 -3.68
CA VAL A 338 5.70 17.22 -4.40
C VAL A 338 4.50 16.79 -3.56
N GLU A 339 3.44 17.59 -3.60
CA GLU A 339 2.21 17.30 -2.87
C GLU A 339 1.42 16.28 -3.68
N ALA A 340 1.16 15.14 -3.07
CA ALA A 340 0.43 14.06 -3.73
C ALA A 340 -1.09 14.29 -3.75
N ALA A 341 -1.66 14.30 -4.95
CA ALA A 341 -3.12 14.47 -5.06
C ALA A 341 -3.73 13.18 -4.56
N PRO A 342 -4.99 13.23 -4.09
CA PRO A 342 -5.67 12.02 -3.60
C PRO A 342 -5.55 10.96 -4.71
N VAL A 343 -5.53 9.69 -4.32
CA VAL A 343 -5.41 8.59 -5.27
C VAL A 343 -6.47 7.52 -5.02
N MET A 344 -7.28 7.19 -6.02
CA MET A 344 -8.27 6.14 -5.81
C MET A 344 -7.67 4.79 -6.19
N GLY A 345 -6.61 4.40 -5.47
CA GLY A 345 -5.96 3.14 -5.76
C GLY A 345 -6.22 2.08 -4.70
N SER A 346 -5.42 1.02 -4.73
CA SER A 346 -5.57 -0.07 -3.77
C SER A 346 -4.26 -0.39 -3.06
N GLU A 347 -4.17 0.02 -1.80
CA GLU A 347 -2.97 -0.21 -0.98
C GLU A 347 -3.43 -0.51 0.44
N ASP A 348 -3.15 -1.74 0.90
CA ASP A 348 -3.57 -2.14 2.23
C ASP A 348 -2.75 -1.58 3.38
N PHE A 349 -1.81 -0.69 3.06
CA PHE A 349 -1.03 0.00 4.10
C PHE A 349 -2.02 0.73 5.03
N SER A 350 -3.16 1.14 4.48
CA SER A 350 -4.18 1.85 5.26
C SER A 350 -4.53 1.10 6.55
N TYR A 351 -4.51 -0.23 6.53
CA TYR A 351 -4.81 -0.97 7.75
C TYR A 351 -3.78 -0.61 8.83
N PHE A 352 -2.49 -0.63 8.49
CA PHE A 352 -1.50 -0.23 9.50
C PHE A 352 -1.76 1.24 9.84
N ALA A 353 -2.25 1.98 8.85
CA ALA A 353 -2.56 3.41 9.02
C ALA A 353 -3.76 3.76 9.91
N GLU A 354 -4.71 2.85 10.05
CA GLU A 354 -5.86 3.14 10.92
C GLU A 354 -5.60 2.71 12.37
N THR A 355 -4.41 2.18 12.66
CA THR A 355 -4.09 1.71 14.03
C THR A 355 -2.97 2.49 14.75
N ILE A 356 -1.98 3.00 14.00
CA ILE A 356 -0.95 3.87 14.58
C ILE A 356 -0.65 4.96 13.54
N PRO A 357 -0.01 6.06 13.98
CA PRO A 357 0.32 7.15 13.05
C PRO A 357 1.05 6.54 11.86
N GLY A 358 0.49 6.70 10.67
CA GLY A 358 1.13 6.14 9.49
C GLY A 358 1.46 7.18 8.45
N HIS A 359 2.44 6.87 7.60
CA HIS A 359 2.81 7.80 6.55
C HIS A 359 3.19 7.02 5.29
N PHE A 360 2.48 7.31 4.21
CA PHE A 360 2.68 6.64 2.94
C PHE A 360 3.09 7.68 1.90
N SER A 361 4.20 7.44 1.24
CA SER A 361 4.71 8.39 0.26
C SER A 361 4.99 7.73 -1.08
N LEU A 362 5.04 8.55 -2.14
CA LEU A 362 5.33 8.08 -3.49
C LEU A 362 6.75 8.51 -3.84
N LEU A 363 7.53 7.60 -4.43
CA LEU A 363 8.89 7.94 -4.84
C LEU A 363 8.87 7.87 -6.37
N GLY A 364 9.16 9.00 -7.00
CA GLY A 364 9.09 9.07 -8.45
C GLY A 364 10.16 8.37 -9.26
N MET A 365 9.76 7.90 -10.45
CA MET A 365 10.65 7.23 -11.38
C MET A 365 10.48 7.76 -12.81
N GLN A 366 9.44 8.55 -13.04
CA GLN A 366 9.13 9.01 -14.40
C GLN A 366 10.18 9.92 -15.02
N ASP A 367 10.41 9.76 -16.32
CA ASP A 367 11.38 10.59 -17.02
C ASP A 367 10.69 11.76 -17.72
N GLU A 368 11.44 12.54 -18.50
CA GLU A 368 10.85 13.71 -19.13
C GLU A 368 9.89 13.50 -20.29
N THR A 369 9.67 12.25 -20.72
CA THR A 369 8.75 12.01 -21.82
C THR A 369 7.76 10.87 -21.57
N ASN A 370 7.46 10.63 -20.29
CA ASN A 370 6.52 9.59 -19.90
C ASN A 370 6.88 8.20 -20.41
N GLY A 371 8.18 7.87 -20.45
CA GLY A 371 8.57 6.56 -20.95
C GLY A 371 8.32 5.38 -20.02
N TYR A 372 8.20 5.62 -18.72
CA TYR A 372 7.97 4.52 -17.79
C TYR A 372 6.50 4.17 -17.68
N ALA A 373 6.20 2.89 -17.91
CA ALA A 373 4.83 2.39 -17.90
C ALA A 373 4.21 2.49 -16.50
N SER A 374 2.89 2.63 -16.47
CA SER A 374 2.17 2.72 -15.21
C SER A 374 2.31 1.41 -14.44
N SER A 375 2.05 1.46 -13.13
CA SER A 375 2.11 0.26 -12.33
C SER A 375 1.04 -0.65 -12.93
N HIS A 376 1.20 -1.96 -12.76
CA HIS A 376 0.29 -2.95 -13.34
C HIS A 376 0.44 -3.12 -14.85
N SER A 377 1.32 -2.35 -15.48
CA SER A 377 1.52 -2.51 -16.92
C SER A 377 2.54 -3.63 -17.20
N PRO A 378 2.30 -4.43 -18.26
CA PRO A 378 3.26 -5.50 -18.57
C PRO A 378 4.61 -4.87 -18.93
N LEU A 379 4.63 -3.57 -19.23
CA LEU A 379 5.85 -2.85 -19.61
C LEU A 379 6.48 -2.03 -18.47
N TYR A 380 5.89 -2.15 -17.30
CA TYR A 380 6.36 -1.46 -16.11
C TYR A 380 7.85 -1.74 -15.86
N ARG A 381 8.61 -0.69 -15.60
CA ARG A 381 10.03 -0.79 -15.33
C ARG A 381 10.33 0.04 -14.10
N ILE A 382 11.45 -0.28 -13.48
CA ILE A 382 11.94 0.49 -12.35
C ILE A 382 13.23 1.14 -12.86
N ASN A 383 13.38 2.45 -12.67
CA ASN A 383 14.64 3.08 -13.04
C ASN A 383 15.48 2.72 -11.82
N GLU A 384 16.38 1.74 -11.96
CA GLU A 384 17.17 1.26 -10.83
C GLU A 384 17.98 2.31 -10.08
N ASP A 385 18.22 3.45 -10.70
CA ASP A 385 18.95 4.52 -10.03
C ASP A 385 18.10 5.20 -8.94
N VAL A 386 16.83 4.85 -8.84
CA VAL A 386 15.96 5.44 -7.81
C VAL A 386 16.15 4.69 -6.49
N LEU A 387 16.74 3.51 -6.54
CA LEU A 387 16.87 2.68 -5.33
C LEU A 387 17.63 3.34 -4.17
N PRO A 388 18.73 4.06 -4.47
CA PRO A 388 19.47 4.71 -3.36
C PRO A 388 18.61 5.79 -2.68
N TYR A 389 17.75 6.46 -3.46
CA TYR A 389 16.89 7.52 -2.93
C TYR A 389 15.92 7.00 -1.86
N GLY A 390 15.26 5.87 -2.15
CA GLY A 390 14.33 5.30 -1.19
C GLY A 390 15.03 4.73 0.04
N ALA A 391 16.20 4.12 -0.16
CA ALA A 391 16.99 3.56 0.94
C ALA A 391 17.37 4.69 1.90
N ALA A 392 17.85 5.81 1.34
CA ALA A 392 18.24 6.95 2.17
C ALA A 392 17.04 7.64 2.81
N ILE A 393 15.93 7.73 2.09
CA ILE A 393 14.74 8.36 2.67
C ILE A 393 14.26 7.54 3.86
N HIS A 394 14.16 6.23 3.69
CA HIS A 394 13.76 5.31 4.77
C HIS A 394 14.65 5.54 5.99
N ALA A 395 15.96 5.47 5.75
CA ALA A 395 16.95 5.61 6.82
C ALA A 395 16.89 6.98 7.49
N SER A 396 16.96 8.03 6.68
CA SER A 396 16.91 9.37 7.24
C SER A 396 15.62 9.62 8.02
N MET A 397 14.52 9.03 7.56
CA MET A 397 13.23 9.21 8.23
C MET A 397 13.21 8.51 9.59
N ALA A 398 13.73 7.27 9.62
CA ALA A 398 13.75 6.52 10.88
C ALA A 398 14.65 7.22 11.91
N VAL A 399 15.82 7.66 11.46
CA VAL A 399 16.77 8.32 12.35
C VAL A 399 16.18 9.61 12.88
N GLN A 400 15.70 10.47 11.98
CA GLN A 400 15.13 11.74 12.41
C GLN A 400 13.91 11.58 13.31
N TYR A 401 13.04 10.62 13.03
CA TYR A 401 11.88 10.40 13.86
C TYR A 401 12.33 10.15 15.32
N LEU A 402 13.19 9.16 15.51
CA LEU A 402 13.70 8.82 16.84
C LEU A 402 14.34 10.04 17.52
N LYS A 403 15.15 10.78 16.76
CA LYS A 403 15.79 11.97 17.31
C LYS A 403 14.74 13.02 17.67
N GLU A 404 13.78 13.22 16.78
CA GLU A 404 12.71 14.19 16.99
C GLU A 404 11.84 13.76 18.17
N LYS A 405 11.94 12.48 18.54
CA LYS A 405 11.18 11.94 19.65
C LYS A 405 11.98 12.15 20.95
N ALA A 406 13.27 11.86 20.89
CA ALA A 406 14.14 12.03 22.04
C ALA A 406 14.31 13.50 22.45
N SER A 407 13.74 14.42 21.67
CA SER A 407 13.87 15.83 22.00
C SER A 407 12.73 16.39 22.85
N LYS A 16 25.65 13.30 2.85
CA LYS A 16 25.23 12.46 4.00
C LYS A 16 25.17 10.99 3.58
N LEU A 17 24.28 10.22 4.21
CA LEU A 17 24.13 8.81 3.89
C LEU A 17 23.56 8.61 2.50
N LEU A 18 23.48 9.70 1.74
CA LEU A 18 22.97 9.64 0.38
C LEU A 18 23.99 8.98 -0.54
N GLU A 19 25.19 9.56 -0.61
CA GLU A 19 26.21 8.99 -1.47
C GLU A 19 26.57 7.61 -0.87
N PHE A 20 26.27 7.44 0.41
CA PHE A 20 26.50 6.17 1.09
C PHE A 20 25.53 5.15 0.49
N ALA A 21 24.30 5.58 0.21
CA ALA A 21 23.29 4.71 -0.40
C ALA A 21 23.63 4.45 -1.87
N LYS A 22 24.32 5.40 -2.49
CA LYS A 22 24.71 5.30 -3.90
C LYS A 22 26.01 4.54 -4.12
N SER A 23 26.76 4.29 -3.05
CA SER A 23 28.05 3.60 -3.16
C SER A 23 27.92 2.18 -3.67
N PRO A 24 29.01 1.63 -4.23
CA PRO A 24 29.06 0.26 -4.77
C PRO A 24 28.58 -0.78 -3.75
N GLU A 25 29.10 -0.69 -2.54
CA GLU A 25 28.75 -1.61 -1.46
C GLU A 25 27.25 -1.64 -1.16
N VAL A 26 26.54 -0.56 -1.48
CA VAL A 26 25.11 -0.51 -1.22
C VAL A 26 24.27 -0.54 -2.51
N PHE A 27 24.66 0.22 -3.53
CA PHE A 27 23.89 0.25 -4.78
C PHE A 27 23.96 -1.02 -5.60
N ASP A 28 25.17 -1.48 -5.88
CA ASP A 28 25.35 -2.70 -6.66
C ASP A 28 24.71 -3.89 -5.97
N TRP A 29 24.86 -3.93 -4.66
CA TRP A 29 24.28 -4.97 -3.80
C TRP A 29 22.75 -4.97 -3.93
N MET A 30 22.14 -3.80 -3.89
CA MET A 30 20.67 -3.69 -4.03
C MET A 30 20.19 -4.13 -5.42
N VAL A 31 21.01 -3.88 -6.44
CA VAL A 31 20.63 -4.25 -7.80
C VAL A 31 20.47 -5.77 -8.01
N LYS A 32 21.46 -6.56 -7.60
CA LYS A 32 21.35 -8.00 -7.73
C LYS A 32 20.14 -8.51 -6.94
N ILE A 33 19.97 -8.00 -5.73
CA ILE A 33 18.83 -8.41 -4.91
C ILE A 33 17.55 -8.00 -5.65
N ARG A 34 17.44 -6.72 -5.99
CA ARG A 34 16.26 -6.26 -6.71
C ARG A 34 16.01 -7.12 -7.94
N ARG A 35 17.09 -7.42 -8.68
CA ARG A 35 16.96 -8.22 -9.90
C ARG A 35 16.64 -9.67 -9.66
N LYS A 36 17.18 -10.24 -8.58
CA LYS A 36 16.91 -11.64 -8.26
C LYS A 36 15.43 -11.80 -7.91
N ILE A 37 14.88 -10.80 -7.25
CA ILE A 37 13.46 -10.86 -6.91
C ILE A 37 12.65 -10.65 -8.20
N HIS A 38 13.10 -9.71 -9.02
CA HIS A 38 12.39 -9.41 -10.27
C HIS A 38 12.33 -10.62 -11.21
N GLU A 39 13.40 -11.42 -11.24
CA GLU A 39 13.45 -12.61 -12.08
C GLU A 39 12.58 -13.74 -11.52
N ASN A 40 12.30 -13.69 -10.23
CA ASN A 40 11.48 -14.73 -9.63
C ASN A 40 10.30 -14.16 -8.83
N PRO A 41 9.33 -13.56 -9.53
CA PRO A 41 8.17 -12.98 -8.87
C PRO A 41 7.28 -14.04 -8.20
N GLU A 42 6.84 -13.75 -6.97
CA GLU A 42 6.00 -14.68 -6.22
C GLU A 42 4.73 -13.98 -5.78
N LEU A 43 3.63 -14.73 -5.81
CA LEU A 43 2.31 -14.21 -5.45
C LEU A 43 2.01 -14.19 -3.94
N GLY A 44 0.91 -13.54 -3.58
CA GLY A 44 0.49 -13.42 -2.19
C GLY A 44 0.51 -14.68 -1.37
N TYR A 45 1.27 -14.66 -0.27
CA TYR A 45 1.42 -15.77 0.65
C TYR A 45 2.27 -16.93 0.13
N GLU A 46 2.82 -16.79 -1.07
CA GLU A 46 3.67 -17.81 -1.68
C GLU A 46 5.07 -17.25 -1.93
N GLU A 47 5.41 -16.16 -1.25
CA GLU A 47 6.71 -15.51 -1.42
C GLU A 47 7.84 -16.21 -0.67
N LEU A 48 7.91 -17.54 -0.82
CA LEU A 48 8.92 -18.35 -0.14
C LEU A 48 10.36 -17.93 -0.38
N GLU A 49 10.73 -17.83 -1.65
CA GLU A 49 12.08 -17.47 -2.02
C GLU A 49 12.42 -16.02 -1.69
N THR A 50 11.45 -15.13 -1.86
CA THR A 50 11.68 -13.72 -1.57
C THR A 50 11.92 -13.56 -0.06
N SER A 51 11.14 -14.27 0.73
CA SER A 51 11.27 -14.25 2.19
C SER A 51 12.64 -14.82 2.65
N LYS A 52 13.08 -15.93 2.05
CA LYS A 52 14.40 -16.52 2.42
C LYS A 52 15.52 -15.51 2.10
N LEU A 53 15.40 -14.80 0.98
CA LEU A 53 16.42 -13.83 0.60
C LEU A 53 16.51 -12.65 1.58
N ILE A 54 15.36 -12.10 1.96
CA ILE A 54 15.35 -10.99 2.91
C ILE A 54 16.00 -11.43 4.21
N ARG A 55 15.59 -12.60 4.70
CA ARG A 55 16.16 -13.14 5.93
C ARG A 55 17.68 -13.36 5.80
N SER A 56 18.14 -13.88 4.67
CA SER A 56 19.57 -14.10 4.46
C SER A 56 20.31 -12.77 4.55
N GLU A 57 19.74 -11.75 3.92
CA GLU A 57 20.39 -10.45 3.95
C GLU A 57 20.37 -9.85 5.34
N LEU A 58 19.28 -10.04 6.08
CA LEU A 58 19.20 -9.51 7.44
C LEU A 58 20.29 -10.18 8.29
N GLU A 59 20.46 -11.48 8.11
CA GLU A 59 21.50 -12.21 8.85
C GLU A 59 22.89 -11.68 8.49
N LEU A 60 23.13 -11.49 7.20
CA LEU A 60 24.42 -10.99 6.73
C LEU A 60 24.70 -9.57 7.26
N ILE A 61 23.72 -8.68 7.18
CA ILE A 61 23.94 -7.32 7.68
C ILE A 61 24.20 -7.31 9.21
N GLY A 62 23.44 -8.14 9.93
CA GLY A 62 23.57 -8.20 11.38
C GLY A 62 22.30 -7.66 12.04
N ILE A 63 21.16 -8.23 11.66
CA ILE A 63 19.86 -7.79 12.15
C ILE A 63 18.97 -8.94 12.60
N LYS A 64 18.55 -8.89 13.85
CA LYS A 64 17.67 -9.91 14.43
C LYS A 64 16.27 -9.71 13.87
N TYR A 65 15.53 -10.80 13.69
CA TYR A 65 14.18 -10.68 13.16
C TYR A 65 13.24 -11.76 13.66
N ARG A 66 11.95 -11.48 13.54
CA ARG A 66 10.88 -12.40 13.91
C ARG A 66 10.33 -12.99 12.61
N TYR A 67 10.17 -14.30 12.59
CA TYR A 67 9.67 -15.02 11.42
C TYR A 67 9.13 -16.37 11.91
N PRO A 68 7.99 -16.83 11.37
CA PRO A 68 7.18 -16.18 10.34
C PRO A 68 6.07 -15.27 10.88
N VAL A 69 5.67 -14.31 10.06
CA VAL A 69 4.57 -13.42 10.39
C VAL A 69 3.70 -13.39 9.12
N ALA A 70 2.45 -13.81 9.24
CA ALA A 70 1.55 -13.88 8.10
C ALA A 70 2.16 -14.83 7.05
N ILE A 71 2.65 -15.95 7.54
CA ILE A 71 3.23 -17.04 6.76
C ILE A 71 4.60 -16.79 6.15
N THR A 72 4.71 -15.79 5.27
CA THR A 72 5.99 -15.51 4.62
C THR A 72 6.63 -14.22 5.12
N GLY A 73 5.87 -13.46 5.90
CA GLY A 73 6.34 -12.19 6.41
C GLY A 73 7.49 -12.24 7.40
N VAL A 74 8.26 -11.15 7.40
CA VAL A 74 9.41 -11.04 8.27
C VAL A 74 9.47 -9.66 8.92
N ILE A 75 9.88 -9.61 10.17
CA ILE A 75 10.02 -8.33 10.87
C ILE A 75 11.42 -8.30 11.51
N GLY A 76 12.22 -7.31 11.10
CA GLY A 76 13.58 -7.15 11.63
C GLY A 76 13.69 -5.99 12.59
N TYR A 77 14.79 -5.94 13.34
CA TYR A 77 15.01 -4.88 14.32
C TYR A 77 16.42 -4.31 14.27
N ILE A 78 16.54 -2.99 14.41
CA ILE A 78 17.85 -2.35 14.40
C ILE A 78 17.81 -1.22 15.41
N GLY A 79 18.64 -1.30 16.44
CA GLY A 79 18.65 -0.25 17.45
C GLY A 79 18.91 -0.78 18.84
N THR A 80 18.56 0.03 19.84
CA THR A 80 18.76 -0.35 21.23
C THR A 80 18.01 -1.62 21.61
N GLY A 81 16.93 -1.91 20.91
CA GLY A 81 16.13 -3.08 21.25
C GLY A 81 15.01 -2.61 22.18
N GLU A 82 15.05 -1.35 22.57
CA GLU A 82 14.04 -0.78 23.46
C GLU A 82 13.28 0.37 22.78
N PRO A 83 12.14 0.78 23.34
CA PRO A 83 11.41 1.88 22.72
C PRO A 83 12.23 3.16 22.80
N PRO A 84 11.90 4.18 22.00
CA PRO A 84 10.79 4.17 21.04
C PRO A 84 11.08 3.44 19.73
N PHE A 85 10.09 2.70 19.28
CA PHE A 85 10.16 1.94 18.05
C PHE A 85 9.46 2.75 16.96
N VAL A 86 10.05 2.78 15.76
CA VAL A 86 9.48 3.46 14.60
C VAL A 86 9.61 2.44 13.45
N ALA A 87 8.51 2.16 12.75
CA ALA A 87 8.54 1.15 11.70
C ALA A 87 8.69 1.64 10.26
N LEU A 88 9.26 0.77 9.42
CA LEU A 88 9.47 1.00 7.98
C LEU A 88 8.82 -0.23 7.31
N ARG A 89 8.09 -0.01 6.22
CA ARG A 89 7.33 -1.08 5.59
C ARG A 89 7.59 -1.27 4.09
N ALA A 90 7.75 -2.54 3.69
CA ALA A 90 7.92 -2.91 2.28
C ALA A 90 7.06 -4.15 2.03
N ASP A 91 6.44 -4.21 0.85
CA ASP A 91 5.60 -5.35 0.45
C ASP A 91 6.34 -6.14 -0.64
N MET A 92 6.35 -7.47 -0.53
CA MET A 92 7.10 -8.32 -1.46
C MET A 92 6.31 -9.09 -2.53
N ASP A 93 5.05 -8.73 -2.75
CA ASP A 93 4.26 -9.50 -3.72
C ASP A 93 4.25 -9.03 -5.16
N ALA A 94 4.22 -10.02 -6.06
CA ALA A 94 4.18 -9.81 -7.50
C ALA A 94 2.76 -10.09 -7.98
N LEU A 95 2.52 -9.86 -9.27
CA LEU A 95 1.21 -10.07 -9.86
C LEU A 95 1.23 -11.16 -10.93
N PRO A 96 0.05 -11.75 -11.24
CA PRO A 96 -0.05 -12.80 -12.25
C PRO A 96 -0.17 -12.18 -13.64
N ILE A 97 0.80 -11.35 -13.98
CA ILE A 97 0.88 -10.64 -15.27
C ILE A 97 2.09 -11.18 -16.03
N GLN A 98 1.98 -11.32 -17.35
CA GLN A 98 3.12 -11.77 -18.17
C GLN A 98 3.97 -10.53 -18.49
N GLU A 99 5.24 -10.56 -18.08
CA GLU A 99 6.15 -9.45 -18.32
C GLU A 99 6.38 -9.25 -19.83
N GLY A 100 6.06 -8.06 -20.33
CA GLY A 100 6.23 -7.77 -21.73
C GLY A 100 7.59 -7.15 -22.02
N VAL A 101 8.30 -6.77 -20.95
CA VAL A 101 9.62 -6.16 -21.08
C VAL A 101 10.61 -7.26 -21.45
N GLU A 102 11.37 -7.03 -22.54
CA GLU A 102 12.37 -8.00 -22.95
C GLU A 102 13.74 -7.52 -22.47
N TRP A 103 14.31 -8.21 -21.49
CA TRP A 103 15.63 -7.84 -20.97
C TRP A 103 16.20 -9.00 -20.21
N GLU A 104 17.47 -8.85 -19.84
CA GLU A 104 18.19 -9.90 -19.14
C GLU A 104 17.55 -10.40 -17.87
N HIS A 105 16.97 -9.48 -17.09
CA HIS A 105 16.37 -9.82 -15.80
C HIS A 105 14.86 -9.96 -15.80
N LYS A 106 14.29 -10.11 -16.98
CA LYS A 106 12.85 -10.31 -17.12
C LYS A 106 12.46 -11.51 -16.26
N SER A 107 11.22 -11.54 -15.79
CA SER A 107 10.75 -12.66 -14.98
C SER A 107 10.99 -14.00 -15.69
N LYS A 108 11.58 -14.95 -14.97
CA LYS A 108 11.85 -16.27 -15.51
C LYS A 108 10.68 -17.19 -15.17
N ILE A 109 9.62 -16.61 -14.59
CA ILE A 109 8.43 -17.35 -14.22
C ILE A 109 7.29 -16.86 -15.12
N ALA A 110 6.95 -17.64 -16.14
CA ALA A 110 5.92 -17.21 -17.07
C ALA A 110 4.60 -16.90 -16.37
N GLY A 111 3.94 -15.81 -16.79
CA GLY A 111 2.67 -15.44 -16.21
C GLY A 111 2.72 -14.67 -14.89
N LYS A 112 3.91 -14.33 -14.43
CA LYS A 112 4.03 -13.58 -13.17
C LYS A 112 5.04 -12.46 -13.39
N MET A 113 4.79 -11.32 -12.76
CA MET A 113 5.65 -10.17 -12.91
C MET A 113 5.52 -9.17 -11.77
N HIS A 114 6.63 -8.51 -11.46
CA HIS A 114 6.65 -7.46 -10.44
C HIS A 114 6.39 -6.14 -11.19
N ALA A 115 5.12 -5.85 -11.43
CA ALA A 115 4.71 -4.63 -12.14
C ALA A 115 4.30 -3.47 -11.22
N CYS A 116 4.63 -3.56 -9.92
CA CYS A 116 4.27 -2.46 -9.00
C CYS A 116 5.46 -1.88 -8.22
N GLY A 117 6.68 -2.35 -8.53
CA GLY A 117 7.85 -1.84 -7.85
C GLY A 117 8.13 -2.49 -6.50
N HIS A 118 7.36 -3.53 -6.16
CA HIS A 118 7.52 -4.19 -4.87
C HIS A 118 8.91 -4.77 -4.70
N ASP A 119 9.42 -5.44 -5.74
CA ASP A 119 10.79 -5.96 -5.71
C ASP A 119 11.70 -4.78 -5.32
N GLY A 120 11.39 -3.59 -5.86
CA GLY A 120 12.16 -2.39 -5.53
C GLY A 120 11.92 -1.97 -4.08
N HIS A 121 10.67 -2.04 -3.61
CA HIS A 121 10.37 -1.66 -2.22
C HIS A 121 11.15 -2.50 -1.20
N VAL A 122 11.18 -3.81 -1.41
CA VAL A 122 11.91 -4.71 -0.50
C VAL A 122 13.40 -4.34 -0.51
N THR A 123 13.95 -4.17 -1.71
CA THR A 123 15.36 -3.87 -1.85
C THR A 123 15.73 -2.54 -1.22
N MET A 124 14.84 -1.56 -1.33
CA MET A 124 15.12 -0.27 -0.75
C MET A 124 15.09 -0.31 0.77
N LEU A 125 14.25 -1.19 1.33
CA LEU A 125 14.17 -1.30 2.79
C LEU A 125 15.45 -2.00 3.29
N LEU A 126 15.94 -2.98 2.54
CA LEU A 126 17.17 -3.68 2.90
C LEU A 126 18.32 -2.67 2.76
N GLY A 127 18.22 -1.75 1.80
CA GLY A 127 19.26 -0.74 1.64
C GLY A 127 19.28 0.16 2.87
N ALA A 128 18.10 0.54 3.31
CA ALA A 128 17.94 1.37 4.49
C ALA A 128 18.49 0.62 5.72
N ALA A 129 18.18 -0.66 5.83
CA ALA A 129 18.63 -1.50 6.95
C ALA A 129 20.16 -1.55 7.01
N LYS A 130 20.81 -1.78 5.87
CA LYS A 130 22.27 -1.82 5.88
C LYS A 130 22.80 -0.45 6.32
N ILE A 131 22.14 0.62 5.87
CA ILE A 131 22.54 1.97 6.24
C ILE A 131 22.26 2.29 7.72
N LEU A 132 21.14 1.77 8.24
CA LEU A 132 20.78 2.01 9.64
C LEU A 132 21.66 1.13 10.55
N HIS A 133 21.98 -0.06 10.07
CA HIS A 133 22.80 -0.96 10.86
C HIS A 133 24.17 -0.33 11.12
N GLU A 134 24.76 0.26 10.10
CA GLU A 134 26.06 0.89 10.29
C GLU A 134 25.96 2.10 11.21
N HIS A 135 24.74 2.56 11.46
CA HIS A 135 24.52 3.68 12.36
C HIS A 135 23.83 3.24 13.65
N ARG A 136 23.66 1.94 13.83
CA ARG A 136 22.92 1.44 15.00
C ARG A 136 23.27 2.07 16.31
N HIS A 137 24.55 2.08 16.66
CA HIS A 137 25.00 2.64 17.92
C HIS A 137 24.63 4.12 18.10
N HIS A 138 23.83 4.64 17.17
CA HIS A 138 23.39 6.03 17.23
C HIS A 138 21.92 6.21 16.85
N LEU A 139 21.07 5.38 17.45
CA LEU A 139 19.62 5.45 17.20
C LEU A 139 18.90 5.59 18.53
N GLN A 140 18.08 6.63 18.65
CA GLN A 140 17.35 6.87 19.89
C GLN A 140 16.10 5.99 19.92
N GLY A 141 16.33 4.70 20.14
CA GLY A 141 15.26 3.72 20.17
C GLY A 141 15.63 2.74 19.07
N THR A 142 14.66 1.99 18.57
CA THR A 142 14.94 1.01 17.54
C THR A 142 14.03 1.21 16.32
N VAL A 143 14.42 0.59 15.19
CA VAL A 143 13.65 0.68 13.95
C VAL A 143 13.13 -0.72 13.69
N VAL A 144 11.85 -0.82 13.32
CA VAL A 144 11.22 -2.11 13.03
C VAL A 144 11.03 -2.20 11.51
N LEU A 145 11.61 -3.23 10.90
CA LEU A 145 11.54 -3.42 9.44
C LEU A 145 10.50 -4.45 9.10
N ILE A 146 9.38 -3.99 8.56
CA ILE A 146 8.29 -4.89 8.22
C ILE A 146 8.28 -5.26 6.75
N PHE A 147 8.51 -6.54 6.48
CA PHE A 147 8.48 -7.07 5.12
C PHE A 147 7.14 -7.79 5.05
N GLN A 148 6.20 -7.11 4.42
CA GLN A 148 4.81 -7.55 4.29
C GLN A 148 4.42 -8.36 3.07
N PRO A 149 3.86 -9.55 3.29
CA PRO A 149 3.43 -10.38 2.19
C PRO A 149 2.01 -10.01 1.76
N ALA A 150 1.61 -10.57 0.63
CA ALA A 150 0.22 -10.47 0.16
C ALA A 150 -0.50 -9.14 0.16
N GLU A 151 0.16 -8.11 -0.36
CA GLU A 151 -0.46 -6.81 -0.45
C GLU A 151 -1.52 -6.83 -1.56
N GLU A 152 -1.29 -7.57 -2.64
CA GLU A 152 -2.23 -7.52 -3.77
C GLU A 152 -3.65 -7.93 -3.45
N GLY A 153 -3.82 -8.98 -2.66
CA GLY A 153 -5.15 -9.42 -2.29
C GLY A 153 -5.72 -8.56 -1.17
N LEU A 154 -4.92 -7.61 -0.69
CA LEU A 154 -5.33 -6.68 0.36
C LEU A 154 -5.57 -7.28 1.74
N SER A 155 -4.92 -8.40 2.04
CA SER A 155 -5.11 -9.02 3.35
C SER A 155 -3.82 -9.10 4.18
N GLY A 156 -2.67 -9.15 3.51
CA GLY A 156 -1.41 -9.27 4.20
C GLY A 156 -1.15 -8.30 5.34
N ALA A 157 -1.42 -7.02 5.09
CA ALA A 157 -1.21 -6.01 6.11
C ALA A 157 -2.19 -6.27 7.26
N LYS A 158 -3.38 -6.74 6.93
CA LYS A 158 -4.40 -7.02 7.94
C LYS A 158 -4.00 -8.26 8.75
N LYS A 159 -3.34 -9.22 8.10
CA LYS A 159 -2.91 -10.44 8.80
C LYS A 159 -1.71 -10.18 9.72
N MET A 160 -0.80 -9.30 9.30
CA MET A 160 0.35 -9.00 10.15
C MET A 160 -0.11 -8.25 11.41
N ARG A 161 -1.08 -7.37 11.23
CA ARG A 161 -1.64 -6.58 12.35
C ARG A 161 -2.29 -7.55 13.34
N GLU A 162 -3.03 -8.52 12.80
CA GLU A 162 -3.69 -9.53 13.62
C GLU A 162 -2.66 -10.27 14.47
N GLU A 163 -1.51 -10.59 13.86
CA GLU A 163 -0.44 -11.30 14.54
C GLU A 163 0.44 -10.39 15.41
N GLY A 164 -0.03 -9.17 15.64
CA GLY A 164 0.69 -8.25 16.51
C GLY A 164 1.88 -7.52 15.96
N ALA A 165 1.94 -7.34 14.64
CA ALA A 165 3.07 -6.64 14.04
C ALA A 165 3.15 -5.19 14.51
N LEU A 166 2.03 -4.62 14.92
CA LEU A 166 2.03 -3.22 15.37
C LEU A 166 2.12 -3.03 16.88
N LYS A 167 2.30 -4.11 17.64
CA LYS A 167 2.37 -4.01 19.10
C LYS A 167 3.44 -3.03 19.57
N ASN A 168 3.00 -1.99 20.29
CA ASN A 168 3.90 -0.98 20.84
C ASN A 168 4.68 -0.18 19.78
N VAL A 169 4.19 -0.20 18.54
CA VAL A 169 4.84 0.57 17.48
C VAL A 169 4.20 1.96 17.45
N GLU A 170 5.04 2.99 17.51
CA GLU A 170 4.56 4.37 17.53
C GLU A 170 4.25 5.02 16.18
N ALA A 171 4.95 4.60 15.14
CA ALA A 171 4.74 5.19 13.81
C ALA A 171 5.20 4.19 12.77
N ILE A 172 4.65 4.31 11.56
CA ILE A 172 5.06 3.43 10.48
C ILE A 172 5.10 4.23 9.18
N PHE A 173 6.19 4.07 8.44
CA PHE A 173 6.40 4.77 7.16
C PHE A 173 6.52 3.77 6.02
N GLY A 174 5.90 4.10 4.90
CA GLY A 174 5.98 3.22 3.73
C GLY A 174 6.26 4.07 2.50
N ILE A 175 6.91 3.46 1.50
CA ILE A 175 7.22 4.14 0.25
C ILE A 175 6.69 3.30 -0.92
N HIS A 176 6.19 3.97 -1.95
CA HIS A 176 5.70 3.28 -3.15
C HIS A 176 6.27 4.00 -4.39
N LEU A 177 7.04 3.28 -5.20
CA LEU A 177 7.60 3.84 -6.44
C LEU A 177 6.47 4.28 -7.34
N SER A 178 6.64 5.40 -8.05
CA SER A 178 5.59 5.88 -8.92
C SER A 178 6.02 6.34 -10.30
N ALA A 179 5.20 5.99 -11.29
CA ALA A 179 5.43 6.41 -12.68
C ALA A 179 4.69 7.72 -12.91
N ARG A 180 3.95 8.17 -11.91
CA ARG A 180 3.20 9.42 -12.04
C ARG A 180 3.87 10.60 -11.34
N ILE A 181 5.07 10.36 -10.81
CA ILE A 181 5.83 11.37 -10.09
C ILE A 181 7.20 11.46 -10.76
N PRO A 182 7.79 12.66 -10.89
CA PRO A 182 9.10 12.76 -11.54
C PRO A 182 10.16 11.94 -10.81
N PHE A 183 11.13 11.43 -11.55
CA PHE A 183 12.21 10.63 -11.01
C PHE A 183 12.84 11.22 -9.74
N GLY A 184 12.92 10.39 -8.70
CA GLY A 184 13.54 10.78 -7.45
C GLY A 184 12.87 11.81 -6.56
N LYS A 185 11.71 12.31 -6.98
CA LYS A 185 10.99 13.28 -6.16
C LYS A 185 10.05 12.53 -5.22
N ALA A 186 9.77 13.11 -4.07
CA ALA A 186 8.87 12.49 -3.09
C ALA A 186 7.59 13.32 -2.97
N ALA A 187 6.46 12.64 -2.86
CA ALA A 187 5.18 13.34 -2.79
C ALA A 187 4.36 12.91 -1.60
N SER A 188 3.62 13.84 -1.00
CA SER A 188 2.76 13.52 0.14
C SER A 188 1.91 14.70 0.53
N ARG A 189 0.91 14.42 1.36
CA ARG A 189 0.01 15.44 1.88
C ARG A 189 -0.44 14.85 3.22
N ALA A 190 -1.31 15.57 3.92
CA ALA A 190 -1.84 15.12 5.20
C ALA A 190 -3.29 14.69 5.04
N GLY A 191 -3.69 13.66 5.79
CA GLY A 191 -5.07 13.20 5.71
C GLY A 191 -5.18 12.02 4.75
N SER A 192 -6.40 11.64 4.43
CA SER A 192 -6.64 10.53 3.53
C SER A 192 -5.95 10.78 2.18
N PHE A 193 -5.39 9.73 1.62
CA PHE A 193 -4.70 9.84 0.34
C PHE A 193 -5.24 8.82 -0.65
N LEU A 194 -5.57 7.64 -0.14
CA LEU A 194 -6.13 6.59 -0.98
C LEU A 194 -7.48 6.29 -0.36
N ALA A 195 -8.53 6.61 -1.12
CA ALA A 195 -9.88 6.42 -0.63
C ALA A 195 -10.07 5.11 0.10
N GLY A 196 -11.21 4.97 0.74
CA GLY A 196 -11.55 3.74 1.42
C GLY A 196 -12.29 2.89 0.39
N ALA A 197 -12.23 1.57 0.55
CA ALA A 197 -12.89 0.68 -0.38
C ALA A 197 -13.76 -0.34 0.35
N GLY A 198 -14.67 -0.94 -0.40
CA GLY A 198 -15.56 -1.93 0.17
C GLY A 198 -16.40 -2.53 -0.92
N VAL A 199 -17.14 -3.57 -0.56
CA VAL A 199 -18.02 -4.28 -1.49
C VAL A 199 -19.26 -4.72 -0.74
N PHE A 200 -20.44 -4.31 -1.21
CA PHE A 200 -21.70 -4.66 -0.55
C PHE A 200 -22.39 -5.84 -1.22
N GLU A 201 -23.36 -6.40 -0.51
CA GLU A 201 -24.13 -7.53 -1.02
C GLU A 201 -25.50 -7.45 -0.38
N ALA A 202 -26.56 -7.50 -1.18
CA ALA A 202 -27.91 -7.44 -0.64
C ALA A 202 -28.89 -8.35 -1.37
N VAL A 203 -29.92 -8.79 -0.65
CA VAL A 203 -30.95 -9.64 -1.25
C VAL A 203 -32.29 -8.94 -1.07
N ILE A 204 -33.03 -8.81 -2.18
CA ILE A 204 -34.31 -8.13 -2.18
C ILE A 204 -35.47 -9.13 -2.37
N THR A 205 -36.53 -8.92 -1.61
CA THR A 205 -37.70 -9.80 -1.68
C THR A 205 -39.03 -9.07 -1.54
N GLY A 206 -39.87 -9.19 -2.56
CA GLY A 206 -41.17 -8.56 -2.51
C GLY A 206 -42.11 -9.29 -1.56
N LYS A 207 -42.82 -10.29 -2.08
CA LYS A 207 -43.73 -11.08 -1.27
C LYS A 207 -44.05 -12.39 -1.98
N THR A 217 -45.99 -9.86 -7.66
CA THR A 217 -45.99 -9.98 -9.10
C THR A 217 -44.55 -9.92 -9.62
N ILE A 218 -44.06 -8.70 -9.83
CA ILE A 218 -42.70 -8.50 -10.33
C ILE A 218 -41.98 -7.39 -9.56
N ASP A 219 -42.45 -7.11 -8.35
CA ASP A 219 -41.87 -6.05 -7.54
C ASP A 219 -40.38 -6.17 -7.21
N PRO A 220 -39.90 -7.38 -6.87
CA PRO A 220 -38.47 -7.50 -6.56
C PRO A 220 -37.65 -7.04 -7.77
N VAL A 221 -38.09 -7.42 -8.96
CA VAL A 221 -37.41 -7.05 -10.20
C VAL A 221 -37.43 -5.53 -10.40
N VAL A 222 -38.61 -4.95 -10.32
CA VAL A 222 -38.76 -3.51 -10.49
C VAL A 222 -37.89 -2.73 -9.52
N ALA A 223 -37.99 -3.10 -8.24
CA ALA A 223 -37.22 -2.45 -7.19
C ALA A 223 -35.72 -2.55 -7.48
N ALA A 224 -35.30 -3.67 -8.08
CA ALA A 224 -33.89 -3.88 -8.39
C ALA A 224 -33.38 -2.83 -9.38
N SER A 225 -34.01 -2.71 -10.54
CA SER A 225 -33.55 -1.72 -11.52
C SER A 225 -33.64 -0.33 -10.91
N SER A 226 -34.61 -0.13 -10.02
CA SER A 226 -34.81 1.13 -9.33
C SER A 226 -33.62 1.44 -8.40
N ILE A 227 -33.34 0.51 -7.49
CA ILE A 227 -32.24 0.69 -6.55
C ILE A 227 -30.91 0.93 -7.27
N VAL A 228 -30.66 0.15 -8.32
CA VAL A 228 -29.42 0.31 -9.07
C VAL A 228 -29.30 1.73 -9.63
N LEU A 229 -30.36 2.23 -10.26
CA LEU A 229 -30.35 3.57 -10.82
C LEU A 229 -30.08 4.60 -9.73
N SER A 230 -30.68 4.38 -8.56
CA SER A 230 -30.49 5.30 -7.45
C SER A 230 -29.09 5.17 -6.87
N LEU A 231 -28.45 4.03 -7.06
CA LEU A 231 -27.10 3.84 -6.54
C LEU A 231 -26.06 4.41 -7.51
N GLN A 232 -26.18 4.04 -8.78
CA GLN A 232 -25.25 4.54 -9.78
C GLN A 232 -25.27 6.07 -9.74
N GLN A 233 -26.36 6.62 -9.23
CA GLN A 233 -26.49 8.06 -9.12
C GLN A 233 -25.68 8.60 -7.94
N LEU A 234 -25.06 7.71 -7.16
CA LEU A 234 -24.25 8.11 -6.02
C LEU A 234 -22.82 8.43 -6.43
N VAL A 235 -22.46 8.14 -7.68
CA VAL A 235 -21.11 8.46 -8.16
C VAL A 235 -21.04 9.96 -8.29
N SER A 236 -20.45 10.58 -7.27
CA SER A 236 -20.30 12.02 -7.23
C SER A 236 -18.85 12.45 -7.39
N ARG A 237 -18.65 13.50 -8.19
CA ARG A 237 -17.34 14.07 -8.46
C ARG A 237 -17.49 15.59 -8.64
N GLU A 238 -16.72 16.38 -7.91
CA GLU A 238 -16.81 17.81 -8.08
C GLU A 238 -15.44 18.44 -8.31
N THR A 239 -15.22 19.57 -7.68
CA THR A 239 -13.98 20.32 -7.86
C THR A 239 -12.88 20.02 -6.84
N ASP A 240 -13.19 19.16 -5.86
CA ASP A 240 -12.20 18.75 -4.84
C ASP A 240 -12.15 17.23 -4.87
N PRO A 241 -11.00 16.65 -5.24
CA PRO A 241 -10.86 15.20 -5.30
C PRO A 241 -11.32 14.43 -4.05
N LEU A 242 -11.03 14.94 -2.87
CA LEU A 242 -11.44 14.26 -1.63
C LEU A 242 -12.94 14.01 -1.55
N ASP A 243 -13.73 14.76 -2.31
CA ASP A 243 -15.18 14.59 -2.30
C ASP A 243 -15.65 13.45 -3.22
N SER A 244 -14.77 12.98 -4.10
CA SER A 244 -15.14 11.94 -5.06
C SER A 244 -15.60 10.65 -4.40
N LYS A 245 -16.76 10.18 -4.84
CA LYS A 245 -17.31 8.94 -4.33
C LYS A 245 -17.77 8.15 -5.52
N VAL A 246 -17.56 6.83 -5.45
CA VAL A 246 -17.95 5.95 -6.53
C VAL A 246 -18.62 4.70 -5.96
N VAL A 247 -19.68 4.28 -6.64
CA VAL A 247 -20.39 3.07 -6.28
C VAL A 247 -20.51 2.32 -7.60
N THR A 248 -20.14 1.05 -7.56
CA THR A 248 -20.18 0.17 -8.71
C THR A 248 -21.08 -1.00 -8.33
N VAL A 249 -22.35 -0.93 -8.72
CA VAL A 249 -23.29 -2.01 -8.41
C VAL A 249 -23.05 -3.06 -9.49
N SER A 250 -22.17 -4.00 -9.20
CA SER A 250 -21.80 -5.03 -10.15
C SER A 250 -22.37 -6.42 -9.88
N LYS A 251 -23.65 -6.52 -9.59
CA LYS A 251 -24.24 -7.82 -9.32
C LYS A 251 -25.73 -7.77 -9.20
N VAL A 252 -26.42 -8.45 -10.11
CA VAL A 252 -27.86 -8.50 -10.11
C VAL A 252 -28.30 -9.81 -10.76
N ASN A 253 -28.43 -10.85 -9.94
CA ASN A 253 -28.84 -12.15 -10.47
C ASN A 253 -29.63 -12.94 -9.43
N PRO A 262 -38.73 -14.92 -11.57
CA PRO A 262 -37.54 -14.55 -10.78
C PRO A 262 -37.90 -14.24 -9.34
N ASP A 263 -37.77 -15.24 -8.48
CA ASP A 263 -38.11 -15.10 -7.06
C ASP A 263 -37.60 -13.80 -6.44
N SER A 264 -36.38 -13.82 -5.93
CA SER A 264 -35.76 -12.64 -5.32
C SER A 264 -34.53 -12.27 -6.14
N ILE A 265 -33.96 -11.11 -5.85
CA ILE A 265 -32.80 -10.65 -6.58
C ILE A 265 -31.65 -10.32 -5.64
N THR A 266 -30.44 -10.68 -6.05
CA THR A 266 -29.24 -10.42 -5.27
C THR A 266 -28.44 -9.30 -5.90
N ILE A 267 -28.21 -8.24 -5.14
CA ILE A 267 -27.45 -7.10 -5.61
C ILE A 267 -26.14 -6.99 -4.81
N GLY A 268 -25.07 -6.72 -5.53
CA GLY A 268 -23.77 -6.56 -4.92
C GLY A 268 -22.98 -5.53 -5.70
N GLY A 269 -21.88 -5.07 -5.14
CA GLY A 269 -21.07 -4.08 -5.84
C GLY A 269 -19.93 -3.56 -4.99
N THR A 270 -19.41 -2.40 -5.39
CA THR A 270 -18.29 -1.79 -4.69
C THR A 270 -18.60 -0.33 -4.33
N LEU A 271 -17.88 0.19 -3.34
CA LEU A 271 -18.04 1.57 -2.93
C LEU A 271 -16.68 2.13 -2.49
N ARG A 272 -16.42 3.39 -2.87
CA ARG A 272 -15.16 4.04 -2.53
C ARG A 272 -15.41 5.51 -2.24
N ALA A 273 -14.69 6.01 -1.23
CA ALA A 273 -14.80 7.40 -0.80
C ALA A 273 -13.56 7.75 0.02
N PHE A 274 -13.00 8.94 -0.23
CA PHE A 274 -11.83 9.41 0.50
C PHE A 274 -12.28 9.85 1.88
N THR A 275 -13.43 10.49 1.94
CA THR A 275 -14.01 11.00 3.19
C THR A 275 -15.47 10.56 3.30
N GLY A 276 -16.06 10.66 4.49
CA GLY A 276 -17.44 10.25 4.66
C GLY A 276 -17.65 8.80 4.25
N PHE A 277 -16.59 8.01 4.37
CA PHE A 277 -16.67 6.61 3.98
C PHE A 277 -17.81 5.88 4.71
N THR A 278 -18.02 6.24 5.98
CA THR A 278 -19.09 5.65 6.81
C THR A 278 -20.46 6.00 6.23
N GLN A 279 -20.63 7.27 5.91
CA GLN A 279 -21.87 7.76 5.35
C GLN A 279 -22.21 7.08 4.03
N LEU A 280 -21.24 7.03 3.13
CA LEU A 280 -21.50 6.41 1.83
C LEU A 280 -21.94 4.97 1.99
N GLN A 281 -21.25 4.20 2.82
CA GLN A 281 -21.64 2.81 3.03
C GLN A 281 -23.07 2.82 3.57
N GLN A 282 -23.41 3.81 4.38
CA GLN A 282 -24.77 3.90 4.94
C GLN A 282 -25.76 4.31 3.86
N ARG A 283 -25.28 5.05 2.88
CA ARG A 283 -26.10 5.51 1.76
C ARG A 283 -26.51 4.36 0.84
N VAL A 284 -25.53 3.52 0.51
CA VAL A 284 -25.80 2.38 -0.35
C VAL A 284 -26.92 1.55 0.29
N LYS A 285 -26.86 1.37 1.60
CA LYS A 285 -27.88 0.60 2.33
C LYS A 285 -29.22 1.35 2.43
N GLU A 286 -29.13 2.67 2.46
CA GLU A 286 -30.33 3.51 2.51
C GLU A 286 -31.12 3.34 1.21
N VAL A 287 -30.42 3.48 0.09
CA VAL A 287 -31.02 3.35 -1.24
C VAL A 287 -31.57 1.94 -1.44
N ILE A 288 -31.04 0.99 -0.68
CA ILE A 288 -31.50 -0.38 -0.79
C ILE A 288 -32.60 -0.68 0.23
N THR A 289 -32.58 0.05 1.33
CA THR A 289 -33.55 -0.17 2.42
C THR A 289 -34.69 0.83 2.51
N LYS A 290 -34.33 2.09 2.76
CA LYS A 290 -35.30 3.15 2.89
C LYS A 290 -35.74 3.63 1.50
N GLN A 291 -35.58 2.77 0.50
CA GLN A 291 -35.96 3.10 -0.88
C GLN A 291 -36.42 1.87 -1.66
N ALA A 292 -36.36 0.72 -1.02
CA ALA A 292 -36.81 -0.51 -1.65
C ALA A 292 -38.05 -1.01 -0.92
N ALA A 293 -38.44 -0.28 0.11
CA ALA A 293 -39.62 -0.61 0.89
C ALA A 293 -40.80 0.01 0.12
N VAL A 294 -40.49 1.02 -0.70
CA VAL A 294 -41.52 1.69 -1.49
C VAL A 294 -41.96 0.85 -2.67
N HIS A 295 -41.26 -0.26 -2.90
CA HIS A 295 -41.65 -1.16 -3.99
C HIS A 295 -42.35 -2.37 -3.35
N ARG A 296 -42.80 -2.18 -2.12
CA ARG A 296 -43.51 -3.20 -1.35
C ARG A 296 -42.61 -4.41 -1.10
N CYS A 297 -41.34 -4.16 -0.84
CA CYS A 297 -40.40 -5.25 -0.61
C CYS A 297 -39.50 -5.05 0.61
N ASN A 298 -38.77 -6.11 0.93
CA ASN A 298 -37.82 -6.09 2.02
C ASN A 298 -36.46 -6.34 1.36
N ALA A 299 -35.40 -6.15 2.13
CA ALA A 299 -34.06 -6.35 1.62
C ALA A 299 -33.10 -6.53 2.76
N SER A 300 -32.15 -7.44 2.57
CA SER A 300 -31.13 -7.69 3.56
C SER A 300 -29.85 -7.06 3.03
N VAL A 301 -29.30 -6.08 3.73
CA VAL A 301 -28.09 -5.42 3.25
C VAL A 301 -26.84 -5.78 4.04
N ASN A 302 -25.96 -6.55 3.41
CA ASN A 302 -24.70 -6.96 4.04
C ASN A 302 -23.56 -6.04 3.58
N LEU A 303 -23.04 -5.23 4.52
CA LEU A 303 -21.94 -4.31 4.23
C LEU A 303 -20.60 -4.90 4.65
N THR A 304 -20.59 -6.16 5.05
CA THR A 304 -19.36 -6.86 5.43
C THR A 304 -19.53 -8.32 4.99
N PRO A 305 -19.91 -8.53 3.72
CA PRO A 305 -20.14 -9.87 3.17
C PRO A 305 -18.98 -10.86 3.25
N ASN A 306 -19.31 -12.07 3.70
CA ASN A 306 -18.34 -13.13 3.83
C ASN A 306 -17.10 -12.62 4.56
N GLY A 307 -17.35 -11.79 5.57
CA GLY A 307 -16.26 -11.25 6.35
C GLY A 307 -15.53 -10.10 5.68
N ARG A 308 -15.66 -9.96 4.36
CA ARG A 308 -14.99 -8.88 3.62
C ARG A 308 -15.31 -7.51 4.23
N GLU A 309 -14.58 -7.12 5.28
CA GLU A 309 -14.81 -5.82 5.90
C GLU A 309 -14.32 -4.74 4.96
N PRO A 310 -15.06 -3.63 4.86
CA PRO A 310 -14.60 -2.56 3.96
C PRO A 310 -13.45 -1.76 4.54
N MET A 311 -12.28 -1.87 3.91
CA MET A 311 -11.11 -1.15 4.39
C MET A 311 -11.30 0.37 4.33
N PRO A 312 -10.82 1.09 5.35
CA PRO A 312 -10.96 2.54 5.40
C PRO A 312 -9.96 3.30 4.52
N PRO A 313 -10.05 4.63 4.50
CA PRO A 313 -9.14 5.46 3.72
C PRO A 313 -7.73 5.26 4.30
N THR A 314 -6.71 5.24 3.43
CA THR A 314 -5.34 5.09 3.89
C THR A 314 -4.95 6.51 4.25
N VAL A 315 -4.93 6.79 5.55
CA VAL A 315 -4.65 8.14 6.04
C VAL A 315 -3.25 8.35 6.55
N ASN A 316 -2.57 9.36 5.98
CA ASN A 316 -1.23 9.68 6.42
C ASN A 316 -1.42 10.56 7.64
N ASN A 317 -0.77 10.21 8.74
CA ASN A 317 -0.89 11.04 9.94
C ASN A 317 -0.32 12.39 9.54
N LYS A 318 -1.00 13.47 9.91
CA LYS A 318 -0.53 14.81 9.52
C LYS A 318 0.78 15.18 10.17
N ASP A 319 0.98 14.73 11.40
CA ASP A 319 2.20 15.06 12.10
C ASP A 319 3.44 14.40 11.48
N LEU A 320 3.32 13.16 11.05
CA LEU A 320 4.45 12.48 10.39
C LEU A 320 4.74 13.15 9.04
N TYR A 321 3.69 13.64 8.38
CA TYR A 321 3.86 14.30 7.07
C TYR A 321 4.80 15.50 7.20
N LYS A 322 4.62 16.29 8.25
CA LYS A 322 5.48 17.45 8.46
C LYS A 322 6.95 17.03 8.62
N GLN A 323 7.20 15.93 9.34
CA GLN A 323 8.56 15.45 9.52
C GLN A 323 9.15 14.90 8.24
N PHE A 324 8.30 14.28 7.42
CA PHE A 324 8.72 13.69 6.14
C PHE A 324 9.20 14.76 5.14
N LYS A 325 8.42 15.82 4.96
CA LYS A 325 8.82 16.87 4.02
C LYS A 325 10.19 17.41 4.44
N LYS A 326 10.36 17.66 5.73
CA LYS A 326 11.63 18.19 6.24
C LYS A 326 12.76 17.21 5.91
N VAL A 327 12.54 15.93 6.19
CA VAL A 327 13.53 14.92 5.89
C VAL A 327 13.88 14.95 4.40
N VAL A 328 12.85 15.02 3.56
CA VAL A 328 13.05 15.03 2.11
C VAL A 328 13.79 16.28 1.62
N ARG A 329 13.35 17.44 2.08
CA ARG A 329 14.00 18.67 1.65
C ARG A 329 15.42 18.81 2.18
N ASP A 330 15.66 18.35 3.40
CA ASP A 330 17.00 18.42 4.00
C ASP A 330 17.89 17.31 3.44
N LEU A 331 17.32 16.45 2.60
CA LEU A 331 18.08 15.36 2.04
C LEU A 331 18.31 15.51 0.54
N LEU A 332 17.25 15.83 -0.20
CA LEU A 332 17.36 15.94 -1.65
C LEU A 332 17.16 17.31 -2.26
N GLY A 333 17.01 18.36 -1.44
CA GLY A 333 16.83 19.68 -1.99
C GLY A 333 15.39 20.15 -1.88
N GLN A 334 15.21 21.48 -1.84
CA GLN A 334 13.87 22.04 -1.71
C GLN A 334 12.86 21.55 -2.74
N GLU A 335 13.32 21.35 -3.98
CA GLU A 335 12.44 20.91 -5.06
C GLU A 335 12.16 19.40 -5.05
N ALA A 336 12.75 18.70 -4.10
CA ALA A 336 12.59 17.24 -4.01
C ALA A 336 11.19 16.79 -3.59
N PHE A 337 10.59 17.52 -2.63
CA PHE A 337 9.27 17.16 -2.17
C PHE A 337 8.20 17.84 -3.00
N VAL A 338 7.16 17.09 -3.37
CA VAL A 338 6.05 17.65 -4.12
C VAL A 338 4.77 17.33 -3.35
N GLU A 339 3.98 18.37 -3.10
CA GLU A 339 2.74 18.24 -2.35
C GLU A 339 1.72 17.52 -3.22
N ALA A 340 1.45 16.25 -2.94
CA ALA A 340 0.54 15.46 -3.77
C ALA A 340 -0.98 15.60 -3.57
N ALA A 341 -1.74 15.28 -4.62
CA ALA A 341 -3.19 15.33 -4.55
C ALA A 341 -3.67 13.88 -4.37
N PRO A 342 -4.88 13.68 -3.83
CA PRO A 342 -5.48 12.36 -3.59
C PRO A 342 -5.58 11.44 -4.82
N VAL A 343 -5.47 10.13 -4.58
CA VAL A 343 -5.57 9.11 -5.64
C VAL A 343 -6.50 7.98 -5.24
N MET A 344 -7.31 7.49 -6.18
CA MET A 344 -8.20 6.38 -5.85
C MET A 344 -7.58 5.06 -6.26
N GLY A 345 -6.67 4.57 -5.42
CA GLY A 345 -5.99 3.32 -5.71
C GLY A 345 -6.22 2.29 -4.62
N SER A 346 -5.48 1.18 -4.70
CA SER A 346 -5.61 0.12 -3.71
C SER A 346 -4.29 -0.20 -3.03
N GLU A 347 -4.21 0.11 -1.73
CA GLU A 347 -3.01 -0.14 -0.95
C GLU A 347 -3.44 -0.48 0.47
N ASP A 348 -3.19 -1.73 0.87
CA ASP A 348 -3.60 -2.19 2.18
C ASP A 348 -2.76 -1.66 3.35
N PHE A 349 -1.85 -0.73 3.04
CA PHE A 349 -1.05 -0.07 4.07
C PHE A 349 -2.02 0.63 5.06
N SER A 350 -3.22 0.98 4.58
CA SER A 350 -4.19 1.65 5.44
C SER A 350 -4.50 0.86 6.70
N TYR A 351 -4.56 -0.47 6.63
CA TYR A 351 -4.83 -1.24 7.84
C TYR A 351 -3.78 -0.99 8.91
N PHE A 352 -2.61 -0.48 8.52
CA PHE A 352 -1.57 -0.14 9.51
C PHE A 352 -1.79 1.32 9.99
N ALA A 353 -2.07 2.21 9.04
CA ALA A 353 -2.29 3.65 9.34
C ALA A 353 -3.59 3.99 10.07
N GLU A 354 -4.51 3.05 10.16
CA GLU A 354 -5.75 3.30 10.88
C GLU A 354 -5.58 2.84 12.34
N THR A 355 -4.45 2.17 12.64
CA THR A 355 -4.19 1.65 13.99
C THR A 355 -3.04 2.37 14.72
N ILE A 356 -2.07 2.91 13.97
CA ILE A 356 -0.99 3.71 14.54
C ILE A 356 -0.70 4.81 13.52
N PRO A 357 -0.06 5.91 13.97
CA PRO A 357 0.26 7.01 13.06
C PRO A 357 1.01 6.44 11.87
N GLY A 358 0.49 6.63 10.66
CA GLY A 358 1.15 6.09 9.49
C GLY A 358 1.49 7.15 8.45
N HIS A 359 2.43 6.84 7.57
CA HIS A 359 2.80 7.76 6.52
C HIS A 359 3.22 6.97 5.27
N PHE A 360 2.49 7.22 4.18
CA PHE A 360 2.72 6.53 2.93
C PHE A 360 3.12 7.58 1.89
N SER A 361 4.23 7.36 1.21
CA SER A 361 4.72 8.33 0.23
C SER A 361 4.96 7.71 -1.14
N LEU A 362 5.01 8.57 -2.15
CA LEU A 362 5.27 8.17 -3.53
C LEU A 362 6.62 8.76 -3.92
N LEU A 363 7.54 7.89 -4.36
CA LEU A 363 8.86 8.31 -4.80
C LEU A 363 8.82 8.07 -6.33
N GLY A 364 8.99 9.16 -7.09
CA GLY A 364 8.88 9.05 -8.54
C GLY A 364 10.01 8.41 -9.30
N MET A 365 9.68 7.88 -10.48
CA MET A 365 10.65 7.26 -11.37
C MET A 365 10.49 7.78 -12.80
N GLN A 366 9.44 8.56 -13.04
CA GLN A 366 9.13 9.02 -14.39
C GLN A 366 10.18 9.93 -15.02
N ASP A 367 10.42 9.76 -16.32
CA ASP A 367 11.39 10.59 -17.02
C ASP A 367 10.69 11.75 -17.71
N GLU A 368 11.42 12.54 -18.48
CA GLU A 368 10.84 13.71 -19.12
C GLU A 368 9.86 13.47 -20.28
N THR A 369 9.72 12.23 -20.74
CA THR A 369 8.81 11.97 -21.85
C THR A 369 7.80 10.86 -21.58
N ASN A 370 7.53 10.62 -20.29
CA ASN A 370 6.57 9.60 -19.89
C ASN A 370 6.89 8.22 -20.42
N GLY A 371 8.17 7.86 -20.45
CA GLY A 371 8.55 6.55 -20.95
C GLY A 371 8.34 5.37 -20.01
N TYR A 372 8.19 5.61 -18.72
CA TYR A 372 7.99 4.52 -17.78
C TYR A 372 6.52 4.15 -17.67
N ALA A 373 6.25 2.88 -17.90
CA ALA A 373 4.89 2.35 -17.87
C ALA A 373 4.26 2.44 -16.50
N SER A 374 2.96 2.64 -16.48
CA SER A 374 2.20 2.74 -15.24
C SER A 374 2.31 1.43 -14.46
N SER A 375 2.02 1.47 -13.16
CA SER A 375 2.05 0.25 -12.36
C SER A 375 0.98 -0.66 -12.97
N HIS A 376 1.12 -1.96 -12.77
CA HIS A 376 0.22 -2.95 -13.33
C HIS A 376 0.40 -3.15 -14.84
N SER A 377 1.27 -2.37 -15.47
CA SER A 377 1.50 -2.53 -16.91
C SER A 377 2.52 -3.65 -17.19
N PRO A 378 2.29 -4.45 -18.25
CA PRO A 378 3.26 -5.51 -18.56
C PRO A 378 4.61 -4.89 -18.93
N LEU A 379 4.62 -3.59 -19.23
CA LEU A 379 5.85 -2.85 -19.61
C LEU A 379 6.47 -2.05 -18.47
N TYR A 380 5.89 -2.15 -17.30
CA TYR A 380 6.36 -1.46 -16.11
C TYR A 380 7.84 -1.74 -15.85
N ARG A 381 8.61 -0.69 -15.60
CA ARG A 381 10.03 -0.79 -15.33
C ARG A 381 10.33 0.05 -14.09
N ILE A 382 11.46 -0.27 -13.47
CA ILE A 382 11.93 0.50 -12.34
C ILE A 382 13.21 1.17 -12.85
N ASN A 383 13.35 2.47 -12.63
CA ASN A 383 14.61 3.13 -13.00
C ASN A 383 15.46 2.77 -11.78
N GLU A 384 16.38 1.81 -11.93
CA GLU A 384 17.18 1.35 -10.80
C GLU A 384 17.99 2.40 -10.06
N ASP A 385 18.25 3.53 -10.72
CA ASP A 385 18.98 4.61 -10.05
C ASP A 385 18.15 5.23 -8.91
N VAL A 386 16.85 4.95 -8.87
CA VAL A 386 15.99 5.49 -7.81
C VAL A 386 16.17 4.71 -6.50
N LEU A 387 16.75 3.52 -6.57
CA LEU A 387 16.87 2.68 -5.38
C LEU A 387 17.64 3.31 -4.22
N PRO A 388 18.78 3.99 -4.50
CA PRO A 388 19.53 4.61 -3.41
C PRO A 388 18.70 5.69 -2.69
N TYR A 389 17.91 6.45 -3.46
CA TYR A 389 17.08 7.52 -2.89
C TYR A 389 16.00 6.94 -1.99
N GLY A 390 15.53 5.73 -2.32
CA GLY A 390 14.50 5.09 -1.50
C GLY A 390 15.09 4.62 -0.18
N ALA A 391 16.23 3.93 -0.24
CA ALA A 391 16.93 3.44 0.95
C ALA A 391 17.33 4.60 1.87
N ALA A 392 17.81 5.70 1.28
CA ALA A 392 18.23 6.86 2.07
C ALA A 392 17.05 7.56 2.74
N ILE A 393 15.92 7.66 2.04
CA ILE A 393 14.75 8.32 2.64
C ILE A 393 14.27 7.50 3.85
N HIS A 394 14.16 6.20 3.68
CA HIS A 394 13.75 5.29 4.76
C HIS A 394 14.64 5.51 5.98
N ALA A 395 15.95 5.45 5.75
CA ALA A 395 16.95 5.59 6.81
C ALA A 395 16.87 6.96 7.49
N SER A 396 16.94 8.01 6.68
CA SER A 396 16.90 9.34 7.24
C SER A 396 15.61 9.62 8.02
N MET A 397 14.51 9.04 7.56
CA MET A 397 13.22 9.24 8.24
C MET A 397 13.20 8.55 9.61
N ALA A 398 13.68 7.31 9.67
CA ALA A 398 13.68 6.59 10.95
C ALA A 398 14.58 7.28 11.97
N VAL A 399 15.70 7.81 11.49
CA VAL A 399 16.67 8.50 12.35
C VAL A 399 16.08 9.78 12.91
N GLN A 400 15.48 10.59 12.04
CA GLN A 400 14.89 11.84 12.49
C GLN A 400 13.66 11.65 13.38
N TYR A 401 12.86 10.62 13.12
CA TYR A 401 11.69 10.36 13.95
C TYR A 401 12.12 10.08 15.41
N LEU A 402 13.14 9.22 15.55
CA LEU A 402 13.66 8.86 16.88
C LEU A 402 14.31 10.09 17.53
N LYS A 403 15.09 10.82 16.75
CA LYS A 403 15.74 12.02 17.25
C LYS A 403 14.68 12.99 17.79
N GLU A 404 13.62 13.21 17.00
CA GLU A 404 12.55 14.11 17.40
C GLU A 404 11.75 13.55 18.57
N LYS A 405 11.53 12.24 18.57
CA LYS A 405 10.79 11.59 19.64
C LYS A 405 11.49 11.96 20.95
N ALA A 406 12.81 12.00 20.92
CA ALA A 406 13.57 12.36 22.09
C ALA A 406 13.29 13.84 22.40
N SER A 407 12.29 14.08 23.25
CA SER A 407 11.91 15.44 23.64
C SER A 407 10.95 15.37 24.82
N LYS A 16 24.90 12.28 4.57
CA LYS A 16 25.97 11.31 4.19
C LYS A 16 25.39 9.96 3.75
N LEU A 17 24.25 9.58 4.33
CA LEU A 17 23.60 8.31 4.01
C LEU A 17 23.30 8.23 2.52
N LEU A 18 22.97 9.36 1.91
CA LEU A 18 22.67 9.38 0.49
C LEU A 18 23.91 8.98 -0.29
N GLU A 19 25.05 9.51 0.13
CA GLU A 19 26.31 9.20 -0.54
C GLU A 19 26.62 7.72 -0.37
N PHE A 20 26.39 7.21 0.84
CA PHE A 20 26.62 5.81 1.12
C PHE A 20 25.60 4.95 0.35
N ALA A 21 24.34 5.37 0.32
CA ALA A 21 23.29 4.65 -0.40
C ALA A 21 23.65 4.53 -1.89
N LYS A 22 24.34 5.55 -2.41
CA LYS A 22 24.72 5.57 -3.83
C LYS A 22 26.04 4.85 -4.11
N SER A 23 26.85 4.63 -3.07
CA SER A 23 28.15 3.97 -3.25
C SER A 23 27.97 2.64 -3.98
N PRO A 24 28.91 2.30 -4.89
CA PRO A 24 28.88 1.05 -5.66
C PRO A 24 28.68 -0.16 -4.75
N GLU A 25 29.24 -0.07 -3.55
CA GLU A 25 29.11 -1.15 -2.58
C GLU A 25 27.64 -1.47 -2.36
N VAL A 26 26.91 -0.51 -1.78
CA VAL A 26 25.50 -0.69 -1.48
C VAL A 26 24.60 -0.71 -2.72
N PHE A 27 24.85 0.16 -3.69
CA PHE A 27 24.00 0.21 -4.89
C PHE A 27 24.02 -1.08 -5.68
N ASP A 28 25.22 -1.60 -5.95
CA ASP A 28 25.35 -2.84 -6.70
C ASP A 28 24.68 -3.99 -5.98
N TRP A 29 24.85 -4.02 -4.67
CA TRP A 29 24.25 -5.03 -3.80
C TRP A 29 22.71 -4.95 -3.93
N MET A 30 22.15 -3.75 -3.82
CA MET A 30 20.69 -3.58 -3.96
C MET A 30 20.21 -4.00 -5.35
N VAL A 31 20.90 -3.53 -6.38
CA VAL A 31 20.49 -3.87 -7.73
C VAL A 31 20.47 -5.38 -7.98
N LYS A 32 21.45 -6.10 -7.42
CA LYS A 32 21.47 -7.53 -7.58
C LYS A 32 20.34 -8.19 -6.80
N ILE A 33 20.01 -7.64 -5.65
CA ILE A 33 18.91 -8.19 -4.86
C ILE A 33 17.60 -7.96 -5.61
N ARG A 34 17.39 -6.74 -6.06
CA ARG A 34 16.18 -6.41 -6.81
C ARG A 34 15.96 -7.31 -8.01
N ARG A 35 17.03 -7.56 -8.77
CA ARG A 35 16.91 -8.38 -9.98
C ARG A 35 16.58 -9.83 -9.71
N LYS A 36 17.13 -10.37 -8.63
CA LYS A 36 16.86 -11.77 -8.28
C LYS A 36 15.37 -11.93 -7.96
N ILE A 37 14.81 -10.94 -7.27
CA ILE A 37 13.40 -11.01 -6.94
C ILE A 37 12.58 -10.77 -8.21
N HIS A 38 13.04 -9.82 -9.04
CA HIS A 38 12.34 -9.50 -10.28
C HIS A 38 12.26 -10.72 -11.21
N GLU A 39 13.32 -11.53 -11.23
CA GLU A 39 13.37 -12.74 -12.07
C GLU A 39 12.51 -13.86 -11.51
N ASN A 40 12.24 -13.82 -10.21
CA ASN A 40 11.42 -14.87 -9.61
C ASN A 40 10.26 -14.30 -8.82
N PRO A 41 9.30 -13.66 -9.52
CA PRO A 41 8.14 -13.08 -8.83
C PRO A 41 7.21 -14.15 -8.24
N GLU A 42 6.69 -13.87 -7.04
CA GLU A 42 5.80 -14.82 -6.37
C GLU A 42 4.56 -14.08 -5.91
N LEU A 43 3.43 -14.79 -5.88
CA LEU A 43 2.16 -14.18 -5.50
C LEU A 43 1.88 -14.19 -4.00
N GLY A 44 0.80 -13.50 -3.61
CA GLY A 44 0.42 -13.39 -2.21
C GLY A 44 0.42 -14.66 -1.41
N TYR A 45 1.18 -14.65 -0.31
CA TYR A 45 1.32 -15.78 0.60
C TYR A 45 2.14 -16.94 0.04
N GLU A 46 2.70 -16.76 -1.16
CA GLU A 46 3.51 -17.79 -1.81
C GLU A 46 4.93 -17.27 -2.06
N GLU A 47 5.27 -16.16 -1.41
CA GLU A 47 6.59 -15.54 -1.58
C GLU A 47 7.66 -16.30 -0.79
N LEU A 48 7.75 -17.60 -1.05
CA LEU A 48 8.70 -18.46 -0.34
C LEU A 48 10.16 -18.10 -0.64
N GLU A 49 10.47 -17.97 -1.92
CA GLU A 49 11.83 -17.65 -2.30
C GLU A 49 12.20 -16.27 -1.84
N THR A 50 11.30 -15.30 -2.06
CA THR A 50 11.56 -13.92 -1.66
C THR A 50 11.71 -13.88 -0.14
N SER A 51 10.80 -14.56 0.57
CA SER A 51 10.86 -14.63 2.02
C SER A 51 12.24 -15.20 2.43
N LYS A 52 12.68 -16.24 1.74
CA LYS A 52 14.01 -16.81 2.05
C LYS A 52 15.12 -15.82 1.69
N LEU A 53 15.02 -15.17 0.54
CA LEU A 53 16.06 -14.20 0.17
C LEU A 53 16.15 -13.09 1.21
N ILE A 54 15.00 -12.68 1.73
CA ILE A 54 14.95 -11.64 2.74
C ILE A 54 15.67 -12.06 4.02
N ARG A 55 15.29 -13.19 4.59
CA ARG A 55 15.94 -13.63 5.82
C ARG A 55 17.46 -13.78 5.60
N SER A 56 17.88 -14.33 4.46
CA SER A 56 19.31 -14.51 4.17
C SER A 56 20.05 -13.20 4.33
N GLU A 57 19.55 -12.15 3.68
CA GLU A 57 20.23 -10.87 3.75
C GLU A 57 20.21 -10.31 5.16
N LEU A 58 19.08 -10.42 5.84
CA LEU A 58 19.01 -9.92 7.22
C LEU A 58 20.07 -10.65 8.04
N GLU A 59 20.13 -11.96 7.89
CA GLU A 59 21.12 -12.75 8.61
C GLU A 59 22.52 -12.27 8.25
N LEU A 60 22.80 -12.16 6.97
CA LEU A 60 24.13 -11.72 6.56
C LEU A 60 24.43 -10.37 7.20
N ILE A 61 23.48 -9.43 7.10
CA ILE A 61 23.67 -8.11 7.67
C ILE A 61 23.85 -8.15 9.20
N GLY A 62 23.07 -8.98 9.89
CA GLY A 62 23.15 -9.07 11.33
C GLY A 62 21.92 -8.42 11.91
N ILE A 63 20.77 -8.97 11.55
CA ILE A 63 19.49 -8.42 11.96
C ILE A 63 18.57 -9.56 12.41
N LYS A 64 18.30 -9.62 13.71
CA LYS A 64 17.40 -10.63 14.26
C LYS A 64 16.02 -10.35 13.66
N TYR A 65 15.22 -11.40 13.52
CA TYR A 65 13.90 -11.21 12.96
C TYR A 65 12.91 -12.24 13.49
N ARG A 66 11.63 -11.93 13.27
CA ARG A 66 10.53 -12.79 13.66
C ARG A 66 9.95 -13.34 12.36
N TYR A 67 10.01 -14.65 12.22
CA TYR A 67 9.50 -15.34 11.05
C TYR A 67 8.94 -16.66 11.55
N PRO A 68 7.78 -17.08 11.04
CA PRO A 68 6.90 -16.46 10.05
C PRO A 68 5.78 -15.57 10.58
N VAL A 69 5.54 -14.46 9.88
CA VAL A 69 4.44 -13.57 10.23
C VAL A 69 3.56 -13.54 8.97
N ALA A 70 2.30 -13.91 9.12
CA ALA A 70 1.39 -13.97 7.97
C ALA A 70 1.99 -14.92 6.91
N ILE A 71 2.47 -16.06 7.40
CA ILE A 71 3.03 -17.15 6.60
C ILE A 71 4.42 -16.92 6.03
N THR A 72 4.55 -16.02 5.07
CA THR A 72 5.84 -15.77 4.44
C THR A 72 6.48 -14.51 4.94
N GLY A 73 5.72 -13.73 5.70
CA GLY A 73 6.21 -12.48 6.22
C GLY A 73 7.37 -12.58 7.18
N VAL A 74 8.09 -11.48 7.31
CA VAL A 74 9.25 -11.42 8.19
C VAL A 74 9.32 -10.03 8.79
N ILE A 75 9.74 -9.95 10.05
CA ILE A 75 9.91 -8.66 10.70
C ILE A 75 11.29 -8.61 11.33
N GLY A 76 12.11 -7.67 10.87
CA GLY A 76 13.46 -7.51 11.40
C GLY A 76 13.52 -6.38 12.41
N TYR A 77 14.60 -6.33 13.19
CA TYR A 77 14.80 -5.32 14.23
C TYR A 77 16.22 -4.82 14.22
N ILE A 78 16.42 -3.51 14.38
CA ILE A 78 17.77 -2.92 14.44
C ILE A 78 17.65 -1.72 15.36
N GLY A 79 18.46 -1.68 16.42
CA GLY A 79 18.39 -0.55 17.34
C GLY A 79 18.70 -0.89 18.79
N THR A 80 18.39 0.03 19.70
CA THR A 80 18.66 -0.20 21.10
C THR A 80 17.98 -1.48 21.58
N GLY A 81 16.92 -1.87 20.90
CA GLY A 81 16.18 -3.05 21.31
C GLY A 81 15.04 -2.60 22.22
N GLU A 82 15.09 -1.33 22.62
CA GLU A 82 14.04 -0.77 23.50
C GLU A 82 13.25 0.34 22.79
N PRO A 83 12.12 0.75 23.37
CA PRO A 83 11.33 1.81 22.74
C PRO A 83 12.13 3.11 22.75
N PRO A 84 11.74 4.09 21.91
CA PRO A 84 10.61 4.01 20.98
C PRO A 84 10.84 3.12 19.78
N PHE A 85 9.75 2.53 19.28
CA PHE A 85 9.79 1.66 18.13
C PHE A 85 9.15 2.40 16.95
N VAL A 86 9.88 2.47 15.84
CA VAL A 86 9.35 3.10 14.64
C VAL A 86 9.49 2.06 13.51
N ALA A 87 8.47 1.96 12.66
CA ALA A 87 8.50 0.95 11.61
C ALA A 87 8.66 1.50 10.19
N LEU A 88 9.25 0.66 9.33
CA LEU A 88 9.47 0.94 7.91
C LEU A 88 8.86 -0.29 7.22
N ARG A 89 8.07 -0.07 6.18
CA ARG A 89 7.34 -1.15 5.53
C ARG A 89 7.54 -1.27 4.03
N ALA A 90 7.63 -2.51 3.55
CA ALA A 90 7.75 -2.81 2.11
C ALA A 90 6.70 -3.90 1.82
N ASP A 91 6.48 -4.17 0.53
CA ASP A 91 5.54 -5.23 0.11
C ASP A 91 6.45 -6.33 -0.40
N MET A 92 5.90 -7.46 -0.82
CA MET A 92 6.75 -8.55 -1.32
C MET A 92 6.20 -9.35 -2.50
N ASP A 93 4.89 -9.31 -2.70
CA ASP A 93 4.27 -10.11 -3.75
C ASP A 93 4.16 -9.45 -5.12
N ALA A 94 4.15 -10.31 -6.14
CA ALA A 94 4.05 -9.91 -7.54
C ALA A 94 2.60 -10.03 -8.02
N LEU A 95 2.41 -9.78 -9.31
CA LEU A 95 1.09 -9.85 -9.94
C LEU A 95 1.04 -11.00 -10.96
N PRO A 96 -0.16 -11.55 -11.21
CA PRO A 96 -0.31 -12.65 -12.17
C PRO A 96 -0.44 -12.12 -13.61
N ILE A 97 0.60 -11.45 -14.07
CA ILE A 97 0.64 -10.87 -15.40
C ILE A 97 1.97 -11.28 -16.08
N GLN A 98 1.92 -11.54 -17.39
CA GLN A 98 3.14 -11.90 -18.15
C GLN A 98 3.91 -10.62 -18.43
N GLU A 99 5.20 -10.62 -18.11
CA GLU A 99 6.07 -9.48 -18.34
C GLU A 99 6.28 -9.28 -19.85
N GLY A 100 6.07 -8.05 -20.31
CA GLY A 100 6.24 -7.75 -21.73
C GLY A 100 7.60 -7.12 -22.01
N VAL A 101 8.33 -6.76 -20.96
CA VAL A 101 9.64 -6.14 -21.10
C VAL A 101 10.66 -7.22 -21.46
N GLU A 102 11.45 -6.97 -22.50
CA GLU A 102 12.49 -7.92 -22.89
C GLU A 102 13.84 -7.37 -22.43
N TRP A 103 14.44 -8.02 -21.44
CA TRP A 103 15.75 -7.58 -20.93
C TRP A 103 16.39 -8.72 -20.19
N GLU A 104 17.65 -8.53 -19.80
CA GLU A 104 18.42 -9.56 -19.13
C GLU A 104 17.83 -10.07 -17.82
N HIS A 105 16.99 -9.27 -17.17
CA HIS A 105 16.42 -9.68 -15.89
C HIS A 105 14.91 -9.83 -15.86
N LYS A 106 14.33 -9.96 -17.05
CA LYS A 106 12.88 -10.17 -17.15
C LYS A 106 12.63 -11.37 -16.26
N SER A 107 11.47 -11.46 -15.62
CA SER A 107 11.22 -12.62 -14.79
C SER A 107 11.45 -13.91 -15.59
N LYS A 108 11.76 -14.99 -14.88
CA LYS A 108 11.97 -16.28 -15.51
C LYS A 108 10.80 -17.19 -15.15
N ILE A 109 9.75 -16.60 -14.61
CA ILE A 109 8.54 -17.33 -14.22
C ILE A 109 7.40 -16.84 -15.12
N ALA A 110 7.22 -17.52 -16.24
CA ALA A 110 6.18 -17.11 -17.19
C ALA A 110 4.87 -16.83 -16.45
N GLY A 111 4.15 -15.80 -16.90
CA GLY A 111 2.87 -15.47 -16.29
C GLY A 111 2.89 -14.75 -14.95
N LYS A 112 4.06 -14.35 -14.46
CA LYS A 112 4.14 -13.62 -13.21
C LYS A 112 5.09 -12.46 -13.41
N MET A 113 4.77 -11.34 -12.77
CA MET A 113 5.57 -10.15 -12.90
C MET A 113 5.41 -9.17 -11.75
N HIS A 114 6.52 -8.55 -11.36
CA HIS A 114 6.49 -7.51 -10.33
C HIS A 114 6.14 -6.23 -11.08
N ALA A 115 4.86 -6.09 -11.41
CA ALA A 115 4.35 -4.93 -12.15
C ALA A 115 4.03 -3.69 -11.31
N CYS A 116 4.21 -3.76 -9.98
CA CYS A 116 3.93 -2.59 -9.13
C CYS A 116 5.21 -2.29 -8.35
N GLY A 117 6.27 -3.03 -8.71
CA GLY A 117 7.57 -2.85 -8.10
C GLY A 117 7.82 -3.37 -6.70
N HIS A 118 7.07 -4.36 -6.24
CA HIS A 118 7.28 -4.85 -4.89
C HIS A 118 8.68 -5.44 -4.73
N ASP A 119 9.29 -5.82 -5.85
CA ASP A 119 10.67 -6.31 -5.83
C ASP A 119 11.55 -5.11 -5.44
N GLY A 120 11.24 -3.94 -6.01
CA GLY A 120 12.00 -2.74 -5.70
C GLY A 120 11.80 -2.36 -4.23
N HIS A 121 10.57 -2.48 -3.73
CA HIS A 121 10.28 -2.15 -2.33
C HIS A 121 11.04 -3.06 -1.37
N VAL A 122 11.10 -4.34 -1.68
CA VAL A 122 11.82 -5.26 -0.81
C VAL A 122 13.29 -4.90 -0.72
N THR A 123 13.94 -4.83 -1.88
CA THR A 123 15.36 -4.55 -1.91
C THR A 123 15.68 -3.24 -1.23
N MET A 124 14.85 -2.24 -1.49
CA MET A 124 15.12 -0.94 -0.89
C MET A 124 15.14 -1.00 0.63
N LEU A 125 14.10 -1.60 1.22
CA LEU A 125 14.04 -1.70 2.67
C LEU A 125 15.34 -2.36 3.18
N LEU A 126 15.92 -3.25 2.39
CA LEU A 126 17.19 -3.89 2.76
C LEU A 126 18.31 -2.86 2.62
N GLY A 127 18.20 -1.96 1.65
CA GLY A 127 19.21 -0.92 1.47
C GLY A 127 19.26 -0.04 2.71
N ALA A 128 18.07 0.28 3.24
CA ALA A 128 17.95 1.08 4.44
C ALA A 128 18.47 0.27 5.63
N ALA A 129 18.03 -0.99 5.73
CA ALA A 129 18.46 -1.90 6.78
C ALA A 129 19.98 -1.93 6.87
N LYS A 130 20.65 -1.99 5.73
CA LYS A 130 22.11 -2.00 5.75
C LYS A 130 22.62 -0.66 6.26
N ILE A 131 22.12 0.43 5.70
CA ILE A 131 22.54 1.78 6.13
C ILE A 131 22.23 2.04 7.60
N LEU A 132 21.13 1.46 8.09
CA LEU A 132 20.74 1.63 9.49
C LEU A 132 21.60 0.74 10.38
N HIS A 133 21.96 -0.43 9.88
CA HIS A 133 22.77 -1.32 10.67
C HIS A 133 24.17 -0.72 10.84
N GLU A 134 24.61 0.08 9.87
CA GLU A 134 25.93 0.70 9.95
C GLU A 134 25.96 1.75 11.07
N HIS A 135 24.85 2.41 11.34
CA HIS A 135 24.84 3.41 12.42
C HIS A 135 23.96 3.01 13.60
N ARG A 136 23.83 1.71 13.84
CA ARG A 136 22.94 1.19 14.87
C ARG A 136 23.10 1.64 16.33
N HIS A 137 24.33 1.90 16.77
CA HIS A 137 24.52 2.31 18.15
C HIS A 137 24.12 3.76 18.39
N HIS A 138 23.78 4.46 17.33
CA HIS A 138 23.38 5.87 17.42
C HIS A 138 21.86 6.04 17.42
N LEU A 139 21.14 4.97 17.09
CA LEU A 139 19.68 5.00 17.05
C LEU A 139 19.12 5.14 18.45
N GLN A 140 18.29 6.17 18.66
CA GLN A 140 17.70 6.41 19.97
C GLN A 140 16.38 5.66 20.08
N GLY A 141 16.48 4.34 19.92
CA GLY A 141 15.32 3.49 19.98
C GLY A 141 15.55 2.28 19.07
N THR A 142 14.46 1.77 18.48
CA THR A 142 14.51 0.60 17.62
C THR A 142 13.69 0.77 16.33
N VAL A 143 14.28 0.43 15.19
CA VAL A 143 13.60 0.52 13.92
C VAL A 143 13.08 -0.89 13.64
N VAL A 144 11.80 -0.99 13.32
CA VAL A 144 11.17 -2.28 13.03
C VAL A 144 10.96 -2.33 11.51
N LEU A 145 11.54 -3.35 10.86
CA LEU A 145 11.47 -3.51 9.40
C LEU A 145 10.41 -4.52 9.07
N ILE A 146 9.31 -4.05 8.50
CA ILE A 146 8.20 -4.93 8.17
C ILE A 146 8.20 -5.34 6.69
N PHE A 147 8.47 -6.64 6.46
CA PHE A 147 8.45 -7.21 5.13
C PHE A 147 7.10 -7.90 5.06
N GLN A 148 6.17 -7.21 4.40
CA GLN A 148 4.77 -7.63 4.28
C GLN A 148 4.37 -8.43 3.06
N PRO A 149 3.76 -9.59 3.29
CA PRO A 149 3.32 -10.43 2.19
C PRO A 149 1.93 -10.00 1.71
N ALA A 150 1.55 -10.53 0.56
CA ALA A 150 0.19 -10.38 0.03
C ALA A 150 -0.50 -9.03 0.09
N GLU A 151 0.18 -8.00 -0.40
CA GLU A 151 -0.42 -6.69 -0.44
C GLU A 151 -1.50 -6.67 -1.53
N GLU A 152 -1.24 -7.29 -2.68
CA GLU A 152 -2.19 -7.23 -3.79
C GLU A 152 -3.61 -7.69 -3.48
N GLY A 153 -3.73 -8.76 -2.72
CA GLY A 153 -5.05 -9.24 -2.35
C GLY A 153 -5.59 -8.49 -1.14
N LEU A 154 -4.94 -7.39 -0.79
CA LEU A 154 -5.35 -6.52 0.32
C LEU A 154 -5.59 -7.19 1.66
N SER A 155 -4.96 -8.34 1.90
CA SER A 155 -5.17 -9.02 3.16
C SER A 155 -3.90 -9.18 4.00
N GLY A 156 -2.73 -8.91 3.40
CA GLY A 156 -1.49 -9.10 4.12
C GLY A 156 -1.21 -8.19 5.31
N ALA A 157 -1.44 -6.90 5.14
CA ALA A 157 -1.21 -5.95 6.22
C ALA A 157 -2.15 -6.28 7.39
N LYS A 158 -3.43 -6.50 7.09
CA LYS A 158 -4.39 -6.83 8.15
C LYS A 158 -4.01 -8.17 8.79
N LYS A 159 -3.55 -9.11 7.97
CA LYS A 159 -3.16 -10.41 8.52
C LYS A 159 -1.97 -10.23 9.49
N MET A 160 -0.99 -9.42 9.10
CA MET A 160 0.16 -9.20 9.98
C MET A 160 -0.30 -8.48 11.26
N ARG A 161 -1.14 -7.47 11.09
CA ARG A 161 -1.67 -6.70 12.22
C ARG A 161 -2.35 -7.63 13.21
N GLU A 162 -3.08 -8.62 12.69
CA GLU A 162 -3.77 -9.60 13.52
C GLU A 162 -2.76 -10.40 14.35
N GLU A 163 -1.54 -10.54 13.81
CA GLU A 163 -0.52 -11.30 14.50
C GLU A 163 0.41 -10.48 15.39
N GLY A 164 0.00 -9.24 15.67
CA GLY A 164 0.76 -8.39 16.56
C GLY A 164 1.92 -7.59 16.01
N ALA A 165 2.01 -7.48 14.70
CA ALA A 165 3.12 -6.73 14.09
C ALA A 165 3.10 -5.27 14.53
N LEU A 166 1.94 -4.77 14.96
CA LEU A 166 1.83 -3.38 15.36
C LEU A 166 1.88 -3.08 16.85
N LYS A 167 2.19 -4.08 17.67
CA LYS A 167 2.23 -3.85 19.12
C LYS A 167 3.34 -2.89 19.56
N ASN A 168 2.95 -1.81 20.23
CA ASN A 168 3.89 -0.81 20.75
C ASN A 168 4.76 -0.09 19.70
N VAL A 169 4.14 0.31 18.60
CA VAL A 169 4.84 1.04 17.53
C VAL A 169 4.40 2.51 17.59
N GLU A 170 5.36 3.42 17.61
CA GLU A 170 5.02 4.84 17.68
C GLU A 170 4.60 5.40 16.30
N ALA A 171 5.06 4.75 15.23
CA ALA A 171 4.74 5.23 13.88
C ALA A 171 5.19 4.22 12.83
N ILE A 172 4.68 4.39 11.61
CA ILE A 172 5.08 3.51 10.52
C ILE A 172 5.13 4.31 9.21
N PHE A 173 6.19 4.07 8.44
CA PHE A 173 6.40 4.75 7.14
C PHE A 173 6.51 3.74 6.01
N GLY A 174 5.88 4.05 4.89
CA GLY A 174 5.96 3.17 3.73
C GLY A 174 6.27 3.98 2.48
N ILE A 175 6.95 3.35 1.52
CA ILE A 175 7.30 3.98 0.26
C ILE A 175 6.80 3.13 -0.91
N HIS A 176 6.21 3.78 -1.90
CA HIS A 176 5.73 3.07 -3.08
C HIS A 176 6.31 3.77 -4.33
N LEU A 177 7.05 3.03 -5.16
CA LEU A 177 7.60 3.61 -6.39
C LEU A 177 6.44 4.01 -7.28
N SER A 178 6.56 5.15 -7.95
CA SER A 178 5.48 5.59 -8.80
C SER A 178 5.90 6.24 -10.09
N ALA A 179 5.43 5.67 -11.21
CA ALA A 179 5.73 6.24 -12.51
C ALA A 179 4.73 7.36 -12.81
N ARG A 180 4.34 8.11 -11.78
CA ARG A 180 3.43 9.25 -11.94
C ARG A 180 4.20 10.54 -11.57
N ILE A 181 5.06 10.41 -10.57
CA ILE A 181 5.87 11.52 -10.05
C ILE A 181 7.23 11.51 -10.78
N PRO A 182 7.85 12.68 -10.99
CA PRO A 182 9.14 12.70 -11.68
C PRO A 182 10.21 11.94 -10.90
N PHE A 183 11.19 11.40 -11.62
CA PHE A 183 12.28 10.65 -11.03
C PHE A 183 12.92 11.33 -9.81
N GLY A 184 13.03 10.58 -8.71
CA GLY A 184 13.66 11.08 -7.50
C GLY A 184 12.90 12.04 -6.60
N LYS A 185 11.78 12.58 -7.06
CA LYS A 185 10.99 13.48 -6.23
C LYS A 185 10.19 12.65 -5.25
N ALA A 186 9.70 13.28 -4.18
CA ALA A 186 8.91 12.60 -3.16
C ALA A 186 7.48 13.17 -3.22
N ALA A 187 6.50 12.37 -2.85
CA ALA A 187 5.14 12.87 -2.92
C ALA A 187 4.24 12.31 -1.84
N SER A 188 3.65 13.20 -1.05
CA SER A 188 2.71 12.82 0.00
C SER A 188 1.91 14.07 0.31
N ARG A 189 0.98 13.95 1.25
CA ARG A 189 0.17 15.07 1.67
C ARG A 189 -0.27 14.70 3.10
N ALA A 190 -0.96 15.61 3.76
CA ALA A 190 -1.46 15.36 5.11
C ALA A 190 -2.89 14.83 5.08
N GLY A 191 -3.19 13.88 5.96
CA GLY A 191 -4.53 13.35 6.06
C GLY A 191 -4.98 12.40 4.98
N SER A 192 -6.23 12.55 4.58
CA SER A 192 -6.84 11.71 3.57
C SER A 192 -5.96 11.72 2.30
N PHE A 193 -5.49 10.54 1.89
CA PHE A 193 -4.60 10.46 0.74
C PHE A 193 -5.01 9.38 -0.27
N LEU A 194 -5.13 8.15 0.19
CA LEU A 194 -5.49 7.03 -0.69
C LEU A 194 -6.90 6.58 -0.39
N ALA A 195 -7.70 6.39 -1.44
CA ALA A 195 -9.08 5.98 -1.26
C ALA A 195 -9.29 4.62 -0.57
N GLY A 196 -10.33 4.58 0.28
CA GLY A 196 -10.67 3.34 0.95
C GLY A 196 -11.47 2.54 -0.07
N ALA A 197 -11.81 1.29 0.26
CA ALA A 197 -12.59 0.47 -0.66
C ALA A 197 -13.34 -0.63 0.06
N GLY A 198 -14.55 -0.91 -0.41
CA GLY A 198 -15.35 -1.93 0.20
C GLY A 198 -16.32 -2.52 -0.79
N VAL A 199 -17.04 -3.56 -0.37
CA VAL A 199 -18.03 -4.22 -1.22
C VAL A 199 -19.33 -4.39 -0.44
N PHE A 200 -20.43 -4.61 -1.16
CA PHE A 200 -21.72 -4.79 -0.51
C PHE A 200 -22.51 -5.85 -1.26
N GLU A 201 -23.44 -6.47 -0.56
CA GLU A 201 -24.28 -7.48 -1.18
C GLU A 201 -25.68 -7.33 -0.62
N ALA A 202 -26.68 -7.36 -1.49
CA ALA A 202 -28.06 -7.22 -1.03
C ALA A 202 -28.98 -8.24 -1.70
N VAL A 203 -29.92 -8.78 -0.92
CA VAL A 203 -30.87 -9.74 -1.47
C VAL A 203 -32.25 -9.09 -1.42
N ILE A 204 -32.90 -9.02 -2.58
CA ILE A 204 -34.21 -8.40 -2.67
C ILE A 204 -35.26 -9.45 -3.08
N THR A 205 -36.33 -9.54 -2.31
CA THR A 205 -37.41 -10.49 -2.58
C THR A 205 -38.77 -9.85 -2.28
N GLY A 206 -39.81 -10.30 -2.99
CA GLY A 206 -41.14 -9.75 -2.76
C GLY A 206 -41.65 -10.01 -1.35
N LYS A 207 -42.57 -9.18 -0.89
CA LYS A 207 -43.13 -9.33 0.45
C LYS A 207 -44.39 -10.20 0.44
N THR A 217 -45.65 -9.87 -8.40
CA THR A 217 -44.62 -10.87 -8.65
C THR A 217 -43.39 -10.30 -9.36
N ILE A 218 -43.57 -9.19 -10.06
CA ILE A 218 -42.45 -8.56 -10.78
C ILE A 218 -41.77 -7.49 -9.95
N ASP A 219 -42.29 -7.25 -8.75
CA ASP A 219 -41.73 -6.23 -7.89
C ASP A 219 -40.24 -6.35 -7.59
N PRO A 220 -39.74 -7.58 -7.40
CA PRO A 220 -38.31 -7.71 -7.12
C PRO A 220 -37.49 -7.22 -8.32
N VAL A 221 -37.93 -7.56 -9.51
CA VAL A 221 -37.26 -7.15 -10.74
C VAL A 221 -37.28 -5.63 -10.91
N VAL A 222 -38.47 -5.05 -10.75
CA VAL A 222 -38.62 -3.60 -10.87
C VAL A 222 -37.77 -2.91 -9.81
N ALA A 223 -37.83 -3.43 -8.58
CA ALA A 223 -37.08 -2.89 -7.47
C ALA A 223 -35.57 -2.91 -7.76
N ALA A 224 -35.07 -4.02 -8.30
CA ALA A 224 -33.65 -4.15 -8.60
C ALA A 224 -33.18 -3.11 -9.61
N SER A 225 -33.88 -3.01 -10.75
CA SER A 225 -33.50 -2.05 -11.77
C SER A 225 -33.50 -0.63 -11.22
N SER A 226 -34.47 -0.33 -10.36
CA SER A 226 -34.58 0.97 -9.73
C SER A 226 -33.37 1.18 -8.81
N ILE A 227 -32.98 0.11 -8.11
CA ILE A 227 -31.85 0.15 -7.20
C ILE A 227 -30.56 0.38 -8.00
N VAL A 228 -30.41 -0.33 -9.10
CA VAL A 228 -29.23 -0.21 -9.93
C VAL A 228 -29.00 1.22 -10.42
N LEU A 229 -30.09 1.95 -10.65
CA LEU A 229 -29.98 3.33 -11.11
C LEU A 229 -29.87 4.32 -9.96
N SER A 230 -30.54 4.04 -8.85
CA SER A 230 -30.46 4.95 -7.70
C SER A 230 -29.08 4.88 -7.06
N LEU A 231 -28.41 3.74 -7.19
CA LEU A 231 -27.07 3.62 -6.63
C LEU A 231 -26.13 4.41 -7.52
N GLN A 232 -26.29 4.23 -8.83
CA GLN A 232 -25.45 4.95 -9.80
C GLN A 232 -25.65 6.46 -9.57
N GLN A 233 -26.74 6.80 -8.92
CA GLN A 233 -27.05 8.20 -8.63
C GLN A 233 -26.13 8.71 -7.50
N LEU A 234 -25.41 7.80 -6.84
CA LEU A 234 -24.52 8.20 -5.74
C LEU A 234 -23.09 8.52 -6.19
N VAL A 235 -22.77 8.28 -7.45
CA VAL A 235 -21.43 8.62 -7.91
C VAL A 235 -21.38 10.13 -8.02
N SER A 236 -20.33 10.71 -7.45
CA SER A 236 -20.13 12.14 -7.48
C SER A 236 -18.64 12.45 -7.47
N ARG A 237 -18.26 13.44 -8.29
CA ARG A 237 -16.86 13.86 -8.39
C ARG A 237 -16.78 15.33 -8.84
N GLU A 238 -16.87 16.25 -7.89
CA GLU A 238 -16.78 17.67 -8.22
C GLU A 238 -15.35 18.15 -8.35
N THR A 239 -15.12 19.37 -7.90
CA THR A 239 -13.81 20.00 -7.98
C THR A 239 -12.82 19.46 -6.95
N ASP A 240 -13.20 19.44 -5.68
CA ASP A 240 -12.29 18.91 -4.64
C ASP A 240 -12.14 17.40 -4.89
N PRO A 241 -10.96 16.97 -5.33
CA PRO A 241 -10.81 15.52 -5.58
C PRO A 241 -11.08 14.63 -4.36
N LEU A 242 -11.00 15.19 -3.16
CA LEU A 242 -11.27 14.41 -1.97
C LEU A 242 -12.76 14.09 -1.81
N ASP A 243 -13.62 14.79 -2.55
CA ASP A 243 -15.05 14.56 -2.47
C ASP A 243 -15.53 13.41 -3.36
N SER A 244 -14.65 12.87 -4.20
CA SER A 244 -15.07 11.79 -5.11
C SER A 244 -15.62 10.59 -4.37
N LYS A 245 -16.82 10.18 -4.76
CA LYS A 245 -17.45 9.01 -4.19
C LYS A 245 -18.00 8.22 -5.33
N VAL A 246 -17.74 6.90 -5.29
CA VAL A 246 -18.21 6.02 -6.34
C VAL A 246 -18.90 4.80 -5.73
N VAL A 247 -19.88 4.30 -6.47
CA VAL A 247 -20.61 3.11 -6.10
C VAL A 247 -20.75 2.36 -7.43
N THR A 248 -20.22 1.14 -7.45
CA THR A 248 -20.23 0.29 -8.62
C THR A 248 -21.08 -0.95 -8.38
N VAL A 249 -21.88 -1.30 -9.39
CA VAL A 249 -22.70 -2.49 -9.34
C VAL A 249 -22.05 -3.40 -10.37
N SER A 250 -21.43 -4.48 -9.89
CA SER A 250 -20.75 -5.40 -10.79
C SER A 250 -21.37 -6.79 -10.65
N LYS A 251 -22.53 -6.87 -10.00
CA LYS A 251 -23.19 -8.14 -9.81
C LYS A 251 -24.70 -8.01 -9.68
N VAL A 252 -25.41 -8.74 -10.54
CA VAL A 252 -26.87 -8.76 -10.54
C VAL A 252 -27.35 -10.08 -11.15
N ASN A 253 -27.97 -10.93 -10.35
CA ASN A 253 -28.47 -12.21 -10.85
C ASN A 253 -29.49 -12.87 -9.92
N PRO A 262 -36.18 -15.02 -11.32
CA PRO A 262 -37.14 -13.94 -11.05
C PRO A 262 -37.68 -13.98 -9.64
N ASP A 263 -37.38 -15.04 -8.89
CA ASP A 263 -37.85 -15.20 -7.52
C ASP A 263 -37.12 -14.24 -6.59
N SER A 264 -35.80 -14.33 -6.58
CA SER A 264 -34.99 -13.47 -5.72
C SER A 264 -33.92 -12.78 -6.54
N ILE A 265 -33.52 -11.60 -6.07
CA ILE A 265 -32.52 -10.82 -6.78
C ILE A 265 -31.43 -10.43 -5.79
N THR A 266 -30.20 -10.83 -6.10
CA THR A 266 -29.04 -10.53 -5.27
C THR A 266 -28.15 -9.52 -5.99
N ILE A 267 -28.01 -8.34 -5.39
CA ILE A 267 -27.19 -7.27 -5.94
C ILE A 267 -25.83 -7.20 -5.23
N GLY A 268 -24.82 -6.74 -5.93
CA GLY A 268 -23.49 -6.62 -5.35
C GLY A 268 -22.65 -5.63 -6.14
N GLY A 269 -21.54 -5.21 -5.55
CA GLY A 269 -20.67 -4.27 -6.22
C GLY A 269 -19.60 -3.72 -5.29
N THR A 270 -19.11 -2.53 -5.61
CA THR A 270 -18.07 -1.91 -4.81
C THR A 270 -18.32 -0.42 -4.60
N LEU A 271 -17.56 0.16 -3.69
CA LEU A 271 -17.68 1.57 -3.39
C LEU A 271 -16.33 2.10 -2.91
N ARG A 272 -16.07 3.36 -3.22
CA ARG A 272 -14.82 4.00 -2.82
C ARG A 272 -15.12 5.43 -2.43
N ALA A 273 -14.36 5.91 -1.45
CA ALA A 273 -14.49 7.29 -0.94
C ALA A 273 -13.22 7.62 -0.15
N PHE A 274 -12.79 8.88 -0.23
CA PHE A 274 -11.60 9.34 0.50
C PHE A 274 -12.00 9.86 1.87
N THR A 275 -13.24 10.34 1.96
CA THR A 275 -13.80 10.91 3.19
C THR A 275 -15.29 10.57 3.31
N GLY A 276 -15.82 10.53 4.54
CA GLY A 276 -17.22 10.20 4.72
C GLY A 276 -17.54 8.78 4.27
N PHE A 277 -16.55 7.91 4.38
CA PHE A 277 -16.78 6.52 3.95
C PHE A 277 -17.95 5.87 4.68
N THR A 278 -18.16 6.25 5.95
CA THR A 278 -19.26 5.71 6.78
C THR A 278 -20.61 6.18 6.23
N GLN A 279 -20.65 7.44 5.84
CA GLN A 279 -21.87 8.03 5.29
C GLN A 279 -22.23 7.34 3.97
N LEU A 280 -21.24 7.00 3.16
CA LEU A 280 -21.51 6.36 1.87
C LEU A 280 -22.16 5.01 2.14
N GLN A 281 -21.49 4.18 2.95
CA GLN A 281 -22.04 2.88 3.31
C GLN A 281 -23.45 3.07 3.84
N GLN A 282 -23.63 4.04 4.73
CA GLN A 282 -24.95 4.29 5.32
C GLN A 282 -25.93 4.79 4.25
N ARG A 283 -25.40 5.40 3.20
CA ARG A 283 -26.24 5.91 2.12
C ARG A 283 -26.64 4.76 1.17
N VAL A 284 -25.68 3.91 0.82
CA VAL A 284 -25.94 2.79 -0.07
C VAL A 284 -27.02 1.88 0.54
N LYS A 285 -26.86 1.53 1.82
CA LYS A 285 -27.84 0.69 2.50
C LYS A 285 -29.22 1.31 2.45
N GLU A 286 -29.30 2.62 2.69
CA GLU A 286 -30.57 3.33 2.65
C GLU A 286 -31.24 3.25 1.27
N VAL A 287 -30.45 3.44 0.21
CA VAL A 287 -30.98 3.39 -1.14
C VAL A 287 -31.59 2.01 -1.44
N ILE A 288 -30.88 0.96 -1.05
CA ILE A 288 -31.37 -0.39 -1.27
C ILE A 288 -32.60 -0.64 -0.40
N THR A 289 -32.50 -0.20 0.85
CA THR A 289 -33.57 -0.37 1.84
C THR A 289 -34.81 0.46 1.51
N LYS A 290 -34.65 1.75 1.28
CA LYS A 290 -35.79 2.59 0.99
C LYS A 290 -36.46 2.13 -0.30
N GLN A 291 -35.66 1.95 -1.35
CA GLN A 291 -36.18 1.52 -2.63
C GLN A 291 -36.98 0.23 -2.51
N ALA A 292 -36.43 -0.76 -1.80
CA ALA A 292 -37.13 -2.03 -1.64
C ALA A 292 -38.48 -1.79 -0.98
N ALA A 293 -38.48 -1.05 0.11
CA ALA A 293 -39.69 -0.74 0.85
C ALA A 293 -40.82 -0.19 -0.04
N VAL A 294 -40.47 0.68 -0.99
CA VAL A 294 -41.50 1.27 -1.85
C VAL A 294 -41.85 0.45 -3.08
N HIS A 295 -41.25 -0.73 -3.22
CA HIS A 295 -41.56 -1.60 -4.34
C HIS A 295 -42.18 -2.90 -3.81
N ARG A 296 -42.70 -2.85 -2.59
CA ARG A 296 -43.32 -4.01 -1.95
C ARG A 296 -42.35 -5.19 -1.91
N CYS A 297 -41.09 -4.88 -1.58
CA CYS A 297 -40.05 -5.88 -1.50
C CYS A 297 -39.25 -5.75 -0.22
N ASN A 298 -38.66 -6.87 0.21
CA ASN A 298 -37.82 -6.88 1.40
C ASN A 298 -36.39 -6.73 0.91
N ALA A 299 -35.54 -6.18 1.76
CA ALA A 299 -34.15 -5.99 1.42
C ALA A 299 -33.21 -6.53 2.49
N SER A 300 -32.28 -7.37 2.06
CA SER A 300 -31.29 -7.95 2.96
C SER A 300 -29.94 -7.39 2.52
N VAL A 301 -29.53 -6.30 3.16
CA VAL A 301 -28.26 -5.66 2.81
C VAL A 301 -27.17 -6.03 3.82
N ASN A 302 -26.01 -6.41 3.31
CA ASN A 302 -24.87 -6.76 4.14
C ASN A 302 -23.67 -5.89 3.73
N LEU A 303 -23.24 -5.01 4.63
CA LEU A 303 -22.11 -4.12 4.37
C LEU A 303 -20.80 -4.81 4.73
N THR A 304 -20.87 -6.11 4.95
CA THR A 304 -19.70 -6.93 5.28
C THR A 304 -20.01 -8.31 4.69
N PRO A 305 -20.45 -8.36 3.41
CA PRO A 305 -20.77 -9.64 2.79
C PRO A 305 -19.72 -10.71 3.05
N ASN A 306 -20.20 -11.89 3.43
CA ASN A 306 -19.33 -13.01 3.73
C ASN A 306 -18.19 -12.55 4.64
N GLY A 307 -18.55 -11.66 5.56
CA GLY A 307 -17.58 -11.14 6.50
C GLY A 307 -16.49 -10.29 5.89
N ARG A 308 -16.71 -9.77 4.68
CA ARG A 308 -15.70 -8.93 4.03
C ARG A 308 -15.78 -7.47 4.50
N GLU A 309 -15.10 -7.14 5.60
CA GLU A 309 -15.10 -5.77 6.13
C GLU A 309 -14.34 -4.84 5.18
N PRO A 310 -14.77 -3.59 5.05
CA PRO A 310 -14.05 -2.69 4.14
C PRO A 310 -12.70 -2.25 4.67
N MET A 311 -12.02 -1.43 3.88
CA MET A 311 -10.73 -0.87 4.24
C MET A 311 -10.87 0.64 4.11
N PRO A 312 -10.78 1.37 5.23
CA PRO A 312 -10.92 2.83 5.18
C PRO A 312 -9.82 3.51 4.35
N PRO A 313 -9.94 4.82 4.16
CA PRO A 313 -8.96 5.60 3.40
C PRO A 313 -7.58 5.51 4.09
N THR A 314 -6.51 5.73 3.33
CA THR A 314 -5.17 5.71 3.90
C THR A 314 -4.92 7.16 4.30
N VAL A 315 -4.73 7.38 5.61
CA VAL A 315 -4.54 8.72 6.12
C VAL A 315 -3.10 8.92 6.60
N ASN A 316 -2.49 10.00 6.13
CA ASN A 316 -1.12 10.34 6.51
C ASN A 316 -1.15 11.26 7.71
N ASN A 317 -0.67 10.74 8.83
CA ASN A 317 -0.61 11.52 10.07
C ASN A 317 0.06 12.87 9.80
N LYS A 318 -0.62 13.94 10.15
CA LYS A 318 -0.12 15.30 9.97
C LYS A 318 1.32 15.52 10.43
N ASP A 319 1.60 15.16 11.68
CA ASP A 319 2.95 15.32 12.21
C ASP A 319 3.98 14.44 11.49
N LEU A 320 3.58 13.23 11.11
CA LEU A 320 4.52 12.36 10.40
C LEU A 320 4.78 12.89 8.99
N TYR A 321 3.82 13.61 8.44
CA TYR A 321 3.94 14.19 7.09
C TYR A 321 4.94 15.35 7.09
N LYS A 322 4.88 16.20 8.13
CA LYS A 322 5.82 17.33 8.23
C LYS A 322 7.26 16.81 8.27
N GLN A 323 7.53 15.80 9.10
CA GLN A 323 8.87 15.24 9.21
C GLN A 323 9.36 14.76 7.85
N PHE A 324 8.49 14.06 7.12
CA PHE A 324 8.83 13.56 5.79
C PHE A 324 9.31 14.68 4.87
N LYS A 325 8.50 15.74 4.72
CA LYS A 325 8.88 16.85 3.86
C LYS A 325 10.24 17.36 4.34
N LYS A 326 10.39 17.48 5.65
CA LYS A 326 11.65 17.95 6.24
C LYS A 326 12.81 17.01 5.88
N VAL A 327 12.62 15.73 6.10
CA VAL A 327 13.64 14.74 5.77
C VAL A 327 13.95 14.76 4.28
N VAL A 328 12.91 14.84 3.45
CA VAL A 328 13.07 14.83 1.99
C VAL A 328 13.85 16.05 1.50
N ARG A 329 13.47 17.22 1.97
CA ARG A 329 14.14 18.44 1.56
C ARG A 329 15.61 18.44 2.02
N ASP A 330 15.84 18.24 3.31
CA ASP A 330 17.21 18.21 3.83
C ASP A 330 18.03 17.28 2.95
N LEU A 331 17.59 16.03 2.85
CA LEU A 331 18.26 15.02 2.06
C LEU A 331 18.33 15.36 0.57
N LEU A 332 17.28 15.00 -0.16
CA LEU A 332 17.17 15.17 -1.60
C LEU A 332 17.42 16.55 -2.21
N GLY A 333 16.52 17.50 -1.97
CA GLY A 333 16.65 18.83 -2.52
C GLY A 333 15.43 19.71 -2.27
N GLN A 334 15.61 21.02 -2.42
CA GLN A 334 14.55 21.99 -2.20
C GLN A 334 13.19 21.65 -2.80
N GLU A 335 13.19 21.48 -4.11
CA GLU A 335 11.97 21.19 -4.85
C GLU A 335 11.72 19.70 -5.06
N ALA A 336 12.40 18.85 -4.31
CA ALA A 336 12.21 17.40 -4.47
C ALA A 336 10.88 16.90 -3.88
N PHE A 337 10.21 17.74 -3.09
CA PHE A 337 8.94 17.35 -2.50
C PHE A 337 7.72 17.85 -3.28
N VAL A 338 6.87 16.92 -3.70
CA VAL A 338 5.65 17.31 -4.41
C VAL A 338 4.46 16.86 -3.56
N GLU A 339 3.39 17.64 -3.59
CA GLU A 339 2.18 17.31 -2.84
C GLU A 339 1.41 16.27 -3.66
N ALA A 340 1.15 15.13 -3.07
CA ALA A 340 0.43 14.06 -3.75
C ALA A 340 -1.08 14.27 -3.75
N ALA A 341 -1.66 14.46 -4.93
CA ALA A 341 -3.11 14.63 -5.02
C ALA A 341 -3.68 13.31 -4.50
N PRO A 342 -4.93 13.32 -4.03
CA PRO A 342 -5.56 12.10 -3.54
C PRO A 342 -5.45 11.03 -4.65
N VAL A 343 -5.33 9.76 -4.24
CA VAL A 343 -5.22 8.66 -5.20
C VAL A 343 -6.42 7.71 -5.09
N MET A 344 -7.21 7.64 -6.16
CA MET A 344 -8.36 6.73 -6.14
C MET A 344 -7.86 5.32 -6.46
N GLY A 345 -7.37 4.64 -5.43
CA GLY A 345 -6.86 3.30 -5.59
C GLY A 345 -6.68 2.64 -4.24
N SER A 346 -6.61 1.31 -4.21
CA SER A 346 -6.44 0.57 -2.96
C SER A 346 -4.97 0.38 -2.58
N GLU A 347 -4.73 0.33 -1.27
CA GLU A 347 -3.40 0.13 -0.73
C GLU A 347 -3.70 -0.42 0.66
N ASP A 348 -3.44 -1.71 0.84
CA ASP A 348 -3.73 -2.38 2.09
C ASP A 348 -2.85 -1.91 3.25
N PHE A 349 -2.01 -0.93 2.95
CA PHE A 349 -1.20 -0.26 3.97
C PHE A 349 -2.25 0.50 4.80
N SER A 350 -3.53 0.38 4.42
CA SER A 350 -4.59 1.08 5.13
C SER A 350 -4.90 0.49 6.49
N TYR A 351 -4.58 -0.78 6.68
CA TYR A 351 -4.84 -1.43 7.96
C TYR A 351 -3.76 -1.16 9.02
N PHE A 352 -2.66 -0.51 8.62
CA PHE A 352 -1.58 -0.12 9.55
C PHE A 352 -1.91 1.25 10.17
N ALA A 353 -1.95 2.28 9.30
CA ALA A 353 -2.24 3.66 9.67
C ALA A 353 -3.64 3.89 10.26
N GLU A 354 -4.50 2.88 10.16
CA GLU A 354 -5.81 2.97 10.75
C GLU A 354 -5.60 2.74 12.25
N THR A 355 -4.68 1.82 12.55
CA THR A 355 -4.42 1.39 13.92
C THR A 355 -3.18 1.99 14.61
N ILE A 356 -2.55 2.96 13.95
CA ILE A 356 -1.40 3.71 14.47
C ILE A 356 -0.96 4.73 13.43
N PRO A 357 -0.25 5.78 13.88
CA PRO A 357 0.25 6.85 13.00
C PRO A 357 1.02 6.27 11.82
N GLY A 358 0.50 6.47 10.61
CA GLY A 358 1.18 5.95 9.45
C GLY A 358 1.47 7.04 8.43
N HIS A 359 2.48 6.84 7.60
CA HIS A 359 2.81 7.81 6.57
C HIS A 359 3.24 7.07 5.31
N PHE A 360 2.48 7.29 4.25
CA PHE A 360 2.69 6.63 2.97
C PHE A 360 3.10 7.69 1.94
N SER A 361 4.18 7.41 1.22
CA SER A 361 4.68 8.38 0.25
C SER A 361 4.94 7.75 -1.12
N LEU A 362 4.99 8.60 -2.15
CA LEU A 362 5.26 8.17 -3.51
C LEU A 362 6.63 8.73 -3.91
N LEU A 363 7.53 7.84 -4.36
CA LEU A 363 8.86 8.25 -4.80
C LEU A 363 8.83 8.04 -6.32
N GLY A 364 8.93 9.14 -7.07
CA GLY A 364 8.84 9.06 -8.51
C GLY A 364 10.07 8.56 -9.22
N MET A 365 9.89 8.08 -10.45
CA MET A 365 10.99 7.58 -11.25
C MET A 365 10.73 7.84 -12.74
N GLN A 366 9.71 8.63 -13.04
CA GLN A 366 9.32 8.87 -14.44
C GLN A 366 10.26 9.82 -15.17
N ASP A 367 10.46 9.57 -16.47
CA ASP A 367 11.35 10.41 -17.28
C ASP A 367 10.63 11.65 -17.80
N GLU A 368 11.33 12.45 -18.58
CA GLU A 368 10.73 13.68 -19.09
C GLU A 368 9.70 13.47 -20.22
N THR A 369 9.63 12.27 -20.78
CA THR A 369 8.69 12.03 -21.86
C THR A 369 7.71 10.88 -21.59
N ASN A 370 7.44 10.64 -20.30
CA ASN A 370 6.52 9.59 -19.90
C ASN A 370 6.89 8.21 -20.41
N GLY A 371 8.18 7.87 -20.40
CA GLY A 371 8.61 6.56 -20.90
C GLY A 371 8.44 5.38 -19.94
N TYR A 372 8.05 5.64 -18.69
CA TYR A 372 7.88 4.55 -17.74
C TYR A 372 6.41 4.18 -17.60
N ALA A 373 6.09 2.93 -17.97
CA ALA A 373 4.71 2.43 -17.93
C ALA A 373 4.12 2.54 -16.53
N SER A 374 2.79 2.63 -16.45
CA SER A 374 2.11 2.71 -15.18
C SER A 374 2.28 1.41 -14.42
N SER A 375 2.07 1.45 -13.10
CA SER A 375 2.15 0.24 -12.30
C SER A 375 1.08 -0.67 -12.90
N HIS A 376 1.25 -1.97 -12.77
CA HIS A 376 0.34 -2.95 -13.35
C HIS A 376 0.51 -3.14 -14.85
N SER A 377 1.31 -2.31 -15.50
CA SER A 377 1.51 -2.47 -16.94
C SER A 377 2.49 -3.63 -17.21
N PRO A 378 2.23 -4.45 -18.25
CA PRO A 378 3.16 -5.55 -18.54
C PRO A 378 4.54 -4.96 -18.91
N LEU A 379 4.58 -3.65 -19.18
CA LEU A 379 5.83 -2.97 -19.57
C LEU A 379 6.48 -2.16 -18.42
N TYR A 380 5.97 -2.36 -17.22
CA TYR A 380 6.48 -1.69 -16.01
C TYR A 380 8.00 -1.81 -15.84
N ARG A 381 8.64 -0.68 -15.56
CA ARG A 381 10.08 -0.64 -15.33
C ARG A 381 10.39 0.23 -14.13
N ILE A 382 11.39 -0.19 -13.36
CA ILE A 382 11.86 0.61 -12.26
C ILE A 382 13.12 1.28 -12.80
N ASN A 383 13.30 2.57 -12.54
CA ASN A 383 14.55 3.22 -12.94
C ASN A 383 15.44 2.84 -11.75
N GLU A 384 16.34 1.87 -11.93
CA GLU A 384 17.16 1.39 -10.83
C GLU A 384 17.97 2.45 -10.09
N ASP A 385 18.24 3.58 -10.73
CA ASP A 385 18.97 4.65 -10.05
C ASP A 385 18.14 5.25 -8.92
N VAL A 386 16.84 4.94 -8.86
CA VAL A 386 15.98 5.46 -7.79
C VAL A 386 16.17 4.65 -6.50
N LEU A 387 16.77 3.47 -6.59
CA LEU A 387 16.89 2.63 -5.40
C LEU A 387 17.66 3.24 -4.24
N PRO A 388 18.78 3.95 -4.52
CA PRO A 388 19.52 4.57 -3.41
C PRO A 388 18.68 5.66 -2.72
N TYR A 389 17.89 6.41 -3.50
CA TYR A 389 17.06 7.47 -2.92
C TYR A 389 15.98 6.89 -2.02
N GLY A 390 15.49 5.69 -2.34
CA GLY A 390 14.48 5.05 -1.50
C GLY A 390 15.10 4.58 -0.19
N ALA A 391 16.24 3.89 -0.29
CA ALA A 391 16.96 3.40 0.89
C ALA A 391 17.37 4.55 1.81
N ALA A 392 17.88 5.64 1.22
CA ALA A 392 18.30 6.78 2.02
C ALA A 392 17.10 7.43 2.70
N ILE A 393 15.97 7.51 1.99
CA ILE A 393 14.78 8.09 2.58
C ILE A 393 14.28 7.21 3.72
N HIS A 394 14.25 5.90 3.51
CA HIS A 394 13.85 4.97 4.57
C HIS A 394 14.74 5.15 5.80
N ALA A 395 16.05 5.02 5.56
CA ALA A 395 17.04 5.14 6.63
C ALA A 395 16.90 6.45 7.37
N SER A 396 17.01 7.55 6.64
CA SER A 396 16.91 8.86 7.24
C SER A 396 15.64 9.05 8.09
N MET A 397 14.50 8.78 7.47
CA MET A 397 13.22 8.94 8.15
C MET A 397 13.22 8.22 9.51
N ALA A 398 13.84 7.05 9.56
CA ALA A 398 13.87 6.32 10.83
C ALA A 398 14.77 7.03 11.84
N VAL A 399 15.98 7.39 11.42
CA VAL A 399 16.90 8.07 12.33
C VAL A 399 16.33 9.40 12.80
N GLN A 400 16.08 10.30 11.85
CA GLN A 400 15.56 11.61 12.18
C GLN A 400 14.36 11.53 13.12
N TYR A 401 13.40 10.65 12.81
CA TYR A 401 12.24 10.49 13.66
C TYR A 401 12.76 10.29 15.11
N LEU A 402 13.44 9.17 15.34
CA LEU A 402 13.97 8.87 16.67
C LEU A 402 14.79 10.04 17.24
N LYS A 403 15.68 10.59 16.43
CA LYS A 403 16.52 11.69 16.86
C LYS A 403 15.69 12.95 17.01
N GLU A 404 14.37 12.78 17.03
CA GLU A 404 13.44 13.89 17.21
C GLU A 404 12.61 13.59 18.47
N LYS A 405 11.97 12.43 18.48
CA LYS A 405 11.16 12.00 19.61
C LYS A 405 11.93 12.19 20.92
N ALA A 406 13.26 12.03 20.86
CA ALA A 406 14.09 12.18 22.04
C ALA A 406 14.51 13.62 22.33
N SER A 407 14.13 14.55 21.46
CA SER A 407 14.51 15.95 21.67
C SER A 407 13.80 16.60 22.85
N LYS A 16 24.99 12.34 4.53
CA LYS A 16 26.06 11.38 4.16
C LYS A 16 25.50 10.04 3.68
N LEU A 17 24.48 9.55 4.36
CA LEU A 17 23.87 8.27 4.01
C LEU A 17 23.39 8.23 2.57
N LEU A 18 23.22 9.38 1.96
CA LEU A 18 22.78 9.43 0.57
C LEU A 18 23.94 8.99 -0.32
N GLU A 19 25.12 9.55 -0.05
CA GLU A 19 26.29 9.21 -0.83
C GLU A 19 26.61 7.73 -0.61
N PHE A 20 26.44 7.27 0.62
CA PHE A 20 26.67 5.88 0.94
C PHE A 20 25.62 5.01 0.21
N ALA A 21 24.38 5.51 0.12
CA ALA A 21 23.32 4.77 -0.57
C ALA A 21 23.67 4.58 -2.05
N LYS A 22 24.39 5.54 -2.62
CA LYS A 22 24.80 5.49 -4.03
C LYS A 22 26.07 4.66 -4.27
N SER A 23 26.86 4.47 -3.21
CA SER A 23 28.12 3.73 -3.36
C SER A 23 27.96 2.28 -3.78
N PRO A 24 29.02 1.69 -4.36
CA PRO A 24 29.02 0.30 -4.82
C PRO A 24 28.55 -0.65 -3.72
N GLU A 25 28.95 -0.34 -2.50
CA GLU A 25 28.61 -1.13 -1.33
C GLU A 25 27.10 -1.34 -1.17
N VAL A 26 26.34 -0.26 -1.27
CA VAL A 26 24.90 -0.34 -1.11
C VAL A 26 24.12 -0.41 -2.43
N PHE A 27 24.55 0.35 -3.44
CA PHE A 27 23.82 0.35 -4.72
C PHE A 27 23.96 -0.90 -5.55
N ASP A 28 25.19 -1.32 -5.82
CA ASP A 28 25.41 -2.54 -6.61
C ASP A 28 24.75 -3.74 -5.96
N TRP A 29 24.87 -3.80 -4.63
CA TRP A 29 24.29 -4.85 -3.80
C TRP A 29 22.74 -4.84 -3.93
N MET A 30 22.11 -3.69 -3.79
CA MET A 30 20.65 -3.61 -3.95
C MET A 30 20.23 -4.03 -5.35
N VAL A 31 21.10 -3.79 -6.33
CA VAL A 31 20.79 -4.16 -7.70
C VAL A 31 20.70 -5.69 -7.90
N LYS A 32 21.60 -6.46 -7.29
CA LYS A 32 21.54 -7.91 -7.42
C LYS A 32 20.28 -8.43 -6.74
N ILE A 33 19.98 -7.90 -5.57
CA ILE A 33 18.80 -8.32 -4.84
C ILE A 33 17.56 -7.92 -5.63
N ARG A 34 17.44 -6.64 -5.97
CA ARG A 34 16.29 -6.21 -6.74
C ARG A 34 16.06 -7.12 -7.95
N ARG A 35 17.12 -7.43 -8.69
CA ARG A 35 16.98 -8.26 -9.88
C ARG A 35 16.77 -9.73 -9.57
N LYS A 36 17.28 -10.19 -8.43
CA LYS A 36 17.11 -11.59 -8.04
C LYS A 36 15.63 -11.82 -7.69
N ILE A 37 14.97 -10.76 -7.25
CA ILE A 37 13.55 -10.85 -6.93
C ILE A 37 12.73 -10.67 -8.19
N HIS A 38 13.18 -9.76 -9.06
CA HIS A 38 12.47 -9.49 -10.30
C HIS A 38 12.33 -10.72 -11.23
N GLU A 39 13.32 -11.61 -11.21
CA GLU A 39 13.31 -12.84 -12.02
C GLU A 39 12.48 -13.94 -11.38
N ASN A 40 12.26 -13.82 -10.07
CA ASN A 40 11.49 -14.80 -9.34
C ASN A 40 10.25 -14.17 -8.69
N PRO A 41 9.26 -13.79 -9.50
CA PRO A 41 8.07 -13.20 -8.88
C PRO A 41 7.12 -14.23 -8.25
N GLU A 42 6.55 -13.87 -7.10
CA GLU A 42 5.64 -14.78 -6.40
C GLU A 42 4.46 -13.97 -5.90
N LEU A 43 3.29 -14.61 -5.87
CA LEU A 43 2.05 -13.96 -5.43
C LEU A 43 1.83 -14.09 -3.91
N GLY A 44 0.76 -13.45 -3.43
CA GLY A 44 0.41 -13.48 -2.01
C GLY A 44 0.65 -14.79 -1.29
N TYR A 45 1.20 -14.70 -0.08
CA TYR A 45 1.51 -15.86 0.76
C TYR A 45 2.27 -16.98 0.05
N GLU A 46 2.83 -16.67 -1.12
CA GLU A 46 3.59 -17.64 -1.89
C GLU A 46 5.03 -17.16 -2.09
N GLU A 47 5.37 -16.04 -1.45
CA GLU A 47 6.70 -15.43 -1.55
C GLU A 47 7.74 -16.26 -0.79
N LEU A 48 7.82 -17.54 -1.12
CA LEU A 48 8.73 -18.45 -0.45
C LEU A 48 10.21 -18.10 -0.63
N GLU A 49 10.61 -17.84 -1.86
CA GLU A 49 11.99 -17.52 -2.12
C GLU A 49 12.32 -16.09 -1.77
N THR A 50 11.36 -15.18 -1.96
CA THR A 50 11.59 -13.79 -1.64
C THR A 50 11.80 -13.69 -0.12
N SER A 51 10.93 -14.37 0.64
CA SER A 51 11.05 -14.39 2.10
C SER A 51 12.40 -15.01 2.50
N LYS A 52 12.82 -16.10 1.86
CA LYS A 52 14.13 -16.70 2.19
C LYS A 52 15.26 -15.71 1.81
N LEU A 53 15.14 -15.03 0.68
CA LEU A 53 16.19 -14.07 0.30
C LEU A 53 16.27 -12.92 1.32
N ILE A 54 15.11 -12.48 1.80
CA ILE A 54 15.07 -11.42 2.80
C ILE A 54 15.75 -11.89 4.08
N ARG A 55 15.37 -13.04 4.59
CA ARG A 55 15.97 -13.54 5.81
C ARG A 55 17.50 -13.68 5.66
N SER A 56 17.96 -14.21 4.52
CA SER A 56 19.40 -14.39 4.29
C SER A 56 20.14 -13.06 4.40
N GLU A 57 19.59 -12.03 3.75
CA GLU A 57 20.27 -10.75 3.81
C GLU A 57 20.26 -10.17 5.21
N LEU A 58 19.13 -10.28 5.90
CA LEU A 58 19.08 -9.77 7.28
C LEU A 58 20.13 -10.50 8.11
N GLU A 59 20.24 -11.82 7.93
CA GLU A 59 21.24 -12.59 8.66
C GLU A 59 22.64 -12.09 8.30
N LEU A 60 22.90 -11.90 7.01
CA LEU A 60 24.21 -11.43 6.59
C LEU A 60 24.49 -10.02 7.11
N ILE A 61 23.47 -9.17 7.17
CA ILE A 61 23.70 -7.84 7.67
C ILE A 61 23.93 -7.86 9.20
N GLY A 62 23.16 -8.68 9.92
CA GLY A 62 23.28 -8.77 11.36
C GLY A 62 22.04 -8.15 11.98
N ILE A 63 20.89 -8.67 11.56
CA ILE A 63 19.61 -8.14 11.99
C ILE A 63 18.73 -9.27 12.50
N LYS A 64 18.40 -9.19 13.78
CA LYS A 64 17.53 -10.17 14.42
C LYS A 64 16.14 -9.98 13.84
N TYR A 65 15.40 -11.06 13.66
CA TYR A 65 14.06 -10.94 13.10
C TYR A 65 13.12 -12.03 13.59
N ARG A 66 11.83 -11.74 13.44
CA ARG A 66 10.75 -12.65 13.78
C ARG A 66 10.23 -13.15 12.44
N TYR A 67 10.00 -14.46 12.37
CA TYR A 67 9.51 -15.11 11.16
C TYR A 67 9.01 -16.49 11.61
N PRO A 68 7.87 -16.94 11.10
CA PRO A 68 6.97 -16.31 10.13
C PRO A 68 5.87 -15.41 10.68
N VAL A 69 5.62 -14.30 9.98
CA VAL A 69 4.53 -13.42 10.36
C VAL A 69 3.67 -13.37 9.09
N ALA A 70 2.41 -13.79 9.20
CA ALA A 70 1.51 -13.83 8.05
C ALA A 70 2.10 -14.76 6.97
N ILE A 71 2.54 -15.94 7.42
CA ILE A 71 3.08 -17.01 6.58
C ILE A 71 4.49 -16.79 6.03
N THR A 72 4.66 -15.75 5.21
CA THR A 72 5.98 -15.51 4.61
C THR A 72 6.63 -14.25 5.13
N GLY A 73 5.86 -13.48 5.88
CA GLY A 73 6.33 -12.21 6.42
C GLY A 73 7.47 -12.28 7.40
N VAL A 74 8.24 -11.20 7.39
CA VAL A 74 9.41 -11.09 8.23
C VAL A 74 9.46 -9.74 8.91
N ILE A 75 9.83 -9.72 10.18
CA ILE A 75 9.97 -8.46 10.89
C ILE A 75 11.36 -8.44 11.53
N GLY A 76 12.18 -7.48 11.09
CA GLY A 76 13.55 -7.34 11.63
C GLY A 76 13.64 -6.15 12.56
N TYR A 77 14.73 -6.08 13.33
CA TYR A 77 14.93 -5.01 14.29
C TYR A 77 16.35 -4.47 14.26
N ILE A 78 16.51 -3.16 14.41
CA ILE A 78 17.84 -2.56 14.43
C ILE A 78 17.79 -1.42 15.42
N GLY A 79 18.75 -1.38 16.34
CA GLY A 79 18.77 -0.33 17.33
C GLY A 79 19.05 -0.86 18.72
N THR A 80 18.32 -0.34 19.70
CA THR A 80 18.51 -0.76 21.09
C THR A 80 17.80 -2.08 21.40
N GLY A 81 16.71 -2.34 20.71
CA GLY A 81 15.95 -3.53 21.02
C GLY A 81 14.87 -3.14 22.02
N GLU A 82 14.85 -1.88 22.41
CA GLU A 82 13.87 -1.35 23.35
C GLU A 82 13.00 -0.27 22.68
N PRO A 83 11.73 -0.15 23.09
CA PRO A 83 10.83 0.84 22.50
C PRO A 83 11.45 2.23 22.71
N PRO A 84 10.98 3.27 21.99
CA PRO A 84 9.92 3.37 20.97
C PRO A 84 10.25 2.59 19.71
N PHE A 85 9.25 1.88 19.18
CA PHE A 85 9.44 1.11 17.98
C PHE A 85 8.88 1.87 16.79
N VAL A 86 9.72 2.15 15.80
CA VAL A 86 9.22 2.82 14.62
C VAL A 86 9.40 1.82 13.46
N ALA A 87 8.37 1.70 12.64
CA ALA A 87 8.39 0.74 11.55
C ALA A 87 8.54 1.36 10.17
N LEU A 88 9.23 0.62 9.29
CA LEU A 88 9.46 0.95 7.88
C LEU A 88 8.85 -0.28 7.19
N ARG A 89 8.04 -0.05 6.17
CA ARG A 89 7.28 -1.13 5.53
C ARG A 89 7.52 -1.33 4.03
N ALA A 90 7.72 -2.59 3.64
CA ALA A 90 7.88 -2.97 2.22
C ALA A 90 6.94 -4.16 2.00
N ASP A 91 6.31 -4.22 0.82
CA ASP A 91 5.38 -5.31 0.46
C ASP A 91 6.05 -6.25 -0.57
N MET A 92 5.87 -7.55 -0.38
CA MET A 92 6.52 -8.58 -1.19
C MET A 92 5.92 -9.13 -2.50
N ASP A 93 4.63 -9.45 -2.49
CA ASP A 93 3.96 -10.10 -3.62
C ASP A 93 4.01 -9.44 -4.99
N ALA A 94 4.03 -10.29 -6.02
CA ALA A 94 4.05 -9.89 -7.43
C ALA A 94 2.61 -10.00 -7.94
N LEU A 95 2.47 -9.99 -9.26
CA LEU A 95 1.16 -10.07 -9.90
C LEU A 95 1.16 -11.04 -11.09
N PRO A 96 0.08 -11.81 -11.26
CA PRO A 96 0.02 -12.76 -12.38
C PRO A 96 -0.20 -11.94 -13.67
N ILE A 97 0.85 -11.24 -14.08
CA ILE A 97 0.88 -10.37 -15.26
C ILE A 97 2.01 -10.88 -16.17
N GLN A 98 1.68 -11.74 -17.14
CA GLN A 98 2.65 -12.29 -18.10
C GLN A 98 3.51 -11.07 -18.50
N GLU A 99 4.79 -11.11 -18.14
CA GLU A 99 5.74 -10.03 -18.41
C GLU A 99 6.06 -9.85 -19.91
N GLY A 100 6.18 -8.59 -20.35
CA GLY A 100 6.47 -8.27 -21.74
C GLY A 100 7.70 -7.41 -21.97
N VAL A 101 8.49 -7.19 -20.90
CA VAL A 101 9.73 -6.40 -20.98
C VAL A 101 10.87 -7.35 -21.33
N GLU A 102 11.43 -7.24 -22.54
CA GLU A 102 12.55 -8.11 -22.88
C GLU A 102 13.86 -7.42 -22.47
N TRP A 103 14.51 -7.95 -21.44
CA TRP A 103 15.78 -7.39 -20.96
C TRP A 103 16.44 -8.47 -20.17
N GLU A 104 17.60 -8.17 -19.63
CA GLU A 104 18.38 -9.15 -18.88
C GLU A 104 17.69 -10.02 -17.82
N HIS A 105 16.96 -9.40 -16.89
CA HIS A 105 16.35 -10.18 -15.81
C HIS A 105 14.82 -10.23 -15.73
N LYS A 106 14.20 -10.61 -16.84
CA LYS A 106 12.75 -10.74 -16.95
C LYS A 106 12.27 -11.95 -16.13
N SER A 107 11.05 -11.87 -15.59
CA SER A 107 10.51 -13.00 -14.83
C SER A 107 10.72 -14.33 -15.57
N LYS A 108 11.25 -15.30 -14.84
CA LYS A 108 11.49 -16.62 -15.37
C LYS A 108 10.31 -17.51 -14.98
N ILE A 109 9.20 -16.84 -14.63
CA ILE A 109 7.96 -17.51 -14.23
C ILE A 109 6.84 -16.97 -15.15
N ALA A 110 6.40 -17.80 -16.08
CA ALA A 110 5.39 -17.35 -17.03
C ALA A 110 4.08 -16.88 -16.39
N GLY A 111 3.63 -15.68 -16.76
CA GLY A 111 2.39 -15.16 -16.23
C GLY A 111 2.53 -14.55 -14.85
N LYS A 112 3.74 -14.14 -14.47
CA LYS A 112 3.96 -13.50 -13.18
C LYS A 112 5.18 -12.62 -13.30
N MET A 113 5.07 -11.42 -12.75
CA MET A 113 6.16 -10.46 -12.79
C MET A 113 5.90 -9.46 -11.69
N HIS A 114 6.87 -8.57 -11.47
CA HIS A 114 6.73 -7.49 -10.50
C HIS A 114 6.37 -6.24 -11.33
N ALA A 115 5.06 -6.03 -11.49
CA ALA A 115 4.51 -4.91 -12.27
C ALA A 115 4.11 -3.69 -11.42
N CYS A 116 4.33 -3.72 -10.10
CA CYS A 116 3.98 -2.55 -9.29
C CYS A 116 5.07 -2.27 -8.25
N GLY A 117 6.33 -2.26 -8.70
CA GLY A 117 7.50 -1.96 -7.89
C GLY A 117 7.76 -2.69 -6.58
N HIS A 118 7.16 -3.86 -6.36
CA HIS A 118 7.34 -4.52 -5.09
C HIS A 118 8.74 -5.07 -4.83
N ASP A 119 9.39 -5.61 -5.88
CA ASP A 119 10.77 -6.08 -5.72
C ASP A 119 11.66 -4.87 -5.33
N GLY A 120 11.32 -3.68 -5.86
CA GLY A 120 12.07 -2.47 -5.52
C GLY A 120 11.82 -2.02 -4.07
N HIS A 121 10.57 -2.07 -3.60
CA HIS A 121 10.27 -1.66 -2.22
C HIS A 121 11.12 -2.42 -1.18
N VAL A 122 11.20 -3.73 -1.34
CA VAL A 122 12.01 -4.55 -0.44
C VAL A 122 13.45 -4.02 -0.53
N THR A 123 13.92 -3.86 -1.77
CA THR A 123 15.25 -3.39 -2.08
C THR A 123 15.66 -2.14 -1.33
N MET A 124 14.80 -1.11 -1.36
CA MET A 124 15.18 0.09 -0.68
C MET A 124 15.09 -0.05 0.84
N LEU A 125 14.30 -1.02 1.33
CA LEU A 125 14.21 -1.23 2.77
C LEU A 125 15.45 -2.06 3.23
N LEU A 126 15.77 -3.15 2.54
CA LEU A 126 16.97 -3.92 2.88
C LEU A 126 18.16 -2.96 2.79
N GLY A 127 18.15 -2.08 1.77
CA GLY A 127 19.22 -1.09 1.63
C GLY A 127 19.22 -0.16 2.81
N ALA A 128 18.02 0.19 3.27
CA ALA A 128 17.86 1.05 4.42
C ALA A 128 18.37 0.27 5.66
N ALA A 129 18.04 -1.01 5.73
CA ALA A 129 18.46 -1.90 6.81
C ALA A 129 19.98 -1.96 6.87
N LYS A 130 20.64 -2.05 5.72
CA LYS A 130 22.11 -2.06 5.74
C LYS A 130 22.61 -0.72 6.26
N ILE A 131 22.14 0.37 5.67
CA ILE A 131 22.56 1.71 6.09
C ILE A 131 22.23 1.98 7.57
N LEU A 132 21.13 1.41 8.06
CA LEU A 132 20.75 1.60 9.46
C LEU A 132 21.60 0.70 10.37
N HIS A 133 21.95 -0.48 9.86
CA HIS A 133 22.77 -1.36 10.67
C HIS A 133 24.15 -0.75 10.88
N GLU A 134 24.62 0.02 9.91
CA GLU A 134 25.93 0.65 10.04
C GLU A 134 25.93 1.77 11.07
N HIS A 135 24.80 2.47 11.22
CA HIS A 135 24.76 3.54 12.21
C HIS A 135 24.00 3.17 13.48
N ARG A 136 23.82 1.88 13.74
CA ARG A 136 23.02 1.47 14.89
C ARG A 136 23.31 2.11 16.21
N HIS A 137 24.57 2.08 16.64
CA HIS A 137 24.97 2.64 17.91
C HIS A 137 24.42 4.03 18.23
N HIS A 138 23.81 4.69 17.25
CA HIS A 138 23.27 6.01 17.48
C HIS A 138 21.74 6.08 17.50
N LEU A 139 21.08 5.01 17.06
CA LEU A 139 19.62 4.97 17.03
C LEU A 139 19.07 5.12 18.44
N GLN A 140 18.25 6.15 18.66
CA GLN A 140 17.66 6.40 19.97
C GLN A 140 16.32 5.69 20.06
N GLY A 141 16.38 4.37 19.89
CA GLY A 141 15.19 3.55 19.91
C GLY A 141 15.43 2.37 18.98
N THR A 142 14.34 1.75 18.50
CA THR A 142 14.40 0.58 17.64
C THR A 142 13.60 0.73 16.32
N VAL A 143 14.30 0.60 15.18
CA VAL A 143 13.65 0.69 13.89
C VAL A 143 13.18 -0.72 13.64
N VAL A 144 11.89 -0.87 13.33
CA VAL A 144 11.28 -2.18 13.08
C VAL A 144 11.11 -2.29 11.56
N LEU A 145 11.45 -3.46 11.00
CA LEU A 145 11.37 -3.67 9.55
C LEU A 145 10.30 -4.70 9.27
N ILE A 146 9.34 -4.34 8.44
CA ILE A 146 8.28 -5.28 8.11
C ILE A 146 8.21 -5.56 6.63
N PHE A 147 8.47 -6.82 6.29
CA PHE A 147 8.41 -7.31 4.93
C PHE A 147 7.11 -8.08 4.98
N GLN A 148 6.17 -7.73 4.10
CA GLN A 148 4.84 -8.29 4.14
C GLN A 148 4.24 -8.99 2.90
N PRO A 149 3.35 -9.95 3.15
CA PRO A 149 2.67 -10.69 2.08
C PRO A 149 1.28 -10.11 1.77
N ALA A 150 0.56 -10.85 0.93
CA ALA A 150 -0.80 -10.56 0.54
C ALA A 150 -1.21 -9.11 0.28
N GLU A 151 -0.30 -8.27 -0.19
CA GLU A 151 -0.68 -6.90 -0.46
C GLU A 151 -1.70 -6.82 -1.61
N GLU A 152 -1.48 -7.50 -2.72
CA GLU A 152 -2.41 -7.30 -3.85
C GLU A 152 -3.85 -7.77 -3.65
N GLY A 153 -4.03 -8.73 -2.74
CA GLY A 153 -5.38 -9.20 -2.46
C GLY A 153 -5.93 -8.40 -1.29
N LEU A 154 -5.07 -7.57 -0.69
CA LEU A 154 -5.43 -6.68 0.42
C LEU A 154 -5.64 -7.28 1.82
N SER A 155 -5.03 -8.42 2.12
CA SER A 155 -5.19 -8.98 3.46
C SER A 155 -3.86 -9.03 4.22
N GLY A 156 -2.75 -8.87 3.51
CA GLY A 156 -1.45 -8.96 4.14
C GLY A 156 -1.16 -8.14 5.40
N ALA A 157 -1.35 -6.83 5.32
CA ALA A 157 -1.10 -6.00 6.49
C ALA A 157 -2.03 -6.42 7.65
N LYS A 158 -3.32 -6.61 7.37
CA LYS A 158 -4.31 -7.01 8.40
C LYS A 158 -3.75 -8.17 9.26
N LYS A 159 -3.31 -9.25 8.59
CA LYS A 159 -2.76 -10.40 9.29
C LYS A 159 -1.56 -10.03 10.17
N MET A 160 -0.55 -9.39 9.59
CA MET A 160 0.59 -8.97 10.38
C MET A 160 0.06 -8.17 11.60
N ARG A 161 -0.96 -7.35 11.38
CA ARG A 161 -1.58 -6.55 12.44
C ARG A 161 -2.22 -7.49 13.47
N GLU A 162 -2.98 -8.46 12.98
CA GLU A 162 -3.62 -9.44 13.87
C GLU A 162 -2.53 -10.16 14.69
N GLU A 163 -1.44 -10.52 14.01
CA GLU A 163 -0.34 -11.22 14.65
C GLU A 163 0.56 -10.32 15.50
N GLY A 164 0.09 -9.11 15.76
CA GLY A 164 0.82 -8.19 16.62
C GLY A 164 1.97 -7.41 16.04
N ALA A 165 2.04 -7.30 14.72
CA ALA A 165 3.13 -6.57 14.08
C ALA A 165 3.21 -5.12 14.55
N LEU A 166 2.09 -4.55 14.96
CA LEU A 166 2.07 -3.15 15.40
C LEU A 166 2.17 -2.93 16.91
N LYS A 167 2.36 -4.02 17.67
CA LYS A 167 2.43 -3.88 19.13
C LYS A 167 3.55 -2.96 19.61
N ASN A 168 3.16 -1.91 20.35
CA ASN A 168 4.10 -0.94 20.90
C ASN A 168 4.82 -0.06 19.86
N VAL A 169 4.41 -0.15 18.60
CA VAL A 169 5.00 0.67 17.55
C VAL A 169 4.19 1.99 17.48
N GLU A 170 4.89 3.12 17.56
CA GLU A 170 4.21 4.41 17.54
C GLU A 170 4.09 5.15 16.20
N ALA A 171 4.66 4.59 15.14
CA ALA A 171 4.59 5.25 13.83
C ALA A 171 5.10 4.27 12.79
N ILE A 172 4.57 4.37 11.58
CA ILE A 172 5.02 3.51 10.50
C ILE A 172 5.09 4.31 9.21
N PHE A 173 6.16 4.04 8.44
CA PHE A 173 6.39 4.73 7.16
C PHE A 173 6.48 3.75 6.00
N GLY A 174 5.86 4.14 4.88
CA GLY A 174 5.90 3.33 3.68
C GLY A 174 6.20 4.25 2.50
N ILE A 175 6.78 3.66 1.46
CA ILE A 175 7.12 4.37 0.23
C ILE A 175 6.41 3.63 -0.92
N HIS A 176 6.08 4.37 -1.98
CA HIS A 176 5.46 3.78 -3.17
C HIS A 176 6.19 4.31 -4.39
N LEU A 177 6.71 3.39 -5.20
CA LEU A 177 7.39 3.72 -6.46
C LEU A 177 6.23 3.85 -7.44
N SER A 178 6.31 4.81 -8.34
CA SER A 178 5.24 5.01 -9.30
C SER A 178 5.82 5.69 -10.51
N ALA A 179 4.94 5.90 -11.49
CA ALA A 179 5.26 6.56 -12.76
C ALA A 179 4.57 7.93 -12.79
N ARG A 180 3.83 8.24 -11.74
CA ARG A 180 3.09 9.50 -11.69
C ARG A 180 3.96 10.70 -11.30
N ILE A 181 5.03 10.44 -10.55
CA ILE A 181 5.93 11.48 -10.08
C ILE A 181 7.26 11.36 -10.83
N PRO A 182 7.93 12.50 -11.11
CA PRO A 182 9.20 12.48 -11.84
C PRO A 182 10.32 11.86 -11.00
N PHE A 183 11.32 11.32 -11.67
CA PHE A 183 12.49 10.70 -11.04
C PHE A 183 13.17 11.68 -10.09
N GLY A 184 13.44 11.26 -8.88
CA GLY A 184 14.11 12.14 -7.92
C GLY A 184 13.22 12.92 -6.97
N LYS A 185 11.89 12.80 -7.13
CA LYS A 185 10.97 13.51 -6.25
C LYS A 185 10.20 12.52 -5.38
N ALA A 186 9.79 12.97 -4.19
CA ALA A 186 9.03 12.13 -3.27
C ALA A 186 7.74 12.91 -3.05
N ALA A 187 6.59 12.21 -3.06
CA ALA A 187 5.34 12.93 -2.93
C ALA A 187 4.48 12.44 -1.78
N SER A 188 3.82 13.36 -1.10
CA SER A 188 2.94 13.00 0.01
C SER A 188 1.93 14.08 0.25
N ARG A 189 1.05 13.83 1.20
CA ARG A 189 0.00 14.77 1.60
C ARG A 189 -0.56 14.28 2.94
N ALA A 190 -0.97 15.22 3.79
CA ALA A 190 -1.55 14.89 5.09
C ALA A 190 -3.03 14.50 4.94
N GLY A 191 -3.48 13.56 5.77
CA GLY A 191 -4.88 13.17 5.71
C GLY A 191 -5.10 12.03 4.74
N SER A 192 -6.36 11.78 4.40
CA SER A 192 -6.69 10.70 3.48
C SER A 192 -5.91 10.90 2.17
N PHE A 193 -5.18 9.87 1.78
CA PHE A 193 -4.35 9.89 0.59
C PHE A 193 -5.05 9.01 -0.45
N LEU A 194 -5.27 7.76 -0.09
CA LEU A 194 -5.95 6.82 -0.97
C LEU A 194 -7.33 6.60 -0.37
N ALA A 195 -8.31 6.32 -1.23
CA ALA A 195 -9.66 6.14 -0.73
C ALA A 195 -9.95 4.80 -0.09
N GLY A 196 -10.87 4.81 0.87
CA GLY A 196 -11.30 3.59 1.51
C GLY A 196 -12.24 2.87 0.55
N ALA A 197 -12.18 1.54 0.54
CA ALA A 197 -13.02 0.74 -0.34
C ALA A 197 -13.81 -0.27 0.46
N GLY A 198 -14.96 -0.64 -0.08
CA GLY A 198 -15.81 -1.62 0.57
C GLY A 198 -16.64 -2.28 -0.49
N VAL A 199 -17.26 -3.41 -0.13
CA VAL A 199 -18.15 -4.11 -1.05
C VAL A 199 -19.40 -4.42 -0.24
N PHE A 200 -20.46 -4.83 -0.91
CA PHE A 200 -21.69 -5.15 -0.21
C PHE A 200 -22.56 -6.02 -1.12
N GLU A 201 -23.59 -6.62 -0.54
CA GLU A 201 -24.47 -7.47 -1.34
C GLU A 201 -25.92 -7.26 -0.92
N ALA A 202 -26.84 -7.30 -1.89
CA ALA A 202 -28.25 -7.10 -1.57
C ALA A 202 -29.21 -8.07 -2.27
N VAL A 203 -29.81 -8.97 -1.49
CA VAL A 203 -30.76 -9.94 -2.04
C VAL A 203 -32.15 -9.29 -2.05
N ILE A 204 -32.72 -9.15 -3.25
CA ILE A 204 -34.05 -8.53 -3.38
C ILE A 204 -35.11 -9.57 -3.75
N THR A 205 -36.07 -9.80 -2.84
CA THR A 205 -37.16 -10.75 -3.07
C THR A 205 -38.51 -10.14 -2.70
N GLY A 206 -39.56 -10.49 -3.44
CA GLY A 206 -40.87 -9.93 -3.15
C GLY A 206 -41.48 -10.35 -1.83
N LYS A 207 -42.20 -9.45 -1.18
CA LYS A 207 -42.83 -9.75 0.11
C LYS A 207 -43.95 -10.77 -0.11
N THR A 217 -45.54 -9.95 -8.47
CA THR A 217 -44.53 -10.96 -8.78
C THR A 217 -43.32 -10.38 -9.52
N ILE A 218 -43.51 -9.25 -10.19
CA ILE A 218 -42.40 -8.62 -10.93
C ILE A 218 -41.72 -7.55 -10.09
N ASP A 219 -42.23 -7.31 -8.90
CA ASP A 219 -41.68 -6.29 -8.04
C ASP A 219 -40.19 -6.41 -7.73
N PRO A 220 -39.68 -7.65 -7.56
CA PRO A 220 -38.24 -7.77 -7.28
C PRO A 220 -37.42 -7.28 -8.47
N VAL A 221 -37.86 -7.62 -9.68
CA VAL A 221 -37.18 -7.22 -10.90
C VAL A 221 -37.22 -5.70 -11.07
N VAL A 222 -38.39 -5.12 -10.89
CA VAL A 222 -38.56 -3.67 -11.01
C VAL A 222 -37.73 -2.98 -9.93
N ALA A 223 -37.82 -3.50 -8.72
CA ALA A 223 -37.09 -2.97 -7.59
C ALA A 223 -35.59 -2.96 -7.86
N ALA A 224 -35.08 -4.04 -8.48
CA ALA A 224 -33.67 -4.15 -8.78
C ALA A 224 -33.18 -3.06 -9.72
N SER A 225 -33.93 -2.77 -10.79
CA SER A 225 -33.49 -1.73 -11.73
C SER A 225 -33.55 -0.36 -11.04
N SER A 226 -34.56 -0.17 -10.22
CA SER A 226 -34.73 1.08 -9.46
C SER A 226 -33.50 1.30 -8.56
N ILE A 227 -33.19 0.27 -7.77
CA ILE A 227 -32.06 0.30 -6.85
C ILE A 227 -30.77 0.65 -7.58
N VAL A 228 -30.51 -0.06 -8.68
CA VAL A 228 -29.31 0.18 -9.46
C VAL A 228 -29.29 1.64 -9.91
N LEU A 229 -30.40 2.10 -10.49
CA LEU A 229 -30.49 3.48 -10.95
C LEU A 229 -30.08 4.46 -9.84
N SER A 230 -30.67 4.31 -8.67
CA SER A 230 -30.35 5.19 -7.56
C SER A 230 -28.88 5.05 -7.12
N LEU A 231 -28.41 3.83 -6.98
CA LEU A 231 -27.02 3.62 -6.55
C LEU A 231 -26.05 4.28 -7.52
N GLN A 232 -26.22 4.00 -8.81
CA GLN A 232 -25.34 4.59 -9.81
C GLN A 232 -25.44 6.11 -9.71
N GLN A 233 -26.54 6.59 -9.16
CA GLN A 233 -26.73 8.02 -8.99
C GLN A 233 -25.89 8.55 -7.82
N LEU A 234 -25.28 7.65 -7.05
CA LEU A 234 -24.46 8.07 -5.91
C LEU A 234 -23.04 8.46 -6.32
N VAL A 235 -22.62 8.07 -7.53
CA VAL A 235 -21.28 8.45 -7.97
C VAL A 235 -21.29 9.96 -7.94
N SER A 236 -20.21 10.53 -7.45
CA SER A 236 -20.11 11.97 -7.36
C SER A 236 -18.68 12.46 -7.48
N ARG A 237 -18.54 13.59 -8.17
CA ARG A 237 -17.28 14.29 -8.41
C ARG A 237 -17.59 15.78 -8.61
N GLU A 238 -16.79 16.65 -8.00
CA GLU A 238 -17.00 18.07 -8.20
C GLU A 238 -15.69 18.70 -8.63
N THR A 239 -15.05 19.42 -7.72
CA THR A 239 -13.80 20.07 -8.09
C THR A 239 -12.72 19.95 -7.00
N ASP A 240 -12.98 19.06 -6.04
CA ASP A 240 -12.04 18.74 -4.95
C ASP A 240 -12.00 17.21 -4.93
N PRO A 241 -10.87 16.59 -5.32
CA PRO A 241 -10.79 15.13 -5.31
C PRO A 241 -11.29 14.39 -4.06
N LEU A 242 -10.98 14.91 -2.86
CA LEU A 242 -11.40 14.22 -1.64
C LEU A 242 -12.91 13.99 -1.55
N ASP A 243 -13.66 14.75 -2.34
CA ASP A 243 -15.12 14.63 -2.35
C ASP A 243 -15.61 13.51 -3.29
N SER A 244 -14.72 12.89 -4.05
CA SER A 244 -15.12 11.87 -5.01
C SER A 244 -15.80 10.68 -4.34
N LYS A 245 -16.88 10.23 -4.96
CA LYS A 245 -17.65 9.09 -4.48
C LYS A 245 -17.78 8.16 -5.67
N VAL A 246 -17.52 6.86 -5.43
CA VAL A 246 -17.63 5.85 -6.46
C VAL A 246 -18.43 4.65 -5.93
N VAL A 247 -19.42 4.25 -6.72
CA VAL A 247 -20.25 3.10 -6.42
C VAL A 247 -20.36 2.41 -7.78
N THR A 248 -20.09 1.12 -7.83
CA THR A 248 -20.12 0.35 -9.07
C THR A 248 -20.80 -0.99 -8.86
N VAL A 249 -21.98 -1.19 -9.45
CA VAL A 249 -22.65 -2.49 -9.31
C VAL A 249 -21.97 -3.39 -10.34
N SER A 250 -21.40 -4.49 -9.85
CA SER A 250 -20.70 -5.42 -10.73
C SER A 250 -21.37 -6.79 -10.77
N LYS A 251 -22.30 -7.04 -9.85
CA LYS A 251 -22.98 -8.33 -9.79
C LYS A 251 -24.49 -8.18 -9.69
N VAL A 252 -25.20 -8.94 -10.52
CA VAL A 252 -26.65 -8.96 -10.53
C VAL A 252 -27.13 -10.26 -11.18
N ASN A 253 -27.85 -11.08 -10.41
CA ASN A 253 -28.36 -12.35 -10.94
C ASN A 253 -29.44 -12.97 -10.05
N PRO A 262 -38.48 -14.96 -11.85
CA PRO A 262 -37.34 -14.55 -11.02
C PRO A 262 -37.76 -14.21 -9.60
N ASP A 263 -37.59 -15.17 -8.69
CA ASP A 263 -37.98 -15.00 -7.29
C ASP A 263 -37.04 -14.13 -6.45
N SER A 264 -35.74 -14.29 -6.64
CA SER A 264 -34.78 -13.53 -5.87
C SER A 264 -33.75 -12.87 -6.77
N ILE A 265 -33.30 -11.68 -6.37
CA ILE A 265 -32.33 -10.96 -7.14
C ILE A 265 -31.16 -10.57 -6.24
N THR A 266 -29.97 -10.99 -6.63
CA THR A 266 -28.75 -10.70 -5.89
C THR A 266 -27.95 -9.63 -6.60
N ILE A 267 -27.63 -8.56 -5.88
CA ILE A 267 -26.85 -7.46 -6.45
C ILE A 267 -25.52 -7.25 -5.70
N GLY A 268 -24.41 -7.52 -6.37
CA GLY A 268 -23.11 -7.34 -5.75
C GLY A 268 -22.59 -5.94 -6.04
N GLY A 269 -22.31 -5.20 -4.97
CA GLY A 269 -21.81 -3.85 -5.12
C GLY A 269 -20.56 -3.47 -4.34
N THR A 270 -19.98 -2.34 -4.71
CA THR A 270 -18.77 -1.83 -4.08
C THR A 270 -18.98 -0.33 -3.88
N LEU A 271 -18.22 0.26 -2.97
CA LEU A 271 -18.33 1.70 -2.75
C LEU A 271 -17.01 2.23 -2.21
N ARG A 272 -16.59 3.38 -2.75
CA ARG A 272 -15.32 3.98 -2.34
C ARG A 272 -15.42 5.48 -2.12
N ALA A 273 -14.59 5.96 -1.21
CA ALA A 273 -14.55 7.37 -0.85
C ALA A 273 -13.22 7.66 -0.17
N PHE A 274 -12.78 8.91 -0.25
CA PHE A 274 -11.53 9.34 0.40
C PHE A 274 -11.86 9.82 1.80
N THR A 275 -13.10 10.28 1.95
CA THR A 275 -13.61 10.84 3.21
C THR A 275 -15.13 10.57 3.30
N GLY A 276 -15.63 10.29 4.50
CA GLY A 276 -17.06 10.02 4.66
C GLY A 276 -17.47 8.64 4.15
N PHE A 277 -16.59 7.67 4.32
CA PHE A 277 -16.88 6.32 3.84
C PHE A 277 -18.10 5.68 4.52
N THR A 278 -18.20 5.81 5.84
CA THR A 278 -19.33 5.27 6.62
C THR A 278 -20.65 5.90 6.16
N GLN A 279 -20.59 7.20 5.92
CA GLN A 279 -21.76 7.92 5.45
C GLN A 279 -22.17 7.41 4.07
N LEU A 280 -21.22 6.92 3.29
CA LEU A 280 -21.55 6.40 1.97
C LEU A 280 -22.10 4.98 2.11
N GLN A 281 -21.45 4.19 2.95
CA GLN A 281 -21.91 2.81 3.22
C GLN A 281 -23.37 2.85 3.66
N GLN A 282 -23.69 3.74 4.59
CA GLN A 282 -25.07 3.84 5.08
C GLN A 282 -26.02 4.37 4.02
N ARG A 283 -25.51 5.22 3.13
CA ARG A 283 -26.36 5.75 2.05
C ARG A 283 -26.66 4.63 1.04
N VAL A 284 -25.66 3.81 0.75
CA VAL A 284 -25.83 2.70 -0.17
C VAL A 284 -26.87 1.74 0.43
N LYS A 285 -26.63 1.33 1.68
CA LYS A 285 -27.56 0.41 2.35
C LYS A 285 -28.96 1.02 2.35
N GLU A 286 -29.08 2.27 2.78
CA GLU A 286 -30.36 2.95 2.81
C GLU A 286 -31.07 2.94 1.45
N VAL A 287 -30.41 3.47 0.42
CA VAL A 287 -31.01 3.50 -0.91
C VAL A 287 -31.65 2.15 -1.22
N ILE A 288 -30.90 1.08 -0.99
CA ILE A 288 -31.40 -0.27 -1.24
C ILE A 288 -32.66 -0.51 -0.40
N THR A 289 -32.57 -0.12 0.88
CA THR A 289 -33.68 -0.28 1.81
C THR A 289 -34.94 0.50 1.40
N LYS A 290 -34.75 1.71 0.88
CA LYS A 290 -35.89 2.52 0.46
C LYS A 290 -36.52 1.94 -0.79
N GLN A 291 -35.71 1.78 -1.83
CA GLN A 291 -36.18 1.27 -3.10
C GLN A 291 -36.82 -0.12 -3.03
N ALA A 292 -36.26 -1.01 -2.21
CA ALA A 292 -36.86 -2.34 -2.08
C ALA A 292 -38.27 -2.17 -1.56
N ALA A 293 -38.41 -1.40 -0.49
CA ALA A 293 -39.69 -1.16 0.16
C ALA A 293 -40.79 -0.54 -0.72
N VAL A 294 -40.46 0.53 -1.45
CA VAL A 294 -41.46 1.18 -2.28
C VAL A 294 -41.95 0.23 -3.37
N HIS A 295 -41.22 -0.84 -3.60
CA HIS A 295 -41.64 -1.82 -4.59
C HIS A 295 -42.13 -3.07 -3.85
N ARG A 296 -42.55 -2.88 -2.61
CA ARG A 296 -43.04 -3.96 -1.74
C ARG A 296 -42.16 -5.20 -1.84
N CYS A 297 -40.89 -5.04 -1.48
CA CYS A 297 -39.95 -6.14 -1.53
C CYS A 297 -39.15 -6.26 -0.25
N ASN A 298 -38.58 -7.45 -0.04
CA ASN A 298 -37.74 -7.73 1.10
C ASN A 298 -36.35 -7.24 0.68
N ALA A 299 -35.63 -6.60 1.61
CA ALA A 299 -34.30 -6.09 1.33
C ALA A 299 -33.27 -6.64 2.30
N SER A 300 -32.33 -7.42 1.77
CA SER A 300 -31.27 -7.99 2.56
C SER A 300 -29.95 -7.41 2.03
N VAL A 301 -29.34 -6.53 2.84
CA VAL A 301 -28.08 -5.86 2.49
C VAL A 301 -26.96 -6.23 3.45
N ASN A 302 -25.83 -6.67 2.90
CA ASN A 302 -24.67 -7.02 3.69
C ASN A 302 -23.47 -6.15 3.22
N LEU A 303 -22.92 -5.33 4.13
CA LEU A 303 -21.77 -4.46 3.83
C LEU A 303 -20.41 -5.08 4.10
N THR A 304 -20.39 -6.37 4.42
CA THR A 304 -19.13 -7.10 4.63
C THR A 304 -19.41 -8.53 4.15
N PRO A 305 -19.84 -8.69 2.89
CA PRO A 305 -20.13 -10.03 2.37
C PRO A 305 -18.98 -11.02 2.32
N ASN A 306 -19.27 -12.24 2.77
CA ASN A 306 -18.28 -13.32 2.77
C ASN A 306 -16.98 -12.96 3.48
N GLY A 307 -17.04 -12.09 4.49
CA GLY A 307 -15.82 -11.71 5.18
C GLY A 307 -14.97 -10.65 4.45
N ARG A 308 -15.59 -9.90 3.56
CA ARG A 308 -14.88 -8.84 2.85
C ARG A 308 -14.99 -7.57 3.70
N GLU A 309 -14.05 -7.38 4.62
CA GLU A 309 -14.06 -6.21 5.50
C GLU A 309 -13.74 -4.93 4.74
N PRO A 310 -14.41 -3.83 5.10
CA PRO A 310 -14.10 -2.60 4.36
C PRO A 310 -12.71 -2.09 4.67
N MET A 311 -11.92 -1.81 3.64
CA MET A 311 -10.60 -1.25 3.84
C MET A 311 -10.84 0.22 4.11
N PRO A 312 -10.07 0.83 5.00
CA PRO A 312 -10.35 2.25 5.22
C PRO A 312 -9.46 3.20 4.41
N PRO A 313 -9.87 4.48 4.31
CA PRO A 313 -9.05 5.44 3.57
C PRO A 313 -7.63 5.41 4.20
N THR A 314 -6.59 5.59 3.39
CA THR A 314 -5.23 5.59 3.93
C THR A 314 -4.97 7.03 4.34
N VAL A 315 -4.75 7.24 5.64
CA VAL A 315 -4.55 8.57 6.18
C VAL A 315 -3.11 8.79 6.65
N ASN A 316 -2.55 9.93 6.25
CA ASN A 316 -1.20 10.32 6.61
C ASN A 316 -1.19 11.31 7.76
N ASN A 317 -0.57 10.88 8.86
CA ASN A 317 -0.45 11.72 10.04
C ASN A 317 0.33 13.01 9.65
N LYS A 318 -0.27 14.16 9.88
CA LYS A 318 0.35 15.43 9.53
C LYS A 318 1.75 15.67 10.13
N ASP A 319 1.96 15.36 11.41
CA ASP A 319 3.29 15.57 11.98
C ASP A 319 4.31 14.72 11.22
N LEU A 320 3.95 13.46 10.98
CA LEU A 320 4.83 12.57 10.22
C LEU A 320 5.07 13.17 8.83
N TYR A 321 3.99 13.68 8.22
CA TYR A 321 4.10 14.32 6.90
C TYR A 321 5.01 15.54 7.04
N LYS A 322 4.82 16.29 8.12
CA LYS A 322 5.67 17.47 8.34
C LYS A 322 7.12 17.01 8.52
N GLN A 323 7.33 15.99 9.34
CA GLN A 323 8.68 15.47 9.56
C GLN A 323 9.25 14.92 8.27
N PHE A 324 8.40 14.27 7.48
CA PHE A 324 8.81 13.68 6.20
C PHE A 324 9.23 14.75 5.19
N LYS A 325 8.47 15.82 5.08
CA LYS A 325 8.82 16.89 4.15
C LYS A 325 10.25 17.37 4.40
N LYS A 326 10.64 17.50 5.66
CA LYS A 326 11.99 17.95 5.98
C LYS A 326 13.04 16.92 5.56
N VAL A 327 12.80 15.65 5.89
CA VAL A 327 13.74 14.59 5.53
C VAL A 327 14.06 14.57 4.02
N VAL A 328 13.02 14.68 3.20
CA VAL A 328 13.17 14.63 1.75
C VAL A 328 13.96 15.81 1.19
N ARG A 329 13.68 17.00 1.69
CA ARG A 329 14.37 18.20 1.23
C ARG A 329 15.80 18.18 1.75
N ASP A 330 15.98 17.95 3.05
CA ASP A 330 17.32 17.90 3.64
C ASP A 330 18.21 16.95 2.87
N LEU A 331 17.62 15.87 2.36
CA LEU A 331 18.34 14.85 1.63
C LEU A 331 18.41 15.11 0.12
N LEU A 332 17.40 15.73 -0.44
CA LEU A 332 17.38 15.93 -1.88
C LEU A 332 17.18 17.34 -2.43
N GLY A 333 17.09 18.34 -1.55
CA GLY A 333 16.90 19.70 -2.03
C GLY A 333 15.46 20.14 -1.89
N GLN A 334 15.25 21.44 -1.73
CA GLN A 334 13.91 21.97 -1.54
C GLN A 334 12.89 21.55 -2.59
N GLU A 335 13.32 21.43 -3.84
CA GLU A 335 12.44 21.07 -4.95
C GLU A 335 12.06 19.59 -5.06
N ALA A 336 12.69 18.74 -4.26
CA ALA A 336 12.42 17.31 -4.33
C ALA A 336 11.05 16.87 -3.77
N PHE A 337 10.55 17.57 -2.75
CA PHE A 337 9.26 17.20 -2.20
C PHE A 337 8.15 17.81 -3.01
N VAL A 338 7.17 17.00 -3.38
CA VAL A 338 6.03 17.50 -4.13
C VAL A 338 4.75 17.06 -3.40
N GLU A 339 3.80 17.97 -3.32
CA GLU A 339 2.53 17.69 -2.67
C GLU A 339 1.74 16.76 -3.57
N ALA A 340 1.33 15.61 -3.04
CA ALA A 340 0.60 14.65 -3.83
C ALA A 340 -0.93 14.88 -3.84
N ALA A 341 -1.58 14.39 -4.88
CA ALA A 341 -3.05 14.49 -4.99
C ALA A 341 -3.61 13.19 -4.47
N PRO A 342 -4.89 13.19 -4.03
CA PRO A 342 -5.53 11.97 -3.53
C PRO A 342 -5.48 10.94 -4.67
N VAL A 343 -5.62 9.65 -4.34
CA VAL A 343 -5.59 8.58 -5.34
C VAL A 343 -6.70 7.55 -5.12
N MET A 344 -7.34 7.12 -6.20
CA MET A 344 -8.38 6.09 -6.10
C MET A 344 -7.78 4.69 -6.19
N GLY A 345 -6.67 4.47 -5.47
CA GLY A 345 -6.05 3.17 -5.50
C GLY A 345 -6.21 2.44 -4.18
N SER A 346 -6.02 1.12 -4.19
CA SER A 346 -6.13 0.31 -2.98
C SER A 346 -4.74 -0.20 -2.62
N GLU A 347 -4.22 0.22 -1.46
CA GLU A 347 -2.91 -0.22 -0.98
C GLU A 347 -3.18 -0.43 0.52
N ASP A 348 -3.08 -1.70 0.93
CA ASP A 348 -3.41 -2.08 2.30
C ASP A 348 -2.61 -1.50 3.45
N PHE A 349 -1.61 -0.68 3.15
CA PHE A 349 -0.87 0.02 4.22
C PHE A 349 -1.98 0.72 5.06
N SER A 350 -3.14 0.92 4.44
CA SER A 350 -4.30 1.54 5.08
C SER A 350 -4.57 0.92 6.44
N TYR A 351 -4.58 -0.41 6.52
CA TYR A 351 -4.84 -1.06 7.80
C TYR A 351 -3.79 -0.73 8.86
N PHE A 352 -2.52 -0.65 8.48
CA PHE A 352 -1.52 -0.27 9.48
C PHE A 352 -1.77 1.17 9.97
N ALA A 353 -2.07 2.07 9.01
CA ALA A 353 -2.33 3.50 9.28
C ALA A 353 -3.63 3.85 10.03
N GLU A 354 -4.57 2.93 10.10
CA GLU A 354 -5.80 3.20 10.85
C GLU A 354 -5.59 2.76 12.31
N THR A 355 -4.46 2.10 12.59
CA THR A 355 -4.19 1.58 13.94
C THR A 355 -3.04 2.27 14.70
N ILE A 356 -2.07 2.85 13.97
CA ILE A 356 -1.01 3.66 14.56
C ILE A 356 -0.75 4.77 13.55
N PRO A 357 -0.08 5.86 13.97
CA PRO A 357 0.23 6.96 13.05
C PRO A 357 0.98 6.39 11.86
N GLY A 358 0.48 6.66 10.65
CA GLY A 358 1.16 6.12 9.48
C GLY A 358 1.53 7.17 8.45
N HIS A 359 2.38 6.79 7.50
CA HIS A 359 2.78 7.71 6.45
C HIS A 359 3.27 6.92 5.23
N PHE A 360 2.55 7.09 4.13
CA PHE A 360 2.83 6.38 2.90
C PHE A 360 3.12 7.44 1.82
N SER A 361 4.34 7.45 1.32
CA SER A 361 4.73 8.46 0.32
C SER A 361 5.07 7.87 -1.04
N LEU A 362 5.20 8.75 -2.04
CA LEU A 362 5.54 8.36 -3.41
C LEU A 362 6.99 8.72 -3.73
N LEU A 363 7.66 7.87 -4.51
CA LEU A 363 9.03 8.14 -4.92
C LEU A 363 9.03 7.74 -6.42
N GLY A 364 8.59 8.66 -7.25
CA GLY A 364 8.47 8.41 -8.67
C GLY A 364 9.81 8.43 -9.36
N MET A 365 9.88 7.81 -10.53
CA MET A 365 11.12 7.74 -11.29
C MET A 365 10.79 7.99 -12.76
N GLN A 366 9.72 8.73 -13.04
CA GLN A 366 9.31 8.91 -14.43
C GLN A 366 10.18 9.95 -15.14
N ASP A 367 10.42 9.73 -16.44
CA ASP A 367 11.24 10.66 -17.21
C ASP A 367 10.37 11.69 -17.92
N GLU A 368 11.00 12.79 -18.33
CA GLU A 368 10.30 13.90 -18.98
C GLU A 368 9.38 13.52 -20.15
N THR A 369 9.68 12.45 -20.88
CA THR A 369 8.82 12.12 -22.01
C THR A 369 7.79 11.05 -21.67
N ASN A 370 7.70 10.72 -20.38
CA ASN A 370 6.74 9.75 -19.91
C ASN A 370 6.95 8.34 -20.42
N GLY A 371 8.19 7.85 -20.36
CA GLY A 371 8.49 6.50 -20.85
C GLY A 371 8.36 5.32 -19.88
N TYR A 372 7.95 5.57 -18.63
CA TYR A 372 7.79 4.47 -17.69
C TYR A 372 6.30 4.16 -17.53
N ALA A 373 5.89 2.99 -18.04
CA ALA A 373 4.51 2.54 -18.00
C ALA A 373 3.86 2.74 -16.65
N SER A 374 2.62 2.29 -16.53
CA SER A 374 1.84 2.38 -15.31
C SER A 374 1.75 1.05 -14.54
N SER A 375 1.27 1.15 -13.31
CA SER A 375 1.09 0.00 -12.45
C SER A 375 0.26 -1.07 -13.15
N HIS A 376 0.65 -2.32 -12.97
CA HIS A 376 -0.02 -3.45 -13.60
C HIS A 376 0.35 -3.59 -15.07
N SER A 377 0.91 -2.54 -15.68
CA SER A 377 1.27 -2.67 -17.10
C SER A 377 2.23 -3.86 -17.29
N PRO A 378 2.01 -4.67 -18.35
CA PRO A 378 2.93 -5.79 -18.59
C PRO A 378 4.31 -5.23 -18.94
N LEU A 379 4.36 -3.93 -19.22
CA LEU A 379 5.60 -3.23 -19.59
C LEU A 379 6.29 -2.50 -18.45
N TYR A 380 5.73 -2.64 -17.25
CA TYR A 380 6.31 -1.99 -16.07
C TYR A 380 7.76 -2.43 -15.89
N ARG A 381 8.59 -1.48 -15.49
CA ARG A 381 9.99 -1.70 -15.25
C ARG A 381 10.39 -0.73 -14.14
N ILE A 382 11.39 -1.11 -13.37
CA ILE A 382 11.96 -0.17 -12.42
C ILE A 382 13.18 0.46 -13.12
N ASN A 383 13.48 1.74 -12.88
CA ASN A 383 14.70 2.34 -13.39
C ASN A 383 15.66 2.25 -12.18
N GLU A 384 16.61 1.31 -12.20
CA GLU A 384 17.53 1.10 -11.07
C GLU A 384 18.03 2.36 -10.33
N ASP A 385 18.26 3.46 -11.05
CA ASP A 385 18.73 4.70 -10.43
C ASP A 385 17.91 5.22 -9.21
N VAL A 386 16.74 4.62 -8.93
CA VAL A 386 15.94 5.07 -7.77
C VAL A 386 16.29 4.25 -6.52
N LEU A 387 16.89 3.09 -6.70
CA LEU A 387 17.14 2.22 -5.55
C LEU A 387 17.85 2.90 -4.37
N PRO A 388 18.87 3.73 -4.65
CA PRO A 388 19.54 4.42 -3.53
C PRO A 388 18.62 5.45 -2.85
N TYR A 389 17.79 6.14 -3.64
CA TYR A 389 16.89 7.15 -3.08
C TYR A 389 15.98 6.57 -2.00
N GLY A 390 15.23 5.53 -2.33
CA GLY A 390 14.35 4.90 -1.33
C GLY A 390 15.08 4.58 -0.03
N ALA A 391 16.30 4.04 -0.16
CA ALA A 391 17.14 3.71 1.00
C ALA A 391 17.44 4.95 1.85
N ALA A 392 18.13 5.92 1.27
CA ALA A 392 18.47 7.15 1.99
C ALA A 392 17.19 7.76 2.52
N ILE A 393 16.08 7.53 1.82
CA ILE A 393 14.82 8.08 2.28
C ILE A 393 14.41 7.40 3.58
N HIS A 394 14.26 6.08 3.55
CA HIS A 394 13.95 5.36 4.79
C HIS A 394 15.02 5.81 5.80
N ALA A 395 16.20 5.17 5.69
CA ALA A 395 17.32 5.44 6.59
C ALA A 395 17.16 6.75 7.37
N SER A 396 17.08 7.87 6.65
CA SER A 396 16.94 9.15 7.31
C SER A 396 15.64 9.32 8.12
N MET A 397 14.51 8.96 7.51
CA MET A 397 13.23 9.11 8.17
C MET A 397 13.23 8.40 9.54
N ALA A 398 13.79 7.20 9.58
CA ALA A 398 13.83 6.48 10.85
C ALA A 398 14.71 7.26 11.83
N VAL A 399 15.90 7.65 11.36
CA VAL A 399 16.83 8.40 12.20
C VAL A 399 16.21 9.65 12.79
N GLN A 400 15.68 10.52 11.94
CA GLN A 400 15.08 11.75 12.40
C GLN A 400 13.85 11.59 13.31
N TYR A 401 13.01 10.59 13.03
CA TYR A 401 11.84 10.38 13.88
C TYR A 401 12.29 10.13 15.34
N LEU A 402 13.21 9.18 15.52
CA LEU A 402 13.73 8.85 16.85
C LEU A 402 14.38 10.07 17.50
N LYS A 403 15.15 10.82 16.73
CA LYS A 403 15.80 12.02 17.23
C LYS A 403 14.77 13.03 17.74
N GLU A 404 13.75 13.30 16.91
CA GLU A 404 12.71 14.25 17.28
C GLU A 404 11.92 13.75 18.49
N LYS A 405 11.81 12.44 18.61
CA LYS A 405 11.10 11.83 19.72
C LYS A 405 11.90 12.07 20.99
N ALA A 406 13.22 11.92 20.90
CA ALA A 406 14.08 12.11 22.05
C ALA A 406 14.38 13.58 22.37
N SER A 407 14.11 14.49 21.43
CA SER A 407 14.40 15.89 21.68
C SER A 407 13.48 16.53 22.72
N LYS A 16 25.25 13.47 3.38
CA LYS A 16 25.06 12.75 4.66
C LYS A 16 25.17 11.24 4.50
N LEU A 17 24.07 10.59 4.09
CA LEU A 17 24.06 9.16 3.90
C LEU A 17 23.52 8.77 2.52
N LEU A 18 23.33 9.78 1.67
CA LEU A 18 22.84 9.53 0.32
C LEU A 18 24.02 9.01 -0.50
N GLU A 19 25.19 9.59 -0.27
CA GLU A 19 26.40 9.18 -0.97
C GLU A 19 26.64 7.70 -0.68
N PHE A 20 26.47 7.32 0.58
CA PHE A 20 26.63 5.93 0.98
C PHE A 20 25.61 5.04 0.26
N ALA A 21 24.36 5.50 0.17
CA ALA A 21 23.29 4.74 -0.51
C ALA A 21 23.66 4.53 -1.99
N LYS A 22 24.36 5.49 -2.57
CA LYS A 22 24.76 5.41 -3.98
C LYS A 22 26.04 4.62 -4.22
N SER A 23 26.84 4.42 -3.18
CA SER A 23 28.11 3.71 -3.33
C SER A 23 27.96 2.25 -3.75
N PRO A 24 29.03 1.66 -4.31
CA PRO A 24 29.04 0.27 -4.75
C PRO A 24 28.57 -0.66 -3.63
N GLU A 25 28.95 -0.31 -2.41
CA GLU A 25 28.59 -1.09 -1.23
C GLU A 25 27.09 -1.29 -1.08
N VAL A 26 26.33 -0.21 -1.20
CA VAL A 26 24.88 -0.29 -1.07
C VAL A 26 24.23 -0.36 -2.46
N PHE A 27 24.22 0.76 -3.19
CA PHE A 27 23.61 0.80 -4.53
C PHE A 27 23.90 -0.42 -5.41
N ASP A 28 25.16 -0.65 -5.72
CA ASP A 28 25.54 -1.78 -6.56
C ASP A 28 24.96 -3.07 -5.96
N TRP A 29 25.02 -3.16 -4.65
CA TRP A 29 24.48 -4.27 -3.86
C TRP A 29 22.95 -4.26 -3.93
N MET A 30 22.32 -3.10 -3.82
CA MET A 30 20.86 -3.01 -3.91
C MET A 30 20.39 -3.48 -5.26
N VAL A 31 21.08 -3.04 -6.31
CA VAL A 31 20.69 -3.42 -7.68
C VAL A 31 20.68 -4.92 -7.92
N LYS A 32 21.70 -5.63 -7.45
CA LYS A 32 21.69 -7.06 -7.68
C LYS A 32 20.58 -7.69 -6.88
N ILE A 33 20.35 -7.19 -5.67
CA ILE A 33 19.27 -7.72 -4.85
C ILE A 33 17.96 -7.47 -5.57
N ARG A 34 17.72 -6.22 -5.96
CA ARG A 34 16.49 -5.90 -6.63
C ARG A 34 16.25 -6.82 -7.81
N ARG A 35 17.30 -7.13 -8.56
CA ARG A 35 17.17 -7.96 -9.74
C ARG A 35 16.88 -9.42 -9.53
N LYS A 36 17.35 -9.98 -8.41
CA LYS A 36 17.10 -11.40 -8.11
C LYS A 36 15.60 -11.58 -7.82
N ILE A 37 14.97 -10.51 -7.33
CA ILE A 37 13.54 -10.59 -7.07
C ILE A 37 12.76 -10.43 -8.34
N HIS A 38 13.19 -9.46 -9.17
CA HIS A 38 12.48 -9.20 -10.41
C HIS A 38 12.40 -10.44 -11.31
N GLU A 39 13.45 -11.26 -11.31
CA GLU A 39 13.45 -12.49 -12.12
C GLU A 39 12.69 -13.61 -11.44
N ASN A 40 12.41 -13.46 -10.15
CA ASN A 40 11.67 -14.47 -9.43
C ASN A 40 10.43 -13.89 -8.74
N PRO A 41 9.41 -13.51 -9.51
CA PRO A 41 8.21 -12.95 -8.88
C PRO A 41 7.34 -14.00 -8.17
N GLU A 42 6.87 -13.66 -6.97
CA GLU A 42 6.05 -14.58 -6.18
C GLU A 42 4.78 -13.87 -5.73
N LEU A 43 3.67 -14.61 -5.76
CA LEU A 43 2.36 -14.10 -5.39
C LEU A 43 2.08 -14.13 -3.88
N GLY A 44 0.99 -13.46 -3.47
CA GLY A 44 0.61 -13.38 -2.07
C GLY A 44 0.62 -14.67 -1.29
N TYR A 45 1.32 -14.65 -0.17
CA TYR A 45 1.48 -15.81 0.73
C TYR A 45 2.28 -16.96 0.12
N GLU A 46 3.00 -16.67 -0.97
CA GLU A 46 3.83 -17.66 -1.66
C GLU A 46 5.26 -17.12 -1.83
N GLU A 47 5.55 -15.99 -1.18
CA GLU A 47 6.84 -15.32 -1.25
C GLU A 47 7.99 -16.12 -0.59
N LEU A 48 7.95 -17.44 -0.74
CA LEU A 48 8.95 -18.32 -0.14
C LEU A 48 10.41 -17.92 -0.35
N GLU A 49 10.80 -17.73 -1.60
CA GLU A 49 12.17 -17.38 -1.90
C GLU A 49 12.51 -15.91 -1.63
N THR A 50 11.53 -15.03 -1.79
CA THR A 50 11.78 -13.61 -1.54
C THR A 50 12.02 -13.42 -0.03
N SER A 51 11.27 -14.17 0.77
CA SER A 51 11.38 -14.14 2.23
C SER A 51 12.72 -14.74 2.72
N LYS A 52 13.19 -15.84 2.12
CA LYS A 52 14.49 -16.44 2.53
C LYS A 52 15.63 -15.44 2.24
N LEU A 53 15.54 -14.74 1.12
CA LEU A 53 16.57 -13.76 0.74
C LEU A 53 16.62 -12.55 1.69
N ILE A 54 15.45 -11.98 2.01
CA ILE A 54 15.41 -10.83 2.91
C ILE A 54 16.05 -11.25 4.23
N ARG A 55 15.61 -12.39 4.74
CA ARG A 55 16.14 -12.90 5.99
C ARG A 55 17.60 -13.34 5.80
N SER A 56 18.11 -13.28 4.56
CA SER A 56 19.50 -13.62 4.23
C SER A 56 20.37 -12.38 4.24
N GLU A 57 19.74 -11.22 4.14
CA GLU A 57 20.49 -9.99 4.12
C GLU A 57 20.48 -9.30 5.48
N LEU A 58 19.51 -9.65 6.31
CA LEU A 58 19.42 -9.09 7.67
C LEU A 58 20.55 -9.72 8.49
N GLU A 59 20.72 -11.03 8.33
CA GLU A 59 21.79 -11.77 9.02
C GLU A 59 23.18 -11.25 8.63
N LEU A 60 23.43 -11.17 7.32
CA LEU A 60 24.69 -10.68 6.81
C LEU A 60 24.95 -9.28 7.38
N ILE A 61 24.03 -8.34 7.17
CA ILE A 61 24.22 -6.99 7.70
C ILE A 61 24.46 -6.94 9.23
N GLY A 62 23.75 -7.80 9.97
CA GLY A 62 23.86 -7.83 11.42
C GLY A 62 22.58 -7.30 12.08
N ILE A 63 21.45 -7.93 11.74
CA ILE A 63 20.13 -7.53 12.25
C ILE A 63 19.24 -8.72 12.64
N LYS A 64 18.71 -8.66 13.86
CA LYS A 64 17.82 -9.70 14.39
C LYS A 64 16.39 -9.51 13.85
N TYR A 65 15.69 -10.60 13.62
CA TYR A 65 14.32 -10.51 13.10
C TYR A 65 13.41 -11.59 13.66
N ARG A 66 12.11 -11.31 13.60
CA ARG A 66 11.06 -12.22 14.03
C ARG A 66 10.41 -12.80 12.77
N TYR A 67 10.37 -14.13 12.70
CA TYR A 67 9.81 -14.84 11.55
C TYR A 67 9.28 -16.20 12.04
N PRO A 68 8.16 -16.67 11.47
CA PRO A 68 7.39 -15.99 10.43
C PRO A 68 6.33 -15.06 11.01
N VAL A 69 5.79 -14.21 10.14
CA VAL A 69 4.70 -13.31 10.48
C VAL A 69 3.84 -13.28 9.21
N ALA A 70 2.59 -13.73 9.32
CA ALA A 70 1.68 -13.80 8.19
C ALA A 70 2.26 -14.74 7.12
N ILE A 71 2.75 -15.88 7.60
CA ILE A 71 3.31 -16.98 6.82
C ILE A 71 4.64 -16.72 6.14
N THR A 72 4.81 -15.56 5.48
CA THR A 72 6.08 -15.28 4.81
C THR A 72 6.78 -14.01 5.30
N GLY A 73 6.05 -13.20 6.07
CA GLY A 73 6.57 -11.94 6.57
C GLY A 73 7.68 -11.96 7.59
N VAL A 74 8.42 -10.84 7.60
CA VAL A 74 9.58 -10.64 8.45
C VAL A 74 9.63 -9.26 9.15
N ILE A 75 10.00 -9.25 10.43
CA ILE A 75 10.16 -7.97 11.13
C ILE A 75 11.58 -7.94 11.71
N GLY A 76 12.37 -6.96 11.28
CA GLY A 76 13.73 -6.81 11.76
C GLY A 76 13.90 -5.64 12.72
N TYR A 77 15.01 -5.63 13.47
CA TYR A 77 15.23 -4.57 14.43
C TYR A 77 16.60 -3.90 14.37
N ILE A 78 16.62 -2.58 14.45
CA ILE A 78 17.90 -1.88 14.42
C ILE A 78 17.93 -0.78 15.45
N GLY A 79 18.88 -0.85 16.37
CA GLY A 79 18.97 0.18 17.39
C GLY A 79 19.29 -0.36 18.77
N THR A 80 18.64 0.22 19.77
CA THR A 80 18.88 -0.18 21.16
C THR A 80 18.13 -1.43 21.59
N GLY A 81 17.05 -1.77 20.88
CA GLY A 81 16.25 -2.91 21.28
C GLY A 81 15.12 -2.41 22.21
N GLU A 82 15.18 -1.16 22.61
CA GLU A 82 14.13 -0.63 23.50
C GLU A 82 13.31 0.46 22.80
N PRO A 83 12.16 0.82 23.38
CA PRO A 83 11.35 1.87 22.73
C PRO A 83 12.15 3.18 22.77
N PRO A 84 11.79 4.16 21.92
CA PRO A 84 10.68 4.08 20.96
C PRO A 84 10.97 3.23 19.72
N PHE A 85 9.93 2.59 19.23
CA PHE A 85 10.00 1.78 18.03
C PHE A 85 9.31 2.56 16.92
N VAL A 86 9.99 2.71 15.79
CA VAL A 86 9.43 3.40 14.62
C VAL A 86 9.57 2.39 13.46
N ALA A 87 8.47 2.14 12.75
CA ALA A 87 8.50 1.14 11.70
C ALA A 87 8.66 1.66 10.27
N LEU A 88 9.28 0.82 9.42
CA LEU A 88 9.50 1.07 7.99
C LEU A 88 8.91 -0.18 7.31
N ARG A 89 8.19 -0.01 6.21
CA ARG A 89 7.48 -1.12 5.59
C ARG A 89 7.66 -1.29 4.09
N ALA A 90 7.79 -2.54 3.65
CA ALA A 90 7.89 -2.91 2.23
C ALA A 90 6.95 -4.09 2.02
N ASP A 91 6.35 -4.18 0.81
CA ASP A 91 5.44 -5.28 0.45
C ASP A 91 6.12 -6.21 -0.56
N MET A 92 5.93 -7.52 -0.39
CA MET A 92 6.60 -8.54 -1.20
C MET A 92 6.01 -9.13 -2.49
N ASP A 93 4.69 -9.29 -2.54
CA ASP A 93 4.03 -9.95 -3.68
C ASP A 93 4.09 -9.28 -5.04
N ALA A 94 4.05 -10.13 -6.07
CA ALA A 94 4.05 -9.71 -7.47
C ALA A 94 2.60 -9.75 -7.97
N LEU A 95 2.43 -9.83 -9.28
CA LEU A 95 1.11 -9.85 -9.89
C LEU A 95 1.00 -10.93 -10.98
N PRO A 96 -0.22 -11.40 -11.28
CA PRO A 96 -0.36 -12.42 -12.33
C PRO A 96 -0.46 -11.73 -13.70
N ILE A 97 0.67 -11.18 -14.13
CA ILE A 97 0.83 -10.46 -15.38
C ILE A 97 2.06 -11.04 -16.09
N GLN A 98 2.02 -11.14 -17.42
CA GLN A 98 3.18 -11.63 -18.20
C GLN A 98 4.04 -10.42 -18.53
N GLU A 99 5.32 -10.47 -18.13
CA GLU A 99 6.26 -9.39 -18.37
C GLU A 99 6.57 -9.25 -19.87
N GLY A 100 6.54 -8.00 -20.35
CA GLY A 100 6.84 -7.73 -21.75
C GLY A 100 8.04 -6.80 -21.94
N VAL A 101 8.86 -6.65 -20.91
CA VAL A 101 10.06 -5.79 -20.96
C VAL A 101 11.29 -6.62 -21.27
N GLU A 102 11.61 -6.84 -22.54
CA GLU A 102 12.78 -7.66 -22.83
C GLU A 102 14.07 -6.99 -22.34
N TRP A 103 14.73 -7.59 -21.37
CA TRP A 103 15.98 -7.05 -20.84
C TRP A 103 16.68 -8.15 -20.09
N GLU A 104 17.90 -7.86 -19.64
CA GLU A 104 18.74 -8.81 -18.95
C GLU A 104 18.13 -9.52 -17.74
N HIS A 105 17.06 -8.95 -17.18
CA HIS A 105 16.48 -9.55 -15.99
C HIS A 105 14.98 -9.67 -15.94
N LYS A 106 14.37 -9.86 -17.10
CA LYS A 106 12.93 -10.07 -17.18
C LYS A 106 12.76 -11.27 -16.24
N SER A 107 11.62 -11.40 -15.56
CA SER A 107 11.47 -12.57 -14.70
C SER A 107 11.77 -13.87 -15.45
N LYS A 108 11.68 -14.98 -14.69
CA LYS A 108 11.89 -16.33 -15.20
C LYS A 108 10.59 -17.12 -15.13
N ILE A 109 9.63 -16.61 -14.36
CA ILE A 109 8.34 -17.28 -14.13
C ILE A 109 7.20 -16.92 -15.10
N ALA A 110 6.42 -17.94 -15.46
CA ALA A 110 5.29 -17.78 -16.36
C ALA A 110 4.00 -17.23 -15.73
N GLY A 111 3.41 -16.24 -16.40
CA GLY A 111 2.17 -15.65 -15.94
C GLY A 111 2.27 -14.66 -14.79
N LYS A 112 3.49 -14.41 -14.30
CA LYS A 112 3.66 -13.49 -13.18
C LYS A 112 4.77 -12.49 -13.43
N MET A 113 4.71 -11.37 -12.74
CA MET A 113 5.70 -10.30 -12.88
C MET A 113 5.56 -9.27 -11.77
N HIS A 114 6.68 -8.67 -11.39
CA HIS A 114 6.64 -7.59 -10.41
C HIS A 114 6.31 -6.31 -11.19
N ALA A 115 5.02 -6.15 -11.47
CA ALA A 115 4.50 -5.00 -12.21
C ALA A 115 4.18 -3.78 -11.33
N CYS A 116 4.41 -3.86 -10.02
CA CYS A 116 4.11 -2.70 -9.17
C CYS A 116 5.28 -2.27 -8.29
N GLY A 117 6.51 -2.57 -8.73
CA GLY A 117 7.71 -2.19 -8.01
C GLY A 117 7.97 -2.88 -6.69
N HIS A 118 7.24 -3.95 -6.38
CA HIS A 118 7.41 -4.60 -5.09
C HIS A 118 8.79 -5.18 -4.81
N ASP A 119 9.51 -5.57 -5.86
CA ASP A 119 10.90 -6.04 -5.66
C ASP A 119 11.77 -4.82 -5.27
N GLY A 120 11.43 -3.64 -5.81
CA GLY A 120 12.16 -2.42 -5.47
C GLY A 120 11.90 -1.96 -4.03
N HIS A 121 10.65 -1.98 -3.57
CA HIS A 121 10.37 -1.55 -2.19
C HIS A 121 11.15 -2.37 -1.16
N VAL A 122 11.24 -3.68 -1.37
CA VAL A 122 12.00 -4.54 -0.46
C VAL A 122 13.47 -4.09 -0.51
N THR A 123 13.97 -3.87 -1.72
CA THR A 123 15.36 -3.46 -1.94
C THR A 123 15.70 -2.13 -1.27
N MET A 124 14.81 -1.15 -1.32
CA MET A 124 15.15 0.12 -0.69
C MET A 124 15.14 -0.02 0.83
N LEU A 125 14.26 -0.88 1.37
CA LEU A 125 14.20 -1.07 2.82
C LEU A 125 15.48 -1.78 3.31
N LEU A 126 15.96 -2.78 2.58
CA LEU A 126 17.21 -3.46 2.95
C LEU A 126 18.36 -2.46 2.82
N GLY A 127 18.24 -1.50 1.90
CA GLY A 127 19.31 -0.50 1.78
C GLY A 127 19.24 0.33 3.06
N ALA A 128 18.04 0.77 3.38
CA ALA A 128 17.80 1.55 4.58
C ALA A 128 18.35 0.84 5.84
N ALA A 129 18.24 -0.49 5.90
CA ALA A 129 18.74 -1.25 7.04
C ALA A 129 20.27 -1.23 7.08
N LYS A 130 20.90 -1.59 5.97
CA LYS A 130 22.37 -1.59 5.92
C LYS A 130 22.88 -0.21 6.34
N ILE A 131 22.09 0.81 6.04
CA ILE A 131 22.41 2.19 6.40
C ILE A 131 22.27 2.37 7.92
N LEU A 132 21.06 2.21 8.42
CA LEU A 132 20.75 2.34 9.85
C LEU A 132 21.70 1.50 10.71
N HIS A 133 21.99 0.29 10.24
CA HIS A 133 22.85 -0.62 10.97
C HIS A 133 24.24 -0.06 11.16
N GLU A 134 24.68 0.80 10.26
CA GLU A 134 26.00 1.41 10.39
C GLU A 134 26.02 2.29 11.64
N HIS A 135 24.95 3.05 11.88
CA HIS A 135 24.91 3.88 13.08
C HIS A 135 23.89 3.28 14.04
N ARG A 136 23.84 1.96 14.09
CA ARG A 136 22.85 1.29 14.94
C ARG A 136 22.98 1.62 16.42
N HIS A 137 24.19 1.93 16.87
CA HIS A 137 24.38 2.25 18.28
C HIS A 137 23.91 3.67 18.61
N HIS A 138 23.78 4.51 17.58
CA HIS A 138 23.36 5.89 17.81
C HIS A 138 21.89 6.18 17.55
N LEU A 139 21.09 5.12 17.41
CA LEU A 139 19.66 5.28 17.17
C LEU A 139 18.93 5.52 18.49
N GLN A 140 18.13 6.58 18.53
CA GLN A 140 17.38 6.91 19.74
C GLN A 140 16.07 6.14 19.75
N GLY A 141 16.20 4.86 20.08
CA GLY A 141 15.08 3.94 20.08
C GLY A 141 15.51 2.90 19.05
N THR A 142 14.57 2.12 18.56
CA THR A 142 14.89 1.10 17.59
C THR A 142 14.02 1.28 16.34
N VAL A 143 14.48 0.73 15.22
CA VAL A 143 13.75 0.81 13.94
C VAL A 143 13.23 -0.59 13.67
N VAL A 144 11.95 -0.68 13.31
CA VAL A 144 11.32 -1.97 13.02
C VAL A 144 11.18 -2.04 11.50
N LEU A 145 11.63 -3.14 10.90
CA LEU A 145 11.60 -3.31 9.44
C LEU A 145 10.56 -4.33 9.07
N ILE A 146 9.44 -3.85 8.56
CA ILE A 146 8.34 -4.73 8.21
C ILE A 146 8.32 -5.12 6.74
N PHE A 147 8.57 -6.41 6.49
CA PHE A 147 8.52 -6.97 5.14
C PHE A 147 7.18 -7.70 5.14
N GLN A 148 6.28 -7.24 4.27
CA GLN A 148 4.90 -7.73 4.20
C GLN A 148 4.42 -8.53 2.99
N PRO A 149 3.77 -9.66 3.24
CA PRO A 149 3.26 -10.48 2.15
C PRO A 149 1.89 -9.98 1.68
N ALA A 150 1.50 -10.48 0.52
CA ALA A 150 0.16 -10.30 -0.01
C ALA A 150 -0.55 -8.96 0.07
N GLU A 151 0.11 -7.93 -0.43
CA GLU A 151 -0.49 -6.62 -0.48
C GLU A 151 -1.59 -6.60 -1.56
N GLU A 152 -1.34 -7.22 -2.71
CA GLU A 152 -2.32 -7.12 -3.82
C GLU A 152 -3.72 -7.63 -3.55
N GLY A 153 -3.84 -8.70 -2.78
CA GLY A 153 -5.15 -9.21 -2.45
C GLY A 153 -5.70 -8.49 -1.23
N LEU A 154 -4.96 -7.47 -0.77
CA LEU A 154 -5.35 -6.63 0.37
C LEU A 154 -5.57 -7.31 1.72
N SER A 155 -4.92 -8.45 1.96
CA SER A 155 -5.11 -9.10 3.25
C SER A 155 -3.84 -9.20 4.10
N GLY A 156 -2.67 -9.13 3.47
CA GLY A 156 -1.43 -9.29 4.20
C GLY A 156 -1.17 -8.32 5.35
N ALA A 157 -1.42 -7.03 5.10
CA ALA A 157 -1.20 -6.03 6.13
C ALA A 157 -2.18 -6.32 7.27
N LYS A 158 -3.40 -6.75 6.92
CA LYS A 158 -4.42 -7.05 7.93
C LYS A 158 -3.99 -8.28 8.76
N LYS A 159 -3.31 -9.23 8.11
CA LYS A 159 -2.87 -10.43 8.82
C LYS A 159 -1.67 -10.14 9.72
N MET A 160 -0.75 -9.29 9.27
CA MET A 160 0.40 -8.95 10.12
C MET A 160 -0.10 -8.25 11.38
N ARG A 161 -1.10 -7.38 11.22
CA ARG A 161 -1.68 -6.63 12.34
C ARG A 161 -2.33 -7.62 13.31
N GLU A 162 -3.09 -8.56 12.77
CA GLU A 162 -3.75 -9.59 13.57
C GLU A 162 -2.71 -10.34 14.41
N GLU A 163 -1.57 -10.65 13.78
CA GLU A 163 -0.50 -11.37 14.45
C GLU A 163 0.41 -10.51 15.33
N GLY A 164 -0.02 -9.27 15.57
CA GLY A 164 0.72 -8.40 16.46
C GLY A 164 1.90 -7.60 15.94
N ALA A 165 2.00 -7.44 14.63
CA ALA A 165 3.12 -6.70 14.07
C ALA A 165 3.14 -5.24 14.53
N LEU A 166 1.99 -4.72 14.94
CA LEU A 166 1.92 -3.32 15.36
C LEU A 166 2.02 -3.04 16.86
N LYS A 167 2.23 -4.07 17.68
CA LYS A 167 2.29 -3.81 19.13
C LYS A 167 3.53 -3.03 19.55
N ASN A 168 3.31 -2.00 20.38
CA ASN A 168 4.40 -1.16 20.88
C ASN A 168 5.00 -0.21 19.82
N VAL A 169 4.59 -0.38 18.56
CA VAL A 169 5.09 0.48 17.50
C VAL A 169 4.32 1.81 17.48
N GLU A 170 5.06 2.91 17.50
CA GLU A 170 4.44 4.23 17.55
C GLU A 170 4.20 4.97 16.22
N ALA A 171 4.88 4.56 15.15
CA ALA A 171 4.72 5.22 13.86
C ALA A 171 5.17 4.26 12.79
N ILE A 172 4.62 4.42 11.59
CA ILE A 172 5.03 3.57 10.48
C ILE A 172 5.09 4.39 9.19
N PHE A 173 6.16 4.16 8.43
CA PHE A 173 6.40 4.86 7.16
C PHE A 173 6.56 3.83 6.04
N GLY A 174 5.93 4.10 4.90
CA GLY A 174 6.06 3.21 3.75
C GLY A 174 6.28 4.04 2.49
N ILE A 175 6.93 3.41 1.50
CA ILE A 175 7.21 4.06 0.22
C ILE A 175 6.72 3.17 -0.93
N HIS A 176 6.16 3.81 -1.96
CA HIS A 176 5.73 3.07 -3.15
C HIS A 176 6.35 3.83 -4.37
N LEU A 177 6.99 3.10 -5.27
CA LEU A 177 7.59 3.70 -6.47
C LEU A 177 6.50 4.25 -7.37
N SER A 178 6.68 5.44 -7.91
CA SER A 178 5.64 6.00 -8.76
C SER A 178 6.01 6.40 -10.17
N ALA A 179 5.33 5.80 -11.14
CA ALA A 179 5.55 6.17 -12.54
C ALA A 179 4.68 7.37 -12.86
N ARG A 180 4.12 8.01 -11.83
CA ARG A 180 3.29 9.21 -12.02
C ARG A 180 3.96 10.43 -11.40
N ILE A 181 5.14 10.21 -10.84
CA ILE A 181 5.91 11.27 -10.18
C ILE A 181 7.29 11.30 -10.85
N PRO A 182 7.82 12.49 -11.16
CA PRO A 182 9.13 12.56 -11.80
C PRO A 182 10.25 11.98 -10.95
N PHE A 183 11.26 11.41 -11.60
CA PHE A 183 12.42 10.82 -10.95
C PHE A 183 13.03 11.78 -9.93
N GLY A 184 13.49 11.25 -8.81
CA GLY A 184 14.12 12.08 -7.79
C GLY A 184 13.19 12.93 -6.91
N LYS A 185 11.88 12.85 -7.11
CA LYS A 185 10.96 13.63 -6.28
C LYS A 185 10.21 12.71 -5.31
N ALA A 186 9.74 13.29 -4.19
CA ALA A 186 9.00 12.55 -3.17
C ALA A 186 7.66 13.28 -3.04
N ALA A 187 6.57 12.52 -2.98
CA ALA A 187 5.27 13.15 -2.92
C ALA A 187 4.44 12.66 -1.74
N SER A 188 3.79 13.58 -1.04
CA SER A 188 2.96 13.20 0.09
C SER A 188 1.93 14.28 0.33
N ARG A 189 1.04 14.01 1.28
CA ARG A 189 0.01 14.94 1.67
C ARG A 189 -0.55 14.41 3.00
N ALA A 190 -1.02 15.32 3.85
CA ALA A 190 -1.61 14.95 5.13
C ALA A 190 -3.08 14.56 4.96
N GLY A 191 -3.54 13.63 5.79
CA GLY A 191 -4.94 13.23 5.71
C GLY A 191 -5.15 12.08 4.75
N SER A 192 -6.41 11.86 4.37
CA SER A 192 -6.75 10.78 3.46
C SER A 192 -5.94 10.96 2.17
N PHE A 193 -5.29 9.89 1.74
CA PHE A 193 -4.43 9.89 0.56
C PHE A 193 -5.01 8.94 -0.48
N LEU A 194 -5.21 7.67 -0.10
CA LEU A 194 -5.77 6.67 -1.00
C LEU A 194 -7.15 6.34 -0.50
N ALA A 195 -8.11 6.29 -1.42
CA ALA A 195 -9.48 6.04 -1.05
C ALA A 195 -9.80 4.68 -0.39
N GLY A 196 -10.78 4.70 0.51
CA GLY A 196 -11.22 3.49 1.15
C GLY A 196 -11.99 2.68 0.10
N ALA A 197 -12.16 1.38 0.35
CA ALA A 197 -12.89 0.53 -0.58
C ALA A 197 -13.65 -0.54 0.19
N GLY A 198 -14.93 -0.64 -0.13
CA GLY A 198 -15.76 -1.64 0.54
C GLY A 198 -16.59 -2.33 -0.53
N VAL A 199 -17.20 -3.46 -0.16
CA VAL A 199 -18.08 -4.19 -1.09
C VAL A 199 -19.38 -4.40 -0.36
N PHE A 200 -20.45 -4.58 -1.11
CA PHE A 200 -21.76 -4.78 -0.49
C PHE A 200 -22.48 -5.86 -1.28
N GLU A 201 -23.39 -6.56 -0.62
CA GLU A 201 -24.16 -7.58 -1.30
C GLU A 201 -25.60 -7.40 -0.88
N ALA A 202 -26.52 -7.39 -1.85
CA ALA A 202 -27.92 -7.23 -1.52
C ALA A 202 -28.79 -8.30 -2.19
N VAL A 203 -29.68 -8.90 -1.41
CA VAL A 203 -30.61 -9.93 -1.93
C VAL A 203 -32.00 -9.33 -1.89
N ILE A 204 -32.63 -9.22 -3.06
CA ILE A 204 -33.96 -8.65 -3.15
C ILE A 204 -34.98 -9.80 -3.33
N THR A 205 -36.13 -9.69 -2.67
CA THR A 205 -37.19 -10.71 -2.76
C THR A 205 -38.57 -10.07 -2.57
N GLY A 206 -39.58 -10.60 -3.26
CA GLY A 206 -40.92 -10.03 -3.12
C GLY A 206 -41.51 -10.27 -1.74
N LYS A 207 -42.33 -9.34 -1.27
CA LYS A 207 -42.96 -9.46 0.05
C LYS A 207 -44.23 -10.32 -0.02
N THR A 217 -45.33 -10.08 -8.63
CA THR A 217 -44.31 -11.08 -8.96
C THR A 217 -43.13 -10.52 -9.74
N ILE A 218 -43.36 -9.46 -10.51
CA ILE A 218 -42.29 -8.84 -11.30
C ILE A 218 -41.56 -7.77 -10.48
N ASP A 219 -42.11 -7.47 -9.32
CA ASP A 219 -41.53 -6.44 -8.46
C ASP A 219 -40.05 -6.58 -8.16
N PRO A 220 -39.56 -7.80 -7.89
CA PRO A 220 -38.13 -7.94 -7.60
C PRO A 220 -37.29 -7.43 -8.76
N VAL A 221 -37.72 -7.74 -9.98
CA VAL A 221 -36.99 -7.31 -11.18
C VAL A 221 -37.07 -5.80 -11.32
N VAL A 222 -38.26 -5.23 -11.12
CA VAL A 222 -38.44 -3.78 -11.20
C VAL A 222 -37.62 -3.13 -10.09
N ALA A 223 -37.60 -3.78 -8.94
CA ALA A 223 -36.87 -3.31 -7.77
C ALA A 223 -35.36 -3.25 -8.03
N ALA A 224 -34.78 -4.38 -8.41
CA ALA A 224 -33.34 -4.45 -8.68
C ALA A 224 -32.92 -3.52 -9.80
N SER A 225 -33.76 -3.38 -10.81
CA SER A 225 -33.43 -2.51 -11.93
C SER A 225 -33.37 -1.06 -11.49
N SER A 226 -34.31 -0.66 -10.65
CA SER A 226 -34.31 0.69 -10.15
C SER A 226 -33.04 0.83 -9.31
N ILE A 227 -32.91 -0.03 -8.30
CA ILE A 227 -31.76 -0.03 -7.42
C ILE A 227 -30.47 0.24 -8.21
N VAL A 228 -30.27 -0.53 -9.28
CA VAL A 228 -29.09 -0.39 -10.11
C VAL A 228 -28.88 1.06 -10.52
N LEU A 229 -29.84 1.63 -11.22
CA LEU A 229 -29.72 3.02 -11.64
C LEU A 229 -29.52 3.94 -10.45
N SER A 230 -30.30 3.71 -9.40
CA SER A 230 -30.24 4.55 -8.20
C SER A 230 -28.87 4.53 -7.49
N LEU A 231 -28.21 3.38 -7.49
CA LEU A 231 -26.90 3.29 -6.85
C LEU A 231 -25.83 3.88 -7.78
N GLN A 232 -26.04 3.76 -9.08
CA GLN A 232 -25.09 4.30 -10.05
C GLN A 232 -25.13 5.82 -9.95
N GLN A 233 -26.26 6.34 -9.48
CA GLN A 233 -26.41 7.77 -9.32
C GLN A 233 -25.40 8.29 -8.29
N LEU A 234 -25.24 7.57 -7.17
CA LEU A 234 -24.34 8.00 -6.10
C LEU A 234 -22.93 8.38 -6.53
N VAL A 235 -22.51 7.96 -7.72
CA VAL A 235 -21.17 8.33 -8.20
C VAL A 235 -21.17 9.85 -8.28
N SER A 236 -20.32 10.46 -7.47
CA SER A 236 -20.23 11.90 -7.43
C SER A 236 -18.83 12.43 -7.73
N ARG A 237 -18.78 13.44 -8.59
CA ARG A 237 -17.57 14.13 -8.99
C ARG A 237 -17.74 15.62 -8.73
N GLU A 238 -16.74 16.25 -8.14
CA GLU A 238 -16.84 17.66 -7.86
C GLU A 238 -15.53 18.38 -8.12
N THR A 239 -15.36 19.53 -7.47
CA THR A 239 -14.19 20.35 -7.66
C THR A 239 -13.03 20.06 -6.68
N ASP A 240 -13.29 19.22 -5.69
CA ASP A 240 -12.27 18.80 -4.71
C ASP A 240 -12.15 17.29 -4.82
N PRO A 241 -10.97 16.78 -5.18
CA PRO A 241 -10.83 15.31 -5.29
C PRO A 241 -11.27 14.49 -4.07
N LEU A 242 -11.04 15.00 -2.86
CA LEU A 242 -11.43 14.27 -1.64
C LEU A 242 -12.92 13.99 -1.51
N ASP A 243 -13.75 14.83 -2.12
CA ASP A 243 -15.21 14.66 -2.06
C ASP A 243 -15.72 13.55 -2.99
N SER A 244 -14.87 13.07 -3.89
CA SER A 244 -15.26 12.07 -4.87
C SER A 244 -15.64 10.72 -4.30
N LYS A 245 -16.76 10.19 -4.79
CA LYS A 245 -17.21 8.90 -4.34
C LYS A 245 -17.61 8.07 -5.55
N VAL A 246 -17.42 6.76 -5.42
CA VAL A 246 -17.76 5.82 -6.46
C VAL A 246 -18.64 4.73 -5.85
N VAL A 247 -19.73 4.43 -6.54
CA VAL A 247 -20.63 3.38 -6.13
C VAL A 247 -20.91 2.66 -7.44
N THR A 248 -20.55 1.38 -7.47
CA THR A 248 -20.73 0.57 -8.66
C THR A 248 -21.50 -0.70 -8.32
N VAL A 249 -22.08 -1.29 -9.36
CA VAL A 249 -22.79 -2.56 -9.25
C VAL A 249 -22.08 -3.44 -10.27
N SER A 250 -21.52 -4.54 -9.79
CA SER A 250 -20.79 -5.44 -10.66
C SER A 250 -21.49 -6.79 -10.80
N LYS A 251 -22.21 -7.21 -9.75
CA LYS A 251 -22.91 -8.48 -9.77
C LYS A 251 -24.43 -8.29 -9.69
N VAL A 252 -25.14 -9.05 -10.51
CA VAL A 252 -26.59 -9.03 -10.55
C VAL A 252 -27.09 -10.33 -11.20
N ASN A 253 -27.94 -11.07 -10.49
CA ASN A 253 -28.47 -12.33 -11.04
C ASN A 253 -29.64 -12.88 -10.22
N PRO A 262 -38.65 -14.84 -11.60
CA PRO A 262 -37.48 -14.51 -10.78
C PRO A 262 -37.85 -14.19 -9.34
N ASP A 263 -37.71 -15.17 -8.46
CA ASP A 263 -38.08 -15.00 -7.06
C ASP A 263 -37.19 -14.02 -6.28
N SER A 264 -35.89 -14.04 -6.57
CA SER A 264 -34.95 -13.16 -5.89
C SER A 264 -33.82 -12.77 -6.81
N ILE A 265 -33.25 -11.60 -6.55
CA ILE A 265 -32.15 -11.12 -7.36
C ILE A 265 -31.03 -10.65 -6.45
N THR A 266 -29.83 -11.12 -6.74
CA THR A 266 -28.66 -10.76 -5.96
C THR A 266 -27.86 -9.68 -6.68
N ILE A 267 -27.53 -8.62 -5.94
CA ILE A 267 -26.77 -7.50 -6.50
C ILE A 267 -25.48 -7.25 -5.70
N GLY A 268 -24.34 -7.44 -6.35
CA GLY A 268 -23.06 -7.20 -5.68
C GLY A 268 -22.37 -5.97 -6.25
N GLY A 269 -21.86 -5.12 -5.37
CA GLY A 269 -21.20 -3.92 -5.84
C GLY A 269 -20.01 -3.47 -5.01
N THR A 270 -19.32 -2.45 -5.53
CA THR A 270 -18.13 -1.91 -4.88
C THR A 270 -18.34 -0.41 -4.63
N LEU A 271 -17.60 0.11 -3.66
CA LEU A 271 -17.68 1.53 -3.36
C LEU A 271 -16.33 2.03 -2.89
N ARG A 272 -16.02 3.27 -3.26
CA ARG A 272 -14.76 3.90 -2.89
C ARG A 272 -15.03 5.36 -2.57
N ALA A 273 -14.28 5.84 -1.58
CA ALA A 273 -14.38 7.24 -1.12
C ALA A 273 -13.11 7.59 -0.33
N PHE A 274 -12.83 8.88 -0.20
CA PHE A 274 -11.66 9.37 0.57
C PHE A 274 -12.13 9.87 1.92
N THR A 275 -13.31 10.48 1.93
CA THR A 275 -13.90 11.06 3.14
C THR A 275 -15.35 10.58 3.23
N GLY A 276 -15.94 10.65 4.42
CA GLY A 276 -17.32 10.19 4.55
C GLY A 276 -17.39 8.74 4.05
N PHE A 277 -16.49 7.90 4.54
CA PHE A 277 -16.51 6.52 4.07
C PHE A 277 -17.68 5.70 4.62
N THR A 278 -17.82 5.66 5.96
CA THR A 278 -18.92 4.91 6.57
C THR A 278 -20.26 5.50 6.15
N GLN A 279 -20.30 6.83 6.03
CA GLN A 279 -21.51 7.52 5.62
C GLN A 279 -21.96 7.07 4.23
N LEU A 280 -21.02 6.87 3.31
CA LEU A 280 -21.41 6.41 1.99
C LEU A 280 -21.93 4.95 2.06
N GLN A 281 -21.23 4.10 2.80
CA GLN A 281 -21.68 2.70 2.94
C GLN A 281 -23.11 2.66 3.46
N GLN A 282 -23.39 3.44 4.50
CA GLN A 282 -24.73 3.49 5.09
C GLN A 282 -25.71 4.15 4.13
N ARG A 283 -25.27 5.19 3.42
CA ARG A 283 -26.14 5.85 2.46
C ARG A 283 -26.60 4.82 1.41
N VAL A 284 -25.68 3.97 0.97
CA VAL A 284 -25.98 2.94 -0.01
C VAL A 284 -27.01 1.95 0.56
N LYS A 285 -26.70 1.38 1.73
CA LYS A 285 -27.61 0.43 2.36
C LYS A 285 -29.05 0.94 2.31
N GLU A 286 -29.26 2.19 2.72
CA GLU A 286 -30.59 2.79 2.72
C GLU A 286 -31.25 2.88 1.34
N VAL A 287 -30.49 3.25 0.31
CA VAL A 287 -31.05 3.35 -1.02
C VAL A 287 -31.62 2.00 -1.46
N ILE A 288 -30.88 0.94 -1.20
CA ILE A 288 -31.31 -0.41 -1.58
C ILE A 288 -32.57 -0.79 -0.80
N THR A 289 -32.60 -0.41 0.47
CA THR A 289 -33.70 -0.72 1.35
C THR A 289 -34.96 0.05 0.97
N LYS A 290 -34.82 1.34 0.68
CA LYS A 290 -35.96 2.17 0.30
C LYS A 290 -36.53 1.69 -1.02
N GLN A 291 -35.67 1.57 -2.02
CA GLN A 291 -36.09 1.10 -3.34
C GLN A 291 -36.79 -0.25 -3.26
N ALA A 292 -36.21 -1.19 -2.52
CA ALA A 292 -36.83 -2.50 -2.38
C ALA A 292 -38.24 -2.34 -1.82
N ALA A 293 -38.34 -1.58 -0.73
CA ALA A 293 -39.62 -1.35 -0.05
C ALA A 293 -40.75 -0.75 -0.89
N VAL A 294 -40.48 0.35 -1.59
CA VAL A 294 -41.54 0.97 -2.38
C VAL A 294 -41.90 0.14 -3.60
N HIS A 295 -41.22 -0.99 -3.76
CA HIS A 295 -41.52 -1.90 -4.86
C HIS A 295 -42.00 -3.21 -4.29
N ARG A 296 -42.62 -3.13 -3.11
CA ARG A 296 -43.16 -4.29 -2.39
C ARG A 296 -42.19 -5.46 -2.39
N CYS A 297 -40.96 -5.20 -1.97
CA CYS A 297 -39.93 -6.23 -1.91
C CYS A 297 -39.19 -6.10 -0.58
N ASN A 298 -38.61 -7.22 -0.14
CA ASN A 298 -37.83 -7.26 1.08
C ASN A 298 -36.40 -6.94 0.66
N ALA A 299 -35.64 -6.29 1.55
CA ALA A 299 -34.26 -5.95 1.25
C ALA A 299 -33.26 -6.63 2.18
N SER A 300 -32.33 -7.36 1.60
CA SER A 300 -31.29 -8.03 2.36
C SER A 300 -29.96 -7.45 1.90
N VAL A 301 -29.40 -6.55 2.71
CA VAL A 301 -28.13 -5.88 2.42
C VAL A 301 -27.03 -6.23 3.42
N ASN A 302 -25.89 -6.66 2.91
CA ASN A 302 -24.74 -7.01 3.74
C ASN A 302 -23.56 -6.10 3.33
N LEU A 303 -23.07 -5.29 4.26
CA LEU A 303 -21.95 -4.38 4.02
C LEU A 303 -20.59 -4.98 4.40
N THR A 304 -20.55 -6.29 4.58
CA THR A 304 -19.31 -7.02 4.87
C THR A 304 -19.60 -8.44 4.37
N PRO A 305 -20.04 -8.57 3.10
CA PRO A 305 -20.35 -9.88 2.54
C PRO A 305 -19.24 -10.92 2.67
N ASN A 306 -19.61 -12.13 3.06
CA ASN A 306 -18.64 -13.20 3.22
C ASN A 306 -17.62 -12.72 4.22
N GLY A 307 -18.07 -11.85 5.12
CA GLY A 307 -17.19 -11.30 6.13
C GLY A 307 -16.15 -10.33 5.59
N ARG A 308 -16.28 -9.91 4.33
CA ARG A 308 -15.33 -8.97 3.73
C ARG A 308 -15.53 -7.54 4.27
N GLU A 309 -14.79 -7.18 5.31
CA GLU A 309 -14.92 -5.84 5.88
C GLU A 309 -14.24 -4.81 5.00
N PRO A 310 -14.70 -3.57 5.04
CA PRO A 310 -14.02 -2.59 4.18
C PRO A 310 -12.62 -2.22 4.65
N MET A 311 -11.93 -1.47 3.81
CA MET A 311 -10.60 -0.98 4.10
C MET A 311 -10.75 0.55 4.07
N PRO A 312 -10.53 1.21 5.20
CA PRO A 312 -10.67 2.66 5.25
C PRO A 312 -9.65 3.39 4.36
N PRO A 313 -9.82 4.70 4.18
CA PRO A 313 -8.89 5.50 3.36
C PRO A 313 -7.48 5.45 4.03
N THR A 314 -6.41 5.63 3.25
CA THR A 314 -5.07 5.65 3.83
C THR A 314 -4.91 7.08 4.31
N VAL A 315 -4.72 7.24 5.63
CA VAL A 315 -4.59 8.57 6.19
C VAL A 315 -3.15 8.79 6.65
N ASN A 316 -2.55 9.86 6.13
CA ASN A 316 -1.18 10.23 6.48
C ASN A 316 -1.22 11.16 7.68
N ASN A 317 -0.64 10.70 8.77
CA ASN A 317 -0.57 11.50 10.00
C ASN A 317 0.12 12.84 9.69
N LYS A 318 -0.58 13.95 9.97
CA LYS A 318 -0.05 15.30 9.72
C LYS A 318 1.35 15.52 10.28
N ASP A 319 1.57 15.13 11.54
CA ASP A 319 2.88 15.30 12.14
C ASP A 319 3.92 14.37 11.49
N LEU A 320 3.51 13.18 11.08
CA LEU A 320 4.46 12.30 10.41
C LEU A 320 4.74 12.79 8.99
N TYR A 321 3.84 13.63 8.47
CA TYR A 321 3.97 14.23 7.12
C TYR A 321 4.88 15.47 7.19
N LYS A 322 4.66 16.31 8.19
CA LYS A 322 5.49 17.50 8.32
C LYS A 322 6.96 17.10 8.59
N GLN A 323 7.16 16.05 9.40
CA GLN A 323 8.53 15.60 9.68
C GLN A 323 9.15 15.05 8.40
N PHE A 324 8.33 14.35 7.63
CA PHE A 324 8.78 13.72 6.37
C PHE A 324 9.13 14.78 5.31
N LYS A 325 8.28 15.79 5.17
CA LYS A 325 8.55 16.85 4.18
C LYS A 325 9.82 17.60 4.55
N LYS A 326 10.09 17.74 5.84
CA LYS A 326 11.29 18.45 6.27
C LYS A 326 12.47 17.58 5.98
N VAL A 327 12.35 16.30 6.31
CA VAL A 327 13.43 15.36 6.09
C VAL A 327 13.82 15.29 4.61
N VAL A 328 12.83 15.18 3.73
CA VAL A 328 13.11 15.08 2.29
C VAL A 328 13.79 16.34 1.73
N ARG A 329 13.21 17.50 1.98
CA ARG A 329 13.80 18.73 1.46
C ARG A 329 15.23 18.93 1.90
N ASP A 330 15.58 18.46 3.09
CA ASP A 330 16.93 18.61 3.60
C ASP A 330 17.84 17.50 3.08
N LEU A 331 17.26 16.34 2.80
CA LEU A 331 18.03 15.23 2.29
C LEU A 331 18.25 15.36 0.79
N LEU A 332 17.26 15.88 0.06
CA LEU A 332 17.38 15.96 -1.39
C LEU A 332 17.21 17.32 -2.08
N GLY A 333 17.05 18.39 -1.32
CA GLY A 333 16.89 19.69 -1.94
C GLY A 333 15.46 20.16 -1.86
N GLN A 334 15.27 21.48 -1.77
CA GLN A 334 13.93 22.04 -1.64
C GLN A 334 12.91 21.66 -2.72
N GLU A 335 13.39 21.32 -3.91
CA GLU A 335 12.49 20.96 -5.02
C GLU A 335 12.13 19.47 -5.10
N ALA A 336 12.74 18.67 -4.24
CA ALA A 336 12.51 17.22 -4.28
C ALA A 336 11.22 16.71 -3.62
N PHE A 337 10.44 17.60 -3.03
CA PHE A 337 9.18 17.21 -2.41
C PHE A 337 8.02 17.86 -3.16
N VAL A 338 7.06 17.06 -3.61
CA VAL A 338 5.90 17.61 -4.28
C VAL A 338 4.69 17.32 -3.40
N GLU A 339 3.93 18.36 -3.12
CA GLU A 339 2.74 18.27 -2.27
C GLU A 339 1.67 17.59 -3.10
N ALA A 340 1.45 16.30 -2.89
CA ALA A 340 0.50 15.54 -3.72
C ALA A 340 -1.03 15.70 -3.52
N ALA A 341 -1.79 15.36 -4.57
CA ALA A 341 -3.24 15.41 -4.49
C ALA A 341 -3.71 13.96 -4.39
N PRO A 342 -4.88 13.72 -3.77
CA PRO A 342 -5.47 12.38 -3.58
C PRO A 342 -5.57 11.48 -4.82
N VAL A 343 -5.44 10.17 -4.61
CA VAL A 343 -5.56 9.17 -5.69
C VAL A 343 -6.45 8.01 -5.29
N MET A 344 -7.27 7.53 -6.21
CA MET A 344 -8.14 6.39 -5.90
C MET A 344 -7.52 5.09 -6.39
N GLY A 345 -6.75 4.45 -5.51
CA GLY A 345 -6.11 3.20 -5.86
C GLY A 345 -6.27 2.13 -4.81
N SER A 346 -5.30 1.24 -4.72
CA SER A 346 -5.36 0.16 -3.76
C SER A 346 -4.01 -0.02 -3.07
N GLU A 347 -4.03 -0.19 -1.75
CA GLU A 347 -2.80 -0.37 -0.97
C GLU A 347 -3.21 -0.55 0.48
N ASP A 348 -3.04 -1.79 0.98
CA ASP A 348 -3.46 -2.11 2.32
C ASP A 348 -2.67 -1.50 3.47
N PHE A 349 -1.65 -0.70 3.16
CA PHE A 349 -0.91 0.02 4.20
C PHE A 349 -1.99 0.73 5.08
N SER A 350 -3.14 1.02 4.47
CA SER A 350 -4.24 1.68 5.17
C SER A 350 -4.58 0.96 6.47
N TYR A 351 -4.56 -0.38 6.48
CA TYR A 351 -4.87 -1.09 7.72
C TYR A 351 -3.83 -0.76 8.80
N PHE A 352 -2.54 -0.71 8.44
CA PHE A 352 -1.55 -0.35 9.46
C PHE A 352 -1.81 1.09 9.94
N ALA A 353 -2.12 1.99 8.99
CA ALA A 353 -2.37 3.42 9.25
C ALA A 353 -3.66 3.78 10.02
N GLU A 354 -4.62 2.87 10.09
CA GLU A 354 -5.83 3.16 10.85
C GLU A 354 -5.62 2.72 12.31
N THR A 355 -4.47 2.09 12.60
CA THR A 355 -4.18 1.59 13.95
C THR A 355 -3.03 2.30 14.71
N ILE A 356 -2.06 2.86 13.98
CA ILE A 356 -1.01 3.68 14.58
C ILE A 356 -0.74 4.79 13.57
N PRO A 357 -0.08 5.88 14.01
CA PRO A 357 0.23 6.97 13.09
C PRO A 357 0.97 6.40 11.89
N GLY A 358 0.47 6.66 10.68
CA GLY A 358 1.14 6.12 9.52
C GLY A 358 1.48 7.17 8.48
N HIS A 359 2.43 6.84 7.60
CA HIS A 359 2.81 7.77 6.54
C HIS A 359 3.18 6.99 5.29
N PHE A 360 2.50 7.31 4.20
CA PHE A 360 2.70 6.62 2.94
C PHE A 360 3.13 7.66 1.89
N SER A 361 4.26 7.41 1.25
CA SER A 361 4.79 8.36 0.27
C SER A 361 5.02 7.71 -1.09
N LEU A 362 5.09 8.56 -2.12
CA LEU A 362 5.34 8.12 -3.49
C LEU A 362 6.75 8.57 -3.85
N LEU A 363 7.55 7.66 -4.42
CA LEU A 363 8.91 8.00 -4.83
C LEU A 363 8.90 7.89 -6.37
N GLY A 364 9.22 9.00 -7.03
CA GLY A 364 9.15 9.06 -8.47
C GLY A 364 10.16 8.30 -9.31
N MET A 365 9.72 7.83 -10.48
CA MET A 365 10.56 7.10 -11.43
C MET A 365 10.45 7.72 -12.83
N GLN A 366 9.37 8.45 -13.07
CA GLN A 366 9.08 8.97 -14.41
C GLN A 366 10.16 9.86 -15.00
N ASP A 367 10.41 9.70 -16.30
CA ASP A 367 11.41 10.53 -16.96
C ASP A 367 10.71 11.64 -17.74
N GLU A 368 11.47 12.50 -18.43
CA GLU A 368 10.89 13.64 -19.11
C GLU A 368 9.87 13.39 -20.25
N THR A 369 9.89 12.22 -20.85
CA THR A 369 8.94 11.98 -21.94
C THR A 369 7.91 10.90 -21.64
N ASN A 370 7.74 10.62 -20.35
CA ASN A 370 6.75 9.65 -19.92
C ASN A 370 6.98 8.25 -20.44
N GLY A 371 8.22 7.79 -20.46
CA GLY A 371 8.52 6.44 -20.96
C GLY A 371 8.31 5.28 -19.99
N TYR A 372 8.15 5.56 -18.70
CA TYR A 372 7.95 4.47 -17.74
C TYR A 372 6.46 4.14 -17.64
N ALA A 373 6.13 2.88 -17.92
CA ALA A 373 4.76 2.40 -17.90
C ALA A 373 4.15 2.49 -16.52
N SER A 374 2.81 2.59 -16.48
CA SER A 374 2.10 2.67 -15.21
C SER A 374 2.32 1.37 -14.44
N SER A 375 2.22 1.44 -13.11
CA SER A 375 2.35 0.22 -12.32
C SER A 375 1.21 -0.63 -12.89
N HIS A 376 1.35 -1.95 -12.78
CA HIS A 376 0.39 -2.89 -13.35
C HIS A 376 0.56 -3.10 -14.86
N SER A 377 1.31 -2.25 -15.53
CA SER A 377 1.52 -2.45 -16.96
C SER A 377 2.49 -3.61 -17.23
N PRO A 378 2.24 -4.42 -18.29
CA PRO A 378 3.19 -5.51 -18.56
C PRO A 378 4.55 -4.92 -18.94
N LEU A 379 4.58 -3.61 -19.23
CA LEU A 379 5.82 -2.90 -19.61
C LEU A 379 6.47 -2.12 -18.47
N TYR A 380 5.91 -2.29 -17.28
CA TYR A 380 6.43 -1.63 -16.08
C TYR A 380 7.91 -1.96 -15.86
N ARG A 381 8.68 -0.93 -15.53
CA ARG A 381 10.09 -1.03 -15.24
C ARG A 381 10.38 -0.17 -14.01
N ILE A 382 11.43 -0.54 -13.30
CA ILE A 382 11.88 0.30 -12.22
C ILE A 382 13.05 1.11 -12.80
N ASN A 383 13.15 2.38 -12.43
CA ASN A 383 14.31 3.19 -12.81
C ASN A 383 15.24 2.94 -11.61
N GLU A 384 16.23 2.06 -11.78
CA GLU A 384 17.10 1.68 -10.67
C GLU A 384 17.90 2.80 -10.02
N ASP A 385 18.26 3.84 -10.78
CA ASP A 385 18.98 4.95 -10.15
C ASP A 385 18.17 5.49 -8.96
N VAL A 386 16.86 5.26 -8.95
CA VAL A 386 16.03 5.75 -7.84
C VAL A 386 16.20 4.97 -6.53
N LEU A 387 16.73 3.76 -6.58
CA LEU A 387 16.84 2.93 -5.39
C LEU A 387 17.60 3.55 -4.20
N PRO A 388 18.71 4.28 -4.46
CA PRO A 388 19.46 4.90 -3.36
C PRO A 388 18.60 5.95 -2.62
N TYR A 389 17.71 6.61 -3.36
CA TYR A 389 16.83 7.64 -2.79
C TYR A 389 15.90 7.11 -1.71
N GLY A 390 15.17 6.03 -1.98
CA GLY A 390 14.26 5.46 -1.00
C GLY A 390 14.97 4.87 0.21
N ALA A 391 16.17 4.32 0.00
CA ALA A 391 16.98 3.75 1.11
C ALA A 391 17.33 4.92 2.03
N ALA A 392 17.85 5.99 1.45
CA ALA A 392 18.23 7.18 2.22
C ALA A 392 17.02 7.87 2.84
N ILE A 393 15.89 7.92 2.13
CA ILE A 393 14.72 8.57 2.71
C ILE A 393 14.24 7.76 3.93
N HIS A 394 14.12 6.44 3.76
CA HIS A 394 13.71 5.52 4.85
C HIS A 394 14.58 5.76 6.08
N ALA A 395 15.89 5.67 5.86
CA ALA A 395 16.89 5.82 6.92
C ALA A 395 16.85 7.18 7.58
N SER A 396 16.87 8.22 6.75
CA SER A 396 16.83 9.57 7.29
C SER A 396 15.54 9.80 8.09
N MET A 397 14.42 9.26 7.59
CA MET A 397 13.14 9.42 8.28
C MET A 397 13.19 8.71 9.64
N ALA A 398 13.68 7.47 9.63
CA ALA A 398 13.77 6.70 10.87
C ALA A 398 14.67 7.45 11.85
N VAL A 399 15.85 7.82 11.38
CA VAL A 399 16.82 8.53 12.20
C VAL A 399 16.19 9.79 12.81
N GLN A 400 15.53 10.59 11.99
CA GLN A 400 14.92 11.81 12.49
C GLN A 400 13.68 11.60 13.37
N TYR A 401 12.88 10.59 13.07
CA TYR A 401 11.71 10.32 13.90
C TYR A 401 12.17 10.02 15.35
N LEU A 402 13.29 9.31 15.47
CA LEU A 402 13.85 8.94 16.78
C LEU A 402 14.46 10.18 17.46
N LYS A 403 15.23 10.96 16.70
CA LYS A 403 15.82 12.15 17.25
C LYS A 403 14.73 13.11 17.74
N GLU A 404 13.69 13.30 16.94
CA GLU A 404 12.60 14.19 17.31
C GLU A 404 11.86 13.70 18.55
N LYS A 405 11.68 12.39 18.66
CA LYS A 405 11.00 11.86 19.83
C LYS A 405 11.89 12.03 21.06
N ALA A 406 13.20 11.84 20.90
CA ALA A 406 14.12 12.00 22.00
C ALA A 406 14.17 13.44 22.50
N SER A 407 13.14 14.22 22.19
CA SER A 407 13.08 15.61 22.63
C SER A 407 11.65 16.15 22.69
N LYS A 16 25.00 12.38 4.53
CA LYS A 16 26.08 11.43 4.15
C LYS A 16 25.54 10.08 3.66
N LEU A 17 24.52 9.57 4.36
CA LEU A 17 23.91 8.30 4.00
C LEU A 17 23.43 8.25 2.57
N LEU A 18 23.32 9.41 1.94
CA LEU A 18 22.88 9.48 0.56
C LEU A 18 24.00 8.97 -0.33
N GLU A 19 25.21 9.47 -0.09
CA GLU A 19 26.35 9.05 -0.89
C GLU A 19 26.64 7.59 -0.58
N PHE A 20 26.43 7.20 0.67
CA PHE A 20 26.64 5.82 1.07
C PHE A 20 25.61 4.94 0.34
N ALA A 21 24.34 5.35 0.35
CA ALA A 21 23.28 4.60 -0.34
C ALA A 21 23.62 4.45 -1.83
N LYS A 22 24.26 5.48 -2.39
CA LYS A 22 24.63 5.47 -3.82
C LYS A 22 25.97 4.81 -4.11
N SER A 23 26.76 4.52 -3.07
CA SER A 23 28.07 3.91 -3.29
C SER A 23 27.92 2.59 -4.03
N PRO A 24 28.90 2.27 -4.91
CA PRO A 24 28.87 1.03 -5.69
C PRO A 24 28.70 -0.18 -4.77
N GLU A 25 29.21 -0.06 -3.55
CA GLU A 25 29.10 -1.11 -2.57
C GLU A 25 27.62 -1.44 -2.36
N VAL A 26 26.90 -0.51 -1.75
CA VAL A 26 25.48 -0.70 -1.46
C VAL A 26 24.58 -0.72 -2.70
N PHE A 27 24.84 0.15 -3.67
CA PHE A 27 23.98 0.20 -4.86
C PHE A 27 24.00 -1.09 -5.67
N ASP A 28 25.20 -1.62 -5.90
CA ASP A 28 25.34 -2.86 -6.66
C ASP A 28 24.64 -4.03 -5.99
N TRP A 29 24.80 -4.12 -4.67
CA TRP A 29 24.17 -5.16 -3.86
C TRP A 29 22.65 -5.06 -4.01
N MET A 30 22.06 -3.90 -3.79
CA MET A 30 20.60 -3.73 -3.95
C MET A 30 20.14 -4.10 -5.35
N VAL A 31 20.88 -3.69 -6.38
CA VAL A 31 20.48 -4.02 -7.74
C VAL A 31 20.42 -5.54 -8.00
N LYS A 32 21.37 -6.30 -7.44
CA LYS A 32 21.33 -7.74 -7.63
C LYS A 32 20.29 -8.41 -6.73
N ILE A 33 19.79 -7.70 -5.72
CA ILE A 33 18.77 -8.31 -4.89
C ILE A 33 17.43 -8.23 -5.62
N ARG A 34 17.17 -7.07 -6.22
CA ARG A 34 15.95 -6.80 -6.99
C ARG A 34 15.73 -7.69 -8.22
N ARG A 35 16.79 -7.86 -9.01
CA ARG A 35 16.71 -8.68 -10.21
C ARG A 35 16.45 -10.12 -9.82
N LYS A 36 17.00 -10.53 -8.69
CA LYS A 36 16.75 -11.89 -8.24
C LYS A 36 15.26 -12.04 -7.93
N ILE A 37 14.69 -11.04 -7.24
CA ILE A 37 13.27 -11.10 -6.93
C ILE A 37 12.45 -10.94 -8.21
N HIS A 38 12.89 -10.04 -9.08
CA HIS A 38 12.18 -9.78 -10.32
C HIS A 38 12.05 -11.02 -11.22
N GLU A 39 13.06 -11.90 -11.19
CA GLU A 39 13.05 -13.12 -12.01
C GLU A 39 12.28 -14.29 -11.38
N ASN A 40 12.02 -14.22 -10.09
CA ASN A 40 11.30 -15.29 -9.41
C ASN A 40 10.11 -14.66 -8.70
N PRO A 41 9.21 -14.02 -9.46
CA PRO A 41 8.06 -13.41 -8.79
C PRO A 41 7.07 -14.47 -8.27
N GLU A 42 6.43 -14.17 -7.15
CA GLU A 42 5.47 -15.12 -6.57
C GLU A 42 4.27 -14.30 -6.14
N LEU A 43 3.13 -14.98 -5.94
CA LEU A 43 1.93 -14.25 -5.56
C LEU A 43 1.67 -14.25 -4.06
N GLY A 44 0.63 -13.51 -3.64
CA GLY A 44 0.27 -13.39 -2.24
C GLY A 44 0.32 -14.67 -1.43
N TYR A 45 1.08 -14.62 -0.35
CA TYR A 45 1.25 -15.74 0.57
C TYR A 45 2.07 -16.88 -0.03
N GLU A 46 2.60 -16.67 -1.23
CA GLU A 46 3.40 -17.68 -1.92
C GLU A 46 4.84 -17.20 -2.11
N GLU A 47 5.21 -16.11 -1.44
CA GLU A 47 6.55 -15.54 -1.53
C GLU A 47 7.58 -16.48 -0.91
N LEU A 48 7.75 -17.66 -1.49
CA LEU A 48 8.69 -18.61 -0.92
C LEU A 48 10.13 -18.20 -1.08
N GLU A 49 10.55 -17.99 -2.31
CA GLU A 49 11.92 -17.62 -2.52
C GLU A 49 12.17 -16.21 -2.03
N THR A 50 11.16 -15.35 -2.14
CA THR A 50 11.33 -13.98 -1.69
C THR A 50 11.47 -14.03 -0.17
N SER A 51 10.50 -14.66 0.50
CA SER A 51 10.58 -14.82 1.96
C SER A 51 11.89 -15.57 2.24
N LYS A 52 12.23 -16.56 1.43
CA LYS A 52 13.50 -17.25 1.65
C LYS A 52 14.64 -16.29 1.40
N LEU A 53 14.62 -15.64 0.23
CA LEU A 53 15.66 -14.69 -0.12
C LEU A 53 15.86 -13.81 1.09
N ILE A 54 14.80 -13.10 1.46
CA ILE A 54 14.75 -12.16 2.59
C ILE A 54 15.43 -12.60 3.87
N ARG A 55 15.07 -13.77 4.39
CA ARG A 55 15.70 -14.17 5.63
C ARG A 55 17.20 -14.41 5.39
N SER A 56 17.61 -14.77 4.19
CA SER A 56 19.05 -15.02 4.00
C SER A 56 19.80 -13.74 4.22
N GLU A 57 19.38 -12.68 3.51
CA GLU A 57 20.02 -11.38 3.58
C GLU A 57 19.99 -10.74 4.94
N LEU A 58 18.89 -10.88 5.65
CA LEU A 58 18.79 -10.34 6.99
C LEU A 58 19.85 -11.03 7.83
N GLU A 59 19.91 -12.34 7.72
CA GLU A 59 20.88 -13.11 8.49
C GLU A 59 22.28 -12.67 8.11
N LEU A 60 22.60 -12.72 6.83
CA LEU A 60 23.94 -12.32 6.41
C LEU A 60 24.32 -10.99 7.04
N ILE A 61 23.37 -10.05 7.06
CA ILE A 61 23.59 -8.71 7.59
C ILE A 61 23.73 -8.62 9.13
N GLY A 62 22.91 -9.36 9.87
CA GLY A 62 22.98 -9.33 11.31
C GLY A 62 21.73 -8.64 11.84
N ILE A 63 20.58 -9.23 11.50
CA ILE A 63 19.30 -8.66 11.90
C ILE A 63 18.33 -9.70 12.40
N LYS A 64 18.26 -9.85 13.72
CA LYS A 64 17.32 -10.77 14.33
C LYS A 64 15.96 -10.50 13.71
N TYR A 65 15.14 -11.53 13.57
CA TYR A 65 13.82 -11.35 12.99
C TYR A 65 12.84 -12.40 13.46
N ARG A 66 11.58 -12.15 13.11
CA ARG A 66 10.48 -13.04 13.38
C ARG A 66 10.07 -13.57 12.01
N TYR A 67 9.49 -14.75 12.00
CA TYR A 67 9.05 -15.42 10.78
C TYR A 67 8.56 -16.81 11.18
N PRO A 68 7.44 -17.28 10.62
CA PRO A 68 6.52 -16.68 9.63
C PRO A 68 5.30 -15.92 10.10
N VAL A 69 5.27 -14.63 9.79
CA VAL A 69 4.13 -13.78 10.13
C VAL A 69 3.27 -13.78 8.85
N ALA A 70 1.98 -14.07 8.99
CA ALA A 70 1.13 -14.14 7.80
C ALA A 70 1.76 -15.11 6.79
N ILE A 71 2.34 -16.19 7.31
CA ILE A 71 2.93 -17.28 6.52
C ILE A 71 4.24 -17.07 5.77
N THR A 72 4.67 -15.83 5.57
CA THR A 72 5.93 -15.56 4.85
C THR A 72 6.62 -14.26 5.29
N GLY A 73 5.88 -13.44 6.04
CA GLY A 73 6.38 -12.16 6.48
C GLY A 73 7.53 -12.15 7.47
N VAL A 74 8.28 -11.05 7.43
CA VAL A 74 9.45 -10.88 8.27
C VAL A 74 9.51 -9.52 8.96
N ILE A 75 9.90 -9.51 10.24
CA ILE A 75 10.04 -8.25 10.96
C ILE A 75 11.45 -8.25 11.59
N GLY A 76 12.24 -7.24 11.22
CA GLY A 76 13.61 -7.10 11.73
C GLY A 76 13.77 -5.91 12.66
N TYR A 77 14.87 -5.86 13.40
CA TYR A 77 15.11 -4.78 14.34
C TYR A 77 16.50 -4.19 14.30
N ILE A 78 16.60 -2.88 14.43
CA ILE A 78 17.91 -2.23 14.45
C ILE A 78 17.82 -1.10 15.44
N GLY A 79 18.72 -1.09 16.42
CA GLY A 79 18.68 -0.03 17.41
C GLY A 79 18.93 -0.53 18.82
N THR A 80 18.51 0.27 19.79
CA THR A 80 18.72 -0.10 21.19
C THR A 80 18.06 -1.41 21.58
N GLY A 81 16.98 -1.76 20.90
CA GLY A 81 16.25 -2.96 21.26
C GLY A 81 15.11 -2.55 22.17
N GLU A 82 15.11 -1.30 22.59
CA GLU A 82 14.05 -0.79 23.48
C GLU A 82 13.25 0.33 22.79
N PRO A 83 12.10 0.71 23.37
CA PRO A 83 11.31 1.79 22.73
C PRO A 83 12.12 3.08 22.77
N PRO A 84 11.75 4.07 21.93
CA PRO A 84 10.63 4.01 20.98
C PRO A 84 10.90 3.13 19.76
N PHE A 85 9.82 2.53 19.26
CA PHE A 85 9.87 1.69 18.09
C PHE A 85 9.22 2.46 16.94
N VAL A 86 9.94 2.59 15.82
CA VAL A 86 9.40 3.24 14.64
C VAL A 86 9.51 2.19 13.52
N ALA A 87 8.48 2.07 12.69
CA ALA A 87 8.50 1.05 11.66
C ALA A 87 8.65 1.57 10.23
N LEU A 88 9.24 0.73 9.38
CA LEU A 88 9.46 0.98 7.94
C LEU A 88 8.86 -0.28 7.30
N ARG A 89 8.13 -0.10 6.19
CA ARG A 89 7.40 -1.21 5.59
C ARG A 89 7.61 -1.38 4.08
N ALA A 90 7.79 -2.63 3.66
CA ALA A 90 7.92 -2.99 2.24
C ALA A 90 6.96 -4.15 1.99
N ASP A 91 6.43 -4.23 0.77
CA ASP A 91 5.51 -5.30 0.36
C ASP A 91 6.29 -6.29 -0.51
N MET A 92 5.92 -7.58 -0.49
CA MET A 92 6.65 -8.62 -1.20
C MET A 92 6.10 -9.22 -2.50
N ASP A 93 4.78 -9.30 -2.61
CA ASP A 93 4.15 -9.96 -3.75
C ASP A 93 4.14 -9.26 -5.09
N ALA A 94 4.12 -10.08 -6.14
CA ALA A 94 4.07 -9.63 -7.52
C ALA A 94 2.61 -9.65 -7.99
N LEU A 95 2.42 -9.82 -9.30
CA LEU A 95 1.09 -9.84 -9.90
C LEU A 95 0.96 -10.93 -10.98
N PRO A 96 -0.27 -11.36 -11.28
CA PRO A 96 -0.44 -12.39 -12.31
C PRO A 96 -0.53 -11.72 -13.69
N ILE A 97 0.62 -11.20 -14.13
CA ILE A 97 0.79 -10.49 -15.40
C ILE A 97 2.02 -11.09 -16.10
N GLN A 98 1.94 -11.30 -17.42
CA GLN A 98 3.09 -11.79 -18.19
C GLN A 98 3.94 -10.56 -18.48
N GLU A 99 5.22 -10.60 -18.09
CA GLU A 99 6.12 -9.49 -18.31
C GLU A 99 6.32 -9.28 -19.83
N GLY A 100 6.02 -8.07 -20.30
CA GLY A 100 6.17 -7.76 -21.71
C GLY A 100 7.53 -7.18 -22.02
N VAL A 101 8.25 -6.75 -20.98
CA VAL A 101 9.58 -6.17 -21.14
C VAL A 101 10.52 -7.28 -21.53
N GLU A 102 11.35 -7.05 -22.54
CA GLU A 102 12.34 -8.05 -22.95
C GLU A 102 13.70 -7.58 -22.43
N TRP A 103 14.25 -8.29 -21.45
CA TRP A 103 15.57 -7.93 -20.91
C TRP A 103 16.13 -9.09 -20.18
N GLU A 104 17.38 -8.93 -19.76
CA GLU A 104 18.12 -9.98 -19.09
C GLU A 104 17.47 -10.54 -17.82
N HIS A 105 16.86 -9.66 -17.03
CA HIS A 105 16.28 -10.06 -15.75
C HIS A 105 14.75 -10.17 -15.66
N LYS A 106 14.14 -10.46 -16.82
CA LYS A 106 12.70 -10.63 -16.94
C LYS A 106 12.25 -11.85 -16.13
N SER A 107 11.02 -11.83 -15.63
CA SER A 107 10.48 -12.96 -14.88
C SER A 107 10.70 -14.28 -15.62
N LYS A 108 11.21 -15.26 -14.89
CA LYS A 108 11.45 -16.59 -15.42
C LYS A 108 10.27 -17.47 -15.03
N ILE A 109 9.16 -16.81 -14.68
CA ILE A 109 7.91 -17.48 -14.28
C ILE A 109 6.79 -16.90 -15.17
N ALA A 110 6.27 -17.69 -16.08
CA ALA A 110 5.24 -17.17 -16.98
C ALA A 110 3.90 -16.86 -16.30
N GLY A 111 3.32 -15.71 -16.64
CA GLY A 111 2.04 -15.34 -16.05
C GLY A 111 2.13 -14.42 -14.86
N LYS A 112 3.33 -14.33 -14.27
CA LYS A 112 3.52 -13.48 -13.11
C LYS A 112 4.57 -12.46 -13.45
N MET A 113 4.56 -11.35 -12.72
CA MET A 113 5.49 -10.25 -12.91
C MET A 113 5.43 -9.25 -11.78
N HIS A 114 6.58 -8.70 -11.40
CA HIS A 114 6.61 -7.66 -10.39
C HIS A 114 6.29 -6.36 -11.12
N ALA A 115 5.01 -6.18 -11.43
CA ALA A 115 4.52 -5.00 -12.14
C ALA A 115 4.23 -3.80 -11.21
N CYS A 116 4.43 -3.96 -9.89
CA CYS A 116 4.18 -2.84 -8.96
C CYS A 116 5.47 -2.44 -8.27
N GLY A 117 6.55 -3.08 -8.70
CA GLY A 117 7.87 -2.80 -8.16
C GLY A 117 8.11 -3.31 -6.75
N HIS A 118 7.26 -4.21 -6.26
CA HIS A 118 7.42 -4.69 -4.90
C HIS A 118 8.80 -5.30 -4.64
N ASP A 119 9.45 -5.77 -5.69
CA ASP A 119 10.83 -6.27 -5.57
C ASP A 119 11.73 -5.06 -5.22
N GLY A 120 11.39 -3.90 -5.79
CA GLY A 120 12.14 -2.67 -5.52
C GLY A 120 11.90 -2.19 -4.08
N HIS A 121 10.66 -2.25 -3.59
CA HIS A 121 10.38 -1.81 -2.22
C HIS A 121 11.16 -2.69 -1.22
N VAL A 122 11.15 -3.99 -1.44
CA VAL A 122 11.89 -4.90 -0.56
C VAL A 122 13.37 -4.52 -0.57
N THR A 123 13.86 -4.17 -1.75
CA THR A 123 15.26 -3.81 -1.92
C THR A 123 15.66 -2.50 -1.25
N MET A 124 14.80 -1.50 -1.36
CA MET A 124 15.15 -0.23 -0.74
C MET A 124 15.07 -0.30 0.78
N LEU A 125 14.24 -1.20 1.31
CA LEU A 125 14.14 -1.33 2.77
C LEU A 125 15.39 -2.10 3.27
N LEU A 126 15.90 -3.03 2.48
CA LEU A 126 17.11 -3.76 2.86
C LEU A 126 18.28 -2.76 2.78
N GLY A 127 18.19 -1.78 1.88
CA GLY A 127 19.25 -0.77 1.78
C GLY A 127 19.21 0.11 3.02
N ALA A 128 17.99 0.51 3.39
CA ALA A 128 17.77 1.33 4.56
C ALA A 128 18.29 0.61 5.84
N ALA A 129 18.21 -0.72 5.85
CA ALA A 129 18.66 -1.56 6.96
C ALA A 129 20.19 -1.58 6.99
N LYS A 130 20.81 -1.60 5.81
CA LYS A 130 22.28 -1.59 5.78
C LYS A 130 22.74 -0.25 6.35
N ILE A 131 22.12 0.82 5.87
CA ILE A 131 22.44 2.17 6.33
C ILE A 131 22.21 2.34 7.84
N LEU A 132 21.08 1.84 8.34
CA LEU A 132 20.75 1.94 9.75
C LEU A 132 21.65 1.04 10.61
N HIS A 133 22.02 -0.11 10.06
CA HIS A 133 22.86 -1.03 10.80
C HIS A 133 24.23 -0.38 11.05
N GLU A 134 24.74 0.38 10.09
CA GLU A 134 26.03 1.05 10.27
C GLU A 134 25.93 2.16 11.32
N HIS A 135 24.71 2.62 11.59
CA HIS A 135 24.51 3.67 12.60
C HIS A 135 23.74 3.11 13.80
N ARG A 136 23.64 1.79 13.90
CA ARG A 136 22.83 1.18 14.95
C ARG A 136 23.06 1.61 16.38
N HIS A 137 24.30 1.96 16.73
CA HIS A 137 24.58 2.35 18.10
C HIS A 137 24.01 3.72 18.46
N HIS A 138 23.81 4.58 17.46
CA HIS A 138 23.28 5.91 17.74
C HIS A 138 21.78 6.09 17.59
N LEU A 139 21.07 5.01 17.30
CA LEU A 139 19.61 5.07 17.15
C LEU A 139 19.00 5.22 18.54
N GLN A 140 18.23 6.28 18.74
CA GLN A 140 17.60 6.53 20.04
C GLN A 140 16.25 5.83 20.10
N GLY A 141 16.32 4.51 20.03
CA GLY A 141 15.13 3.69 20.03
C GLY A 141 15.44 2.59 19.02
N THR A 142 14.42 1.86 18.59
CA THR A 142 14.57 0.76 17.66
C THR A 142 13.78 1.01 16.36
N VAL A 143 14.31 0.54 15.24
CA VAL A 143 13.65 0.68 13.94
C VAL A 143 13.14 -0.73 13.66
N VAL A 144 11.85 -0.83 13.32
CA VAL A 144 11.23 -2.11 13.01
C VAL A 144 11.07 -2.16 11.49
N LEU A 145 11.56 -3.23 10.86
CA LEU A 145 11.52 -3.36 9.40
C LEU A 145 10.51 -4.42 9.02
N ILE A 146 9.36 -3.96 8.55
CA ILE A 146 8.29 -4.88 8.21
C ILE A 146 8.30 -5.25 6.74
N PHE A 147 8.51 -6.53 6.47
CA PHE A 147 8.49 -7.08 5.12
C PHE A 147 7.16 -7.83 5.08
N GLN A 148 6.22 -7.24 4.35
CA GLN A 148 4.84 -7.70 4.26
C GLN A 148 4.40 -8.52 3.05
N PRO A 149 3.75 -9.65 3.30
CA PRO A 149 3.28 -10.47 2.21
C PRO A 149 1.96 -9.94 1.64
N ALA A 150 1.66 -10.37 0.43
CA ALA A 150 0.38 -10.12 -0.20
C ALA A 150 -0.34 -8.79 -0.03
N GLU A 151 0.28 -7.72 -0.48
CA GLU A 151 -0.38 -6.44 -0.44
C GLU A 151 -1.48 -6.40 -1.51
N GLU A 152 -1.33 -7.18 -2.58
CA GLU A 152 -2.29 -7.09 -3.71
C GLU A 152 -3.72 -7.54 -3.46
N GLY A 153 -3.89 -8.65 -2.76
CA GLY A 153 -5.23 -9.11 -2.45
C GLY A 153 -5.79 -8.34 -1.28
N LEU A 154 -5.00 -7.38 -0.77
CA LEU A 154 -5.39 -6.52 0.35
C LEU A 154 -5.63 -7.20 1.68
N SER A 155 -5.03 -8.36 1.88
CA SER A 155 -5.22 -9.06 3.15
C SER A 155 -3.93 -9.21 3.96
N GLY A 156 -2.78 -8.85 3.39
CA GLY A 156 -1.53 -9.05 4.09
C GLY A 156 -1.23 -8.17 5.30
N ALA A 157 -1.41 -6.86 5.15
CA ALA A 157 -1.16 -5.95 6.24
C ALA A 157 -2.14 -6.29 7.37
N LYS A 158 -3.39 -6.55 7.02
CA LYS A 158 -4.42 -6.89 8.00
C LYS A 158 -4.00 -8.18 8.76
N LYS A 159 -3.46 -9.16 8.02
CA LYS A 159 -3.03 -10.40 8.67
C LYS A 159 -1.81 -10.16 9.58
N MET A 160 -0.96 -9.19 9.21
CA MET A 160 0.21 -8.87 10.04
C MET A 160 -0.28 -8.25 11.35
N ARG A 161 -1.24 -7.32 11.22
CA ARG A 161 -1.83 -6.62 12.35
C ARG A 161 -2.43 -7.66 13.30
N GLU A 162 -3.21 -8.58 12.75
CA GLU A 162 -3.83 -9.65 13.53
C GLU A 162 -2.79 -10.43 14.32
N GLU A 163 -1.65 -10.72 13.68
CA GLU A 163 -0.59 -11.47 14.33
C GLU A 163 0.38 -10.67 15.20
N GLY A 164 0.01 -9.42 15.49
CA GLY A 164 0.82 -8.59 16.38
C GLY A 164 1.91 -7.70 15.83
N ALA A 165 1.91 -7.45 14.53
CA ALA A 165 2.96 -6.64 13.90
C ALA A 165 3.26 -5.26 14.53
N LEU A 166 2.23 -4.53 14.92
CA LEU A 166 2.44 -3.18 15.48
C LEU A 166 2.70 -3.06 16.98
N LYS A 167 2.70 -4.17 17.72
CA LYS A 167 2.90 -4.09 19.18
C LYS A 167 3.87 -3.00 19.64
N ASN A 168 3.34 -2.01 20.38
CA ASN A 168 4.11 -0.89 20.91
C ASN A 168 4.85 -0.04 19.86
N VAL A 169 4.45 -0.20 18.59
CA VAL A 169 5.05 0.60 17.52
C VAL A 169 4.25 1.91 17.46
N GLU A 170 4.93 3.04 17.48
CA GLU A 170 4.22 4.32 17.48
C GLU A 170 4.16 5.15 16.18
N ALA A 171 4.70 4.60 15.10
CA ALA A 171 4.69 5.31 13.82
C ALA A 171 5.21 4.38 12.76
N ILE A 172 4.60 4.41 11.58
CA ILE A 172 5.05 3.57 10.49
C ILE A 172 5.11 4.38 9.19
N PHE A 173 6.16 4.12 8.42
CA PHE A 173 6.40 4.80 7.13
C PHE A 173 6.54 3.77 6.02
N GLY A 174 5.92 4.05 4.87
CA GLY A 174 6.03 3.14 3.74
C GLY A 174 6.25 3.94 2.45
N ILE A 175 6.91 3.32 1.48
CA ILE A 175 7.17 3.95 0.19
C ILE A 175 6.68 3.05 -0.94
N HIS A 176 6.05 3.67 -1.94
CA HIS A 176 5.61 2.93 -3.11
C HIS A 176 6.31 3.57 -4.32
N LEU A 177 6.84 2.75 -5.21
CA LEU A 177 7.47 3.28 -6.42
C LEU A 177 6.32 3.66 -7.35
N SER A 178 6.47 4.74 -8.11
CA SER A 178 5.40 5.17 -8.97
C SER A 178 5.84 5.99 -10.17
N ALA A 179 5.30 5.63 -11.33
CA ALA A 179 5.60 6.36 -12.56
C ALA A 179 4.70 7.58 -12.71
N ARG A 180 4.09 8.03 -11.61
CA ARG A 180 3.22 9.20 -11.65
C ARG A 180 3.96 10.48 -11.25
N ILE A 181 5.10 10.31 -10.60
CA ILE A 181 5.92 11.43 -10.14
C ILE A 181 7.27 11.35 -10.85
N PRO A 182 7.88 12.49 -11.16
CA PRO A 182 9.19 12.51 -11.84
C PRO A 182 10.30 11.91 -10.98
N PHE A 183 11.31 11.35 -11.65
CA PHE A 183 12.47 10.75 -11.00
C PHE A 183 13.12 11.73 -10.04
N GLY A 184 13.51 11.26 -8.87
CA GLY A 184 14.16 12.14 -7.90
C GLY A 184 13.25 12.90 -6.94
N LYS A 185 11.94 12.84 -7.15
CA LYS A 185 11.00 13.52 -6.25
C LYS A 185 10.26 12.49 -5.40
N ALA A 186 9.78 12.92 -4.23
CA ALA A 186 9.04 12.05 -3.32
C ALA A 186 7.76 12.84 -3.05
N ALA A 187 6.61 12.17 -3.06
CA ALA A 187 5.38 12.91 -2.88
C ALA A 187 4.50 12.41 -1.76
N SER A 188 3.73 13.31 -1.16
CA SER A 188 2.83 12.95 -0.07
C SER A 188 1.97 14.15 0.22
N ARG A 189 1.05 14.00 1.17
CA ARG A 189 0.18 15.08 1.59
C ARG A 189 -0.35 14.64 2.96
N ALA A 190 -0.57 15.61 3.84
CA ALA A 190 -1.12 15.28 5.16
C ALA A 190 -2.59 14.90 5.02
N GLY A 191 -3.06 14.00 5.88
CA GLY A 191 -4.46 13.63 5.88
C GLY A 191 -4.87 12.50 4.96
N SER A 192 -6.14 12.48 4.63
CA SER A 192 -6.71 11.43 3.79
C SER A 192 -6.00 11.49 2.42
N PHE A 193 -5.41 10.36 2.00
CA PHE A 193 -4.61 10.28 0.78
C PHE A 193 -5.05 9.25 -0.26
N LEU A 194 -5.18 8.00 0.15
CA LEU A 194 -5.57 6.92 -0.76
C LEU A 194 -6.97 6.44 -0.43
N ALA A 195 -7.83 6.33 -1.45
CA ALA A 195 -9.21 5.94 -1.21
C ALA A 195 -9.47 4.61 -0.50
N GLY A 196 -10.45 4.63 0.39
CA GLY A 196 -10.85 3.42 1.08
C GLY A 196 -11.66 2.59 0.08
N ALA A 197 -12.12 1.41 0.51
CA ALA A 197 -12.92 0.55 -0.35
C ALA A 197 -13.78 -0.37 0.50
N GLY A 198 -14.89 -0.82 -0.07
CA GLY A 198 -15.79 -1.71 0.64
C GLY A 198 -16.78 -2.32 -0.32
N VAL A 199 -17.54 -3.30 0.17
CA VAL A 199 -18.57 -3.93 -0.64
C VAL A 199 -19.86 -4.08 0.18
N PHE A 200 -20.91 -4.58 -0.45
CA PHE A 200 -22.18 -4.77 0.22
C PHE A 200 -22.98 -5.87 -0.46
N GLU A 201 -24.09 -6.25 0.15
CA GLU A 201 -24.96 -7.25 -0.45
C GLU A 201 -26.38 -7.02 0.03
N ALA A 202 -27.30 -7.06 -0.93
CA ALA A 202 -28.71 -6.84 -0.68
C ALA A 202 -29.55 -7.98 -1.20
N VAL A 203 -30.56 -8.35 -0.43
CA VAL A 203 -31.48 -9.40 -0.84
C VAL A 203 -32.82 -8.71 -1.12
N ILE A 204 -33.24 -8.74 -2.38
CA ILE A 204 -34.47 -8.11 -2.79
C ILE A 204 -35.56 -9.18 -2.83
N THR A 205 -36.57 -9.05 -1.99
CA THR A 205 -37.68 -10.00 -1.93
C THR A 205 -39.06 -9.37 -1.76
N GLY A 206 -40.06 -9.93 -2.43
CA GLY A 206 -41.40 -9.39 -2.31
C GLY A 206 -41.95 -9.71 -0.93
N LYS A 207 -42.72 -8.80 -0.35
CA LYS A 207 -43.28 -9.01 0.98
C LYS A 207 -44.50 -9.94 0.94
N THR A 217 -46.84 -9.26 -7.73
CA THR A 217 -46.41 -9.75 -9.02
C THR A 217 -44.90 -9.91 -9.05
N ILE A 218 -44.19 -8.91 -9.58
CA ILE A 218 -42.73 -8.95 -9.64
C ILE A 218 -42.09 -7.65 -9.17
N ASP A 219 -42.41 -7.26 -7.94
CA ASP A 219 -41.87 -6.05 -7.36
C ASP A 219 -40.38 -6.09 -7.06
N PRO A 220 -39.85 -7.26 -6.64
CA PRO A 220 -38.41 -7.31 -6.36
C PRO A 220 -37.64 -6.92 -7.63
N VAL A 221 -38.13 -7.39 -8.78
CA VAL A 221 -37.51 -7.09 -10.06
C VAL A 221 -37.49 -5.59 -10.32
N VAL A 222 -38.66 -4.97 -10.20
CA VAL A 222 -38.78 -3.52 -10.43
C VAL A 222 -37.90 -2.72 -9.47
N ALA A 223 -38.02 -3.03 -8.18
CA ALA A 223 -37.23 -2.34 -7.17
C ALA A 223 -35.74 -2.47 -7.45
N ALA A 224 -35.35 -3.59 -8.05
CA ALA A 224 -33.96 -3.86 -8.37
C ALA A 224 -33.39 -2.89 -9.40
N SER A 225 -33.98 -2.83 -10.60
CA SER A 225 -33.46 -1.92 -11.62
C SER A 225 -33.52 -0.49 -11.09
N SER A 226 -34.50 -0.23 -10.23
CA SER A 226 -34.65 1.08 -9.59
C SER A 226 -33.46 1.32 -8.65
N ILE A 227 -33.10 0.29 -7.89
CA ILE A 227 -31.98 0.38 -6.96
C ILE A 227 -30.66 0.52 -7.71
N VAL A 228 -30.49 -0.22 -8.80
CA VAL A 228 -29.26 -0.17 -9.58
C VAL A 228 -29.04 1.21 -10.16
N LEU A 229 -30.09 1.81 -10.70
CA LEU A 229 -29.94 3.14 -11.26
C LEU A 229 -29.77 4.17 -10.15
N SER A 230 -30.45 3.96 -9.03
CA SER A 230 -30.34 4.90 -7.92
C SER A 230 -28.95 4.82 -7.26
N LEU A 231 -28.28 3.68 -7.39
CA LEU A 231 -26.95 3.52 -6.79
C LEU A 231 -25.87 4.05 -7.72
N GLN A 232 -25.97 3.74 -9.00
CA GLN A 232 -24.99 4.22 -9.98
C GLN A 232 -25.01 5.75 -9.95
N GLN A 233 -26.12 6.30 -9.48
CA GLN A 233 -26.26 7.73 -9.39
C GLN A 233 -25.44 8.30 -8.24
N LEU A 234 -25.22 7.51 -7.18
CA LEU A 234 -24.46 7.98 -6.03
C LEU A 234 -23.04 8.42 -6.39
N VAL A 235 -22.59 8.05 -7.59
CA VAL A 235 -21.25 8.47 -8.00
C VAL A 235 -21.27 9.99 -7.98
N SER A 236 -20.18 10.55 -7.50
CA SER A 236 -20.04 11.99 -7.40
C SER A 236 -18.57 12.37 -7.46
N ARG A 237 -18.26 13.37 -8.28
CA ARG A 237 -16.89 13.86 -8.43
C ARG A 237 -16.95 15.35 -8.79
N GLU A 238 -16.65 16.21 -7.83
CA GLU A 238 -16.68 17.63 -8.10
C GLU A 238 -15.32 18.25 -8.31
N THR A 239 -15.16 19.45 -7.75
CA THR A 239 -13.94 20.22 -7.90
C THR A 239 -12.84 19.88 -6.88
N ASP A 240 -13.21 19.25 -5.76
CA ASP A 240 -12.23 18.84 -4.74
C ASP A 240 -12.10 17.31 -4.87
N PRO A 241 -10.94 16.82 -5.30
CA PRO A 241 -10.81 15.36 -5.42
C PRO A 241 -11.19 14.53 -4.19
N LEU A 242 -10.97 15.06 -2.98
CA LEU A 242 -11.33 14.30 -1.78
C LEU A 242 -12.83 14.05 -1.68
N ASP A 243 -13.62 14.79 -2.45
CA ASP A 243 -15.07 14.63 -2.45
C ASP A 243 -15.53 13.49 -3.37
N SER A 244 -14.62 12.95 -4.18
CA SER A 244 -14.99 11.90 -5.14
C SER A 244 -15.17 10.53 -4.52
N LYS A 245 -16.31 9.93 -4.81
CA LYS A 245 -16.61 8.61 -4.32
C LYS A 245 -16.89 7.77 -5.55
N VAL A 246 -17.24 6.51 -5.37
CA VAL A 246 -17.53 5.65 -6.50
C VAL A 246 -18.43 4.53 -5.98
N VAL A 247 -19.63 4.46 -6.51
CA VAL A 247 -20.56 3.42 -6.13
C VAL A 247 -20.88 2.65 -7.40
N THR A 248 -20.63 1.34 -7.35
CA THR A 248 -20.88 0.48 -8.49
C THR A 248 -21.62 -0.78 -8.09
N VAL A 249 -22.49 -1.25 -9.00
CA VAL A 249 -23.23 -2.49 -8.83
C VAL A 249 -22.70 -3.31 -9.98
N SER A 250 -21.75 -4.20 -9.69
CA SER A 250 -21.13 -5.04 -10.71
C SER A 250 -21.73 -6.44 -10.73
N LYS A 251 -22.51 -6.75 -9.70
CA LYS A 251 -23.09 -8.08 -9.59
C LYS A 251 -24.61 -8.03 -9.53
N VAL A 252 -25.24 -8.86 -10.36
CA VAL A 252 -26.69 -8.97 -10.39
C VAL A 252 -27.05 -10.37 -10.91
N ASN A 253 -27.82 -11.11 -10.13
CA ASN A 253 -28.24 -12.45 -10.55
C ASN A 253 -29.59 -12.85 -9.96
N PRO A 262 -37.83 -13.99 -11.29
CA PRO A 262 -37.00 -14.34 -10.13
C PRO A 262 -37.72 -14.08 -8.81
N ASP A 263 -37.69 -15.05 -7.91
CA ASP A 263 -38.34 -14.90 -6.62
C ASP A 263 -37.60 -13.88 -5.73
N SER A 264 -36.28 -13.94 -5.75
CA SER A 264 -35.43 -13.04 -4.96
C SER A 264 -34.24 -12.58 -5.78
N ILE A 265 -33.93 -11.28 -5.68
CA ILE A 265 -32.84 -10.71 -6.43
C ILE A 265 -31.69 -10.34 -5.49
N THR A 266 -30.47 -10.69 -5.91
CA THR A 266 -29.29 -10.39 -5.12
C THR A 266 -28.48 -9.29 -5.80
N ILE A 267 -28.19 -8.24 -5.04
CA ILE A 267 -27.41 -7.13 -5.55
C ILE A 267 -26.12 -7.01 -4.72
N GLY A 268 -25.04 -6.71 -5.42
CA GLY A 268 -23.75 -6.52 -4.80
C GLY A 268 -22.99 -5.50 -5.62
N GLY A 269 -21.87 -5.03 -5.11
CA GLY A 269 -21.09 -4.05 -5.86
C GLY A 269 -19.89 -3.55 -5.11
N THR A 270 -19.41 -2.38 -5.52
CA THR A 270 -18.22 -1.78 -4.93
C THR A 270 -18.50 -0.33 -4.53
N LEU A 271 -17.70 0.15 -3.57
CA LEU A 271 -17.82 1.52 -3.11
C LEU A 271 -16.43 2.04 -2.70
N ARG A 272 -16.14 3.28 -3.10
CA ARG A 272 -14.87 3.91 -2.79
C ARG A 272 -15.14 5.36 -2.45
N ALA A 273 -14.42 5.85 -1.44
CA ALA A 273 -14.55 7.24 -0.97
C ALA A 273 -13.29 7.62 -0.20
N PHE A 274 -12.98 8.91 -0.18
CA PHE A 274 -11.83 9.40 0.59
C PHE A 274 -12.38 9.81 1.93
N THR A 275 -13.38 10.68 1.92
CA THR A 275 -14.00 11.17 3.15
C THR A 275 -15.44 10.65 3.21
N GLY A 276 -16.07 10.74 4.37
CA GLY A 276 -17.43 10.25 4.48
C GLY A 276 -17.48 8.78 4.05
N PHE A 277 -16.52 8.00 4.54
CA PHE A 277 -16.51 6.59 4.14
C PHE A 277 -17.70 5.81 4.71
N THR A 278 -17.95 5.96 6.01
CA THR A 278 -19.09 5.28 6.68
C THR A 278 -20.43 5.82 6.19
N GLN A 279 -20.46 7.13 5.94
CA GLN A 279 -21.67 7.75 5.47
C GLN A 279 -22.07 7.24 4.09
N LEU A 280 -21.10 6.88 3.27
CA LEU A 280 -21.44 6.37 1.94
C LEU A 280 -22.00 4.95 2.08
N GLN A 281 -21.47 4.19 3.02
CA GLN A 281 -21.95 2.83 3.29
C GLN A 281 -23.41 2.89 3.75
N GLN A 282 -23.65 3.68 4.79
CA GLN A 282 -25.01 3.81 5.33
C GLN A 282 -25.93 4.48 4.31
N ARG A 283 -25.37 5.38 3.50
CA ARG A 283 -26.18 6.04 2.48
C ARG A 283 -26.66 4.99 1.47
N VAL A 284 -25.76 4.11 1.06
CA VAL A 284 -26.09 3.06 0.09
C VAL A 284 -27.13 2.10 0.68
N LYS A 285 -26.90 1.62 1.89
CA LYS A 285 -27.85 0.71 2.54
C LYS A 285 -29.23 1.35 2.56
N GLU A 286 -29.26 2.68 2.73
CA GLU A 286 -30.53 3.40 2.73
C GLU A 286 -31.21 3.35 1.36
N VAL A 287 -30.43 3.52 0.29
CA VAL A 287 -30.98 3.47 -1.05
C VAL A 287 -31.59 2.09 -1.31
N ILE A 288 -30.87 1.07 -0.90
CA ILE A 288 -31.36 -0.30 -1.09
C ILE A 288 -32.60 -0.48 -0.23
N THR A 289 -32.48 -0.15 1.05
CA THR A 289 -33.56 -0.28 2.01
C THR A 289 -34.82 0.51 1.65
N LYS A 290 -34.68 1.81 1.43
CA LYS A 290 -35.86 2.61 1.11
C LYS A 290 -36.47 2.19 -0.21
N GLN A 291 -35.65 2.00 -1.22
CA GLN A 291 -36.19 1.58 -2.50
C GLN A 291 -36.98 0.29 -2.41
N ALA A 292 -36.48 -0.66 -1.60
CA ALA A 292 -37.18 -1.92 -1.43
C ALA A 292 -38.54 -1.65 -0.78
N ALA A 293 -38.52 -0.94 0.34
CA ALA A 293 -39.74 -0.62 1.06
C ALA A 293 -40.81 0.02 0.16
N VAL A 294 -40.43 1.05 -0.61
CA VAL A 294 -41.39 1.72 -1.49
C VAL A 294 -41.85 0.87 -2.66
N HIS A 295 -41.20 -0.27 -2.88
CA HIS A 295 -41.63 -1.16 -3.94
C HIS A 295 -42.31 -2.37 -3.31
N ARG A 296 -42.75 -2.20 -2.07
CA ARG A 296 -43.42 -3.24 -1.29
C ARG A 296 -42.49 -4.45 -1.15
N CYS A 297 -41.26 -4.17 -0.72
CA CYS A 297 -40.27 -5.23 -0.57
C CYS A 297 -39.42 -5.17 0.69
N ASN A 298 -38.74 -6.28 0.92
CA ASN A 298 -37.83 -6.39 2.03
C ASN A 298 -36.45 -6.46 1.39
N ALA A 299 -35.45 -6.06 2.16
CA ALA A 299 -34.09 -6.08 1.69
C ALA A 299 -33.15 -6.31 2.85
N SER A 300 -32.25 -7.25 2.66
CA SER A 300 -31.24 -7.55 3.66
C SER A 300 -29.96 -6.96 3.12
N VAL A 301 -29.34 -6.04 3.84
CA VAL A 301 -28.11 -5.42 3.35
C VAL A 301 -26.89 -5.71 4.20
N ASN A 302 -25.94 -6.44 3.62
CA ASN A 302 -24.71 -6.78 4.31
C ASN A 302 -23.54 -5.92 3.79
N LEU A 303 -22.91 -5.15 4.66
CA LEU A 303 -21.78 -4.29 4.30
C LEU A 303 -20.40 -4.93 4.46
N THR A 304 -20.38 -6.19 4.88
CA THR A 304 -19.12 -6.94 4.99
C THR A 304 -19.49 -8.34 4.53
N PRO A 305 -19.99 -8.46 3.29
CA PRO A 305 -20.39 -9.78 2.78
C PRO A 305 -19.32 -10.86 2.82
N ASN A 306 -19.68 -11.97 3.45
CA ASN A 306 -18.81 -13.13 3.57
C ASN A 306 -17.45 -12.78 4.14
N GLY A 307 -17.43 -11.93 5.16
CA GLY A 307 -16.18 -11.54 5.78
C GLY A 307 -15.36 -10.51 5.01
N ARG A 308 -15.95 -9.90 3.98
CA ARG A 308 -15.23 -8.88 3.21
C ARG A 308 -15.37 -7.53 3.95
N GLU A 309 -14.52 -7.30 4.94
CA GLU A 309 -14.59 -6.05 5.69
C GLU A 309 -14.01 -4.90 4.89
N PRO A 310 -14.55 -3.69 5.07
CA PRO A 310 -13.97 -2.59 4.30
C PRO A 310 -12.56 -2.23 4.71
N MET A 311 -11.90 -1.46 3.87
CA MET A 311 -10.56 -0.97 4.11
C MET A 311 -10.72 0.55 4.06
N PRO A 312 -10.53 1.21 5.21
CA PRO A 312 -10.68 2.67 5.25
C PRO A 312 -9.66 3.41 4.38
N PRO A 313 -9.84 4.72 4.19
CA PRO A 313 -8.93 5.53 3.39
C PRO A 313 -7.52 5.45 4.04
N THR A 314 -6.46 5.63 3.26
CA THR A 314 -5.11 5.64 3.83
C THR A 314 -4.93 7.07 4.31
N VAL A 315 -4.75 7.22 5.62
CA VAL A 315 -4.61 8.55 6.21
C VAL A 315 -3.18 8.77 6.65
N ASN A 316 -2.60 9.87 6.16
CA ASN A 316 -1.24 10.27 6.50
C ASN A 316 -1.28 11.18 7.71
N ASN A 317 -0.71 10.68 8.80
CA ASN A 317 -0.65 11.45 10.04
C ASN A 317 0.03 12.80 9.75
N LYS A 318 -0.67 13.90 10.05
CA LYS A 318 -0.16 15.24 9.80
C LYS A 318 1.25 15.49 10.34
N ASP A 319 1.49 15.10 11.58
CA ASP A 319 2.80 15.30 12.17
C ASP A 319 3.86 14.41 11.50
N LEU A 320 3.48 13.20 11.09
CA LEU A 320 4.45 12.35 10.40
C LEU A 320 4.75 12.90 9.00
N TYR A 321 3.79 13.64 8.44
CA TYR A 321 3.96 14.25 7.10
C TYR A 321 4.86 15.49 7.19
N LYS A 322 4.62 16.32 8.20
CA LYS A 322 5.45 17.51 8.36
C LYS A 322 6.91 17.11 8.63
N GLN A 323 7.12 16.06 9.41
CA GLN A 323 8.49 15.61 9.67
C GLN A 323 9.11 15.05 8.42
N PHE A 324 8.28 14.35 7.63
CA PHE A 324 8.72 13.73 6.38
C PHE A 324 9.15 14.77 5.34
N LYS A 325 8.37 15.84 5.18
CA LYS A 325 8.74 16.88 4.21
C LYS A 325 10.13 17.41 4.49
N LYS A 326 10.50 17.52 5.77
CA LYS A 326 11.83 18.03 6.10
C LYS A 326 12.90 17.01 5.74
N VAL A 327 12.67 15.74 6.07
CA VAL A 327 13.63 14.70 5.73
C VAL A 327 13.93 14.73 4.24
N VAL A 328 12.89 14.88 3.42
CA VAL A 328 13.06 14.88 1.96
C VAL A 328 13.82 16.11 1.49
N ARG A 329 13.42 17.29 1.96
CA ARG A 329 14.09 18.50 1.54
C ARG A 329 15.53 18.55 2.07
N ASP A 330 15.73 18.24 3.34
CA ASP A 330 17.09 18.25 3.92
C ASP A 330 17.95 17.31 3.09
N LEU A 331 17.50 16.08 2.94
CA LEU A 331 18.21 15.05 2.20
C LEU A 331 18.33 15.28 0.69
N LEU A 332 17.31 15.86 0.06
CA LEU A 332 17.38 16.01 -1.39
C LEU A 332 17.19 17.38 -2.02
N GLY A 333 17.06 18.43 -1.23
CA GLY A 333 16.88 19.76 -1.81
C GLY A 333 15.42 20.18 -1.77
N GLN A 334 15.20 21.48 -1.65
CA GLN A 334 13.84 22.01 -1.55
C GLN A 334 12.85 21.52 -2.60
N GLU A 335 13.31 21.42 -3.84
CA GLU A 335 12.45 21.00 -4.96
C GLU A 335 12.12 19.50 -5.03
N ALA A 336 12.76 18.70 -4.19
CA ALA A 336 12.55 17.25 -4.24
C ALA A 336 11.26 16.72 -3.60
N PHE A 337 10.54 17.59 -2.88
CA PHE A 337 9.28 17.17 -2.28
C PHE A 337 8.14 17.80 -3.04
N VAL A 338 7.15 17.01 -3.40
CA VAL A 338 5.99 17.53 -4.10
C VAL A 338 4.71 17.06 -3.38
N GLU A 339 3.73 17.95 -3.31
CA GLU A 339 2.47 17.63 -2.67
C GLU A 339 1.70 16.68 -3.58
N ALA A 340 1.32 15.53 -3.03
CA ALA A 340 0.60 14.55 -3.81
C ALA A 340 -0.90 14.80 -3.83
N ALA A 341 -1.55 14.44 -4.94
CA ALA A 341 -3.00 14.59 -5.05
C ALA A 341 -3.57 13.29 -4.51
N PRO A 342 -4.84 13.32 -4.08
CA PRO A 342 -5.49 12.10 -3.55
C PRO A 342 -5.48 11.05 -4.66
N VAL A 343 -5.32 9.79 -4.28
CA VAL A 343 -5.31 8.65 -5.22
C VAL A 343 -6.51 7.75 -4.93
N MET A 344 -7.58 7.86 -5.70
CA MET A 344 -8.73 6.99 -5.43
C MET A 344 -8.41 5.58 -5.92
N GLY A 345 -7.55 4.90 -5.16
CA GLY A 345 -7.14 3.54 -5.52
C GLY A 345 -7.11 2.59 -4.33
N SER A 346 -6.17 1.66 -4.35
CA SER A 346 -6.05 0.68 -3.27
C SER A 346 -4.63 0.52 -2.71
N GLU A 347 -4.55 0.35 -1.40
CA GLU A 347 -3.27 0.17 -0.73
C GLU A 347 -3.58 -0.25 0.69
N ASP A 348 -3.33 -1.55 0.96
CA ASP A 348 -3.64 -2.12 2.26
C ASP A 348 -2.76 -1.63 3.41
N PHE A 349 -1.82 -0.73 3.09
CA PHE A 349 -1.02 -0.07 4.13
C PHE A 349 -2.03 0.67 5.04
N SER A 350 -3.19 1.03 4.48
CA SER A 350 -4.22 1.73 5.26
C SER A 350 -4.59 0.98 6.54
N TYR A 351 -4.54 -0.35 6.52
CA TYR A 351 -4.86 -1.09 7.74
C TYR A 351 -3.83 -0.77 8.83
N PHE A 352 -2.55 -0.68 8.45
CA PHE A 352 -1.56 -0.32 9.46
C PHE A 352 -1.81 1.11 9.96
N ALA A 353 -2.10 2.01 9.01
CA ALA A 353 -2.36 3.44 9.27
C ALA A 353 -3.65 3.80 10.02
N GLU A 354 -4.60 2.89 10.09
CA GLU A 354 -5.82 3.18 10.85
C GLU A 354 -5.60 2.74 12.32
N THR A 355 -4.46 2.11 12.60
CA THR A 355 -4.18 1.60 13.94
C THR A 355 -3.03 2.30 14.70
N ILE A 356 -2.06 2.87 13.97
CA ILE A 356 -1.01 3.68 14.58
C ILE A 356 -0.72 4.80 13.57
N PRO A 357 -0.07 5.88 13.99
CA PRO A 357 0.24 6.98 13.08
C PRO A 357 0.98 6.40 11.88
N GLY A 358 0.47 6.62 10.68
CA GLY A 358 1.14 6.07 9.50
C GLY A 358 1.49 7.12 8.47
N HIS A 359 2.42 6.79 7.59
CA HIS A 359 2.79 7.72 6.52
C HIS A 359 3.17 6.93 5.27
N PHE A 360 2.52 7.29 4.16
CA PHE A 360 2.71 6.60 2.91
C PHE A 360 3.18 7.65 1.89
N SER A 361 4.37 7.43 1.33
CA SER A 361 4.94 8.37 0.38
C SER A 361 5.16 7.76 -1.00
N LEU A 362 5.29 8.63 -2.00
CA LEU A 362 5.55 8.24 -3.38
C LEU A 362 7.03 8.50 -3.65
N LEU A 363 7.63 7.75 -4.57
CA LEU A 363 9.01 7.96 -4.94
C LEU A 363 9.02 7.61 -6.44
N GLY A 364 8.69 8.62 -7.25
CA GLY A 364 8.56 8.45 -8.68
C GLY A 364 9.82 8.08 -9.43
N MET A 365 9.64 7.51 -10.61
CA MET A 365 10.72 7.07 -11.47
C MET A 365 10.45 7.58 -12.90
N GLN A 366 9.57 8.57 -13.05
CA GLN A 366 9.22 8.99 -14.40
C GLN A 366 10.18 9.98 -15.05
N ASP A 367 10.42 9.80 -16.35
CA ASP A 367 11.31 10.69 -17.09
C ASP A 367 10.43 11.71 -17.82
N GLU A 368 11.00 12.84 -18.21
CA GLU A 368 10.25 13.90 -18.84
C GLU A 368 9.44 13.56 -20.11
N THR A 369 9.73 12.45 -20.77
CA THR A 369 8.96 12.13 -21.97
C THR A 369 7.88 11.12 -21.66
N ASN A 370 7.73 10.82 -20.37
CA ASN A 370 6.72 9.87 -19.93
C ASN A 370 7.00 8.49 -20.46
N GLY A 371 8.29 8.10 -20.48
CA GLY A 371 8.67 6.79 -20.99
C GLY A 371 8.42 5.61 -20.08
N TYR A 372 8.24 5.84 -18.78
CA TYR A 372 8.01 4.74 -17.86
C TYR A 372 6.53 4.43 -17.78
N ALA A 373 6.21 3.15 -17.98
CA ALA A 373 4.83 2.66 -17.99
C ALA A 373 4.21 2.69 -16.60
N SER A 374 2.88 2.68 -16.58
CA SER A 374 2.13 2.69 -15.33
C SER A 374 2.43 1.47 -14.47
N SER A 375 2.29 1.62 -13.16
CA SER A 375 2.48 0.48 -12.26
C SER A 375 1.37 -0.47 -12.74
N HIS A 376 1.55 -1.77 -12.56
CA HIS A 376 0.58 -2.79 -13.01
C HIS A 376 0.64 -3.13 -14.50
N SER A 377 1.21 -2.22 -15.28
CA SER A 377 1.29 -2.45 -16.72
C SER A 377 2.47 -3.37 -17.10
N PRO A 378 2.30 -4.16 -18.19
CA PRO A 378 3.35 -5.07 -18.67
C PRO A 378 4.67 -4.37 -19.03
N LEU A 379 4.64 -3.07 -19.30
CA LEU A 379 5.88 -2.34 -19.65
C LEU A 379 6.52 -1.59 -18.47
N TYR A 380 5.92 -1.77 -17.30
CA TYR A 380 6.40 -1.17 -16.06
C TYR A 380 7.88 -1.50 -15.85
N ARG A 381 8.66 -0.46 -15.55
CA ARG A 381 10.07 -0.63 -15.29
C ARG A 381 10.43 0.19 -14.07
N ILE A 382 11.35 -0.32 -13.27
CA ILE A 382 11.83 0.49 -12.17
C ILE A 382 13.04 1.21 -12.78
N ASN A 383 13.20 2.49 -12.47
CA ASN A 383 14.41 3.19 -12.90
C ASN A 383 15.32 2.89 -11.69
N GLU A 384 16.30 1.99 -11.86
CA GLU A 384 17.15 1.59 -10.75
C GLU A 384 17.94 2.70 -10.06
N ASP A 385 18.28 3.77 -10.78
CA ASP A 385 18.99 4.86 -10.12
C ASP A 385 18.17 5.39 -8.93
N VAL A 386 16.86 5.17 -8.94
CA VAL A 386 16.01 5.63 -7.83
C VAL A 386 16.17 4.80 -6.54
N LEU A 387 16.79 3.62 -6.62
CA LEU A 387 16.87 2.78 -5.42
C LEU A 387 17.62 3.40 -4.24
N PRO A 388 18.73 4.13 -4.49
CA PRO A 388 19.46 4.74 -3.36
C PRO A 388 18.62 5.84 -2.67
N TYR A 389 17.73 6.51 -3.43
CA TYR A 389 16.90 7.58 -2.87
C TYR A 389 15.93 7.07 -1.80
N GLY A 390 15.25 5.95 -2.08
CA GLY A 390 14.31 5.40 -1.11
C GLY A 390 15.00 4.82 0.13
N ALA A 391 16.20 4.25 -0.06
CA ALA A 391 16.99 3.70 1.06
C ALA A 391 17.34 4.86 2.01
N ALA A 392 17.83 5.95 1.43
CA ALA A 392 18.21 7.12 2.24
C ALA A 392 17.00 7.82 2.87
N ILE A 393 15.89 7.91 2.14
CA ILE A 393 14.73 8.57 2.73
C ILE A 393 14.24 7.74 3.93
N HIS A 394 14.14 6.43 3.76
CA HIS A 394 13.73 5.50 4.83
C HIS A 394 14.60 5.73 6.07
N ALA A 395 15.91 5.64 5.83
CA ALA A 395 16.90 5.78 6.90
C ALA A 395 16.86 7.15 7.55
N SER A 396 16.91 8.19 6.72
CA SER A 396 16.88 9.53 7.25
C SER A 396 15.58 9.78 8.03
N MET A 397 14.47 9.18 7.58
CA MET A 397 13.19 9.35 8.26
C MET A 397 13.20 8.64 9.62
N ALA A 398 13.68 7.40 9.64
CA ALA A 398 13.73 6.64 10.89
C ALA A 398 14.64 7.37 11.88
N VAL A 399 15.81 7.75 11.42
CA VAL A 399 16.78 8.45 12.25
C VAL A 399 16.18 9.71 12.85
N GLN A 400 15.55 10.52 12.01
CA GLN A 400 14.94 11.74 12.49
C GLN A 400 13.70 11.57 13.36
N TYR A 401 12.89 10.55 13.08
CA TYR A 401 11.71 10.33 13.90
C TYR A 401 12.12 10.03 15.37
N LEU A 402 13.15 9.20 15.53
CA LEU A 402 13.65 8.83 16.84
C LEU A 402 14.35 10.02 17.50
N LYS A 403 15.21 10.71 16.76
CA LYS A 403 15.93 11.85 17.30
C LYS A 403 14.93 12.94 17.72
N GLU A 404 13.85 13.09 16.94
CA GLU A 404 12.85 14.08 17.26
C GLU A 404 12.05 13.64 18.50
N LYS A 405 11.76 12.34 18.56
CA LYS A 405 11.04 11.80 19.70
C LYS A 405 11.85 12.08 20.97
N ALA A 406 13.15 11.87 20.90
CA ALA A 406 14.00 12.14 22.05
C ALA A 406 13.94 13.61 22.45
N SER A 407 14.38 14.49 21.56
CA SER A 407 14.36 15.91 21.86
C SER A 407 13.06 16.56 21.41
N LYS A 16 23.17 13.45 3.99
CA LYS A 16 24.50 13.03 4.53
C LYS A 16 24.70 11.53 4.41
N LEU A 17 23.63 10.81 4.07
CA LEU A 17 23.72 9.36 3.92
C LEU A 17 23.30 8.88 2.53
N LEU A 18 23.12 9.82 1.61
CA LEU A 18 22.74 9.46 0.25
C LEU A 18 23.98 8.94 -0.49
N GLU A 19 25.15 9.49 -0.14
CA GLU A 19 26.40 9.08 -0.76
C GLU A 19 26.65 7.62 -0.38
N PHE A 20 26.31 7.29 0.85
CA PHE A 20 26.44 5.95 1.38
C PHE A 20 25.48 5.02 0.63
N ALA A 21 24.24 5.47 0.41
CA ALA A 21 23.23 4.69 -0.30
C ALA A 21 23.61 4.53 -1.79
N LYS A 22 24.25 5.54 -2.35
CA LYS A 22 24.66 5.52 -3.76
C LYS A 22 26.02 4.88 -4.02
N SER A 23 26.80 4.65 -2.97
CA SER A 23 28.13 4.07 -3.15
C SER A 23 28.01 2.77 -3.94
N PRO A 24 28.99 2.49 -4.83
CA PRO A 24 29.02 1.28 -5.67
C PRO A 24 28.76 0.03 -4.84
N GLU A 25 29.35 -0.01 -3.65
CA GLU A 25 29.18 -1.14 -2.75
C GLU A 25 27.68 -1.44 -2.57
N VAL A 26 26.99 -0.55 -1.85
CA VAL A 26 25.58 -0.71 -1.55
C VAL A 26 24.65 -0.75 -2.79
N PHE A 27 24.84 0.18 -3.72
CA PHE A 27 23.97 0.21 -4.91
C PHE A 27 24.02 -1.10 -5.68
N ASP A 28 25.22 -1.60 -5.92
CA ASP A 28 25.41 -2.85 -6.64
C ASP A 28 24.66 -4.00 -5.99
N TRP A 29 24.82 -4.12 -4.68
CA TRP A 29 24.14 -5.15 -3.87
C TRP A 29 22.61 -5.03 -4.05
N MET A 30 22.04 -3.87 -3.75
CA MET A 30 20.58 -3.68 -3.93
C MET A 30 20.14 -4.05 -5.34
N VAL A 31 20.87 -3.57 -6.35
CA VAL A 31 20.49 -3.90 -7.73
C VAL A 31 20.47 -5.40 -7.98
N LYS A 32 21.42 -6.14 -7.39
CA LYS A 32 21.42 -7.57 -7.57
C LYS A 32 20.32 -8.23 -6.74
N ILE A 33 19.92 -7.61 -5.64
CA ILE A 33 18.85 -8.18 -4.84
C ILE A 33 17.53 -8.04 -5.61
N ARG A 34 17.29 -6.83 -6.12
CA ARG A 34 16.08 -6.54 -6.89
C ARG A 34 15.86 -7.46 -8.10
N ARG A 35 16.93 -7.66 -8.89
CA ARG A 35 16.81 -8.49 -10.08
C ARG A 35 16.53 -9.94 -9.76
N LYS A 36 17.09 -10.42 -8.66
CA LYS A 36 16.83 -11.81 -8.27
C LYS A 36 15.35 -11.93 -7.90
N ILE A 37 14.83 -10.94 -7.19
CA ILE A 37 13.43 -10.98 -6.82
C ILE A 37 12.57 -10.91 -8.09
N HIS A 38 12.97 -10.05 -9.02
CA HIS A 38 12.23 -9.88 -10.27
C HIS A 38 12.13 -11.15 -11.14
N GLU A 39 13.23 -11.89 -11.24
CA GLU A 39 13.29 -13.11 -12.03
C GLU A 39 12.38 -14.21 -11.48
N ASN A 40 12.07 -14.13 -10.18
CA ASN A 40 11.22 -15.15 -9.59
C ASN A 40 10.09 -14.50 -8.82
N PRO A 41 9.19 -13.82 -9.53
CA PRO A 41 8.07 -13.16 -8.84
C PRO A 41 7.09 -14.19 -8.24
N GLU A 42 6.59 -13.89 -7.04
CA GLU A 42 5.67 -14.81 -6.38
C GLU A 42 4.49 -13.99 -5.90
N LEU A 43 3.31 -14.64 -5.87
CA LEU A 43 2.07 -13.98 -5.47
C LEU A 43 1.84 -14.06 -3.96
N GLY A 44 0.80 -13.36 -3.50
CA GLY A 44 0.45 -13.31 -2.09
C GLY A 44 0.51 -14.63 -1.35
N TYR A 45 1.17 -14.62 -0.19
CA TYR A 45 1.36 -15.79 0.66
C TYR A 45 2.13 -16.91 -0.03
N GLU A 46 2.72 -16.60 -1.19
CA GLU A 46 3.50 -17.56 -1.95
C GLU A 46 4.96 -17.10 -2.08
N GLU A 47 5.32 -16.02 -1.37
CA GLU A 47 6.67 -15.46 -1.40
C GLU A 47 7.68 -16.43 -0.79
N LEU A 48 7.84 -17.60 -1.40
CA LEU A 48 8.77 -18.57 -0.83
C LEU A 48 10.24 -18.17 -0.91
N GLU A 49 10.69 -17.83 -2.09
CA GLU A 49 12.09 -17.47 -2.24
C GLU A 49 12.33 -16.02 -1.88
N THR A 50 11.30 -15.19 -1.99
CA THR A 50 11.47 -13.79 -1.62
C THR A 50 11.63 -13.82 -0.10
N SER A 51 10.71 -14.50 0.58
CA SER A 51 10.77 -14.65 2.04
C SER A 51 12.13 -15.28 2.40
N LYS A 52 12.57 -16.30 1.64
CA LYS A 52 13.88 -16.89 1.93
C LYS A 52 15.01 -15.89 1.57
N LEU A 53 14.92 -15.26 0.41
CA LEU A 53 15.96 -14.28 0.06
C LEU A 53 16.04 -13.20 1.13
N ILE A 54 14.89 -12.85 1.69
CA ILE A 54 14.83 -11.84 2.73
C ILE A 54 15.53 -12.26 4.02
N ARG A 55 15.13 -13.39 4.58
CA ARG A 55 15.75 -13.83 5.82
C ARG A 55 17.26 -13.99 5.57
N SER A 56 17.64 -14.52 4.41
CA SER A 56 19.07 -14.71 4.14
C SER A 56 19.85 -13.44 4.34
N GLU A 57 19.44 -12.39 3.63
CA GLU A 57 20.13 -11.12 3.68
C GLU A 57 20.16 -10.49 5.06
N LEU A 58 19.03 -10.56 5.77
CA LEU A 58 18.99 -10.00 7.12
C LEU A 58 20.03 -10.71 7.97
N GLU A 59 20.15 -12.03 7.80
CA GLU A 59 21.14 -12.79 8.56
C GLU A 59 22.55 -12.29 8.21
N LEU A 60 22.81 -12.06 6.93
CA LEU A 60 24.13 -11.60 6.56
C LEU A 60 24.40 -10.23 7.18
N ILE A 61 23.43 -9.33 7.12
CA ILE A 61 23.63 -8.01 7.68
C ILE A 61 23.86 -8.05 9.20
N GLY A 62 23.04 -8.81 9.92
CA GLY A 62 23.19 -8.90 11.37
C GLY A 62 21.98 -8.27 12.02
N ILE A 63 20.81 -8.79 11.68
CA ILE A 63 19.55 -8.26 12.17
C ILE A 63 18.64 -9.43 12.52
N LYS A 64 18.29 -9.53 13.80
CA LYS A 64 17.40 -10.57 14.30
C LYS A 64 16.04 -10.33 13.67
N TYR A 65 15.23 -11.37 13.58
CA TYR A 65 13.92 -11.23 13.01
C TYR A 65 12.96 -12.30 13.48
N ARG A 66 11.68 -12.04 13.22
CA ARG A 66 10.60 -12.95 13.51
C ARG A 66 10.18 -13.44 12.13
N TYR A 67 9.63 -14.64 12.09
CA TYR A 67 9.17 -15.28 10.86
C TYR A 67 8.67 -16.68 11.26
N PRO A 68 7.56 -17.13 10.69
CA PRO A 68 6.68 -16.50 9.70
C PRO A 68 5.51 -15.66 10.18
N VAL A 69 5.60 -14.35 10.00
CA VAL A 69 4.50 -13.47 10.36
C VAL A 69 3.66 -13.37 9.08
N ALA A 70 2.38 -13.70 9.16
CA ALA A 70 1.51 -13.66 7.99
C ALA A 70 2.07 -14.57 6.87
N ILE A 71 2.45 -15.78 7.29
CA ILE A 71 2.94 -16.84 6.42
C ILE A 71 4.33 -16.69 5.83
N THR A 72 4.79 -15.48 5.49
CA THR A 72 6.13 -15.30 4.93
C THR A 72 6.85 -14.03 5.43
N GLY A 73 6.12 -13.18 6.15
CA GLY A 73 6.65 -11.93 6.64
C GLY A 73 7.77 -11.91 7.67
N VAL A 74 8.48 -10.79 7.68
CA VAL A 74 9.65 -10.57 8.54
C VAL A 74 9.70 -9.20 9.25
N ILE A 75 10.02 -9.19 10.53
CA ILE A 75 10.18 -7.92 11.22
C ILE A 75 11.59 -7.87 11.81
N GLY A 76 12.40 -6.94 11.32
CA GLY A 76 13.78 -6.79 11.79
C GLY A 76 13.94 -5.62 12.75
N TYR A 77 15.04 -5.61 13.50
CA TYR A 77 15.26 -4.54 14.45
C TYR A 77 16.63 -3.87 14.39
N ILE A 78 16.65 -2.54 14.47
CA ILE A 78 17.92 -1.85 14.42
C ILE A 78 17.96 -0.74 15.44
N GLY A 79 18.96 -0.76 16.32
CA GLY A 79 19.07 0.28 17.33
C GLY A 79 19.33 -0.28 18.71
N THR A 80 18.65 0.26 19.70
CA THR A 80 18.85 -0.22 21.06
C THR A 80 18.35 -1.65 21.18
N GLY A 81 17.04 -1.79 21.15
CA GLY A 81 16.37 -3.07 21.31
C GLY A 81 15.11 -2.82 22.12
N GLU A 82 14.95 -1.57 22.58
CA GLU A 82 13.80 -1.14 23.38
C GLU A 82 13.12 0.08 22.72
N PRO A 83 12.01 0.56 23.30
CA PRO A 83 11.35 1.73 22.70
C PRO A 83 12.26 2.96 22.77
N PRO A 84 11.99 4.00 21.98
CA PRO A 84 10.87 4.05 21.03
C PRO A 84 11.11 3.28 19.73
N PHE A 85 10.04 2.66 19.25
CA PHE A 85 10.05 1.88 18.03
C PHE A 85 9.36 2.72 16.95
N VAL A 86 10.01 2.82 15.78
CA VAL A 86 9.45 3.56 14.63
C VAL A 86 9.63 2.61 13.42
N ALA A 87 8.52 2.20 12.80
CA ALA A 87 8.58 1.23 11.73
C ALA A 87 8.74 1.73 10.29
N LEU A 88 9.27 0.84 9.44
CA LEU A 88 9.49 1.07 7.99
C LEU A 88 8.90 -0.19 7.33
N ARG A 89 8.20 -0.01 6.22
CA ARG A 89 7.48 -1.12 5.60
C ARG A 89 7.66 -1.29 4.09
N ALA A 90 7.80 -2.54 3.66
CA ALA A 90 7.89 -2.90 2.23
C ALA A 90 6.97 -4.09 2.02
N ASP A 91 6.36 -4.17 0.82
CA ASP A 91 5.45 -5.27 0.46
C ASP A 91 6.12 -6.21 -0.56
N MET A 92 5.95 -7.52 -0.38
CA MET A 92 6.60 -8.56 -1.18
C MET A 92 6.02 -9.09 -2.50
N ASP A 93 4.72 -9.29 -2.55
CA ASP A 93 4.06 -9.91 -3.70
C ASP A 93 4.11 -9.21 -5.05
N ALA A 94 4.08 -10.04 -6.10
CA ALA A 94 4.07 -9.59 -7.49
C ALA A 94 2.63 -9.71 -7.99
N LEU A 95 2.46 -9.69 -9.32
CA LEU A 95 1.13 -9.80 -9.93
C LEU A 95 1.09 -11.01 -10.87
N PRO A 96 -0.09 -11.62 -11.06
CA PRO A 96 -0.19 -12.77 -11.96
C PRO A 96 -0.35 -12.39 -13.42
N ILE A 97 0.72 -11.84 -13.98
CA ILE A 97 0.71 -11.41 -15.37
C ILE A 97 2.09 -11.68 -15.98
N GLN A 98 2.13 -12.16 -17.22
CA GLN A 98 3.43 -12.40 -17.88
C GLN A 98 4.00 -11.03 -18.26
N GLU A 99 5.29 -10.86 -18.04
CA GLU A 99 5.96 -9.62 -18.34
C GLU A 99 6.03 -9.34 -19.86
N GLY A 100 5.99 -8.08 -20.24
CA GLY A 100 6.06 -7.72 -21.64
C GLY A 100 7.43 -7.17 -21.99
N VAL A 101 8.17 -6.71 -20.98
CA VAL A 101 9.50 -6.15 -21.18
C VAL A 101 10.41 -7.29 -21.60
N GLU A 102 11.36 -7.00 -22.49
CA GLU A 102 12.34 -7.99 -22.91
C GLU A 102 13.72 -7.51 -22.44
N TRP A 103 14.28 -8.19 -21.45
CA TRP A 103 15.60 -7.79 -20.92
C TRP A 103 16.21 -8.94 -20.18
N GLU A 104 17.44 -8.73 -19.75
CA GLU A 104 18.22 -9.76 -19.07
C GLU A 104 17.59 -10.38 -17.81
N HIS A 105 16.84 -9.59 -17.05
CA HIS A 105 16.28 -10.10 -15.79
C HIS A 105 14.75 -10.20 -15.69
N LYS A 106 14.13 -10.48 -16.83
CA LYS A 106 12.69 -10.65 -16.93
C LYS A 106 12.24 -11.87 -16.13
N SER A 107 11.00 -11.84 -15.62
CA SER A 107 10.47 -12.99 -14.87
C SER A 107 10.68 -14.31 -15.62
N LYS A 108 11.17 -15.30 -14.87
CA LYS A 108 11.40 -16.64 -15.40
C LYS A 108 10.20 -17.50 -15.06
N ILE A 109 9.13 -16.82 -14.64
CA ILE A 109 7.86 -17.48 -14.28
C ILE A 109 6.78 -16.90 -15.18
N ALA A 110 6.37 -17.66 -16.19
CA ALA A 110 5.38 -17.14 -17.12
C ALA A 110 4.04 -16.82 -16.47
N GLY A 111 3.48 -15.65 -16.80
CA GLY A 111 2.19 -15.29 -16.24
C GLY A 111 2.28 -14.55 -14.93
N LYS A 112 3.50 -14.25 -14.48
CA LYS A 112 3.68 -13.51 -13.24
C LYS A 112 4.94 -12.69 -13.39
N MET A 113 4.88 -11.48 -12.87
CA MET A 113 6.01 -10.59 -12.94
C MET A 113 5.88 -9.63 -11.80
N HIS A 114 6.91 -8.83 -11.61
CA HIS A 114 6.90 -7.78 -10.62
C HIS A 114 6.65 -6.55 -11.52
N ALA A 115 5.40 -6.10 -11.57
CA ALA A 115 5.07 -4.92 -12.36
C ALA A 115 4.48 -3.87 -11.46
N CYS A 116 4.71 -3.99 -10.15
CA CYS A 116 4.15 -2.96 -9.29
C CYS A 116 5.14 -2.45 -8.23
N GLY A 117 6.43 -2.45 -8.63
CA GLY A 117 7.52 -1.94 -7.81
C GLY A 117 7.84 -2.67 -6.50
N HIS A 118 7.19 -3.79 -6.23
CA HIS A 118 7.39 -4.46 -4.97
C HIS A 118 8.78 -5.06 -4.80
N ASP A 119 9.33 -5.65 -5.86
CA ASP A 119 10.69 -6.16 -5.80
C ASP A 119 11.59 -4.96 -5.43
N GLY A 120 11.29 -3.78 -6.00
CA GLY A 120 12.05 -2.59 -5.68
C GLY A 120 11.82 -2.26 -4.21
N HIS A 121 10.62 -2.59 -3.71
CA HIS A 121 10.31 -2.32 -2.29
C HIS A 121 11.03 -3.29 -1.35
N VAL A 122 11.13 -4.56 -1.71
CA VAL A 122 11.82 -5.50 -0.83
C VAL A 122 13.31 -5.19 -0.80
N THR A 123 13.78 -4.49 -1.82
CA THR A 123 15.19 -4.17 -1.92
C THR A 123 15.58 -2.87 -1.26
N MET A 124 14.77 -1.84 -1.43
CA MET A 124 15.13 -0.56 -0.85
C MET A 124 15.08 -0.62 0.68
N LEU A 125 14.20 -1.44 1.23
CA LEU A 125 14.14 -1.55 2.69
C LEU A 125 15.37 -2.36 3.16
N LEU A 126 15.75 -3.40 2.41
CA LEU A 126 16.95 -4.16 2.79
C LEU A 126 18.10 -3.15 2.72
N GLY A 127 18.08 -2.26 1.73
CA GLY A 127 19.09 -1.22 1.64
C GLY A 127 19.03 -0.42 2.93
N ALA A 128 17.83 0.08 3.25
CA ALA A 128 17.66 0.81 4.49
C ALA A 128 18.18 -0.03 5.68
N ALA A 129 17.89 -1.33 5.67
CA ALA A 129 18.34 -2.24 6.73
C ALA A 129 19.87 -2.27 6.77
N LYS A 130 20.51 -2.39 5.62
CA LYS A 130 21.97 -2.39 5.58
C LYS A 130 22.48 -1.09 6.17
N ILE A 131 22.02 0.04 5.62
CA ILE A 131 22.43 1.36 6.10
C ILE A 131 22.33 1.52 7.63
N LEU A 132 21.16 1.97 8.11
CA LEU A 132 20.89 2.20 9.54
C LEU A 132 21.73 1.32 10.49
N HIS A 133 21.97 0.08 10.06
CA HIS A 133 22.75 -0.85 10.86
C HIS A 133 24.13 -0.25 11.14
N GLU A 134 24.76 0.33 10.13
CA GLU A 134 26.07 0.94 10.34
C GLU A 134 25.96 2.14 11.30
N HIS A 135 24.73 2.56 11.57
CA HIS A 135 24.50 3.65 12.51
C HIS A 135 23.77 3.16 13.76
N ARG A 136 23.64 1.84 13.89
CA ARG A 136 22.86 1.27 15.00
C ARG A 136 23.16 1.74 16.41
N HIS A 137 24.41 2.10 16.67
CA HIS A 137 24.78 2.55 18.01
C HIS A 137 24.20 3.91 18.37
N HIS A 138 23.80 4.68 17.36
CA HIS A 138 23.24 6.01 17.61
C HIS A 138 21.71 6.07 17.61
N LEU A 139 21.07 5.01 17.12
CA LEU A 139 19.61 4.97 17.07
C LEU A 139 19.05 5.10 18.49
N GLN A 140 18.30 6.17 18.73
CA GLN A 140 17.72 6.42 20.04
C GLN A 140 16.35 5.75 20.11
N GLY A 141 16.38 4.44 19.94
CA GLY A 141 15.17 3.63 19.93
C GLY A 141 15.45 2.48 18.98
N THR A 142 14.40 1.84 18.48
CA THR A 142 14.53 0.69 17.60
C THR A 142 13.69 0.79 16.30
N VAL A 143 14.38 0.82 15.16
CA VAL A 143 13.72 0.89 13.87
C VAL A 143 13.23 -0.54 13.62
N VAL A 144 11.95 -0.65 13.28
CA VAL A 144 11.33 -1.94 13.03
C VAL A 144 11.18 -2.06 11.50
N LEU A 145 11.61 -3.19 10.94
CA LEU A 145 11.57 -3.39 9.48
C LEU A 145 10.56 -4.46 9.15
N ILE A 146 9.46 -4.04 8.55
CA ILE A 146 8.40 -4.97 8.23
C ILE A 146 8.35 -5.30 6.75
N PHE A 147 8.56 -6.58 6.45
CA PHE A 147 8.50 -7.10 5.09
C PHE A 147 7.16 -7.83 5.08
N GLN A 148 6.23 -7.30 4.28
CA GLN A 148 4.86 -7.78 4.21
C GLN A 148 4.39 -8.56 3.00
N PRO A 149 3.77 -9.70 3.25
CA PRO A 149 3.26 -10.52 2.16
C PRO A 149 1.88 -10.03 1.73
N ALA A 150 1.46 -10.56 0.58
CA ALA A 150 0.10 -10.39 0.10
C ALA A 150 -0.61 -9.05 0.10
N GLU A 151 0.06 -8.01 -0.39
CA GLU A 151 -0.58 -6.73 -0.49
C GLU A 151 -1.65 -6.75 -1.60
N GLU A 152 -1.36 -7.37 -2.74
CA GLU A 152 -2.31 -7.29 -3.87
C GLU A 152 -3.71 -7.80 -3.57
N GLY A 153 -3.79 -8.82 -2.73
CA GLY A 153 -5.08 -9.35 -2.34
C GLY A 153 -5.68 -8.55 -1.20
N LEU A 154 -4.96 -7.49 -0.79
CA LEU A 154 -5.39 -6.58 0.26
C LEU A 154 -5.64 -7.13 1.67
N SER A 155 -5.14 -8.34 1.94
CA SER A 155 -5.32 -8.91 3.27
C SER A 155 -3.98 -8.96 3.99
N GLY A 156 -2.92 -8.49 3.32
CA GLY A 156 -1.58 -8.56 3.89
C GLY A 156 -1.30 -7.90 5.23
N ALA A 157 -1.32 -6.57 5.27
CA ALA A 157 -1.07 -5.87 6.51
C ALA A 157 -2.11 -6.36 7.53
N LYS A 158 -3.39 -6.38 7.12
CA LYS A 158 -4.47 -6.83 8.01
C LYS A 158 -4.06 -8.14 8.71
N LYS A 159 -3.53 -9.10 7.95
CA LYS A 159 -3.12 -10.36 8.59
C LYS A 159 -1.92 -10.14 9.52
N MET A 160 -0.93 -9.36 9.07
CA MET A 160 0.23 -9.10 9.95
C MET A 160 -0.25 -8.42 11.23
N ARG A 161 -1.16 -7.45 11.08
CA ARG A 161 -1.72 -6.71 12.22
C ARG A 161 -2.39 -7.68 13.19
N GLU A 162 -3.13 -8.63 12.64
CA GLU A 162 -3.81 -9.63 13.47
C GLU A 162 -2.80 -10.42 14.31
N GLU A 163 -1.55 -10.47 13.84
CA GLU A 163 -0.52 -11.21 14.57
C GLU A 163 0.37 -10.34 15.44
N GLY A 164 -0.06 -9.12 15.67
CA GLY A 164 0.67 -8.23 16.55
C GLY A 164 1.90 -7.56 15.98
N ALA A 165 2.02 -7.55 14.66
CA ALA A 165 3.17 -6.93 14.02
C ALA A 165 3.38 -5.51 14.55
N LEU A 166 2.27 -4.82 14.84
CA LEU A 166 2.36 -3.45 15.32
C LEU A 166 2.43 -3.28 16.83
N LYS A 167 1.81 -4.21 17.56
CA LYS A 167 1.77 -4.15 19.03
C LYS A 167 2.94 -3.32 19.51
N ASN A 168 2.63 -2.13 20.03
CA ASN A 168 3.66 -1.25 20.56
C ASN A 168 4.61 -0.60 19.55
N VAL A 169 4.06 0.07 18.54
CA VAL A 169 4.86 0.79 17.56
C VAL A 169 4.38 2.24 17.52
N GLU A 170 5.32 3.17 17.53
CA GLU A 170 4.99 4.58 17.52
C GLU A 170 4.67 5.16 16.14
N ALA A 171 5.11 4.47 15.09
CA ALA A 171 4.88 4.95 13.72
C ALA A 171 5.33 3.88 12.74
N ILE A 172 4.81 3.92 11.53
CA ILE A 172 5.20 2.96 10.51
C ILE A 172 5.15 3.65 9.16
N PHE A 173 6.33 3.98 8.61
CA PHE A 173 6.44 4.67 7.31
C PHE A 173 6.56 3.71 6.14
N GLY A 174 6.02 4.11 4.99
CA GLY A 174 6.13 3.29 3.79
C GLY A 174 6.35 4.16 2.55
N ILE A 175 6.92 3.53 1.51
CA ILE A 175 7.18 4.18 0.24
C ILE A 175 6.68 3.26 -0.88
N HIS A 176 6.07 3.85 -1.91
CA HIS A 176 5.64 3.09 -3.07
C HIS A 176 6.32 3.70 -4.30
N LEU A 177 6.87 2.87 -5.17
CA LEU A 177 7.49 3.39 -6.38
C LEU A 177 6.35 3.82 -7.31
N SER A 178 6.52 4.93 -8.01
CA SER A 178 5.44 5.38 -8.86
C SER A 178 5.84 6.19 -10.08
N ALA A 179 5.45 5.69 -11.24
CA ALA A 179 5.73 6.39 -12.49
C ALA A 179 4.74 7.53 -12.69
N ARG A 180 4.17 8.03 -11.60
CA ARG A 180 3.23 9.16 -11.67
C ARG A 180 3.94 10.45 -11.26
N ILE A 181 5.11 10.28 -10.64
CA ILE A 181 5.90 11.41 -10.16
C ILE A 181 7.26 11.35 -10.85
N PRO A 182 7.87 12.51 -11.17
CA PRO A 182 9.17 12.52 -11.84
C PRO A 182 10.28 11.94 -10.97
N PHE A 183 11.31 11.38 -11.63
CA PHE A 183 12.47 10.79 -10.96
C PHE A 183 13.07 11.75 -9.94
N GLY A 184 13.57 11.19 -8.83
CA GLY A 184 14.19 12.00 -7.81
C GLY A 184 13.27 12.81 -6.89
N LYS A 185 11.95 12.71 -7.09
CA LYS A 185 11.01 13.45 -6.23
C LYS A 185 10.20 12.48 -5.38
N ALA A 186 9.78 12.93 -4.20
CA ALA A 186 8.98 12.11 -3.30
C ALA A 186 7.73 12.97 -3.03
N ALA A 187 6.56 12.35 -3.04
CA ALA A 187 5.34 13.13 -2.85
C ALA A 187 4.43 12.57 -1.77
N SER A 188 3.80 13.46 -1.01
CA SER A 188 2.89 13.04 0.05
C SER A 188 1.74 13.99 0.20
N ARG A 189 0.97 13.76 1.26
CA ARG A 189 -0.19 14.57 1.62
C ARG A 189 -0.70 14.04 2.96
N ALA A 190 -1.23 14.94 3.79
CA ALA A 190 -1.79 14.58 5.10
C ALA A 190 -3.25 14.16 4.92
N GLY A 191 -3.76 13.34 5.83
CA GLY A 191 -5.14 12.92 5.71
C GLY A 191 -5.26 11.79 4.69
N SER A 192 -6.49 11.41 4.35
CA SER A 192 -6.68 10.33 3.38
C SER A 192 -5.88 10.60 2.12
N PHE A 193 -5.11 9.61 1.71
CA PHE A 193 -4.27 9.69 0.53
C PHE A 193 -5.00 8.84 -0.51
N LEU A 194 -5.35 7.62 -0.09
CA LEU A 194 -6.06 6.69 -0.95
C LEU A 194 -7.42 6.47 -0.31
N ALA A 195 -8.44 6.33 -1.16
CA ALA A 195 -9.78 6.18 -0.64
C ALA A 195 -10.09 4.80 -0.07
N GLY A 196 -11.10 4.77 0.79
CA GLY A 196 -11.56 3.52 1.37
C GLY A 196 -12.29 2.77 0.26
N ALA A 197 -12.32 1.45 0.39
CA ALA A 197 -12.99 0.60 -0.61
C ALA A 197 -13.68 -0.54 0.10
N GLY A 198 -14.99 -0.62 -0.09
CA GLY A 198 -15.76 -1.67 0.54
C GLY A 198 -16.59 -2.36 -0.53
N VAL A 199 -17.22 -3.48 -0.17
CA VAL A 199 -18.09 -4.19 -1.09
C VAL A 199 -19.41 -4.38 -0.36
N PHE A 200 -20.49 -4.57 -1.12
CA PHE A 200 -21.80 -4.76 -0.50
C PHE A 200 -22.53 -5.85 -1.26
N GLU A 201 -23.43 -6.52 -0.56
CA GLU A 201 -24.22 -7.57 -1.19
C GLU A 201 -25.64 -7.36 -0.70
N ALA A 202 -26.61 -7.38 -1.62
CA ALA A 202 -28.00 -7.19 -1.22
C ALA A 202 -28.91 -8.26 -1.80
N VAL A 203 -29.89 -8.70 -1.01
CA VAL A 203 -30.87 -9.69 -1.45
C VAL A 203 -32.23 -9.05 -1.33
N ILE A 204 -32.93 -8.92 -2.45
CA ILE A 204 -34.24 -8.29 -2.49
C ILE A 204 -35.31 -9.37 -2.72
N THR A 205 -36.38 -9.31 -1.93
CA THR A 205 -37.48 -10.29 -2.02
C THR A 205 -38.85 -9.64 -2.00
N GLY A 206 -39.79 -10.21 -2.77
CA GLY A 206 -41.14 -9.66 -2.79
C GLY A 206 -41.78 -9.75 -1.41
N LYS A 207 -42.85 -9.00 -1.20
CA LYS A 207 -43.55 -9.03 0.08
C LYS A 207 -45.00 -9.44 -0.12
N THR A 217 -44.99 -10.45 -9.04
CA THR A 217 -44.13 -11.42 -9.68
C THR A 217 -42.82 -10.79 -10.16
N ILE A 218 -42.90 -9.95 -11.19
CA ILE A 218 -41.73 -9.26 -11.76
C ILE A 218 -41.21 -8.15 -10.85
N ASP A 219 -41.91 -7.92 -9.74
CA ASP A 219 -41.56 -6.90 -8.78
C ASP A 219 -40.05 -6.84 -8.47
N PRO A 220 -39.46 -7.98 -8.08
CA PRO A 220 -38.02 -8.01 -7.77
C PRO A 220 -37.18 -7.45 -8.91
N VAL A 221 -37.58 -7.75 -10.14
CA VAL A 221 -36.88 -7.28 -11.31
C VAL A 221 -36.99 -5.76 -11.42
N VAL A 222 -38.20 -5.24 -11.19
CA VAL A 222 -38.44 -3.80 -11.24
C VAL A 222 -37.64 -3.12 -10.13
N ALA A 223 -37.73 -3.69 -8.93
CA ALA A 223 -37.03 -3.16 -7.76
C ALA A 223 -35.52 -3.14 -8.00
N ALA A 224 -34.99 -4.23 -8.54
CA ALA A 224 -33.55 -4.34 -8.78
C ALA A 224 -33.02 -3.28 -9.75
N SER A 225 -33.56 -3.21 -10.96
CA SER A 225 -33.04 -2.22 -11.91
C SER A 225 -33.25 -0.80 -11.41
N SER A 226 -34.24 -0.61 -10.52
CA SER A 226 -34.50 0.70 -9.93
C SER A 226 -33.33 1.00 -8.97
N ILE A 227 -33.10 0.10 -8.03
CA ILE A 227 -32.04 0.25 -7.06
C ILE A 227 -30.69 0.48 -7.74
N VAL A 228 -30.44 -0.26 -8.82
CA VAL A 228 -29.19 -0.13 -9.55
C VAL A 228 -29.02 1.29 -10.08
N LEU A 229 -30.02 1.79 -10.79
CA LEU A 229 -29.91 3.13 -11.33
C LEU A 229 -29.73 4.15 -10.20
N SER A 230 -30.44 3.96 -9.10
CA SER A 230 -30.33 4.90 -7.98
C SER A 230 -28.93 4.85 -7.33
N LEU A 231 -28.33 3.68 -7.27
CA LEU A 231 -27.00 3.57 -6.67
C LEU A 231 -25.96 4.20 -7.59
N GLN A 232 -26.05 3.89 -8.89
CA GLN A 232 -25.11 4.44 -9.85
C GLN A 232 -25.15 5.97 -9.79
N GLN A 233 -26.24 6.51 -9.28
CA GLN A 233 -26.39 7.94 -9.16
C GLN A 233 -25.57 8.51 -7.99
N LEU A 234 -24.90 7.63 -7.23
CA LEU A 234 -24.07 8.06 -6.10
C LEU A 234 -22.63 8.34 -6.50
N VAL A 235 -22.39 8.40 -7.81
CA VAL A 235 -21.05 8.70 -8.35
C VAL A 235 -21.04 10.14 -8.84
N SER A 236 -19.95 10.85 -8.58
CA SER A 236 -19.85 12.24 -9.01
C SER A 236 -18.38 12.68 -8.99
N ARG A 237 -18.07 13.71 -9.78
CA ARG A 237 -16.71 14.23 -9.86
C ARG A 237 -16.66 15.69 -9.43
N GLU A 238 -16.90 15.92 -8.14
CA GLU A 238 -16.89 17.26 -7.58
C GLU A 238 -15.60 18.02 -7.90
N THR A 239 -15.51 19.26 -7.41
CA THR A 239 -14.34 20.08 -7.66
C THR A 239 -13.15 19.68 -6.75
N ASP A 240 -13.40 19.40 -5.48
CA ASP A 240 -12.31 18.97 -4.59
C ASP A 240 -12.07 17.50 -4.94
N PRO A 241 -10.86 17.15 -5.37
CA PRO A 241 -10.72 15.73 -5.69
C PRO A 241 -10.91 14.79 -4.49
N LEU A 242 -10.86 15.32 -3.27
CA LEU A 242 -11.08 14.46 -2.13
C LEU A 242 -12.53 13.99 -2.11
N ASP A 243 -13.39 14.72 -2.81
CA ASP A 243 -14.82 14.39 -2.87
C ASP A 243 -15.17 13.26 -3.85
N SER A 244 -14.18 12.62 -4.46
CA SER A 244 -14.49 11.58 -5.43
C SER A 244 -15.11 10.40 -4.71
N LYS A 245 -16.28 9.99 -5.19
CA LYS A 245 -16.96 8.86 -4.62
C LYS A 245 -17.29 7.97 -5.80
N VAL A 246 -17.24 6.65 -5.58
CA VAL A 246 -17.54 5.71 -6.65
C VAL A 246 -18.35 4.56 -6.09
N VAL A 247 -19.57 4.43 -6.59
CA VAL A 247 -20.44 3.34 -6.20
C VAL A 247 -20.70 2.60 -7.51
N THR A 248 -20.35 1.31 -7.51
CA THR A 248 -20.50 0.47 -8.69
C THR A 248 -21.39 -0.73 -8.36
N VAL A 249 -22.01 -1.27 -9.41
CA VAL A 249 -22.83 -2.47 -9.28
C VAL A 249 -22.08 -3.48 -10.14
N SER A 250 -21.67 -4.57 -9.51
CA SER A 250 -20.91 -5.60 -10.21
C SER A 250 -21.68 -6.90 -10.41
N LYS A 251 -22.85 -7.02 -9.78
CA LYS A 251 -23.66 -8.22 -9.91
C LYS A 251 -25.13 -7.99 -9.64
N VAL A 252 -25.98 -8.67 -10.41
CA VAL A 252 -27.43 -8.57 -10.28
C VAL A 252 -28.10 -9.82 -10.85
N ASN A 253 -28.48 -10.76 -9.99
CA ASN A 253 -29.15 -11.98 -10.46
C ASN A 253 -29.56 -12.87 -9.31
N PRO A 262 -36.69 -12.94 -10.46
CA PRO A 262 -37.49 -14.06 -9.96
C PRO A 262 -38.06 -13.77 -8.58
N ASP A 263 -38.09 -14.78 -7.71
CA ASP A 263 -38.61 -14.61 -6.35
C ASP A 263 -37.75 -13.64 -5.53
N SER A 264 -36.44 -13.64 -5.79
CA SER A 264 -35.51 -12.78 -5.07
C SER A 264 -34.29 -12.48 -5.94
N ILE A 265 -33.83 -11.23 -5.89
CA ILE A 265 -32.68 -10.82 -6.67
C ILE A 265 -31.53 -10.41 -5.75
N THR A 266 -30.32 -10.78 -6.16
CA THR A 266 -29.12 -10.47 -5.40
C THR A 266 -28.24 -9.44 -6.12
N ILE A 267 -27.98 -8.33 -5.44
CA ILE A 267 -27.16 -7.26 -5.99
C ILE A 267 -25.81 -7.21 -5.28
N GLY A 268 -24.77 -6.82 -6.01
CA GLY A 268 -23.44 -6.72 -5.43
C GLY A 268 -22.65 -5.67 -6.18
N GLY A 269 -21.57 -5.19 -5.54
CA GLY A 269 -20.74 -4.19 -6.17
C GLY A 269 -19.69 -3.65 -5.21
N THR A 270 -19.21 -2.45 -5.52
CA THR A 270 -18.17 -1.83 -4.70
C THR A 270 -18.48 -0.35 -4.41
N LEU A 271 -17.79 0.19 -3.42
CA LEU A 271 -17.95 1.58 -3.07
C LEU A 271 -16.58 2.12 -2.63
N ARG A 272 -16.34 3.40 -2.95
CA ARG A 272 -15.08 4.04 -2.60
C ARG A 272 -15.35 5.50 -2.30
N ALA A 273 -14.65 6.00 -1.28
CA ALA A 273 -14.77 7.39 -0.83
C ALA A 273 -13.55 7.72 0.01
N PHE A 274 -12.97 8.90 -0.22
CA PHE A 274 -11.81 9.36 0.55
C PHE A 274 -12.30 9.80 1.91
N THR A 275 -13.41 10.53 1.93
CA THR A 275 -14.00 11.05 3.16
C THR A 275 -15.46 10.60 3.25
N GLY A 276 -16.02 10.59 4.47
CA GLY A 276 -17.41 10.16 4.63
C GLY A 276 -17.58 8.73 4.15
N PHE A 277 -16.55 7.92 4.33
CA PHE A 277 -16.61 6.53 3.88
C PHE A 277 -17.75 5.73 4.52
N THR A 278 -17.79 5.70 5.86
CA THR A 278 -18.87 4.97 6.54
C THR A 278 -20.22 5.54 6.15
N GLN A 279 -20.28 6.86 6.03
CA GLN A 279 -21.52 7.52 5.63
C GLN A 279 -21.95 7.09 4.23
N LEU A 280 -21.00 6.85 3.34
CA LEU A 280 -21.40 6.41 2.01
C LEU A 280 -21.93 4.97 2.07
N GLN A 281 -21.31 4.11 2.88
CA GLN A 281 -21.79 2.73 3.02
C GLN A 281 -23.25 2.74 3.47
N GLN A 282 -23.57 3.60 4.43
CA GLN A 282 -24.94 3.68 4.94
C GLN A 282 -25.92 4.20 3.88
N ARG A 283 -25.46 5.10 3.02
CA ARG A 283 -26.33 5.62 1.96
C ARG A 283 -26.63 4.50 0.95
N VAL A 284 -25.62 3.69 0.66
CA VAL A 284 -25.80 2.58 -0.26
C VAL A 284 -26.84 1.63 0.34
N LYS A 285 -26.64 1.26 1.60
CA LYS A 285 -27.58 0.35 2.28
C LYS A 285 -28.98 0.93 2.25
N GLU A 286 -29.12 2.16 2.70
CA GLU A 286 -30.41 2.84 2.73
C GLU A 286 -31.12 2.86 1.37
N VAL A 287 -30.45 3.34 0.33
CA VAL A 287 -31.07 3.40 -1.00
C VAL A 287 -31.66 2.04 -1.41
N ILE A 288 -30.87 0.98 -1.31
CA ILE A 288 -31.31 -0.36 -1.68
C ILE A 288 -32.54 -0.78 -0.88
N THR A 289 -32.53 -0.44 0.40
CA THR A 289 -33.60 -0.80 1.32
C THR A 289 -34.89 -0.03 1.05
N LYS A 290 -34.83 1.29 1.11
CA LYS A 290 -36.03 2.09 0.88
C LYS A 290 -36.60 1.84 -0.50
N GLN A 291 -35.72 1.66 -1.46
CA GLN A 291 -36.15 1.38 -2.82
C GLN A 291 -36.86 0.03 -2.91
N ALA A 292 -36.24 -1.01 -2.35
CA ALA A 292 -36.85 -2.34 -2.38
C ALA A 292 -38.25 -2.24 -1.80
N ALA A 293 -38.37 -1.49 -0.70
CA ALA A 293 -39.64 -1.30 0.00
C ALA A 293 -40.78 -0.70 -0.83
N VAL A 294 -40.50 0.40 -1.54
CA VAL A 294 -41.56 1.02 -2.32
C VAL A 294 -41.90 0.20 -3.55
N HIS A 295 -41.23 -0.93 -3.71
CA HIS A 295 -41.51 -1.82 -4.82
C HIS A 295 -42.04 -3.14 -4.26
N ARG A 296 -42.65 -3.04 -3.07
CA ARG A 296 -43.23 -4.20 -2.37
C ARG A 296 -42.23 -5.35 -2.28
N CYS A 297 -41.03 -5.04 -1.81
CA CYS A 297 -39.98 -6.01 -1.65
C CYS A 297 -39.22 -5.77 -0.35
N ASN A 298 -38.68 -6.85 0.22
CA ASN A 298 -37.90 -6.74 1.44
C ASN A 298 -36.45 -6.58 0.99
N ALA A 299 -35.62 -6.03 1.87
CA ALA A 299 -34.22 -5.82 1.53
C ALA A 299 -33.27 -6.42 2.56
N SER A 300 -32.35 -7.23 2.05
CA SER A 300 -31.33 -7.86 2.87
C SER A 300 -30.00 -7.34 2.32
N VAL A 301 -29.38 -6.44 3.06
CA VAL A 301 -28.10 -5.84 2.66
C VAL A 301 -27.03 -6.09 3.70
N ASN A 302 -25.86 -6.54 3.26
CA ASN A 302 -24.74 -6.76 4.15
C ASN A 302 -23.51 -5.99 3.61
N LEU A 303 -22.95 -5.13 4.46
CA LEU A 303 -21.79 -4.30 4.11
C LEU A 303 -20.44 -4.95 4.41
N THR A 304 -20.46 -6.23 4.79
CA THR A 304 -19.21 -6.97 5.03
C THR A 304 -19.54 -8.37 4.48
N PRO A 305 -19.94 -8.45 3.21
CA PRO A 305 -20.28 -9.75 2.63
C PRO A 305 -19.23 -10.85 2.79
N ASN A 306 -19.67 -11.93 3.42
CA ASN A 306 -18.83 -13.09 3.66
C ASN A 306 -17.53 -12.69 4.34
N GLY A 307 -17.65 -11.81 5.33
CA GLY A 307 -16.48 -11.36 6.06
C GLY A 307 -15.59 -10.37 5.33
N ARG A 308 -15.99 -9.92 4.14
CA ARG A 308 -15.18 -8.94 3.39
C ARG A 308 -15.22 -7.58 4.11
N GLU A 309 -14.18 -7.29 4.87
CA GLU A 309 -14.10 -6.03 5.61
C GLU A 309 -13.71 -4.86 4.73
N PRO A 310 -14.24 -3.67 5.01
CA PRO A 310 -13.84 -2.57 4.13
C PRO A 310 -12.35 -2.24 4.25
N MET A 311 -11.74 -1.85 3.14
CA MET A 311 -10.33 -1.44 3.15
C MET A 311 -10.42 0.01 3.59
N PRO A 312 -9.98 0.29 4.81
CA PRO A 312 -10.07 1.68 5.27
C PRO A 312 -9.37 2.70 4.36
N PRO A 313 -9.83 3.95 4.41
CA PRO A 313 -9.19 4.98 3.58
C PRO A 313 -7.78 5.07 4.21
N THR A 314 -6.74 4.96 3.39
CA THR A 314 -5.36 5.03 3.87
C THR A 314 -5.09 6.46 4.28
N VAL A 315 -4.83 6.66 5.57
CA VAL A 315 -4.65 8.02 6.09
C VAL A 315 -3.25 8.35 6.56
N ASN A 316 -2.71 9.45 6.00
CA ASN A 316 -1.38 9.91 6.36
C ASN A 316 -1.50 10.80 7.58
N ASN A 317 -0.82 10.41 8.65
CA ASN A 317 -0.83 11.21 9.88
C ASN A 317 -0.14 12.53 9.51
N LYS A 318 -0.59 13.67 10.05
CA LYS A 318 0.00 14.97 9.72
C LYS A 318 1.35 15.25 10.37
N ASP A 319 1.51 14.85 11.62
CA ASP A 319 2.78 15.08 12.31
C ASP A 319 3.90 14.42 11.50
N LEU A 320 3.69 13.16 11.10
CA LEU A 320 4.71 12.46 10.30
C LEU A 320 4.94 13.17 8.97
N TYR A 321 3.84 13.58 8.33
CA TYR A 321 3.94 14.30 7.06
C TYR A 321 4.78 15.56 7.32
N LYS A 322 4.55 16.18 8.47
CA LYS A 322 5.32 17.35 8.84
C LYS A 322 6.83 17.01 8.82
N GLN A 323 7.23 15.86 9.38
CA GLN A 323 8.63 15.46 9.39
C GLN A 323 9.18 14.97 8.06
N PHE A 324 8.40 14.15 7.36
CA PHE A 324 8.82 13.61 6.06
C PHE A 324 9.14 14.76 5.09
N LYS A 325 8.32 15.81 5.10
CA LYS A 325 8.56 16.94 4.20
C LYS A 325 9.89 17.63 4.52
N LYS A 326 10.30 17.63 5.78
CA LYS A 326 11.57 18.27 6.12
C LYS A 326 12.71 17.29 5.87
N VAL A 327 12.48 16.03 6.21
CA VAL A 327 13.50 15.03 5.98
C VAL A 327 13.88 15.04 4.49
N VAL A 328 12.87 15.00 3.62
CA VAL A 328 13.11 14.97 2.17
C VAL A 328 13.81 16.24 1.67
N ARG A 329 13.35 17.40 2.10
CA ARG A 329 13.99 18.62 1.64
C ARG A 329 15.43 18.74 2.16
N ASP A 330 15.72 18.12 3.30
CA ASP A 330 17.08 18.15 3.87
C ASP A 330 17.97 17.19 3.10
N LEU A 331 17.45 15.98 2.87
CA LEU A 331 18.16 14.93 2.18
C LEU A 331 18.24 15.08 0.66
N LEU A 332 17.37 15.88 0.05
CA LEU A 332 17.40 15.98 -1.40
C LEU A 332 17.21 17.34 -2.07
N GLY A 333 17.03 18.41 -1.29
CA GLY A 333 16.85 19.71 -1.90
C GLY A 333 15.42 20.18 -1.83
N GLN A 334 15.23 21.50 -1.79
CA GLN A 334 13.90 22.08 -1.66
C GLN A 334 12.92 21.81 -2.81
N GLU A 335 13.41 21.28 -3.92
CA GLU A 335 12.54 21.01 -5.07
C GLU A 335 12.06 19.55 -5.17
N ALA A 336 12.70 18.67 -4.42
CA ALA A 336 12.39 17.24 -4.47
C ALA A 336 11.03 16.84 -3.86
N PHE A 337 10.76 17.23 -2.62
CA PHE A 337 9.48 16.86 -2.05
C PHE A 337 8.43 17.62 -2.83
N VAL A 338 7.37 16.92 -3.21
CA VAL A 338 6.27 17.57 -3.92
C VAL A 338 4.94 17.18 -3.28
N GLU A 339 4.05 18.16 -3.16
CA GLU A 339 2.77 17.93 -2.55
C GLU A 339 1.96 17.05 -3.49
N ALA A 340 1.34 16.00 -2.97
CA ALA A 340 0.56 15.10 -3.81
C ALA A 340 -0.96 15.25 -3.68
N ALA A 341 -1.69 15.02 -4.77
CA ALA A 341 -3.15 15.09 -4.72
C ALA A 341 -3.61 13.68 -4.37
N PRO A 342 -4.88 13.53 -3.95
CA PRO A 342 -5.48 12.24 -3.58
C PRO A 342 -5.51 11.24 -4.76
N VAL A 343 -5.44 9.94 -4.45
CA VAL A 343 -5.47 8.88 -5.46
C VAL A 343 -6.55 7.84 -5.20
N MET A 344 -7.31 7.49 -6.24
CA MET A 344 -8.34 6.46 -6.11
C MET A 344 -7.69 5.10 -6.29
N GLY A 345 -6.77 4.76 -5.39
CA GLY A 345 -6.10 3.48 -5.49
C GLY A 345 -6.15 2.73 -4.19
N SER A 346 -6.23 1.40 -4.27
CA SER A 346 -6.28 0.54 -3.09
C SER A 346 -4.86 0.21 -2.61
N GLU A 347 -4.65 0.28 -1.31
CA GLU A 347 -3.34 0.00 -0.73
C GLU A 347 -3.55 -0.46 0.72
N ASP A 348 -3.03 -1.63 1.06
CA ASP A 348 -3.21 -2.17 2.40
C ASP A 348 -2.48 -1.39 3.48
N PHE A 349 -1.53 -0.53 3.09
CA PHE A 349 -0.87 0.30 4.10
C PHE A 349 -2.04 0.97 4.87
N SER A 350 -3.23 0.88 4.28
CA SER A 350 -4.46 1.40 4.87
C SER A 350 -4.67 0.83 6.26
N TYR A 351 -4.62 -0.50 6.39
CA TYR A 351 -4.82 -1.12 7.69
C TYR A 351 -3.78 -0.73 8.73
N PHE A 352 -2.49 -0.92 8.45
CA PHE A 352 -1.49 -0.52 9.47
C PHE A 352 -1.84 0.88 9.93
N ALA A 353 -2.14 1.72 8.91
CA ALA A 353 -2.51 3.13 9.08
C ALA A 353 -3.78 3.36 9.92
N GLU A 354 -4.55 2.31 10.14
CA GLU A 354 -5.75 2.48 10.96
C GLU A 354 -5.36 2.37 12.44
N THR A 355 -4.28 1.65 12.76
CA THR A 355 -3.82 1.45 14.14
C THR A 355 -2.93 2.60 14.69
N ILE A 356 -1.74 2.83 14.11
CA ILE A 356 -0.94 3.98 14.58
C ILE A 356 -0.69 4.92 13.41
N PRO A 357 0.02 6.04 13.65
CA PRO A 357 0.29 6.99 12.57
C PRO A 357 1.09 6.27 11.48
N GLY A 358 0.46 6.12 10.32
CA GLY A 358 1.11 5.48 9.20
C GLY A 358 1.31 6.54 8.14
N HIS A 359 2.53 6.66 7.64
CA HIS A 359 2.78 7.65 6.61
C HIS A 359 3.07 6.93 5.30
N PHE A 360 2.46 7.42 4.23
CA PHE A 360 2.61 6.78 2.95
C PHE A 360 2.91 7.83 1.89
N SER A 361 3.93 7.58 1.07
CA SER A 361 4.31 8.53 0.05
C SER A 361 4.84 7.78 -1.17
N LEU A 362 4.92 8.49 -2.29
CA LEU A 362 5.41 7.92 -3.53
C LEU A 362 6.88 8.29 -3.68
N LEU A 363 7.58 7.62 -4.59
CA LEU A 363 8.97 7.96 -4.86
C LEU A 363 9.04 7.93 -6.40
N GLY A 364 9.29 9.09 -6.98
CA GLY A 364 9.30 9.22 -8.43
C GLY A 364 10.30 8.42 -9.24
N MET A 365 9.85 7.96 -10.42
CA MET A 365 10.70 7.22 -11.35
C MET A 365 10.51 7.73 -12.79
N GLN A 366 9.53 8.61 -13.00
CA GLN A 366 9.22 9.05 -14.35
C GLN A 366 10.22 9.99 -15.01
N ASP A 367 10.48 9.78 -16.29
CA ASP A 367 11.41 10.65 -17.03
C ASP A 367 10.60 11.70 -17.77
N GLU A 368 11.27 12.72 -18.31
CA GLU A 368 10.59 13.83 -18.96
C GLU A 368 9.67 13.53 -20.16
N THR A 369 9.81 12.38 -20.79
CA THR A 369 8.94 12.10 -21.95
C THR A 369 7.90 11.05 -21.64
N ASN A 370 7.72 10.77 -20.35
CA ASN A 370 6.72 9.80 -19.93
C ASN A 370 7.04 8.42 -20.46
N GLY A 371 8.33 8.08 -20.48
CA GLY A 371 8.74 6.78 -21.00
C GLY A 371 8.34 5.59 -20.14
N TYR A 372 8.32 5.78 -18.81
CA TYR A 372 7.96 4.70 -17.91
C TYR A 372 6.46 4.56 -17.86
N ALA A 373 5.98 3.35 -18.17
CA ALA A 373 4.57 2.99 -18.19
C ALA A 373 4.00 3.15 -16.79
N SER A 374 2.78 2.64 -16.61
CA SER A 374 2.08 2.67 -15.33
C SER A 374 2.23 1.39 -14.51
N SER A 375 2.13 1.50 -13.19
CA SER A 375 2.21 0.33 -12.33
C SER A 375 1.12 -0.60 -12.88
N HIS A 376 1.32 -1.91 -12.74
CA HIS A 376 0.40 -2.92 -13.27
C HIS A 376 0.54 -3.19 -14.78
N SER A 377 1.24 -2.35 -15.50
CA SER A 377 1.41 -2.60 -16.94
C SER A 377 2.30 -3.84 -17.18
N PRO A 378 1.97 -4.66 -18.19
CA PRO A 378 2.82 -5.84 -18.47
C PRO A 378 4.23 -5.36 -18.86
N LEU A 379 4.37 -4.06 -19.12
CA LEU A 379 5.65 -3.46 -19.52
C LEU A 379 6.33 -2.66 -18.42
N TYR A 380 5.87 -2.85 -17.19
CA TYR A 380 6.44 -2.15 -16.03
C TYR A 380 7.94 -2.44 -15.88
N ARG A 381 8.66 -1.40 -15.45
CA ARG A 381 10.08 -1.43 -15.20
C ARG A 381 10.34 -0.52 -14.00
N ILE A 382 11.46 -0.75 -13.34
CA ILE A 382 11.90 0.14 -12.28
C ILE A 382 13.08 0.93 -12.89
N ASN A 383 13.19 2.21 -12.55
CA ASN A 383 14.37 3.01 -12.94
C ASN A 383 15.27 2.79 -11.72
N GLU A 384 16.29 1.93 -11.86
CA GLU A 384 17.14 1.58 -10.73
C GLU A 384 17.94 2.70 -10.06
N ASP A 385 18.29 3.76 -10.79
CA ASP A 385 18.99 4.86 -10.14
C ASP A 385 18.20 5.37 -8.94
N VAL A 386 16.88 5.20 -8.95
CA VAL A 386 16.04 5.66 -7.84
C VAL A 386 16.18 4.83 -6.55
N LEU A 387 16.78 3.65 -6.63
CA LEU A 387 16.85 2.80 -5.43
C LEU A 387 17.60 3.41 -4.24
N PRO A 388 18.75 4.08 -4.49
CA PRO A 388 19.46 4.69 -3.34
C PRO A 388 18.63 5.80 -2.67
N TYR A 389 17.78 6.48 -3.45
CA TYR A 389 16.95 7.56 -2.89
C TYR A 389 15.94 7.04 -1.86
N GLY A 390 15.31 5.90 -2.14
CA GLY A 390 14.34 5.33 -1.19
C GLY A 390 15.02 4.76 0.05
N ALA A 391 16.19 4.13 -0.12
CA ALA A 391 16.94 3.58 1.01
C ALA A 391 17.33 4.73 1.96
N ALA A 392 17.75 5.85 1.39
CA ALA A 392 18.15 7.01 2.19
C ALA A 392 16.98 7.72 2.87
N ILE A 393 15.88 7.94 2.15
CA ILE A 393 14.74 8.61 2.77
C ILE A 393 14.26 7.77 3.95
N HIS A 394 14.15 6.46 3.75
CA HIS A 394 13.75 5.50 4.81
C HIS A 394 14.61 5.73 6.05
N ALA A 395 15.92 5.65 5.82
CA ALA A 395 16.91 5.79 6.89
C ALA A 395 16.87 7.16 7.55
N SER A 396 16.91 8.19 6.72
CA SER A 396 16.87 9.54 7.25
C SER A 396 15.58 9.78 8.03
N MET A 397 14.47 9.17 7.58
CA MET A 397 13.19 9.34 8.27
C MET A 397 13.20 8.63 9.63
N ALA A 398 13.66 7.38 9.65
CA ALA A 398 13.70 6.62 10.90
C ALA A 398 14.63 7.34 11.90
N VAL A 399 15.79 7.73 11.42
CA VAL A 399 16.77 8.41 12.26
C VAL A 399 16.18 9.68 12.85
N GLN A 400 15.57 10.50 12.00
CA GLN A 400 14.97 11.74 12.48
C GLN A 400 13.73 11.57 13.35
N TYR A 401 12.90 10.56 13.07
CA TYR A 401 11.72 10.34 13.89
C TYR A 401 12.15 10.05 15.36
N LEU A 402 13.19 9.22 15.51
CA LEU A 402 13.69 8.86 16.83
C LEU A 402 14.45 10.03 17.47
N LYS A 403 15.33 10.67 16.70
CA LYS A 403 16.09 11.78 17.21
C LYS A 403 15.16 12.92 17.62
N GLU A 404 14.05 13.06 16.89
CA GLU A 404 13.10 14.10 17.22
C GLU A 404 12.38 13.70 18.52
N LYS A 405 11.86 12.48 18.54
CA LYS A 405 11.18 11.95 19.70
C LYS A 405 12.05 12.16 20.95
N ALA A 406 13.33 11.81 20.85
CA ALA A 406 14.24 11.97 21.97
C ALA A 406 14.24 13.41 22.48
N SER A 407 14.10 14.38 21.58
CA SER A 407 14.09 15.77 22.00
C SER A 407 12.70 16.39 21.93
#